data_8ZHL
#
_entry.id   8ZHL
#
loop_
_entity.id
_entity.type
_entity.pdbx_description
1 polymer 'Spike glycoprotein,Fibritin,Expression Tag'
2 polymer 'Heavy chain of R1-32 Fab'
3 polymer 'Light chain of R1-32 Fab'
4 polymer 'Light chain of H18 Fab'
5 polymer 'Heavy chain of H18 Fab'
6 branched 2-acetamido-2-deoxy-beta-D-glucopyranose-(1-4)-2-acetamido-2-deoxy-beta-D-glucopyranose
7 non-polymer 2-acetamido-2-deoxy-beta-D-glucopyranose
#
loop_
_entity_poly.entity_id
_entity_poly.type
_entity_poly.pdbx_seq_one_letter_code
_entity_poly.pdbx_strand_id
1 'polypeptide(L)'
;VSSQCVNLTTRTQLPPAYTNSFTRGVYYPDKVFRSSVLHSTQDLFLPFFSNVTWFHAIHVSGTNGTKRFDNPVLPFNDGV
YFASTEKSNIIRGWIFGTTLDSKTQSLLIVNNATNVVIKVCEFQFCNDPFLGVYYHKNNKSWMESEFRVYSSANNCTFEY
VSQPFLMDLEGKQGNFKNLREFVFKNIDGYFKIYSKHTPINLVRDLPQGFSALEPLVDLPIGINITRFQTLLALHRSYLT
PGDSSSGWTAGAAAYYVGYLQPRTFLLKYNENGTITDAVDCALDPLSETKCTLKSFTVEKGIYQTSNFRVQPTESIVRFP
NITNLCPFGEVFNATRFASVYAWNRKRISNCVADYSVLYNSASFSTFKCYGVSPTKLNDLCFTNVYADSFVIRGDEVRQI
APGQTGKIADYNYKLPDDFTGCVIAWNSNNLDSKVGGNYNYLYRLFRKSNLKPFERDISTEIYQAGSTPCNGVEGFNCYF
PLQSYGFQPTNGVGYQPYRVVVLSFELLHAPATVCGPKKSTNLVKNKCVNFNFNGLTGTGVLTESNKKFLPFQQFGRDIA
DTTDAVRDPQTLEILDITPCSFGGVSVITPGTNTSNQVAVLYQDVNCTEVPVAIHADQLTPTWRVYSTGSNVFQTRAGCL
IGAEHVNNSYECDIPIGAGICASYQTQTNSPGSASSVASQSIIAYTMSLGAENSVAYSNNSIAIPTNFTISVTTEILPVS
MTKTSVDCTMYICGDSTECSNLLLQYGSFCTQLNRALTGIAVEQDKNTQEVFAQVKQIYKTPPIKDFGGFNFSQILPDPS
KPSKRSPIEDLLFNKVTLADAGFIKQYGDCLGDIAARDLICAQKFNGLTVLPPLLTDEMIAQYTSALLAGTITSGWTFGA
GPALQIPFPMQMAYRFNGIGVTQNVLYENQKLIANQFNSAIGKIQDSLSSTPSALGKLQDVVNQNAQALNTLVKQLSSNF
GAISSVLNDILSRLDPPEAEVQIDRLITGRLQSLQTYVTQQLIRAAEIRASANLAATKMSECVLGQSKRVDFCGKGYHLM
SFPQSAPHGVVFLHVTYVPAQEKNFTTAPAICHDGKAHFPREGVFVSNGTHWFVTQRNFYEPQIITTDNTFVSGNCDVVI
GIVNNTVYDPLQPELDSFKEELDKYFKNHTSPDVDLGDISGINASVVNIQKEIDRLNEVAKNLNESLIDLQELGKYEQGS
GYIPEAPRDGQAYVRKDGEWVLLSTFLGRSLEVLFQGPGHHHHHHHHSAWSHPQFEKGGGSGGGGSGGSAWSHPQFEK
;
A,B,C
2 'polypeptide(L)'
;EVQLVESGAEVKKPGSSVKVSCKASGGTFSSYAISWVRQAPGQGLEWMGGIIPILGIANYAQKFQGRVTITADKSTSTAY
MELSSLRSEDTAVYYCARENGYSGYGAAANFDLWGRGTLVTVSSASTKGPSVFPLAPSSKSTSGGTAALGCLVKDYFPEP
VTVSWNSGALTSGVHTFPAVLQSSGLYSLSSVVTVPSSSLGTQTYICNVNHKPSNTKVDKKVEPKSCD
;
H,G
3 'polypeptide(L)'
;QSVLTQPPSVSGAPGQRVTISCTGSSSNIGAGYDVHWYQQLPGTAPKLLIYGNSNRPSGVPDRFSGSKSGTSASLAITGL
QAEDEADYYCQSYDSSLSGSVFGGGTKLTVLGQPKAAPSVTLFPPSSEELQANKATLVCLISDFYPGAVTVAWKADSSPV
KAGVETTTPSKQSNNKYAASSYLSLTPEQWKSHRSYSCQVTHEGSTVEKTVAPT
;
L,I
4 'polypeptide(L)'
;MGWSCIILFLVATATGVHSANFMLTQPHSVSESPGKTVTISCTGSSGSIASNYVQWYQQRPGSAPTTVIYEDNQRPSGVP
DRFSGSIDSSSNSASLTISGLKTEDEADYYCQSYDSSNVVFGGGTKLTVLGTKLTVLGQPKAAPSVTLFPPSSEELQANK
ATLVCLISDFYPGAVTVAWKADSSPVKAGVETTTPSKQSNNKYAASSYLSLTPEQWKSHRSYSCQVTHEGSTVEKTVAPT
ECS
;
D,K
5 'polypeptide(L)'
;MGWSLILLFLVAVATRVLSQVQLQESGPGLVKPSETLSLTCTVSGGSVSSGGYFWSWIRQPPGKGLEWIGCIYYSGSTNY
NPSLKSRVTISVDTSKDQFSLKLSSVTAADTAVYYCARQLWLRGRFDYWGQGTLVTVSSASTKGPSVFPLAPSSKSTSGG
TAALGCLVKDYFPEPVTVSWNSGALTSGVHTFPAVLQSSGLYSLSSVVTVPSSSLGTQTYICNVNHKPSNTKVDKKVEPK
SCD
;
E,M
#
loop_
_chem_comp.id
_chem_comp.type
_chem_comp.name
_chem_comp.formula
NAG D-saccharide, beta linking 2-acetamido-2-deoxy-beta-D-glucopyranose 'C8 H15 N O6'
#
# COMPACT_ATOMS: atom_id res chain seq x y z
N GLN A 4 11.75 6.36 -52.49
CA GLN A 4 10.54 6.24 -53.28
C GLN A 4 10.02 4.79 -53.24
N CYS A 5 8.73 4.63 -53.51
CA CYS A 5 8.11 3.31 -53.52
C CYS A 5 7.11 3.23 -54.66
N VAL A 6 6.81 2.00 -55.07
CA VAL A 6 5.84 1.73 -56.12
C VAL A 6 4.70 0.90 -55.54
N ASN A 7 3.58 0.89 -56.27
CA ASN A 7 2.39 0.16 -55.87
C ASN A 7 2.37 -1.21 -56.55
N LEU A 8 1.73 -2.16 -55.88
CA LEU A 8 1.61 -3.52 -56.40
C LEU A 8 0.31 -3.69 -57.19
N THR A 9 0.20 -4.83 -57.85
CA THR A 9 -0.98 -5.19 -58.62
C THR A 9 -1.71 -6.33 -57.92
N THR A 10 -3.04 -6.32 -58.03
CA THR A 10 -3.85 -7.36 -57.40
C THR A 10 -3.60 -8.71 -58.04
N ARG A 11 -3.59 -9.75 -57.20
CA ARG A 11 -3.32 -11.11 -57.65
C ARG A 11 -3.96 -12.08 -56.65
N THR A 12 -3.78 -13.37 -56.90
CA THR A 12 -4.30 -14.41 -56.04
C THR A 12 -3.29 -14.69 -54.93
N GLN A 13 -3.73 -14.53 -53.68
CA GLN A 13 -2.90 -14.76 -52.51
C GLN A 13 -3.43 -15.96 -51.73
N LEU A 14 -2.82 -16.23 -50.58
CA LEU A 14 -3.23 -17.31 -49.71
C LEU A 14 -3.70 -16.75 -48.37
N PRO A 15 -4.80 -17.28 -47.82
CA PRO A 15 -5.26 -16.81 -46.51
C PRO A 15 -4.27 -17.20 -45.43
N PRO A 16 -4.16 -16.41 -44.36
CA PRO A 16 -3.24 -16.75 -43.28
C PRO A 16 -3.68 -18.01 -42.54
N ALA A 17 -2.70 -18.76 -42.07
CA ALA A 17 -2.93 -20.00 -41.35
C ALA A 17 -2.66 -19.80 -39.86
N TYR A 18 -3.16 -20.73 -39.06
CA TYR A 18 -3.01 -20.70 -37.61
C TYR A 18 -2.34 -21.98 -37.15
N THR A 19 -1.25 -21.85 -36.42
CA THR A 19 -0.51 -22.98 -35.86
C THR A 19 -0.47 -22.86 -34.34
N ASN A 20 0.10 -23.87 -33.71
CA ASN A 20 0.15 -23.96 -32.26
C ASN A 20 1.58 -23.86 -31.77
N SER A 21 1.82 -23.06 -30.74
CA SER A 21 3.13 -22.96 -30.12
C SER A 21 3.36 -24.13 -29.18
N PHE A 22 4.63 -24.48 -28.99
CA PHE A 22 5.02 -25.61 -28.14
C PHE A 22 6.24 -25.17 -27.32
N THR A 23 5.97 -24.62 -26.13
CA THR A 23 6.99 -24.15 -25.18
C THR A 23 7.97 -23.19 -25.85
N ARG A 24 7.42 -22.13 -26.41
CA ARG A 24 8.20 -21.12 -27.11
C ARG A 24 7.89 -19.73 -26.56
N GLY A 25 8.85 -18.84 -26.68
CA GLY A 25 8.68 -17.48 -26.21
C GLY A 25 9.11 -17.22 -24.79
N VAL A 26 10.14 -17.91 -24.31
CA VAL A 26 10.67 -17.74 -22.96
C VAL A 26 12.02 -17.06 -23.05
N TYR A 27 12.18 -15.95 -22.32
CA TYR A 27 13.40 -15.18 -22.31
C TYR A 27 13.76 -14.85 -20.87
N TYR A 28 14.96 -14.30 -20.70
CA TYR A 28 15.41 -13.90 -19.37
C TYR A 28 14.71 -12.61 -18.96
N PRO A 29 13.96 -12.60 -17.85
CA PRO A 29 13.23 -11.38 -17.46
C PRO A 29 14.10 -10.34 -16.78
N ASP A 30 15.34 -10.66 -16.45
CA ASP A 30 16.21 -9.72 -15.74
C ASP A 30 17.65 -9.98 -16.14
N LYS A 31 18.54 -9.12 -15.65
CA LYS A 31 19.98 -9.22 -15.89
C LYS A 31 20.71 -9.71 -14.65
N VAL A 32 20.10 -10.63 -13.91
CA VAL A 32 20.68 -11.17 -12.69
C VAL A 32 21.01 -12.64 -12.92
N PHE A 33 21.85 -13.18 -12.03
CA PHE A 33 22.27 -14.58 -12.10
C PHE A 33 21.55 -15.38 -11.03
N ARG A 34 20.97 -16.50 -11.44
CA ARG A 34 20.31 -17.43 -10.53
C ARG A 34 20.78 -18.84 -10.82
N SER A 35 21.08 -19.60 -9.77
CA SER A 35 21.62 -20.94 -9.90
C SER A 35 20.86 -21.89 -8.98
N SER A 36 20.29 -22.94 -9.57
CA SER A 36 19.59 -24.00 -8.84
C SER A 36 18.43 -23.45 -8.00
N VAL A 37 17.71 -22.48 -8.55
CA VAL A 37 16.53 -21.93 -7.90
C VAL A 37 15.36 -22.00 -8.87
N LEU A 38 14.16 -21.87 -8.31
CA LEU A 38 12.91 -21.83 -9.06
C LEU A 38 12.22 -20.52 -8.70
N HIS A 39 12.53 -19.45 -9.43
CA HIS A 39 12.05 -18.12 -9.13
C HIS A 39 10.90 -17.76 -10.07
N SER A 40 9.83 -17.22 -9.50
CA SER A 40 8.64 -16.83 -10.25
C SER A 40 8.59 -15.32 -10.36
N THR A 41 8.30 -14.83 -11.56
CA THR A 41 8.24 -13.40 -11.82
C THR A 41 6.98 -13.08 -12.63
N GLN A 42 6.58 -11.81 -12.57
CA GLN A 42 5.42 -11.31 -13.32
C GLN A 42 5.96 -10.42 -14.45
N ASP A 43 5.81 -10.89 -15.68
CA ASP A 43 6.31 -10.17 -16.84
C ASP A 43 5.54 -10.70 -18.05
N LEU A 44 5.63 -9.97 -19.16
CA LEU A 44 4.91 -10.34 -20.38
C LEU A 44 5.68 -11.43 -21.12
N PHE A 45 5.10 -12.63 -21.19
CA PHE A 45 5.63 -13.71 -22.00
C PHE A 45 4.54 -14.24 -22.93
N LEU A 46 4.91 -15.22 -23.75
CA LEU A 46 3.95 -15.89 -24.62
C LEU A 46 3.38 -17.09 -23.91
N PRO A 47 2.05 -17.20 -23.74
CA PRO A 47 1.48 -18.37 -23.08
C PRO A 47 1.72 -19.64 -23.88
N PHE A 48 1.91 -20.74 -23.15
CA PHE A 48 2.17 -22.02 -23.79
C PHE A 48 0.91 -22.58 -24.43
N PHE A 49 1.10 -23.27 -25.56
CA PHE A 49 0.03 -23.90 -26.32
C PHE A 49 -1.07 -22.90 -26.70
N SER A 50 -0.65 -21.72 -27.16
CA SER A 50 -1.56 -20.66 -27.54
C SER A 50 -1.67 -20.54 -29.05
N ASN A 51 -2.77 -19.96 -29.49
CA ASN A 51 -3.01 -19.75 -30.92
C ASN A 51 -2.11 -18.65 -31.44
N VAL A 52 -1.21 -18.99 -32.37
CA VAL A 52 -0.24 -18.06 -32.92
C VAL A 52 -0.42 -18.01 -34.43
N THR A 53 -0.34 -16.80 -34.98
CA THR A 53 -0.54 -16.62 -36.42
C THR A 53 0.65 -17.16 -37.20
N TRP A 54 0.39 -17.49 -38.46
CA TRP A 54 1.41 -18.02 -39.37
C TRP A 54 1.29 -17.30 -40.71
N PHE A 55 2.41 -16.75 -41.20
CA PHE A 55 2.46 -16.06 -42.47
C PHE A 55 3.46 -16.77 -43.38
N HIS A 56 3.06 -17.00 -44.63
CA HIS A 56 3.90 -17.68 -45.60
C HIS A 56 4.62 -16.67 -46.50
N ALA A 57 5.75 -17.11 -47.04
CA ALA A 57 6.51 -16.26 -47.96
C ALA A 57 7.05 -17.05 -49.16
N ILE A 58 6.63 -18.30 -49.35
CA ILE A 58 7.12 -19.12 -50.46
C ILE A 58 6.45 -18.67 -51.75
N HIS A 59 7.22 -18.67 -52.84
CA HIS A 59 6.68 -18.26 -54.13
C HIS A 59 5.76 -19.33 -54.70
N VAL A 60 6.28 -20.54 -54.89
CA VAL A 60 5.48 -21.63 -55.45
C VAL A 60 4.55 -22.21 -54.39
N THR A 66 -0.05 -19.75 -55.64
CA THR A 66 1.33 -19.27 -55.79
C THR A 66 1.41 -17.75 -55.62
N LYS A 67 2.63 -17.23 -55.65
CA LYS A 67 2.91 -15.80 -55.49
C LYS A 67 2.35 -15.27 -54.17
N ARG A 68 2.85 -15.83 -53.07
CA ARG A 68 2.40 -15.46 -51.74
C ARG A 68 3.27 -14.33 -51.20
N PHE A 69 2.65 -13.17 -50.97
CA PHE A 69 3.35 -12.02 -50.38
C PHE A 69 2.31 -11.27 -49.53
N ASP A 70 2.26 -11.61 -48.25
CA ASP A 70 1.29 -11.04 -47.31
C ASP A 70 2.05 -10.49 -46.11
N ASN A 71 2.20 -9.16 -46.05
CA ASN A 71 2.80 -8.48 -44.91
C ASN A 71 1.89 -7.35 -44.46
N PRO A 72 0.83 -7.66 -43.71
CA PRO A 72 -0.04 -6.59 -43.19
C PRO A 72 0.66 -5.78 -42.11
N VAL A 73 0.10 -4.61 -41.84
CA VAL A 73 0.58 -3.79 -40.74
C VAL A 73 -0.10 -4.29 -39.47
N LEU A 74 0.52 -5.26 -38.82
CA LEU A 74 -0.08 -5.86 -37.62
C LEU A 74 -0.01 -4.89 -36.45
N PRO A 75 -1.05 -4.84 -35.61
CA PRO A 75 -0.99 -3.99 -34.42
C PRO A 75 0.08 -4.48 -33.45
N PHE A 76 0.72 -3.53 -32.77
CA PHE A 76 1.77 -3.84 -31.81
C PHE A 76 1.18 -3.72 -30.40
N ASN A 77 0.94 -4.87 -29.78
CA ASN A 77 0.44 -4.91 -28.41
C ASN A 77 1.60 -4.79 -27.43
N ASP A 78 1.34 -5.03 -26.15
CA ASP A 78 2.38 -4.96 -25.12
C ASP A 78 3.28 -6.18 -25.24
N GLY A 79 4.21 -6.12 -26.19
CA GLY A 79 5.15 -7.20 -26.42
C GLY A 79 4.70 -8.16 -27.49
N VAL A 80 5.59 -8.48 -28.42
CA VAL A 80 5.31 -9.43 -29.50
C VAL A 80 6.41 -10.50 -29.52
N TYR A 81 6.06 -11.63 -30.11
CA TYR A 81 6.99 -12.75 -30.29
C TYR A 81 7.07 -13.06 -31.78
N PHE A 82 8.26 -12.89 -32.36
CA PHE A 82 8.47 -13.00 -33.80
C PHE A 82 9.56 -14.06 -34.00
N ALA A 83 9.17 -15.23 -34.48
CA ALA A 83 10.09 -16.34 -34.72
C ALA A 83 10.12 -16.67 -36.20
N SER A 84 11.34 -16.88 -36.73
CA SER A 84 11.53 -17.16 -38.15
C SER A 84 12.43 -18.39 -38.30
N THR A 85 11.97 -19.37 -39.07
CA THR A 85 12.77 -20.53 -39.42
C THR A 85 13.57 -20.26 -40.70
N GLU A 86 14.43 -19.24 -40.59
CA GLU A 86 15.13 -18.71 -41.75
C GLU A 86 16.21 -19.67 -42.24
N LYS A 87 16.22 -19.93 -43.54
CA LYS A 87 17.22 -20.79 -44.18
C LYS A 87 18.05 -20.02 -45.20
N SER A 88 17.40 -19.38 -46.18
CA SER A 88 18.09 -18.69 -47.25
C SER A 88 18.26 -17.21 -46.97
N ASN A 89 17.95 -16.76 -45.76
CA ASN A 89 18.11 -15.38 -45.32
C ASN A 89 17.28 -14.42 -46.18
N ILE A 90 15.98 -14.68 -46.20
CA ILE A 90 15.05 -13.89 -47.00
C ILE A 90 14.57 -12.66 -46.22
N ILE A 91 14.22 -12.83 -44.95
CA ILE A 91 13.76 -11.71 -44.15
C ILE A 91 14.95 -10.80 -43.81
N ARG A 92 14.69 -9.50 -43.72
CA ARG A 92 15.73 -8.53 -43.46
C ARG A 92 15.54 -7.76 -42.16
N GLY A 93 14.37 -7.17 -41.95
CA GLY A 93 14.20 -6.35 -40.77
C GLY A 93 12.75 -6.00 -40.50
N TRP A 94 12.56 -5.07 -39.57
CA TRP A 94 11.25 -4.71 -39.05
C TRP A 94 11.13 -3.20 -38.97
N ILE A 95 9.89 -2.71 -38.98
CA ILE A 95 9.61 -1.30 -38.81
C ILE A 95 8.51 -1.14 -37.76
N PHE A 96 8.51 0.00 -37.09
CA PHE A 96 7.56 0.28 -36.02
C PHE A 96 7.03 1.70 -36.17
N GLY A 97 5.92 1.97 -35.49
CA GLY A 97 5.33 3.29 -35.50
C GLY A 97 3.84 3.22 -35.18
N THR A 98 3.19 4.39 -35.32
CA THR A 98 1.77 4.53 -35.06
C THR A 98 0.96 4.84 -36.31
N THR A 99 1.32 5.91 -37.02
CA THR A 99 0.61 6.30 -38.23
C THR A 99 1.43 6.16 -39.50
N LEU A 100 2.76 6.22 -39.39
CA LEU A 100 3.69 6.02 -40.52
C LEU A 100 3.42 7.02 -41.65
N ASP A 101 3.27 8.29 -41.28
CA ASP A 101 3.04 9.35 -42.27
C ASP A 101 3.89 10.58 -41.97
N SER A 102 5.10 10.38 -41.46
CA SER A 102 6.04 11.45 -41.11
C SER A 102 5.42 12.42 -40.10
N LYS A 103 4.66 11.88 -39.15
CA LYS A 103 4.07 12.67 -38.07
C LYS A 103 4.54 12.25 -36.69
N THR A 104 4.89 10.98 -36.49
CA THR A 104 5.42 10.48 -35.23
C THR A 104 6.78 9.84 -35.48
N GLN A 105 7.42 9.40 -34.40
CA GLN A 105 8.75 8.79 -34.47
C GLN A 105 8.60 7.32 -34.83
N SER A 106 8.92 6.98 -36.06
CA SER A 106 8.90 5.61 -36.54
C SER A 106 10.28 4.98 -36.40
N LEU A 107 10.34 3.66 -36.60
CA LEU A 107 11.58 2.92 -36.46
C LEU A 107 11.95 2.19 -37.74
N LEU A 108 13.25 2.14 -38.00
CA LEU A 108 13.82 1.25 -39.02
C LEU A 108 14.88 0.39 -38.34
N ILE A 109 14.59 -0.90 -38.23
CA ILE A 109 15.61 -1.91 -37.91
C ILE A 109 15.75 -2.77 -39.15
N VAL A 110 16.89 -2.65 -39.84
CA VAL A 110 17.16 -3.40 -41.06
C VAL A 110 18.52 -4.05 -40.92
N ASN A 111 18.59 -5.35 -41.19
CA ASN A 111 19.85 -6.09 -41.18
C ASN A 111 20.39 -6.13 -42.60
N ASN A 112 21.13 -5.10 -42.98
CA ASN A 112 21.67 -5.02 -44.33
C ASN A 112 22.85 -5.97 -44.50
N ALA A 113 23.30 -6.10 -45.75
CA ALA A 113 24.39 -7.02 -46.07
C ALA A 113 25.72 -6.60 -45.48
N THR A 114 25.89 -5.32 -45.15
CA THR A 114 27.14 -4.82 -44.61
C THR A 114 27.09 -4.53 -43.11
N ASN A 115 26.02 -3.89 -42.63
CA ASN A 115 25.94 -3.51 -41.24
C ASN A 115 24.47 -3.43 -40.82
N VAL A 116 24.25 -3.43 -39.51
CA VAL A 116 22.91 -3.35 -38.93
C VAL A 116 22.77 -1.97 -38.31
N VAL A 117 21.72 -1.25 -38.72
CA VAL A 117 21.47 0.10 -38.24
C VAL A 117 20.12 0.14 -37.54
N ILE A 118 20.01 1.01 -36.55
CA ILE A 118 18.77 1.26 -35.82
C ILE A 118 18.53 2.77 -35.86
N LYS A 119 17.70 3.22 -36.80
CA LYS A 119 17.39 4.63 -36.96
C LYS A 119 15.93 4.88 -36.62
N VAL A 120 15.68 5.82 -35.73
CA VAL A 120 14.33 6.09 -35.20
C VAL A 120 14.00 7.54 -35.58
N CYS A 121 13.34 7.73 -36.71
CA CYS A 121 12.95 9.06 -37.16
C CYS A 121 11.55 8.99 -37.76
N GLU A 122 11.18 10.02 -38.51
CA GLU A 122 9.85 10.18 -39.10
C GLU A 122 9.83 9.84 -40.58
N PHE A 123 10.52 8.76 -40.98
CA PHE A 123 10.63 8.38 -42.39
C PHE A 123 9.27 8.23 -43.03
N GLN A 124 9.15 8.74 -44.26
CA GLN A 124 7.90 8.64 -45.01
C GLN A 124 7.68 7.23 -45.51
N PHE A 125 6.88 6.44 -44.79
CA PHE A 125 6.71 5.04 -45.12
C PHE A 125 5.66 4.86 -46.20
N CYS A 126 5.99 4.05 -47.21
CA CYS A 126 5.03 3.72 -48.26
C CYS A 126 4.09 2.61 -47.80
N ASN A 127 3.20 2.18 -48.69
CA ASN A 127 2.24 1.15 -48.34
C ASN A 127 2.85 -0.24 -48.32
N ASP A 128 4.03 -0.43 -48.92
CA ASP A 128 4.67 -1.74 -48.93
C ASP A 128 6.17 -1.60 -49.13
N PRO A 129 6.93 -1.24 -48.11
CA PRO A 129 8.39 -1.18 -48.25
C PRO A 129 8.99 -2.58 -48.36
N PHE A 130 10.06 -2.67 -49.14
CA PHE A 130 10.72 -3.94 -49.39
C PHE A 130 12.14 -3.68 -49.89
N LEU A 131 12.93 -4.74 -49.95
CA LEU A 131 14.28 -4.69 -50.48
C LEU A 131 14.35 -5.57 -51.73
N GLY A 132 14.90 -5.02 -52.81
CA GLY A 132 14.99 -5.73 -54.08
C GLY A 132 16.40 -6.23 -54.33
N VAL A 133 16.49 -7.50 -54.73
CA VAL A 133 17.75 -8.16 -55.02
C VAL A 133 17.81 -8.46 -56.51
N TYR A 134 18.87 -7.99 -57.16
CA TYR A 134 19.05 -8.18 -58.59
C TYR A 134 20.19 -9.16 -58.85
N TYR A 135 19.99 -10.05 -59.81
CA TYR A 135 20.99 -11.04 -60.19
C TYR A 135 21.77 -10.52 -61.38
N HIS A 136 23.07 -10.29 -61.19
CA HIS A 136 23.91 -9.77 -62.26
C HIS A 136 24.18 -10.85 -63.30
N LYS A 137 24.45 -10.39 -64.53
CA LYS A 137 24.75 -11.33 -65.61
C LYS A 137 26.21 -11.75 -65.59
N ASN A 138 27.13 -10.78 -65.57
CA ASN A 138 28.55 -11.10 -65.56
C ASN A 138 29.00 -11.61 -64.19
N ASN A 139 28.35 -11.18 -63.11
CA ASN A 139 28.70 -11.60 -61.77
C ASN A 139 27.66 -12.61 -61.27
N LYS A 140 28.14 -13.77 -60.85
CA LYS A 140 27.27 -14.83 -60.35
C LYS A 140 27.07 -14.71 -58.84
N SER A 141 26.53 -13.55 -58.44
CA SER A 141 26.26 -13.28 -57.03
C SER A 141 25.02 -12.40 -56.93
N TRP A 142 24.25 -12.61 -55.87
CA TRP A 142 23.03 -11.85 -55.64
C TRP A 142 23.37 -10.57 -54.87
N MET A 143 22.96 -9.43 -55.42
CA MET A 143 23.26 -8.13 -54.84
C MET A 143 21.97 -7.33 -54.71
N GLU A 144 21.84 -6.62 -53.59
CA GLU A 144 20.66 -5.80 -53.33
C GLU A 144 20.80 -4.45 -54.00
N SER A 145 19.83 -4.08 -54.82
CA SER A 145 19.86 -2.83 -55.56
C SER A 145 18.67 -1.92 -55.27
N GLU A 146 17.46 -2.47 -55.17
CA GLU A 146 16.25 -1.67 -54.97
C GLU A 146 16.09 -1.42 -53.47
N PHE A 147 16.63 -0.30 -53.01
CA PHE A 147 16.52 0.11 -51.61
C PHE A 147 15.33 1.06 -51.49
N ARG A 148 14.13 0.48 -51.50
CA ARG A 148 12.88 1.23 -51.46
C ARG A 148 12.20 0.95 -50.13
N VAL A 149 12.57 1.71 -49.11
CA VAL A 149 12.01 1.58 -47.77
C VAL A 149 11.23 2.81 -47.34
N TYR A 150 11.72 4.00 -47.69
CA TYR A 150 11.03 5.24 -47.35
C TYR A 150 11.45 6.32 -48.34
N SER A 151 10.88 7.51 -48.18
CA SER A 151 11.20 8.66 -49.03
C SER A 151 12.18 9.62 -48.36
N SER A 152 11.81 10.16 -47.20
CA SER A 152 12.65 11.13 -46.52
C SER A 152 12.24 11.22 -45.05
N ALA A 153 13.12 11.80 -44.24
CA ALA A 153 12.87 12.04 -42.83
C ALA A 153 13.28 13.47 -42.50
N ASN A 154 12.57 14.06 -41.52
CA ASN A 154 12.78 15.47 -41.19
C ASN A 154 13.77 15.66 -40.04
N ASN A 155 13.45 15.15 -38.86
CA ASN A 155 14.31 15.35 -37.69
C ASN A 155 14.05 14.24 -36.68
N CYS A 156 15.07 13.95 -35.87
CA CYS A 156 15.00 12.90 -34.86
C CYS A 156 16.13 13.09 -33.87
N THR A 157 16.19 12.18 -32.89
CA THR A 157 17.22 12.19 -31.85
C THR A 157 18.08 10.94 -31.84
N PHE A 158 17.46 9.76 -31.81
CA PHE A 158 18.17 8.52 -31.54
C PHE A 158 18.64 7.84 -32.82
N GLU A 159 19.82 7.23 -32.74
CA GLU A 159 20.36 6.43 -33.83
C GLU A 159 21.40 5.47 -33.25
N TYR A 160 21.38 4.22 -33.70
CA TYR A 160 22.31 3.21 -33.21
C TYR A 160 22.72 2.30 -34.36
N VAL A 161 23.96 1.81 -34.29
CA VAL A 161 24.50 0.87 -35.27
C VAL A 161 25.00 -0.35 -34.51
N SER A 162 24.54 -1.53 -34.93
CA SER A 162 24.92 -2.78 -34.28
C SER A 162 26.16 -3.36 -34.95
N GLN A 163 26.48 -4.61 -34.62
CA GLN A 163 27.64 -5.27 -35.19
C GLN A 163 27.38 -5.62 -36.67
N PRO A 164 28.44 -5.65 -37.50
CA PRO A 164 28.25 -5.95 -38.92
C PRO A 164 27.95 -7.41 -39.20
N PHE A 165 26.68 -7.80 -39.08
CA PHE A 165 26.28 -9.17 -39.39
C PHE A 165 26.43 -9.44 -40.88
N LEU A 166 27.15 -10.52 -41.21
CA LEU A 166 27.30 -10.93 -42.60
C LEU A 166 26.01 -11.59 -43.08
N MET A 167 25.47 -11.03 -44.17
CA MET A 167 24.16 -11.50 -44.67
C MET A 167 24.32 -12.23 -46.01
N ASP A 168 23.65 -13.36 -46.16
CA ASP A 168 23.66 -14.15 -47.39
C ASP A 168 22.47 -13.75 -48.25
N LEU A 169 22.73 -13.42 -49.51
CA LEU A 169 21.69 -12.87 -50.39
C LEU A 169 21.13 -13.91 -51.37
N GLU A 170 21.60 -15.16 -51.31
CA GLU A 170 21.13 -16.19 -52.23
C GLU A 170 19.94 -16.92 -51.65
N GLY A 171 18.88 -17.02 -52.44
CA GLY A 171 17.64 -17.68 -52.02
C GLY A 171 17.47 -19.00 -52.72
N LYS A 172 16.98 -20.00 -51.97
CA LYS A 172 16.75 -21.34 -52.49
C LYS A 172 15.33 -21.77 -52.13
N GLN A 173 14.99 -23.01 -52.50
CA GLN A 173 13.67 -23.58 -52.25
C GLN A 173 13.74 -24.82 -51.38
N GLY A 174 14.87 -25.05 -50.71
CA GLY A 174 15.06 -26.26 -49.92
C GLY A 174 14.48 -26.14 -48.52
N ASN A 175 14.75 -27.17 -47.73
CA ASN A 175 14.27 -27.22 -46.36
C ASN A 175 15.06 -26.27 -45.48
N PHE A 176 14.47 -25.90 -44.34
CA PHE A 176 15.10 -24.95 -43.43
C PHE A 176 16.14 -25.64 -42.57
N LYS A 177 17.17 -24.86 -42.20
CA LYS A 177 18.26 -25.35 -41.36
C LYS A 177 18.50 -24.54 -40.11
N ASN A 178 17.95 -23.32 -40.01
CA ASN A 178 18.13 -22.47 -38.84
C ASN A 178 16.80 -21.87 -38.42
N LEU A 179 16.71 -21.54 -37.14
CA LEU A 179 15.51 -20.92 -36.57
C LEU A 179 15.92 -19.71 -35.74
N ARG A 180 15.32 -18.57 -36.02
CA ARG A 180 15.62 -17.32 -35.32
C ARG A 180 14.35 -16.80 -34.67
N GLU A 181 14.44 -16.44 -33.39
CA GLU A 181 13.34 -15.89 -32.63
C GLU A 181 13.68 -14.48 -32.18
N PHE A 182 12.67 -13.60 -32.15
CA PHE A 182 12.85 -12.22 -31.72
C PHE A 182 11.67 -11.80 -30.86
N VAL A 183 11.97 -11.09 -29.78
CA VAL A 183 10.95 -10.57 -28.87
C VAL A 183 11.17 -9.06 -28.73
N PHE A 184 10.13 -8.28 -29.02
CA PHE A 184 10.18 -6.83 -28.93
C PHE A 184 9.21 -6.34 -27.86
N LYS A 185 9.72 -5.54 -26.93
CA LYS A 185 8.92 -5.02 -25.82
C LYS A 185 9.16 -3.53 -25.68
N ASN A 186 8.20 -2.87 -25.02
CA ASN A 186 8.29 -1.43 -24.75
C ASN A 186 7.72 -1.19 -23.36
N ILE A 187 8.60 -1.07 -22.37
CA ILE A 187 8.21 -0.79 -20.99
C ILE A 187 8.85 0.53 -20.57
N ASP A 188 8.00 1.48 -20.15
CA ASP A 188 8.43 2.83 -19.76
C ASP A 188 9.22 3.52 -20.86
N GLY A 189 8.83 3.27 -22.12
CA GLY A 189 9.53 3.84 -23.26
C GLY A 189 10.85 3.20 -23.58
N TYR A 190 11.20 2.08 -22.95
CA TYR A 190 12.48 1.42 -23.16
C TYR A 190 12.28 0.23 -24.08
N PHE A 191 13.04 0.19 -25.17
CA PHE A 191 12.90 -0.84 -26.19
C PHE A 191 13.77 -2.04 -25.83
N LYS A 192 13.19 -3.23 -25.91
CA LYS A 192 13.85 -4.48 -25.53
C LYS A 192 13.87 -5.42 -26.72
N ILE A 193 15.04 -6.02 -26.98
CA ILE A 193 15.20 -7.01 -28.03
C ILE A 193 15.83 -8.26 -27.40
N TYR A 194 15.20 -9.41 -27.62
CA TYR A 194 15.70 -10.70 -27.16
C TYR A 194 15.74 -11.65 -28.36
N SER A 195 16.88 -12.33 -28.54
CA SER A 195 17.02 -13.21 -29.69
C SER A 195 18.01 -14.33 -29.38
N LYS A 196 17.89 -15.41 -30.15
CA LYS A 196 18.82 -16.53 -30.07
C LYS A 196 18.69 -17.35 -31.34
N HIS A 197 19.83 -17.67 -31.97
CA HIS A 197 19.85 -18.52 -33.15
C HIS A 197 19.90 -19.98 -32.73
N THR A 198 18.99 -20.79 -33.26
CA THR A 198 18.89 -22.19 -32.91
C THR A 198 18.78 -23.02 -34.18
N PRO A 199 19.75 -23.88 -34.48
CA PRO A 199 19.62 -24.77 -35.65
C PRO A 199 18.54 -25.81 -35.44
N ILE A 200 17.87 -26.18 -36.53
CA ILE A 200 16.83 -27.20 -36.52
C ILE A 200 16.64 -27.69 -37.94
N ASN A 201 16.07 -28.88 -38.08
CA ASN A 201 15.77 -29.47 -39.38
C ASN A 201 14.26 -29.73 -39.43
N LEU A 202 13.50 -28.72 -39.83
CA LEU A 202 12.04 -28.82 -39.86
C LEU A 202 11.50 -27.73 -40.78
N VAL A 203 10.28 -27.94 -41.25
CA VAL A 203 9.64 -27.01 -42.16
C VAL A 203 8.43 -26.31 -41.52
N ARG A 204 7.73 -26.96 -40.59
CA ARG A 204 6.59 -26.38 -39.91
C ARG A 204 6.34 -27.17 -38.64
N ASP A 205 5.41 -26.66 -37.81
CA ASP A 205 5.03 -27.27 -36.54
C ASP A 205 6.24 -27.44 -35.62
N LEU A 206 6.75 -26.27 -35.19
CA LEU A 206 7.96 -26.07 -34.39
C LEU A 206 8.10 -27.09 -33.26
N PRO A 207 9.32 -27.55 -32.98
CA PRO A 207 9.49 -28.63 -32.01
C PRO A 207 9.24 -28.16 -30.59
N GLN A 208 9.03 -29.16 -29.71
CA GLN A 208 8.75 -28.92 -28.30
C GLN A 208 9.99 -28.63 -27.47
N GLY A 209 11.13 -28.39 -28.11
CA GLY A 209 12.35 -28.08 -27.37
C GLY A 209 12.29 -26.73 -26.69
N PHE A 210 13.17 -26.56 -25.71
CA PHE A 210 13.22 -25.35 -24.91
C PHE A 210 14.52 -24.60 -25.18
N SER A 211 14.41 -23.27 -25.29
CA SER A 211 15.58 -22.43 -25.53
C SER A 211 15.26 -21.03 -25.04
N ALA A 212 15.97 -20.58 -24.01
CA ALA A 212 15.78 -19.23 -23.50
C ALA A 212 16.42 -18.23 -24.45
N LEU A 213 15.91 -17.00 -24.41
CA LEU A 213 16.35 -15.93 -25.30
C LEU A 213 17.12 -14.88 -24.50
N GLU A 214 18.34 -14.56 -24.97
CA GLU A 214 19.22 -13.59 -24.36
C GLU A 214 19.12 -12.25 -25.06
N PRO A 215 19.06 -11.15 -24.31
CA PRO A 215 19.02 -9.82 -24.94
C PRO A 215 20.33 -9.49 -25.62
N LEU A 216 20.23 -8.72 -26.71
CA LEU A 216 21.39 -8.23 -27.44
C LEU A 216 21.70 -6.78 -27.12
N VAL A 217 20.73 -5.89 -27.36
CA VAL A 217 20.89 -4.46 -27.09
C VAL A 217 19.57 -3.94 -26.52
N ASP A 218 19.67 -2.87 -25.73
CA ASP A 218 18.53 -2.31 -25.01
C ASP A 218 18.52 -0.80 -25.24
N LEU A 219 17.50 -0.31 -25.94
CA LEU A 219 17.52 1.03 -26.53
C LEU A 219 16.55 1.96 -25.82
N PRO A 220 17.03 3.07 -25.24
CA PRO A 220 16.17 4.09 -24.60
C PRO A 220 15.64 5.19 -25.52
N ILE A 221 14.58 4.88 -26.26
CA ILE A 221 13.98 5.88 -27.15
C ILE A 221 12.99 6.73 -26.37
N GLY A 222 11.93 6.11 -25.86
CA GLY A 222 10.95 6.82 -25.06
C GLY A 222 9.75 7.33 -25.83
N ILE A 223 9.16 6.46 -26.65
CA ILE A 223 7.99 6.80 -27.44
C ILE A 223 6.95 5.69 -27.30
N ASN A 224 5.79 5.90 -27.91
CA ASN A 224 4.72 4.90 -27.95
C ASN A 224 4.78 4.15 -29.27
N ILE A 225 4.49 2.85 -29.21
CA ILE A 225 4.41 2.00 -30.40
C ILE A 225 3.10 1.23 -30.34
N THR A 226 2.28 1.37 -31.38
CA THR A 226 1.01 0.66 -31.45
C THR A 226 0.84 -0.19 -32.71
N ARG A 227 1.73 -0.05 -33.68
CA ARG A 227 1.68 -0.85 -34.90
C ARG A 227 3.09 -1.24 -35.30
N PHE A 228 3.20 -2.32 -36.08
CA PHE A 228 4.49 -2.80 -36.55
C PHE A 228 4.28 -3.53 -37.86
N GLN A 229 5.35 -3.60 -38.65
CA GLN A 229 5.31 -4.29 -39.94
C GLN A 229 6.67 -4.93 -40.19
N THR A 230 6.66 -5.99 -40.97
CA THR A 230 7.88 -6.73 -41.31
C THR A 230 8.31 -6.42 -42.74
N LEU A 231 9.59 -6.67 -43.00
CA LEU A 231 10.20 -6.41 -44.30
C LEU A 231 10.71 -7.71 -44.89
N LEU A 232 10.35 -7.97 -46.15
CA LEU A 232 10.81 -9.14 -46.87
C LEU A 232 11.54 -8.71 -48.14
N ALA A 233 12.51 -9.51 -48.55
CA ALA A 233 13.32 -9.24 -49.73
C ALA A 233 13.02 -10.28 -50.80
N LEU A 234 12.71 -9.82 -52.00
CA LEU A 234 12.46 -10.69 -53.13
C LEU A 234 13.66 -10.71 -54.07
N HIS A 235 13.67 -11.67 -54.98
CA HIS A 235 14.77 -11.87 -55.92
C HIS A 235 14.30 -11.60 -57.34
N ARG A 236 15.15 -10.97 -58.13
CA ARG A 236 14.89 -10.66 -59.53
C ARG A 236 15.94 -11.36 -60.38
N SER A 237 15.64 -12.59 -60.80
CA SER A 237 16.54 -13.39 -61.61
C SER A 237 16.21 -13.20 -63.09
N TYR A 238 16.84 -14.00 -63.95
CA TYR A 238 16.58 -13.92 -65.38
C TYR A 238 15.24 -14.53 -65.77
N LEU A 239 14.66 -15.37 -64.91
CA LEU A 239 13.37 -15.98 -65.22
C LEU A 239 12.25 -14.93 -65.18
N THR A 240 12.21 -14.13 -64.13
CA THR A 240 11.22 -13.07 -64.02
C THR A 240 11.59 -11.90 -64.93
N PRO A 241 10.59 -11.18 -65.47
CA PRO A 241 10.89 -9.99 -66.29
C PRO A 241 11.59 -8.88 -65.51
N GLY A 242 11.47 -8.85 -64.19
CA GLY A 242 12.11 -7.84 -63.37
C GLY A 242 11.21 -6.71 -62.92
N ASP A 243 9.92 -6.75 -63.24
CA ASP A 243 8.97 -5.73 -62.83
C ASP A 243 8.20 -6.21 -61.61
N SER A 244 8.03 -5.32 -60.64
CA SER A 244 7.32 -5.65 -59.39
C SER A 244 5.82 -5.43 -59.53
N SER A 245 5.22 -6.03 -60.57
CA SER A 245 3.78 -5.95 -60.77
C SER A 245 3.11 -7.31 -60.65
N SER A 246 3.54 -8.30 -61.45
CA SER A 246 2.96 -9.62 -61.38
C SER A 246 3.97 -10.76 -61.40
N GLY A 247 5.22 -10.50 -61.79
CA GLY A 247 6.21 -11.56 -61.86
C GLY A 247 7.38 -11.36 -60.92
N TRP A 248 7.51 -12.23 -59.92
CA TRP A 248 8.57 -12.14 -58.94
C TRP A 248 8.72 -13.50 -58.26
N THR A 249 9.81 -13.65 -57.51
CA THR A 249 10.03 -14.82 -56.67
C THR A 249 10.53 -14.35 -55.31
N ALA A 250 10.26 -15.17 -54.29
CA ALA A 250 10.61 -14.82 -52.91
C ALA A 250 11.30 -15.97 -52.17
N GLY A 251 11.70 -17.03 -52.87
CA GLY A 251 12.33 -18.15 -52.20
C GLY A 251 11.33 -18.93 -51.36
N ALA A 252 11.76 -19.31 -50.16
CA ALA A 252 10.90 -20.04 -49.23
C ALA A 252 11.20 -19.56 -47.82
N ALA A 253 10.19 -18.98 -47.17
CA ALA A 253 10.36 -18.48 -45.81
C ALA A 253 9.01 -18.55 -45.10
N ALA A 254 9.08 -18.57 -43.76
CA ALA A 254 7.88 -18.63 -42.94
C ALA A 254 8.21 -18.01 -41.59
N TYR A 255 7.40 -17.03 -41.17
CA TYR A 255 7.61 -16.34 -39.91
C TYR A 255 6.33 -16.33 -39.09
N TYR A 256 6.48 -16.46 -37.78
CA TYR A 256 5.36 -16.54 -36.86
C TYR A 256 5.32 -15.29 -35.98
N VAL A 257 4.13 -14.73 -35.81
CA VAL A 257 3.93 -13.54 -34.99
C VAL A 257 2.99 -13.90 -33.85
N GLY A 258 3.47 -13.74 -32.62
CA GLY A 258 2.65 -14.00 -31.45
C GLY A 258 2.67 -12.83 -30.50
N TYR A 259 1.55 -12.65 -29.81
CA TYR A 259 1.37 -11.51 -28.90
C TYR A 259 1.59 -11.96 -27.47
N LEU A 260 2.38 -11.18 -26.73
CA LEU A 260 2.69 -11.50 -25.35
C LEU A 260 1.55 -11.04 -24.43
N GLN A 261 1.40 -11.75 -23.31
CA GLN A 261 0.38 -11.47 -22.32
C GLN A 261 1.00 -11.45 -20.93
N PRO A 262 0.43 -10.69 -19.99
CA PRO A 262 0.95 -10.70 -18.62
C PRO A 262 0.64 -12.00 -17.90
N ARG A 263 1.66 -12.85 -17.74
CA ARG A 263 1.49 -14.16 -17.12
C ARG A 263 2.63 -14.40 -16.15
N THR A 264 2.32 -15.05 -15.03
CA THR A 264 3.35 -15.46 -14.08
C THR A 264 3.98 -16.78 -14.51
N PHE A 265 5.30 -16.81 -14.58
CA PHE A 265 6.03 -17.98 -15.04
C PHE A 265 7.01 -18.43 -13.97
N LEU A 266 7.10 -19.74 -13.77
CA LEU A 266 8.08 -20.35 -12.88
C LEU A 266 9.26 -20.83 -13.72
N LEU A 267 10.43 -20.26 -13.47
CA LEU A 267 11.62 -20.50 -14.28
C LEU A 267 12.59 -21.40 -13.52
N LYS A 268 13.09 -22.43 -14.21
CA LYS A 268 14.06 -23.35 -13.64
C LYS A 268 15.47 -22.91 -14.02
N TYR A 269 16.38 -22.92 -13.05
CA TYR A 269 17.76 -22.57 -13.26
C TYR A 269 18.65 -23.75 -12.88
N ASN A 270 19.70 -23.99 -13.67
CA ASN A 270 20.63 -25.07 -13.42
C ASN A 270 21.88 -24.52 -12.74
N GLU A 271 22.89 -25.38 -12.57
CA GLU A 271 24.14 -24.94 -11.97
C GLU A 271 24.94 -24.02 -12.89
N ASN A 272 24.69 -24.08 -14.20
CA ASN A 272 25.36 -23.17 -15.12
C ASN A 272 24.77 -21.77 -15.04
N GLY A 273 23.47 -21.67 -14.83
CA GLY A 273 22.78 -20.40 -14.75
C GLY A 273 21.83 -20.08 -15.88
N THR A 274 21.42 -21.06 -16.68
CA THR A 274 20.51 -20.85 -17.79
C THR A 274 19.15 -21.45 -17.48
N ILE A 275 18.16 -21.06 -18.27
CA ILE A 275 16.79 -21.51 -18.09
C ILE A 275 16.60 -22.82 -18.84
N THR A 276 16.06 -23.82 -18.15
CA THR A 276 15.83 -25.14 -18.72
C THR A 276 14.36 -25.44 -18.99
N ASP A 277 13.46 -25.07 -18.08
CA ASP A 277 12.04 -25.33 -18.26
C ASP A 277 11.26 -24.18 -17.65
N ALA A 278 10.00 -24.05 -18.09
CA ALA A 278 9.11 -23.00 -17.59
C ALA A 278 7.72 -23.59 -17.37
N VAL A 279 7.09 -23.20 -16.26
CA VAL A 279 5.74 -23.63 -15.91
C VAL A 279 4.86 -22.40 -15.76
N ASP A 280 3.66 -22.47 -16.33
CA ASP A 280 2.69 -21.40 -16.22
C ASP A 280 1.85 -21.58 -14.96
N CYS A 281 1.04 -20.57 -14.65
CA CYS A 281 0.10 -20.64 -13.54
C CYS A 281 -1.35 -20.45 -13.94
N ALA A 282 -1.62 -20.02 -15.17
CA ALA A 282 -2.99 -19.78 -15.64
C ALA A 282 -3.28 -20.58 -16.90
N LEU A 283 -2.60 -21.70 -17.09
CA LEU A 283 -2.80 -22.56 -18.25
C LEU A 283 -3.42 -23.91 -17.90
N ASP A 284 -2.84 -24.62 -16.95
CA ASP A 284 -3.31 -25.92 -16.54
C ASP A 284 -3.39 -26.00 -15.02
N PRO A 285 -4.38 -26.72 -14.48
CA PRO A 285 -4.40 -26.93 -13.02
C PRO A 285 -3.17 -27.64 -12.49
N LEU A 286 -2.60 -28.57 -13.25
CA LEU A 286 -1.35 -29.20 -12.86
C LEU A 286 -0.21 -28.18 -12.85
N SER A 287 -0.17 -27.29 -13.85
CA SER A 287 0.83 -26.24 -13.87
C SER A 287 0.65 -25.27 -12.72
N GLU A 288 -0.60 -24.96 -12.37
CA GLU A 288 -0.87 -24.11 -11.22
C GLU A 288 -0.41 -24.78 -9.92
N THR A 289 -0.63 -26.09 -9.81
CA THR A 289 -0.17 -26.82 -8.64
C THR A 289 1.36 -26.82 -8.56
N LYS A 290 2.03 -26.97 -9.71
CA LYS A 290 3.49 -26.93 -9.73
C LYS A 290 4.02 -25.56 -9.32
N CYS A 291 3.42 -24.49 -9.85
CA CYS A 291 3.95 -23.16 -9.59
C CYS A 291 3.54 -22.59 -8.24
N THR A 292 2.45 -23.10 -7.65
CA THR A 292 2.10 -22.67 -6.29
C THR A 292 2.98 -23.34 -5.24
N LEU A 293 3.38 -24.58 -5.48
CA LEU A 293 4.29 -25.28 -4.56
C LEU A 293 5.74 -24.90 -4.76
N LYS A 294 6.05 -24.11 -5.80
CA LYS A 294 7.42 -23.71 -6.16
C LYS A 294 8.32 -24.93 -6.36
N SER A 295 7.77 -25.96 -7.00
CA SER A 295 8.52 -27.18 -7.27
C SER A 295 8.04 -27.79 -8.58
N PHE A 296 8.94 -28.50 -9.25
CA PHE A 296 8.61 -29.18 -10.49
C PHE A 296 8.09 -30.59 -10.28
N THR A 297 8.13 -31.10 -9.05
CA THR A 297 7.67 -32.44 -8.73
C THR A 297 6.52 -32.34 -7.74
N VAL A 298 5.40 -32.97 -8.06
CA VAL A 298 4.20 -32.95 -7.23
C VAL A 298 3.87 -34.37 -6.82
N GLU A 299 3.72 -34.59 -5.52
CA GLU A 299 3.36 -35.90 -5.00
C GLU A 299 1.84 -36.02 -4.87
N LYS A 300 1.38 -37.22 -4.52
CA LYS A 300 -0.04 -37.46 -4.38
C LYS A 300 -0.57 -36.77 -3.13
N GLY A 301 -1.78 -36.23 -3.25
CA GLY A 301 -2.42 -35.54 -2.14
C GLY A 301 -3.31 -34.43 -2.65
N ILE A 302 -3.95 -33.77 -1.69
CA ILE A 302 -4.81 -32.63 -2.00
C ILE A 302 -3.96 -31.36 -1.93
N TYR A 303 -4.34 -30.38 -2.74
CA TYR A 303 -3.61 -29.12 -2.83
C TYR A 303 -4.58 -28.00 -3.14
N GLN A 304 -4.47 -26.89 -2.42
CA GLN A 304 -5.28 -25.71 -2.65
C GLN A 304 -4.46 -24.69 -3.43
N THR A 305 -4.93 -24.35 -4.63
CA THR A 305 -4.19 -23.46 -5.53
C THR A 305 -4.73 -22.03 -5.49
N SER A 306 -6.02 -21.86 -5.75
CA SER A 306 -6.62 -20.53 -5.81
C SER A 306 -8.04 -20.63 -5.26
N ASN A 307 -8.82 -19.57 -5.48
CA ASN A 307 -10.19 -19.48 -5.01
C ASN A 307 -11.14 -19.24 -6.17
N PHE A 308 -12.39 -19.66 -6.00
CA PHE A 308 -13.43 -19.50 -7.01
C PHE A 308 -14.40 -18.42 -6.56
N ARG A 309 -14.57 -17.40 -7.40
CA ARG A 309 -15.47 -16.29 -7.12
C ARG A 309 -16.46 -16.16 -8.27
N VAL A 310 -17.74 -16.13 -7.93
CA VAL A 310 -18.81 -16.00 -8.92
C VAL A 310 -19.12 -14.51 -9.06
N GLN A 311 -18.60 -13.89 -10.11
CA GLN A 311 -18.82 -12.46 -10.33
C GLN A 311 -20.19 -12.23 -10.96
N PRO A 312 -21.03 -11.40 -10.36
CA PRO A 312 -22.32 -11.09 -10.98
C PRO A 312 -22.15 -10.32 -12.28
N THR A 313 -23.10 -10.53 -13.20
CA THR A 313 -23.06 -9.91 -14.51
C THR A 313 -24.11 -8.82 -14.71
N GLU A 314 -25.11 -8.74 -13.85
CA GLU A 314 -26.16 -7.74 -13.97
C GLU A 314 -26.44 -7.10 -12.62
N SER A 315 -26.92 -5.87 -12.65
CA SER A 315 -27.19 -5.09 -11.45
C SER A 315 -28.57 -4.47 -11.53
N ILE A 316 -29.33 -4.56 -10.43
CA ILE A 316 -30.63 -3.93 -10.30
C ILE A 316 -30.58 -2.97 -9.12
N VAL A 317 -30.98 -1.72 -9.36
CA VAL A 317 -30.82 -0.67 -8.36
C VAL A 317 -32.15 0.06 -8.18
N ARG A 318 -33.21 -0.51 -8.74
CA ARG A 318 -34.54 0.11 -8.68
C ARG A 318 -35.06 0.07 -7.25
N PHE A 319 -35.18 1.25 -6.62
CA PHE A 319 -35.62 1.32 -5.25
C PHE A 319 -37.15 1.17 -5.13
N PRO A 320 -37.99 2.00 -5.82
CA PRO A 320 -39.44 1.82 -5.64
C PRO A 320 -40.07 0.97 -6.73
N ASN A 321 -41.37 0.71 -6.61
CA ASN A 321 -42.11 0.07 -7.69
C ASN A 321 -42.71 1.09 -8.66
N ILE A 322 -43.09 2.26 -8.17
CA ILE A 322 -43.50 3.38 -9.00
C ILE A 322 -43.38 4.63 -8.14
N THR A 323 -43.26 5.79 -8.78
CA THR A 323 -43.21 7.05 -8.07
C THR A 323 -44.59 7.72 -8.10
N ASN A 324 -44.74 8.72 -7.25
CA ASN A 324 -46.00 9.45 -7.16
C ASN A 324 -46.14 10.40 -8.34
N LEU A 325 -47.33 10.99 -8.46
CA LEU A 325 -47.62 11.98 -9.48
C LEU A 325 -48.19 13.24 -8.85
N CYS A 326 -48.32 14.28 -9.66
CA CYS A 326 -48.95 15.52 -9.26
C CYS A 326 -50.08 15.84 -10.24
N PRO A 327 -51.09 16.60 -9.81
CA PRO A 327 -52.20 16.90 -10.73
C PRO A 327 -51.79 17.80 -11.88
N PHE A 328 -51.66 17.21 -13.07
CA PHE A 328 -51.28 17.92 -14.27
C PHE A 328 -52.13 17.57 -15.48
N GLY A 329 -52.96 16.53 -15.41
CA GLY A 329 -53.82 16.17 -16.52
C GLY A 329 -54.95 17.16 -16.76
N GLU A 330 -55.30 17.96 -15.75
CA GLU A 330 -56.34 18.97 -15.92
C GLU A 330 -55.94 20.07 -16.89
N VAL A 331 -54.65 20.20 -17.19
CA VAL A 331 -54.21 21.14 -18.22
C VAL A 331 -54.79 20.76 -19.57
N PHE A 332 -54.77 19.46 -19.89
CA PHE A 332 -55.32 18.95 -21.14
C PHE A 332 -56.74 18.44 -20.99
N ASN A 333 -57.04 17.72 -19.89
CA ASN A 333 -58.39 17.26 -19.62
C ASN A 333 -59.15 18.39 -18.92
N ALA A 334 -59.70 19.29 -19.72
CA ALA A 334 -60.41 20.45 -19.20
C ALA A 334 -61.71 20.64 -19.98
N THR A 335 -62.66 21.31 -19.33
CA THR A 335 -63.93 21.61 -19.98
C THR A 335 -63.74 22.57 -21.16
N ARG A 336 -62.88 23.57 -21.00
CA ARG A 336 -62.58 24.51 -22.07
C ARG A 336 -61.14 24.99 -21.90
N PHE A 337 -60.59 25.51 -22.99
CA PHE A 337 -59.23 26.00 -23.03
C PHE A 337 -59.21 27.52 -23.13
N ALA A 338 -58.00 28.07 -23.24
CA ALA A 338 -57.81 29.50 -23.39
C ALA A 338 -57.44 29.83 -24.84
N SER A 339 -57.29 31.12 -25.12
CA SER A 339 -56.98 31.59 -26.45
C SER A 339 -55.46 31.73 -26.61
N VAL A 340 -55.03 32.29 -27.74
CA VAL A 340 -53.61 32.46 -27.99
C VAL A 340 -53.09 33.82 -27.52
N TYR A 341 -53.96 34.83 -27.45
CA TYR A 341 -53.54 36.12 -26.91
C TYR A 341 -53.43 36.08 -25.39
N ALA A 342 -54.17 35.20 -24.74
CA ALA A 342 -54.09 35.00 -23.29
C ALA A 342 -54.24 33.50 -23.03
N TRP A 343 -53.12 32.80 -22.94
CA TRP A 343 -53.10 31.36 -22.76
C TRP A 343 -52.78 31.02 -21.31
N ASN A 344 -53.20 29.82 -20.91
CA ASN A 344 -52.92 29.34 -19.57
C ASN A 344 -51.44 29.01 -19.42
N ARG A 345 -50.84 29.47 -18.33
CA ARG A 345 -49.44 29.22 -18.01
C ARG A 345 -49.37 28.32 -16.79
N LYS A 346 -48.66 27.20 -16.91
CA LYS A 346 -48.54 26.22 -15.84
C LYS A 346 -47.08 26.05 -15.46
N ARG A 347 -46.83 25.99 -14.15
CA ARG A 347 -45.50 25.76 -13.61
C ARG A 347 -45.52 24.47 -12.80
N ILE A 348 -44.57 23.58 -13.06
CA ILE A 348 -44.46 22.30 -12.37
C ILE A 348 -43.27 22.41 -11.42
N SER A 349 -43.56 22.37 -10.12
CA SER A 349 -42.53 22.46 -9.09
C SER A 349 -42.94 21.60 -7.91
N ASN A 350 -41.92 21.11 -7.19
CA ASN A 350 -42.11 20.21 -6.04
C ASN A 350 -42.93 18.98 -6.41
N CYS A 351 -42.69 18.45 -7.61
CA CYS A 351 -43.42 17.30 -8.12
C CYS A 351 -42.46 16.37 -8.83
N VAL A 352 -42.92 15.13 -9.03
CA VAL A 352 -42.20 14.12 -9.79
C VAL A 352 -43.17 13.48 -10.77
N ALA A 353 -42.69 13.22 -11.99
CA ALA A 353 -43.57 12.76 -13.06
C ALA A 353 -42.80 11.84 -13.99
N ASP A 354 -43.56 11.04 -14.74
CA ASP A 354 -43.01 10.12 -15.73
C ASP A 354 -43.60 10.44 -17.09
N TYR A 355 -42.73 10.56 -18.10
CA TYR A 355 -43.15 10.88 -19.45
C TYR A 355 -43.48 9.65 -20.27
N SER A 356 -43.35 8.45 -19.71
CA SER A 356 -43.70 7.23 -20.43
C SER A 356 -45.20 7.15 -20.68
N VAL A 357 -46.02 7.56 -19.69
CA VAL A 357 -47.46 7.51 -19.85
C VAL A 357 -47.96 8.64 -20.74
N LEU A 358 -47.14 9.66 -20.98
CA LEU A 358 -47.49 10.74 -21.91
C LEU A 358 -47.28 10.35 -23.36
N TYR A 359 -46.72 9.17 -23.61
CA TYR A 359 -46.37 8.73 -24.96
C TYR A 359 -47.14 7.51 -25.44
N ASN A 360 -47.54 6.61 -24.55
CA ASN A 360 -48.27 5.40 -24.93
C ASN A 360 -49.77 5.64 -25.07
N SER A 361 -50.19 6.91 -25.17
CA SER A 361 -51.60 7.21 -25.38
C SER A 361 -52.09 6.77 -26.76
N ALA A 362 -51.21 6.85 -27.77
CA ALA A 362 -51.52 6.47 -29.15
C ALA A 362 -52.73 7.24 -29.69
N SER A 363 -52.82 8.52 -29.34
CA SER A 363 -53.91 9.37 -29.80
C SER A 363 -53.45 10.72 -30.33
N PHE A 364 -52.18 11.07 -30.17
CA PHE A 364 -51.69 12.36 -30.66
C PHE A 364 -51.46 12.29 -32.17
N SER A 365 -52.02 13.27 -32.88
CA SER A 365 -51.82 13.33 -34.33
C SER A 365 -50.40 13.74 -34.69
N THR A 366 -49.78 14.59 -33.88
CA THR A 366 -48.43 15.06 -34.14
C THR A 366 -47.67 15.18 -32.82
N PHE A 367 -46.34 15.12 -32.93
CA PHE A 367 -45.46 15.21 -31.77
C PHE A 367 -44.08 15.60 -32.27
N LYS A 368 -43.55 16.71 -31.76
CA LYS A 368 -42.21 17.16 -32.08
C LYS A 368 -41.50 17.56 -30.80
N CYS A 369 -40.23 17.17 -30.68
CA CYS A 369 -39.43 17.47 -29.50
C CYS A 369 -38.02 17.77 -29.96
N TYR A 370 -37.63 19.05 -29.90
CA TYR A 370 -36.30 19.49 -30.31
C TYR A 370 -35.47 19.87 -29.09
N GLY A 371 -34.16 19.69 -29.20
CA GLY A 371 -33.23 20.00 -28.14
C GLY A 371 -32.82 18.82 -27.30
N VAL A 372 -33.57 17.72 -27.34
CA VAL A 372 -33.24 16.51 -26.61
C VAL A 372 -33.84 15.33 -27.35
N SER A 373 -33.15 14.20 -27.30
CA SER A 373 -33.67 12.99 -27.92
C SER A 373 -34.91 12.52 -27.17
N PRO A 374 -36.00 12.20 -27.88
CA PRO A 374 -37.26 11.91 -27.18
C PRO A 374 -37.23 10.67 -26.31
N THR A 375 -36.34 9.72 -26.57
CA THR A 375 -36.27 8.50 -25.78
C THR A 375 -35.38 8.63 -24.55
N LYS A 376 -34.66 9.74 -24.40
CA LYS A 376 -33.69 9.92 -23.34
C LYS A 376 -33.87 11.30 -22.69
N LEU A 377 -35.12 11.64 -22.36
CA LEU A 377 -35.41 12.87 -21.65
C LEU A 377 -35.84 12.66 -20.21
N ASN A 378 -36.40 11.50 -19.88
CA ASN A 378 -36.85 11.24 -18.52
C ASN A 378 -35.67 11.11 -17.57
N ASP A 379 -34.60 10.44 -17.99
CA ASP A 379 -33.43 10.28 -17.13
C ASP A 379 -32.70 11.59 -16.91
N LEU A 380 -32.67 12.46 -17.91
CA LEU A 380 -32.07 13.78 -17.74
C LEU A 380 -32.93 14.62 -16.80
N CYS A 381 -32.27 15.34 -15.90
CA CYS A 381 -32.94 16.12 -14.86
C CYS A 381 -32.82 17.60 -15.15
N PHE A 382 -33.93 18.32 -15.04
CA PHE A 382 -33.99 19.76 -15.23
C PHE A 382 -34.47 20.42 -13.94
N THR A 383 -34.66 21.74 -14.00
CA THR A 383 -35.08 22.51 -12.84
C THR A 383 -36.58 22.80 -12.84
N ASN A 384 -37.08 23.45 -13.89
CA ASN A 384 -38.48 23.82 -13.98
C ASN A 384 -39.04 23.44 -15.34
N VAL A 385 -40.34 23.16 -15.36
CA VAL A 385 -41.06 22.81 -16.59
C VAL A 385 -42.18 23.82 -16.77
N TYR A 386 -42.20 24.48 -17.92
CA TYR A 386 -43.22 25.47 -18.25
C TYR A 386 -44.12 24.91 -19.34
N ALA A 387 -45.43 24.91 -19.08
CA ALA A 387 -46.42 24.37 -20.01
C ALA A 387 -47.44 25.44 -20.34
N ASP A 388 -47.69 25.64 -21.63
CA ASP A 388 -48.69 26.58 -22.12
C ASP A 388 -49.68 25.85 -23.01
N SER A 389 -50.96 26.16 -22.83
CA SER A 389 -52.04 25.49 -23.55
C SER A 389 -52.88 26.52 -24.30
N PHE A 390 -53.10 26.26 -25.59
CA PHE A 390 -53.95 27.11 -26.42
C PHE A 390 -54.42 26.29 -27.61
N VAL A 391 -55.37 26.85 -28.35
CA VAL A 391 -55.96 26.18 -29.51
C VAL A 391 -55.36 26.79 -30.78
N ILE A 392 -55.40 26.00 -31.85
CA ILE A 392 -54.84 26.42 -33.13
C ILE A 392 -55.51 25.60 -34.23
N ARG A 393 -55.43 26.10 -35.46
CA ARG A 393 -56.05 25.42 -36.59
C ARG A 393 -55.10 24.35 -37.15
N GLY A 394 -55.61 23.60 -38.13
CA GLY A 394 -54.83 22.50 -38.69
C GLY A 394 -53.73 22.95 -39.62
N ASP A 395 -53.88 24.11 -40.24
CA ASP A 395 -52.87 24.63 -41.15
C ASP A 395 -51.79 25.44 -40.44
N GLU A 396 -51.92 25.64 -39.13
CA GLU A 396 -50.94 26.40 -38.35
C GLU A 396 -50.12 25.54 -37.41
N VAL A 397 -50.32 24.22 -37.42
CA VAL A 397 -49.50 23.35 -36.57
C VAL A 397 -48.08 23.24 -37.09
N ARG A 398 -47.87 23.48 -38.39
CA ARG A 398 -46.52 23.51 -38.94
C ARG A 398 -45.79 24.79 -38.57
N GLN A 399 -46.50 25.80 -38.10
CA GLN A 399 -45.92 27.09 -37.76
C GLN A 399 -45.25 27.11 -36.39
N ILE A 400 -45.48 26.10 -35.56
CA ILE A 400 -44.88 26.06 -34.22
C ILE A 400 -43.53 25.38 -34.39
N ALA A 401 -42.54 26.19 -34.76
CA ALA A 401 -41.18 25.72 -35.00
C ALA A 401 -40.25 26.92 -34.98
N PRO A 402 -39.00 26.75 -34.55
CA PRO A 402 -38.06 27.88 -34.57
C PRO A 402 -37.46 28.07 -35.96
N GLY A 403 -37.51 29.31 -36.45
CA GLY A 403 -36.86 29.65 -37.70
C GLY A 403 -37.77 29.89 -38.88
N GLN A 404 -38.93 30.52 -38.65
CA GLN A 404 -39.82 30.89 -39.73
C GLN A 404 -40.67 32.08 -39.31
N THR A 405 -41.29 32.72 -40.30
CA THR A 405 -42.11 33.90 -40.09
C THR A 405 -43.49 33.67 -40.67
N GLY A 406 -44.52 34.13 -39.96
CA GLY A 406 -45.89 33.95 -40.39
C GLY A 406 -46.86 34.95 -39.79
N LYS A 407 -48.02 34.48 -39.37
CA LYS A 407 -49.05 35.34 -38.80
C LYS A 407 -49.33 35.09 -37.33
N ILE A 408 -49.16 33.87 -36.84
CA ILE A 408 -49.45 33.53 -35.46
C ILE A 408 -48.17 33.36 -34.64
N ALA A 409 -47.12 32.78 -35.24
CA ALA A 409 -45.89 32.49 -34.53
C ALA A 409 -45.06 33.73 -34.23
N ASP A 410 -45.41 34.89 -34.80
CA ASP A 410 -44.69 36.12 -34.53
C ASP A 410 -45.52 37.17 -33.81
N TYR A 411 -46.84 37.01 -33.73
CA TYR A 411 -47.71 37.99 -33.09
C TYR A 411 -48.32 37.50 -31.78
N ASN A 412 -48.24 36.21 -31.48
CA ASN A 412 -48.80 35.66 -30.26
C ASN A 412 -47.79 34.93 -29.39
N TYR A 413 -46.88 34.16 -29.99
CA TYR A 413 -45.88 33.42 -29.22
C TYR A 413 -44.69 33.15 -30.12
N LYS A 414 -43.59 33.83 -29.86
CA LYS A 414 -42.38 33.71 -30.67
C LYS A 414 -41.52 32.55 -30.17
N LEU A 415 -40.91 31.83 -31.12
CA LEU A 415 -40.04 30.71 -30.78
C LEU A 415 -38.59 31.13 -30.93
N PRO A 416 -37.82 31.16 -29.86
CA PRO A 416 -36.41 31.60 -29.96
C PRO A 416 -35.54 30.50 -30.57
N ASP A 417 -34.30 30.88 -30.88
CA ASP A 417 -33.34 29.94 -31.44
C ASP A 417 -32.98 28.85 -30.43
N ASP A 418 -32.73 29.24 -29.18
CA ASP A 418 -32.41 28.28 -28.12
C ASP A 418 -33.72 27.76 -27.51
N PHE A 419 -34.42 26.95 -28.30
CA PHE A 419 -35.71 26.39 -27.93
C PHE A 419 -35.57 24.90 -27.73
N THR A 420 -35.54 24.47 -26.47
CA THR A 420 -35.48 23.05 -26.11
C THR A 420 -36.85 22.54 -25.64
N GLY A 421 -37.93 23.11 -26.16
CA GLY A 421 -39.26 22.72 -25.76
C GLY A 421 -39.72 21.43 -26.40
N CYS A 422 -40.92 21.00 -26.00
CA CYS A 422 -41.51 19.76 -26.48
C CYS A 422 -42.98 20.04 -26.78
N VAL A 423 -43.33 20.15 -28.07
CA VAL A 423 -44.66 20.52 -28.49
C VAL A 423 -45.47 19.27 -28.78
N ILE A 424 -46.67 19.19 -28.19
CA ILE A 424 -47.59 18.07 -28.38
C ILE A 424 -48.94 18.64 -28.79
N ALA A 425 -49.48 18.11 -29.89
CA ALA A 425 -50.80 18.53 -30.35
C ALA A 425 -51.60 17.30 -30.78
N TRP A 426 -52.92 17.41 -30.66
CA TRP A 426 -53.82 16.31 -31.00
C TRP A 426 -55.19 16.90 -31.34
N ASN A 427 -56.04 16.06 -31.94
CA ASN A 427 -57.35 16.47 -32.42
C ASN A 427 -58.41 16.07 -31.41
N SER A 428 -59.17 17.05 -30.94
CA SER A 428 -60.30 16.82 -30.03
C SER A 428 -61.50 17.65 -30.49
N ASN A 429 -61.80 17.58 -31.79
CA ASN A 429 -62.80 18.44 -32.41
C ASN A 429 -64.22 18.16 -31.95
N ASN A 430 -64.46 17.05 -31.25
CA ASN A 430 -65.80 16.70 -30.80
C ASN A 430 -66.22 17.39 -29.51
N LEU A 431 -65.33 18.18 -28.89
CA LEU A 431 -65.66 18.79 -27.60
C LEU A 431 -65.48 20.30 -27.63
N ASP A 432 -64.47 20.78 -28.35
CA ASP A 432 -64.21 22.21 -28.40
C ASP A 432 -64.92 22.90 -29.56
N SER A 433 -65.73 22.17 -30.33
CA SER A 433 -66.47 22.75 -31.44
C SER A 433 -67.91 22.26 -31.38
N LYS A 434 -68.82 23.04 -31.97
CA LYS A 434 -70.23 22.72 -31.94
C LYS A 434 -70.89 23.28 -33.20
N VAL A 435 -72.11 22.79 -33.47
CA VAL A 435 -72.85 23.25 -34.63
C VAL A 435 -73.32 24.68 -34.42
N GLY A 436 -73.51 25.40 -35.52
CA GLY A 436 -73.93 26.79 -35.48
C GLY A 436 -72.80 27.79 -35.44
N GLY A 437 -71.56 27.34 -35.32
CA GLY A 437 -70.43 28.25 -35.30
C GLY A 437 -69.89 28.52 -33.91
N ASN A 438 -68.75 27.90 -33.59
CA ASN A 438 -68.09 28.09 -32.30
C ASN A 438 -66.99 29.14 -32.47
N TYR A 439 -67.24 30.34 -31.96
CA TYR A 439 -66.30 31.45 -32.09
C TYR A 439 -65.79 31.92 -30.73
N ASN A 440 -65.79 31.03 -29.74
CA ASN A 440 -65.40 31.41 -28.39
C ASN A 440 -63.92 31.78 -28.32
N TYR A 441 -63.07 31.08 -29.08
CA TYR A 441 -61.65 31.37 -29.08
C TYR A 441 -61.33 32.50 -30.06
N LEU A 442 -60.46 33.41 -29.62
CA LEU A 442 -60.03 34.55 -30.42
C LEU A 442 -58.57 34.38 -30.82
N TYR A 443 -58.09 35.30 -31.66
CA TYR A 443 -56.68 35.32 -32.04
C TYR A 443 -56.32 36.73 -32.49
N ARG A 444 -55.01 37.00 -32.47
CA ARG A 444 -54.48 38.31 -32.84
C ARG A 444 -53.89 38.24 -34.24
N LEU A 445 -54.26 39.20 -35.09
CA LEU A 445 -53.80 39.24 -36.46
C LEU A 445 -52.90 40.43 -36.77
N PHE A 446 -53.11 41.58 -36.13
CA PHE A 446 -52.37 42.79 -36.40
C PHE A 446 -51.51 43.17 -35.20
N ARG A 447 -50.28 43.56 -35.47
CA ARG A 447 -49.37 44.03 -34.43
C ARG A 447 -48.48 45.12 -35.00
N LYS A 448 -48.11 46.07 -34.13
CA LYS A 448 -47.29 47.19 -34.57
C LYS A 448 -45.89 46.74 -34.96
N SER A 449 -45.28 45.86 -34.18
CA SER A 449 -43.93 45.39 -34.44
C SER A 449 -43.79 43.97 -33.88
N ASN A 450 -42.55 43.48 -33.85
CA ASN A 450 -42.28 42.15 -33.32
C ASN A 450 -42.30 42.17 -31.80
N LEU A 451 -42.26 40.97 -31.21
CA LEU A 451 -42.30 40.81 -29.77
C LEU A 451 -41.24 39.82 -29.31
N LYS A 452 -40.81 39.97 -28.07
CA LYS A 452 -39.84 39.06 -27.49
C LYS A 452 -40.46 37.68 -27.30
N PRO A 453 -39.70 36.60 -27.48
CA PRO A 453 -40.23 35.26 -27.18
C PRO A 453 -40.54 35.10 -25.70
N PHE A 454 -41.44 34.15 -25.42
CA PHE A 454 -41.95 33.88 -24.07
C PHE A 454 -42.59 35.13 -23.46
N GLU A 455 -43.33 35.87 -24.27
CA GLU A 455 -44.04 37.06 -23.82
C GLU A 455 -45.49 37.00 -24.31
N ARG A 456 -46.41 37.41 -23.45
CA ARG A 456 -47.83 37.38 -23.74
C ARG A 456 -48.32 38.77 -24.07
N ASP A 457 -49.12 38.87 -25.13
CA ASP A 457 -49.68 40.15 -25.60
C ASP A 457 -51.19 40.12 -25.43
N ILE A 458 -51.69 40.96 -24.53
CA ILE A 458 -53.12 41.07 -24.26
C ILE A 458 -53.65 42.46 -24.61
N SER A 459 -52.92 43.20 -25.42
CA SER A 459 -53.32 44.56 -25.77
C SER A 459 -54.54 44.53 -26.69
N THR A 460 -55.61 45.21 -26.28
CA THR A 460 -56.83 45.29 -27.07
C THR A 460 -56.97 46.61 -27.80
N GLU A 461 -55.91 47.40 -27.88
CA GLU A 461 -55.96 48.67 -28.59
C GLU A 461 -56.10 48.44 -30.09
N ILE A 462 -56.83 49.36 -30.74
CA ILE A 462 -57.07 49.23 -32.18
C ILE A 462 -55.80 49.62 -32.92
N TYR A 463 -55.34 48.71 -33.80
CA TYR A 463 -54.15 48.97 -34.59
C TYR A 463 -54.45 50.01 -35.66
N GLN A 464 -53.58 51.01 -35.78
CA GLN A 464 -53.77 52.10 -36.72
C GLN A 464 -52.91 51.88 -37.95
N ALA A 465 -53.55 51.89 -39.13
CA ALA A 465 -52.86 51.71 -40.39
C ALA A 465 -52.48 53.03 -41.07
N GLY A 466 -53.33 54.05 -40.94
CA GLY A 466 -53.07 55.34 -41.54
C GLY A 466 -52.29 56.26 -40.61
N SER A 467 -52.25 57.53 -40.99
CA SER A 467 -51.54 58.55 -40.23
C SER A 467 -52.48 59.44 -39.41
N THR A 468 -53.74 59.04 -39.27
CA THR A 468 -54.70 59.85 -38.52
C THR A 468 -55.32 59.03 -37.38
N PRO A 469 -55.53 59.64 -36.23
CA PRO A 469 -56.19 58.92 -35.12
C PRO A 469 -57.65 58.64 -35.42
N CYS A 470 -58.16 57.57 -34.80
CA CYS A 470 -59.55 57.18 -34.97
C CYS A 470 -60.38 57.28 -33.69
N ASN A 471 -59.72 57.33 -32.52
CA ASN A 471 -60.38 57.43 -31.22
C ASN A 471 -61.37 56.29 -30.99
N GLY A 472 -60.99 55.08 -31.42
CA GLY A 472 -61.81 53.91 -31.20
C GLY A 472 -63.09 53.88 -32.01
N VAL A 473 -62.96 53.82 -33.33
CA VAL A 473 -64.11 53.76 -34.23
C VAL A 473 -63.81 52.72 -35.30
N GLU A 474 -64.86 52.14 -35.87
CA GLU A 474 -64.74 51.18 -36.96
C GLU A 474 -64.82 51.85 -38.32
N GLY A 475 -63.99 52.88 -38.51
CA GLY A 475 -64.01 53.65 -39.74
C GLY A 475 -62.89 53.27 -40.70
N PHE A 476 -62.19 54.29 -41.20
CA PHE A 476 -61.12 54.09 -42.17
C PHE A 476 -59.75 54.13 -41.48
N ASN A 477 -58.80 53.39 -42.05
CA ASN A 477 -57.41 53.31 -41.59
C ASN A 477 -57.30 52.80 -40.16
N CYS A 478 -58.30 52.05 -39.69
CA CYS A 478 -58.27 51.49 -38.34
C CYS A 478 -59.04 50.18 -38.35
N TYR A 479 -58.43 49.12 -37.83
CA TYR A 479 -59.06 47.81 -37.76
C TYR A 479 -58.71 47.14 -36.44
N PHE A 480 -59.62 46.31 -35.96
CA PHE A 480 -59.41 45.62 -34.70
C PHE A 480 -58.41 44.48 -34.88
N PRO A 481 -57.35 44.41 -34.08
CA PRO A 481 -56.38 43.32 -34.25
C PRO A 481 -56.93 41.96 -33.84
N LEU A 482 -57.83 41.90 -32.86
CA LEU A 482 -58.40 40.63 -32.44
C LEU A 482 -59.55 40.24 -33.36
N GLN A 483 -59.50 39.00 -33.85
CA GLN A 483 -60.49 38.48 -34.78
C GLN A 483 -60.98 37.13 -34.31
N SER A 484 -62.15 36.74 -34.80
CA SER A 484 -62.77 35.48 -34.43
C SER A 484 -62.20 34.33 -35.26
N TYR A 485 -62.48 33.10 -34.83
CA TYR A 485 -62.05 31.91 -35.52
C TYR A 485 -63.13 31.43 -36.49
N GLY A 486 -62.86 30.32 -37.16
CA GLY A 486 -63.81 29.72 -38.08
C GLY A 486 -64.01 28.23 -37.82
N PHE A 487 -64.01 27.85 -36.54
CA PHE A 487 -64.10 26.45 -36.18
C PHE A 487 -65.48 25.88 -36.51
N GLN A 488 -65.49 24.65 -37.02
CA GLN A 488 -66.72 23.94 -37.38
C GLN A 488 -66.44 22.44 -37.34
N PRO A 489 -67.30 21.64 -36.69
CA PRO A 489 -67.04 20.20 -36.61
C PRO A 489 -67.22 19.45 -37.93
N THR A 490 -67.78 20.09 -38.95
CA THR A 490 -68.00 19.44 -40.24
C THR A 490 -66.95 19.83 -41.27
N ASN A 491 -65.81 20.37 -40.84
CA ASN A 491 -64.74 20.76 -41.75
C ASN A 491 -63.93 19.54 -42.14
N GLY A 492 -62.80 19.77 -42.82
CA GLY A 492 -61.93 18.69 -43.24
C GLY A 492 -60.90 18.33 -42.19
N VAL A 493 -59.63 18.42 -42.56
CA VAL A 493 -58.54 18.10 -41.63
C VAL A 493 -57.61 19.29 -41.38
N GLY A 494 -57.54 20.27 -42.28
CA GLY A 494 -56.64 21.38 -42.14
C GLY A 494 -57.20 22.61 -41.46
N TYR A 495 -58.44 22.57 -40.96
CA TYR A 495 -59.03 23.74 -40.32
C TYR A 495 -59.79 23.39 -39.05
N GLN A 496 -59.59 22.20 -38.49
CA GLN A 496 -60.23 21.80 -37.26
C GLN A 496 -59.55 22.46 -36.05
N PRO A 497 -60.23 22.52 -34.90
CA PRO A 497 -59.56 22.97 -33.68
C PRO A 497 -58.61 21.91 -33.16
N TYR A 498 -57.33 22.27 -33.02
CA TYR A 498 -56.32 21.40 -32.47
C TYR A 498 -55.86 21.91 -31.11
N ARG A 499 -55.70 20.99 -30.16
CA ARG A 499 -55.22 21.31 -28.81
C ARG A 499 -53.71 21.11 -28.79
N VAL A 500 -52.96 22.21 -28.86
CA VAL A 500 -51.51 22.18 -28.92
C VAL A 500 -50.95 22.69 -27.60
N VAL A 501 -50.01 21.93 -27.03
CA VAL A 501 -49.32 22.30 -25.80
C VAL A 501 -47.83 22.14 -26.01
N VAL A 502 -47.04 22.99 -25.36
CA VAL A 502 -45.59 22.98 -25.44
C VAL A 502 -45.02 22.77 -24.05
N LEU A 503 -44.10 21.82 -23.92
CA LEU A 503 -43.43 21.53 -22.65
C LEU A 503 -41.96 21.95 -22.78
N SER A 504 -41.59 23.02 -22.10
CA SER A 504 -40.23 23.55 -22.14
C SER A 504 -39.51 23.25 -20.83
N PHE A 505 -38.19 23.21 -20.90
CA PHE A 505 -37.34 22.93 -19.75
C PHE A 505 -36.45 24.12 -19.46
N GLU A 506 -36.13 24.30 -18.18
CA GLU A 506 -35.30 25.41 -17.72
C GLU A 506 -34.02 24.85 -17.10
N LEU A 507 -32.88 25.45 -17.46
CA LEU A 507 -31.58 25.04 -16.96
C LEU A 507 -30.92 26.23 -16.27
N LEU A 508 -30.89 26.20 -14.94
CA LEU A 508 -30.27 27.26 -14.16
C LEU A 508 -29.32 26.69 -13.12
N HIS A 509 -28.83 27.53 -12.21
CA HIS A 509 -27.93 27.10 -11.14
C HIS A 509 -28.70 26.63 -9.91
N ALA A 510 -29.64 25.72 -10.13
CA ALA A 510 -30.50 25.19 -9.09
C ALA A 510 -30.50 23.67 -9.16
N PRO A 511 -30.71 22.98 -8.04
CA PRO A 511 -30.81 21.53 -8.07
C PRO A 511 -32.07 21.06 -8.77
N ALA A 512 -32.07 19.80 -9.17
CA ALA A 512 -33.20 19.22 -9.88
C ALA A 512 -34.43 19.17 -8.98
N THR A 513 -35.56 19.63 -9.52
CA THR A 513 -36.83 19.65 -8.79
C THR A 513 -37.86 18.71 -9.39
N VAL A 514 -38.13 18.83 -10.68
CA VAL A 514 -39.06 17.96 -11.38
C VAL A 514 -38.26 17.18 -12.42
N CYS A 515 -38.10 15.88 -12.19
CA CYS A 515 -37.30 15.04 -13.08
C CYS A 515 -37.72 13.59 -12.90
N GLY A 516 -37.38 12.77 -13.89
CA GLY A 516 -37.66 11.36 -13.83
C GLY A 516 -36.82 10.65 -12.79
N PRO A 517 -37.45 9.82 -11.96
CA PRO A 517 -36.70 9.09 -10.93
C PRO A 517 -36.07 7.83 -11.50
N LYS A 518 -35.48 7.02 -10.62
CA LYS A 518 -34.86 5.76 -11.05
C LYS A 518 -35.92 4.81 -11.60
N LYS A 519 -35.67 4.26 -12.77
CA LYS A 519 -36.63 3.40 -13.45
C LYS A 519 -36.68 2.03 -12.79
N SER A 520 -37.88 1.48 -12.67
CA SER A 520 -38.09 0.17 -12.08
C SER A 520 -37.71 -0.90 -13.11
N THR A 521 -36.55 -1.53 -12.91
CA THR A 521 -36.09 -2.56 -13.82
C THR A 521 -36.76 -3.90 -13.48
N ASN A 522 -36.48 -4.91 -14.31
CA ASN A 522 -37.08 -6.22 -14.12
C ASN A 522 -36.50 -6.91 -12.88
N LEU A 523 -37.36 -7.65 -12.18
CA LEU A 523 -36.94 -8.41 -11.00
C LEU A 523 -36.50 -9.80 -11.41
N VAL A 524 -35.31 -10.20 -10.94
CA VAL A 524 -34.75 -11.51 -11.23
C VAL A 524 -34.44 -12.20 -9.92
N LYS A 525 -34.48 -13.54 -9.93
CA LYS A 525 -34.29 -14.33 -8.74
C LYS A 525 -33.47 -15.58 -9.07
N ASN A 526 -32.97 -16.22 -8.01
CA ASN A 526 -32.25 -17.50 -8.08
C ASN A 526 -30.97 -17.41 -8.91
N LYS A 527 -30.37 -16.21 -8.97
CA LYS A 527 -29.12 -16.02 -9.69
C LYS A 527 -28.23 -15.11 -8.86
N CYS A 528 -26.91 -15.29 -9.03
CA CYS A 528 -25.96 -14.41 -8.34
C CYS A 528 -25.94 -13.05 -9.02
N VAL A 529 -26.76 -12.13 -8.52
CA VAL A 529 -26.88 -10.79 -9.08
C VAL A 529 -26.51 -9.78 -7.99
N ASN A 530 -26.32 -8.53 -8.42
CA ASN A 530 -25.99 -7.44 -7.52
C ASN A 530 -27.20 -6.53 -7.39
N PHE A 531 -27.52 -6.14 -6.15
CA PHE A 531 -28.69 -5.32 -5.88
C PHE A 531 -28.33 -4.23 -4.87
N ASN A 532 -29.17 -3.20 -4.83
CA ASN A 532 -28.99 -2.08 -3.91
C ASN A 532 -30.38 -1.60 -3.46
N PHE A 533 -30.83 -2.08 -2.31
CA PHE A 533 -32.13 -1.68 -1.77
C PHE A 533 -31.95 -0.66 -0.65
N ASN A 534 -31.45 0.51 -1.05
CA ASN A 534 -31.41 1.75 -0.27
C ASN A 534 -30.42 1.75 0.89
N GLY A 535 -29.83 0.59 1.21
CA GLY A 535 -28.94 0.57 2.36
C GLY A 535 -27.69 -0.27 2.23
N LEU A 536 -27.56 -1.02 1.13
CA LEU A 536 -26.43 -1.93 0.98
C LEU A 536 -26.31 -2.33 -0.49
N THR A 537 -25.07 -2.49 -0.95
CA THR A 537 -24.80 -3.01 -2.28
C THR A 537 -24.41 -4.48 -2.13
N GLY A 538 -25.43 -5.32 -1.99
CA GLY A 538 -25.23 -6.74 -1.75
C GLY A 538 -25.32 -7.55 -3.03
N THR A 539 -24.38 -8.47 -3.18
CA THR A 539 -24.33 -9.37 -4.33
C THR A 539 -24.66 -10.79 -3.86
N GLY A 540 -25.69 -11.38 -4.45
CA GLY A 540 -26.08 -12.73 -4.08
C GLY A 540 -27.42 -13.09 -4.69
N VAL A 541 -27.85 -14.31 -4.39
CA VAL A 541 -29.12 -14.79 -4.89
C VAL A 541 -30.27 -14.23 -4.05
N LEU A 542 -31.47 -14.28 -4.62
CA LEU A 542 -32.68 -13.79 -3.98
C LEU A 542 -33.72 -14.90 -4.02
N THR A 543 -33.70 -15.77 -3.02
CA THR A 543 -34.65 -16.87 -2.95
C THR A 543 -35.96 -16.41 -2.34
N GLU A 544 -36.98 -17.25 -2.46
CA GLU A 544 -38.31 -16.96 -1.91
C GLU A 544 -38.35 -17.50 -0.48
N SER A 545 -38.46 -16.59 0.49
CA SER A 545 -38.49 -16.97 1.89
C SER A 545 -39.90 -17.37 2.32
N ASN A 546 -39.98 -17.94 3.52
CA ASN A 546 -41.26 -18.36 4.09
C ASN A 546 -41.56 -17.67 5.42
N LYS A 547 -40.80 -16.64 5.78
CA LYS A 547 -41.00 -15.90 7.02
C LYS A 547 -41.56 -14.53 6.70
N LYS A 548 -42.62 -14.14 7.39
CA LYS A 548 -43.28 -12.87 7.17
C LYS A 548 -42.64 -11.79 8.04
N PHE A 549 -42.74 -10.55 7.57
CA PHE A 549 -42.16 -9.40 8.24
C PHE A 549 -43.27 -8.51 8.80
N LEU A 550 -42.96 -7.86 9.93
CA LEU A 550 -43.88 -6.89 10.48
C LEU A 550 -44.00 -5.70 9.54
N PRO A 551 -45.19 -5.09 9.41
CA PRO A 551 -45.37 -4.05 8.39
C PRO A 551 -44.81 -2.69 8.78
N PHE A 552 -43.57 -2.66 9.26
CA PHE A 552 -42.85 -1.43 9.45
C PHE A 552 -41.35 -1.58 9.21
N GLN A 553 -40.89 -2.76 8.82
CA GLN A 553 -39.46 -3.06 8.68
C GLN A 553 -39.10 -3.20 7.21
N GLN A 554 -37.86 -2.86 6.89
CA GLN A 554 -37.34 -2.99 5.53
C GLN A 554 -36.14 -3.93 5.42
N PHE A 555 -35.31 -4.01 6.45
CA PHE A 555 -34.10 -4.82 6.43
C PHE A 555 -34.35 -6.12 7.19
N GLY A 556 -33.28 -6.87 7.41
CA GLY A 556 -33.34 -8.09 8.20
C GLY A 556 -31.99 -8.72 8.40
N ARG A 557 -31.68 -9.12 9.63
CA ARG A 557 -30.38 -9.68 9.97
C ARG A 557 -30.57 -11.09 10.54
N ASP A 558 -29.46 -11.69 10.94
CA ASP A 558 -29.46 -13.04 11.49
C ASP A 558 -28.78 -13.08 12.85
N ILE A 559 -28.50 -14.29 13.35
CA ILE A 559 -27.82 -14.44 14.63
C ILE A 559 -26.41 -13.85 14.54
N ALA A 560 -25.72 -14.08 13.43
CA ALA A 560 -24.36 -13.59 13.22
C ALA A 560 -24.31 -12.13 12.80
N ASP A 561 -25.44 -11.42 12.82
CA ASP A 561 -25.53 -10.00 12.48
C ASP A 561 -25.03 -9.72 11.06
N THR A 562 -25.74 -10.31 10.10
CA THR A 562 -25.48 -10.10 8.68
C THR A 562 -26.80 -9.86 7.97
N THR A 563 -26.86 -8.80 7.17
CA THR A 563 -28.08 -8.47 6.43
C THR A 563 -28.32 -9.51 5.36
N ASP A 564 -29.30 -10.40 5.58
CA ASP A 564 -29.56 -11.50 4.65
C ASP A 564 -31.03 -11.61 4.27
N ALA A 565 -31.85 -10.59 4.57
CA ALA A 565 -33.27 -10.65 4.24
C ALA A 565 -33.77 -9.21 4.11
N VAL A 566 -33.94 -8.75 2.86
CA VAL A 566 -34.43 -7.41 2.58
C VAL A 566 -35.78 -7.51 1.90
N ARG A 567 -36.75 -6.75 2.38
CA ARG A 567 -38.08 -6.75 1.79
C ARG A 567 -38.05 -5.95 0.48
N ASP A 568 -38.49 -6.59 -0.59
CA ASP A 568 -38.54 -5.92 -1.89
C ASP A 568 -39.74 -4.98 -1.94
N PRO A 569 -39.54 -3.69 -2.23
CA PRO A 569 -40.66 -2.74 -2.23
C PRO A 569 -41.56 -2.80 -3.44
N GLN A 570 -41.47 -3.86 -4.27
CA GLN A 570 -42.31 -3.92 -5.46
C GLN A 570 -43.76 -4.23 -5.10
N THR A 571 -44.01 -5.40 -4.52
CA THR A 571 -45.32 -5.75 -4.00
C THR A 571 -45.19 -6.44 -2.65
N LEU A 572 -44.22 -5.99 -1.85
CA LEU A 572 -43.98 -6.46 -0.49
C LEU A 572 -43.67 -7.96 -0.46
N GLU A 573 -42.60 -8.33 -1.15
CA GLU A 573 -42.07 -9.68 -1.13
C GLU A 573 -40.85 -9.74 -0.23
N ILE A 574 -40.78 -10.80 0.57
CA ILE A 574 -39.63 -11.01 1.46
C ILE A 574 -38.65 -11.94 0.74
N LEU A 575 -37.43 -11.43 0.51
CA LEU A 575 -36.43 -12.15 -0.26
C LEU A 575 -35.17 -12.33 0.59
N ASP A 576 -34.65 -13.55 0.63
CA ASP A 576 -33.43 -13.84 1.36
C ASP A 576 -32.21 -13.47 0.52
N ILE A 577 -31.08 -13.31 1.20
CA ILE A 577 -29.80 -13.00 0.56
C ILE A 577 -28.82 -14.10 0.93
N THR A 578 -28.19 -14.71 -0.07
CA THR A 578 -27.19 -15.74 0.13
C THR A 578 -26.06 -15.47 -0.86
N PRO A 579 -24.81 -15.37 -0.39
CA PRO A 579 -23.69 -15.16 -1.30
C PRO A 579 -23.53 -16.31 -2.28
N CYS A 580 -23.16 -15.98 -3.51
CA CYS A 580 -23.02 -16.97 -4.57
C CYS A 580 -21.63 -17.63 -4.60
N SER A 581 -20.62 -16.97 -4.04
CA SER A 581 -19.26 -17.49 -4.05
C SER A 581 -18.96 -18.14 -2.71
N PHE A 582 -18.54 -19.40 -2.73
CA PHE A 582 -18.24 -20.15 -1.53
C PHE A 582 -16.93 -20.92 -1.72
N GLY A 583 -16.02 -20.80 -0.76
CA GLY A 583 -14.83 -21.61 -0.73
C GLY A 583 -13.86 -21.30 -1.88
N GLY A 584 -12.99 -22.28 -2.12
CA GLY A 584 -12.00 -22.16 -3.18
C GLY A 584 -11.93 -23.40 -4.04
N VAL A 585 -10.84 -23.56 -4.79
CA VAL A 585 -10.65 -24.70 -5.68
C VAL A 585 -9.55 -25.58 -5.12
N SER A 586 -9.51 -26.82 -5.60
CA SER A 586 -8.50 -27.77 -5.20
C SER A 586 -8.25 -28.75 -6.35
N VAL A 587 -7.10 -29.40 -6.30
CA VAL A 587 -6.66 -30.30 -7.37
C VAL A 587 -6.26 -31.64 -6.78
N ILE A 588 -6.56 -32.71 -7.49
CA ILE A 588 -6.15 -34.07 -7.13
C ILE A 588 -5.09 -34.50 -8.12
N THR A 589 -3.90 -34.83 -7.62
CA THR A 589 -2.78 -35.23 -8.45
C THR A 589 -2.35 -36.65 -8.10
N PRO A 590 -2.30 -37.56 -9.07
CA PRO A 590 -1.80 -38.92 -8.77
C PRO A 590 -0.35 -38.94 -8.30
N GLY A 591 0.48 -38.02 -8.77
CA GLY A 591 1.86 -37.91 -8.35
C GLY A 591 2.80 -37.86 -9.52
N THR A 592 4.08 -38.03 -9.24
CA THR A 592 5.11 -38.03 -10.27
C THR A 592 5.40 -39.45 -10.74
N ASN A 593 5.81 -39.56 -12.01
CA ASN A 593 6.12 -40.82 -12.68
C ASN A 593 4.94 -41.80 -12.66
N THR A 594 3.72 -41.30 -12.49
CA THR A 594 2.53 -42.14 -12.45
C THR A 594 1.47 -41.70 -13.44
N SER A 595 1.27 -40.40 -13.63
CA SER A 595 0.25 -39.89 -14.51
C SER A 595 0.59 -38.45 -14.88
N ASN A 596 -0.28 -37.85 -15.69
CA ASN A 596 -0.14 -36.44 -16.07
C ASN A 596 -1.42 -35.64 -15.91
N GLN A 597 -2.59 -36.29 -15.89
CA GLN A 597 -3.85 -35.58 -15.72
C GLN A 597 -4.13 -35.32 -14.25
N VAL A 598 -5.06 -34.40 -14.00
CA VAL A 598 -5.45 -34.01 -12.65
C VAL A 598 -6.97 -33.98 -12.56
N ALA A 599 -7.48 -33.78 -11.35
CA ALA A 599 -8.91 -33.69 -11.09
C ALA A 599 -9.15 -32.45 -10.23
N VAL A 600 -9.97 -31.53 -10.74
CA VAL A 600 -10.25 -30.28 -10.06
C VAL A 600 -11.44 -30.49 -9.12
N LEU A 601 -11.26 -30.11 -7.85
CA LEU A 601 -12.30 -30.24 -6.84
C LEU A 601 -12.61 -28.87 -6.26
N TYR A 602 -13.89 -28.51 -6.25
CA TYR A 602 -14.35 -27.30 -5.58
C TYR A 602 -14.82 -27.63 -4.18
N GLN A 603 -14.54 -26.73 -3.23
CA GLN A 603 -14.73 -27.03 -1.81
C GLN A 603 -16.20 -27.19 -1.47
N ASP A 604 -17.04 -26.21 -1.86
CA ASP A 604 -18.46 -26.30 -1.57
C ASP A 604 -19.34 -25.77 -2.70
N VAL A 605 -18.77 -25.45 -3.86
CA VAL A 605 -19.56 -24.96 -4.98
C VAL A 605 -20.38 -26.09 -5.57
N ASN A 606 -21.67 -25.85 -5.76
CA ASN A 606 -22.57 -26.86 -6.31
C ASN A 606 -22.68 -26.67 -7.83
N CYS A 607 -22.52 -27.76 -8.57
CA CYS A 607 -22.57 -27.70 -10.03
C CYS A 607 -23.99 -27.44 -10.52
N ASN A 631 -16.77 -38.01 -15.52
CA ASN A 631 -16.65 -36.62 -15.92
C ASN A 631 -16.91 -35.69 -14.74
N VAL A 632 -18.18 -35.40 -14.47
CA VAL A 632 -18.60 -34.53 -13.39
C VAL A 632 -19.37 -35.36 -12.38
N PHE A 633 -18.91 -35.37 -11.13
CA PHE A 633 -19.55 -36.12 -10.06
C PHE A 633 -19.87 -35.16 -8.91
N GLN A 634 -21.14 -35.13 -8.49
CA GLN A 634 -21.58 -34.26 -7.41
C GLN A 634 -21.32 -34.98 -6.09
N THR A 635 -20.16 -34.72 -5.50
CA THR A 635 -19.82 -35.32 -4.22
C THR A 635 -20.41 -34.51 -3.08
N ARG A 636 -20.36 -35.11 -1.88
CA ARG A 636 -20.84 -34.42 -0.68
C ARG A 636 -19.93 -33.25 -0.32
N ALA A 637 -18.65 -33.34 -0.66
CA ALA A 637 -17.65 -32.33 -0.31
C ALA A 637 -17.40 -31.34 -1.43
N GLY A 638 -18.44 -30.99 -2.19
CA GLY A 638 -18.34 -29.97 -3.22
C GLY A 638 -18.61 -30.55 -4.60
N CYS A 639 -17.88 -30.05 -5.59
CA CYS A 639 -17.97 -30.51 -6.97
C CYS A 639 -16.62 -31.05 -7.40
N LEU A 640 -16.60 -32.28 -7.89
CA LEU A 640 -15.39 -32.94 -8.37
C LEU A 640 -15.54 -33.20 -9.86
N ILE A 641 -14.61 -32.69 -10.65
CA ILE A 641 -14.62 -32.88 -12.10
C ILE A 641 -13.31 -33.53 -12.52
N GLY A 642 -13.35 -34.25 -13.63
CA GLY A 642 -12.20 -34.96 -14.13
C GLY A 642 -11.96 -36.31 -13.49
N ALA A 643 -12.83 -36.76 -12.59
CA ALA A 643 -12.68 -38.04 -11.92
C ALA A 643 -14.02 -38.76 -11.93
N GLU A 644 -14.06 -39.94 -12.55
CA GLU A 644 -15.29 -40.71 -12.62
C GLU A 644 -15.58 -41.36 -11.27
N HIS A 645 -16.86 -41.65 -11.04
CA HIS A 645 -17.33 -42.27 -9.81
C HIS A 645 -17.63 -43.74 -10.05
N VAL A 646 -17.13 -44.59 -9.17
CA VAL A 646 -17.35 -46.03 -9.25
C VAL A 646 -17.96 -46.50 -7.95
N ASN A 647 -18.90 -47.45 -8.04
CA ASN A 647 -19.68 -47.85 -6.88
C ASN A 647 -18.90 -48.73 -5.91
N ASN A 648 -17.90 -49.46 -6.39
CA ASN A 648 -17.13 -50.32 -5.51
C ASN A 648 -16.20 -49.49 -4.63
N SER A 649 -15.65 -50.14 -3.60
CA SER A 649 -14.85 -49.45 -2.59
C SER A 649 -13.55 -50.20 -2.37
N TYR A 650 -12.44 -49.46 -2.35
CA TYR A 650 -11.13 -49.98 -2.00
C TYR A 650 -10.55 -49.12 -0.88
N GLU A 651 -9.33 -49.45 -0.47
CA GLU A 651 -8.59 -48.59 0.45
C GLU A 651 -8.16 -47.33 -0.27
N CYS A 652 -8.38 -46.18 0.36
CA CYS A 652 -8.14 -44.89 -0.29
C CYS A 652 -6.84 -44.27 0.23
N ASP A 653 -6.22 -43.48 -0.64
CA ASP A 653 -4.92 -42.86 -0.35
C ASP A 653 -4.96 -41.34 -0.34
N ILE A 654 -5.63 -40.72 -1.32
CA ILE A 654 -5.69 -39.27 -1.43
C ILE A 654 -7.01 -38.82 -0.81
N PRO A 655 -7.01 -38.18 0.36
CA PRO A 655 -8.27 -37.79 0.98
C PRO A 655 -8.88 -36.57 0.32
N ILE A 656 -10.21 -36.55 0.30
CA ILE A 656 -10.99 -35.42 -0.20
C ILE A 656 -11.93 -34.88 0.87
N GLY A 657 -12.69 -35.76 1.51
CA GLY A 657 -13.58 -35.39 2.59
C GLY A 657 -14.89 -36.14 2.51
N ALA A 658 -15.57 -36.21 3.66
CA ALA A 658 -16.90 -36.83 3.79
C ALA A 658 -16.91 -38.29 3.35
N GLY A 659 -15.83 -39.01 3.68
CA GLY A 659 -15.78 -40.44 3.40
C GLY A 659 -15.50 -40.81 1.96
N ILE A 660 -15.12 -39.85 1.12
CA ILE A 660 -14.85 -40.10 -0.30
C ILE A 660 -13.42 -39.69 -0.58
N CYS A 661 -12.65 -40.61 -1.16
CA CYS A 661 -11.28 -40.36 -1.57
C CYS A 661 -11.15 -40.50 -3.08
N ALA A 662 -9.94 -40.26 -3.58
CA ALA A 662 -9.63 -40.38 -5.00
C ALA A 662 -8.37 -41.19 -5.19
N SER A 663 -8.30 -41.92 -6.30
CA SER A 663 -7.15 -42.75 -6.61
C SER A 663 -7.04 -42.92 -8.11
N TYR A 664 -5.87 -43.37 -8.56
CA TYR A 664 -5.60 -43.64 -9.96
C TYR A 664 -5.57 -45.15 -10.16
N GLN A 665 -6.65 -45.69 -10.72
CA GLN A 665 -6.80 -47.12 -10.94
C GLN A 665 -7.28 -47.36 -12.38
N THR A 666 -7.48 -48.63 -12.70
CA THR A 666 -7.93 -49.02 -14.03
C THR A 666 -9.44 -48.90 -14.14
N SER A 679 -7.91 -47.63 -20.60
CA SER A 679 -6.69 -47.65 -19.82
C SER A 679 -6.97 -47.39 -18.34
N GLN A 680 -6.17 -46.51 -17.74
CA GLN A 680 -6.32 -46.15 -16.34
C GLN A 680 -6.56 -44.65 -16.21
N SER A 681 -7.48 -44.27 -15.32
CA SER A 681 -7.84 -42.87 -15.12
C SER A 681 -8.05 -42.63 -13.63
N ILE A 682 -8.30 -41.38 -13.28
CA ILE A 682 -8.54 -41.01 -11.89
C ILE A 682 -9.99 -41.33 -11.53
N ILE A 683 -10.17 -42.07 -10.44
CA ILE A 683 -11.49 -42.49 -10.00
C ILE A 683 -11.74 -41.97 -8.59
N ALA A 684 -13.03 -41.86 -8.25
CA ALA A 684 -13.47 -41.43 -6.93
C ALA A 684 -14.41 -42.47 -6.37
N TYR A 685 -14.26 -42.76 -5.08
CA TYR A 685 -15.06 -43.81 -4.46
C TYR A 685 -15.16 -43.55 -2.96
N THR A 686 -16.13 -44.21 -2.33
CA THR A 686 -16.22 -44.20 -0.88
C THR A 686 -15.13 -45.09 -0.30
N MET A 687 -14.43 -44.60 0.72
CA MET A 687 -13.31 -45.32 1.28
C MET A 687 -13.80 -46.55 2.06
N SER A 688 -12.92 -47.54 2.16
CA SER A 688 -13.19 -48.75 2.93
C SER A 688 -12.43 -48.70 4.25
N LEU A 689 -13.13 -49.01 5.34
CA LEU A 689 -12.53 -48.97 6.66
C LEU A 689 -11.73 -50.22 6.99
N GLY A 690 -11.75 -51.22 6.13
CA GLY A 690 -10.97 -52.42 6.36
C GLY A 690 -11.64 -53.62 5.70
N ALA A 691 -11.06 -54.79 5.96
CA ALA A 691 -11.58 -56.03 5.42
C ALA A 691 -12.77 -56.49 6.26
N GLU A 692 -13.93 -56.63 5.61
CA GLU A 692 -15.15 -57.05 6.30
C GLU A 692 -15.06 -58.55 6.59
N ASN A 693 -14.73 -58.89 7.82
CA ASN A 693 -14.62 -60.28 8.24
C ASN A 693 -15.40 -60.48 9.53
N SER A 694 -15.96 -61.68 9.69
CA SER A 694 -16.73 -62.05 10.86
C SER A 694 -15.99 -63.11 11.65
N VAL A 695 -15.82 -62.88 12.94
CA VAL A 695 -15.15 -63.83 13.83
C VAL A 695 -16.20 -64.79 14.38
N ALA A 696 -15.99 -66.08 14.17
CA ALA A 696 -16.90 -67.08 14.69
C ALA A 696 -16.83 -67.11 16.21
N TYR A 697 -17.99 -67.03 16.85
CA TYR A 697 -18.07 -66.97 18.30
C TYR A 697 -18.97 -68.10 18.82
N SER A 698 -18.54 -68.73 19.91
CA SER A 698 -19.33 -69.74 20.57
C SER A 698 -18.98 -69.75 22.06
N ASN A 699 -19.90 -70.26 22.86
CA ASN A 699 -19.69 -70.29 24.31
C ASN A 699 -18.74 -71.40 24.74
N ASN A 700 -18.38 -72.31 23.84
CA ASN A 700 -17.47 -73.41 24.18
C ASN A 700 -16.44 -73.61 23.08
N SER A 701 -15.99 -72.50 22.48
CA SER A 701 -14.98 -72.56 21.42
C SER A 701 -13.90 -71.53 21.72
N ILE A 702 -12.64 -71.96 21.68
CA ILE A 702 -11.50 -71.09 21.90
C ILE A 702 -10.47 -71.34 20.81
N ALA A 703 -9.63 -70.34 20.57
CA ALA A 703 -8.54 -70.43 19.60
C ALA A 703 -7.23 -70.22 20.33
N ILE A 704 -6.33 -71.19 20.22
CA ILE A 704 -5.01 -71.14 20.85
C ILE A 704 -3.97 -71.14 19.74
N PRO A 705 -3.12 -70.12 19.66
CA PRO A 705 -2.08 -70.11 18.61
C PRO A 705 -1.05 -71.20 18.82
N THR A 706 -0.53 -71.71 17.71
CA THR A 706 0.48 -72.76 17.73
C THR A 706 1.81 -72.33 17.14
N ASN A 707 1.91 -71.12 16.59
CA ASN A 707 3.16 -70.62 16.03
C ASN A 707 3.19 -69.12 16.20
N PHE A 708 4.34 -68.53 15.87
CA PHE A 708 4.51 -67.09 16.06
C PHE A 708 5.56 -66.57 15.07
N THR A 709 5.50 -65.28 14.81
CA THR A 709 6.51 -64.57 14.03
C THR A 709 7.05 -63.41 14.84
N ILE A 710 8.38 -63.25 14.83
CA ILE A 710 9.04 -62.16 15.53
C ILE A 710 9.14 -61.00 14.55
N SER A 711 8.27 -60.00 14.72
CA SER A 711 8.19 -58.85 13.83
C SER A 711 8.90 -57.65 14.46
N VAL A 712 9.42 -56.79 13.60
CA VAL A 712 10.12 -55.57 14.01
C VAL A 712 9.35 -54.39 13.45
N THR A 713 8.91 -53.48 14.33
CA THR A 713 8.18 -52.28 13.95
C THR A 713 9.01 -51.06 14.35
N THR A 714 9.20 -50.15 13.40
CA THR A 714 10.02 -48.96 13.62
C THR A 714 9.12 -47.73 13.65
N GLU A 715 9.28 -46.92 14.70
CA GLU A 715 8.52 -45.70 14.87
C GLU A 715 9.46 -44.50 14.82
N ILE A 716 9.02 -43.44 14.15
CA ILE A 716 9.82 -42.24 13.95
C ILE A 716 9.35 -41.18 14.93
N LEU A 717 10.27 -40.65 15.73
CA LEU A 717 9.93 -39.64 16.72
C LEU A 717 10.97 -38.52 16.74
N PRO A 718 10.58 -37.28 16.42
CA PRO A 718 11.53 -36.17 16.52
C PRO A 718 11.66 -35.69 17.96
N VAL A 719 12.88 -35.30 18.33
CA VAL A 719 13.15 -34.81 19.68
C VAL A 719 13.70 -33.40 19.69
N SER A 720 14.18 -32.86 18.57
CA SER A 720 14.80 -31.55 18.55
C SER A 720 14.67 -30.95 17.16
N MET A 721 14.91 -29.64 17.08
CA MET A 721 14.95 -28.93 15.81
C MET A 721 16.14 -27.98 15.83
N THR A 722 16.31 -27.23 14.75
CA THR A 722 17.42 -26.30 14.63
C THR A 722 17.24 -25.13 15.59
N LYS A 723 18.35 -24.69 16.18
CA LYS A 723 18.36 -23.56 17.11
C LYS A 723 18.80 -22.32 16.37
N THR A 724 17.92 -21.30 16.33
CA THR A 724 18.20 -20.05 15.65
C THR A 724 18.17 -18.91 16.65
N SER A 725 18.94 -17.85 16.36
CA SER A 725 18.96 -16.64 17.15
C SER A 725 18.72 -15.45 16.23
N VAL A 726 17.80 -14.57 16.62
CA VAL A 726 17.39 -13.45 15.79
C VAL A 726 17.47 -12.18 16.63
N ASP A 727 18.14 -11.16 16.10
CA ASP A 727 18.27 -9.86 16.75
C ASP A 727 17.59 -8.79 15.88
N CYS A 728 16.90 -7.85 16.54
CA CYS A 728 16.20 -6.80 15.81
C CYS A 728 17.17 -5.85 15.13
N THR A 729 18.31 -5.54 15.79
CA THR A 729 19.22 -4.52 15.29
C THR A 729 19.84 -4.90 13.95
N MET A 730 19.95 -6.20 13.65
CA MET A 730 20.45 -6.66 12.36
C MET A 730 19.34 -7.04 11.40
N TYR A 731 18.20 -7.51 11.90
CA TYR A 731 17.10 -7.87 11.01
C TYR A 731 16.28 -6.65 10.63
N ILE A 732 15.80 -5.89 11.62
CA ILE A 732 14.94 -4.75 11.34
C ILE A 732 15.74 -3.58 10.79
N CYS A 733 16.80 -3.18 11.50
CA CYS A 733 17.69 -2.15 11.02
C CYS A 733 18.85 -2.75 10.23
N GLY A 734 19.41 -1.95 9.34
CA GLY A 734 20.57 -2.35 8.58
C GLY A 734 21.85 -1.77 9.13
N ASP A 735 22.38 -0.75 8.45
CA ASP A 735 23.58 -0.05 8.88
C ASP A 735 23.30 1.45 9.05
N SER A 736 22.13 1.77 9.60
CA SER A 736 21.69 3.14 9.77
C SER A 736 21.45 3.42 11.25
N THR A 737 21.90 4.59 11.71
CA THR A 737 21.69 4.98 13.10
C THR A 737 20.25 5.39 13.35
N GLU A 738 19.62 6.05 12.37
CA GLU A 738 18.28 6.60 12.57
C GLU A 738 17.23 5.51 12.81
N CYS A 739 17.46 4.30 12.27
CA CYS A 739 16.54 3.20 12.56
C CYS A 739 16.65 2.76 14.01
N SER A 740 17.86 2.81 14.58
CA SER A 740 18.05 2.35 15.95
C SER A 740 17.42 3.29 16.97
N ASN A 741 17.39 4.59 16.69
CA ASN A 741 16.86 5.56 17.65
C ASN A 741 15.37 5.34 17.89
N LEU A 742 14.62 5.01 16.83
CA LEU A 742 13.21 4.70 17.01
C LEU A 742 12.99 3.33 17.62
N LEU A 743 14.02 2.49 17.66
CA LEU A 743 13.91 1.16 18.27
C LEU A 743 14.00 1.20 19.79
N LEU A 744 14.44 2.33 20.37
CA LEU A 744 14.39 2.47 21.82
C LEU A 744 12.96 2.50 22.34
N GLN A 745 12.02 2.95 21.50
CA GLN A 745 10.61 2.92 21.86
C GLN A 745 10.03 1.51 21.84
N TYR A 746 10.73 0.54 21.26
CA TYR A 746 10.27 -0.84 21.20
C TYR A 746 11.36 -1.79 21.70
N GLY A 747 12.25 -1.32 22.57
CA GLY A 747 13.30 -2.17 23.09
C GLY A 747 12.78 -3.29 23.97
N SER A 748 11.68 -3.05 24.69
CA SER A 748 11.09 -4.09 25.53
C SER A 748 10.59 -5.25 24.69
N PHE A 749 9.98 -4.96 23.53
CA PHE A 749 9.51 -6.02 22.64
C PHE A 749 10.67 -6.90 22.18
N CYS A 750 11.79 -6.28 21.79
CA CYS A 750 12.95 -7.04 21.38
C CYS A 750 13.56 -7.81 22.54
N THR A 751 13.45 -7.29 23.76
CA THR A 751 13.92 -8.03 24.93
C THR A 751 13.09 -9.30 25.11
N GLN A 752 11.76 -9.20 24.99
CA GLN A 752 10.93 -10.40 25.09
C GLN A 752 11.23 -11.39 23.96
N LEU A 753 11.42 -10.89 22.74
CA LEU A 753 11.70 -11.78 21.61
C LEU A 753 13.03 -12.51 21.80
N ASN A 754 14.07 -11.79 22.21
CA ASN A 754 15.36 -12.42 22.45
C ASN A 754 15.31 -13.41 23.60
N ARG A 755 14.57 -13.07 24.67
CA ARG A 755 14.42 -14.01 25.78
C ARG A 755 13.67 -15.27 25.35
N ALA A 756 12.63 -15.11 24.52
CA ALA A 756 11.90 -16.26 24.02
C ALA A 756 12.76 -17.14 23.13
N LEU A 757 13.58 -16.53 22.27
CA LEU A 757 14.47 -17.31 21.42
C LEU A 757 15.53 -18.05 22.24
N THR A 758 16.08 -17.39 23.26
CA THR A 758 17.05 -18.05 24.13
C THR A 758 16.41 -19.19 24.91
N GLY A 759 15.17 -19.00 25.38
CA GLY A 759 14.47 -20.07 26.06
C GLY A 759 14.17 -21.23 25.14
N ILE A 760 13.81 -20.95 23.89
CA ILE A 760 13.59 -22.01 22.90
C ILE A 760 14.88 -22.79 22.66
N ALA A 761 16.00 -22.08 22.53
CA ALA A 761 17.28 -22.74 22.29
C ALA A 761 17.69 -23.62 23.47
N VAL A 762 17.54 -23.11 24.69
CA VAL A 762 17.93 -23.92 25.85
C VAL A 762 16.96 -25.08 26.06
N GLU A 763 15.69 -24.91 25.66
CA GLU A 763 14.74 -26.01 25.73
C GLU A 763 15.07 -27.09 24.71
N GLN A 764 15.52 -26.70 23.52
CA GLN A 764 15.97 -27.66 22.53
C GLN A 764 17.22 -28.38 23.00
N ASP A 765 18.11 -27.66 23.68
CA ASP A 765 19.30 -28.28 24.26
C ASP A 765 18.93 -29.29 25.34
N LYS A 766 17.93 -28.95 26.16
CA LYS A 766 17.52 -29.83 27.24
C LYS A 766 16.74 -31.05 26.74
N ASN A 767 16.17 -30.98 25.54
CA ASN A 767 15.39 -32.10 25.02
C ASN A 767 16.26 -33.31 24.74
N THR A 768 17.48 -33.09 24.23
CA THR A 768 18.37 -34.21 23.93
C THR A 768 18.86 -34.88 25.21
N GLN A 769 19.08 -34.10 26.27
CA GLN A 769 19.57 -34.68 27.53
C GLN A 769 18.53 -35.57 28.19
N GLU A 770 17.24 -35.28 27.98
CA GLU A 770 16.19 -36.08 28.60
C GLU A 770 15.89 -37.37 27.86
N VAL A 771 16.40 -37.54 26.64
CA VAL A 771 16.11 -38.70 25.81
C VAL A 771 17.29 -39.65 25.73
N PHE A 772 18.44 -39.17 25.26
CA PHE A 772 19.58 -40.04 25.04
C PHE A 772 20.42 -40.25 26.29
N ALA A 773 20.52 -39.24 27.15
CA ALA A 773 21.36 -39.32 28.35
C ALA A 773 20.61 -39.97 29.52
N GLN A 774 20.05 -41.16 29.29
CA GLN A 774 19.38 -41.88 30.36
C GLN A 774 20.37 -42.54 31.32
N VAL A 775 21.51 -43.00 30.81
CA VAL A 775 22.52 -43.65 31.62
C VAL A 775 23.74 -42.75 31.71
N LYS A 776 24.45 -42.84 32.84
CA LYS A 776 25.64 -42.05 33.08
C LYS A 776 26.92 -42.85 32.93
N GLN A 777 26.83 -44.09 32.44
CA GLN A 777 28.00 -44.93 32.21
C GLN A 777 27.97 -45.42 30.78
N ILE A 778 29.08 -45.23 30.06
CA ILE A 778 29.19 -45.68 28.68
C ILE A 778 29.57 -47.15 28.69
N TYR A 779 28.69 -47.99 28.16
CA TYR A 779 28.89 -49.44 28.13
C TYR A 779 29.51 -49.85 26.81
N LYS A 780 30.62 -50.58 26.87
CA LYS A 780 31.32 -51.01 25.68
C LYS A 780 30.76 -52.33 25.18
N THR A 781 30.66 -52.45 23.87
CA THR A 781 30.22 -53.71 23.26
C THR A 781 31.31 -54.77 23.44
N PRO A 782 30.98 -55.95 23.96
CA PRO A 782 31.99 -56.98 24.12
C PRO A 782 32.49 -57.47 22.77
N PRO A 783 33.76 -57.87 22.67
CA PRO A 783 34.27 -58.37 21.38
C PRO A 783 33.64 -59.67 20.93
N ILE A 784 33.06 -60.45 21.85
CA ILE A 784 32.40 -61.70 21.48
C ILE A 784 31.03 -61.36 20.88
N LYS A 785 30.82 -61.74 19.62
CA LYS A 785 29.58 -61.47 18.93
C LYS A 785 28.65 -62.67 18.89
N ASP A 786 28.96 -63.73 19.62
CA ASP A 786 28.12 -64.92 19.67
C ASP A 786 27.06 -64.72 20.76
N PHE A 787 25.86 -64.32 20.34
CA PHE A 787 24.75 -64.08 21.24
C PHE A 787 23.71 -65.20 21.18
N GLY A 788 24.11 -66.40 20.74
CA GLY A 788 23.18 -67.50 20.60
C GLY A 788 22.48 -67.58 19.28
N GLY A 789 22.94 -66.82 18.27
CA GLY A 789 22.32 -66.82 16.96
C GLY A 789 21.73 -65.49 16.55
N PHE A 790 21.76 -64.47 17.40
CA PHE A 790 21.20 -63.17 17.07
C PHE A 790 22.28 -62.30 16.43
N ASN A 791 22.07 -61.94 15.16
CA ASN A 791 23.02 -61.13 14.40
C ASN A 791 22.75 -59.66 14.70
N PHE A 792 23.64 -59.05 15.48
CA PHE A 792 23.48 -57.67 15.92
C PHE A 792 24.36 -56.68 15.18
N SER A 793 25.02 -57.13 14.10
CA SER A 793 25.94 -56.24 13.38
C SER A 793 25.23 -55.09 12.69
N GLN A 794 23.94 -55.22 12.39
CA GLN A 794 23.22 -54.15 11.71
C GLN A 794 22.95 -52.97 12.64
N ILE A 795 22.83 -53.22 13.95
CA ILE A 795 22.56 -52.14 14.88
C ILE A 795 23.79 -51.72 15.68
N LEU A 796 24.82 -52.56 15.75
CA LEU A 796 26.02 -52.16 16.46
C LEU A 796 26.96 -51.40 15.54
N PRO A 797 27.75 -50.47 16.09
CA PRO A 797 28.72 -49.74 15.27
C PRO A 797 29.80 -50.66 14.71
N ASP A 798 30.27 -50.31 13.52
CA ASP A 798 31.29 -51.10 12.83
C ASP A 798 32.60 -50.34 12.82
N PRO A 799 33.69 -50.94 13.32
CA PRO A 799 34.99 -50.25 13.31
C PRO A 799 35.56 -50.02 11.91
N SER A 800 34.98 -50.62 10.87
CA SER A 800 35.52 -50.47 9.52
C SER A 800 35.44 -49.04 9.02
N LYS A 801 34.46 -48.27 9.48
CA LYS A 801 34.33 -46.88 9.09
C LYS A 801 34.74 -45.96 10.24
N PRO A 802 35.32 -44.79 9.93
CA PRO A 802 35.66 -43.85 11.01
C PRO A 802 34.47 -43.34 11.79
N SER A 803 33.30 -43.22 11.14
CA SER A 803 32.11 -42.80 11.84
C SER A 803 31.62 -43.89 12.79
N LYS A 804 31.00 -43.47 13.89
CA LYS A 804 30.50 -44.38 14.90
C LYS A 804 29.07 -44.82 14.64
N ARG A 805 28.48 -44.39 13.53
CA ARG A 805 27.09 -44.73 13.24
C ARG A 805 26.95 -46.18 12.80
N SER A 806 25.82 -46.78 13.14
CA SER A 806 25.48 -48.11 12.66
C SER A 806 25.15 -48.06 11.17
N PRO A 807 25.22 -49.19 10.47
CA PRO A 807 24.82 -49.19 9.05
C PRO A 807 23.40 -48.75 8.81
N ILE A 808 22.48 -49.06 9.74
CA ILE A 808 21.12 -48.52 9.62
C ILE A 808 21.11 -47.02 9.92
N GLU A 809 21.95 -46.57 10.86
CA GLU A 809 22.03 -45.15 11.17
C GLU A 809 22.64 -44.36 10.01
N ASP A 810 23.66 -44.93 9.36
CA ASP A 810 24.24 -44.29 8.19
C ASP A 810 23.23 -44.22 7.04
N LEU A 811 22.43 -45.28 6.89
CA LEU A 811 21.33 -45.24 5.93
C LEU A 811 20.28 -44.21 6.34
N LEU A 812 20.12 -43.99 7.65
CA LEU A 812 19.15 -43.01 8.13
C LEU A 812 19.65 -41.58 7.94
N PHE A 813 20.95 -41.37 8.11
CA PHE A 813 21.51 -40.02 7.98
C PHE A 813 21.42 -39.52 6.55
N ASN A 814 21.73 -40.37 5.57
CA ASN A 814 21.69 -39.98 4.18
C ASN A 814 20.28 -39.87 3.62
N LYS A 815 19.30 -40.50 4.29
CA LYS A 815 17.93 -40.48 3.77
C LYS A 815 17.27 -39.12 3.95
N VAL A 816 17.52 -38.46 5.07
CA VAL A 816 16.89 -37.18 5.38
C VAL A 816 17.89 -36.06 5.10
N THR A 817 17.45 -35.05 4.36
CA THR A 817 18.30 -33.91 4.01
C THR A 817 18.38 -32.93 5.17
N ALA A 842 22.36 -19.93 1.72
CA ALA A 842 22.07 -20.24 3.11
C ALA A 842 21.10 -19.23 3.71
N GLN A 843 20.80 -19.39 5.00
CA GLN A 843 19.84 -18.56 5.70
C GLN A 843 20.49 -17.68 6.76
N LYS A 844 21.81 -17.50 6.69
CA LYS A 844 22.56 -16.81 7.74
C LYS A 844 23.03 -15.42 7.34
N PHE A 845 22.72 -14.96 6.12
CA PHE A 845 23.28 -13.71 5.63
C PHE A 845 22.58 -12.46 6.16
N ASN A 846 21.48 -12.61 6.88
CA ASN A 846 20.70 -11.45 7.33
C ASN A 846 20.48 -11.50 8.83
N GLY A 847 21.51 -11.82 9.60
CA GLY A 847 21.41 -11.84 11.04
C GLY A 847 20.68 -13.04 11.62
N LEU A 848 20.31 -14.01 10.78
CA LEU A 848 19.59 -15.19 11.23
C LEU A 848 20.57 -16.34 11.46
N THR A 849 21.40 -16.15 12.48
CA THR A 849 22.43 -17.13 12.80
C THR A 849 21.81 -18.42 13.34
N VAL A 850 22.47 -19.54 13.05
CA VAL A 850 22.02 -20.86 13.49
C VAL A 850 22.96 -21.31 14.59
N LEU A 851 22.40 -21.58 15.77
CA LEU A 851 23.21 -22.01 16.90
C LEU A 851 23.46 -23.51 16.82
N PRO A 852 24.73 -23.94 16.91
CA PRO A 852 25.00 -25.38 16.87
C PRO A 852 24.49 -26.06 18.12
N PRO A 853 24.08 -27.33 18.02
CA PRO A 853 23.59 -28.04 19.21
C PRO A 853 24.72 -28.34 20.19
N LEU A 854 24.32 -28.53 21.46
CA LEU A 854 25.30 -28.84 22.49
C LEU A 854 25.95 -30.21 22.24
N LEU A 855 25.15 -31.19 21.85
CA LEU A 855 25.64 -32.53 21.54
C LEU A 855 25.59 -32.75 20.05
N THR A 856 26.74 -33.08 19.45
CA THR A 856 26.79 -33.36 18.03
C THR A 856 26.26 -34.77 17.76
N ASP A 857 26.26 -35.15 16.49
CA ASP A 857 25.77 -36.47 16.11
C ASP A 857 26.67 -37.58 16.64
N GLU A 858 27.97 -37.29 16.84
CA GLU A 858 28.88 -38.30 17.34
C GLU A 858 28.57 -38.69 18.77
N MET A 859 28.28 -37.70 19.63
CA MET A 859 27.94 -38.01 21.02
C MET A 859 26.59 -38.71 21.12
N ILE A 860 25.64 -38.34 20.26
CA ILE A 860 24.34 -39.02 20.24
C ILE A 860 24.52 -40.47 19.80
N ALA A 861 25.37 -40.70 18.79
CA ALA A 861 25.66 -42.06 18.36
C ALA A 861 26.34 -42.86 19.46
N GLN A 862 27.25 -42.22 20.20
CA GLN A 862 27.90 -42.87 21.32
C GLN A 862 26.89 -43.25 22.41
N TYR A 863 25.95 -42.35 22.70
CA TYR A 863 24.90 -42.64 23.68
C TYR A 863 24.04 -43.82 23.23
N THR A 864 23.65 -43.84 21.95
CA THR A 864 22.83 -44.94 21.45
C THR A 864 23.59 -46.25 21.47
N SER A 865 24.88 -46.23 21.13
CA SER A 865 25.68 -47.46 21.17
C SER A 865 25.84 -47.96 22.60
N ALA A 866 26.03 -47.04 23.56
CA ALA A 866 26.12 -47.44 24.95
C ALA A 866 24.81 -48.06 25.44
N LEU A 867 23.68 -47.45 25.06
CA LEU A 867 22.37 -48.01 25.43
C LEU A 867 22.16 -49.38 24.81
N LEU A 868 22.56 -49.56 23.55
CA LEU A 868 22.41 -50.85 22.89
C LEU A 868 23.29 -51.91 23.54
N ALA A 869 24.53 -51.53 23.89
CA ALA A 869 25.42 -52.47 24.55
C ALA A 869 24.90 -52.86 25.93
N GLY A 870 24.34 -51.91 26.66
CA GLY A 870 23.73 -52.23 27.94
C GLY A 870 22.49 -53.11 27.81
N THR A 871 21.70 -52.88 26.77
CA THR A 871 20.47 -53.64 26.57
C THR A 871 20.77 -55.11 26.26
N ILE A 872 21.76 -55.37 25.41
CA ILE A 872 22.02 -56.75 24.98
C ILE A 872 22.87 -57.54 25.96
N THR A 873 23.50 -56.88 26.93
CA THR A 873 24.37 -57.56 27.89
C THR A 873 23.82 -57.54 29.32
N SER A 874 22.82 -56.72 29.61
CA SER A 874 22.27 -56.64 30.95
C SER A 874 20.75 -56.65 31.01
N GLY A 875 20.06 -56.46 29.89
CA GLY A 875 18.61 -56.46 29.92
C GLY A 875 18.03 -55.14 30.37
N TRP A 876 17.52 -55.09 31.60
CA TRP A 876 16.97 -53.87 32.15
C TRP A 876 17.57 -53.47 33.49
N THR A 877 18.47 -54.29 34.05
CA THR A 877 19.05 -53.96 35.36
C THR A 877 20.00 -52.77 35.27
N PHE A 878 20.59 -52.52 34.10
CA PHE A 878 21.46 -51.37 33.95
C PHE A 878 20.67 -50.07 33.95
N GLY A 879 19.41 -50.11 33.53
CA GLY A 879 18.55 -48.95 33.58
C GLY A 879 17.84 -48.74 34.89
N ALA A 880 18.04 -49.64 35.86
CA ALA A 880 17.38 -49.54 37.16
C ALA A 880 18.36 -49.82 38.28
N GLY A 881 19.65 -49.56 38.06
CA GLY A 881 20.67 -49.79 39.06
C GLY A 881 21.99 -50.19 38.45
N PRO A 882 22.77 -50.98 39.18
CA PRO A 882 24.06 -51.44 38.64
C PRO A 882 23.84 -52.40 37.48
N ALA A 883 24.82 -52.41 36.57
CA ALA A 883 24.73 -53.23 35.36
C ALA A 883 25.16 -54.66 35.69
N LEU A 884 24.22 -55.59 35.57
CA LEU A 884 24.52 -57.00 35.73
C LEU A 884 24.95 -57.58 34.39
N GLN A 885 25.21 -58.88 34.36
CA GLN A 885 25.48 -59.59 33.12
C GLN A 885 24.56 -60.80 33.04
N ILE A 886 24.11 -61.11 31.83
CA ILE A 886 23.21 -62.24 31.60
C ILE A 886 23.38 -62.69 30.15
N PRO A 887 23.31 -63.99 29.88
CA PRO A 887 23.28 -64.44 28.48
C PRO A 887 22.02 -63.97 27.78
N PHE A 888 22.15 -63.68 26.50
CA PHE A 888 21.01 -63.21 25.72
C PHE A 888 19.84 -64.19 25.64
N PRO A 889 20.03 -65.51 25.47
CA PRO A 889 18.86 -66.41 25.55
C PRO A 889 18.12 -66.33 26.89
N MET A 890 18.83 -66.17 28.00
CA MET A 890 18.15 -66.01 29.28
C MET A 890 17.37 -64.70 29.33
N GLN A 891 17.93 -63.63 28.77
CA GLN A 891 17.21 -62.36 28.69
C GLN A 891 15.96 -62.49 27.84
N MET A 892 16.05 -63.23 26.73
CA MET A 892 14.89 -63.44 25.86
C MET A 892 13.83 -64.28 26.57
N ALA A 893 14.26 -65.26 27.36
CA ALA A 893 13.30 -66.03 28.17
C ALA A 893 12.63 -65.15 29.21
N TYR A 894 13.38 -64.23 29.80
CA TYR A 894 12.81 -63.27 30.75
C TYR A 894 11.77 -62.38 30.07
N ARG A 895 12.08 -61.92 28.85
CA ARG A 895 11.10 -61.16 28.09
C ARG A 895 9.87 -62.00 27.76
N PHE A 896 10.07 -63.29 27.44
CA PHE A 896 8.96 -64.18 27.13
C PHE A 896 8.05 -64.36 28.34
N ASN A 897 8.63 -64.48 29.54
CA ASN A 897 7.83 -64.62 30.74
C ASN A 897 7.03 -63.37 31.07
N GLY A 898 7.43 -62.21 30.53
CA GLY A 898 6.70 -60.98 30.79
C GLY A 898 5.40 -60.83 30.03
N ILE A 899 5.23 -61.58 28.95
CA ILE A 899 4.03 -61.51 28.12
C ILE A 899 3.13 -62.72 28.35
N GLY A 900 3.30 -63.43 29.47
CA GLY A 900 2.46 -64.56 29.78
C GLY A 900 2.81 -65.85 29.08
N VAL A 901 4.00 -65.94 28.48
CA VAL A 901 4.44 -67.13 27.78
C VAL A 901 5.53 -67.80 28.60
N THR A 902 5.35 -69.08 28.90
CA THR A 902 6.35 -69.83 29.63
C THR A 902 7.63 -69.99 28.81
N GLN A 903 8.77 -69.99 29.51
CA GLN A 903 10.07 -69.82 28.88
C GLN A 903 10.58 -71.07 28.16
N ASN A 904 9.94 -72.23 28.35
CA ASN A 904 10.42 -73.44 27.69
C ASN A 904 10.23 -73.42 26.19
N VAL A 905 9.32 -72.57 25.69
CA VAL A 905 9.07 -72.50 24.24
C VAL A 905 10.14 -71.73 23.49
N LEU A 906 11.06 -71.08 24.19
CA LEU A 906 12.13 -70.33 23.53
C LEU A 906 13.31 -71.23 23.17
N TYR A 907 13.84 -71.97 24.15
CA TYR A 907 15.00 -72.81 23.91
C TYR A 907 14.69 -74.01 23.01
N GLU A 908 13.41 -74.34 22.85
CA GLU A 908 13.06 -75.47 22.00
C GLU A 908 13.25 -75.14 20.52
N ASN A 909 13.02 -73.89 20.12
CA ASN A 909 13.20 -73.44 18.76
C ASN A 909 13.95 -72.11 18.73
N GLN A 910 15.07 -72.06 19.45
CA GLN A 910 15.88 -70.84 19.50
C GLN A 910 16.43 -70.47 18.13
N LYS A 911 16.78 -71.47 17.33
CA LYS A 911 17.28 -71.20 15.98
C LYS A 911 16.20 -70.53 15.13
N LEU A 912 14.95 -70.98 15.26
CA LEU A 912 13.85 -70.38 14.51
C LEU A 912 13.64 -68.93 14.90
N ILE A 913 13.69 -68.63 16.20
CA ILE A 913 13.46 -67.26 16.66
C ILE A 913 14.63 -66.37 16.25
N ALA A 914 15.86 -66.88 16.32
CA ALA A 914 17.02 -66.11 15.87
C ALA A 914 16.95 -65.81 14.38
N ASN A 915 16.57 -66.82 13.57
CA ASN A 915 16.43 -66.61 12.14
C ASN A 915 15.32 -65.61 11.83
N GLN A 916 14.20 -65.68 12.56
CA GLN A 916 13.12 -64.72 12.36
C GLN A 916 13.56 -63.31 12.72
N PHE A 917 14.32 -63.16 13.81
CA PHE A 917 14.82 -61.85 14.20
C PHE A 917 15.77 -61.28 13.15
N ASN A 918 16.69 -62.11 12.65
CA ASN A 918 17.62 -61.64 11.62
C ASN A 918 16.90 -61.29 10.33
N SER A 919 15.91 -62.09 9.95
CA SER A 919 15.13 -61.81 8.75
C SER A 919 14.34 -60.52 8.89
N ALA A 920 13.76 -60.28 10.08
CA ALA A 920 13.02 -59.04 10.31
C ALA A 920 13.95 -57.83 10.27
N ILE A 921 15.15 -57.96 10.83
CA ILE A 921 16.13 -56.87 10.77
C ILE A 921 16.51 -56.58 9.33
N GLY A 922 16.75 -57.63 8.54
CA GLY A 922 17.03 -57.43 7.12
C GLY A 922 15.88 -56.78 6.38
N LYS A 923 14.64 -57.17 6.71
CA LYS A 923 13.47 -56.59 6.07
C LYS A 923 13.33 -55.11 6.39
N ILE A 924 13.53 -54.71 7.65
CA ILE A 924 13.37 -53.29 7.95
C ILE A 924 14.52 -52.49 7.36
N GLN A 925 15.73 -53.07 7.32
CA GLN A 925 16.85 -52.39 6.67
C GLN A 925 16.59 -52.20 5.19
N ASP A 926 15.99 -53.19 4.53
CA ASP A 926 15.65 -53.05 3.11
C ASP A 926 14.52 -52.04 2.91
N SER A 927 13.54 -52.02 3.81
CA SER A 927 12.41 -51.12 3.66
C SER A 927 12.82 -49.67 3.88
N LEU A 928 13.73 -49.42 4.81
CA LEU A 928 14.20 -48.06 5.06
C LEU A 928 15.02 -47.51 3.91
N SER A 929 15.65 -48.37 3.11
CA SER A 929 16.41 -47.92 1.96
C SER A 929 15.52 -47.50 0.80
N SER A 930 14.24 -47.86 0.83
CA SER A 930 13.32 -47.48 -0.23
C SER A 930 12.73 -46.10 0.02
N ALA A 934 9.48 -41.83 2.28
CA ALA A 934 10.57 -41.39 3.15
C ALA A 934 10.09 -41.21 4.59
N LEU A 935 10.88 -40.50 5.38
CA LEU A 935 10.54 -40.24 6.78
C LEU A 935 9.73 -38.96 6.85
N GLY A 936 8.47 -39.08 7.24
CA GLY A 936 7.57 -37.94 7.28
C GLY A 936 7.74 -37.06 8.51
N LYS A 937 7.90 -37.69 9.68
CA LYS A 937 8.01 -36.92 10.91
C LYS A 937 9.31 -36.14 10.98
N LEU A 938 10.40 -36.73 10.51
CA LEU A 938 11.71 -36.07 10.59
C LEU A 938 11.90 -35.00 9.52
N GLN A 939 11.07 -35.00 8.47
CA GLN A 939 11.23 -34.03 7.39
C GLN A 939 10.40 -32.78 7.59
N ASP A 940 9.24 -32.90 8.25
CA ASP A 940 8.38 -31.74 8.46
C ASP A 940 9.03 -30.73 9.40
N VAL A 941 9.71 -31.21 10.44
CA VAL A 941 10.31 -30.33 11.43
C VAL A 941 11.45 -29.50 10.84
N VAL A 942 12.07 -29.96 9.75
CA VAL A 942 13.11 -29.20 9.09
C VAL A 942 12.54 -28.31 7.99
N ASN A 943 11.59 -28.84 7.22
CA ASN A 943 10.98 -28.06 6.14
C ASN A 943 10.21 -26.86 6.67
N GLN A 944 9.49 -27.04 7.79
CA GLN A 944 8.74 -25.94 8.37
C GLN A 944 9.67 -24.82 8.84
N ASN A 945 10.77 -25.18 9.50
CA ASN A 945 11.71 -24.17 9.96
C ASN A 945 12.40 -23.47 8.80
N ALA A 946 12.78 -24.24 7.77
CA ALA A 946 13.43 -23.63 6.60
C ALA A 946 12.48 -22.68 5.88
N GLN A 947 11.21 -23.07 5.73
CA GLN A 947 10.27 -22.20 5.05
C GLN A 947 9.90 -20.99 5.91
N ALA A 948 9.90 -21.15 7.23
CA ALA A 948 9.70 -19.99 8.10
C ALA A 948 10.84 -19.00 7.98
N LEU A 949 12.08 -19.49 7.91
CA LEU A 949 13.22 -18.60 7.69
C LEU A 949 13.15 -17.93 6.32
N ASN A 950 12.73 -18.68 5.30
CA ASN A 950 12.57 -18.10 3.97
C ASN A 950 11.51 -17.01 3.96
N THR A 951 10.40 -17.24 4.67
CA THR A 951 9.35 -16.23 4.76
C THR A 951 9.83 -15.01 5.54
N LEU A 952 10.65 -15.23 6.58
CA LEU A 952 11.25 -14.11 7.30
C LEU A 952 12.12 -13.26 6.39
N VAL A 953 12.90 -13.91 5.52
CA VAL A 953 13.71 -13.16 4.56
C VAL A 953 12.82 -12.43 3.56
N LYS A 954 11.76 -13.11 3.08
CA LYS A 954 10.84 -12.51 2.12
C LYS A 954 10.11 -11.31 2.70
N GLN A 955 9.91 -11.27 4.02
CA GLN A 955 9.21 -10.15 4.64
C GLN A 955 9.97 -8.84 4.48
N LEU A 956 11.29 -8.90 4.36
CA LEU A 956 12.08 -7.68 4.16
C LEU A 956 11.97 -7.13 2.74
N SER A 957 11.37 -7.87 1.81
CA SER A 957 11.18 -7.41 0.45
C SER A 957 9.86 -6.68 0.23
N SER A 958 9.07 -6.51 1.28
CA SER A 958 7.79 -5.83 1.20
C SER A 958 7.89 -4.44 1.81
N ASN A 959 7.09 -3.51 1.28
CA ASN A 959 7.12 -2.13 1.74
C ASN A 959 6.18 -1.86 2.90
N PHE A 960 5.24 -2.76 3.18
CA PHE A 960 4.20 -2.56 4.20
C PHE A 960 3.42 -1.27 3.94
N GLY A 961 3.13 -1.00 2.68
CA GLY A 961 2.39 0.19 2.30
C GLY A 961 3.22 1.45 2.15
N ALA A 962 4.53 1.37 2.36
CA ALA A 962 5.38 2.54 2.24
C ALA A 962 5.83 2.71 0.78
N ILE A 963 6.72 3.67 0.53
CA ILE A 963 7.19 3.94 -0.83
C ILE A 963 8.44 3.17 -1.19
N SER A 964 9.03 2.44 -0.26
CA SER A 964 10.24 1.67 -0.54
C SER A 964 10.33 0.51 0.43
N SER A 965 11.16 -0.47 0.06
CA SER A 965 11.36 -1.65 0.90
C SER A 965 12.56 -1.47 1.83
N VAL A 966 13.72 -1.12 1.28
CA VAL A 966 14.92 -0.92 2.09
C VAL A 966 14.86 0.47 2.72
N LEU A 967 15.31 0.56 3.96
CA LEU A 967 15.31 1.84 4.68
C LEU A 967 16.40 2.79 4.22
N ASN A 968 17.37 2.32 3.44
CA ASN A 968 18.42 3.20 2.95
C ASN A 968 17.95 4.09 1.82
N ASP A 969 17.05 3.58 0.96
CA ASP A 969 16.60 4.35 -0.19
C ASP A 969 15.79 5.57 0.24
N ILE A 970 14.90 5.41 1.21
CA ILE A 970 14.09 6.54 1.67
C ILE A 970 14.95 7.57 2.38
N LEU A 971 15.98 7.13 3.11
CA LEU A 971 16.89 8.07 3.76
C LEU A 971 17.73 8.82 2.73
N SER A 972 18.15 8.14 1.66
CA SER A 972 18.95 8.79 0.64
C SER A 972 18.13 9.73 -0.24
N ARG A 973 16.84 9.44 -0.43
CA ARG A 973 16.01 10.23 -1.32
C ARG A 973 15.11 11.24 -0.60
N LEU A 974 14.92 11.09 0.72
CA LEU A 974 14.08 12.00 1.47
C LEU A 974 14.79 12.39 2.76
N ASP A 975 14.42 13.56 3.29
CA ASP A 975 15.02 14.02 4.53
C ASP A 975 14.47 13.24 5.72
N PRO A 976 15.30 12.99 6.74
CA PRO A 976 14.85 12.24 7.92
C PRO A 976 13.68 12.89 8.66
N PRO A 977 13.58 14.22 8.76
CA PRO A 977 12.36 14.79 9.38
C PRO A 977 11.07 14.44 8.67
N GLU A 978 11.09 14.30 7.34
CA GLU A 978 9.86 13.99 6.61
C GLU A 978 9.64 12.49 6.47
N ALA A 979 10.71 11.72 6.28
CA ALA A 979 10.61 10.28 6.07
C ALA A 979 10.53 9.49 7.38
N GLU A 980 10.17 10.14 8.48
CA GLU A 980 10.08 9.44 9.75
C GLU A 980 8.90 8.47 9.78
N VAL A 981 7.78 8.84 9.17
CA VAL A 981 6.59 8.00 9.26
C VAL A 981 6.74 6.75 8.40
N GLN A 982 7.43 6.84 7.27
CA GLN A 982 7.71 5.64 6.47
C GLN A 982 8.65 4.70 7.22
N ILE A 983 9.64 5.26 7.90
CA ILE A 983 10.55 4.47 8.72
C ILE A 983 9.78 3.76 9.83
N ASP A 984 8.88 4.49 10.50
CA ASP A 984 8.12 3.91 11.60
C ASP A 984 7.17 2.80 11.11
N ARG A 985 6.56 3.00 9.94
CA ARG A 985 5.71 1.96 9.38
C ARG A 985 6.52 0.72 9.01
N LEU A 986 7.73 0.91 8.48
CA LEU A 986 8.61 -0.22 8.23
C LEU A 986 8.98 -0.94 9.53
N ILE A 987 9.24 -0.16 10.59
CA ILE A 987 9.59 -0.73 11.88
C ILE A 987 8.45 -1.59 12.42
N THR A 988 7.22 -1.06 12.36
CA THR A 988 6.10 -1.82 12.91
C THR A 988 5.74 -3.02 12.04
N GLY A 989 5.94 -2.94 10.72
CA GLY A 989 5.73 -4.11 9.88
C GLY A 989 6.74 -5.22 10.17
N ARG A 990 8.02 -4.85 10.29
CA ARG A 990 9.03 -5.85 10.62
C ARG A 990 8.82 -6.41 12.01
N LEU A 991 8.37 -5.58 12.96
CA LEU A 991 8.07 -6.06 14.30
C LEU A 991 6.91 -7.04 14.29
N GLN A 992 5.87 -6.76 13.50
CA GLN A 992 4.74 -7.69 13.39
C GLN A 992 5.18 -9.02 12.79
N SER A 993 5.99 -8.98 11.74
CA SER A 993 6.46 -10.21 11.12
C SER A 993 7.33 -11.01 12.09
N LEU A 994 8.22 -10.33 12.82
CA LEU A 994 9.07 -11.02 13.78
C LEU A 994 8.26 -11.60 14.92
N GLN A 995 7.24 -10.89 15.39
CA GLN A 995 6.38 -11.41 16.45
C GLN A 995 5.61 -12.64 15.99
N THR A 996 5.12 -12.62 14.75
CA THR A 996 4.44 -13.79 14.20
C THR A 996 5.39 -14.97 14.10
N TYR A 997 6.63 -14.72 13.66
CA TYR A 997 7.63 -15.79 13.59
C TYR A 997 7.95 -16.35 14.97
N VAL A 998 8.05 -15.48 15.97
CA VAL A 998 8.35 -15.92 17.33
C VAL A 998 7.21 -16.77 17.88
N THR A 999 5.96 -16.36 17.63
CA THR A 999 4.82 -17.14 18.08
C THR A 999 4.78 -18.51 17.41
N GLN A 1000 5.02 -18.55 16.10
CA GLN A 1000 5.04 -19.84 15.39
C GLN A 1000 6.15 -20.73 15.92
N GLN A 1001 7.34 -20.16 16.17
CA GLN A 1001 8.45 -20.95 16.71
C GLN A 1001 8.17 -21.43 18.12
N LEU A 1002 7.46 -20.63 18.93
CA LEU A 1002 7.10 -21.06 20.28
C LEU A 1002 6.12 -22.23 20.23
N ILE A 1003 5.12 -22.17 19.34
CA ILE A 1003 4.18 -23.28 19.21
C ILE A 1003 4.90 -24.53 18.72
N ARG A 1004 5.79 -24.38 17.74
CA ARG A 1004 6.55 -25.52 17.24
C ARG A 1004 7.45 -26.10 18.32
N ALA A 1005 8.04 -25.22 19.16
CA ALA A 1005 8.88 -25.70 20.26
C ALA A 1005 8.06 -26.44 21.30
N ALA A 1006 6.84 -25.98 21.57
CA ALA A 1006 5.96 -26.70 22.50
C ALA A 1006 5.62 -28.09 21.95
N GLU A 1007 5.31 -28.19 20.66
CA GLU A 1007 5.02 -29.48 20.06
C GLU A 1007 6.25 -30.39 20.08
N ILE A 1008 7.43 -29.81 19.81
CA ILE A 1008 8.67 -30.56 19.84
C ILE A 1008 8.96 -31.06 21.26
N ARG A 1009 8.69 -30.24 22.26
CA ARG A 1009 8.88 -30.66 23.65
C ARG A 1009 7.93 -31.78 24.03
N ALA A 1010 6.68 -31.72 23.55
CA ALA A 1010 5.74 -32.81 23.80
C ALA A 1010 6.22 -34.11 23.15
N SER A 1011 6.68 -34.02 21.90
CA SER A 1011 7.21 -35.21 21.23
C SER A 1011 8.46 -35.74 21.92
N ALA A 1012 9.31 -34.84 22.42
CA ALA A 1012 10.52 -35.26 23.12
C ALA A 1012 10.19 -35.92 24.45
N ASN A 1013 9.16 -35.43 25.14
CA ASN A 1013 8.72 -36.09 26.37
C ASN A 1013 8.16 -37.48 26.08
N LEU A 1014 7.40 -37.60 25.00
CA LEU A 1014 6.91 -38.92 24.60
C LEU A 1014 8.05 -39.86 24.27
N ALA A 1015 9.06 -39.37 23.53
CA ALA A 1015 10.19 -40.21 23.18
C ALA A 1015 11.03 -40.57 24.40
N ALA A 1016 11.13 -39.65 25.37
CA ALA A 1016 11.86 -39.95 26.60
C ALA A 1016 11.14 -41.02 27.42
N THR A 1017 9.80 -40.94 27.50
CA THR A 1017 9.06 -41.97 28.19
C THR A 1017 9.20 -43.32 27.47
N LYS A 1018 9.18 -43.30 26.14
CA LYS A 1018 9.38 -44.54 25.39
C LYS A 1018 10.76 -45.12 25.63
N MET A 1019 11.79 -44.26 25.67
CA MET A 1019 13.14 -44.73 25.97
C MET A 1019 13.23 -45.30 27.38
N SER A 1020 12.52 -44.69 28.33
CA SER A 1020 12.56 -45.16 29.71
C SER A 1020 11.80 -46.46 29.91
N GLU A 1021 10.76 -46.73 29.11
CA GLU A 1021 9.94 -47.92 29.32
C GLU A 1021 10.24 -49.03 28.32
N CYS A 1022 10.10 -48.78 27.02
CA CYS A 1022 10.26 -49.85 26.04
C CYS A 1022 11.72 -50.24 25.84
N VAL A 1023 12.64 -49.28 25.96
CA VAL A 1023 14.06 -49.56 25.80
C VAL A 1023 14.70 -49.99 27.10
N LEU A 1024 14.53 -49.20 28.16
CA LEU A 1024 15.12 -49.52 29.45
C LEU A 1024 14.22 -50.45 30.25
N GLY A 1025 13.78 -51.54 29.65
CA GLY A 1025 12.91 -52.49 30.31
C GLY A 1025 11.85 -52.99 29.37
N GLN A 1026 10.92 -53.76 29.91
CA GLN A 1026 9.79 -54.30 29.17
C GLN A 1026 8.52 -53.65 29.69
N SER A 1027 7.74 -53.06 28.77
CA SER A 1027 6.54 -52.32 29.12
C SER A 1027 5.32 -53.22 28.99
N LYS A 1028 4.52 -53.28 30.06
CA LYS A 1028 3.28 -54.05 30.04
C LYS A 1028 2.15 -53.34 29.31
N ARG A 1029 2.32 -52.06 28.99
CA ARG A 1029 1.31 -51.30 28.25
C ARG A 1029 1.26 -51.81 26.82
N VAL A 1030 0.18 -52.49 26.46
CA VAL A 1030 0.06 -53.05 25.12
C VAL A 1030 -0.26 -51.93 24.13
N ASP A 1031 0.12 -52.15 22.86
CA ASP A 1031 -0.08 -51.20 21.77
C ASP A 1031 0.58 -49.85 22.05
N PHE A 1032 1.66 -49.85 22.82
CA PHE A 1032 2.43 -48.65 23.14
C PHE A 1032 3.83 -48.68 22.57
N CYS A 1033 4.50 -49.83 22.64
CA CYS A 1033 5.81 -50.03 22.04
C CYS A 1033 5.70 -50.89 20.78
N GLY A 1034 4.65 -50.68 20.00
CA GLY A 1034 4.47 -51.42 18.77
C GLY A 1034 3.26 -52.32 18.77
N LYS A 1035 2.83 -52.77 17.59
CA LYS A 1035 1.67 -53.63 17.46
C LYS A 1035 2.06 -55.06 17.85
N GLY A 1036 1.51 -55.53 18.97
CA GLY A 1036 1.79 -56.85 19.48
C GLY A 1036 2.42 -56.80 20.86
N TYR A 1037 2.73 -57.99 21.37
CA TYR A 1037 3.35 -58.10 22.69
C TYR A 1037 4.81 -57.66 22.61
N HIS A 1038 5.15 -56.62 23.35
CA HIS A 1038 6.49 -56.04 23.27
C HIS A 1038 7.50 -56.92 24.00
N LEU A 1039 8.64 -57.18 23.35
CA LEU A 1039 9.74 -57.92 23.95
C LEU A 1039 10.91 -57.01 24.30
N MET A 1040 11.42 -56.25 23.34
CA MET A 1040 12.55 -55.35 23.56
C MET A 1040 12.54 -54.30 22.46
N SER A 1041 13.33 -53.25 22.67
CA SER A 1041 13.44 -52.17 21.72
C SER A 1041 14.90 -51.77 21.56
N PHE A 1042 15.25 -51.28 20.37
CA PHE A 1042 16.60 -50.87 20.05
C PHE A 1042 16.59 -49.44 19.51
N PRO A 1043 16.97 -48.46 20.33
CA PRO A 1043 17.00 -47.08 19.84
C PRO A 1043 18.23 -46.80 18.99
N GLN A 1044 18.04 -45.93 18.00
CA GLN A 1044 19.13 -45.54 17.11
C GLN A 1044 19.06 -44.04 16.88
N SER A 1045 20.23 -43.45 16.63
CA SER A 1045 20.34 -42.01 16.45
C SER A 1045 19.76 -41.59 15.10
N ALA A 1046 19.11 -40.43 15.08
CA ALA A 1046 18.55 -39.85 13.87
C ALA A 1046 18.84 -38.35 13.89
N PRO A 1047 18.95 -37.73 12.72
CA PRO A 1047 19.15 -36.27 12.68
C PRO A 1047 17.92 -35.54 13.19
N HIS A 1048 18.10 -34.81 14.31
CA HIS A 1048 17.03 -34.07 14.98
C HIS A 1048 15.86 -34.99 15.34
N GLY A 1049 16.17 -36.18 15.83
CA GLY A 1049 15.13 -37.12 16.21
C GLY A 1049 15.72 -38.42 16.71
N VAL A 1050 14.84 -39.37 16.98
CA VAL A 1050 15.23 -40.69 17.46
C VAL A 1050 14.27 -41.72 16.87
N VAL A 1051 14.78 -42.91 16.59
CA VAL A 1051 13.97 -44.01 16.10
C VAL A 1051 14.10 -45.18 17.07
N PHE A 1052 13.07 -46.02 17.09
CA PHE A 1052 13.03 -47.18 17.97
C PHE A 1052 12.73 -48.41 17.15
N LEU A 1053 13.57 -49.44 17.29
CA LEU A 1053 13.36 -50.71 16.60
C LEU A 1053 12.69 -51.68 17.57
N HIS A 1054 11.38 -51.56 17.67
CA HIS A 1054 10.61 -52.40 18.58
C HIS A 1054 10.60 -53.84 18.08
N VAL A 1055 10.69 -54.77 19.02
CA VAL A 1055 10.63 -56.20 18.74
C VAL A 1055 9.34 -56.73 19.37
N THR A 1056 8.33 -56.96 18.54
CA THR A 1056 7.03 -57.42 19.00
C THR A 1056 6.91 -58.92 18.86
N TYR A 1057 5.91 -59.48 19.54
CA TYR A 1057 5.61 -60.91 19.52
C TYR A 1057 4.17 -61.06 19.05
N VAL A 1058 3.97 -61.44 17.79
CA VAL A 1058 2.66 -61.58 17.20
C VAL A 1058 2.46 -63.03 16.79
N PRO A 1059 1.40 -63.70 17.26
CA PRO A 1059 1.11 -65.05 16.78
C PRO A 1059 0.70 -65.07 15.32
N ALA A 1060 0.96 -66.19 14.65
CA ALA A 1060 0.69 -66.33 13.23
C ALA A 1060 -0.40 -67.36 12.93
N GLN A 1061 -0.23 -68.59 13.40
CA GLN A 1061 -1.16 -69.68 13.10
C GLN A 1061 -1.92 -70.07 14.37
N GLU A 1062 -3.23 -70.18 14.25
CA GLU A 1062 -4.09 -70.54 15.37
C GLU A 1062 -5.01 -71.69 14.97
N LYS A 1063 -5.41 -72.47 15.96
CA LYS A 1063 -6.30 -73.61 15.76
C LYS A 1063 -7.48 -73.50 16.71
N ASN A 1064 -8.67 -73.83 16.21
CA ASN A 1064 -9.86 -73.81 17.04
C ASN A 1064 -9.89 -75.01 17.98
N PHE A 1065 -10.55 -74.83 19.13
CA PHE A 1065 -10.62 -75.88 20.13
C PHE A 1065 -11.91 -75.74 20.92
N THR A 1066 -12.42 -76.86 21.40
CA THR A 1066 -13.56 -76.87 22.30
C THR A 1066 -13.06 -76.77 23.74
N THR A 1067 -13.59 -75.81 24.49
CA THR A 1067 -13.06 -75.47 25.80
C THR A 1067 -14.15 -75.51 26.85
N ALA A 1068 -13.72 -75.55 28.12
CA ALA A 1068 -14.61 -75.54 29.27
C ALA A 1068 -13.91 -74.82 30.41
N PRO A 1069 -14.62 -73.96 31.15
CA PRO A 1069 -13.95 -73.22 32.23
C PRO A 1069 -13.45 -74.09 33.37
N ALA A 1070 -14.12 -75.18 33.69
CA ALA A 1070 -13.76 -76.01 34.82
C ALA A 1070 -13.98 -77.47 34.49
N ILE A 1071 -13.48 -78.34 35.38
CA ILE A 1071 -13.62 -79.78 35.24
C ILE A 1071 -14.04 -80.35 36.59
N CYS A 1072 -15.14 -81.09 36.61
CA CYS A 1072 -15.62 -81.77 37.81
C CYS A 1072 -15.11 -83.20 37.80
N HIS A 1073 -14.28 -83.55 38.79
CA HIS A 1073 -13.63 -84.86 38.84
C HIS A 1073 -14.36 -85.82 39.77
N ASP A 1074 -14.50 -85.47 41.04
CA ASP A 1074 -15.15 -86.31 42.04
C ASP A 1074 -16.09 -85.47 42.89
N GLY A 1075 -16.88 -84.62 42.23
CA GLY A 1075 -17.73 -83.69 42.92
C GLY A 1075 -17.08 -82.36 43.23
N LYS A 1076 -15.79 -82.21 42.94
CA LYS A 1076 -15.05 -80.96 43.16
C LYS A 1076 -14.63 -80.39 41.83
N ALA A 1077 -14.83 -79.09 41.65
CA ALA A 1077 -14.47 -78.45 40.39
C ALA A 1077 -12.99 -78.10 40.38
N HIS A 1078 -12.34 -78.35 39.24
CA HIS A 1078 -10.93 -78.06 39.06
C HIS A 1078 -10.77 -76.87 38.12
N PHE A 1079 -9.96 -75.90 38.54
CA PHE A 1079 -9.70 -74.71 37.75
C PHE A 1079 -8.22 -74.60 37.43
N PRO A 1080 -7.87 -74.16 36.21
CA PRO A 1080 -6.45 -74.04 35.87
C PRO A 1080 -5.79 -72.90 36.62
N ARG A 1081 -4.49 -73.06 36.87
CA ARG A 1081 -3.74 -72.02 37.57
C ARG A 1081 -3.31 -70.92 36.62
N GLU A 1082 -2.77 -71.28 35.46
CA GLU A 1082 -2.34 -70.30 34.47
C GLU A 1082 -2.76 -70.61 33.05
N GLY A 1083 -3.32 -71.80 32.78
CA GLY A 1083 -3.68 -72.20 31.44
C GLY A 1083 -5.18 -72.17 31.20
N VAL A 1084 -5.58 -72.84 30.13
CA VAL A 1084 -6.99 -72.97 29.76
C VAL A 1084 -7.24 -74.42 29.33
N PHE A 1085 -8.36 -74.98 29.78
CA PHE A 1085 -8.73 -76.32 29.36
C PHE A 1085 -9.13 -76.32 27.89
N VAL A 1086 -8.47 -77.16 27.09
CA VAL A 1086 -8.78 -77.29 25.68
C VAL A 1086 -8.94 -78.77 25.36
N SER A 1087 -9.68 -79.05 24.29
CA SER A 1087 -9.92 -80.43 23.87
C SER A 1087 -9.83 -80.51 22.35
N ASN A 1088 -9.11 -81.52 21.86
CA ASN A 1088 -9.04 -81.77 20.41
C ASN A 1088 -10.09 -82.77 19.97
N GLY A 1089 -11.33 -82.54 20.40
CA GLY A 1089 -12.44 -83.43 20.06
C GLY A 1089 -12.77 -84.50 21.08
N THR A 1090 -11.77 -85.30 21.46
CA THR A 1090 -11.98 -86.44 22.35
C THR A 1090 -11.39 -86.25 23.74
N HIS A 1091 -10.09 -85.94 23.83
CA HIS A 1091 -9.41 -85.81 25.11
C HIS A 1091 -9.16 -84.34 25.43
N TRP A 1092 -9.08 -84.05 26.72
CA TRP A 1092 -8.89 -82.70 27.20
C TRP A 1092 -7.43 -82.45 27.59
N PHE A 1093 -6.99 -81.21 27.45
CA PHE A 1093 -5.64 -80.80 27.78
C PHE A 1093 -5.68 -79.42 28.41
N VAL A 1094 -4.52 -78.96 28.86
CA VAL A 1094 -4.37 -77.61 29.41
C VAL A 1094 -3.23 -76.91 28.68
N THR A 1095 -3.48 -75.68 28.24
CA THR A 1095 -2.53 -74.92 27.45
C THR A 1095 -2.50 -73.48 27.93
N GLN A 1096 -1.33 -72.86 27.87
CA GLN A 1096 -1.26 -71.43 28.11
C GLN A 1096 -1.94 -70.68 26.97
N ARG A 1097 -2.53 -69.53 27.31
CA ARG A 1097 -3.40 -68.82 26.36
C ARG A 1097 -2.64 -68.10 25.27
N ASN A 1098 -1.32 -68.24 25.18
CA ASN A 1098 -0.55 -67.60 24.12
C ASN A 1098 0.25 -68.59 23.27
N PHE A 1099 0.29 -69.87 23.63
CA PHE A 1099 0.99 -70.86 22.84
C PHE A 1099 0.38 -72.22 23.10
N TYR A 1100 0.29 -73.05 22.06
CA TYR A 1100 -0.33 -74.37 22.19
C TYR A 1100 0.71 -75.36 22.68
N GLU A 1101 0.67 -75.66 23.98
CA GLU A 1101 1.54 -76.65 24.60
C GLU A 1101 0.66 -77.60 25.40
N PRO A 1102 0.13 -78.65 24.77
CA PRO A 1102 -0.81 -79.54 25.46
C PRO A 1102 -0.14 -80.33 26.57
N GLN A 1103 -0.78 -80.34 27.74
CA GLN A 1103 -0.28 -81.05 28.91
C GLN A 1103 -1.40 -81.86 29.52
N ILE A 1104 -1.03 -82.95 30.21
CA ILE A 1104 -2.00 -83.80 30.87
C ILE A 1104 -2.59 -83.07 32.06
N ILE A 1105 -3.89 -83.24 32.29
CA ILE A 1105 -4.58 -82.60 33.41
C ILE A 1105 -4.10 -83.25 34.70
N THR A 1106 -3.33 -82.51 35.48
CA THR A 1106 -2.76 -83.00 36.72
C THR A 1106 -3.25 -82.15 37.90
N THR A 1107 -2.76 -82.48 39.08
CA THR A 1107 -3.08 -81.74 40.30
C THR A 1107 -2.15 -80.54 40.48
N ASP A 1108 -0.94 -80.60 39.92
CA ASP A 1108 0.03 -79.52 40.11
C ASP A 1108 -0.42 -78.23 39.44
N ASN A 1109 -1.04 -78.34 38.27
CA ASN A 1109 -1.46 -77.16 37.52
C ASN A 1109 -2.92 -76.79 37.72
N THR A 1110 -3.62 -77.46 38.62
CA THR A 1110 -5.03 -77.17 38.88
C THR A 1110 -5.26 -77.00 40.37
N PHE A 1111 -6.32 -76.27 40.71
CA PHE A 1111 -6.73 -76.09 42.10
C PHE A 1111 -8.24 -76.27 42.20
N VAL A 1112 -8.67 -76.75 43.37
CA VAL A 1112 -10.07 -77.05 43.61
C VAL A 1112 -10.70 -75.92 44.40
N SER A 1113 -12.00 -75.71 44.18
CA SER A 1113 -12.75 -74.70 44.92
C SER A 1113 -14.23 -75.08 44.90
N GLY A 1114 -14.75 -75.55 46.03
CA GLY A 1114 -16.15 -75.88 46.12
C GLY A 1114 -16.53 -77.10 45.30
N ASN A 1115 -17.82 -77.17 44.97
CA ASN A 1115 -18.37 -78.25 44.18
C ASN A 1115 -18.52 -77.82 42.73
N CYS A 1116 -18.90 -78.77 41.88
CA CYS A 1116 -19.05 -78.53 40.45
C CYS A 1116 -20.49 -78.23 40.06
N ASP A 1117 -21.34 -77.86 41.03
CA ASP A 1117 -22.73 -77.51 40.77
C ASP A 1117 -22.97 -76.01 40.80
N VAL A 1118 -21.92 -75.21 40.67
CA VAL A 1118 -22.04 -73.75 40.72
C VAL A 1118 -21.72 -73.09 39.38
N VAL A 1119 -21.17 -73.83 38.42
CA VAL A 1119 -20.80 -73.29 37.12
C VAL A 1119 -21.84 -73.73 36.11
N ILE A 1120 -22.28 -72.78 35.27
CA ILE A 1120 -23.31 -73.09 34.27
C ILE A 1120 -22.77 -74.07 33.23
N GLY A 1121 -21.53 -73.90 32.81
CA GLY A 1121 -20.92 -74.80 31.85
C GLY A 1121 -19.74 -75.55 32.41
N ILE A 1122 -19.81 -76.88 32.43
CA ILE A 1122 -18.74 -77.71 32.96
C ILE A 1122 -18.81 -79.08 32.28
N VAL A 1123 -17.68 -79.79 32.29
CA VAL A 1123 -17.58 -81.08 31.65
C VAL A 1123 -16.98 -82.08 32.64
N ASN A 1124 -17.22 -83.36 32.37
CA ASN A 1124 -16.69 -84.44 33.18
C ASN A 1124 -15.38 -84.95 32.59
N ASN A 1125 -14.41 -85.21 33.47
CA ASN A 1125 -13.11 -85.73 33.06
C ASN A 1125 -12.45 -86.38 34.26
N THR A 1126 -11.22 -86.85 34.06
CA THR A 1126 -10.43 -87.46 35.12
C THR A 1126 -9.10 -86.71 35.25
N VAL A 1127 -8.52 -86.79 36.45
CA VAL A 1127 -7.27 -86.13 36.78
C VAL A 1127 -6.20 -87.20 36.99
N TYR A 1128 -4.99 -86.93 36.52
CA TYR A 1128 -3.89 -87.88 36.65
C TYR A 1128 -3.60 -88.19 38.11
N ASP A 1129 -3.49 -87.14 38.94
CA ASP A 1129 -3.05 -87.22 40.33
C ASP A 1129 -1.72 -87.97 40.40
N PRO A 1130 -0.61 -87.32 40.02
CA PRO A 1130 0.64 -88.06 39.82
C PRO A 1130 1.33 -88.50 41.10
N LEU A 1131 0.64 -88.37 42.23
CA LEU A 1131 1.11 -88.94 43.49
C LEU A 1131 0.70 -90.39 43.65
N GLN A 1132 -0.46 -90.77 43.12
CA GLN A 1132 -0.99 -92.12 43.33
C GLN A 1132 -0.12 -93.24 42.76
N PRO A 1133 0.39 -93.18 41.52
CA PRO A 1133 1.25 -94.29 41.06
C PRO A 1133 2.58 -94.37 41.79
N GLU A 1134 3.08 -93.27 42.33
CA GLU A 1134 4.39 -93.26 42.98
C GLU A 1134 4.37 -93.82 44.39
N LEU A 1135 3.21 -93.81 45.07
CA LEU A 1135 3.15 -94.31 46.43
C LEU A 1135 2.94 -95.81 46.50
N ASP A 1136 2.76 -96.48 45.37
CA ASP A 1136 2.56 -97.93 45.36
C ASP A 1136 3.88 -98.67 45.55
N GLN B 4 -58.39 32.17 20.17
CA GLN B 4 -58.45 32.90 21.43
C GLN B 4 -58.58 31.94 22.61
N CYS B 5 -58.19 32.41 23.80
CA CYS B 5 -58.26 31.61 25.01
C CYS B 5 -58.71 32.48 26.17
N VAL B 6 -59.24 31.83 27.20
CA VAL B 6 -59.70 32.50 28.40
C VAL B 6 -58.93 31.98 29.60
N ASN B 7 -58.97 32.75 30.69
CA ASN B 7 -58.27 32.38 31.91
C ASN B 7 -59.20 31.60 32.84
N LEU B 8 -58.60 30.79 33.70
CA LEU B 8 -59.35 29.99 34.65
C LEU B 8 -59.44 30.70 36.00
N THR B 9 -60.16 30.09 36.93
CA THR B 9 -60.32 30.61 38.28
C THR B 9 -59.65 29.67 39.27
N THR B 10 -59.09 30.24 40.33
CA THR B 10 -58.42 29.45 41.34
C THR B 10 -59.41 28.57 42.09
N ARG B 11 -58.99 27.34 42.39
CA ARG B 11 -59.86 26.36 43.03
C ARG B 11 -58.99 25.32 43.73
N THR B 12 -59.65 24.47 44.51
CA THR B 12 -58.95 23.41 45.23
C THR B 12 -58.63 22.26 44.28
N GLN B 13 -57.35 21.97 44.12
CA GLN B 13 -56.88 20.89 43.27
C GLN B 13 -56.26 19.79 44.13
N LEU B 14 -55.71 18.77 43.45
CA LEU B 14 -55.06 17.67 44.13
C LEU B 14 -53.59 17.61 43.74
N PRO B 15 -52.70 17.33 44.70
CA PRO B 15 -51.28 17.25 44.36
C PRO B 15 -51.00 16.02 43.51
N PRO B 16 -50.00 16.08 42.64
CA PRO B 16 -49.67 14.90 41.82
C PRO B 16 -49.09 13.78 42.66
N ALA B 17 -49.34 12.56 42.21
CA ALA B 17 -48.86 11.36 42.88
C ALA B 17 -47.73 10.72 42.08
N TYR B 18 -47.06 9.76 42.70
CA TYR B 18 -45.94 9.05 42.09
C TYR B 18 -46.26 7.56 42.06
N THR B 19 -46.08 6.94 40.90
CA THR B 19 -46.34 5.51 40.72
C THR B 19 -45.10 4.84 40.16
N ASN B 20 -45.15 3.51 40.09
CA ASN B 20 -44.02 2.69 39.68
C ASN B 20 -44.35 1.97 38.38
N SER B 21 -43.42 2.00 37.43
CA SER B 21 -43.57 1.28 36.18
C SER B 21 -43.22 -0.20 36.37
N PHE B 22 -43.79 -1.04 35.50
CA PHE B 22 -43.57 -2.48 35.55
C PHE B 22 -43.36 -2.98 34.11
N THR B 23 -42.10 -3.01 33.69
CA THR B 23 -41.69 -3.46 32.36
C THR B 23 -42.46 -2.73 31.25
N ARG B 24 -42.33 -1.41 31.26
CA ARG B 24 -43.03 -0.56 30.31
C ARG B 24 -42.04 0.40 29.65
N GLY B 25 -42.39 0.84 28.45
CA GLY B 25 -41.57 1.80 27.72
C GLY B 25 -40.52 1.14 26.84
N VAL B 26 -40.91 0.06 26.16
CA VAL B 26 -40.01 -0.67 25.27
C VAL B 26 -40.55 -0.56 23.85
N TYR B 27 -39.69 -0.13 22.93
CA TYR B 27 -40.08 0.05 21.53
C TYR B 27 -38.98 -0.54 20.66
N TYR B 28 -39.23 -0.58 19.36
CA TYR B 28 -38.24 -1.05 18.41
C TYR B 28 -37.21 0.06 18.18
N PRO B 29 -35.93 -0.18 18.46
CA PRO B 29 -34.93 0.88 18.28
C PRO B 29 -34.53 1.11 16.84
N ASP B 30 -34.98 0.28 15.90
CA ASP B 30 -34.59 0.39 14.51
C ASP B 30 -35.75 -0.11 13.64
N LYS B 31 -35.45 -0.36 12.37
CA LYS B 31 -36.45 -0.84 11.41
C LYS B 31 -35.96 -2.08 10.68
N VAL B 32 -35.18 -2.91 11.35
CA VAL B 32 -34.67 -4.15 10.75
C VAL B 32 -35.42 -5.32 11.36
N PHE B 33 -35.28 -6.48 10.73
CA PHE B 33 -35.92 -7.70 11.19
C PHE B 33 -34.90 -8.57 11.89
N ARG B 34 -35.22 -8.99 13.11
CA ARG B 34 -34.35 -9.86 13.90
C ARG B 34 -35.20 -11.00 14.46
N SER B 35 -34.71 -12.23 14.32
CA SER B 35 -35.43 -13.41 14.76
C SER B 35 -34.49 -14.34 15.51
N SER B 36 -34.93 -14.77 16.71
CA SER B 36 -34.21 -15.73 17.54
C SER B 36 -32.79 -15.27 17.86
N VAL B 37 -32.64 -13.97 18.11
CA VAL B 37 -31.34 -13.39 18.45
C VAL B 37 -31.53 -12.40 19.58
N LEU B 38 -30.55 -12.34 20.49
CA LEU B 38 -30.56 -11.42 21.62
C LEU B 38 -29.58 -10.29 21.29
N HIS B 39 -30.11 -9.20 20.76
CA HIS B 39 -29.30 -8.08 20.30
C HIS B 39 -29.42 -6.92 21.27
N SER B 40 -28.28 -6.37 21.68
CA SER B 40 -28.22 -5.26 22.62
C SER B 40 -27.87 -3.97 21.89
N THR B 41 -28.59 -2.89 22.21
CA THR B 41 -28.38 -1.60 21.58
C THR B 41 -28.33 -0.51 22.62
N GLN B 42 -27.65 0.59 22.28
CA GLN B 42 -27.55 1.77 23.13
C GLN B 42 -28.50 2.82 22.59
N ASP B 43 -29.59 3.05 23.30
CA ASP B 43 -30.62 3.99 22.86
C ASP B 43 -31.42 4.39 24.10
N LEU B 44 -32.10 5.53 24.00
CA LEU B 44 -32.88 6.05 25.12
C LEU B 44 -34.15 5.24 25.31
N PHE B 45 -34.26 4.56 26.45
CA PHE B 45 -35.47 3.85 26.84
C PHE B 45 -35.88 4.29 28.24
N LEU B 46 -37.01 3.75 28.70
CA LEU B 46 -37.49 4.01 30.06
C LEU B 46 -36.92 2.96 30.99
N PRO B 47 -36.21 3.34 32.05
CA PRO B 47 -35.68 2.35 32.98
C PRO B 47 -36.80 1.62 33.70
N PHE B 48 -36.58 0.33 33.96
CA PHE B 48 -37.60 -0.49 34.62
C PHE B 48 -37.61 -0.21 36.12
N PHE B 49 -38.81 -0.37 36.71
CA PHE B 49 -39.04 -0.21 38.15
C PHE B 49 -38.60 1.18 38.63
N SER B 50 -38.89 2.21 37.84
CA SER B 50 -38.55 3.58 38.16
C SER B 50 -39.80 4.33 38.58
N ASN B 51 -39.66 5.22 39.56
CA ASN B 51 -40.77 6.06 40.01
C ASN B 51 -41.15 7.03 38.90
N VAL B 52 -42.36 6.85 38.36
CA VAL B 52 -42.85 7.63 37.23
C VAL B 52 -44.01 8.50 37.71
N THR B 53 -44.11 9.71 37.14
CA THR B 53 -45.12 10.66 37.57
C THR B 53 -46.51 10.22 37.15
N TRP B 54 -47.51 10.69 37.91
CA TRP B 54 -48.91 10.37 37.66
C TRP B 54 -49.73 11.66 37.71
N PHE B 55 -50.66 11.80 36.78
CA PHE B 55 -51.56 12.94 36.73
C PHE B 55 -53.00 12.46 36.60
N HIS B 56 -53.90 13.11 37.32
CA HIS B 56 -55.31 12.74 37.33
C HIS B 56 -56.10 13.59 36.34
N ALA B 57 -57.25 13.05 35.93
CA ALA B 57 -58.17 13.80 35.07
C ALA B 57 -59.63 13.60 35.48
N ILE B 58 -59.90 12.98 36.62
CA ILE B 58 -61.27 12.72 37.04
C ILE B 58 -61.90 14.00 37.59
N HIS B 59 -63.23 14.02 37.61
CA HIS B 59 -63.98 15.17 38.12
C HIS B 59 -64.29 15.02 39.60
N VAL B 60 -64.92 13.92 39.99
CA VAL B 60 -65.27 13.69 41.39
C VAL B 60 -64.22 12.81 42.06
N THR B 66 -62.10 17.27 44.53
CA THR B 66 -62.82 17.23 43.26
C THR B 66 -62.34 18.34 42.32
N LYS B 67 -62.84 18.33 41.09
CA LYS B 67 -62.50 19.30 40.05
C LYS B 67 -60.99 19.33 39.79
N ARG B 68 -60.46 18.17 39.41
CA ARG B 68 -59.04 18.00 39.16
C ARG B 68 -58.73 18.32 37.71
N PHE B 69 -57.89 19.33 37.49
CA PHE B 69 -57.49 19.72 36.13
C PHE B 69 -56.11 20.35 36.24
N ASP B 70 -55.07 19.56 35.94
CA ASP B 70 -53.68 20.00 36.02
C ASP B 70 -52.99 19.73 34.70
N ASN B 71 -52.45 20.77 34.08
CA ASN B 71 -51.69 20.65 32.83
C ASN B 71 -50.42 21.49 32.95
N PRO B 72 -49.43 21.02 33.70
CA PRO B 72 -48.17 21.77 33.80
C PRO B 72 -47.36 21.67 32.51
N VAL B 73 -46.50 22.66 32.30
CA VAL B 73 -45.61 22.68 31.14
C VAL B 73 -44.36 21.92 31.55
N LEU B 74 -44.41 20.60 31.41
CA LEU B 74 -43.29 19.76 31.81
C LEU B 74 -42.13 19.93 30.81
N PRO B 75 -40.89 19.91 31.28
CA PRO B 75 -39.75 19.99 30.35
C PRO B 75 -39.62 18.73 29.52
N PHE B 76 -39.32 18.92 28.24
CA PHE B 76 -39.16 17.81 27.31
C PHE B 76 -37.68 17.43 27.28
N ASN B 77 -37.33 16.33 27.94
CA ASN B 77 -35.96 15.85 27.97
C ASN B 77 -35.69 15.04 26.69
N ASP B 78 -34.57 14.32 26.66
CA ASP B 78 -34.20 13.52 25.50
C ASP B 78 -35.08 12.27 25.48
N GLY B 79 -36.29 12.43 24.98
CA GLY B 79 -37.24 11.33 24.90
C GLY B 79 -38.14 11.26 26.11
N VAL B 80 -39.45 11.13 25.88
CA VAL B 80 -40.43 11.00 26.95
C VAL B 80 -41.28 9.77 26.69
N TYR B 81 -41.93 9.29 27.75
CA TYR B 81 -42.83 8.15 27.69
C TYR B 81 -44.21 8.60 28.17
N PHE B 82 -45.21 8.46 27.31
CA PHE B 82 -46.57 8.94 27.58
C PHE B 82 -47.52 7.74 27.49
N ALA B 83 -47.98 7.25 28.63
CA ALA B 83 -48.91 6.14 28.69
C ALA B 83 -50.23 6.60 29.27
N SER B 84 -51.33 6.18 28.66
CA SER B 84 -52.66 6.56 29.11
C SER B 84 -53.59 5.36 29.04
N THR B 85 -54.33 5.13 30.12
CA THR B 85 -55.36 4.09 30.15
C THR B 85 -56.71 4.67 29.71
N GLU B 86 -56.71 5.16 28.47
CA GLU B 86 -57.86 5.88 27.94
C GLU B 86 -59.05 4.95 27.75
N LYS B 87 -60.23 5.43 28.14
CA LYS B 87 -61.47 4.68 28.02
C LYS B 87 -62.45 5.32 27.04
N SER B 88 -62.79 6.59 27.23
CA SER B 88 -63.80 7.27 26.44
C SER B 88 -63.21 8.39 25.60
N ASN B 89 -61.92 8.29 25.27
CA ASN B 89 -61.22 9.23 24.38
C ASN B 89 -61.30 10.67 24.90
N ILE B 90 -61.08 10.83 26.21
CA ILE B 90 -61.13 12.17 26.79
C ILE B 90 -59.94 13.00 26.33
N ILE B 91 -58.75 12.39 26.28
CA ILE B 91 -57.56 13.10 25.81
C ILE B 91 -57.64 13.28 24.29
N ARG B 92 -57.03 14.35 23.80
CA ARG B 92 -57.07 14.68 22.38
C ARG B 92 -55.69 14.66 21.73
N GLY B 93 -54.72 15.39 22.26
CA GLY B 93 -53.45 15.49 21.59
C GLY B 93 -52.40 16.15 22.45
N TRP B 94 -51.29 16.50 21.81
CA TRP B 94 -50.13 17.07 22.47
C TRP B 94 -49.65 18.31 21.73
N ILE B 95 -49.04 19.22 22.47
CA ILE B 95 -48.39 20.39 21.88
C ILE B 95 -46.97 20.47 22.42
N PHE B 96 -46.09 21.09 21.64
CA PHE B 96 -44.67 21.17 21.96
C PHE B 96 -44.20 22.60 21.73
N GLY B 97 -42.95 22.85 22.11
CA GLY B 97 -42.34 24.15 21.89
C GLY B 97 -41.29 24.43 22.95
N THR B 98 -40.73 25.64 22.86
CA THR B 98 -39.72 26.10 23.81
C THR B 98 -40.23 27.22 24.70
N THR B 99 -40.74 28.31 24.11
CA THR B 99 -41.26 29.42 24.88
C THR B 99 -42.76 29.68 24.65
N LEU B 100 -43.32 29.19 23.54
CA LEU B 100 -44.75 29.32 23.23
C LEU B 100 -45.20 30.79 23.20
N ASP B 101 -44.44 31.61 22.48
CA ASP B 101 -44.75 33.04 22.35
C ASP B 101 -44.62 33.48 20.90
N SER B 102 -44.88 32.57 19.95
CA SER B 102 -44.77 32.83 18.52
C SER B 102 -43.36 33.29 18.13
N LYS B 103 -42.35 32.67 18.74
CA LYS B 103 -40.97 32.94 18.42
C LYS B 103 -40.21 31.74 17.87
N THR B 104 -40.69 30.52 18.12
CA THR B 104 -40.05 29.30 17.63
C THR B 104 -41.09 28.46 16.91
N GLN B 105 -40.67 27.27 16.46
CA GLN B 105 -41.55 26.35 15.74
C GLN B 105 -42.18 25.40 16.76
N SER B 106 -43.37 25.77 17.22
CA SER B 106 -44.10 24.98 18.21
C SER B 106 -44.96 23.93 17.51
N LEU B 107 -44.85 22.69 17.97
CA LEU B 107 -45.62 21.61 17.37
C LEU B 107 -47.05 21.61 17.92
N LEU B 108 -47.95 20.98 17.17
CA LEU B 108 -49.33 20.81 17.60
C LEU B 108 -49.84 19.53 16.94
N ILE B 109 -49.79 18.43 17.69
CA ILE B 109 -50.24 17.12 17.22
C ILE B 109 -51.57 16.84 17.90
N VAL B 110 -52.67 17.15 17.23
CA VAL B 110 -54.01 16.97 17.78
C VAL B 110 -54.73 15.90 16.98
N ASN B 111 -55.77 15.33 17.59
CA ASN B 111 -56.60 14.28 16.99
C ASN B 111 -58.05 14.73 17.06
N ASN B 112 -58.52 15.39 16.01
CA ASN B 112 -59.92 15.81 15.99
C ASN B 112 -60.82 14.63 15.63
N ALA B 113 -62.13 14.87 15.66
CA ALA B 113 -63.10 13.80 15.44
C ALA B 113 -63.12 13.30 14.00
N THR B 114 -62.58 14.08 13.06
CA THR B 114 -62.56 13.67 11.65
C THR B 114 -61.20 13.15 11.22
N ASN B 115 -60.12 13.83 11.58
CA ASN B 115 -58.79 13.45 11.11
C ASN B 115 -57.73 13.92 12.09
N VAL B 116 -56.60 13.21 12.10
CA VAL B 116 -55.45 13.65 12.88
C VAL B 116 -54.80 14.83 12.17
N VAL B 117 -54.42 15.85 12.93
CA VAL B 117 -53.82 17.06 12.39
C VAL B 117 -52.48 17.30 13.06
N ILE B 118 -51.41 17.28 12.27
CA ILE B 118 -50.06 17.56 12.74
C ILE B 118 -49.54 18.77 11.96
N LYS B 119 -49.28 19.87 12.67
CA LYS B 119 -48.77 21.07 12.04
C LYS B 119 -47.92 21.82 13.04
N VAL B 120 -46.60 21.82 12.84
CA VAL B 120 -45.69 22.60 13.67
C VAL B 120 -45.60 24.01 13.09
N CYS B 121 -45.92 25.01 13.90
CA CYS B 121 -45.96 26.39 13.46
C CYS B 121 -45.54 27.28 14.63
N GLU B 122 -45.88 28.56 14.57
CA GLU B 122 -45.56 29.51 15.61
C GLU B 122 -46.83 30.04 16.25
N PHE B 123 -47.74 29.14 16.61
CA PHE B 123 -49.05 29.53 17.14
C PHE B 123 -48.90 30.39 18.40
N GLN B 124 -49.81 31.37 18.53
CA GLN B 124 -49.88 32.20 19.73
C GLN B 124 -50.54 31.37 20.84
N PHE B 125 -49.71 30.57 21.52
CA PHE B 125 -50.21 29.63 22.51
C PHE B 125 -50.60 30.35 23.78
N CYS B 126 -51.77 30.03 24.31
CA CYS B 126 -52.29 30.68 25.51
C CYS B 126 -51.71 30.00 26.75
N ASN B 127 -52.20 30.38 27.93
CA ASN B 127 -51.69 29.83 29.17
C ASN B 127 -52.12 28.38 29.36
N ASP B 128 -53.35 28.05 28.98
CA ASP B 128 -53.89 26.70 29.16
C ASP B 128 -54.91 26.41 28.08
N PRO B 129 -54.45 26.00 26.89
CA PRO B 129 -55.39 25.59 25.84
C PRO B 129 -56.09 24.29 26.19
N PHE B 130 -57.31 24.14 25.67
CA PHE B 130 -58.12 22.97 25.96
C PHE B 130 -59.16 22.81 24.85
N LEU B 131 -59.78 21.64 24.82
CA LEU B 131 -60.85 21.33 23.87
C LEU B 131 -62.19 21.32 24.60
N GLY B 132 -63.18 21.99 24.03
CA GLY B 132 -64.49 22.12 24.63
C GLY B 132 -65.53 21.34 23.85
N VAL B 133 -66.26 20.47 24.56
CA VAL B 133 -67.31 19.65 23.99
C VAL B 133 -68.65 20.10 24.59
N TYR B 134 -69.61 20.41 23.74
CA TYR B 134 -70.93 20.87 24.15
C TYR B 134 -71.97 19.81 23.86
N TYR B 135 -72.91 19.64 24.79
CA TYR B 135 -73.99 18.69 24.64
C TYR B 135 -75.22 19.40 24.08
N HIS B 136 -75.62 19.02 22.88
CA HIS B 136 -76.79 19.63 22.26
C HIS B 136 -78.08 19.17 22.93
N LYS B 137 -79.11 19.99 22.82
CA LYS B 137 -80.41 19.68 23.41
C LYS B 137 -81.25 18.81 22.48
N ASN B 138 -81.43 19.25 21.23
CA ASN B 138 -82.22 18.46 20.29
C ASN B 138 -81.47 17.23 19.80
N ASN B 139 -80.14 17.28 19.79
CA ASN B 139 -79.31 16.18 19.35
C ASN B 139 -78.67 15.51 20.56
N LYS B 140 -78.86 14.20 20.69
CA LYS B 140 -78.32 13.44 21.81
C LYS B 140 -76.94 12.89 21.46
N SER B 141 -76.03 13.80 21.14
CA SER B 141 -74.67 13.44 20.79
C SER B 141 -73.73 14.55 21.25
N TRP B 142 -72.55 14.16 21.70
CA TRP B 142 -71.55 15.11 22.17
C TRP B 142 -70.73 15.62 20.99
N MET B 143 -70.69 16.94 20.83
CA MET B 143 -70.01 17.56 19.71
C MET B 143 -69.06 18.63 20.23
N GLU B 144 -67.88 18.70 19.62
CA GLU B 144 -66.86 19.67 20.00
C GLU B 144 -67.13 21.01 19.33
N SER B 145 -67.19 22.07 20.14
CA SER B 145 -67.48 23.40 19.62
C SER B 145 -66.44 24.44 20.01
N GLU B 146 -65.87 24.34 21.22
CA GLU B 146 -64.90 25.32 21.71
C GLU B 146 -63.51 24.85 21.27
N PHE B 147 -63.06 25.36 20.12
CA PHE B 147 -61.75 25.04 19.58
C PHE B 147 -60.80 26.16 19.97
N ARG B 148 -60.36 26.13 21.22
CA ARG B 148 -59.48 27.15 21.79
C ARG B 148 -58.13 26.50 22.09
N VAL B 149 -57.26 26.50 21.08
CA VAL B 149 -55.93 25.89 21.21
C VAL B 149 -54.86 26.94 21.06
N TYR B 150 -55.14 28.00 20.30
CA TYR B 150 -54.20 29.11 20.14
C TYR B 150 -54.97 30.35 19.74
N SER B 151 -54.30 31.50 19.82
CA SER B 151 -54.91 32.76 19.44
C SER B 151 -54.86 32.97 17.92
N SER B 152 -53.66 32.85 17.33
CA SER B 152 -53.47 33.06 15.91
C SER B 152 -52.19 32.36 15.47
N ALA B 153 -51.87 32.50 14.19
CA ALA B 153 -50.67 31.92 13.63
C ALA B 153 -50.16 32.83 12.50
N ASN B 154 -48.86 32.73 12.23
CA ASN B 154 -48.22 33.59 11.24
C ASN B 154 -47.71 32.82 10.03
N ASN B 155 -46.83 31.84 10.22
CA ASN B 155 -46.24 31.11 9.11
C ASN B 155 -45.68 29.78 9.59
N CYS B 156 -45.62 28.82 8.67
CA CYS B 156 -44.98 27.53 8.89
C CYS B 156 -44.91 26.80 7.55
N THR B 157 -44.26 25.63 7.57
CA THR B 157 -44.04 24.82 6.38
C THR B 157 -44.72 23.47 6.44
N PHE B 158 -44.51 22.70 7.52
CA PHE B 158 -44.94 21.32 7.58
C PHE B 158 -46.39 21.20 8.02
N GLU B 159 -47.13 20.29 7.38
CA GLU B 159 -48.51 19.99 7.76
C GLU B 159 -48.81 18.57 7.28
N TYR B 160 -49.34 17.74 8.17
CA TYR B 160 -49.60 16.34 7.87
C TYR B 160 -50.98 15.95 8.38
N VAL B 161 -51.69 15.11 7.61
CA VAL B 161 -53.07 14.76 7.89
C VAL B 161 -53.25 13.27 8.15
N SER B 162 -52.62 12.42 7.33
CA SER B 162 -52.73 10.96 7.40
C SER B 162 -54.17 10.47 7.25
N GLN B 163 -54.42 9.22 7.64
CA GLN B 163 -55.74 8.63 7.51
C GLN B 163 -56.68 9.16 8.60
N PRO B 164 -57.98 9.19 8.32
CA PRO B 164 -58.94 9.62 9.36
C PRO B 164 -58.96 8.65 10.54
N PHE B 165 -59.15 9.21 11.73
CA PHE B 165 -59.24 8.43 12.96
C PHE B 165 -60.55 8.77 13.66
N LEU B 166 -61.37 7.75 13.90
CA LEU B 166 -62.66 7.94 14.54
C LEU B 166 -62.56 7.68 16.04
N MET B 167 -63.12 8.60 16.83
CA MET B 167 -63.14 8.45 18.29
C MET B 167 -64.54 8.77 18.80
N ASP B 168 -64.78 8.42 20.06
CA ASP B 168 -66.05 8.65 20.73
C ASP B 168 -65.94 9.90 21.60
N LEU B 169 -66.87 10.83 21.44
CA LEU B 169 -66.87 12.08 22.20
C LEU B 169 -67.68 12.01 23.48
N GLU B 170 -68.28 10.87 23.79
CA GLU B 170 -69.09 10.72 24.99
C GLU B 170 -68.20 10.27 26.15
N GLY B 171 -68.22 11.02 27.24
CA GLY B 171 -67.43 10.73 28.42
C GLY B 171 -68.27 10.09 29.51
N LYS B 172 -67.70 9.09 30.16
CA LYS B 172 -68.37 8.35 31.23
C LYS B 172 -67.50 8.35 32.48
N GLN B 173 -67.98 7.68 33.53
CA GLN B 173 -67.27 7.58 34.79
C GLN B 173 -66.94 6.14 35.15
N GLY B 174 -67.04 5.22 34.19
CA GLY B 174 -66.79 3.82 34.45
C GLY B 174 -65.32 3.45 34.38
N ASN B 175 -65.07 2.15 34.52
CA ASN B 175 -63.70 1.65 34.49
C ASN B 175 -63.14 1.69 33.06
N PHE B 176 -61.82 1.77 32.97
CA PHE B 176 -61.16 1.85 31.68
C PHE B 176 -61.10 0.48 31.01
N LYS B 177 -61.08 0.50 29.67
CA LYS B 177 -61.04 -0.72 28.88
C LYS B 177 -59.89 -0.78 27.89
N ASN B 178 -59.17 0.33 27.68
CA ASN B 178 -58.06 0.35 26.73
C ASN B 178 -56.88 1.08 27.37
N LEU B 179 -55.69 0.76 26.86
CA LEU B 179 -54.46 1.40 27.30
C LEU B 179 -53.66 1.85 26.09
N ARG B 180 -53.27 3.12 26.06
CA ARG B 180 -52.50 3.68 24.97
C ARG B 180 -51.19 4.23 25.49
N GLU B 181 -50.08 3.87 24.84
CA GLU B 181 -48.75 4.31 25.20
C GLU B 181 -48.12 5.04 24.03
N PHE B 182 -47.43 6.14 24.33
CA PHE B 182 -46.78 6.95 23.31
C PHE B 182 -45.36 7.29 23.73
N VAL B 183 -44.44 7.30 22.76
CA VAL B 183 -43.05 7.66 22.99
C VAL B 183 -42.67 8.71 21.96
N PHE B 184 -42.20 9.86 22.43
CA PHE B 184 -41.77 10.96 21.57
C PHE B 184 -40.27 11.16 21.73
N LYS B 185 -39.54 11.15 20.62
CA LYS B 185 -38.10 11.28 20.64
C LYS B 185 -37.67 12.33 19.62
N ASN B 186 -36.45 12.84 19.81
CA ASN B 186 -35.86 13.84 18.90
C ASN B 186 -34.36 13.57 18.82
N ILE B 187 -33.93 12.91 17.75
CA ILE B 187 -32.52 12.65 17.48
C ILE B 187 -32.15 13.32 16.17
N ASP B 188 -31.16 14.21 16.22
CA ASP B 188 -30.74 15.02 15.08
C ASP B 188 -31.90 15.82 14.49
N GLY B 189 -32.83 16.24 15.34
CA GLY B 189 -34.01 16.96 14.90
C GLY B 189 -35.11 16.11 14.32
N TYR B 190 -34.89 14.79 14.28
CA TYR B 190 -35.90 13.87 13.68
C TYR B 190 -36.94 13.50 14.73
N PHE B 191 -38.21 13.74 14.44
CA PHE B 191 -39.28 13.45 15.38
C PHE B 191 -39.72 12.00 15.23
N LYS B 192 -39.85 11.31 16.36
CA LYS B 192 -40.18 9.89 16.39
C LYS B 192 -41.47 9.66 17.16
N ILE B 193 -42.35 8.83 16.60
CA ILE B 193 -43.61 8.45 17.22
C ILE B 193 -43.64 6.93 17.34
N TYR B 194 -43.94 6.43 18.55
CA TYR B 194 -44.11 5.01 18.79
C TYR B 194 -45.36 4.81 19.62
N SER B 195 -46.28 3.98 19.13
CA SER B 195 -47.53 3.76 19.84
C SER B 195 -48.08 2.38 19.53
N LYS B 196 -48.87 1.86 20.47
CA LYS B 196 -49.58 0.59 20.27
C LYS B 196 -50.73 0.53 21.26
N HIS B 197 -51.95 0.38 20.75
CA HIS B 197 -53.12 0.25 21.61
C HIS B 197 -53.17 -1.15 22.20
N THR B 198 -53.43 -1.24 23.50
CA THR B 198 -53.45 -2.51 24.21
C THR B 198 -54.69 -2.56 25.10
N PRO B 199 -55.61 -3.49 24.88
CA PRO B 199 -56.76 -3.63 25.79
C PRO B 199 -56.33 -4.12 27.16
N ILE B 200 -57.05 -3.64 28.18
CA ILE B 200 -56.79 -4.03 29.56
C ILE B 200 -58.03 -3.71 30.37
N ASN B 201 -58.16 -4.36 31.53
CA ASN B 201 -59.28 -4.13 32.44
C ASN B 201 -58.69 -3.82 33.82
N LEU B 202 -58.37 -2.55 34.05
CA LEU B 202 -57.78 -2.12 35.31
C LEU B 202 -57.96 -0.61 35.45
N VAL B 203 -57.79 -0.14 36.68
CA VAL B 203 -57.90 1.28 36.99
C VAL B 203 -56.54 1.89 37.32
N ARG B 204 -55.68 1.12 37.98
CA ARG B 204 -54.34 1.58 38.34
C ARG B 204 -53.44 0.36 38.46
N ASP B 205 -52.17 0.61 38.80
CA ASP B 205 -51.16 -0.43 38.98
C ASP B 205 -51.00 -1.28 37.72
N LEU B 206 -50.49 -0.60 36.68
CA LEU B 206 -50.25 -1.12 35.33
C LEU B 206 -49.64 -2.52 35.36
N PRO B 207 -50.13 -3.43 34.51
CA PRO B 207 -49.72 -4.84 34.62
C PRO B 207 -48.26 -5.05 34.24
N GLN B 208 -47.71 -6.15 34.75
CA GLN B 208 -46.33 -6.53 34.49
C GLN B 208 -46.15 -7.20 33.13
N GLY B 209 -47.18 -7.23 32.30
CA GLY B 209 -47.04 -7.81 30.98
C GLY B 209 -46.19 -6.96 30.06
N PHE B 210 -45.74 -7.58 28.97
CA PHE B 210 -44.82 -6.95 28.04
C PHE B 210 -45.54 -6.65 26.73
N SER B 211 -45.23 -5.48 26.15
CA SER B 211 -45.80 -5.08 24.88
C SER B 211 -44.87 -4.06 24.24
N ALA B 212 -44.33 -4.40 23.07
CA ALA B 212 -43.46 -3.48 22.36
C ALA B 212 -44.29 -2.37 21.71
N LEU B 213 -43.59 -1.36 21.20
CA LEU B 213 -44.23 -0.21 20.55
C LEU B 213 -43.67 -0.08 19.13
N GLU B 214 -44.57 -0.07 18.15
CA GLU B 214 -44.20 0.05 16.75
C GLU B 214 -44.37 1.49 16.28
N PRO B 215 -43.45 1.98 15.45
CA PRO B 215 -43.59 3.34 14.92
C PRO B 215 -44.78 3.45 13.97
N LEU B 216 -45.40 4.63 13.98
CA LEU B 216 -46.52 4.93 13.10
C LEU B 216 -46.18 5.95 12.04
N VAL B 217 -45.65 7.11 12.43
CA VAL B 217 -45.22 8.13 11.48
C VAL B 217 -43.89 8.69 11.98
N ASP B 218 -43.01 9.03 11.04
CA ASP B 218 -41.66 9.49 11.34
C ASP B 218 -41.43 10.82 10.64
N LEU B 219 -41.43 11.90 11.42
CA LEU B 219 -41.50 13.25 10.87
C LEU B 219 -40.10 13.84 10.69
N PRO B 220 -39.71 14.23 9.48
CA PRO B 220 -38.44 14.96 9.24
C PRO B 220 -38.56 16.48 9.36
N ILE B 221 -38.56 16.97 10.59
CA ILE B 221 -38.75 18.40 10.85
C ILE B 221 -37.43 19.13 11.07
N GLY B 222 -36.56 18.57 11.93
CA GLY B 222 -35.26 19.18 12.17
C GLY B 222 -35.29 20.50 12.92
N ILE B 223 -36.04 20.57 14.02
CA ILE B 223 -36.17 21.79 14.78
C ILE B 223 -35.71 21.58 16.22
N ASN B 224 -35.84 22.62 17.04
CA ASN B 224 -35.49 22.57 18.45
C ASN B 224 -36.69 22.19 19.30
N ILE B 225 -36.42 21.61 20.47
CA ILE B 225 -37.47 21.22 21.40
C ILE B 225 -36.91 21.10 22.81
N THR B 226 -37.59 21.72 23.78
CA THR B 226 -37.20 21.58 25.18
C THR B 226 -38.37 21.43 26.15
N ARG B 227 -39.61 21.72 25.75
CA ARG B 227 -40.75 21.67 26.66
C ARG B 227 -41.94 21.06 25.94
N PHE B 228 -42.86 20.48 26.72
CA PHE B 228 -44.05 19.87 26.15
C PHE B 228 -45.19 19.94 27.16
N GLN B 229 -46.41 19.83 26.64
CA GLN B 229 -47.61 19.89 27.46
C GLN B 229 -48.73 19.18 26.72
N THR B 230 -49.57 18.47 27.48
CA THR B 230 -50.68 17.73 26.89
C THR B 230 -51.95 18.58 26.88
N LEU B 231 -52.91 18.12 26.08
CA LEU B 231 -54.20 18.78 25.95
C LEU B 231 -55.31 17.83 26.43
N LEU B 232 -56.33 18.42 27.04
CA LEU B 232 -57.45 17.66 27.59
C LEU B 232 -58.75 18.25 27.08
N ALA B 233 -59.81 17.45 27.16
CA ALA B 233 -61.13 17.85 26.70
C ALA B 233 -62.13 17.66 27.82
N LEU B 234 -62.86 18.72 28.14
CA LEU B 234 -63.92 18.67 29.14
C LEU B 234 -65.28 18.80 28.46
N HIS B 235 -66.31 18.36 29.18
CA HIS B 235 -67.67 18.33 28.66
C HIS B 235 -68.51 19.44 29.30
N ARG B 236 -69.50 19.91 28.54
CA ARG B 236 -70.43 20.95 28.99
C ARG B 236 -71.85 20.40 28.82
N SER B 237 -72.33 19.71 29.85
CA SER B 237 -73.66 19.13 29.83
C SER B 237 -74.67 20.11 30.41
N TYR B 238 -75.90 19.65 30.64
CA TYR B 238 -76.92 20.49 31.24
C TYR B 238 -76.73 20.68 32.74
N LEU B 239 -75.96 19.82 33.39
CA LEU B 239 -75.72 19.95 34.82
C LEU B 239 -74.87 21.18 35.12
N THR B 240 -73.78 21.36 34.38
CA THR B 240 -72.92 22.51 34.56
C THR B 240 -73.55 23.76 33.92
N PRO B 241 -73.30 24.93 34.49
CA PRO B 241 -73.82 26.17 33.88
C PRO B 241 -73.26 26.45 32.49
N GLY B 242 -72.10 25.89 32.14
CA GLY B 242 -71.53 26.06 30.83
C GLY B 242 -70.41 27.07 30.72
N ASP B 243 -69.97 27.64 31.84
CA ASP B 243 -68.86 28.59 31.86
C ASP B 243 -67.60 27.91 32.36
N SER B 244 -66.48 28.22 31.72
CA SER B 244 -65.18 27.62 32.08
C SER B 244 -64.50 28.40 33.20
N SER B 245 -65.21 28.61 34.31
CA SER B 245 -64.64 29.28 35.47
C SER B 245 -64.57 28.34 36.68
N SER B 246 -65.70 27.75 37.10
CA SER B 246 -65.71 26.82 38.21
C SER B 246 -66.55 25.57 37.98
N GLY B 247 -67.41 25.54 36.98
CA GLY B 247 -68.26 24.39 36.75
C GLY B 247 -67.99 23.67 35.44
N TRP B 248 -67.49 22.45 35.51
CA TRP B 248 -67.19 21.65 34.33
C TRP B 248 -67.10 20.19 34.76
N THR B 249 -66.93 19.31 33.77
CA THR B 249 -66.73 17.89 34.00
C THR B 249 -65.73 17.35 32.97
N ALA B 250 -64.84 16.47 33.42
CA ALA B 250 -63.79 15.93 32.56
C ALA B 250 -63.84 14.42 32.44
N GLY B 251 -64.88 13.77 32.97
CA GLY B 251 -64.96 12.32 32.88
C GLY B 251 -63.99 11.65 33.83
N ALA B 252 -63.33 10.61 33.34
CA ALA B 252 -62.35 9.87 34.14
C ALA B 252 -61.22 9.42 33.23
N ALA B 253 -60.01 9.88 33.52
CA ALA B 253 -58.85 9.52 32.72
C ALA B 253 -57.60 9.66 33.58
N ALA B 254 -56.51 9.04 33.10
CA ALA B 254 -55.24 9.09 33.81
C ALA B 254 -54.12 8.86 32.81
N TYR B 255 -53.17 9.78 32.76
CA TYR B 255 -52.02 9.69 31.86
C TYR B 255 -50.73 9.76 32.66
N TYR B 256 -49.75 8.96 32.26
CA TYR B 256 -48.46 8.87 32.92
C TYR B 256 -47.38 9.48 32.04
N VAL B 257 -46.50 10.26 32.65
CA VAL B 257 -45.40 10.91 31.93
C VAL B 257 -44.09 10.41 32.51
N GLY B 258 -43.26 9.81 31.67
CA GLY B 258 -41.95 9.35 32.09
C GLY B 258 -40.87 9.88 31.18
N TYR B 259 -39.68 9.98 31.72
CA TYR B 259 -38.52 10.51 31.01
C TYR B 259 -37.56 9.39 30.65
N LEU B 260 -37.16 9.35 29.39
CA LEU B 260 -36.27 8.29 28.91
C LEU B 260 -34.82 8.61 29.27
N GLN B 261 -34.06 7.57 29.59
CA GLN B 261 -32.65 7.68 29.93
C GLN B 261 -31.84 6.74 29.05
N PRO B 262 -30.59 7.11 28.73
CA PRO B 262 -29.77 6.23 27.89
C PRO B 262 -29.22 5.03 28.64
N ARG B 263 -29.81 3.85 28.40
CA ARG B 263 -29.33 2.61 28.99
C ARG B 263 -29.30 1.53 27.93
N THR B 264 -28.34 0.62 28.06
CA THR B 264 -28.27 -0.54 27.17
C THR B 264 -29.34 -1.55 27.55
N PHE B 265 -30.08 -2.03 26.56
CA PHE B 265 -31.14 -3.00 26.77
C PHE B 265 -30.91 -4.22 25.90
N LEU B 266 -31.13 -5.40 26.49
CA LEU B 266 -31.02 -6.67 25.78
C LEU B 266 -32.42 -7.11 25.38
N LEU B 267 -32.70 -7.09 24.09
CA LEU B 267 -34.03 -7.41 23.58
C LEU B 267 -34.14 -8.90 23.27
N LYS B 268 -35.36 -9.42 23.41
CA LYS B 268 -35.68 -10.82 23.15
C LYS B 268 -36.53 -10.89 21.89
N TYR B 269 -35.90 -11.28 20.77
CA TYR B 269 -36.62 -11.46 19.52
C TYR B 269 -36.99 -12.92 19.34
N ASN B 270 -38.27 -13.17 19.10
CA ASN B 270 -38.75 -14.53 18.89
C ASN B 270 -38.62 -14.91 17.41
N GLU B 271 -39.09 -16.11 17.08
CA GLU B 271 -39.04 -16.55 15.68
C GLU B 271 -39.99 -15.78 14.79
N ASN B 272 -41.02 -15.16 15.36
CA ASN B 272 -41.94 -14.34 14.56
C ASN B 272 -41.31 -12.99 14.22
N GLY B 273 -40.54 -12.42 15.13
CA GLY B 273 -39.88 -11.15 14.91
C GLY B 273 -40.34 -9.99 15.79
N THR B 274 -40.87 -10.26 16.97
CA THR B 274 -41.34 -9.22 17.88
C THR B 274 -40.59 -9.30 19.21
N ILE B 275 -40.44 -8.15 19.85
CA ILE B 275 -39.73 -8.08 21.13
C ILE B 275 -40.58 -8.70 22.23
N THR B 276 -39.95 -9.50 23.08
CA THR B 276 -40.63 -10.19 24.17
C THR B 276 -40.12 -9.77 25.54
N ASP B 277 -38.83 -9.48 25.69
CA ASP B 277 -38.27 -9.06 26.96
C ASP B 277 -37.18 -8.02 26.72
N ALA B 278 -36.94 -7.20 27.74
CA ALA B 278 -36.05 -6.05 27.64
C ALA B 278 -35.14 -5.98 28.86
N VAL B 279 -34.47 -7.10 29.17
CA VAL B 279 -33.61 -7.17 30.35
C VAL B 279 -32.53 -6.11 30.30
N ASP B 280 -32.35 -5.41 31.42
CA ASP B 280 -31.49 -4.24 31.51
C ASP B 280 -30.06 -4.64 31.86
N CYS B 281 -29.18 -3.64 31.93
CA CYS B 281 -27.80 -3.83 32.35
C CYS B 281 -27.38 -2.96 33.52
N ALA B 282 -28.14 -1.92 33.85
CA ALA B 282 -27.78 -1.00 34.92
C ALA B 282 -28.87 -0.88 35.98
N LEU B 283 -29.75 -1.88 36.07
CA LEU B 283 -30.82 -1.90 37.06
C LEU B 283 -30.56 -2.88 38.20
N ASP B 284 -30.24 -4.13 37.87
CA ASP B 284 -29.99 -5.16 38.85
C ASP B 284 -28.69 -5.89 38.50
N PRO B 285 -27.95 -6.35 39.51
CA PRO B 285 -26.77 -7.19 39.21
C PRO B 285 -27.13 -8.47 38.48
N LEU B 286 -28.28 -9.07 38.77
CA LEU B 286 -28.73 -10.23 38.01
C LEU B 286 -28.99 -9.88 36.55
N SER B 287 -29.62 -8.72 36.31
CA SER B 287 -29.85 -8.29 34.93
C SER B 287 -28.54 -7.99 34.22
N GLU B 288 -27.57 -7.40 34.92
CA GLU B 288 -26.25 -7.18 34.34
C GLU B 288 -25.56 -8.49 34.00
N THR B 289 -25.70 -9.50 34.87
CA THR B 289 -25.15 -10.81 34.58
C THR B 289 -25.82 -11.43 33.36
N LYS B 290 -27.15 -11.28 33.25
CA LYS B 290 -27.86 -11.81 32.09
C LYS B 290 -27.40 -11.14 30.80
N CYS B 291 -27.26 -9.81 30.81
CA CYS B 291 -26.95 -9.10 29.59
C CYS B 291 -25.47 -9.11 29.24
N THR B 292 -24.59 -9.44 30.20
CA THR B 292 -23.17 -9.60 29.86
C THR B 292 -22.89 -10.92 29.18
N LEU B 293 -23.62 -11.98 29.55
CA LEU B 293 -23.46 -13.28 28.92
C LEU B 293 -24.28 -13.43 27.64
N LYS B 294 -25.09 -12.42 27.29
CA LYS B 294 -25.99 -12.46 26.13
C LYS B 294 -26.91 -13.68 26.18
N SER B 295 -27.45 -13.96 27.36
CA SER B 295 -28.33 -15.10 27.55
C SER B 295 -29.37 -14.76 28.60
N PHE B 296 -30.46 -15.54 28.61
CA PHE B 296 -31.55 -15.33 29.56
C PHE B 296 -31.52 -16.29 30.74
N THR B 297 -30.88 -17.44 30.60
CA THR B 297 -30.75 -18.40 31.67
C THR B 297 -29.32 -18.37 32.20
N VAL B 298 -29.17 -18.23 33.51
CA VAL B 298 -27.87 -18.12 34.16
C VAL B 298 -27.67 -19.35 35.03
N GLU B 299 -26.53 -20.01 34.88
CA GLU B 299 -26.19 -21.16 35.69
C GLU B 299 -25.37 -20.72 36.91
N LYS B 300 -25.13 -21.68 37.80
CA LYS B 300 -24.38 -21.39 39.02
C LYS B 300 -22.90 -21.16 38.70
N GLY B 301 -22.33 -20.12 39.29
CA GLY B 301 -20.94 -19.82 39.07
C GLY B 301 -20.67 -18.34 39.26
N ILE B 302 -19.40 -17.98 39.09
CA ILE B 302 -18.94 -16.60 39.20
C ILE B 302 -18.84 -16.01 37.81
N TYR B 303 -19.48 -14.87 37.61
CA TYR B 303 -19.45 -14.15 36.33
C TYR B 303 -18.99 -12.73 36.58
N GLN B 304 -17.99 -12.29 35.82
CA GLN B 304 -17.47 -10.93 35.94
C GLN B 304 -18.24 -10.02 35.00
N THR B 305 -18.83 -8.96 35.55
CA THR B 305 -19.67 -8.05 34.79
C THR B 305 -19.00 -6.73 34.48
N SER B 306 -18.49 -6.03 35.49
CA SER B 306 -17.88 -4.72 35.31
C SER B 306 -16.75 -4.57 36.32
N ASN B 307 -16.23 -3.35 36.42
CA ASN B 307 -15.15 -3.02 37.34
C ASN B 307 -15.62 -1.93 38.31
N PHE B 308 -15.13 -2.00 39.54
CA PHE B 308 -15.47 -1.02 40.56
C PHE B 308 -14.42 0.09 40.57
N ARG B 309 -14.88 1.33 40.42
CA ARG B 309 -14.00 2.49 40.35
C ARG B 309 -14.25 3.39 41.56
N VAL B 310 -13.16 3.75 42.25
CA VAL B 310 -13.23 4.66 43.38
C VAL B 310 -12.82 6.02 42.85
N GLN B 311 -13.80 6.82 42.45
CA GLN B 311 -13.52 8.14 41.92
C GLN B 311 -13.09 9.08 43.04
N PRO B 312 -12.02 9.85 42.86
CA PRO B 312 -11.63 10.80 43.90
C PRO B 312 -12.65 11.92 44.05
N THR B 313 -12.79 12.40 45.29
CA THR B 313 -13.77 13.44 45.61
C THR B 313 -13.15 14.80 45.81
N GLU B 314 -11.88 14.85 46.21
CA GLU B 314 -11.19 16.14 46.45
C GLU B 314 -9.90 16.20 45.62
N SER B 315 -9.34 17.40 45.45
CA SER B 315 -8.06 17.55 44.70
C SER B 315 -7.18 18.58 45.43
N ILE B 316 -5.91 18.25 45.67
CA ILE B 316 -5.01 19.17 46.44
C ILE B 316 -3.71 19.40 45.66
N VAL B 317 -3.04 20.53 45.90
CA VAL B 317 -1.74 20.84 45.23
C VAL B 317 -0.80 21.47 46.26
N ARG B 318 0.52 21.32 46.10
CA ARG B 318 1.43 21.81 47.18
C ARG B 318 2.73 22.38 46.59
N PHE B 319 2.87 22.39 45.26
CA PHE B 319 4.08 23.03 44.66
C PHE B 319 4.18 24.50 45.11
N PRO B 320 3.09 25.31 45.09
CA PRO B 320 3.20 26.74 45.42
C PRO B 320 3.01 27.06 46.91
N ASN B 321 3.84 27.95 47.45
CA ASN B 321 3.68 28.39 48.85
C ASN B 321 3.65 29.92 48.86
N ILE B 322 4.45 30.57 48.01
CA ILE B 322 4.41 32.05 47.88
C ILE B 322 4.29 32.37 46.38
N THR B 323 3.10 32.17 45.82
CA THR B 323 2.93 32.39 44.36
C THR B 323 2.18 33.72 44.16
N ASN B 324 2.60 34.50 43.16
CA ASN B 324 1.99 35.83 42.92
C ASN B 324 2.01 36.16 41.43
N LEU B 325 1.53 37.35 41.05
CA LEU B 325 1.53 37.77 39.63
C LEU B 325 2.93 38.29 39.26
N CYS B 326 3.14 38.59 37.97
CA CYS B 326 4.46 39.06 37.50
C CYS B 326 4.31 39.96 36.26
N PRO B 327 5.12 41.02 36.09
CA PRO B 327 5.08 41.85 34.88
C PRO B 327 5.49 41.00 33.67
N PHE B 328 4.66 40.98 32.63
CA PHE B 328 4.95 40.17 31.42
C PHE B 328 4.43 40.93 30.19
N GLY B 329 3.21 41.43 30.26
CA GLY B 329 2.65 42.20 29.17
C GLY B 329 3.54 43.31 28.64
N GLU B 330 4.65 43.58 29.35
CA GLU B 330 5.59 44.58 28.87
C GLU B 330 6.30 44.14 27.61
N VAL B 331 6.52 42.83 27.44
CA VAL B 331 7.15 42.35 26.20
C VAL B 331 6.18 42.39 25.03
N PHE B 332 4.88 42.39 25.29
CA PHE B 332 3.87 42.54 24.25
C PHE B 332 3.43 43.99 24.07
N ASN B 333 3.94 44.91 24.90
CA ASN B 333 3.59 46.32 24.84
C ASN B 333 4.80 47.22 25.00
N ALA B 334 5.97 46.75 24.53
CA ALA B 334 7.21 47.50 24.68
C ALA B 334 7.26 48.67 23.71
N THR B 335 8.25 49.55 23.94
CA THR B 335 8.46 50.69 23.04
C THR B 335 8.89 50.23 21.66
N ARG B 336 9.77 49.23 21.59
CA ARG B 336 10.21 48.68 20.32
C ARG B 336 10.49 47.19 20.49
N PHE B 337 10.48 46.49 19.38
CA PHE B 337 10.66 45.04 19.36
C PHE B 337 12.04 44.70 18.78
N ALA B 338 12.29 43.40 18.65
CA ALA B 338 13.54 42.87 18.12
C ALA B 338 13.29 42.15 16.81
N SER B 339 14.38 41.90 16.09
CA SER B 339 14.31 41.24 14.80
C SER B 339 14.28 39.72 14.97
N VAL B 340 14.20 39.00 13.85
CA VAL B 340 14.13 37.54 13.91
C VAL B 340 15.51 36.90 14.00
N TYR B 341 16.56 37.61 13.59
CA TYR B 341 17.90 37.05 13.74
C TYR B 341 18.36 37.08 15.19
N ALA B 342 17.83 38.01 15.98
CA ALA B 342 18.10 38.09 17.42
C ALA B 342 16.79 38.51 18.08
N TRP B 343 16.01 37.53 18.52
CA TRP B 343 14.70 37.77 19.12
C TRP B 343 14.79 37.73 20.64
N ASN B 344 13.88 38.46 21.27
CA ASN B 344 13.85 38.51 22.74
C ASN B 344 13.36 37.18 23.29
N ARG B 345 14.07 36.66 24.30
CA ARG B 345 13.71 35.42 24.96
C ARG B 345 13.37 35.73 26.41
N LYS B 346 12.16 35.34 26.83
CA LYS B 346 11.67 35.61 28.17
C LYS B 346 11.39 34.30 28.88
N ARG B 347 11.76 34.22 30.17
CA ARG B 347 11.52 32.99 30.96
C ARG B 347 10.48 33.28 32.05
N ILE B 348 9.41 32.48 32.12
CA ILE B 348 8.36 32.67 33.15
C ILE B 348 8.54 31.61 34.24
N SER B 349 8.93 32.04 35.45
CA SER B 349 9.16 31.08 36.57
C SER B 349 8.65 31.68 37.88
N ASN B 350 8.18 30.83 38.81
CA ASN B 350 7.69 31.30 40.13
C ASN B 350 6.69 32.44 39.94
N CYS B 351 5.78 32.31 38.97
CA CYS B 351 4.73 33.35 38.76
C CYS B 351 3.38 32.68 38.53
N VAL B 352 2.34 33.15 39.24
CA VAL B 352 0.97 32.61 39.02
C VAL B 352 0.17 33.65 38.23
N ALA B 353 -0.58 33.22 37.21
CA ALA B 353 -1.33 34.17 36.35
C ALA B 353 -2.45 33.44 35.61
N ASP B 354 -3.23 34.17 34.82
CA ASP B 354 -4.31 33.55 34.01
C ASP B 354 -4.20 34.03 32.56
N TYR B 355 -4.56 33.19 31.60
CA TYR B 355 -4.43 33.55 30.16
C TYR B 355 -5.72 34.19 29.67
N SER B 356 -6.73 34.24 30.53
CA SER B 356 -8.03 34.78 30.11
C SER B 356 -7.93 36.25 29.74
N VAL B 357 -7.08 37.01 30.44
CA VAL B 357 -6.89 38.42 30.13
C VAL B 357 -6.18 38.57 28.78
N LEU B 358 -5.24 37.67 28.48
CA LEU B 358 -4.51 37.68 27.22
C LEU B 358 -5.33 37.16 26.05
N TYR B 359 -6.63 36.91 26.21
CA TYR B 359 -7.48 36.46 25.12
C TYR B 359 -8.67 37.37 24.86
N ASN B 360 -9.23 38.00 25.89
CA ASN B 360 -10.43 38.83 25.75
C ASN B 360 -10.11 40.26 25.33
N SER B 361 -8.93 40.50 24.76
CA SER B 361 -8.58 41.85 24.31
C SER B 361 -9.39 42.25 23.08
N ALA B 362 -9.83 41.27 22.29
CA ALA B 362 -10.61 41.48 21.06
C ALA B 362 -9.88 42.40 20.08
N SER B 363 -8.55 42.28 20.04
CA SER B 363 -7.72 43.07 19.13
C SER B 363 -6.72 42.25 18.34
N PHE B 364 -6.48 41.00 18.70
CA PHE B 364 -5.55 40.17 17.95
C PHE B 364 -6.19 39.74 16.62
N SER B 365 -5.46 39.97 15.53
CA SER B 365 -5.97 39.58 14.22
C SER B 365 -5.96 38.07 14.04
N THR B 366 -4.90 37.40 14.53
CA THR B 366 -4.71 35.98 14.34
C THR B 366 -4.44 35.32 15.68
N PHE B 367 -4.63 33.99 15.75
CA PHE B 367 -4.36 33.27 16.97
C PHE B 367 -4.04 31.82 16.63
N LYS B 368 -2.77 31.43 16.75
CA LYS B 368 -2.40 30.04 16.31
C LYS B 368 -1.72 29.26 17.44
N CYS B 369 -2.50 28.72 18.38
CA CYS B 369 -1.91 27.88 19.43
C CYS B 369 -1.90 26.44 18.97
N TYR B 370 -0.74 25.98 18.50
CA TYR B 370 -0.63 24.59 18.03
C TYR B 370 -0.82 23.62 19.19
N GLY B 371 -0.73 24.13 20.41
CA GLY B 371 -0.86 23.27 21.57
C GLY B 371 -2.27 23.14 22.08
N VAL B 372 -2.55 23.72 23.24
CA VAL B 372 -3.87 23.60 23.84
C VAL B 372 -4.58 24.93 23.93
N SER B 373 -5.91 24.87 24.06
CA SER B 373 -6.69 26.12 24.23
C SER B 373 -6.18 26.83 25.48
N PRO B 374 -6.12 28.18 25.51
CA PRO B 374 -5.64 28.92 26.67
C PRO B 374 -6.30 28.37 27.92
N THR B 375 -7.61 28.11 27.84
CA THR B 375 -8.34 27.53 28.99
C THR B 375 -7.81 26.12 29.25
N LYS B 376 -7.56 25.36 28.18
CA LYS B 376 -7.07 23.95 28.32
C LYS B 376 -5.73 23.97 29.03
N LEU B 377 -4.85 24.92 28.68
CA LEU B 377 -3.54 25.00 29.32
C LEU B 377 -3.63 25.83 30.60
N ASN B 378 -4.84 26.27 30.94
CA ASN B 378 -5.04 27.04 32.19
C ASN B 378 -5.47 26.09 33.33
N ASP B 379 -6.39 25.17 33.03
CA ASP B 379 -6.90 24.24 34.08
C ASP B 379 -5.74 23.38 34.60
N LEU B 380 -4.87 22.91 33.71
CA LEU B 380 -3.71 22.07 34.14
C LEU B 380 -2.60 22.98 34.67
N CYS B 381 -1.54 22.38 35.23
CA CYS B 381 -0.42 23.18 35.79
C CYS B 381 0.87 22.88 35.02
N PHE B 382 1.49 23.92 34.44
CA PHE B 382 2.76 23.74 33.68
C PHE B 382 3.94 24.06 34.58
N THR B 383 5.14 23.62 34.19
CA THR B 383 6.36 23.87 35.01
C THR B 383 7.01 25.18 34.58
N ASN B 384 7.19 25.40 33.26
CA ASN B 384 7.87 26.63 32.77
C ASN B 384 7.18 27.12 31.50
N VAL B 385 7.19 28.44 31.28
CA VAL B 385 6.59 29.03 30.04
C VAL B 385 7.63 29.95 29.41
N TYR B 386 7.76 29.92 28.08
CA TYR B 386 8.79 30.74 27.38
C TYR B 386 8.10 31.73 26.46
N ALA B 387 8.79 32.82 26.12
CA ALA B 387 8.21 33.84 25.25
C ALA B 387 9.23 34.26 24.20
N ASP B 388 8.92 33.98 22.95
CA ASP B 388 9.79 34.32 21.82
C ASP B 388 9.08 35.37 20.97
N SER B 389 9.50 36.63 21.10
CA SER B 389 8.83 37.75 20.46
C SER B 389 9.71 38.28 19.33
N PHE B 390 9.10 38.49 18.16
CA PHE B 390 9.79 39.04 17.00
C PHE B 390 8.76 39.66 16.08
N VAL B 391 9.25 40.31 15.01
CA VAL B 391 8.40 40.94 14.01
C VAL B 391 8.52 40.17 12.71
N ILE B 392 7.46 40.25 11.89
CA ILE B 392 7.41 39.53 10.62
C ILE B 392 6.40 40.22 9.73
N ARG B 393 6.48 39.95 8.43
CA ARG B 393 5.58 40.56 7.46
C ARG B 393 4.25 39.83 7.42
N GLY B 394 3.34 40.35 6.59
CA GLY B 394 2.03 39.77 6.45
C GLY B 394 1.97 38.49 5.62
N ASP B 395 2.95 38.29 4.73
CA ASP B 395 2.95 37.08 3.91
C ASP B 395 3.76 35.96 4.54
N GLU B 396 4.33 36.17 5.73
CA GLU B 396 5.16 35.16 6.38
C GLU B 396 4.54 34.61 7.66
N VAL B 397 3.39 35.12 8.09
CA VAL B 397 2.67 34.50 9.19
C VAL B 397 2.12 33.15 8.79
N ARG B 398 1.92 32.93 7.49
CA ARG B 398 1.44 31.65 6.99
C ARG B 398 2.47 30.55 7.21
N GLN B 399 3.76 30.86 7.03
CA GLN B 399 4.81 29.87 7.12
C GLN B 399 5.15 29.48 8.55
N ILE B 400 4.69 30.23 9.55
CA ILE B 400 4.99 29.93 10.96
C ILE B 400 3.95 28.91 11.42
N ALA B 401 4.25 27.64 11.18
CA ALA B 401 3.39 26.53 11.57
C ALA B 401 4.23 25.26 11.58
N PRO B 402 3.91 24.29 12.45
CA PRO B 402 4.69 23.04 12.48
C PRO B 402 4.49 22.23 11.21
N GLY B 403 5.57 22.07 10.44
CA GLY B 403 5.53 21.29 9.23
C GLY B 403 5.45 22.07 7.94
N GLN B 404 6.00 23.28 7.89
CA GLN B 404 5.96 24.11 6.70
C GLN B 404 7.38 24.57 6.35
N THR B 405 7.59 24.81 5.06
CA THR B 405 8.87 25.28 4.55
C THR B 405 8.75 26.76 4.17
N GLY B 406 9.82 27.29 3.60
CA GLY B 406 9.86 28.68 3.18
C GLY B 406 11.27 29.23 3.35
N LYS B 407 11.33 30.56 3.53
CA LYS B 407 12.59 31.25 3.69
C LYS B 407 12.79 31.84 5.07
N ILE B 408 11.74 31.90 5.90
CA ILE B 408 11.84 32.40 7.26
C ILE B 408 11.73 31.28 8.28
N ALA B 409 10.78 30.36 8.09
CA ALA B 409 10.60 29.25 9.01
C ALA B 409 11.72 28.23 8.94
N ASP B 410 12.61 28.31 7.95
CA ASP B 410 13.73 27.40 7.83
C ASP B 410 15.08 28.07 8.08
N TYR B 411 15.16 29.40 8.00
CA TYR B 411 16.42 30.11 8.16
C TYR B 411 16.50 30.94 9.42
N ASN B 412 15.37 31.20 10.10
CA ASN B 412 15.36 32.02 11.30
C ASN B 412 14.86 31.26 12.52
N TYR B 413 13.74 30.56 12.40
CA TYR B 413 13.17 29.84 13.54
C TYR B 413 12.45 28.60 13.00
N LYS B 414 12.99 27.43 13.30
CA LYS B 414 12.42 26.17 12.83
C LYS B 414 11.43 25.64 13.87
N LEU B 415 10.22 25.31 13.40
CA LEU B 415 9.19 24.79 14.28
C LEU B 415 9.22 23.27 14.25
N PRO B 416 9.44 22.60 15.38
CA PRO B 416 9.49 21.14 15.38
C PRO B 416 8.09 20.55 15.26
N ASP B 417 8.06 19.23 15.01
CA ASP B 417 6.79 18.53 14.88
C ASP B 417 6.03 18.51 16.20
N ASP B 418 6.74 18.30 17.32
CA ASP B 418 6.11 18.26 18.64
C ASP B 418 6.08 19.66 19.27
N PHE B 419 5.47 20.59 18.53
CA PHE B 419 5.35 21.98 18.96
C PHE B 419 3.98 22.16 19.63
N THR B 420 4.00 22.41 20.94
CA THR B 420 2.78 22.53 21.72
C THR B 420 2.52 23.96 22.19
N GLY B 421 3.20 24.94 21.61
CA GLY B 421 3.03 26.32 22.01
C GLY B 421 1.87 27.01 21.31
N CYS B 422 1.63 28.25 21.73
CA CYS B 422 0.63 29.11 21.11
C CYS B 422 1.32 30.27 20.40
N VAL B 423 0.76 30.68 19.27
CA VAL B 423 1.24 31.83 18.53
C VAL B 423 0.15 32.90 18.56
N ILE B 424 0.49 34.07 19.08
CA ILE B 424 -0.42 35.21 19.15
C ILE B 424 0.19 36.32 18.32
N ALA B 425 -0.55 36.78 17.31
CA ALA B 425 -0.07 37.84 16.42
C ALA B 425 -1.17 38.87 16.20
N TRP B 426 -0.75 40.12 16.02
CA TRP B 426 -1.66 41.24 15.86
C TRP B 426 -0.94 42.37 15.14
N ASN B 427 -1.72 43.33 14.65
CA ASN B 427 -1.21 44.46 13.88
C ASN B 427 -1.04 45.68 14.77
N SER B 428 0.17 46.23 14.76
CA SER B 428 0.52 47.46 15.47
C SER B 428 1.34 48.36 14.57
N ASN B 429 0.89 48.51 13.32
CA ASN B 429 1.63 49.25 12.31
C ASN B 429 1.69 50.74 12.57
N ASN B 430 0.92 51.26 13.52
CA ASN B 430 0.91 52.68 13.84
C ASN B 430 2.04 53.09 14.76
N LEU B 431 2.87 52.17 15.22
CA LEU B 431 3.97 52.50 16.12
C LEU B 431 5.32 52.04 15.59
N ASP B 432 5.42 50.86 14.98
CA ASP B 432 6.69 50.32 14.53
C ASP B 432 7.00 50.65 13.07
N SER B 433 6.27 51.59 12.49
CA SER B 433 6.51 52.01 11.11
C SER B 433 6.38 53.52 11.03
N LYS B 434 7.07 54.12 10.06
CA LYS B 434 7.08 55.57 9.91
C LYS B 434 7.29 55.92 8.45
N VAL B 435 6.93 57.15 8.11
CA VAL B 435 7.09 57.62 6.74
C VAL B 435 8.56 57.80 6.41
N GLY B 436 8.90 57.64 5.13
CA GLY B 436 10.26 57.74 4.67
C GLY B 436 11.02 56.43 4.62
N GLY B 437 10.45 55.35 5.14
CA GLY B 437 11.10 54.05 5.10
C GLY B 437 11.65 53.61 6.44
N ASN B 438 10.98 52.66 7.07
CA ASN B 438 11.42 52.11 8.35
C ASN B 438 12.22 50.84 8.08
N TYR B 439 13.55 50.95 8.18
CA TYR B 439 14.45 49.84 7.91
C TYR B 439 15.20 49.38 9.16
N ASN B 440 14.65 49.65 10.34
CA ASN B 440 15.32 49.27 11.58
C ASN B 440 15.23 47.78 11.88
N TYR B 441 14.33 47.06 11.22
CA TYR B 441 14.15 45.64 11.45
C TYR B 441 14.88 44.83 10.39
N LEU B 442 15.54 43.76 10.82
CA LEU B 442 16.37 42.93 9.95
C LEU B 442 15.81 41.52 9.89
N TYR B 443 16.21 40.78 8.86
CA TYR B 443 15.88 39.37 8.73
C TYR B 443 16.93 38.69 7.87
N ARG B 444 17.04 37.37 8.04
CA ARG B 444 18.03 36.57 7.34
C ARG B 444 17.43 35.92 6.11
N LEU B 445 18.18 35.94 5.01
CA LEU B 445 17.73 35.39 3.73
C LEU B 445 18.50 34.16 3.29
N PHE B 446 19.78 34.06 3.63
CA PHE B 446 20.63 32.97 3.17
C PHE B 446 21.21 32.23 4.36
N ARG B 447 21.37 30.91 4.19
CA ARG B 447 21.97 30.07 5.21
C ARG B 447 22.66 28.89 4.52
N LYS B 448 23.73 28.40 5.16
CA LYS B 448 24.50 27.30 4.57
C LYS B 448 23.71 26.00 4.56
N SER B 449 23.05 25.67 5.67
CA SER B 449 22.30 24.42 5.77
C SER B 449 21.16 24.61 6.77
N ASN B 450 20.53 23.50 7.15
CA ASN B 450 19.43 23.54 8.09
C ASN B 450 19.94 23.82 9.50
N LEU B 451 19.03 24.31 10.34
CA LEU B 451 19.34 24.67 11.72
C LEU B 451 18.38 23.95 12.67
N LYS B 452 18.89 23.65 13.87
CA LYS B 452 18.11 22.95 14.87
C LYS B 452 16.98 23.86 15.38
N PRO B 453 15.83 23.28 15.72
CA PRO B 453 14.76 24.08 16.32
C PRO B 453 15.16 24.64 17.67
N PHE B 454 14.54 25.77 18.03
CA PHE B 454 14.83 26.51 19.26
C PHE B 454 16.30 26.90 19.34
N GLU B 455 16.86 27.33 18.21
CA GLU B 455 18.23 27.79 18.13
C GLU B 455 18.28 29.13 17.41
N ARG B 456 19.09 30.05 17.94
CA ARG B 456 19.23 31.40 17.40
C ARG B 456 20.57 31.53 16.70
N ASP B 457 20.55 32.14 15.52
CA ASP B 457 21.76 32.39 14.74
C ASP B 457 21.95 33.89 14.56
N ILE B 458 23.12 34.38 14.95
CA ILE B 458 23.48 35.79 14.80
C ILE B 458 24.75 35.95 13.98
N SER B 459 25.06 34.98 13.12
CA SER B 459 26.28 35.03 12.32
C SER B 459 26.14 36.07 11.22
N THR B 460 27.08 37.00 11.15
CA THR B 460 27.11 38.04 10.13
C THR B 460 28.10 37.75 9.03
N GLU B 461 28.62 36.52 8.97
CA GLU B 461 29.58 36.16 7.93
C GLU B 461 28.88 36.11 6.57
N ILE B 462 29.63 36.51 5.53
CA ILE B 462 29.07 36.56 4.19
C ILE B 462 28.90 35.14 3.65
N TYR B 463 27.68 34.80 3.22
CA TYR B 463 27.41 33.48 2.71
C TYR B 463 28.10 33.27 1.37
N GLN B 464 28.73 32.10 1.21
CA GLN B 464 29.47 31.76 0.01
C GLN B 464 28.63 30.80 -0.83
N ALA B 465 28.41 31.16 -2.09
CA ALA B 465 27.63 30.34 -3.01
C ALA B 465 28.49 29.44 -3.88
N GLY B 466 29.71 29.85 -4.20
CA GLY B 466 30.58 29.05 -5.05
C GLY B 466 31.78 28.50 -4.31
N SER B 467 32.92 28.45 -4.98
CA SER B 467 34.15 27.93 -4.40
C SER B 467 35.26 28.96 -4.30
N THR B 468 35.01 30.22 -4.68
CA THR B 468 36.04 31.25 -4.64
C THR B 468 35.79 32.19 -3.47
N PRO B 469 36.75 32.36 -2.58
CA PRO B 469 36.56 33.29 -1.46
C PRO B 469 36.52 34.74 -1.92
N CYS B 470 35.84 35.57 -1.12
CA CYS B 470 35.71 36.99 -1.41
C CYS B 470 36.44 37.88 -0.44
N ASN B 471 36.93 37.33 0.69
CA ASN B 471 37.62 38.09 1.74
C ASN B 471 36.75 39.21 2.28
N GLY B 472 35.45 38.94 2.40
CA GLY B 472 34.51 39.89 2.99
C GLY B 472 34.32 41.17 2.22
N VAL B 473 34.19 41.10 0.90
CA VAL B 473 33.94 42.27 0.06
C VAL B 473 32.63 42.07 -0.69
N GLU B 474 32.15 43.16 -1.29
CA GLU B 474 30.93 43.12 -2.10
C GLU B 474 31.28 42.82 -3.56
N GLY B 475 31.94 41.69 -3.75
CA GLY B 475 32.45 41.26 -5.04
C GLY B 475 31.51 40.31 -5.75
N PHE B 476 32.09 39.27 -6.36
CA PHE B 476 31.36 38.32 -7.18
C PHE B 476 31.23 36.99 -6.45
N ASN B 477 30.13 36.28 -6.74
CA ASN B 477 29.86 34.93 -6.24
C ASN B 477 29.74 34.90 -4.72
N CYS B 478 29.26 35.99 -4.13
CA CYS B 478 28.96 36.04 -2.70
C CYS B 478 27.97 37.16 -2.44
N TYR B 479 27.21 37.01 -1.35
CA TYR B 479 26.21 38.02 -0.99
C TYR B 479 25.99 37.98 0.51
N PHE B 480 25.58 39.13 1.05
CA PHE B 480 25.32 39.22 2.48
C PHE B 480 24.03 38.50 2.84
N PRO B 481 24.01 37.73 3.93
CA PRO B 481 22.80 36.99 4.29
C PRO B 481 21.72 37.86 4.93
N LEU B 482 22.14 38.95 5.57
CA LEU B 482 21.20 39.83 6.27
C LEU B 482 20.66 40.89 5.32
N GLN B 483 19.35 41.03 5.30
CA GLN B 483 18.67 42.00 4.43
C GLN B 483 17.66 42.80 5.24
N SER B 484 17.48 44.06 4.87
CA SER B 484 16.55 44.94 5.56
C SER B 484 15.12 44.69 5.09
N TYR B 485 14.16 45.10 5.92
CA TYR B 485 12.75 44.90 5.62
C TYR B 485 12.24 46.00 4.71
N GLY B 486 10.95 45.94 4.40
CA GLY B 486 10.31 46.93 3.56
C GLY B 486 9.04 47.49 4.17
N PHE B 487 9.06 47.70 5.48
CA PHE B 487 7.88 48.14 6.20
C PHE B 487 7.50 49.57 5.81
N GLN B 488 6.19 49.83 5.78
CA GLN B 488 5.66 51.12 5.40
C GLN B 488 4.28 51.29 6.04
N PRO B 489 3.99 52.43 6.67
CA PRO B 489 2.67 52.62 7.28
C PRO B 489 1.53 52.66 6.28
N THR B 490 1.79 52.92 5.00
CA THR B 490 0.76 52.99 3.97
C THR B 490 0.66 51.70 3.17
N ASN B 491 1.02 50.57 3.77
CA ASN B 491 0.95 49.29 3.11
C ASN B 491 -0.48 48.75 3.15
N GLY B 492 -0.67 47.55 2.60
CA GLY B 492 -1.98 46.93 2.58
C GLY B 492 -2.23 46.04 3.79
N VAL B 493 -2.64 44.81 3.54
CA VAL B 493 -2.91 43.84 4.60
C VAL B 493 -1.98 42.64 4.55
N GLY B 494 -0.99 42.64 3.67
CA GLY B 494 -0.11 41.49 3.51
C GLY B 494 1.37 41.79 3.61
N TYR B 495 1.73 43.04 3.89
CA TYR B 495 3.14 43.39 4.02
C TYR B 495 3.43 44.32 5.19
N GLN B 496 2.47 44.54 6.09
CA GLN B 496 2.71 45.35 7.27
C GLN B 496 3.50 44.57 8.32
N PRO B 497 4.24 45.26 9.18
CA PRO B 497 4.92 44.58 10.29
C PRO B 497 3.92 44.09 11.34
N TYR B 498 3.84 42.77 11.49
CA TYR B 498 3.05 42.15 12.55
C TYR B 498 3.95 41.65 13.67
N ARG B 499 3.48 41.79 14.90
CA ARG B 499 4.17 41.31 16.09
C ARG B 499 3.77 39.87 16.34
N VAL B 500 4.71 38.94 16.23
CA VAL B 500 4.44 37.52 16.42
C VAL B 500 5.19 37.04 17.65
N VAL B 501 4.46 36.45 18.59
CA VAL B 501 5.05 35.90 19.81
C VAL B 501 4.73 34.42 19.89
N VAL B 502 5.61 33.68 20.57
CA VAL B 502 5.48 32.24 20.74
C VAL B 502 5.55 31.92 22.22
N LEU B 503 4.57 31.19 22.73
CA LEU B 503 4.48 30.83 24.14
C LEU B 503 4.53 29.32 24.27
N SER B 504 5.74 28.78 24.37
CA SER B 504 5.94 27.35 24.51
C SER B 504 5.93 26.94 25.97
N PHE B 505 5.76 25.64 26.22
CA PHE B 505 5.68 25.10 27.57
C PHE B 505 6.80 24.08 27.79
N GLU B 506 7.23 23.97 29.05
CA GLU B 506 8.30 23.01 29.41
C GLU B 506 7.71 22.04 30.45
N LEU B 507 7.63 20.75 30.14
CA LEU B 507 6.95 19.81 31.08
C LEU B 507 7.95 18.79 31.64
N LEU B 508 8.06 18.73 32.97
CA LEU B 508 8.97 17.74 33.63
C LEU B 508 8.59 17.66 35.11
N HIS B 509 9.32 16.84 35.88
CA HIS B 509 9.05 16.71 37.34
C HIS B 509 9.63 17.93 38.06
N ALA B 510 8.96 19.08 37.93
CA ALA B 510 9.47 20.33 38.56
C ALA B 510 8.29 21.16 39.06
N PRO B 511 8.48 22.10 40.03
CA PRO B 511 7.37 22.86 40.59
C PRO B 511 6.49 23.45 39.47
N ALA B 512 5.19 23.18 39.52
CA ALA B 512 4.26 23.78 38.53
C ALA B 512 3.98 25.23 38.96
N THR B 513 4.99 26.09 38.91
CA THR B 513 4.82 27.50 39.36
C THR B 513 3.83 28.23 38.46
N VAL B 514 3.92 28.00 37.14
CA VAL B 514 3.03 28.73 36.19
C VAL B 514 1.65 28.10 36.23
N CYS B 515 0.75 28.63 37.07
CA CYS B 515 -0.63 28.10 37.19
C CYS B 515 -1.60 29.26 37.40
N GLY B 516 -2.89 28.98 37.53
CA GLY B 516 -3.89 30.03 37.76
C GLY B 516 -4.05 30.31 39.25
N PRO B 517 -5.30 30.30 39.77
CA PRO B 517 -5.56 30.58 41.19
C PRO B 517 -5.06 29.44 42.09
N LYS B 518 -4.57 28.36 41.50
CA LYS B 518 -4.06 27.20 42.29
C LYS B 518 -3.00 27.68 43.26
N LYS B 519 -3.23 27.49 44.57
CA LYS B 519 -2.24 27.88 45.61
C LYS B 519 -2.05 26.71 46.57
N SER B 520 -1.25 26.87 47.63
CA SER B 520 -1.10 25.79 48.63
C SER B 520 -2.49 25.38 49.15
N THR B 521 -2.76 24.07 49.23
CA THR B 521 -4.10 23.60 49.66
C THR B 521 -3.99 22.89 51.01
N ASN B 522 -4.96 22.03 51.35
CA ASN B 522 -4.89 21.26 52.61
C ASN B 522 -4.18 19.93 52.33
N LEU B 523 -3.81 19.19 53.39
CA LEU B 523 -3.17 17.86 53.20
C LEU B 523 -4.08 16.77 53.76
N VAL B 524 -5.01 16.27 52.94
CA VAL B 524 -5.91 15.17 53.38
C VAL B 524 -5.13 13.85 53.34
N LYS B 525 -5.33 12.99 54.33
CA LYS B 525 -4.55 11.73 54.41
C LYS B 525 -5.50 10.53 54.39
N ASN B 526 -4.98 9.33 54.13
CA ASN B 526 -5.81 8.09 54.15
C ASN B 526 -7.17 8.35 53.50
N LYS B 527 -7.19 9.00 52.34
CA LYS B 527 -8.45 9.25 51.60
C LYS B 527 -8.16 9.25 50.09
N CYS B 528 -9.07 8.71 49.28
CA CYS B 528 -8.86 8.74 47.81
C CYS B 528 -8.97 10.20 47.34
N VAL B 529 -7.86 10.95 47.42
CA VAL B 529 -7.85 12.38 47.00
C VAL B 529 -6.82 12.53 45.88
N ASN B 530 -7.00 13.50 44.98
CA ASN B 530 -5.99 13.75 43.91
C ASN B 530 -4.98 14.77 44.45
N PHE B 531 -3.68 14.52 44.25
CA PHE B 531 -2.63 15.42 44.78
C PHE B 531 -1.56 15.66 43.72
N ASN B 532 -1.35 16.93 43.33
CA ASN B 532 -0.27 17.26 42.37
C ASN B 532 0.96 17.69 43.16
N PHE B 533 2.13 17.09 42.87
CA PHE B 533 3.33 17.39 43.68
C PHE B 533 4.53 17.70 42.79
N ASN B 534 4.62 18.93 42.26
CA ASN B 534 5.80 19.35 41.47
C ASN B 534 6.22 18.24 40.49
N GLY B 535 5.27 17.72 39.69
CA GLY B 535 5.62 16.72 38.67
C GLY B 535 4.63 15.57 38.63
N LEU B 536 4.28 15.01 39.79
CA LEU B 536 3.33 13.85 39.84
C LEU B 536 1.94 14.35 40.23
N THR B 537 0.89 13.70 39.71
CA THR B 537 -0.50 14.08 40.07
C THR B 537 -1.23 12.82 40.55
N GLY B 538 -0.76 12.21 41.65
CA GLY B 538 -1.37 10.98 42.16
C GLY B 538 -2.79 11.22 42.66
N THR B 539 -3.66 10.21 42.49
CA THR B 539 -5.06 10.33 42.97
C THR B 539 -5.38 9.11 43.84
N GLY B 540 -4.79 9.03 45.03
CA GLY B 540 -5.02 7.88 45.92
C GLY B 540 -4.95 8.28 47.38
N VAL B 541 -4.59 7.33 48.26
CA VAL B 541 -4.53 7.62 49.69
C VAL B 541 -3.12 8.09 50.06
N LEU B 542 -3.04 8.89 51.11
CA LEU B 542 -1.78 9.44 51.60
C LEU B 542 -1.59 8.95 53.04
N THR B 543 -0.94 7.79 53.18
CA THR B 543 -0.72 7.19 54.49
C THR B 543 0.56 7.73 55.13
N GLU B 544 0.68 7.50 56.43
CA GLU B 544 1.87 7.92 57.18
C GLU B 544 2.96 6.87 57.00
N SER B 545 4.04 7.24 56.31
CA SER B 545 5.12 6.32 56.04
C SER B 545 6.10 6.27 57.23
N ASN B 546 6.94 5.24 57.24
CA ASN B 546 7.93 5.06 58.29
C ASN B 546 9.36 5.11 57.76
N LYS B 547 9.55 5.53 56.51
CA LYS B 547 10.87 5.64 55.91
C LYS B 547 11.17 7.09 55.60
N LYS B 548 12.37 7.53 55.97
CA LYS B 548 12.80 8.91 55.75
C LYS B 548 13.64 9.01 54.50
N PHE B 549 13.61 10.19 53.88
CA PHE B 549 14.38 10.46 52.67
C PHE B 549 15.65 11.22 53.01
N LEU B 550 16.60 11.20 52.08
CA LEU B 550 17.75 12.08 52.18
C LEU B 550 17.30 13.52 51.95
N PRO B 551 17.94 14.50 52.61
CA PRO B 551 17.47 15.88 52.52
C PRO B 551 17.87 16.58 51.22
N PHE B 552 17.63 15.92 50.09
CA PHE B 552 17.79 16.54 48.78
C PHE B 552 16.82 15.99 47.74
N GLN B 553 15.94 15.05 48.12
CA GLN B 553 15.04 14.39 47.19
C GLN B 553 13.62 14.87 47.40
N GLN B 554 12.81 14.71 46.36
CA GLN B 554 11.41 15.08 46.39
C GLN B 554 10.47 13.93 46.10
N PHE B 555 10.87 12.99 45.27
CA PHE B 555 10.03 11.89 44.83
C PHE B 555 10.50 10.59 45.45
N GLY B 556 9.77 9.51 45.15
CA GLY B 556 10.15 8.19 45.58
C GLY B 556 9.50 7.12 44.74
N ARG B 557 10.29 6.19 44.22
CA ARG B 557 9.80 5.11 43.38
C ARG B 557 10.01 3.76 44.08
N ASP B 558 9.61 2.70 43.39
CA ASP B 558 9.69 1.36 43.94
C ASP B 558 10.44 0.43 43.00
N ILE B 559 10.38 -0.88 43.27
CA ILE B 559 11.01 -1.87 42.39
C ILE B 559 10.35 -1.84 41.02
N ALA B 560 9.03 -1.69 41.00
CA ALA B 560 8.27 -1.64 39.75
C ALA B 560 8.32 -0.27 39.07
N ASP B 561 9.11 0.67 39.62
CA ASP B 561 9.29 2.01 39.06
C ASP B 561 7.95 2.75 38.94
N THR B 562 7.31 2.93 40.10
CA THR B 562 6.09 3.69 40.21
C THR B 562 6.25 4.69 41.34
N THR B 563 5.92 5.95 41.09
CA THR B 563 6.05 7.00 42.09
C THR B 563 4.99 6.78 43.17
N ASP B 564 5.43 6.24 44.32
CA ASP B 564 4.51 5.89 45.40
C ASP B 564 4.93 6.54 46.72
N ALA B 565 5.78 7.55 46.68
CA ALA B 565 6.22 8.23 47.89
C ALA B 565 6.68 9.63 47.52
N VAL B 566 6.06 10.65 48.09
CA VAL B 566 6.40 12.04 47.81
C VAL B 566 6.48 12.80 49.14
N ARG B 567 7.53 13.59 49.30
CA ARG B 567 7.69 14.42 50.49
C ARG B 567 6.79 15.64 50.40
N ASP B 568 6.05 15.91 51.48
CA ASP B 568 5.18 17.06 51.53
C ASP B 568 6.01 18.33 51.68
N PRO B 569 5.91 19.30 50.76
CA PRO B 569 6.70 20.53 50.92
C PRO B 569 6.26 21.40 52.09
N GLN B 570 5.06 21.16 52.62
CA GLN B 570 4.53 22.03 53.70
C GLN B 570 5.27 21.80 55.01
N THR B 571 5.59 20.55 55.35
CA THR B 571 6.20 20.24 56.63
C THR B 571 7.27 19.14 56.54
N LEU B 572 7.79 18.88 55.35
CA LEU B 572 8.81 17.85 55.12
C LEU B 572 8.35 16.48 55.62
N GLU B 573 7.12 16.13 55.32
CA GLU B 573 6.51 14.88 55.74
C GLU B 573 6.50 13.90 54.57
N ILE B 574 6.94 12.67 54.83
CA ILE B 574 7.01 11.64 53.81
C ILE B 574 5.67 10.90 53.77
N LEU B 575 5.01 10.94 52.61
CA LEU B 575 3.69 10.35 52.45
C LEU B 575 3.71 9.32 51.33
N ASP B 576 3.05 8.19 51.56
CA ASP B 576 2.97 7.13 50.56
C ASP B 576 1.77 7.35 49.63
N ILE B 577 1.84 6.70 48.47
CA ILE B 577 0.78 6.77 47.46
C ILE B 577 0.33 5.35 47.14
N THR B 578 -0.98 5.12 47.20
CA THR B 578 -1.55 3.82 46.91
C THR B 578 -2.86 4.01 46.15
N PRO B 579 -3.02 3.36 44.99
CA PRO B 579 -4.26 3.49 44.24
C PRO B 579 -5.44 2.87 44.98
N CYS B 580 -6.63 3.38 44.69
CA CYS B 580 -7.86 2.99 45.38
C CYS B 580 -8.63 1.90 44.64
N SER B 581 -8.81 2.04 43.33
CA SER B 581 -9.60 1.11 42.54
C SER B 581 -8.81 -0.17 42.33
N PHE B 582 -9.29 -1.26 42.93
CA PHE B 582 -8.60 -2.56 42.85
C PHE B 582 -9.60 -3.60 42.35
N GLY B 583 -9.27 -4.24 41.23
CA GLY B 583 -10.08 -5.34 40.73
C GLY B 583 -11.43 -4.89 40.19
N GLY B 584 -12.28 -5.89 39.96
CA GLY B 584 -13.62 -5.67 39.46
C GLY B 584 -14.69 -6.20 40.39
N VAL B 585 -15.87 -6.48 39.86
CA VAL B 585 -16.97 -7.01 40.64
C VAL B 585 -17.36 -8.37 40.07
N SER B 586 -17.98 -9.20 40.91
CA SER B 586 -18.45 -10.51 40.51
C SER B 586 -19.83 -10.74 41.12
N VAL B 587 -20.62 -11.57 40.45
CA VAL B 587 -22.00 -11.84 40.85
C VAL B 587 -22.14 -13.34 41.10
N ILE B 588 -22.71 -13.69 42.25
CA ILE B 588 -23.00 -15.08 42.59
C ILE B 588 -24.46 -15.35 42.26
N THR B 589 -24.70 -16.29 41.36
CA THR B 589 -26.04 -16.65 40.93
C THR B 589 -26.32 -18.09 41.31
N PRO B 590 -27.37 -18.36 42.11
CA PRO B 590 -27.72 -19.76 42.40
C PRO B 590 -28.11 -20.56 41.16
N GLY B 591 -28.74 -19.92 40.17
CA GLY B 591 -29.07 -20.58 38.93
C GLY B 591 -30.51 -20.34 38.53
N THR B 592 -30.82 -20.77 37.30
CA THR B 592 -32.16 -20.67 36.76
C THR B 592 -33.05 -21.74 37.38
N ASN B 593 -34.29 -21.35 37.71
CA ASN B 593 -35.32 -22.21 38.32
C ASN B 593 -34.92 -22.69 39.71
N THR B 594 -34.01 -22.01 40.37
CA THR B 594 -33.65 -22.30 41.75
C THR B 594 -33.88 -21.11 42.67
N SER B 595 -33.42 -19.92 42.29
CA SER B 595 -33.58 -18.72 43.10
C SER B 595 -33.65 -17.52 42.16
N ASN B 596 -33.74 -16.33 42.76
CA ASN B 596 -33.79 -15.09 41.99
C ASN B 596 -32.80 -14.07 42.53
N GLN B 597 -32.52 -14.13 43.82
CA GLN B 597 -31.58 -13.18 44.43
C GLN B 597 -30.15 -13.57 44.10
N VAL B 598 -29.28 -12.57 44.10
CA VAL B 598 -27.87 -12.74 43.77
C VAL B 598 -27.00 -12.09 44.84
N ALA B 599 -25.73 -12.48 44.86
CA ALA B 599 -24.74 -11.92 45.77
C ALA B 599 -23.62 -11.29 44.96
N VAL B 600 -23.18 -10.11 45.39
CA VAL B 600 -22.17 -9.33 44.67
C VAL B 600 -20.85 -9.44 45.44
N LEU B 601 -19.79 -9.81 44.75
CA LEU B 601 -18.48 -9.97 45.34
C LEU B 601 -17.51 -8.95 44.74
N TYR B 602 -16.84 -8.21 45.61
CA TYR B 602 -15.76 -7.31 45.19
C TYR B 602 -14.44 -8.04 45.26
N GLN B 603 -13.56 -7.77 44.28
CA GLN B 603 -12.37 -8.59 44.11
C GLN B 603 -11.30 -8.26 45.15
N ASP B 604 -10.80 -7.03 45.14
CA ASP B 604 -9.72 -6.62 46.03
C ASP B 604 -10.06 -5.30 46.71
N VAL B 605 -11.32 -5.14 47.10
CA VAL B 605 -11.80 -3.92 47.73
C VAL B 605 -12.13 -4.22 49.19
N ASN B 606 -11.62 -3.40 50.10
CA ASN B 606 -11.90 -3.53 51.52
C ASN B 606 -13.14 -2.73 51.87
N CYS B 607 -14.05 -3.35 52.63
CA CYS B 607 -15.30 -2.70 52.99
C CYS B 607 -15.08 -1.58 54.00
N ASN B 631 -25.34 -10.46 55.75
CA ASN B 631 -25.43 -9.21 55.01
C ASN B 631 -24.11 -8.88 54.34
N VAL B 632 -23.17 -8.35 55.11
CA VAL B 632 -21.85 -7.97 54.61
C VAL B 632 -20.83 -8.82 55.35
N PHE B 633 -20.00 -9.55 54.59
CA PHE B 633 -18.96 -10.40 55.15
C PHE B 633 -17.63 -10.04 54.49
N GLN B 634 -16.63 -9.73 55.31
CA GLN B 634 -15.29 -9.41 54.82
C GLN B 634 -14.52 -10.71 54.68
N THR B 635 -14.53 -11.28 53.48
CA THR B 635 -13.79 -12.51 53.21
C THR B 635 -12.34 -12.19 52.85
N ARG B 636 -11.52 -13.25 52.78
CA ARG B 636 -10.13 -13.09 52.41
C ARG B 636 -9.94 -12.80 50.92
N ALA B 637 -11.00 -12.95 50.12
CA ALA B 637 -10.94 -12.69 48.68
C ALA B 637 -11.69 -11.42 48.30
N GLY B 638 -11.75 -10.44 49.19
CA GLY B 638 -12.39 -9.17 48.91
C GLY B 638 -13.59 -8.93 49.82
N CYS B 639 -14.60 -8.29 49.26
CA CYS B 639 -15.84 -7.98 49.97
C CYS B 639 -16.99 -8.75 49.35
N LEU B 640 -17.76 -9.44 50.19
CA LEU B 640 -18.92 -10.21 49.75
C LEU B 640 -20.15 -9.65 50.43
N ILE B 641 -21.10 -9.14 49.64
CA ILE B 641 -22.33 -8.56 50.15
C ILE B 641 -23.50 -9.31 49.55
N GLY B 642 -24.54 -9.52 50.36
CA GLY B 642 -25.72 -10.26 49.93
C GLY B 642 -25.72 -11.72 50.31
N ALA B 643 -24.73 -12.19 51.05
CA ALA B 643 -24.65 -13.59 51.47
C ALA B 643 -24.16 -13.64 52.90
N GLU B 644 -24.96 -14.23 53.79
CA GLU B 644 -24.59 -14.35 55.19
C GLU B 644 -23.52 -15.43 55.37
N HIS B 645 -22.73 -15.28 56.43
CA HIS B 645 -21.66 -16.21 56.74
C HIS B 645 -22.11 -17.16 57.83
N VAL B 646 -21.85 -18.45 57.64
CA VAL B 646 -22.19 -19.48 58.62
C VAL B 646 -20.93 -20.28 58.93
N ASN B 647 -20.75 -20.62 60.21
CA ASN B 647 -19.50 -21.21 60.67
C ASN B 647 -19.35 -22.67 60.29
N ASN B 648 -20.43 -23.38 59.99
CA ASN B 648 -20.32 -24.78 59.61
C ASN B 648 -19.80 -24.90 58.17
N SER B 649 -19.43 -26.12 57.80
CA SER B 649 -18.80 -26.38 56.52
C SER B 649 -19.51 -27.54 55.83
N TYR B 650 -19.88 -27.33 54.56
CA TYR B 650 -20.37 -28.38 53.68
C TYR B 650 -19.50 -28.42 52.42
N GLU B 651 -19.87 -29.32 51.51
CA GLU B 651 -19.22 -29.35 50.20
C GLU B 651 -19.70 -28.16 49.37
N CYS B 652 -18.76 -27.44 48.77
CA CYS B 652 -19.08 -26.21 48.07
C CYS B 652 -19.17 -26.46 46.56
N ASP B 653 -20.03 -25.69 45.91
CA ASP B 653 -20.28 -25.82 44.47
C ASP B 653 -19.84 -24.61 43.67
N ILE B 654 -20.12 -23.39 44.15
CA ILE B 654 -19.74 -22.17 43.45
C ILE B 654 -18.45 -21.65 44.08
N PRO B 655 -17.32 -21.74 43.40
CA PRO B 655 -16.06 -21.29 43.99
C PRO B 655 -15.94 -19.78 43.97
N ILE B 656 -15.25 -19.25 44.99
CA ILE B 656 -14.98 -17.82 45.11
C ILE B 656 -13.48 -17.54 45.17
N GLY B 657 -12.77 -18.24 46.04
CA GLY B 657 -11.34 -18.07 46.22
C GLY B 657 -10.99 -18.04 47.69
N ALA B 658 -9.70 -18.28 47.96
CA ALA B 658 -9.13 -18.30 49.32
C ALA B 658 -9.84 -19.31 50.22
N GLY B 659 -10.28 -20.42 49.66
CA GLY B 659 -10.79 -21.52 50.45
C GLY B 659 -12.22 -21.39 50.93
N ILE B 660 -12.94 -20.35 50.51
CA ILE B 660 -14.33 -20.15 50.92
C ILE B 660 -15.19 -20.06 49.66
N CYS B 661 -16.28 -20.84 49.65
CA CYS B 661 -17.23 -20.86 48.55
C CYS B 661 -18.56 -20.26 48.99
N ALA B 662 -19.53 -20.30 48.08
CA ALA B 662 -20.88 -19.84 48.35
C ALA B 662 -21.87 -20.84 47.77
N SER B 663 -23.05 -20.91 48.37
CA SER B 663 -24.08 -21.83 47.92
C SER B 663 -25.44 -21.28 48.37
N TYR B 664 -26.51 -21.96 47.94
CA TYR B 664 -27.88 -21.60 48.28
C TYR B 664 -28.47 -22.74 49.10
N GLN B 665 -28.59 -22.54 50.41
CA GLN B 665 -29.18 -23.54 51.29
C GLN B 665 -30.16 -22.89 52.25
N THR B 666 -30.66 -23.66 53.21
CA THR B 666 -31.61 -23.15 54.19
C THR B 666 -30.87 -22.43 55.33
N SER B 679 -36.62 -18.77 55.34
CA SER B 679 -36.60 -19.70 54.21
C SER B 679 -35.18 -20.09 53.84
N GLN B 680 -34.85 -19.98 52.55
CA GLN B 680 -33.54 -20.33 52.04
C GLN B 680 -32.89 -19.09 51.42
N SER B 681 -31.60 -18.91 51.67
CA SER B 681 -30.87 -17.75 51.19
C SER B 681 -29.45 -18.17 50.83
N ILE B 682 -28.74 -17.28 50.16
CA ILE B 682 -27.37 -17.55 49.77
C ILE B 682 -26.46 -17.44 51.00
N ILE B 683 -25.64 -18.46 51.22
CA ILE B 683 -24.72 -18.49 52.34
C ILE B 683 -23.31 -18.73 51.82
N ALA B 684 -22.32 -18.32 52.63
CA ALA B 684 -20.92 -18.51 52.32
C ALA B 684 -20.24 -19.24 53.46
N TYR B 685 -19.39 -20.20 53.12
CA TYR B 685 -18.73 -21.01 54.13
C TYR B 685 -17.39 -21.51 53.60
N THR B 686 -16.52 -21.89 54.54
CA THR B 686 -15.28 -22.57 54.17
C THR B 686 -15.61 -23.96 53.66
N MET B 687 -15.02 -24.33 52.52
CA MET B 687 -15.36 -25.61 51.90
C MET B 687 -14.77 -26.77 52.70
N SER B 688 -15.45 -27.91 52.60
CA SER B 688 -15.00 -29.14 53.24
C SER B 688 -14.24 -29.98 52.22
N LEU B 689 -13.06 -30.43 52.58
CA LEU B 689 -12.24 -31.25 51.68
C LEU B 689 -12.71 -32.69 51.61
N GLY B 690 -13.63 -33.10 52.46
CA GLY B 690 -14.14 -34.45 52.44
C GLY B 690 -14.68 -34.84 53.79
N ALA B 691 -15.06 -36.11 53.90
CA ALA B 691 -15.58 -36.66 55.15
C ALA B 691 -14.42 -36.97 56.09
N GLU B 692 -14.40 -36.31 57.25
CA GLU B 692 -13.34 -36.51 58.23
C GLU B 692 -13.56 -37.87 58.89
N ASN B 693 -12.79 -38.87 58.46
CA ASN B 693 -12.88 -40.21 59.00
C ASN B 693 -11.48 -40.72 59.31
N SER B 694 -11.40 -41.61 60.31
CA SER B 694 -10.14 -42.18 60.74
C SER B 694 -10.12 -43.67 60.42
N VAL B 695 -8.96 -44.17 60.01
CA VAL B 695 -8.77 -45.57 59.69
C VAL B 695 -8.08 -46.25 60.87
N ALA B 696 -8.71 -47.29 61.40
CA ALA B 696 -8.13 -48.03 62.52
C ALA B 696 -6.91 -48.79 62.03
N TYR B 697 -5.75 -48.49 62.61
CA TYR B 697 -4.48 -49.07 62.21
C TYR B 697 -3.88 -49.85 63.37
N SER B 698 -3.41 -51.06 63.07
CA SER B 698 -2.74 -51.89 64.06
C SER B 698 -1.73 -52.77 63.34
N ASN B 699 -0.74 -53.23 64.10
CA ASN B 699 0.32 -54.07 63.53
C ASN B 699 -0.14 -55.49 63.23
N ASN B 700 -1.32 -55.89 63.68
CA ASN B 700 -1.83 -57.24 63.43
C ASN B 700 -3.31 -57.19 63.07
N SER B 701 -3.71 -56.17 62.32
CA SER B 701 -5.10 -56.03 61.88
C SER B 701 -5.14 -55.84 60.37
N ILE B 702 -5.97 -56.61 59.70
CA ILE B 702 -6.12 -56.53 58.25
C ILE B 702 -7.61 -56.54 57.91
N ALA B 703 -7.92 -56.01 56.73
CA ALA B 703 -9.30 -55.95 56.22
C ALA B 703 -9.33 -56.64 54.85
N ILE B 704 -10.00 -57.77 54.77
CA ILE B 704 -10.14 -58.54 53.55
C ILE B 704 -11.56 -58.36 53.03
N PRO B 705 -11.77 -57.82 51.84
CA PRO B 705 -13.13 -57.69 51.31
C PRO B 705 -13.75 -59.04 51.04
N THR B 706 -15.08 -59.11 51.25
CA THR B 706 -15.84 -60.32 51.04
C THR B 706 -16.88 -60.19 49.94
N ASN B 707 -17.03 -59.01 49.34
CA ASN B 707 -17.99 -58.79 48.27
C ASN B 707 -17.49 -57.67 47.38
N PHE B 708 -18.05 -57.60 46.18
CA PHE B 708 -17.62 -56.61 45.19
C PHE B 708 -18.83 -56.10 44.43
N THR B 709 -18.67 -54.91 43.86
CA THR B 709 -19.68 -54.31 43.00
C THR B 709 -19.02 -53.87 41.70
N ILE B 710 -19.59 -54.28 40.58
CA ILE B 710 -19.06 -53.93 39.26
C ILE B 710 -19.62 -52.56 38.89
N SER B 711 -18.75 -51.56 38.84
CA SER B 711 -19.15 -50.19 38.56
C SER B 711 -18.65 -49.76 37.19
N VAL B 712 -19.36 -48.80 36.60
CA VAL B 712 -19.03 -48.24 35.29
C VAL B 712 -18.79 -46.75 35.45
N THR B 713 -17.62 -46.28 35.01
CA THR B 713 -17.22 -44.89 35.12
C THR B 713 -17.16 -44.28 33.73
N THR B 714 -17.74 -43.09 33.59
CA THR B 714 -17.81 -42.39 32.31
C THR B 714 -16.69 -41.37 32.22
N GLU B 715 -15.96 -41.39 31.11
CA GLU B 715 -14.92 -40.41 30.85
C GLU B 715 -15.17 -39.79 29.48
N ILE B 716 -15.14 -38.46 29.42
CA ILE B 716 -15.42 -37.71 28.19
C ILE B 716 -14.12 -37.09 27.70
N LEU B 717 -13.77 -37.36 26.45
CA LEU B 717 -12.53 -36.85 25.87
C LEU B 717 -12.77 -36.34 24.45
N PRO B 718 -12.56 -35.05 24.20
CA PRO B 718 -12.69 -34.56 22.83
C PRO B 718 -11.46 -34.89 22.01
N VAL B 719 -11.69 -35.30 20.76
CA VAL B 719 -10.59 -35.65 19.86
C VAL B 719 -10.50 -34.74 18.65
N SER B 720 -11.54 -33.98 18.33
CA SER B 720 -11.51 -33.16 17.13
C SER B 720 -12.43 -31.96 17.31
N MET B 721 -12.24 -30.96 16.45
CA MET B 721 -13.10 -29.78 16.40
C MET B 721 -13.43 -29.48 14.96
N THR B 722 -14.23 -28.44 14.75
CA THR B 722 -14.62 -28.05 13.40
C THR B 722 -13.45 -27.50 12.62
N LYS B 723 -13.33 -27.91 11.36
CA LYS B 723 -12.27 -27.46 10.47
C LYS B 723 -12.78 -26.28 9.66
N THR B 724 -12.21 -25.11 9.90
CA THR B 724 -12.58 -23.89 9.19
C THR B 724 -11.41 -23.40 8.36
N SER B 725 -11.72 -22.81 7.20
CA SER B 725 -10.72 -22.23 6.32
C SER B 725 -11.01 -20.75 6.15
N VAL B 726 -9.99 -19.92 6.29
CA VAL B 726 -10.14 -18.46 6.24
C VAL B 726 -9.19 -17.93 5.18
N ASP B 727 -9.72 -17.10 4.28
CA ASP B 727 -8.94 -16.44 3.24
C ASP B 727 -9.05 -14.93 3.41
N CYS B 728 -7.92 -14.23 3.23
CA CYS B 728 -7.89 -12.79 3.43
C CYS B 728 -8.72 -12.07 2.37
N THR B 729 -8.65 -12.52 1.11
CA THR B 729 -9.22 -11.75 0.00
C THR B 729 -10.74 -11.63 0.12
N MET B 730 -11.39 -12.61 0.73
CA MET B 730 -12.83 -12.51 0.97
C MET B 730 -13.16 -11.88 2.32
N TYR B 731 -12.27 -12.01 3.31
CA TYR B 731 -12.50 -11.45 4.63
C TYR B 731 -12.02 -10.01 4.72
N ILE B 732 -10.74 -9.77 4.43
CA ILE B 732 -10.17 -8.43 4.57
C ILE B 732 -10.75 -7.50 3.51
N CYS B 733 -10.79 -7.95 2.26
CA CYS B 733 -11.34 -7.17 1.17
C CYS B 733 -12.75 -7.65 0.82
N GLY B 734 -13.53 -6.74 0.24
CA GLY B 734 -14.84 -7.08 -0.23
C GLY B 734 -14.86 -7.33 -1.73
N ASP B 735 -15.52 -6.44 -2.47
CA ASP B 735 -15.58 -6.51 -3.92
C ASP B 735 -14.82 -5.34 -4.56
N SER B 736 -13.75 -4.89 -3.92
CA SER B 736 -12.98 -3.74 -4.39
C SER B 736 -11.58 -4.18 -4.75
N THR B 737 -11.11 -3.75 -5.92
CA THR B 737 -9.75 -4.08 -6.36
C THR B 737 -8.71 -3.27 -5.61
N GLU B 738 -9.06 -2.09 -5.12
CA GLU B 738 -8.09 -1.22 -4.45
C GLU B 738 -7.59 -1.84 -3.15
N CYS B 739 -8.42 -2.63 -2.47
CA CYS B 739 -7.98 -3.31 -1.26
C CYS B 739 -6.96 -4.40 -1.58
N SER B 740 -7.11 -5.06 -2.73
CA SER B 740 -6.19 -6.13 -3.09
C SER B 740 -4.81 -5.60 -3.44
N ASN B 741 -4.72 -4.40 -4.01
CA ASN B 741 -3.43 -3.83 -4.39
C ASN B 741 -2.54 -3.59 -3.18
N LEU B 742 -3.12 -3.12 -2.08
CA LEU B 742 -2.36 -2.93 -0.85
C LEU B 742 -2.08 -4.23 -0.12
N LEU B 743 -2.72 -5.34 -0.51
CA LEU B 743 -2.50 -6.63 0.13
C LEU B 743 -1.25 -7.34 -0.35
N LEU B 744 -0.66 -6.90 -1.47
CA LEU B 744 0.62 -7.47 -1.89
C LEU B 744 1.75 -7.11 -0.93
N GLN B 745 1.60 -6.04 -0.16
CA GLN B 745 2.56 -5.70 0.87
C GLN B 745 2.48 -6.63 2.08
N TYR B 746 1.39 -7.40 2.21
CA TYR B 746 1.20 -8.32 3.31
C TYR B 746 0.80 -9.71 2.82
N GLY B 747 1.20 -10.05 1.59
CA GLY B 747 0.88 -11.36 1.05
C GLY B 747 1.55 -12.50 1.80
N SER B 748 2.76 -12.26 2.30
CA SER B 748 3.45 -13.29 3.08
C SER B 748 2.70 -13.61 4.36
N PHE B 749 2.12 -12.59 5.01
CA PHE B 749 1.32 -12.84 6.21
C PHE B 749 0.13 -13.74 5.91
N CYS B 750 -0.56 -13.48 4.80
CA CYS B 750 -1.68 -14.32 4.41
C CYS B 750 -1.22 -15.72 4.04
N THR B 751 -0.02 -15.85 3.47
CA THR B 751 0.53 -17.18 3.20
C THR B 751 0.72 -17.96 4.49
N GLN B 752 1.31 -17.32 5.52
CA GLN B 752 1.48 -18.00 6.80
C GLN B 752 0.14 -18.35 7.43
N LEU B 753 -0.83 -17.42 7.36
CA LEU B 753 -2.13 -17.71 7.98
C LEU B 753 -2.86 -18.86 7.28
N ASN B 754 -2.84 -18.87 5.94
CA ASN B 754 -3.48 -19.95 5.20
C ASN B 754 -2.77 -21.28 5.46
N ARG B 755 -1.44 -21.28 5.52
CA ARG B 755 -0.72 -22.52 5.80
C ARG B 755 -0.99 -23.00 7.22
N ALA B 756 -1.12 -22.08 8.18
CA ALA B 756 -1.44 -22.47 9.54
C ALA B 756 -2.84 -23.08 9.64
N LEU B 757 -3.80 -22.50 8.92
CA LEU B 757 -5.15 -23.05 8.92
C LEU B 757 -5.19 -24.42 8.24
N THR B 758 -4.44 -24.59 7.15
CA THR B 758 -4.36 -25.89 6.48
C THR B 758 -3.71 -26.93 7.39
N GLY B 759 -2.65 -26.54 8.10
CA GLY B 759 -2.03 -27.46 9.04
C GLY B 759 -2.94 -27.83 10.19
N ILE B 760 -3.72 -26.86 10.69
CA ILE B 760 -4.69 -27.15 11.74
C ILE B 760 -5.75 -28.12 11.24
N ALA B 761 -6.24 -27.91 10.01
CA ALA B 761 -7.25 -28.80 9.45
C ALA B 761 -6.71 -30.21 9.26
N VAL B 762 -5.48 -30.35 8.75
CA VAL B 762 -4.94 -31.69 8.53
C VAL B 762 -4.57 -32.34 9.85
N GLU B 763 -4.24 -31.56 10.88
CA GLU B 763 -3.99 -32.13 12.20
C GLU B 763 -5.28 -32.63 12.83
N GLN B 764 -6.38 -31.88 12.64
CA GLN B 764 -7.68 -32.35 13.10
C GLN B 764 -8.11 -33.60 12.35
N ASP B 765 -7.79 -33.67 11.06
CA ASP B 765 -8.08 -34.86 10.28
C ASP B 765 -7.29 -36.06 10.78
N LYS B 766 -6.01 -35.85 11.13
CA LYS B 766 -5.17 -36.94 11.60
C LYS B 766 -5.53 -37.41 12.99
N ASN B 767 -6.26 -36.61 13.77
CA ASN B 767 -6.62 -37.00 15.13
C ASN B 767 -7.59 -38.17 15.13
N THR B 768 -8.55 -38.18 14.20
CA THR B 768 -9.51 -39.27 14.13
C THR B 768 -8.86 -40.57 13.70
N GLN B 769 -7.83 -40.50 12.86
CA GLN B 769 -7.15 -41.71 12.40
C GLN B 769 -6.32 -42.35 13.51
N GLU B 770 -5.88 -41.57 14.49
CA GLU B 770 -5.07 -42.09 15.57
C GLU B 770 -5.88 -42.65 16.73
N VAL B 771 -7.18 -42.39 16.77
CA VAL B 771 -8.04 -42.77 17.89
C VAL B 771 -8.95 -43.93 17.51
N PHE B 772 -9.70 -43.79 16.43
CA PHE B 772 -10.69 -44.79 16.07
C PHE B 772 -10.16 -45.85 15.12
N ALA B 773 -9.16 -45.52 14.31
CA ALA B 773 -8.59 -46.46 13.35
C ALA B 773 -7.44 -47.26 13.96
N GLN B 774 -7.71 -47.89 15.12
CA GLN B 774 -6.71 -48.72 15.76
C GLN B 774 -6.56 -50.06 15.08
N VAL B 775 -7.64 -50.63 14.55
CA VAL B 775 -7.62 -51.90 13.86
C VAL B 775 -7.95 -51.68 12.40
N LYS B 776 -7.38 -52.53 11.54
CA LYS B 776 -7.59 -52.45 10.10
C LYS B 776 -8.53 -53.52 9.58
N GLN B 777 -9.18 -54.26 10.48
CA GLN B 777 -10.15 -55.28 10.09
C GLN B 777 -11.46 -55.00 10.81
N ILE B 778 -12.54 -54.85 10.05
CA ILE B 778 -13.85 -54.57 10.62
C ILE B 778 -14.44 -55.88 11.11
N TYR B 779 -14.64 -56.00 12.42
CA TYR B 779 -15.17 -57.21 13.02
C TYR B 779 -16.68 -57.09 13.16
N LYS B 780 -17.40 -58.09 12.66
CA LYS B 780 -18.85 -58.11 12.71
C LYS B 780 -19.34 -58.67 14.04
N THR B 781 -20.38 -58.06 14.59
CA THR B 781 -20.99 -58.57 15.80
C THR B 781 -21.67 -59.90 15.51
N PRO B 782 -21.45 -60.93 16.35
CA PRO B 782 -22.05 -62.22 16.08
C PRO B 782 -23.56 -62.17 16.24
N PRO B 783 -24.31 -62.96 15.46
CA PRO B 783 -25.77 -62.99 15.63
C PRO B 783 -26.23 -63.58 16.95
N ILE B 784 -25.39 -64.38 17.60
CA ILE B 784 -25.74 -64.96 18.89
C ILE B 784 -25.47 -63.92 19.98
N LYS B 785 -26.51 -63.58 20.74
CA LYS B 785 -26.41 -62.58 21.79
C LYS B 785 -26.33 -63.19 23.18
N ASP B 786 -26.07 -64.50 23.27
CA ASP B 786 -25.95 -65.18 24.56
C ASP B 786 -24.49 -65.18 24.97
N PHE B 787 -24.10 -64.18 25.75
CA PHE B 787 -22.74 -64.02 26.24
C PHE B 787 -22.64 -64.40 27.72
N GLY B 788 -23.39 -65.41 28.13
CA GLY B 788 -23.39 -65.83 29.52
C GLY B 788 -24.24 -65.00 30.45
N GLY B 789 -25.12 -64.15 29.91
CA GLY B 789 -25.97 -63.30 30.72
C GLY B 789 -25.67 -61.83 30.62
N PHE B 790 -24.59 -61.45 29.93
CA PHE B 790 -24.24 -60.05 29.77
C PHE B 790 -25.08 -59.44 28.65
N ASN B 791 -25.83 -58.39 28.98
CA ASN B 791 -26.69 -57.71 28.02
C ASN B 791 -25.90 -56.58 27.37
N PHE B 792 -25.67 -56.70 26.06
CA PHE B 792 -24.84 -55.75 25.31
C PHE B 792 -25.63 -54.94 24.30
N SER B 793 -26.96 -54.95 24.38
CA SER B 793 -27.77 -54.24 23.39
C SER B 793 -27.65 -52.74 23.51
N GLN B 794 -27.25 -52.22 24.68
CA GLN B 794 -27.16 -50.78 24.87
C GLN B 794 -25.90 -50.17 24.28
N ILE B 795 -24.91 -50.99 23.94
CA ILE B 795 -23.69 -50.50 23.32
C ILE B 795 -23.50 -51.03 21.91
N LEU B 796 -24.07 -52.18 21.57
CA LEU B 796 -23.99 -52.68 20.21
C LEU B 796 -25.03 -51.98 19.33
N PRO B 797 -24.74 -51.85 18.03
CA PRO B 797 -25.73 -51.25 17.12
C PRO B 797 -26.97 -52.11 16.98
N ASP B 798 -28.10 -51.45 16.75
CA ASP B 798 -29.37 -52.12 16.60
C ASP B 798 -29.88 -52.00 15.17
N PRO B 799 -30.43 -53.08 14.60
CA PRO B 799 -30.94 -53.02 13.23
C PRO B 799 -32.32 -52.41 13.09
N SER B 800 -32.95 -52.00 14.19
CA SER B 800 -34.28 -51.41 14.11
C SER B 800 -34.26 -50.04 13.45
N LYS B 801 -33.15 -49.31 13.57
CA LYS B 801 -33.01 -47.98 13.01
C LYS B 801 -32.04 -48.00 11.83
N PRO B 802 -32.26 -47.15 10.82
CA PRO B 802 -31.31 -47.08 9.71
C PRO B 802 -29.92 -46.63 10.13
N SER B 803 -29.82 -45.78 11.15
CA SER B 803 -28.52 -45.33 11.64
C SER B 803 -27.81 -46.48 12.35
N LYS B 804 -26.48 -46.48 12.24
CA LYS B 804 -25.64 -47.50 12.86
C LYS B 804 -25.28 -47.20 14.30
N ARG B 805 -25.76 -46.08 14.84
CA ARG B 805 -25.40 -45.68 16.19
C ARG B 805 -26.10 -46.55 17.23
N SER B 806 -25.41 -46.78 18.34
CA SER B 806 -25.98 -47.47 19.47
C SER B 806 -27.02 -46.59 20.17
N PRO B 807 -27.91 -47.18 20.97
CA PRO B 807 -28.84 -46.36 21.76
C PRO B 807 -28.15 -45.41 22.71
N ILE B 808 -26.97 -45.78 23.23
CA ILE B 808 -26.19 -44.84 24.03
C ILE B 808 -25.65 -43.72 23.16
N GLU B 809 -25.14 -44.06 21.96
CA GLU B 809 -24.60 -43.04 21.07
C GLU B 809 -25.70 -42.12 20.54
N ASP B 810 -26.87 -42.67 20.25
CA ASP B 810 -28.00 -41.85 19.81
C ASP B 810 -28.44 -40.90 20.93
N LEU B 811 -28.45 -41.38 22.17
CA LEU B 811 -28.69 -40.51 23.30
C LEU B 811 -27.57 -39.49 23.47
N LEU B 812 -26.35 -39.86 23.08
CA LEU B 812 -25.22 -38.94 23.20
C LEU B 812 -25.24 -37.88 22.10
N PHE B 813 -25.69 -38.24 20.90
CA PHE B 813 -25.71 -37.28 19.79
C PHE B 813 -26.72 -36.17 20.04
N ASN B 814 -27.92 -36.53 20.52
CA ASN B 814 -28.95 -35.52 20.76
C ASN B 814 -28.68 -34.68 22.01
N LYS B 815 -27.84 -35.16 22.92
CA LYS B 815 -27.57 -34.40 24.14
C LYS B 815 -26.72 -33.16 23.83
N VAL B 816 -25.76 -33.28 22.93
CA VAL B 816 -24.90 -32.16 22.58
C VAL B 816 -25.47 -31.46 21.36
N THR B 817 -25.08 -30.20 21.18
CA THR B 817 -25.55 -29.40 20.05
C THR B 817 -24.41 -29.10 19.09
N ALA B 842 -26.15 -18.78 10.09
CA ALA B 842 -24.92 -19.57 10.12
C ALA B 842 -23.69 -18.67 10.25
N GLN B 843 -22.53 -19.20 9.88
CA GLN B 843 -21.27 -18.47 9.99
C GLN B 843 -20.47 -18.50 8.70
N LYS B 844 -21.07 -18.89 7.58
CA LYS B 844 -20.33 -19.11 6.34
C LYS B 844 -20.53 -18.01 5.30
N PHE B 845 -21.32 -16.99 5.59
CA PHE B 845 -21.65 -15.99 4.58
C PHE B 845 -20.53 -15.00 4.32
N ASN B 846 -19.49 -14.94 5.16
CA ASN B 846 -18.45 -13.93 5.06
C ASN B 846 -17.09 -14.56 4.76
N GLY B 847 -17.08 -15.59 3.92
CA GLY B 847 -15.84 -16.23 3.54
C GLY B 847 -15.25 -17.16 4.58
N LEU B 848 -15.95 -17.41 5.68
CA LEU B 848 -15.46 -18.28 6.74
C LEU B 848 -16.03 -19.69 6.52
N THR B 849 -15.48 -20.35 5.51
CA THR B 849 -15.97 -21.67 5.12
C THR B 849 -15.59 -22.72 6.16
N VAL B 850 -16.45 -23.72 6.32
CA VAL B 850 -16.23 -24.82 7.25
C VAL B 850 -15.96 -26.07 6.41
N LEU B 851 -14.81 -26.70 6.63
CA LEU B 851 -14.40 -27.86 5.87
C LEU B 851 -14.95 -29.13 6.52
N PRO B 852 -15.64 -29.99 5.76
CA PRO B 852 -16.15 -31.22 6.35
C PRO B 852 -15.02 -32.18 6.68
N PRO B 853 -15.18 -33.02 7.69
CA PRO B 853 -14.13 -33.98 8.04
C PRO B 853 -14.04 -35.10 7.01
N LEU B 854 -12.87 -35.74 6.97
CA LEU B 854 -12.66 -36.86 6.07
C LEU B 854 -13.55 -38.04 6.44
N LEU B 855 -13.65 -38.33 7.73
CA LEU B 855 -14.49 -39.43 8.22
C LEU B 855 -15.78 -38.85 8.80
N THR B 856 -16.90 -39.29 8.25
CA THR B 856 -18.20 -38.87 8.76
C THR B 856 -18.54 -39.62 10.04
N ASP B 857 -19.69 -39.31 10.63
CA ASP B 857 -20.08 -39.95 11.88
C ASP B 857 -20.41 -41.42 11.68
N GLU B 858 -20.85 -41.80 10.48
CA GLU B 858 -21.19 -43.19 10.21
C GLU B 858 -19.93 -44.06 10.24
N MET B 859 -18.83 -43.57 9.66
CA MET B 859 -17.60 -44.35 9.69
C MET B 859 -17.01 -44.43 11.10
N ILE B 860 -17.16 -43.38 11.90
CA ILE B 860 -16.72 -43.43 13.29
C ILE B 860 -17.55 -44.44 14.06
N ALA B 861 -18.87 -44.46 13.83
CA ALA B 861 -19.73 -45.46 14.46
C ALA B 861 -19.35 -46.87 14.03
N GLN B 862 -19.00 -47.04 12.75
CA GLN B 862 -18.57 -48.35 12.27
C GLN B 862 -17.27 -48.79 12.94
N TYR B 863 -16.33 -47.86 13.10
CA TYR B 863 -15.07 -48.16 13.78
C TYR B 863 -15.33 -48.55 15.24
N THR B 864 -16.20 -47.82 15.92
CA THR B 864 -16.51 -48.16 17.31
C THR B 864 -17.20 -49.51 17.42
N SER B 865 -18.10 -49.81 16.49
CA SER B 865 -18.77 -51.11 16.52
C SER B 865 -17.80 -52.25 16.23
N ALA B 866 -16.86 -52.04 15.32
CA ALA B 866 -15.83 -53.04 15.05
C ALA B 866 -14.96 -53.27 16.27
N LEU B 867 -14.57 -52.19 16.96
CA LEU B 867 -13.78 -52.31 18.17
C LEU B 867 -14.56 -53.04 19.26
N LEU B 868 -15.85 -52.75 19.39
CA LEU B 868 -16.67 -53.42 20.39
C LEU B 868 -16.80 -54.91 20.09
N ALA B 869 -17.00 -55.26 18.81
CA ALA B 869 -17.10 -56.66 18.43
C ALA B 869 -15.79 -57.39 18.70
N GLY B 870 -14.66 -56.73 18.42
CA GLY B 870 -13.38 -57.34 18.73
C GLY B 870 -13.16 -57.52 20.22
N THR B 871 -13.57 -56.53 21.02
CA THR B 871 -13.31 -56.63 22.46
C THR B 871 -14.24 -57.63 23.13
N ILE B 872 -15.44 -57.85 22.59
CA ILE B 872 -16.31 -58.87 23.16
C ILE B 872 -15.90 -60.26 22.68
N THR B 873 -15.68 -60.42 21.37
CA THR B 873 -15.46 -61.74 20.81
C THR B 873 -14.02 -62.22 20.90
N SER B 874 -13.06 -61.34 21.18
CA SER B 874 -11.66 -61.74 21.23
C SER B 874 -10.89 -61.22 22.43
N GLY B 875 -11.37 -60.21 23.14
CA GLY B 875 -10.65 -59.70 24.29
C GLY B 875 -9.55 -58.73 23.91
N TRP B 876 -8.29 -59.18 23.99
CA TRP B 876 -7.16 -58.36 23.59
C TRP B 876 -6.31 -59.01 22.51
N THR B 877 -6.71 -60.18 22.00
CA THR B 877 -5.93 -60.84 20.96
C THR B 877 -6.00 -60.08 19.64
N PHE B 878 -7.15 -59.46 19.35
CA PHE B 878 -7.29 -58.69 18.12
C PHE B 878 -6.50 -57.39 18.16
N GLY B 879 -6.20 -56.87 19.35
CA GLY B 879 -5.40 -55.69 19.49
C GLY B 879 -3.91 -55.92 19.46
N ALA B 880 -3.47 -57.18 19.39
CA ALA B 880 -2.05 -57.50 19.34
C ALA B 880 -1.74 -58.58 18.31
N GLY B 881 -2.62 -58.78 17.33
CA GLY B 881 -2.43 -59.80 16.33
C GLY B 881 -3.74 -60.25 15.74
N PRO B 882 -3.79 -61.48 15.23
CA PRO B 882 -5.05 -62.02 14.70
C PRO B 882 -6.08 -62.21 15.80
N ALA B 883 -7.35 -62.04 15.44
CA ALA B 883 -8.43 -62.20 16.39
C ALA B 883 -8.63 -63.68 16.73
N LEU B 884 -8.68 -63.99 18.02
CA LEU B 884 -8.87 -65.36 18.50
C LEU B 884 -10.20 -65.43 19.23
N GLN B 885 -11.02 -66.41 18.87
CA GLN B 885 -12.31 -66.59 19.51
C GLN B 885 -12.13 -67.05 20.95
N ILE B 886 -12.97 -66.53 21.84
CA ILE B 886 -12.93 -66.89 23.26
C ILE B 886 -14.30 -66.61 23.86
N PRO B 887 -14.80 -67.49 24.74
CA PRO B 887 -16.06 -67.18 25.44
C PRO B 887 -15.89 -65.96 26.34
N PHE B 888 -16.97 -65.18 26.43
CA PHE B 888 -16.94 -63.98 27.27
C PHE B 888 -16.72 -64.24 28.76
N PRO B 889 -17.34 -65.25 29.40
CA PRO B 889 -16.98 -65.52 30.81
C PRO B 889 -15.51 -65.84 31.01
N MET B 890 -14.88 -66.56 30.07
CA MET B 890 -13.45 -66.83 30.18
C MET B 890 -12.64 -65.54 30.06
N GLN B 891 -13.04 -64.65 29.16
CA GLN B 891 -12.35 -63.37 29.03
C GLN B 891 -12.49 -62.53 30.29
N MET B 892 -13.70 -62.53 30.89
CA MET B 892 -13.91 -61.79 32.13
C MET B 892 -13.09 -62.40 33.27
N ALA B 893 -12.98 -63.73 33.31
CA ALA B 893 -12.14 -64.37 34.32
C ALA B 893 -10.67 -64.04 34.11
N TYR B 894 -10.24 -63.89 32.86
CA TYR B 894 -8.85 -63.49 32.62
C TYR B 894 -8.62 -62.03 32.98
N ARG B 895 -9.62 -61.19 32.81
CA ARG B 895 -9.54 -59.83 33.35
C ARG B 895 -9.48 -59.85 34.88
N PHE B 896 -10.17 -60.81 35.51
CA PHE B 896 -10.10 -60.96 36.95
C PHE B 896 -8.72 -61.34 37.43
N ASN B 897 -8.02 -62.19 36.66
CA ASN B 897 -6.66 -62.57 37.02
C ASN B 897 -5.68 -61.43 36.89
N GLY B 898 -5.98 -60.42 36.06
CA GLY B 898 -5.09 -59.28 35.92
C GLY B 898 -5.08 -58.35 37.11
N ILE B 899 -6.14 -58.37 37.92
CA ILE B 899 -6.24 -57.50 39.09
C ILE B 899 -5.97 -58.28 40.38
N GLY B 900 -5.32 -59.44 40.29
CA GLY B 900 -4.95 -60.18 41.46
C GLY B 900 -6.02 -61.07 42.05
N VAL B 901 -7.17 -61.21 41.39
CA VAL B 901 -8.27 -62.03 41.87
C VAL B 901 -8.22 -63.37 41.14
N THR B 902 -8.25 -64.46 41.91
CA THR B 902 -8.31 -65.79 41.31
C THR B 902 -9.64 -65.99 40.58
N GLN B 903 -9.58 -66.74 39.48
CA GLN B 903 -10.71 -66.84 38.55
C GLN B 903 -11.82 -67.75 39.04
N ASN B 904 -11.63 -68.49 40.14
CA ASN B 904 -12.66 -69.40 40.61
C ASN B 904 -13.88 -68.68 41.18
N VAL B 905 -13.71 -67.44 41.65
CA VAL B 905 -14.84 -66.72 42.23
C VAL B 905 -15.78 -66.20 41.17
N LEU B 906 -15.34 -66.12 39.91
CA LEU B 906 -16.19 -65.56 38.86
C LEU B 906 -17.31 -66.53 38.49
N TYR B 907 -16.97 -67.79 38.27
CA TYR B 907 -17.97 -68.77 37.85
C TYR B 907 -18.90 -69.18 38.98
N GLU B 908 -18.52 -68.92 40.23
CA GLU B 908 -19.39 -69.24 41.36
C GLU B 908 -20.55 -68.26 41.47
N ASN B 909 -20.37 -67.02 41.02
CA ASN B 909 -21.40 -65.99 41.07
C ASN B 909 -21.46 -65.25 39.74
N GLN B 910 -21.52 -66.01 38.64
CA GLN B 910 -21.60 -65.42 37.32
C GLN B 910 -22.88 -64.62 37.13
N LYS B 911 -24.01 -65.14 37.65
CA LYS B 911 -25.27 -64.43 37.55
C LYS B 911 -25.22 -63.09 38.28
N LEU B 912 -24.56 -63.07 39.45
CA LEU B 912 -24.44 -61.84 40.22
C LEU B 912 -23.64 -60.78 39.44
N ILE B 913 -22.53 -61.20 38.83
CA ILE B 913 -21.70 -60.25 38.07
C ILE B 913 -22.45 -59.77 36.83
N ALA B 914 -23.17 -60.66 36.15
CA ALA B 914 -23.94 -60.26 34.98
C ALA B 914 -25.05 -59.28 35.36
N ASN B 915 -25.75 -59.54 36.46
CA ASN B 915 -26.80 -58.63 36.90
C ASN B 915 -26.23 -57.28 37.32
N GLN B 916 -25.09 -57.29 38.00
CA GLN B 916 -24.44 -56.04 38.38
C GLN B 916 -24.02 -55.24 37.16
N PHE B 917 -23.48 -55.92 36.14
CA PHE B 917 -23.09 -55.24 34.90
C PHE B 917 -24.30 -54.64 34.19
N ASN B 918 -25.41 -55.40 34.11
CA ASN B 918 -26.60 -54.88 33.46
C ASN B 918 -27.20 -53.70 34.22
N SER B 919 -27.20 -53.78 35.56
CA SER B 919 -27.70 -52.66 36.35
C SER B 919 -26.80 -51.43 36.20
N ALA B 920 -25.48 -51.63 36.11
CA ALA B 920 -24.57 -50.52 35.89
C ALA B 920 -24.79 -49.88 34.52
N ILE B 921 -25.03 -50.71 33.50
CA ILE B 921 -25.32 -50.18 32.16
C ILE B 921 -26.61 -49.38 32.16
N GLY B 922 -27.65 -49.90 32.82
CA GLY B 922 -28.88 -49.14 32.96
C GLY B 922 -28.68 -47.84 33.72
N LYS B 923 -27.85 -47.87 34.76
CA LYS B 923 -27.59 -46.67 35.55
C LYS B 923 -26.87 -45.60 34.74
N ILE B 924 -25.85 -45.99 33.97
CA ILE B 924 -25.12 -45.00 33.19
C ILE B 924 -26.00 -44.47 32.05
N GLN B 925 -26.85 -45.33 31.47
CA GLN B 925 -27.78 -44.86 30.44
C GLN B 925 -28.79 -43.87 31.02
N ASP B 926 -29.27 -44.13 32.24
CA ASP B 926 -30.20 -43.19 32.88
C ASP B 926 -29.51 -41.89 33.26
N SER B 927 -28.26 -41.97 33.73
CA SER B 927 -27.55 -40.77 34.15
C SER B 927 -27.18 -39.89 32.96
N LEU B 928 -26.84 -40.51 31.82
CA LEU B 928 -26.51 -39.73 30.63
C LEU B 928 -27.73 -39.05 30.03
N SER B 929 -28.94 -39.56 30.29
CA SER B 929 -30.15 -38.93 29.79
C SER B 929 -30.55 -37.69 30.60
N SER B 930 -29.97 -37.49 31.78
CA SER B 930 -30.29 -36.34 32.61
C SER B 930 -29.41 -35.15 32.25
N ALA B 934 -24.94 -31.52 31.83
CA ALA B 934 -24.68 -32.06 30.51
C ALA B 934 -23.20 -32.37 30.32
N LEU B 935 -22.78 -32.56 29.07
CA LEU B 935 -21.39 -32.83 28.75
C LEU B 935 -20.63 -31.52 28.70
N GLY B 936 -19.57 -31.41 29.50
CA GLY B 936 -18.82 -30.18 29.58
C GLY B 936 -17.65 -30.11 28.63
N LYS B 937 -16.90 -31.21 28.50
CA LYS B 937 -15.72 -31.22 27.64
C LYS B 937 -16.11 -31.08 26.17
N LEU B 938 -17.18 -31.76 25.75
CA LEU B 938 -17.58 -31.72 24.35
C LEU B 938 -18.29 -30.43 23.98
N GLN B 939 -18.81 -29.70 24.95
CA GLN B 939 -19.53 -28.46 24.68
C GLN B 939 -18.61 -27.26 24.59
N ASP B 940 -17.50 -27.26 25.33
CA ASP B 940 -16.60 -26.11 25.32
C ASP B 940 -15.88 -25.97 23.98
N VAL B 941 -15.48 -27.09 23.38
CA VAL B 941 -14.74 -27.04 22.12
C VAL B 941 -15.60 -26.54 20.96
N VAL B 942 -16.93 -26.63 21.09
CA VAL B 942 -17.81 -26.10 20.05
C VAL B 942 -18.19 -24.65 20.35
N ASN B 943 -18.51 -24.35 21.60
CA ASN B 943 -18.89 -22.99 21.98
C ASN B 943 -17.74 -22.00 21.79
N GLN B 944 -16.52 -22.42 22.13
CA GLN B 944 -15.37 -21.54 21.96
C GLN B 944 -15.13 -21.23 20.49
N ASN B 945 -15.21 -22.23 19.63
CA ASN B 945 -15.04 -22.00 18.19
C ASN B 945 -16.16 -21.12 17.63
N ALA B 946 -17.40 -21.36 18.07
CA ALA B 946 -18.51 -20.54 17.59
C ALA B 946 -18.38 -19.10 18.03
N GLN B 947 -17.95 -18.87 19.28
CA GLN B 947 -17.78 -17.50 19.74
C GLN B 947 -16.56 -16.84 19.12
N ALA B 948 -15.53 -17.60 18.77
CA ALA B 948 -14.41 -17.04 18.03
C ALA B 948 -14.83 -16.61 16.63
N LEU B 949 -15.66 -17.43 15.97
CA LEU B 949 -16.18 -17.04 14.66
C LEU B 949 -17.07 -15.81 14.77
N ASN B 950 -17.89 -15.75 15.82
CA ASN B 950 -18.75 -14.58 16.03
C ASN B 950 -17.92 -13.32 16.28
N THR B 951 -16.84 -13.45 17.06
CA THR B 951 -15.96 -12.31 17.29
C THR B 951 -15.25 -11.88 16.02
N LEU B 952 -14.85 -12.85 15.18
CA LEU B 952 -14.27 -12.51 13.88
C LEU B 952 -15.24 -11.74 13.01
N VAL B 953 -16.51 -12.15 13.02
CA VAL B 953 -17.54 -11.41 12.29
C VAL B 953 -17.70 -10.01 12.88
N LYS B 954 -17.71 -9.91 14.21
CA LYS B 954 -17.89 -8.62 14.86
C LYS B 954 -16.73 -7.67 14.61
N GLN B 955 -15.54 -8.20 14.30
CA GLN B 955 -14.38 -7.34 14.05
C GLN B 955 -14.56 -6.49 12.81
N LEU B 956 -15.33 -6.95 11.83
CA LEU B 956 -15.56 -6.17 10.61
C LEU B 956 -16.55 -5.04 10.81
N SER B 957 -17.23 -4.98 11.95
CA SER B 957 -18.17 -3.90 12.24
C SER B 957 -17.50 -2.71 12.93
N SER B 958 -16.19 -2.79 13.17
CA SER B 958 -15.45 -1.72 13.82
C SER B 958 -14.60 -0.96 12.80
N ASN B 959 -14.33 0.31 13.10
CA ASN B 959 -13.56 1.15 12.20
C ASN B 959 -12.07 1.13 12.48
N PHE B 960 -11.65 0.66 13.65
CA PHE B 960 -10.25 0.66 14.09
C PHE B 960 -9.66 2.07 14.06
N GLY B 961 -10.47 3.06 14.41
CA GLY B 961 -10.04 4.44 14.41
C GLY B 961 -10.25 5.18 13.10
N ALA B 962 -10.85 4.55 12.10
CA ALA B 962 -11.14 5.21 10.84
C ALA B 962 -12.50 5.91 10.92
N ILE B 963 -12.93 6.47 9.78
CA ILE B 963 -14.19 7.20 9.73
C ILE B 963 -15.35 6.33 9.28
N SER B 964 -15.11 5.07 8.94
CA SER B 964 -16.17 4.16 8.53
C SER B 964 -15.73 2.73 8.78
N SER B 965 -16.70 1.83 8.79
CA SER B 965 -16.43 0.41 8.98
C SER B 965 -16.31 -0.34 7.66
N VAL B 966 -17.25 -0.13 6.76
CA VAL B 966 -17.22 -0.80 5.45
C VAL B 966 -16.30 -0.02 4.52
N LEU B 967 -15.43 -0.74 3.83
CA LEU B 967 -14.45 -0.12 2.95
C LEU B 967 -15.08 0.47 1.69
N ASN B 968 -16.32 0.09 1.37
CA ASN B 968 -16.97 0.65 0.19
C ASN B 968 -17.44 2.08 0.41
N ASP B 969 -17.81 2.41 1.67
CA ASP B 969 -18.34 3.74 1.96
C ASP B 969 -17.27 4.82 1.78
N ILE B 970 -16.06 4.58 2.27
CA ILE B 970 -14.99 5.56 2.14
C ILE B 970 -14.58 5.72 0.68
N LEU B 971 -14.60 4.62 -0.09
CA LEU B 971 -14.29 4.70 -1.51
C LEU B 971 -15.35 5.47 -2.27
N SER B 972 -16.62 5.32 -1.87
CA SER B 972 -17.70 6.02 -2.55
C SER B 972 -17.75 7.50 -2.17
N ARG B 973 -17.36 7.84 -0.93
CA ARG B 973 -17.47 9.22 -0.47
C ARG B 973 -16.16 9.99 -0.53
N LEU B 974 -15.02 9.31 -0.67
CA LEU B 974 -13.72 9.97 -0.74
C LEU B 974 -12.92 9.40 -1.88
N ASP B 975 -11.98 10.21 -2.40
CA ASP B 975 -11.15 9.79 -3.50
C ASP B 975 -10.09 8.79 -3.00
N PRO B 976 -9.74 7.81 -3.83
CA PRO B 976 -8.73 6.80 -3.44
C PRO B 976 -7.36 7.39 -3.10
N PRO B 977 -6.88 8.46 -3.78
CA PRO B 977 -5.62 9.06 -3.31
C PRO B 977 -5.66 9.60 -1.88
N GLU B 978 -6.81 10.12 -1.44
CA GLU B 978 -6.89 10.66 -0.08
C GLU B 978 -7.29 9.61 0.94
N ALA B 979 -8.18 8.68 0.56
CA ALA B 979 -8.66 7.65 1.47
C ALA B 979 -7.74 6.44 1.55
N GLU B 980 -6.48 6.57 1.12
CA GLU B 980 -5.55 5.45 1.20
C GLU B 980 -5.18 5.12 2.64
N VAL B 981 -5.04 6.14 3.49
CA VAL B 981 -4.60 5.90 4.86
C VAL B 981 -5.70 5.21 5.67
N GLN B 982 -6.96 5.54 5.41
CA GLN B 982 -8.06 4.85 6.09
C GLN B 982 -8.13 3.39 5.65
N ILE B 983 -7.93 3.14 4.36
CA ILE B 983 -7.92 1.78 3.84
C ILE B 983 -6.79 0.98 4.49
N ASP B 984 -5.59 1.58 4.58
CA ASP B 984 -4.45 0.90 5.17
C ASP B 984 -4.67 0.64 6.67
N ARG B 985 -5.30 1.59 7.36
CA ARG B 985 -5.63 1.37 8.76
C ARG B 985 -6.61 0.22 8.94
N LEU B 986 -7.60 0.12 8.06
CA LEU B 986 -8.53 -1.01 8.08
C LEU B 986 -7.80 -2.32 7.79
N ILE B 987 -6.83 -2.29 6.87
CA ILE B 987 -6.04 -3.47 6.56
C ILE B 987 -5.26 -3.93 7.78
N THR B 988 -4.63 -2.99 8.48
CA THR B 988 -3.86 -3.34 9.67
C THR B 988 -4.76 -3.89 10.77
N GLY B 989 -5.93 -3.29 10.97
CA GLY B 989 -6.86 -3.81 11.97
C GLY B 989 -7.35 -5.21 11.67
N ARG B 990 -7.72 -5.45 10.41
CA ARG B 990 -8.18 -6.78 10.02
C ARG B 990 -7.05 -7.80 10.11
N LEU B 991 -5.82 -7.40 9.76
CA LEU B 991 -4.67 -8.28 9.90
C LEU B 991 -4.41 -8.64 11.35
N GLN B 992 -4.52 -7.66 12.25
CA GLN B 992 -4.33 -7.93 13.68
C GLN B 992 -5.40 -8.89 14.20
N SER B 993 -6.66 -8.66 13.82
CA SER B 993 -7.73 -9.55 14.28
C SER B 993 -7.55 -10.96 13.74
N LEU B 994 -7.17 -11.09 12.47
CA LEU B 994 -6.95 -12.41 11.89
C LEU B 994 -5.75 -13.11 12.54
N GLN B 995 -4.69 -12.36 12.84
CA GLN B 995 -3.53 -12.95 13.50
C GLN B 995 -3.88 -13.45 14.89
N THR B 996 -4.67 -12.67 15.64
CA THR B 996 -5.10 -13.11 16.96
C THR B 996 -5.99 -14.35 16.88
N TYR B 997 -6.89 -14.38 15.90
CA TYR B 997 -7.72 -15.57 15.71
C TYR B 997 -6.88 -16.79 15.35
N VAL B 998 -5.87 -16.61 14.50
CA VAL B 998 -5.00 -17.73 14.11
C VAL B 998 -4.22 -18.23 15.31
N THR B 999 -3.71 -17.32 16.15
CA THR B 999 -2.98 -17.75 17.35
C THR B 999 -3.89 -18.50 18.31
N GLN B 1000 -5.11 -18.00 18.52
CA GLN B 1000 -6.06 -18.70 19.40
C GLN B 1000 -6.41 -20.07 18.85
N GLN B 1001 -6.63 -20.17 17.54
CA GLN B 1001 -6.94 -21.47 16.94
C GLN B 1001 -5.75 -22.42 17.01
N LEU B 1002 -4.53 -21.90 16.90
CA LEU B 1002 -3.35 -22.76 17.01
C LEU B 1002 -3.20 -23.30 18.43
N ILE B 1003 -3.43 -22.46 19.44
CA ILE B 1003 -3.38 -22.94 20.82
C ILE B 1003 -4.47 -23.97 21.09
N ARG B 1004 -5.68 -23.71 20.57
CA ARG B 1004 -6.77 -24.67 20.72
C ARG B 1004 -6.45 -25.98 20.01
N ALA B 1005 -5.81 -25.91 18.83
CA ALA B 1005 -5.43 -27.11 18.11
C ALA B 1005 -4.34 -27.88 18.85
N ALA B 1006 -3.42 -27.18 19.51
CA ALA B 1006 -2.42 -27.87 20.32
C ALA B 1006 -3.08 -28.59 21.50
N GLU B 1007 -4.05 -27.95 22.15
CA GLU B 1007 -4.75 -28.59 23.25
C GLU B 1007 -5.55 -29.79 22.76
N ILE B 1008 -6.18 -29.67 21.59
CA ILE B 1008 -6.92 -30.79 21.01
C ILE B 1008 -5.98 -31.92 20.63
N ARG B 1009 -4.78 -31.59 20.14
CA ARG B 1009 -3.79 -32.61 19.83
C ARG B 1009 -3.36 -33.38 21.08
N ALA B 1010 -3.14 -32.65 22.17
CA ALA B 1010 -2.78 -33.30 23.43
C ALA B 1010 -3.91 -34.19 23.94
N SER B 1011 -5.14 -33.71 23.87
CA SER B 1011 -6.29 -34.50 24.31
C SER B 1011 -6.50 -35.72 23.41
N ALA B 1012 -6.23 -35.58 22.11
CA ALA B 1012 -6.38 -36.70 21.19
C ALA B 1012 -5.29 -37.75 21.41
N ASN B 1013 -4.07 -37.30 21.73
CA ASN B 1013 -3.02 -38.26 22.10
C ASN B 1013 -3.39 -39.00 23.37
N LEU B 1014 -3.93 -38.28 24.36
CA LEU B 1014 -4.39 -38.93 25.59
C LEU B 1014 -5.49 -39.94 25.31
N ALA B 1015 -6.45 -39.57 24.45
CA ALA B 1015 -7.55 -40.47 24.11
C ALA B 1015 -7.07 -41.69 23.34
N ALA B 1016 -6.10 -41.50 22.45
CA ALA B 1016 -5.54 -42.63 21.70
C ALA B 1016 -4.82 -43.59 22.63
N THR B 1017 -4.03 -43.06 23.57
CA THR B 1017 -3.36 -43.92 24.54
C THR B 1017 -4.38 -44.64 25.42
N LYS B 1018 -5.43 -43.94 25.84
CA LYS B 1018 -6.47 -44.56 26.65
C LYS B 1018 -7.17 -45.68 25.88
N MET B 1019 -7.44 -45.45 24.59
CA MET B 1019 -8.04 -46.50 23.77
C MET B 1019 -7.11 -47.71 23.68
N SER B 1020 -5.85 -47.47 23.30
CA SER B 1020 -4.91 -48.57 23.08
C SER B 1020 -4.56 -49.32 24.35
N GLU B 1021 -4.75 -48.71 25.52
CA GLU B 1021 -4.47 -49.40 26.78
C GLU B 1021 -5.72 -50.01 27.41
N CYS B 1022 -6.73 -49.19 27.72
CA CYS B 1022 -7.90 -49.68 28.42
C CYS B 1022 -8.86 -50.42 27.51
N VAL B 1023 -8.94 -50.06 26.23
CA VAL B 1023 -9.89 -50.71 25.32
C VAL B 1023 -9.28 -51.94 24.67
N LEU B 1024 -8.12 -51.79 24.04
CA LEU B 1024 -7.48 -52.91 23.37
C LEU B 1024 -6.65 -53.73 24.35
N GLY B 1025 -7.24 -54.12 25.47
CA GLY B 1025 -6.56 -54.89 26.48
C GLY B 1025 -6.86 -54.36 27.87
N GLN B 1026 -6.17 -54.92 28.85
CA GLN B 1026 -6.33 -54.53 30.25
C GLN B 1026 -5.07 -53.82 30.72
N SER B 1027 -5.25 -52.63 31.29
CA SER B 1027 -4.14 -51.79 31.71
C SER B 1027 -3.88 -51.99 33.20
N LYS B 1028 -2.61 -52.20 33.55
CA LYS B 1028 -2.21 -52.36 34.95
C LYS B 1028 -2.01 -51.03 35.66
N ARG B 1029 -2.12 -49.91 34.93
CA ARG B 1029 -1.95 -48.59 35.56
C ARG B 1029 -3.16 -48.29 36.43
N VAL B 1030 -2.91 -48.06 37.71
CA VAL B 1030 -3.98 -47.83 38.68
C VAL B 1030 -4.48 -46.38 38.54
N ASP B 1031 -5.81 -46.23 38.58
CA ASP B 1031 -6.49 -44.93 38.49
C ASP B 1031 -6.18 -44.22 37.18
N PHE B 1032 -5.99 -44.98 36.11
CA PHE B 1032 -5.84 -44.44 34.76
C PHE B 1032 -7.03 -44.69 33.87
N CYS B 1033 -7.63 -45.88 33.97
CA CYS B 1033 -8.85 -46.22 33.23
C CYS B 1033 -10.08 -46.19 34.13
N GLY B 1034 -10.15 -45.24 35.05
CA GLY B 1034 -11.27 -45.11 35.95
C GLY B 1034 -10.90 -45.47 37.38
N LYS B 1035 -11.76 -45.04 38.30
CA LYS B 1035 -11.56 -45.28 39.72
C LYS B 1035 -11.89 -46.74 40.03
N GLY B 1036 -10.88 -47.53 40.37
CA GLY B 1036 -11.04 -48.92 40.72
C GLY B 1036 -10.12 -49.79 39.91
N TYR B 1037 -10.31 -51.10 40.04
CA TYR B 1037 -9.50 -52.08 39.31
C TYR B 1037 -10.12 -52.29 37.94
N HIS B 1038 -9.41 -51.84 36.91
CA HIS B 1038 -9.96 -51.85 35.56
C HIS B 1038 -10.01 -53.27 34.99
N LEU B 1039 -11.10 -53.58 34.30
CA LEU B 1039 -11.26 -54.86 33.62
C LEU B 1039 -11.29 -54.67 32.10
N MET B 1040 -12.21 -53.85 31.60
CA MET B 1040 -12.27 -53.54 30.17
C MET B 1040 -12.96 -52.19 30.00
N SER B 1041 -12.92 -51.69 28.77
CA SER B 1041 -13.59 -50.44 28.43
C SER B 1041 -14.30 -50.59 27.10
N PHE B 1042 -15.40 -49.85 26.94
CA PHE B 1042 -16.23 -49.91 25.74
C PHE B 1042 -16.29 -48.53 25.10
N PRO B 1043 -15.55 -48.31 24.01
CA PRO B 1043 -15.58 -46.98 23.37
C PRO B 1043 -16.89 -46.77 22.63
N GLN B 1044 -17.37 -45.53 22.65
CA GLN B 1044 -18.58 -45.14 21.94
C GLN B 1044 -18.33 -43.87 21.15
N SER B 1045 -18.97 -43.78 19.99
CA SER B 1045 -18.81 -42.61 19.13
C SER B 1045 -19.50 -41.39 19.75
N ALA B 1046 -18.84 -40.25 19.64
CA ALA B 1046 -19.36 -38.99 20.14
C ALA B 1046 -19.11 -37.91 19.11
N PRO B 1047 -19.96 -36.88 19.05
CA PRO B 1047 -19.74 -35.79 18.09
C PRO B 1047 -18.51 -34.97 18.48
N HIS B 1048 -17.50 -34.98 17.61
CA HIS B 1048 -16.23 -34.29 17.83
C HIS B 1048 -15.57 -34.73 19.14
N GLY B 1049 -15.62 -36.02 19.42
CA GLY B 1049 -15.05 -36.54 20.65
C GLY B 1049 -15.26 -38.02 20.77
N VAL B 1050 -14.90 -38.56 21.93
CA VAL B 1050 -15.05 -39.98 22.21
C VAL B 1050 -15.26 -40.14 23.71
N VAL B 1051 -16.05 -41.14 24.09
CA VAL B 1051 -16.28 -41.49 25.48
C VAL B 1051 -15.85 -42.94 25.68
N PHE B 1052 -15.53 -43.27 26.93
CA PHE B 1052 -15.10 -44.60 27.30
C PHE B 1052 -15.95 -45.09 28.46
N LEU B 1053 -16.55 -46.27 28.31
CA LEU B 1053 -17.36 -46.88 29.37
C LEU B 1053 -16.51 -47.92 30.08
N HIS B 1054 -15.71 -47.44 31.02
CA HIS B 1054 -14.80 -48.32 31.76
C HIS B 1054 -15.58 -49.26 32.67
N VAL B 1055 -15.04 -50.45 32.87
CA VAL B 1055 -15.60 -51.44 33.78
C VAL B 1055 -14.59 -51.64 34.89
N THR B 1056 -14.87 -51.11 36.06
CA THR B 1056 -13.97 -51.17 37.21
C THR B 1056 -14.38 -52.29 38.15
N TYR B 1057 -13.53 -52.52 39.15
CA TYR B 1057 -13.76 -53.57 40.15
C TYR B 1057 -13.44 -52.96 41.52
N VAL B 1058 -14.47 -52.55 42.24
CA VAL B 1058 -14.28 -51.97 43.57
C VAL B 1058 -14.86 -52.91 44.62
N PRO B 1059 -14.19 -53.10 45.76
CA PRO B 1059 -14.79 -53.88 46.85
C PRO B 1059 -15.95 -53.14 47.48
N ALA B 1060 -16.87 -53.90 48.05
CA ALA B 1060 -18.07 -53.35 48.66
C ALA B 1060 -18.10 -53.53 50.18
N GLN B 1061 -17.96 -54.77 50.65
CA GLN B 1061 -18.01 -55.08 52.07
C GLN B 1061 -16.70 -55.70 52.52
N GLU B 1062 -16.19 -55.22 53.65
CA GLU B 1062 -14.93 -55.70 54.20
C GLU B 1062 -15.12 -56.09 55.66
N LYS B 1063 -14.27 -57.00 56.13
CA LYS B 1063 -14.31 -57.49 57.50
C LYS B 1063 -12.93 -57.39 58.13
N ASN B 1064 -12.89 -56.96 59.38
CA ASN B 1064 -11.64 -56.84 60.12
C ASN B 1064 -11.13 -58.22 60.51
N PHE B 1065 -9.85 -58.47 60.29
CA PHE B 1065 -9.24 -59.76 60.62
C PHE B 1065 -7.89 -59.52 61.27
N THR B 1066 -7.46 -60.51 62.07
CA THR B 1066 -6.14 -60.48 62.70
C THR B 1066 -5.17 -61.28 61.84
N THR B 1067 -4.07 -60.64 61.45
CA THR B 1067 -3.13 -61.21 60.51
C THR B 1067 -1.77 -61.44 61.16
N ALA B 1068 -0.97 -62.27 60.50
CA ALA B 1068 0.40 -62.56 60.91
C ALA B 1068 1.22 -62.79 59.66
N PRO B 1069 2.40 -62.17 59.53
CA PRO B 1069 3.17 -62.31 58.29
C PRO B 1069 3.81 -63.67 58.10
N ALA B 1070 3.92 -64.48 59.15
CA ALA B 1070 4.54 -65.78 59.04
C ALA B 1070 3.93 -66.72 60.07
N ILE B 1071 4.08 -68.02 59.81
CA ILE B 1071 3.57 -69.07 60.69
C ILE B 1071 4.73 -69.98 61.06
N CYS B 1072 4.93 -70.19 62.36
CA CYS B 1072 5.99 -71.05 62.87
C CYS B 1072 5.41 -72.43 63.15
N HIS B 1073 5.75 -73.39 62.29
CA HIS B 1073 5.22 -74.75 62.42
C HIS B 1073 6.13 -75.66 63.23
N ASP B 1074 7.35 -75.87 62.75
CA ASP B 1074 8.34 -76.72 63.41
C ASP B 1074 9.70 -76.05 63.41
N GLY B 1075 9.73 -74.74 63.66
CA GLY B 1075 10.93 -73.96 63.52
C GLY B 1075 11.19 -73.44 62.13
N LYS B 1076 10.37 -73.82 61.15
CA LYS B 1076 10.48 -73.33 59.79
C LYS B 1076 9.34 -72.34 59.55
N ALA B 1077 9.67 -71.09 59.26
CA ALA B 1077 8.66 -70.07 59.05
C ALA B 1077 8.01 -70.25 57.69
N HIS B 1078 6.68 -70.33 57.69
CA HIS B 1078 5.91 -70.50 56.46
C HIS B 1078 5.39 -69.14 56.01
N PHE B 1079 5.61 -68.82 54.73
CA PHE B 1079 5.15 -67.58 54.14
C PHE B 1079 4.18 -67.86 53.01
N PRO B 1080 3.10 -67.10 52.88
CA PRO B 1080 2.14 -67.34 51.81
C PRO B 1080 2.73 -67.03 50.44
N ARG B 1081 2.28 -67.80 49.44
CA ARG B 1081 2.79 -67.60 48.09
C ARG B 1081 2.11 -66.43 47.41
N GLU B 1082 0.77 -66.39 47.43
CA GLU B 1082 0.01 -65.32 46.82
C GLU B 1082 -1.02 -64.71 47.75
N GLY B 1083 -1.34 -65.33 48.87
CA GLY B 1083 -2.34 -64.86 49.80
C GLY B 1083 -1.75 -64.18 51.01
N VAL B 1084 -2.53 -64.17 52.09
CA VAL B 1084 -2.11 -63.57 53.34
C VAL B 1084 -2.80 -64.31 54.48
N PHE B 1085 -2.07 -64.53 55.58
CA PHE B 1085 -2.63 -65.24 56.72
C PHE B 1085 -3.65 -64.37 57.45
N VAL B 1086 -4.82 -64.93 57.72
CA VAL B 1086 -5.87 -64.25 58.47
C VAL B 1086 -6.41 -65.21 59.52
N SER B 1087 -7.06 -64.65 60.54
CA SER B 1087 -7.68 -65.43 61.59
C SER B 1087 -9.03 -64.86 61.93
N ASN B 1088 -10.00 -65.74 62.19
CA ASN B 1088 -11.33 -65.31 62.61
C ASN B 1088 -11.50 -65.34 64.13
N GLY B 1089 -10.40 -65.51 64.87
CA GLY B 1089 -10.41 -65.53 66.33
C GLY B 1089 -9.95 -66.84 66.92
N THR B 1090 -10.26 -67.96 66.26
CA THR B 1090 -9.90 -69.28 66.76
C THR B 1090 -8.88 -69.99 65.87
N HIS B 1091 -9.12 -70.04 64.57
CA HIS B 1091 -8.25 -70.74 63.64
C HIS B 1091 -7.65 -69.73 62.65
N TRP B 1092 -6.86 -70.24 61.71
CA TRP B 1092 -6.17 -69.40 60.73
C TRP B 1092 -6.44 -69.92 59.33
N PHE B 1093 -6.46 -68.99 58.38
CA PHE B 1093 -6.68 -69.30 56.97
C PHE B 1093 -5.75 -68.44 56.12
N VAL B 1094 -5.78 -68.68 54.81
CA VAL B 1094 -5.09 -67.85 53.84
C VAL B 1094 -6.05 -67.51 52.72
N THR B 1095 -6.22 -66.21 52.45
CA THR B 1095 -7.12 -65.72 51.42
C THR B 1095 -6.37 -64.74 50.53
N GLN B 1096 -6.88 -64.57 49.30
CA GLN B 1096 -6.30 -63.64 48.36
C GLN B 1096 -6.57 -62.19 48.78
N ARG B 1097 -5.95 -61.27 48.04
CA ARG B 1097 -5.92 -59.87 48.46
C ARG B 1097 -7.27 -59.20 48.29
N ASN B 1098 -7.96 -59.47 47.19
CA ASN B 1098 -9.16 -58.72 46.84
C ASN B 1098 -10.45 -59.49 47.07
N PHE B 1099 -10.39 -60.65 47.71
CA PHE B 1099 -11.58 -61.42 48.01
C PHE B 1099 -11.30 -62.31 49.21
N TYR B 1100 -12.35 -62.61 49.96
CA TYR B 1100 -12.25 -63.46 51.15
C TYR B 1100 -12.62 -64.88 50.75
N GLU B 1101 -11.61 -65.72 50.57
CA GLU B 1101 -11.79 -67.15 50.25
C GLU B 1101 -10.94 -67.94 51.24
N PRO B 1102 -11.48 -68.26 52.40
CA PRO B 1102 -10.68 -68.97 53.42
C PRO B 1102 -10.33 -70.38 52.97
N GLN B 1103 -9.08 -70.76 53.22
CA GLN B 1103 -8.58 -72.08 52.88
C GLN B 1103 -7.72 -72.59 54.03
N ILE B 1104 -7.61 -73.92 54.13
CA ILE B 1104 -6.81 -74.52 55.18
C ILE B 1104 -5.33 -74.29 54.90
N ILE B 1105 -4.58 -74.00 55.96
CA ILE B 1105 -3.15 -73.74 55.84
C ILE B 1105 -2.46 -75.05 55.45
N THR B 1106 -1.95 -75.10 54.22
CA THR B 1106 -1.33 -76.32 53.68
C THR B 1106 0.03 -75.98 53.09
N THR B 1107 0.70 -77.02 52.59
CA THR B 1107 2.02 -76.86 52.00
C THR B 1107 1.94 -76.27 50.60
N ASP B 1108 0.88 -76.57 49.84
CA ASP B 1108 0.81 -76.22 48.44
C ASP B 1108 0.80 -74.71 48.21
N ASN B 1109 0.33 -73.93 49.18
CA ASN B 1109 0.24 -72.47 49.03
C ASN B 1109 1.22 -71.73 49.93
N THR B 1110 2.15 -72.43 50.57
CA THR B 1110 3.13 -71.80 51.45
C THR B 1110 4.53 -72.33 51.15
N PHE B 1111 5.53 -71.52 51.45
CA PHE B 1111 6.92 -71.91 51.27
C PHE B 1111 7.72 -71.55 52.52
N VAL B 1112 8.71 -72.37 52.82
CA VAL B 1112 9.54 -72.16 54.00
C VAL B 1112 10.77 -71.35 53.63
N SER B 1113 11.32 -70.64 54.61
CA SER B 1113 12.50 -69.81 54.39
C SER B 1113 13.17 -69.56 55.73
N GLY B 1114 14.35 -70.15 55.94
CA GLY B 1114 15.11 -69.88 57.14
C GLY B 1114 14.49 -70.50 58.39
N ASN B 1115 14.96 -70.01 59.54
CA ASN B 1115 14.51 -70.49 60.83
C ASN B 1115 13.30 -69.68 61.28
N CYS B 1116 12.91 -69.84 62.55
CA CYS B 1116 11.73 -69.18 63.09
C CYS B 1116 12.04 -67.86 63.77
N ASP B 1117 13.23 -67.70 64.33
CA ASP B 1117 13.59 -66.50 65.09
C ASP B 1117 14.18 -65.42 64.20
N VAL B 1118 13.46 -65.05 63.15
CA VAL B 1118 13.89 -63.96 62.27
C VAL B 1118 12.83 -62.89 62.06
N VAL B 1119 11.55 -63.17 62.28
CA VAL B 1119 10.47 -62.21 62.10
C VAL B 1119 10.09 -61.64 63.45
N ILE B 1120 9.90 -60.32 63.51
CA ILE B 1120 9.54 -59.66 64.76
C ILE B 1120 8.16 -60.12 65.23
N GLY B 1121 7.23 -60.32 64.30
CA GLY B 1121 5.92 -60.81 64.66
C GLY B 1121 5.56 -62.11 63.98
N ILE B 1122 5.47 -63.19 64.76
CA ILE B 1122 5.13 -64.50 64.24
C ILE B 1122 4.13 -65.17 65.18
N VAL B 1123 3.44 -66.17 64.65
CA VAL B 1123 2.43 -66.90 65.42
C VAL B 1123 2.70 -68.39 65.28
N ASN B 1124 2.24 -69.16 66.27
CA ASN B 1124 2.38 -70.60 66.26
C ASN B 1124 1.12 -71.25 65.70
N ASN B 1125 1.31 -72.21 64.80
CA ASN B 1125 0.20 -72.93 64.19
C ASN B 1125 0.73 -74.24 63.62
N THR B 1126 -0.11 -74.92 62.85
CA THR B 1126 0.24 -76.18 62.22
C THR B 1126 -0.13 -76.13 60.74
N VAL B 1127 0.57 -76.94 59.96
CA VAL B 1127 0.36 -77.04 58.51
C VAL B 1127 -0.29 -78.37 58.22
N TYR B 1128 -1.20 -78.39 57.24
CA TYR B 1128 -1.95 -79.60 56.91
C TYR B 1128 -1.01 -80.71 56.44
N ASP B 1129 -0.11 -80.39 55.49
CA ASP B 1129 0.77 -81.35 54.83
C ASP B 1129 -0.03 -82.49 54.25
N PRO B 1130 -0.76 -82.28 53.14
CA PRO B 1130 -1.74 -83.27 52.69
C PRO B 1130 -1.12 -84.51 52.06
N LEU B 1131 0.20 -84.64 52.11
CA LEU B 1131 0.86 -85.88 51.68
C LEU B 1131 0.94 -86.90 52.79
N GLN B 1132 0.90 -86.47 54.06
CA GLN B 1132 0.98 -87.40 55.18
C GLN B 1132 -0.20 -88.37 55.26
N PRO B 1133 -1.48 -87.96 55.18
CA PRO B 1133 -2.56 -88.96 55.27
C PRO B 1133 -2.65 -89.88 54.06
N GLU B 1134 -2.09 -89.48 52.91
CA GLU B 1134 -2.22 -90.29 51.70
C GLU B 1134 -1.16 -91.38 51.59
N LEU B 1135 -0.04 -91.25 52.29
CA LEU B 1135 0.99 -92.28 52.22
C LEU B 1135 0.67 -93.48 53.11
N ASP B 1136 -0.31 -93.38 53.98
CA ASP B 1136 -0.68 -94.48 54.87
C ASP B 1136 -1.38 -95.59 54.08
N GLN C 4 43.31 43.91 39.51
CA GLN C 4 44.60 43.90 38.82
C GLN C 4 45.35 42.61 39.09
N CYS C 5 46.29 42.26 38.21
CA CYS C 5 47.08 41.05 38.33
C CYS C 5 48.51 41.33 37.89
N VAL C 6 49.42 40.50 38.38
CA VAL C 6 50.84 40.60 38.06
C VAL C 6 51.26 39.35 37.29
N ASN C 7 52.45 39.42 36.70
CA ASN C 7 53.00 38.33 35.92
C ASN C 7 54.08 37.60 36.70
N LEU C 8 54.15 36.29 36.50
CA LEU C 8 55.13 35.45 37.17
C LEU C 8 56.42 35.37 36.37
N THR C 9 57.45 34.81 36.98
CA THR C 9 58.75 34.63 36.36
C THR C 9 59.00 33.16 36.06
N THR C 10 59.84 32.91 35.06
CA THR C 10 60.16 31.55 34.66
C THR C 10 60.97 30.85 35.75
N ARG C 11 60.58 29.62 36.07
CA ARG C 11 61.22 28.86 37.13
C ARG C 11 61.07 27.38 36.82
N THR C 12 61.85 26.56 37.53
CA THR C 12 61.81 25.12 37.34
C THR C 12 60.57 24.54 38.01
N GLN C 13 59.74 23.87 37.23
CA GLN C 13 58.51 23.25 37.71
C GLN C 13 58.61 21.73 37.57
N LEU C 14 57.51 21.05 37.88
CA LEU C 14 57.45 19.61 37.77
C LEU C 14 56.41 19.20 36.73
N PRO C 15 56.70 18.19 35.91
CA PRO C 15 55.71 17.74 34.93
C PRO C 15 54.53 17.08 35.61
N PRO C 16 53.34 17.17 35.02
CA PRO C 16 52.17 16.52 35.63
C PRO C 16 52.27 15.00 35.57
N ALA C 17 51.69 14.36 36.58
CA ALA C 17 51.68 12.91 36.69
C ALA C 17 50.29 12.37 36.40
N TYR C 18 50.21 11.06 36.21
CA TYR C 18 48.97 10.37 35.93
C TYR C 18 48.76 9.27 36.96
N THR C 19 47.59 9.27 37.60
CA THR C 19 47.21 8.26 38.57
C THR C 19 45.96 7.53 38.08
N ASN C 20 45.51 6.57 38.89
CA ASN C 20 44.38 5.71 38.53
C ASN C 20 43.26 5.88 39.55
N SER C 21 42.04 6.01 39.04
CA SER C 21 40.86 6.08 39.89
C SER C 21 40.47 4.69 40.37
N PHE C 22 39.77 4.65 41.50
CA PHE C 22 39.31 3.40 42.11
C PHE C 22 37.91 3.62 42.66
N THR C 23 36.91 3.31 41.83
CA THR C 23 35.49 3.44 42.17
C THR C 23 35.15 4.85 42.68
N ARG C 24 35.52 5.85 41.88
CA ARG C 24 35.32 7.25 42.24
C ARG C 24 34.54 7.96 41.14
N GLY C 25 33.81 8.99 41.53
CA GLY C 25 33.05 9.78 40.58
C GLY C 25 31.63 9.29 40.38
N VAL C 26 30.99 8.84 41.45
CA VAL C 26 29.62 8.35 41.42
C VAL C 26 28.75 9.31 42.22
N TYR C 27 27.70 9.83 41.59
CA TYR C 27 26.79 10.79 42.19
C TYR C 27 25.36 10.35 41.93
N TYR C 28 24.43 11.01 42.60
CA TYR C 28 23.01 10.75 42.38
C TYR C 28 22.58 11.40 41.06
N PRO C 29 22.12 10.62 40.08
CA PRO C 29 21.74 11.20 38.78
C PRO C 29 20.37 11.82 38.75
N ASP C 30 19.57 11.67 39.81
CA ASP C 30 18.22 12.20 39.83
C ASP C 30 17.81 12.44 41.28
N LYS C 31 16.78 13.26 41.45
CA LYS C 31 16.34 13.72 42.77
C LYS C 31 15.17 12.91 43.31
N VAL C 32 15.10 11.62 42.99
CA VAL C 32 14.04 10.75 43.48
C VAL C 32 14.64 9.78 44.50
N PHE C 33 13.76 9.07 45.20
CA PHE C 33 14.15 8.08 46.20
C PHE C 33 13.92 6.69 45.65
N ARG C 34 14.92 5.82 45.80
CA ARG C 34 14.82 4.42 45.42
C ARG C 34 15.37 3.57 46.56
N SER C 35 14.65 2.51 46.91
CA SER C 35 15.02 1.65 48.02
C SER C 35 15.08 0.21 47.56
N SER C 36 16.23 -0.43 47.79
CA SER C 36 16.44 -1.86 47.50
C SER C 36 16.15 -2.20 46.04
N VAL C 37 16.62 -1.34 45.13
CA VAL C 37 16.44 -1.55 43.70
C VAL C 37 17.78 -1.35 43.01
N LEU C 38 17.90 -1.95 41.83
CA LEU C 38 19.09 -1.85 40.99
C LEU C 38 18.65 -1.35 39.63
N HIS C 39 18.61 -0.04 39.46
CA HIS C 39 18.17 0.59 38.21
C HIS C 39 19.36 1.26 37.52
N SER C 40 19.31 1.28 36.19
CA SER C 40 20.39 1.81 35.37
C SER C 40 19.98 3.12 34.73
N THR C 41 20.93 4.04 34.62
CA THR C 41 20.70 5.36 34.03
C THR C 41 21.79 5.66 33.02
N GLN C 42 21.44 6.48 32.04
CA GLN C 42 22.38 6.93 31.00
C GLN C 42 22.66 8.40 31.24
N ASP C 43 23.79 8.69 31.87
CA ASP C 43 24.22 10.05 32.15
C ASP C 43 25.74 10.10 32.03
N LEU C 44 26.33 11.21 32.47
CA LEU C 44 27.77 11.42 32.41
C LEU C 44 28.38 11.06 33.76
N PHE C 45 29.17 9.99 33.78
CA PHE C 45 29.87 9.55 34.98
C PHE C 45 31.35 9.38 34.67
N LEU C 46 32.15 9.21 35.72
CA LEU C 46 33.56 8.94 35.57
C LEU C 46 33.77 7.44 35.39
N PRO C 47 34.42 6.99 34.31
CA PRO C 47 34.65 5.56 34.14
C PRO C 47 35.56 4.99 35.23
N PHE C 48 35.27 3.77 35.64
CA PHE C 48 36.05 3.12 36.68
C PHE C 48 37.41 2.68 36.12
N PHE C 49 38.44 2.79 36.96
CA PHE C 49 39.81 2.42 36.61
C PHE C 49 40.29 3.13 35.35
N SER C 50 39.95 4.41 35.23
CA SER C 50 40.32 5.22 34.09
C SER C 50 41.53 6.08 34.41
N ASN C 51 42.27 6.45 33.38
CA ASN C 51 43.45 7.29 33.54
C ASN C 51 43.02 8.71 33.87
N VAL C 52 43.44 9.20 35.03
CA VAL C 52 43.05 10.51 35.53
C VAL C 52 44.30 11.34 35.78
N THR C 53 44.20 12.64 35.53
CA THR C 53 45.33 13.54 35.69
C THR C 53 45.59 13.83 37.17
N TRP C 54 46.80 14.29 37.45
CA TRP C 54 47.22 14.62 38.81
C TRP C 54 48.08 15.87 38.76
N PHE C 55 47.70 16.88 39.54
CA PHE C 55 48.42 18.14 39.64
C PHE C 55 48.90 18.32 41.07
N HIS C 56 50.19 18.65 41.22
CA HIS C 56 50.78 18.83 42.54
C HIS C 56 50.72 20.30 42.96
N ALA C 57 50.77 20.53 44.27
CA ALA C 57 50.75 21.88 44.81
C ALA C 57 51.72 22.07 45.96
N ILE C 58 52.62 21.11 46.21
CA ILE C 58 53.55 21.22 47.33
C ILE C 58 54.65 22.22 46.98
N HIS C 59 55.32 22.73 48.01
CA HIS C 59 56.40 23.69 47.84
C HIS C 59 57.76 23.00 47.74
N VAL C 60 58.10 22.17 48.71
CA VAL C 60 59.39 21.47 48.71
C VAL C 60 59.22 20.07 48.13
N THR C 66 61.24 21.57 43.25
CA THR C 66 60.55 22.41 44.21
C THR C 66 59.80 23.54 43.52
N LYS C 67 59.02 24.29 44.30
CA LYS C 67 58.22 25.43 43.83
C LYS C 67 57.27 25.00 42.70
N ARG C 68 56.36 24.09 43.05
CA ARG C 68 55.40 23.57 42.10
C ARG C 68 54.14 24.44 42.11
N PHE C 69 53.82 25.03 40.97
CA PHE C 69 52.63 25.88 40.84
C PHE C 69 52.19 25.81 39.39
N ASP C 70 51.14 25.03 39.13
CA ASP C 70 50.63 24.81 37.78
C ASP C 70 49.16 25.18 37.74
N ASN C 71 48.79 26.10 36.85
CA ASN C 71 47.41 26.50 36.63
C ASN C 71 47.12 26.51 35.13
N PRO C 72 46.97 25.35 34.52
CA PRO C 72 46.64 25.30 33.10
C PRO C 72 45.16 25.56 32.87
N VAL C 73 44.86 26.10 31.69
CA VAL C 73 43.46 26.36 31.30
C VAL C 73 42.95 25.07 30.68
N LEU C 74 42.50 24.15 31.53
CA LEU C 74 42.04 22.87 31.06
C LEU C 74 40.69 23.03 30.34
N PRO C 75 40.50 22.31 29.23
CA PRO C 75 39.21 22.41 28.53
C PRO C 75 38.10 21.75 29.34
N PHE C 76 36.95 22.42 29.37
CA PHE C 76 35.78 21.93 30.11
C PHE C 76 34.94 21.09 29.17
N ASN C 77 35.03 19.77 29.32
CA ASN C 77 34.23 18.85 28.51
C ASN C 77 32.84 18.71 29.14
N ASP C 78 32.07 17.73 28.65
CA ASP C 78 30.72 17.49 29.17
C ASP C 78 30.84 16.80 30.52
N GLY C 79 31.11 17.61 31.54
CA GLY C 79 31.23 17.10 32.90
C GLY C 79 32.67 16.85 33.31
N VAL C 80 33.05 17.37 34.48
CA VAL C 80 34.39 17.17 35.02
C VAL C 80 34.27 16.64 36.44
N TYR C 81 35.37 16.04 36.92
CA TYR C 81 35.44 15.45 38.25
C TYR C 81 36.65 16.05 38.96
N PHE C 82 36.39 16.91 39.94
CA PHE C 82 37.43 17.63 40.67
C PHE C 82 37.47 17.08 42.10
N ALA C 83 38.48 16.27 42.39
CA ALA C 83 38.64 15.68 43.72
C ALA C 83 39.96 16.12 44.32
N SER C 84 39.92 16.50 45.61
CA SER C 84 41.10 16.99 46.30
C SER C 84 41.14 16.43 47.71
N THR C 85 42.30 15.95 48.13
CA THR C 85 42.52 15.47 49.49
C THR C 85 42.98 16.65 50.37
N GLU C 86 42.03 17.53 50.65
CA GLU C 86 42.35 18.80 51.30
C GLU C 86 42.68 18.60 52.77
N LYS C 87 43.72 19.31 53.23
CA LYS C 87 44.11 19.31 54.63
C LYS C 87 44.07 20.68 55.27
N SER C 88 44.69 21.69 54.65
CA SER C 88 44.80 23.02 55.22
C SER C 88 44.09 24.08 54.38
N ASN C 89 43.17 23.65 53.51
CA ASN C 89 42.30 24.53 52.73
C ASN C 89 43.10 25.49 51.85
N ILE C 90 43.81 24.91 50.89
CA ILE C 90 44.68 25.70 50.01
C ILE C 90 43.88 26.27 48.85
N ILE C 91 43.21 25.42 48.09
CA ILE C 91 42.43 25.86 46.94
C ILE C 91 41.15 26.51 47.43
N ARG C 92 40.86 27.70 46.89
CA ARG C 92 39.71 28.49 47.32
C ARG C 92 38.51 28.31 46.39
N GLY C 93 38.69 28.48 45.08
CA GLY C 93 37.57 28.41 44.16
C GLY C 93 37.92 28.00 42.75
N TRP C 94 36.95 28.13 41.85
CA TRP C 94 37.10 27.74 40.45
C TRP C 94 36.57 28.85 39.55
N ILE C 95 37.11 28.90 38.34
CA ILE C 95 36.65 29.84 37.33
C ILE C 95 36.23 29.06 36.09
N PHE C 96 35.36 29.67 35.29
CA PHE C 96 34.86 29.07 34.07
C PHE C 96 34.75 30.14 33.00
N GLY C 97 34.68 29.69 31.75
CA GLY C 97 34.53 30.60 30.63
C GLY C 97 35.00 29.96 29.34
N THR C 98 34.98 30.77 28.29
CA THR C 98 35.41 30.35 26.97
C THR C 98 36.67 31.06 26.51
N THR C 99 36.70 32.39 26.56
CA THR C 99 37.86 33.16 26.15
C THR C 99 38.49 33.97 27.28
N LEU C 100 37.73 34.31 28.33
CA LEU C 100 38.23 35.04 29.50
C LEU C 100 38.84 36.38 29.12
N ASP C 101 38.08 37.17 28.36
CA ASP C 101 38.52 38.50 27.93
C ASP C 101 37.40 39.52 28.05
N SER C 102 36.48 39.32 28.99
CA SER C 102 35.31 40.18 29.20
C SER C 102 34.47 40.30 27.92
N LYS C 103 34.33 39.19 27.20
CA LYS C 103 33.49 39.13 26.01
C LYS C 103 32.31 38.19 26.16
N THR C 104 32.46 37.11 26.91
CA THR C 104 31.39 36.17 27.19
C THR C 104 31.09 36.16 28.68
N GLN C 105 30.03 35.46 29.05
CA GLN C 105 29.60 35.39 30.45
C GLN C 105 30.50 34.39 31.18
N SER C 106 31.49 34.91 31.88
CA SER C 106 32.39 34.07 32.67
C SER C 106 31.74 33.70 33.99
N LEU C 107 32.40 32.81 34.73
CA LEU C 107 31.92 32.35 36.02
C LEU C 107 33.01 32.51 37.05
N LEU C 108 32.61 32.69 38.32
CA LEU C 108 33.55 32.82 39.41
C LEU C 108 32.90 32.21 40.65
N ILE C 109 33.18 30.94 40.89
CA ILE C 109 32.71 30.23 42.08
C ILE C 109 33.89 30.22 43.05
N VAL C 110 33.99 31.28 43.86
CA VAL C 110 35.10 31.45 44.79
C VAL C 110 34.54 31.47 46.20
N ASN C 111 35.21 30.78 47.12
CA ASN C 111 34.76 30.57 48.49
C ASN C 111 35.73 31.29 49.43
N ASN C 112 35.28 32.37 50.05
CA ASN C 112 36.14 33.08 51.00
C ASN C 112 35.87 32.56 52.41
N ALA C 113 36.62 33.09 53.37
CA ALA C 113 36.53 32.65 54.76
C ALA C 113 35.24 33.08 55.44
N THR C 114 34.47 34.00 54.85
CA THR C 114 33.23 34.47 55.43
C THR C 114 32.00 33.92 54.73
N ASN C 115 31.93 34.05 53.40
CA ASN C 115 30.76 33.59 52.66
C ASN C 115 31.19 33.09 51.29
N VAL C 116 30.30 32.31 50.67
CA VAL C 116 30.52 31.77 49.34
C VAL C 116 29.77 32.64 48.34
N VAL C 117 30.49 33.25 47.42
CA VAL C 117 29.89 34.07 46.36
C VAL C 117 30.05 33.32 45.05
N ILE C 118 28.94 33.15 44.34
CA ILE C 118 28.97 32.63 42.98
C ILE C 118 28.49 33.76 42.08
N LYS C 119 29.43 34.55 41.58
CA LYS C 119 29.13 35.70 40.73
C LYS C 119 29.43 35.31 39.29
N VAL C 120 28.38 35.22 38.48
CA VAL C 120 28.51 34.89 37.07
C VAL C 120 28.44 36.23 36.33
N CYS C 121 29.61 36.75 35.95
CA CYS C 121 29.70 38.03 35.26
C CYS C 121 30.85 38.00 34.27
N GLU C 122 31.06 39.11 33.59
CA GLU C 122 32.13 39.23 32.60
C GLU C 122 33.36 39.86 33.23
N PHE C 123 34.02 39.07 34.08
CA PHE C 123 35.22 39.54 34.75
C PHE C 123 36.40 39.62 33.77
N GLN C 124 37.31 40.54 34.05
CA GLN C 124 38.55 40.65 33.28
C GLN C 124 39.55 39.70 33.93
N PHE C 125 39.58 38.47 33.43
CA PHE C 125 40.42 37.44 34.01
C PHE C 125 41.85 37.57 33.48
N CYS C 126 42.81 37.57 34.39
CA CYS C 126 44.21 37.75 34.04
C CYS C 126 44.81 36.42 33.60
N ASN C 127 46.13 36.39 33.40
CA ASN C 127 46.79 35.18 32.95
C ASN C 127 46.82 34.10 34.03
N ASP C 128 46.96 34.49 35.29
CA ASP C 128 47.05 33.54 36.39
C ASP C 128 46.52 34.18 37.67
N PRO C 129 45.21 34.19 37.85
CA PRO C 129 44.64 34.71 39.10
C PRO C 129 44.96 33.78 40.28
N PHE C 130 45.08 34.39 41.46
CA PHE C 130 45.45 33.65 42.65
C PHE C 130 45.01 34.44 43.88
N LEU C 131 44.98 33.75 45.02
CA LEU C 131 44.65 34.34 46.30
C LEU C 131 45.90 34.46 47.14
N GLY C 132 46.13 35.64 47.72
CA GLY C 132 47.33 35.91 48.49
C GLY C 132 47.02 36.03 49.97
N VAL C 133 47.75 35.26 50.78
CA VAL C 133 47.62 35.25 52.22
C VAL C 133 48.91 35.78 52.82
N TYR C 134 48.80 36.77 53.69
CA TYR C 134 49.95 37.43 54.32
C TYR C 134 49.91 37.21 55.82
N TYR C 135 51.06 36.91 56.40
CA TYR C 135 51.18 36.63 57.83
C TYR C 135 51.52 37.92 58.57
N HIS C 136 50.62 38.35 59.45
CA HIS C 136 50.84 39.57 60.21
C HIS C 136 51.91 39.36 61.27
N LYS C 137 52.57 40.46 61.64
CA LYS C 137 53.62 40.39 62.65
C LYS C 137 53.04 40.44 64.06
N ASN C 138 52.22 41.46 64.34
CA ASN C 138 51.65 41.59 65.68
C ASN C 138 50.55 40.55 65.92
N ASN C 139 49.85 40.14 64.87
CA ASN C 139 48.78 39.15 64.98
C ASN C 139 49.27 37.81 64.46
N LYS C 140 49.17 36.77 65.29
CA LYS C 140 49.60 35.43 64.92
C LYS C 140 48.46 34.66 64.25
N SER C 141 48.00 35.20 63.13
CA SER C 141 46.92 34.61 62.37
C SER C 141 47.11 34.92 60.89
N TRP C 142 46.77 33.97 60.04
CA TRP C 142 46.89 34.14 58.59
C TRP C 142 45.62 34.78 58.05
N MET C 143 45.77 35.87 57.31
CA MET C 143 44.65 36.60 56.75
C MET C 143 44.92 36.90 55.29
N GLU C 144 43.89 36.77 54.47
CA GLU C 144 44.00 36.99 53.03
C GLU C 144 43.94 38.48 52.73
N SER C 145 44.96 38.99 52.04
CA SER C 145 45.06 40.41 51.73
C SER C 145 45.21 40.69 50.25
N GLU C 146 45.95 39.85 49.51
CA GLU C 146 46.16 40.06 48.08
C GLU C 146 45.00 39.44 47.33
N PHE C 147 43.99 40.26 47.03
CA PHE C 147 42.79 39.82 46.31
C PHE C 147 42.96 40.21 44.84
N ARG C 148 43.66 39.37 44.10
CA ARG C 148 43.97 39.59 42.69
C ARG C 148 43.41 38.43 41.88
N VAL C 149 42.13 38.53 41.50
CA VAL C 149 41.50 37.48 40.71
C VAL C 149 40.97 38.05 39.40
N TYR C 150 40.61 39.34 39.41
CA TYR C 150 40.12 40.00 38.20
C TYR C 150 40.32 41.51 38.36
N SER C 151 40.03 42.23 37.27
CA SER C 151 40.09 43.68 37.28
C SER C 151 38.72 44.29 37.54
N SER C 152 37.74 44.01 36.68
CA SER C 152 36.40 44.57 36.80
C SER C 152 35.45 43.75 35.95
N ALA C 153 34.15 43.99 36.16
CA ALA C 153 33.09 43.36 35.40
C ALA C 153 32.34 44.42 34.58
N ASN C 154 31.56 43.95 33.61
CA ASN C 154 30.84 44.84 32.71
C ASN C 154 29.33 44.78 32.91
N ASN C 155 28.73 43.60 32.76
CA ASN C 155 27.28 43.46 32.92
C ASN C 155 26.96 42.00 33.10
N CYS C 156 25.94 41.72 33.92
CA CYS C 156 25.53 40.35 34.20
C CYS C 156 24.12 40.34 34.76
N THR C 157 23.60 39.13 34.97
CA THR C 157 22.24 38.94 35.46
C THR C 157 22.20 38.05 36.71
N PHE C 158 23.14 37.10 36.81
CA PHE C 158 23.11 36.10 37.86
C PHE C 158 24.16 36.40 38.92
N GLU C 159 23.75 36.31 40.19
CA GLU C 159 24.65 36.47 41.32
C GLU C 159 24.04 35.76 42.51
N TYR C 160 24.67 34.69 42.96
CA TYR C 160 24.15 33.88 44.06
C TYR C 160 25.16 33.80 45.20
N VAL C 161 24.67 33.94 46.42
CA VAL C 161 25.47 33.80 47.63
C VAL C 161 24.99 32.55 48.37
N SER C 162 25.88 31.59 48.56
CA SER C 162 25.53 30.33 49.20
C SER C 162 25.59 30.49 50.71
N GLN C 163 25.44 29.38 51.43
CA GLN C 163 25.51 29.42 52.89
C GLN C 163 26.94 29.70 53.35
N PRO C 164 27.10 30.37 54.50
CA PRO C 164 28.46 30.64 55.00
C PRO C 164 29.23 29.38 55.37
N PHE C 165 30.54 29.44 55.17
CA PHE C 165 31.43 28.31 55.45
C PHE C 165 32.70 28.85 56.07
N LEU C 166 33.11 28.27 57.19
CA LEU C 166 34.30 28.69 57.90
C LEU C 166 35.52 27.96 57.35
N MET C 167 36.64 28.68 57.28
CA MET C 167 37.85 28.15 56.68
C MET C 167 39.01 28.38 57.64
N ASP C 168 40.07 27.58 57.47
CA ASP C 168 41.32 27.80 58.19
C ASP C 168 42.38 28.24 57.20
N LEU C 169 42.99 29.39 57.46
CA LEU C 169 43.95 30.01 56.56
C LEU C 169 45.39 29.62 56.85
N GLU C 170 45.63 28.77 57.85
CA GLU C 170 46.98 28.34 58.20
C GLU C 170 47.34 27.09 57.40
N GLY C 171 48.44 27.16 56.67
CA GLY C 171 48.91 26.05 55.85
C GLY C 171 50.06 25.32 56.52
N LYS C 172 50.04 24.00 56.42
CA LYS C 172 51.06 23.14 57.01
C LYS C 172 51.65 22.23 55.95
N GLN C 173 52.58 21.38 56.37
CA GLN C 173 53.24 20.43 55.47
C GLN C 173 52.98 18.98 55.87
N GLY C 174 52.02 18.73 56.74
CA GLY C 174 51.75 17.40 57.22
C GLY C 174 50.84 16.61 56.29
N ASN C 175 50.48 15.41 56.75
CA ASN C 175 49.62 14.54 55.96
C ASN C 175 48.19 15.06 55.95
N PHE C 176 47.46 14.70 54.89
CA PHE C 176 46.08 15.16 54.73
C PHE C 176 45.14 14.38 55.63
N LYS C 177 44.03 15.03 55.99
CA LYS C 177 43.04 14.43 56.87
C LYS C 177 41.62 14.42 56.30
N ASN C 178 41.37 15.13 55.20
CA ASN C 178 40.05 15.18 54.60
C ASN C 178 40.18 15.02 53.09
N LEU C 179 39.06 14.65 52.46
CA LEU C 179 39.01 14.47 51.01
C LEU C 179 37.73 15.12 50.49
N ARG C 180 37.86 16.05 49.57
CA ARG C 180 36.73 16.77 48.98
C ARG C 180 36.67 16.47 47.49
N GLU C 181 35.49 16.06 47.02
CA GLU C 181 35.26 15.75 45.62
C GLU C 181 34.18 16.69 45.07
N PHE C 182 34.35 17.10 43.82
CA PHE C 182 33.40 18.01 43.18
C PHE C 182 33.14 17.53 41.75
N VAL C 183 31.89 17.62 41.33
CA VAL C 183 31.49 17.28 39.96
C VAL C 183 30.71 18.45 39.39
N PHE C 184 31.19 18.99 38.28
CA PHE C 184 30.54 20.12 37.61
C PHE C 184 30.02 19.65 36.26
N LYS C 185 28.73 19.86 36.02
CA LYS C 185 28.09 19.47 34.77
C LYS C 185 27.32 20.64 34.19
N ASN C 186 27.08 20.58 32.89
CA ASN C 186 26.32 21.61 32.18
C ASN C 186 25.43 20.92 31.15
N ILE C 187 24.15 20.75 31.48
CA ILE C 187 23.15 20.18 30.59
C ILE C 187 22.07 21.23 30.40
N ASP C 188 21.63 21.39 29.16
CA ASP C 188 20.64 22.40 28.74
C ASP C 188 20.87 23.76 29.40
N GLY C 189 22.15 24.13 29.51
CA GLY C 189 22.52 25.38 30.12
C GLY C 189 22.39 25.44 31.63
N TYR C 190 22.03 24.33 32.27
CA TYR C 190 21.82 24.30 33.71
C TYR C 190 23.10 23.81 34.38
N PHE C 191 23.58 24.57 35.37
CA PHE C 191 24.83 24.25 36.06
C PHE C 191 24.54 23.31 37.22
N LYS C 192 25.33 22.25 37.33
CA LYS C 192 25.16 21.23 38.36
C LYS C 192 26.43 21.13 39.19
N ILE C 193 26.27 21.02 40.51
CA ILE C 193 27.38 20.88 41.43
C ILE C 193 27.04 19.74 42.40
N TYR C 194 27.93 18.75 42.47
CA TYR C 194 27.79 17.63 43.39
C TYR C 194 29.06 17.53 44.23
N SER C 195 28.90 17.41 45.54
CA SER C 195 30.06 17.37 46.42
C SER C 195 29.72 16.60 47.69
N LYS C 196 30.78 16.08 48.33
CA LYS C 196 30.64 15.39 49.61
C LYS C 196 32.02 15.36 50.27
N HIS C 197 32.05 15.70 51.56
CA HIS C 197 33.30 15.66 52.33
C HIS C 197 33.46 14.29 52.97
N THR C 198 34.61 13.67 52.76
CA THR C 198 34.90 12.33 53.27
C THR C 198 36.25 12.35 53.97
N PRO C 199 36.31 12.11 55.28
CA PRO C 199 37.60 12.04 55.96
C PRO C 199 38.39 10.81 55.51
N ILE C 200 39.72 10.97 55.49
CA ILE C 200 40.61 9.89 55.07
C ILE C 200 42.00 10.22 55.60
N ASN C 201 42.85 9.20 55.72
CA ASN C 201 44.23 9.36 56.19
C ASN C 201 45.15 8.75 55.13
N LEU C 202 45.50 9.54 54.12
CA LEU C 202 46.35 9.08 53.04
C LEU C 202 46.98 10.30 52.36
N VAL C 203 48.03 10.03 51.59
CA VAL C 203 48.72 11.07 50.84
C VAL C 203 48.31 10.99 49.38
N ARG C 204 48.56 9.84 48.75
CA ARG C 204 48.16 9.61 47.37
C ARG C 204 47.52 8.24 47.25
N ASP C 205 47.24 7.81 46.01
CA ASP C 205 46.67 6.49 45.71
C ASP C 205 45.34 6.29 46.44
N LEU C 206 44.35 7.10 46.00
CA LEU C 206 42.99 7.19 46.54
C LEU C 206 42.39 5.83 46.84
N PRO C 207 41.71 5.68 47.99
CA PRO C 207 41.25 4.35 48.40
C PRO C 207 40.13 3.82 47.51
N GLN C 208 39.95 2.51 47.58
CA GLN C 208 38.94 1.80 46.81
C GLN C 208 37.55 1.88 47.44
N GLY C 209 37.38 2.66 48.51
CA GLY C 209 36.08 2.78 49.11
C GLY C 209 35.09 3.54 48.24
N PHE C 210 33.81 3.35 48.54
CA PHE C 210 32.73 3.92 47.76
C PHE C 210 32.06 5.04 48.54
N SER C 211 31.81 6.17 47.87
CA SER C 211 31.14 7.30 48.49
C SER C 211 30.39 8.07 47.41
N ALA C 212 29.07 8.18 47.58
CA ALA C 212 28.25 8.91 46.63
C ALA C 212 28.39 10.42 46.86
N LEU C 213 27.93 11.19 45.88
CA LEU C 213 28.00 12.65 45.93
C LEU C 213 26.59 13.22 45.83
N GLU C 214 26.24 14.12 46.75
CA GLU C 214 24.94 14.75 46.80
C GLU C 214 25.03 16.20 46.35
N PRO C 215 24.07 16.68 45.55
CA PRO C 215 24.09 18.08 45.12
C PRO C 215 23.81 19.01 46.28
N LEU C 216 24.41 20.20 46.22
CA LEU C 216 24.21 21.24 47.23
C LEU C 216 23.36 22.39 46.69
N VAL C 217 23.76 23.00 45.59
CA VAL C 217 23.03 24.12 44.99
C VAL C 217 22.89 23.86 43.49
N ASP C 218 21.75 24.26 42.94
CA ASP C 218 21.47 24.12 41.52
C ASP C 218 21.40 25.51 40.90
N LEU C 219 22.14 25.72 39.81
CA LEU C 219 22.35 27.06 39.26
C LEU C 219 21.78 27.19 37.86
N PRO C 220 20.67 27.92 37.67
CA PRO C 220 20.10 28.17 36.33
C PRO C 220 20.65 29.41 35.62
N ILE C 221 21.84 29.27 35.02
CA ILE C 221 22.44 30.38 34.29
C ILE C 221 21.91 30.39 32.86
N GLY C 222 22.19 29.33 32.11
CA GLY C 222 21.70 29.22 30.74
C GLY C 222 22.72 29.60 29.68
N ILE C 223 23.97 29.19 29.87
CA ILE C 223 25.04 29.41 28.91
C ILE C 223 25.77 28.09 28.68
N ASN C 224 26.80 28.13 27.84
CA ASN C 224 27.65 26.98 27.56
C ASN C 224 29.11 27.33 27.84
N ILE C 225 29.81 26.41 28.49
CA ILE C 225 31.18 26.61 28.93
C ILE C 225 32.07 25.58 28.24
N THR C 226 33.27 26.01 27.83
CA THR C 226 34.22 25.14 27.17
C THR C 226 35.58 25.06 27.85
N ARG C 227 35.87 25.93 28.82
CA ARG C 227 37.15 25.91 29.51
C ARG C 227 36.93 26.21 31.00
N PHE C 228 37.88 25.77 31.81
CA PHE C 228 37.81 26.00 33.24
C PHE C 228 39.23 26.03 33.81
N GLN C 229 39.36 26.63 34.99
CA GLN C 229 40.65 26.74 35.66
C GLN C 229 40.42 26.87 37.16
N THR C 230 41.30 26.25 37.94
CA THR C 230 41.22 26.27 39.39
C THR C 230 42.14 27.33 39.97
N LEU C 231 41.89 27.68 41.23
CA LEU C 231 42.65 28.71 41.93
C LEU C 231 43.18 28.16 43.24
N LEU C 232 44.43 28.51 43.55
CA LEU C 232 45.05 28.13 44.82
C LEU C 232 45.47 29.38 45.57
N ALA C 233 45.76 29.21 46.85
CA ALA C 233 46.19 30.29 47.72
C ALA C 233 47.56 29.97 48.29
N LEU C 234 48.50 30.90 48.13
CA LEU C 234 49.84 30.78 48.68
C LEU C 234 49.99 31.70 49.89
N HIS C 235 51.04 31.44 50.66
CA HIS C 235 51.28 32.14 51.92
C HIS C 235 52.51 33.04 51.80
N ARG C 236 52.47 34.16 52.49
CA ARG C 236 53.57 35.13 52.55
C ARG C 236 53.99 35.27 54.01
N SER C 237 54.92 34.41 54.43
CA SER C 237 55.41 34.41 55.79
C SER C 237 56.67 35.28 55.89
N TYR C 238 57.34 35.25 57.04
CA TYR C 238 58.57 36.00 57.22
C TYR C 238 59.76 35.37 56.51
N LEU C 239 59.67 34.09 56.16
CA LEU C 239 60.78 33.43 55.46
C LEU C 239 60.92 33.96 54.04
N THR C 240 59.80 34.05 53.31
CA THR C 240 59.83 34.58 51.95
C THR C 240 59.95 36.10 51.98
N PRO C 241 60.62 36.70 50.98
CA PRO C 241 60.70 38.16 50.91
C PRO C 241 59.35 38.84 50.74
N GLY C 242 58.34 38.13 50.24
CA GLY C 242 57.02 38.69 50.08
C GLY C 242 56.65 39.12 48.68
N ASP C 243 57.52 38.90 47.70
CA ASP C 243 57.25 39.24 46.32
C ASP C 243 56.81 38.00 45.56
N SER C 244 55.81 38.15 44.69
CA SER C 244 55.27 37.03 43.91
C SER C 244 56.05 36.85 42.60
N SER C 245 57.37 36.76 42.70
CA SER C 245 58.22 36.51 41.54
C SER C 245 58.93 35.16 41.63
N SER C 246 59.67 34.91 42.70
CA SER C 246 60.36 33.64 42.87
C SER C 246 60.26 33.05 44.26
N GLY C 247 59.84 33.81 45.28
CA GLY C 247 59.77 33.30 46.63
C GLY C 247 58.36 33.23 47.17
N TRP C 248 57.86 32.02 47.38
CA TRP C 248 56.52 31.81 47.91
C TRP C 248 56.44 30.40 48.47
N THR C 249 55.38 30.16 49.26
CA THR C 249 55.08 28.83 49.78
C THR C 249 53.60 28.54 49.59
N ALA C 250 53.30 27.30 49.19
CA ALA C 250 51.93 26.90 48.92
C ALA C 250 51.46 25.77 49.83
N GLY C 251 52.23 25.43 50.86
CA GLY C 251 51.83 24.34 51.75
C GLY C 251 51.95 22.99 51.05
N ALA C 252 50.91 22.17 51.18
CA ALA C 252 50.90 20.85 50.56
C ALA C 252 49.46 20.53 50.17
N ALA C 253 49.23 20.33 48.87
CA ALA C 253 47.89 20.00 48.38
C ALA C 253 48.02 19.18 47.11
N ALA C 254 46.94 18.49 46.77
CA ALA C 254 46.89 17.67 45.56
C ALA C 254 45.44 17.56 45.11
N TYR C 255 45.17 18.04 43.89
CA TYR C 255 43.83 17.99 43.33
C TYR C 255 43.84 17.21 42.02
N TYR C 256 42.84 16.37 41.84
CA TYR C 256 42.72 15.52 40.67
C TYR C 256 41.61 16.02 39.76
N VAL C 257 41.88 16.06 38.46
CA VAL C 257 40.91 16.51 37.47
C VAL C 257 40.62 15.35 36.52
N GLY C 258 39.36 14.97 36.42
CA GLY C 258 38.95 13.91 35.53
C GLY C 258 37.72 14.30 34.74
N TYR C 259 37.63 13.75 33.52
CA TYR C 259 36.55 14.08 32.61
C TYR C 259 35.51 12.97 32.60
N LEU C 260 34.24 13.37 32.57
CA LEU C 260 33.13 12.43 32.58
C LEU C 260 32.78 12.01 31.17
N GLN C 261 32.38 10.75 31.02
CA GLN C 261 31.96 10.20 29.75
C GLN C 261 30.57 9.60 29.86
N PRO C 262 29.76 9.66 28.80
CA PRO C 262 28.41 9.10 28.87
C PRO C 262 28.39 7.58 28.77
N ARG C 263 28.21 6.91 29.90
CA ARG C 263 28.12 5.46 29.96
C ARG C 263 26.97 5.07 30.89
N THR C 264 26.40 3.89 30.63
CA THR C 264 25.35 3.36 31.48
C THR C 264 25.95 2.79 32.75
N PHE C 265 25.39 3.19 33.89
CA PHE C 265 25.86 2.73 35.20
C PHE C 265 24.71 2.07 35.95
N LEU C 266 25.00 0.93 36.57
CA LEU C 266 24.03 0.24 37.40
C LEU C 266 24.21 0.68 38.85
N LEU C 267 23.19 1.29 39.42
CA LEU C 267 23.27 1.88 40.75
C LEU C 267 22.59 0.97 41.77
N LYS C 268 23.26 0.77 42.91
CA LYS C 268 22.73 -0.03 43.99
C LYS C 268 22.13 0.88 45.06
N TYR C 269 21.01 0.46 45.62
CA TYR C 269 20.32 1.20 46.67
C TYR C 269 20.01 0.26 47.83
N ASN C 270 20.17 0.76 49.05
CA ASN C 270 19.88 0.00 50.25
C ASN C 270 18.50 0.39 50.78
N GLU C 271 18.16 -0.12 51.97
CA GLU C 271 16.90 0.23 52.60
C GLU C 271 16.88 1.68 53.08
N ASN C 272 18.04 2.27 53.35
CA ASN C 272 18.10 3.67 53.74
C ASN C 272 18.10 4.62 52.54
N GLY C 273 18.31 4.12 51.34
CA GLY C 273 18.23 4.92 50.14
C GLY C 273 19.53 5.51 49.63
N THR C 274 20.66 5.13 50.20
CA THR C 274 21.95 5.63 49.75
C THR C 274 22.63 4.64 48.82
N ILE C 275 23.54 5.16 48.00
CA ILE C 275 24.22 4.34 47.01
C ILE C 275 25.38 3.62 47.68
N THR C 276 25.45 2.30 47.47
CA THR C 276 26.50 1.46 48.04
C THR C 276 27.55 1.02 47.04
N ASP C 277 27.15 0.59 45.84
CA ASP C 277 28.08 0.17 44.82
C ASP C 277 27.55 0.55 43.45
N ALA C 278 28.45 0.61 42.48
CA ALA C 278 28.10 0.93 41.10
C ALA C 278 28.83 -0.01 40.16
N VAL C 279 28.15 -0.45 39.10
CA VAL C 279 28.70 -1.33 38.09
C VAL C 279 28.58 -0.66 36.74
N ASP C 280 29.67 -0.64 35.98
CA ASP C 280 29.68 -0.12 34.63
C ASP C 280 29.24 -1.22 33.66
N CYS C 281 28.94 -0.81 32.42
CA CYS C 281 28.57 -1.75 31.37
C CYS C 281 29.58 -1.82 30.23
N ALA C 282 30.50 -0.87 30.14
CA ALA C 282 31.48 -0.84 29.05
C ALA C 282 32.92 -0.92 29.56
N LEU C 283 33.12 -1.41 30.78
CA LEU C 283 34.44 -1.54 31.37
C LEU C 283 34.97 -2.97 31.32
N ASP C 284 34.19 -3.92 31.82
CA ASP C 284 34.61 -5.32 31.89
C ASP C 284 33.48 -6.20 31.36
N PRO C 285 33.82 -7.31 30.71
CA PRO C 285 32.77 -8.28 30.31
C PRO C 285 32.02 -8.84 31.50
N LEU C 286 32.68 -9.04 32.64
CA LEU C 286 31.96 -9.45 33.85
C LEU C 286 31.02 -8.36 34.32
N SER C 287 31.46 -7.10 34.26
CA SER C 287 30.59 -5.98 34.62
C SER C 287 29.42 -5.86 33.66
N GLU C 288 29.65 -6.10 32.36
CA GLU C 288 28.57 -6.09 31.40
C GLU C 288 27.57 -7.21 31.67
N THR C 289 28.07 -8.40 32.05
CA THR C 289 27.19 -9.50 32.42
C THR C 289 26.37 -9.15 33.66
N LYS C 290 27.00 -8.49 34.64
CA LYS C 290 26.28 -8.07 35.83
C LYS C 290 25.18 -7.06 35.51
N CYS C 291 25.49 -6.08 34.66
CA CYS C 291 24.53 -5.02 34.40
C CYS C 291 23.48 -5.40 33.36
N THR C 292 23.71 -6.45 32.58
CA THR C 292 22.67 -6.95 31.70
C THR C 292 21.65 -7.81 32.45
N LEU C 293 22.09 -8.52 33.49
CA LEU C 293 21.19 -9.32 34.29
C LEU C 293 20.49 -8.52 35.39
N LYS C 294 20.84 -7.24 35.54
CA LYS C 294 20.28 -6.35 36.57
C LYS C 294 20.47 -6.93 37.97
N SER C 295 21.63 -7.52 38.22
CA SER C 295 21.92 -8.11 39.51
C SER C 295 23.41 -8.04 39.78
N PHE C 296 23.76 -8.06 41.07
CA PHE C 296 25.15 -8.06 41.50
C PHE C 296 25.73 -9.46 41.64
N THR C 297 24.91 -10.50 41.52
CA THR C 297 25.33 -11.88 41.69
C THR C 297 25.15 -12.62 40.37
N VAL C 298 26.22 -13.27 39.90
CA VAL C 298 26.21 -14.03 38.67
C VAL C 298 26.53 -15.48 38.99
N GLU C 299 25.67 -16.39 38.55
CA GLU C 299 25.88 -17.81 38.72
C GLU C 299 26.59 -18.40 37.51
N LYS C 300 27.00 -19.66 37.65
CA LYS C 300 27.70 -20.33 36.56
C LYS C 300 26.75 -20.62 35.40
N GLY C 301 27.23 -20.41 34.20
CA GLY C 301 26.44 -20.65 33.01
C GLY C 301 26.86 -19.70 31.90
N ILE C 302 26.16 -19.83 30.78
CA ILE C 302 26.40 -18.98 29.62
C ILE C 302 25.46 -17.79 29.66
N TYR C 303 25.91 -16.67 29.09
CA TYR C 303 25.13 -15.44 29.06
C TYR C 303 25.45 -14.68 27.78
N GLN C 304 24.43 -14.06 27.21
CA GLN C 304 24.59 -13.22 26.02
C GLN C 304 24.38 -11.77 26.43
N THR C 305 25.38 -10.93 26.14
CA THR C 305 25.36 -9.53 26.54
C THR C 305 25.08 -8.59 25.39
N SER C 306 25.84 -8.68 24.30
CA SER C 306 25.70 -7.78 23.18
C SER C 306 26.06 -8.53 21.90
N ASN C 307 26.25 -7.78 20.81
CA ASN C 307 26.59 -8.35 19.52
C ASN C 307 27.88 -7.74 19.01
N PHE C 308 28.60 -8.51 18.19
CA PHE C 308 29.87 -8.08 17.61
C PHE C 308 29.66 -7.77 16.14
N ARG C 309 29.90 -6.52 15.76
CA ARG C 309 29.75 -6.06 14.38
C ARG C 309 31.10 -5.60 13.85
N VAL C 310 31.48 -6.12 12.68
CA VAL C 310 32.73 -5.76 12.04
C VAL C 310 32.44 -4.58 11.12
N GLN C 311 32.82 -3.39 11.56
CA GLN C 311 32.56 -2.19 10.78
C GLN C 311 33.62 -2.02 9.71
N PRO C 312 33.24 -1.89 8.42
CA PRO C 312 34.24 -1.63 7.38
C PRO C 312 34.85 -0.25 7.53
N THR C 313 36.11 -0.14 7.11
CA THR C 313 36.86 1.09 7.24
C THR C 313 37.11 1.81 5.92
N GLU C 314 36.88 1.16 4.79
CA GLU C 314 37.13 1.77 3.49
C GLU C 314 35.96 1.49 2.55
N SER C 315 35.77 2.38 1.59
CA SER C 315 34.71 2.26 0.60
C SER C 315 35.31 2.47 -0.79
N ILE C 316 34.93 1.59 -1.72
CA ILE C 316 35.42 1.66 -3.09
C ILE C 316 34.22 1.68 -4.04
N VAL C 317 34.18 2.69 -4.91
CA VAL C 317 33.11 2.84 -5.90
C VAL C 317 33.76 2.91 -7.27
N ARG C 318 33.39 1.97 -8.15
CA ARG C 318 33.96 1.88 -9.49
C ARG C 318 32.85 1.52 -10.46
N PHE C 319 32.28 2.53 -11.15
CA PHE C 319 31.27 2.23 -12.16
C PHE C 319 31.90 1.68 -13.44
N PRO C 320 32.77 2.42 -14.18
CA PRO C 320 33.32 1.84 -15.41
C PRO C 320 34.63 1.12 -15.16
N ASN C 321 35.24 0.60 -16.22
CA ASN C 321 36.64 0.22 -16.13
C ASN C 321 37.55 1.44 -16.28
N ILE C 322 37.49 2.10 -17.43
CA ILE C 322 38.03 3.45 -17.63
C ILE C 322 37.02 4.22 -18.48
N THR C 323 37.16 5.54 -18.49
CA THR C 323 36.32 6.36 -19.35
C THR C 323 36.82 6.27 -20.79
N ASN C 324 35.87 6.39 -21.73
CA ASN C 324 36.16 6.25 -23.16
C ASN C 324 36.36 7.64 -23.75
N LEU C 325 37.63 8.00 -23.97
CA LEU C 325 37.95 9.33 -24.48
C LEU C 325 37.48 9.50 -25.92
N CYS C 326 36.88 10.66 -26.20
CA CYS C 326 36.49 10.99 -27.57
C CYS C 326 37.73 11.38 -28.39
N PRO C 327 37.70 11.19 -29.71
CA PRO C 327 38.86 11.55 -30.53
C PRO C 327 39.12 13.05 -30.51
N PHE C 328 40.29 13.43 -29.98
CA PHE C 328 40.66 14.83 -29.88
C PHE C 328 42.12 15.08 -30.25
N GLY C 329 42.81 14.10 -30.85
CA GLY C 329 44.23 14.24 -31.12
C GLY C 329 44.58 15.21 -32.23
N GLU C 330 43.59 15.68 -33.00
CA GLU C 330 43.87 16.61 -34.08
C GLU C 330 44.15 18.02 -33.59
N VAL C 331 43.76 18.36 -32.36
CA VAL C 331 44.06 19.68 -31.81
C VAL C 331 45.45 19.78 -31.22
N PHE C 332 46.15 18.65 -31.07
CA PHE C 332 47.50 18.61 -30.55
C PHE C 332 48.52 18.14 -31.58
N ASN C 333 48.30 16.98 -32.17
CA ASN C 333 49.18 16.43 -33.20
C ASN C 333 48.46 16.53 -34.55
N ALA C 334 48.94 17.42 -35.40
CA ALA C 334 48.34 17.63 -36.71
C ALA C 334 49.42 18.05 -37.69
N THR C 335 49.03 18.11 -38.97
CA THR C 335 49.97 18.52 -40.01
C THR C 335 50.41 19.98 -39.84
N ARG C 336 49.47 20.87 -39.54
CA ARG C 336 49.79 22.27 -39.34
C ARG C 336 48.70 22.91 -38.48
N PHE C 337 49.03 24.06 -37.91
CA PHE C 337 48.11 24.81 -37.06
C PHE C 337 47.82 26.17 -37.71
N ALA C 338 47.08 26.99 -36.98
CA ALA C 338 46.68 28.31 -37.46
C ALA C 338 47.51 29.39 -36.78
N SER C 339 47.32 30.63 -37.20
CA SER C 339 48.06 31.77 -36.70
C SER C 339 47.30 32.39 -35.52
N VAL C 340 47.75 33.56 -35.07
CA VAL C 340 47.12 34.21 -33.92
C VAL C 340 46.00 35.16 -34.34
N TYR C 341 46.06 35.72 -35.56
CA TYR C 341 44.98 36.61 -35.99
C TYR C 341 43.71 35.83 -36.32
N ALA C 342 43.85 34.55 -36.68
CA ALA C 342 42.71 33.66 -36.89
C ALA C 342 43.12 32.29 -36.35
N TRP C 343 42.79 32.04 -35.08
CA TRP C 343 43.17 30.81 -34.40
C TRP C 343 42.03 29.81 -34.42
N ASN C 344 42.40 28.54 -34.29
CA ASN C 344 41.41 27.47 -34.25
C ASN C 344 40.62 27.51 -32.95
N ARG C 345 39.30 27.45 -33.05
CA ARG C 345 38.42 27.44 -31.90
C ARG C 345 37.71 26.08 -31.85
N LYS C 346 37.88 25.37 -30.75
CA LYS C 346 37.32 24.03 -30.57
C LYS C 346 36.39 24.01 -29.38
N ARG C 347 35.26 23.33 -29.52
CA ARG C 347 34.27 23.18 -28.47
C ARG C 347 34.14 21.71 -28.11
N ILE C 348 34.18 21.40 -26.83
CA ILE C 348 34.06 20.04 -26.33
C ILE C 348 32.70 19.89 -25.67
N SER C 349 31.87 19.01 -26.22
CA SER C 349 30.54 18.77 -25.67
C SER C 349 30.18 17.30 -25.86
N ASN C 350 29.45 16.76 -24.89
CA ASN C 350 29.00 15.36 -24.89
C ASN C 350 30.17 14.38 -24.99
N CYS C 351 31.28 14.73 -24.35
CA CYS C 351 32.48 13.89 -24.33
C CYS C 351 33.04 13.84 -22.93
N VAL C 352 33.33 12.62 -22.45
CA VAL C 352 34.02 12.45 -21.18
C VAL C 352 35.50 12.70 -21.38
N ALA C 353 36.11 13.47 -20.48
CA ALA C 353 37.47 13.94 -20.65
C ALA C 353 38.31 13.54 -19.45
N ASP C 354 39.49 12.99 -19.72
CA ASP C 354 40.47 12.67 -18.68
C ASP C 354 41.70 13.54 -18.91
N TYR C 355 42.07 14.31 -17.89
CA TYR C 355 43.21 15.21 -17.95
C TYR C 355 44.48 14.61 -17.37
N SER C 356 44.43 13.36 -16.90
CA SER C 356 45.64 12.70 -16.41
C SER C 356 46.58 12.34 -17.56
N VAL C 357 46.02 11.90 -18.68
CA VAL C 357 46.82 11.59 -19.86
C VAL C 357 47.46 12.85 -20.42
N LEU C 358 46.75 13.99 -20.35
CA LEU C 358 47.28 15.25 -20.82
C LEU C 358 48.41 15.80 -19.95
N TYR C 359 48.69 15.17 -18.80
CA TYR C 359 49.76 15.62 -17.92
C TYR C 359 50.95 14.68 -17.83
N ASN C 360 50.75 13.37 -17.97
CA ASN C 360 51.84 12.41 -17.83
C ASN C 360 52.66 12.25 -19.11
N SER C 361 52.55 13.20 -20.05
CA SER C 361 53.33 13.14 -21.28
C SER C 361 54.81 13.39 -21.03
N ALA C 362 55.14 14.22 -20.03
CA ALA C 362 56.52 14.57 -19.66
C ALA C 362 57.28 15.17 -20.85
N SER C 363 56.59 15.94 -21.68
CA SER C 363 57.21 16.58 -22.83
C SER C 363 56.92 18.07 -22.93
N PHE C 364 55.96 18.60 -22.17
CA PHE C 364 55.63 20.01 -22.22
C PHE C 364 56.69 20.83 -21.49
N SER C 365 57.23 21.83 -22.16
CA SER C 365 58.24 22.69 -21.56
C SER C 365 57.62 23.65 -20.54
N THR C 366 56.45 24.19 -20.87
CA THR C 366 55.72 25.12 -20.01
C THR C 366 54.37 24.52 -19.63
N PHE C 367 53.82 25.01 -18.52
CA PHE C 367 52.43 24.70 -18.14
C PHE C 367 52.02 25.70 -17.07
N LYS C 368 51.00 26.51 -17.37
CA LYS C 368 50.41 27.44 -16.43
C LYS C 368 48.90 27.24 -16.43
N CYS C 369 48.32 27.07 -15.24
CA CYS C 369 46.89 26.82 -15.10
C CYS C 369 46.40 27.52 -13.84
N TYR C 370 45.68 28.62 -14.01
CA TYR C 370 45.18 29.44 -12.91
C TYR C 370 43.68 29.21 -12.71
N GLY C 371 43.18 29.71 -11.57
CA GLY C 371 41.77 29.61 -11.27
C GLY C 371 41.41 28.37 -10.48
N VAL C 372 41.76 27.20 -10.99
CA VAL C 372 41.46 25.92 -10.36
C VAL C 372 42.79 25.23 -10.04
N SER C 373 42.84 24.56 -8.90
CA SER C 373 44.05 23.83 -8.52
C SER C 373 44.26 22.67 -9.49
N PRO C 374 45.45 22.54 -10.06
CA PRO C 374 45.67 21.56 -11.13
C PRO C 374 45.51 20.10 -10.70
N THR C 375 45.66 19.79 -9.42
CA THR C 375 45.50 18.43 -8.94
C THR C 375 44.05 18.06 -8.64
N LYS C 376 43.14 19.04 -8.64
CA LYS C 376 41.74 18.80 -8.26
C LYS C 376 40.78 19.34 -9.31
N LEU C 377 41.16 19.28 -10.58
CA LEU C 377 40.28 19.73 -11.66
C LEU C 377 39.61 18.57 -12.40
N ASN C 378 40.03 17.33 -12.14
CA ASN C 378 39.36 16.19 -12.77
C ASN C 378 38.01 15.91 -12.13
N ASP C 379 37.92 15.97 -10.80
CA ASP C 379 36.66 15.71 -10.13
C ASP C 379 35.68 16.87 -10.30
N LEU C 380 36.15 18.10 -10.15
CA LEU C 380 35.30 19.27 -10.38
C LEU C 380 35.07 19.44 -11.88
N CYS C 381 33.81 19.66 -12.25
CA CYS C 381 33.43 19.66 -13.65
C CYS C 381 32.65 20.93 -13.99
N PHE C 382 32.66 21.27 -15.28
CA PHE C 382 31.98 22.45 -15.80
C PHE C 382 31.14 22.03 -17.00
N THR C 383 30.49 23.02 -17.62
CA THR C 383 29.56 22.73 -18.71
C THR C 383 30.30 22.55 -20.03
N ASN C 384 31.00 23.59 -20.49
CA ASN C 384 31.67 23.58 -21.78
C ASN C 384 33.16 23.87 -21.61
N VAL C 385 33.96 23.23 -22.46
CA VAL C 385 35.41 23.43 -22.50
C VAL C 385 35.76 23.99 -23.86
N TYR C 386 36.42 25.15 -23.89
CA TYR C 386 36.81 25.81 -25.12
C TYR C 386 38.30 25.67 -25.32
N ALA C 387 38.70 25.18 -26.49
CA ALA C 387 40.10 24.96 -26.82
C ALA C 387 40.52 25.95 -27.90
N ASP C 388 41.42 26.86 -27.56
CA ASP C 388 41.98 27.83 -28.49
C ASP C 388 43.45 27.49 -28.72
N SER C 389 43.81 27.24 -29.97
CA SER C 389 45.15 26.79 -30.33
C SER C 389 45.78 27.79 -31.29
N PHE C 390 47.03 28.17 -31.02
CA PHE C 390 47.78 29.07 -31.86
C PHE C 390 49.26 28.88 -31.58
N VAL C 391 50.09 29.41 -32.48
CA VAL C 391 51.54 29.33 -32.34
C VAL C 391 52.06 30.66 -31.82
N ILE C 392 53.22 30.61 -31.16
CA ILE C 392 53.83 31.81 -30.58
C ILE C 392 55.32 31.54 -30.43
N ARG C 393 56.10 32.61 -30.28
CA ARG C 393 57.54 32.50 -30.11
C ARG C 393 57.88 32.18 -28.66
N GLY C 394 59.16 31.85 -28.43
CA GLY C 394 59.61 31.48 -27.10
C GLY C 394 59.68 32.63 -26.12
N ASP C 395 59.84 33.85 -26.61
CA ASP C 395 59.92 35.02 -25.74
C ASP C 395 58.57 35.63 -25.43
N GLU C 396 57.50 35.16 -26.08
CA GLU C 396 56.16 35.69 -25.85
C GLU C 396 55.31 34.79 -24.98
N VAL C 397 55.84 33.68 -24.49
CA VAL C 397 55.07 32.79 -23.62
C VAL C 397 54.86 33.40 -22.24
N ARG C 398 55.71 34.36 -21.84
CA ARG C 398 55.53 35.06 -20.57
C ARG C 398 54.41 36.09 -20.64
N GLN C 399 54.07 36.56 -21.84
CA GLN C 399 53.04 37.57 -22.00
C GLN C 399 51.63 37.03 -21.83
N ILE C 400 51.45 35.72 -21.98
CA ILE C 400 50.12 35.12 -21.89
C ILE C 400 49.78 34.85 -20.43
N ALA C 401 49.23 35.87 -19.77
CA ALA C 401 48.85 35.77 -18.37
C ALA C 401 47.85 36.88 -18.08
N PRO C 402 46.93 36.69 -17.12
CA PRO C 402 45.98 37.75 -16.79
C PRO C 402 46.65 38.96 -16.14
N GLY C 403 46.63 40.09 -16.84
CA GLY C 403 47.22 41.32 -16.32
C GLY C 403 48.58 41.64 -16.88
N GLN C 404 48.73 41.47 -18.20
CA GLN C 404 50.00 41.74 -18.87
C GLN C 404 49.77 42.71 -20.02
N THR C 405 50.82 43.45 -20.38
CA THR C 405 50.79 44.43 -21.45
C THR C 405 51.96 44.19 -22.39
N GLY C 406 51.74 44.45 -23.67
CA GLY C 406 52.77 44.24 -24.67
C GLY C 406 52.30 44.53 -26.08
N LYS C 407 52.59 43.62 -27.02
CA LYS C 407 52.24 43.82 -28.41
C LYS C 407 51.43 42.68 -29.03
N ILE C 408 51.31 41.53 -28.36
CA ILE C 408 50.60 40.37 -28.89
C ILE C 408 49.30 40.13 -28.16
N ALA C 409 49.33 40.18 -26.82
CA ALA C 409 48.14 39.89 -26.03
C ALA C 409 47.08 40.97 -26.20
N ASP C 410 47.48 42.23 -26.22
CA ASP C 410 46.52 43.33 -26.31
C ASP C 410 45.95 43.52 -27.71
N TYR C 411 46.52 42.86 -28.73
CA TYR C 411 46.06 43.02 -30.10
C TYR C 411 45.48 41.76 -30.73
N ASN C 412 45.75 40.58 -30.17
CA ASN C 412 45.26 39.34 -30.76
C ASN C 412 44.33 38.57 -29.83
N TYR C 413 44.70 38.38 -28.57
CA TYR C 413 43.89 37.60 -27.63
C TYR C 413 44.13 38.15 -26.23
N LYS C 414 43.18 38.95 -25.74
CA LYS C 414 43.31 39.56 -24.43
C LYS C 414 42.86 38.58 -23.34
N LEU C 415 43.58 38.59 -22.22
CA LEU C 415 43.26 37.72 -21.09
C LEU C 415 42.55 38.54 -20.02
N PRO C 416 41.29 38.24 -19.72
CA PRO C 416 40.56 39.00 -18.70
C PRO C 416 41.03 38.63 -17.29
N ASP C 417 40.56 39.42 -16.33
CA ASP C 417 40.90 39.17 -14.93
C ASP C 417 40.31 37.85 -14.44
N ASP C 418 39.07 37.55 -14.81
CA ASP C 418 38.42 36.30 -14.42
C ASP C 418 38.71 35.22 -15.48
N PHE C 419 40.00 34.86 -15.55
CA PHE C 419 40.48 33.87 -16.51
C PHE C 419 40.76 32.58 -15.74
N THR C 420 39.87 31.59 -15.89
CA THR C 420 40.04 30.28 -15.30
C THR C 420 40.52 29.25 -16.31
N GLY C 421 41.24 29.69 -17.34
CA GLY C 421 41.71 28.80 -18.38
C GLY C 421 42.95 28.04 -17.99
N CYS C 422 43.40 27.19 -18.92
CA CYS C 422 44.56 26.34 -18.71
C CYS C 422 45.47 26.46 -19.92
N VAL C 423 46.71 26.88 -19.70
CA VAL C 423 47.65 27.18 -20.78
C VAL C 423 48.71 26.08 -20.82
N ILE C 424 48.78 25.37 -21.94
CA ILE C 424 49.76 24.31 -22.15
C ILE C 424 50.52 24.62 -23.43
N ALA C 425 51.85 24.61 -23.37
CA ALA C 425 52.68 24.74 -24.57
C ALA C 425 53.91 23.86 -24.46
N TRP C 426 54.47 23.55 -25.63
CA TRP C 426 55.58 22.63 -25.78
C TRP C 426 56.40 23.02 -27.00
N ASN C 427 57.61 22.48 -27.07
CA ASN C 427 58.53 22.80 -28.16
C ASN C 427 58.28 21.87 -29.34
N SER C 428 58.06 22.46 -30.51
CA SER C 428 57.81 21.73 -31.74
C SER C 428 58.61 22.32 -32.88
N ASN C 429 59.89 22.63 -32.62
CA ASN C 429 60.73 23.26 -33.64
C ASN C 429 61.04 22.31 -34.78
N ASN C 430 61.09 21.00 -34.52
CA ASN C 430 61.43 20.03 -35.56
C ASN C 430 60.34 19.87 -36.60
N LEU C 431 59.14 20.39 -36.37
CA LEU C 431 58.04 20.26 -37.31
C LEU C 431 57.44 21.60 -37.73
N ASP C 432 57.43 22.60 -36.86
CA ASP C 432 56.85 23.90 -37.16
C ASP C 432 57.82 24.84 -37.86
N SER C 433 59.05 24.40 -38.13
CA SER C 433 60.04 25.23 -38.80
C SER C 433 60.80 24.39 -39.81
N LYS C 434 61.37 25.07 -40.80
CA LYS C 434 62.12 24.40 -41.86
C LYS C 434 63.22 25.31 -42.35
N VAL C 435 64.20 24.72 -43.04
CA VAL C 435 65.31 25.48 -43.58
C VAL C 435 64.83 26.36 -44.72
N GLY C 436 65.51 27.49 -44.92
CA GLY C 436 65.16 28.44 -45.96
C GLY C 436 64.18 29.51 -45.56
N GLY C 437 63.63 29.44 -44.35
CA GLY C 437 62.71 30.45 -43.89
C GLY C 437 61.26 30.00 -43.91
N ASN C 438 60.72 29.66 -42.74
CA ASN C 438 59.32 29.25 -42.59
C ASN C 438 58.52 30.47 -42.16
N TYR C 439 57.84 31.10 -43.12
CA TYR C 439 57.06 32.31 -42.87
C TYR C 439 55.57 32.08 -43.12
N ASN C 440 55.12 30.83 -42.99
CA ASN C 440 53.73 30.51 -43.26
C ASN C 440 52.77 31.05 -42.21
N TYR C 441 53.27 31.40 -41.03
CA TYR C 441 52.45 31.94 -39.96
C TYR C 441 52.55 33.46 -39.93
N LEU C 442 51.41 34.12 -39.73
CA LEU C 442 51.32 35.56 -39.66
C LEU C 442 50.92 36.01 -38.26
N TYR C 443 51.04 37.31 -38.02
CA TYR C 443 50.64 37.88 -36.74
C TYR C 443 50.30 39.35 -36.94
N ARG C 444 49.58 39.91 -35.97
CA ARG C 444 49.14 41.30 -36.01
C ARG C 444 49.99 42.13 -35.06
N LEU C 445 50.49 43.26 -35.56
CA LEU C 445 51.34 44.14 -34.78
C LEU C 445 50.75 45.52 -34.55
N PHE C 446 49.97 46.05 -35.48
CA PHE C 446 49.39 47.39 -35.37
C PHE C 446 47.88 47.30 -35.22
N ARG C 447 47.33 48.19 -34.40
CA ARG C 447 45.89 48.25 -34.19
C ARG C 447 45.52 49.66 -33.75
N LYS C 448 44.28 50.07 -34.08
CA LYS C 448 43.83 51.41 -33.75
C LYS C 448 43.61 51.56 -32.25
N SER C 449 42.95 50.60 -31.63
CA SER C 449 42.66 50.67 -30.20
C SER C 449 42.66 49.26 -29.63
N ASN C 450 42.31 49.16 -28.34
CA ASN C 450 42.26 47.88 -27.66
C ASN C 450 41.03 47.08 -28.09
N LEU C 451 41.07 45.79 -27.82
CA LEU C 451 39.99 44.87 -28.18
C LEU C 451 39.50 44.12 -26.96
N LYS C 452 38.26 43.64 -27.04
CA LYS C 452 37.68 42.87 -25.96
C LYS C 452 38.36 41.50 -25.86
N PRO C 453 38.39 40.91 -24.67
CA PRO C 453 38.90 39.55 -24.53
C PRO C 453 38.00 38.55 -25.24
N PHE C 454 38.59 37.42 -25.64
CA PHE C 454 37.92 36.36 -26.38
C PHE C 454 37.32 36.88 -27.68
N GLU C 455 38.06 37.74 -28.37
CA GLU C 455 37.63 38.32 -29.64
C GLU C 455 38.70 38.07 -30.69
N ARG C 456 38.27 37.72 -31.89
CA ARG C 456 39.18 37.44 -33.00
C ARG C 456 39.19 38.63 -33.96
N ASP C 457 40.38 39.05 -34.35
CA ASP C 457 40.57 40.18 -35.27
C ASP C 457 41.19 39.66 -36.55
N ILE C 458 40.42 39.71 -37.64
CA ILE C 458 40.88 39.27 -38.95
C ILE C 458 40.88 40.42 -39.97
N SER C 459 40.77 41.66 -39.50
CA SER C 459 40.75 42.80 -40.40
C SER C 459 42.12 43.02 -41.02
N THR C 460 42.16 43.13 -42.34
CA THR C 460 43.39 43.34 -43.08
C THR C 460 43.54 44.77 -43.58
N GLU C 461 42.77 45.70 -43.03
CA GLU C 461 42.86 47.09 -43.42
C GLU C 461 44.18 47.70 -42.97
N ILE C 462 44.70 48.63 -43.76
CA ILE C 462 45.98 49.25 -43.45
C ILE C 462 45.79 50.25 -42.33
N TYR C 463 46.58 50.10 -41.27
CA TYR C 463 46.50 51.01 -40.13
C TYR C 463 47.12 52.35 -40.49
N GLN C 464 46.30 53.40 -40.43
CA GLN C 464 46.77 54.74 -40.78
C GLN C 464 47.48 55.38 -39.58
N ALA C 465 48.65 55.95 -39.83
CA ALA C 465 49.43 56.59 -38.79
C ALA C 465 49.15 58.09 -38.70
N GLY C 466 49.20 58.78 -39.84
CA GLY C 466 48.96 60.21 -39.89
C GLY C 466 47.52 60.56 -40.16
N SER C 467 47.31 61.80 -40.61
CA SER C 467 45.98 62.30 -40.93
C SER C 467 45.71 62.30 -42.44
N THR C 468 46.61 61.73 -43.24
CA THR C 468 46.46 61.69 -44.69
C THR C 468 46.12 60.28 -45.12
N PRO C 469 44.95 60.03 -45.70
CA PRO C 469 44.61 58.68 -46.18
C PRO C 469 45.50 58.29 -47.35
N CYS C 470 45.72 56.97 -47.47
CA CYS C 470 46.57 56.41 -48.50
C CYS C 470 45.82 55.63 -49.56
N ASN C 471 44.55 55.31 -49.32
CA ASN C 471 43.72 54.52 -50.24
C ASN C 471 44.35 53.17 -50.56
N GLY C 472 44.81 52.49 -49.50
CA GLY C 472 45.32 51.14 -49.64
C GLY C 472 46.61 50.97 -50.42
N VAL C 473 47.59 51.84 -50.20
CA VAL C 473 48.89 51.70 -50.83
C VAL C 473 49.95 51.58 -49.74
N GLU C 474 51.21 51.39 -50.15
CA GLU C 474 52.35 51.31 -49.24
C GLU C 474 53.18 52.58 -49.43
N GLY C 475 52.82 53.62 -48.68
CA GLY C 475 53.49 54.89 -48.80
C GLY C 475 53.91 55.48 -47.46
N PHE C 476 53.52 56.72 -47.20
CA PHE C 476 53.88 57.43 -45.98
C PHE C 476 52.71 57.41 -45.00
N ASN C 477 53.04 57.24 -43.71
CA ASN C 477 52.08 57.21 -42.61
C ASN C 477 51.04 56.11 -42.77
N CYS C 478 51.41 55.03 -43.47
CA CYS C 478 50.53 53.89 -43.67
C CYS C 478 51.35 52.63 -43.68
N TYR C 479 51.09 51.72 -42.74
CA TYR C 479 51.82 50.48 -42.62
C TYR C 479 50.85 49.32 -42.46
N PHE C 480 51.22 48.17 -43.03
CA PHE C 480 50.37 46.99 -42.94
C PHE C 480 50.45 46.41 -41.52
N PRO C 481 49.31 46.15 -40.87
CA PRO C 481 49.38 45.59 -39.50
C PRO C 481 49.85 44.15 -39.47
N LEU C 482 49.62 43.37 -40.52
CA LEU C 482 50.01 41.97 -40.57
C LEU C 482 51.45 41.85 -41.07
N GLN C 483 52.28 41.15 -40.29
CA GLN C 483 53.68 40.95 -40.63
C GLN C 483 54.03 39.48 -40.50
N SER C 484 55.16 39.10 -41.10
CA SER C 484 55.62 37.72 -41.07
C SER C 484 56.39 37.44 -39.80
N TYR C 485 56.74 36.16 -39.61
CA TYR C 485 57.50 35.71 -38.46
C TYR C 485 58.97 35.59 -38.82
N GLY C 486 59.76 35.12 -37.86
CA GLY C 486 61.19 34.92 -38.07
C GLY C 486 61.63 33.53 -37.63
N PHE C 487 60.78 32.53 -37.86
CA PHE C 487 61.07 31.17 -37.42
C PHE C 487 62.23 30.58 -38.20
N GLN C 488 63.10 29.86 -37.49
CA GLN C 488 64.25 29.18 -38.07
C GLN C 488 64.65 28.03 -37.16
N PRO C 489 64.91 26.84 -37.72
CA PRO C 489 65.25 25.68 -36.87
C PRO C 489 66.64 25.76 -36.25
N THR C 490 67.46 26.74 -36.63
CA THR C 490 68.82 26.86 -36.12
C THR C 490 68.95 27.94 -35.05
N ASN C 491 67.84 28.42 -34.50
CA ASN C 491 67.88 29.47 -33.49
C ASN C 491 68.20 28.86 -32.13
N GLY C 492 68.09 29.67 -31.07
CA GLY C 492 68.38 29.21 -29.73
C GLY C 492 67.18 28.62 -29.02
N VAL C 493 66.83 29.17 -27.86
CA VAL C 493 65.69 28.69 -27.09
C VAL C 493 64.63 29.75 -26.86
N GLY C 494 64.94 31.02 -27.07
CA GLY C 494 64.00 32.09 -26.83
C GLY C 494 63.13 32.51 -27.98
N TYR C 495 63.28 31.87 -29.15
CA TYR C 495 62.48 32.25 -30.32
C TYR C 495 61.94 31.03 -31.07
N GLN C 496 61.81 29.89 -30.40
CA GLN C 496 61.30 28.68 -31.04
C GLN C 496 59.78 28.76 -31.22
N PRO C 497 59.24 28.07 -32.23
CA PRO C 497 57.78 28.01 -32.37
C PRO C 497 57.13 27.13 -31.30
N TYR C 498 56.40 27.75 -30.39
CA TYR C 498 55.74 27.04 -29.29
C TYR C 498 54.24 26.99 -29.56
N ARG C 499 53.67 25.79 -29.50
CA ARG C 499 52.24 25.60 -29.75
C ARG C 499 51.48 25.76 -28.44
N VAL C 500 50.70 26.84 -28.34
CA VAL C 500 49.99 27.20 -27.12
C VAL C 500 48.53 26.84 -27.28
N VAL C 501 48.00 26.07 -26.34
CA VAL C 501 46.57 25.73 -26.31
C VAL C 501 45.99 26.29 -25.03
N VAL C 502 44.83 26.94 -25.15
CA VAL C 502 44.12 27.55 -24.02
C VAL C 502 42.84 26.76 -23.79
N LEU C 503 42.68 26.22 -22.59
CA LEU C 503 41.53 25.40 -22.22
C LEU C 503 40.72 26.17 -21.17
N SER C 504 39.77 26.97 -21.63
CA SER C 504 38.92 27.75 -20.75
C SER C 504 37.65 26.99 -20.39
N PHE C 505 36.98 27.47 -19.36
CA PHE C 505 35.77 26.84 -18.84
C PHE C 505 34.66 27.88 -18.75
N GLU C 506 33.42 27.40 -18.84
CA GLU C 506 32.24 28.25 -18.84
C GLU C 506 31.40 27.98 -17.59
N LEU C 507 30.81 29.05 -17.04
CA LEU C 507 29.96 28.97 -15.86
C LEU C 507 28.59 29.51 -16.22
N LEU C 508 27.62 28.61 -16.39
CA LEU C 508 26.25 29.00 -16.72
C LEU C 508 25.32 27.88 -16.28
N HIS C 509 24.02 28.20 -16.25
CA HIS C 509 23.01 27.26 -15.79
C HIS C 509 22.77 26.17 -16.82
N ALA C 510 23.48 25.05 -16.70
CA ALA C 510 23.34 23.91 -17.58
C ALA C 510 23.94 22.70 -16.90
N PRO C 511 23.42 21.49 -17.17
CA PRO C 511 24.05 20.29 -16.62
C PRO C 511 25.44 20.08 -17.18
N ALA C 512 26.31 19.48 -16.36
CA ALA C 512 27.68 19.24 -16.76
C ALA C 512 27.77 18.10 -17.77
N THR C 513 27.71 18.44 -19.06
CA THR C 513 27.80 17.42 -20.10
C THR C 513 29.22 16.90 -20.30
N VAL C 514 30.23 17.67 -19.89
CA VAL C 514 31.62 17.25 -19.92
C VAL C 514 32.11 17.18 -18.47
N CYS C 515 32.46 15.98 -18.02
CA CYS C 515 32.84 15.77 -16.64
C CYS C 515 33.69 14.52 -16.54
N GLY C 516 34.35 14.37 -15.39
CA GLY C 516 35.09 13.17 -15.10
C GLY C 516 34.59 12.49 -13.84
N PRO C 517 33.96 11.33 -14.00
CA PRO C 517 33.41 10.62 -12.85
C PRO C 517 34.47 9.76 -12.17
N LYS C 518 34.03 9.02 -11.16
CA LYS C 518 34.90 8.09 -10.44
C LYS C 518 35.22 6.91 -11.35
N LYS C 519 36.45 6.85 -11.84
CA LYS C 519 36.81 5.83 -12.83
C LYS C 519 37.12 4.50 -12.17
N SER C 520 38.16 4.45 -11.35
CA SER C 520 38.59 3.19 -10.74
C SER C 520 39.47 3.49 -9.54
N THR C 521 39.22 2.78 -8.44
CA THR C 521 40.04 2.82 -7.25
C THR C 521 40.81 1.51 -7.13
N ASN C 522 41.55 1.37 -6.03
CA ASN C 522 42.31 0.14 -5.79
C ASN C 522 41.38 -1.00 -5.41
N LEU C 523 41.58 -2.15 -6.02
CA LEU C 523 40.74 -3.31 -5.74
C LEU C 523 41.28 -4.06 -4.52
N VAL C 524 40.41 -4.28 -3.54
CA VAL C 524 40.76 -4.95 -2.29
C VAL C 524 39.84 -6.16 -2.12
N LYS C 525 40.41 -7.28 -1.71
CA LYS C 525 39.67 -8.52 -1.53
C LYS C 525 40.01 -9.14 -0.18
N ASN C 526 39.23 -10.16 0.18
CA ASN C 526 39.39 -10.95 1.41
C ASN C 526 39.26 -10.11 2.68
N LYS C 527 38.61 -8.96 2.61
CA LYS C 527 38.39 -8.11 3.76
C LYS C 527 36.97 -7.57 3.71
N CYS C 528 36.40 -7.31 4.89
CA CYS C 528 35.06 -6.71 4.98
C CYS C 528 35.16 -5.25 4.58
N VAL C 529 34.84 -4.97 3.31
CA VAL C 529 34.88 -3.62 2.76
C VAL C 529 33.49 -3.26 2.25
N ASN C 530 33.32 -1.99 1.93
CA ASN C 530 32.06 -1.46 1.39
C ASN C 530 32.25 -1.12 -0.08
N PHE C 531 31.25 -1.45 -0.89
CA PHE C 531 31.33 -1.24 -2.33
C PHE C 531 29.99 -0.72 -2.84
N ASN C 532 30.03 -0.08 -4.01
CA ASN C 532 28.82 0.43 -4.68
C ASN C 532 28.97 0.16 -6.17
N PHE C 533 28.56 -1.03 -6.61
CA PHE C 533 28.64 -1.43 -8.01
C PHE C 533 27.34 -1.16 -8.74
N ASN C 534 26.93 0.12 -8.70
CA ASN C 534 25.87 0.69 -9.54
C ASN C 534 24.46 0.22 -9.18
N GLY C 535 24.33 -0.76 -8.29
CA GLY C 535 23.01 -1.26 -7.96
C GLY C 535 22.76 -1.54 -6.49
N LEU C 536 23.80 -1.46 -5.67
CA LEU C 536 23.68 -1.77 -4.25
C LEU C 536 24.89 -1.23 -3.51
N THR C 537 24.71 -0.97 -2.22
CA THR C 537 25.77 -0.55 -1.32
C THR C 537 25.87 -1.61 -0.23
N GLY C 538 26.63 -2.66 -0.50
CA GLY C 538 26.76 -3.80 0.41
C GLY C 538 28.13 -3.80 1.07
N THR C 539 28.14 -4.13 2.36
CA THR C 539 29.37 -4.23 3.14
C THR C 539 29.68 -5.71 3.36
N GLY C 540 30.74 -6.19 2.73
CA GLY C 540 31.12 -7.59 2.87
C GLY C 540 32.41 -7.88 2.15
N VAL C 541 32.87 -9.12 2.29
CA VAL C 541 34.11 -9.54 1.66
C VAL C 541 33.86 -9.89 0.20
N LEU C 542 34.95 -9.95 -0.57
CA LEU C 542 34.90 -10.24 -2.01
C LEU C 542 35.85 -11.41 -2.27
N THR C 543 35.33 -12.62 -2.21
CA THR C 543 36.11 -13.82 -2.47
C THR C 543 36.12 -14.14 -3.97
N GLU C 544 37.09 -14.95 -4.37
CA GLU C 544 37.22 -15.38 -5.76
C GLU C 544 36.34 -16.60 -5.97
N SER C 545 35.25 -16.42 -6.73
CA SER C 545 34.31 -17.49 -6.97
C SER C 545 34.78 -18.39 -8.11
N ASN C 546 34.15 -19.55 -8.24
CA ASN C 546 34.46 -20.51 -9.28
C ASN C 546 33.31 -20.73 -10.26
N LYS C 547 32.27 -19.88 -10.20
CA LYS C 547 31.12 -19.99 -11.09
C LYS C 547 31.13 -18.83 -12.08
N LYS C 548 30.88 -19.14 -13.34
CA LYS C 548 30.96 -18.17 -14.43
C LYS C 548 29.56 -17.68 -14.78
N PHE C 549 29.45 -16.39 -15.08
CA PHE C 549 28.19 -15.74 -15.40
C PHE C 549 27.98 -15.70 -16.91
N LEU C 550 26.72 -15.74 -17.32
CA LEU C 550 26.38 -15.52 -18.71
C LEU C 550 26.76 -14.09 -19.11
N PRO C 551 27.24 -13.87 -20.34
CA PRO C 551 27.76 -12.54 -20.69
C PRO C 551 26.69 -11.51 -21.00
N PHE C 552 25.68 -11.39 -20.12
CA PHE C 552 24.72 -10.31 -20.17
C PHE C 552 24.19 -9.93 -18.80
N GLN C 553 24.69 -10.54 -17.72
CA GLN C 553 24.19 -10.32 -16.38
C GLN C 553 25.19 -9.48 -15.58
N GLN C 554 24.68 -8.84 -14.53
CA GLN C 554 25.51 -7.99 -13.67
C GLN C 554 25.56 -8.49 -12.24
N PHE C 555 24.41 -8.81 -11.65
CA PHE C 555 24.32 -9.24 -10.27
C PHE C 555 24.08 -10.75 -10.20
N GLY C 556 23.94 -11.25 -8.99
CA GLY C 556 23.65 -12.66 -8.77
C GLY C 556 23.02 -12.92 -7.42
N ARG C 557 21.92 -13.66 -7.40
CA ARG C 557 21.18 -13.96 -6.18
C ARG C 557 21.34 -15.42 -5.82
N ASP C 558 20.66 -15.82 -4.74
CA ASP C 558 20.74 -17.19 -4.24
C ASP C 558 19.36 -17.78 -4.01
N ILE C 559 19.30 -18.94 -3.36
CA ILE C 559 18.02 -19.56 -3.05
C ILE C 559 17.24 -18.72 -2.04
N ALA C 560 17.95 -17.99 -1.17
CA ALA C 560 17.32 -17.15 -0.17
C ALA C 560 17.03 -15.75 -0.67
N ASP C 561 17.24 -15.48 -1.97
CA ASP C 561 16.96 -14.20 -2.61
C ASP C 561 17.76 -13.07 -1.95
N THR C 562 19.08 -13.19 -2.03
CA THR C 562 19.99 -12.17 -1.53
C THR C 562 21.12 -11.99 -2.52
N THR C 563 21.45 -10.74 -2.84
CA THR C 563 22.50 -10.45 -3.81
C THR C 563 23.85 -10.77 -3.18
N ASP C 564 24.39 -11.94 -3.49
CA ASP C 564 25.65 -12.40 -2.93
C ASP C 564 26.72 -12.64 -3.99
N ALA C 565 26.50 -12.19 -5.22
CA ALA C 565 27.45 -12.38 -6.30
C ALA C 565 27.35 -11.21 -7.26
N VAL C 566 28.48 -10.54 -7.50
CA VAL C 566 28.53 -9.40 -8.41
C VAL C 566 29.72 -9.60 -9.34
N ARG C 567 29.62 -8.98 -10.52
CA ARG C 567 30.67 -9.04 -11.53
C ARG C 567 31.42 -7.72 -11.56
N ASP C 568 32.75 -7.79 -11.47
CA ASP C 568 33.57 -6.59 -11.48
C ASP C 568 33.63 -6.02 -12.90
N PRO C 569 33.23 -4.76 -13.12
CA PRO C 569 33.23 -4.21 -14.47
C PRO C 569 34.61 -3.86 -15.01
N GLN C 570 35.69 -4.09 -14.26
CA GLN C 570 37.02 -3.76 -14.75
C GLN C 570 37.47 -4.74 -15.83
N THR C 571 37.60 -6.02 -15.48
CA THR C 571 37.97 -7.04 -16.46
C THR C 571 37.18 -8.33 -16.26
N LEU C 572 35.91 -8.21 -15.81
CA LEU C 572 34.94 -9.30 -15.78
C LEU C 572 35.41 -10.46 -14.89
N GLU C 573 35.51 -10.15 -13.60
CA GLU C 573 35.76 -11.16 -12.58
C GLU C 573 34.50 -11.32 -11.74
N ILE C 574 34.11 -12.56 -11.50
CA ILE C 574 32.94 -12.88 -10.67
C ILE C 574 33.39 -12.93 -9.22
N LEU C 575 32.82 -12.07 -8.38
CA LEU C 575 33.19 -11.95 -6.98
C LEU C 575 31.97 -12.22 -6.11
N ASP C 576 32.15 -13.04 -5.08
CA ASP C 576 31.07 -13.33 -4.14
C ASP C 576 30.97 -12.25 -3.08
N ILE C 577 29.83 -12.20 -2.41
CA ILE C 577 29.56 -11.24 -1.34
C ILE C 577 29.16 -12.05 -0.10
N THR C 578 29.87 -11.81 1.00
CA THR C 578 29.60 -12.50 2.26
C THR C 578 29.71 -11.48 3.39
N PRO C 579 28.69 -11.35 4.24
CA PRO C 579 28.76 -10.40 5.36
C PRO C 579 29.86 -10.78 6.35
N CYS C 580 30.46 -9.74 6.94
CA CYS C 580 31.58 -9.93 7.86
C CYS C 580 31.15 -10.14 9.31
N SER C 581 29.96 -9.66 9.69
CA SER C 581 29.49 -9.75 11.07
C SER C 581 28.55 -10.93 11.22
N PHE C 582 28.85 -11.81 12.17
CA PHE C 582 28.06 -13.01 12.40
C PHE C 582 27.86 -13.20 13.90
N GLY C 583 26.60 -13.35 14.31
CA GLY C 583 26.29 -13.67 15.70
C GLY C 583 26.62 -12.55 16.67
N GLY C 584 26.75 -12.94 17.93
CA GLY C 584 27.06 -12.01 18.99
C GLY C 584 28.16 -12.51 19.91
N VAL C 585 28.30 -11.86 21.06
CA VAL C 585 29.32 -12.23 22.03
C VAL C 585 28.68 -12.97 23.19
N SER C 586 29.49 -13.70 23.94
CA SER C 586 29.03 -14.44 25.10
C SER C 586 30.12 -14.42 26.17
N VAL C 587 29.69 -14.53 27.42
CA VAL C 587 30.58 -14.44 28.58
C VAL C 587 30.44 -15.72 29.40
N ILE C 588 31.56 -16.33 29.74
CA ILE C 588 31.61 -17.51 30.61
C ILE C 588 31.99 -17.05 31.99
N THR C 589 31.12 -17.32 32.97
CA THR C 589 31.34 -16.91 34.35
C THR C 589 31.39 -18.15 35.24
N PRO C 590 32.48 -18.37 35.98
CA PRO C 590 32.49 -19.49 36.94
C PRO C 590 31.45 -19.37 38.03
N GLY C 591 31.06 -18.17 38.41
CA GLY C 591 30.05 -17.94 39.41
C GLY C 591 30.55 -17.06 40.54
N THR C 592 29.65 -16.79 41.48
CA THR C 592 29.98 -16.00 42.65
C THR C 592 30.72 -16.85 43.67
N ASN C 593 31.56 -16.19 44.47
CA ASN C 593 32.35 -16.77 45.55
C ASN C 593 33.31 -17.85 45.07
N THR C 594 33.55 -17.96 43.76
CA THR C 594 34.46 -18.95 43.20
C THR C 594 35.61 -18.33 42.45
N SER C 595 35.34 -17.37 41.57
CA SER C 595 36.38 -16.73 40.76
C SER C 595 35.95 -15.30 40.45
N ASN C 596 36.81 -14.59 39.73
CA ASN C 596 36.52 -13.22 39.32
C ASN C 596 36.72 -13.05 37.83
N GLN C 597 37.65 -13.81 37.26
CA GLN C 597 37.92 -13.73 35.83
C GLN C 597 36.81 -14.40 35.03
N VAL C 598 36.67 -13.96 33.78
CA VAL C 598 35.65 -14.47 32.87
C VAL C 598 36.29 -14.79 31.53
N ALA C 599 35.56 -15.55 30.72
CA ALA C 599 35.98 -15.91 29.37
C ALA C 599 34.96 -15.41 28.38
N VAL C 600 35.44 -14.80 27.29
CA VAL C 600 34.59 -14.21 26.27
C VAL C 600 34.53 -15.14 25.08
N LEU C 601 33.32 -15.48 24.64
CA LEU C 601 33.10 -16.38 23.52
C LEU C 601 32.33 -15.65 22.43
N TYR C 602 32.82 -15.76 21.19
CA TYR C 602 32.14 -15.22 20.03
C TYR C 602 31.38 -16.34 19.33
N GLN C 603 30.18 -16.03 18.86
CA GLN C 603 29.27 -17.08 18.38
C GLN C 603 29.73 -17.66 17.06
N ASP C 604 29.80 -16.84 16.01
CA ASP C 604 30.14 -17.31 14.67
C ASP C 604 31.21 -16.43 14.05
N VAL C 605 32.19 -16.01 14.85
CA VAL C 605 33.28 -15.15 14.39
C VAL C 605 34.57 -15.95 14.41
N ASN C 606 35.27 -15.97 13.28
CA ASN C 606 36.55 -16.65 13.18
C ASN C 606 37.66 -15.69 13.58
N CYS C 607 38.59 -16.17 14.39
CA CYS C 607 39.70 -15.35 14.89
C CYS C 607 40.70 -15.04 13.78
N ASN C 631 44.97 -19.13 26.22
CA ASN C 631 44.66 -17.76 25.82
C ASN C 631 43.48 -17.73 24.84
N VAL C 632 43.79 -17.90 23.56
CA VAL C 632 42.80 -17.90 22.50
C VAL C 632 42.74 -19.30 21.91
N PHE C 633 41.54 -19.90 21.89
CA PHE C 633 41.32 -21.23 21.38
C PHE C 633 40.24 -21.18 20.32
N GLN C 634 40.54 -21.68 19.13
CA GLN C 634 39.58 -21.71 18.02
C GLN C 634 38.70 -22.93 18.19
N THR C 635 37.57 -22.75 18.86
CA THR C 635 36.62 -23.84 19.06
C THR C 635 35.75 -24.03 17.83
N ARG C 636 35.02 -25.15 17.82
CA ARG C 636 34.09 -25.41 16.72
C ARG C 636 32.90 -24.45 16.77
N ALA C 637 32.48 -24.06 17.97
CA ALA C 637 31.31 -23.20 18.16
C ALA C 637 31.67 -21.71 18.14
N GLY C 638 32.77 -21.34 17.49
CA GLY C 638 33.14 -19.94 17.38
C GLY C 638 34.56 -19.64 17.79
N CYS C 639 34.77 -18.51 18.47
CA CYS C 639 36.06 -18.13 18.99
C CYS C 639 35.97 -17.97 20.50
N LEU C 640 36.86 -18.63 21.22
CA LEU C 640 36.89 -18.58 22.69
C LEU C 640 38.22 -18.00 23.14
N ILE C 641 38.16 -16.88 23.85
CA ILE C 641 39.34 -16.22 24.37
C ILE C 641 39.24 -16.15 25.89
N GLY C 642 40.40 -16.07 26.54
CA GLY C 642 40.47 -16.02 27.99
C GLY C 642 40.43 -17.36 28.68
N ALA C 643 40.24 -18.45 27.94
CA ALA C 643 40.20 -19.80 28.52
C ALA C 643 41.16 -20.69 27.75
N GLU C 644 42.00 -21.41 28.48
CA GLU C 644 42.95 -22.32 27.85
C GLU C 644 42.29 -23.64 27.51
N HIS C 645 42.80 -24.29 26.48
CA HIS C 645 42.28 -25.57 26.01
C HIS C 645 43.14 -26.70 26.54
N VAL C 646 42.49 -27.73 27.09
CA VAL C 646 43.17 -28.89 27.65
C VAL C 646 42.66 -30.14 26.94
N ASN C 647 43.59 -31.00 26.52
CA ASN C 647 43.22 -32.21 25.79
C ASN C 647 42.51 -33.23 26.68
N ASN C 648 42.65 -33.12 28.00
CA ASN C 648 41.95 -34.01 28.91
C ASN C 648 40.45 -33.72 28.89
N SER C 649 39.66 -34.73 29.20
CA SER C 649 38.20 -34.64 29.16
C SER C 649 37.62 -35.03 30.50
N TYR C 650 36.74 -34.18 31.04
CA TYR C 650 36.02 -34.44 32.28
C TYR C 650 34.54 -34.16 32.07
N GLU C 651 33.77 -34.35 33.13
CA GLU C 651 32.37 -33.94 33.11
C GLU C 651 32.28 -32.42 33.09
N CYS C 652 31.32 -31.89 32.34
CA CYS C 652 31.21 -30.45 32.12
C CYS C 652 29.93 -29.92 32.74
N ASP C 653 29.98 -28.65 33.16
CA ASP C 653 28.87 -27.99 33.83
C ASP C 653 28.35 -26.76 33.10
N ILE C 654 29.22 -26.00 32.44
CA ILE C 654 28.83 -24.81 31.70
C ILE C 654 28.86 -25.15 30.21
N PRO C 655 27.71 -25.30 29.56
CA PRO C 655 27.72 -25.66 28.14
C PRO C 655 28.14 -24.50 27.25
N ILE C 656 28.79 -24.85 26.14
CA ILE C 656 29.17 -23.89 25.11
C ILE C 656 28.55 -24.24 23.76
N GLY C 657 28.72 -25.48 23.33
CA GLY C 657 28.15 -25.96 22.09
C GLY C 657 29.11 -26.88 21.37
N ALA C 658 28.55 -27.74 20.50
CA ALA C 658 29.29 -28.68 19.66
C ALA C 658 30.16 -29.61 20.48
N GLY C 659 29.63 -30.10 21.60
CA GLY C 659 30.34 -31.08 22.40
C GLY C 659 31.51 -30.53 23.18
N ILE C 660 31.59 -29.22 23.38
CA ILE C 660 32.67 -28.58 24.11
C ILE C 660 32.07 -27.74 25.22
N CYS C 661 32.59 -27.90 26.43
CA CYS C 661 32.13 -27.16 27.60
C CYS C 661 33.29 -26.35 28.18
N ALA C 662 32.98 -25.58 29.22
CA ALA C 662 33.97 -24.81 29.96
C ALA C 662 33.77 -25.00 31.45
N SER C 663 34.86 -24.94 32.20
CA SER C 663 34.82 -25.13 33.64
C SER C 663 36.03 -24.44 34.27
N TYR C 664 35.96 -24.28 35.59
CA TYR C 664 37.04 -23.67 36.37
C TYR C 664 37.72 -24.77 37.17
N GLN C 665 38.93 -25.15 36.76
CA GLN C 665 39.68 -26.21 37.40
C GLN C 665 41.13 -25.75 37.57
N THR C 666 41.95 -26.64 38.11
CA THR C 666 43.36 -26.35 38.33
C THR C 666 44.16 -26.60 37.05
N SER C 679 48.00 -21.60 39.65
CA SER C 679 46.79 -21.76 40.44
C SER C 679 45.68 -22.43 39.64
N GLN C 680 44.50 -21.84 39.67
CA GLN C 680 43.34 -22.35 38.95
C GLN C 680 42.81 -21.30 37.99
N SER C 681 42.43 -21.74 36.79
CA SER C 681 41.94 -20.84 35.75
C SER C 681 40.75 -21.50 35.05
N ILE C 682 40.23 -20.81 34.05
CA ILE C 682 39.10 -21.33 33.27
C ILE C 682 39.64 -22.16 32.12
N ILE C 683 39.15 -23.40 32.01
CA ILE C 683 39.61 -24.33 31.00
C ILE C 683 38.46 -24.70 30.08
N ALA C 684 38.81 -25.12 28.87
CA ALA C 684 37.85 -25.59 27.88
C ALA C 684 38.26 -26.97 27.41
N TYR C 685 37.29 -27.87 27.28
CA TYR C 685 37.58 -29.25 26.97
C TYR C 685 36.35 -29.91 26.37
N THR C 686 36.58 -31.05 25.71
CA THR C 686 35.49 -31.87 25.21
C THR C 686 34.81 -32.60 26.37
N MET C 687 33.47 -32.58 26.38
CA MET C 687 32.73 -33.19 27.47
C MET C 687 32.86 -34.72 27.42
N SER C 688 32.83 -35.33 28.60
CA SER C 688 32.86 -36.78 28.74
C SER C 688 31.44 -37.28 28.92
N LEU C 689 31.09 -38.34 28.19
CA LEU C 689 29.72 -38.86 28.23
C LEU C 689 29.47 -39.77 29.42
N GLY C 690 30.49 -40.09 30.20
CA GLY C 690 30.33 -40.94 31.36
C GLY C 690 31.59 -41.75 31.60
N ALA C 691 31.48 -42.65 32.58
CA ALA C 691 32.59 -43.52 32.94
C ALA C 691 32.69 -44.64 31.92
N GLU C 692 33.79 -44.66 31.17
CA GLU C 692 34.02 -45.69 30.15
C GLU C 692 34.33 -47.00 30.83
N ASN C 693 33.34 -47.89 30.91
CA ASN C 693 33.49 -49.19 31.53
C ASN C 693 32.91 -50.27 30.63
N SER C 694 33.48 -51.46 30.72
CA SER C 694 33.06 -52.61 29.93
C SER C 694 32.46 -53.67 30.83
N VAL C 695 31.34 -54.24 30.41
CA VAL C 695 30.64 -55.28 31.15
C VAL C 695 31.04 -56.63 30.56
N ALA C 696 31.55 -57.52 31.42
CA ALA C 696 31.93 -58.85 30.97
C ALA C 696 30.69 -59.65 30.58
N TYR C 697 30.72 -60.24 29.38
CA TYR C 697 29.59 -60.96 28.84
C TYR C 697 30.02 -62.37 28.44
N SER C 698 29.19 -63.35 28.77
CA SER C 698 29.45 -64.73 28.40
C SER C 698 28.12 -65.46 28.29
N ASN C 699 28.14 -66.59 27.57
CA ASN C 699 26.93 -67.37 27.37
C ASN C 699 26.58 -68.24 28.55
N ASN C 700 27.45 -68.36 29.55
CA ASN C 700 27.19 -69.16 30.74
C ASN C 700 27.63 -68.44 32.00
N SER C 701 27.46 -67.12 32.03
CA SER C 701 27.83 -66.33 33.19
C SER C 701 26.71 -65.34 33.50
N ILE C 702 26.30 -65.28 34.77
CA ILE C 702 25.25 -64.38 35.21
C ILE C 702 25.75 -63.64 36.45
N ALA C 703 25.16 -62.46 36.68
CA ALA C 703 25.41 -61.68 37.88
C ALA C 703 24.08 -61.47 38.59
N ILE C 704 23.98 -61.94 39.82
CA ILE C 704 22.77 -61.84 40.63
C ILE C 704 23.13 -61.09 41.90
N PRO C 705 22.43 -60.02 42.25
CA PRO C 705 22.79 -59.25 43.45
C PRO C 705 22.48 -60.02 44.72
N THR C 706 23.23 -59.68 45.78
CA THR C 706 23.03 -60.26 47.09
C THR C 706 22.63 -59.24 48.15
N ASN C 707 22.68 -57.95 47.84
CA ASN C 707 22.33 -56.91 48.79
C ASN C 707 21.65 -55.77 48.05
N PHE C 708 20.98 -54.91 48.82
CA PHE C 708 20.22 -53.81 48.23
C PHE C 708 20.26 -52.61 49.17
N THR C 709 20.05 -51.43 48.58
CA THR C 709 19.92 -50.19 49.35
C THR C 709 18.62 -49.51 48.96
N ILE C 710 17.88 -49.03 49.95
CA ILE C 710 16.66 -48.28 49.72
C ILE C 710 17.04 -46.82 49.51
N SER C 711 16.67 -46.27 48.34
CA SER C 711 17.02 -44.92 47.98
C SER C 711 15.76 -44.09 47.76
N VAL C 712 15.86 -42.80 48.05
CA VAL C 712 14.76 -41.86 47.89
C VAL C 712 15.16 -40.81 46.86
N THR C 713 14.34 -40.65 45.82
CA THR C 713 14.62 -39.76 44.71
C THR C 713 13.63 -38.59 44.73
N THR C 714 14.16 -37.39 44.54
CA THR C 714 13.36 -36.17 44.57
C THR C 714 12.95 -35.77 43.15
N GLU C 715 11.67 -35.47 42.97
CA GLU C 715 11.17 -34.97 41.68
C GLU C 715 10.35 -33.71 41.94
N ILE C 716 10.63 -32.66 41.18
CA ILE C 716 9.97 -31.37 41.33
C ILE C 716 9.08 -31.16 40.11
N LEU C 717 7.78 -31.02 40.35
CA LEU C 717 6.79 -30.86 39.29
C LEU C 717 5.85 -29.71 39.62
N PRO C 718 5.90 -28.60 38.91
CA PRO C 718 4.95 -27.51 39.17
C PRO C 718 3.57 -27.84 38.63
N VAL C 719 2.55 -27.49 39.40
CA VAL C 719 1.17 -27.76 39.01
C VAL C 719 0.36 -26.49 38.76
N SER C 720 0.82 -25.33 39.20
CA SER C 720 0.03 -24.11 39.05
C SER C 720 0.97 -22.91 39.09
N MET C 721 0.45 -21.76 38.66
CA MET C 721 1.16 -20.50 38.72
C MET C 721 0.21 -19.43 39.24
N THR C 722 0.72 -18.21 39.35
CA THR C 722 -0.09 -17.10 39.85
C THR C 722 -1.17 -16.72 38.85
N LYS C 723 -2.34 -16.36 39.36
CA LYS C 723 -3.47 -15.95 38.54
C LYS C 723 -3.53 -14.42 38.53
N THR C 724 -3.35 -13.83 37.36
CA THR C 724 -3.41 -12.38 37.17
C THR C 724 -4.55 -12.04 36.22
N SER C 725 -5.30 -10.99 36.55
CA SER C 725 -6.38 -10.49 35.72
C SER C 725 -6.02 -9.10 35.23
N VAL C 726 -6.04 -8.90 33.91
CA VAL C 726 -5.65 -7.64 33.29
C VAL C 726 -6.79 -7.16 32.40
N ASP C 727 -7.16 -5.90 32.55
CA ASP C 727 -8.16 -5.27 31.71
C ASP C 727 -7.55 -4.07 30.99
N CYS C 728 -8.15 -3.72 29.85
CA CYS C 728 -7.60 -2.64 29.03
C CYS C 728 -7.81 -1.26 29.67
N THR C 729 -8.94 -1.08 30.36
CA THR C 729 -9.32 0.25 30.81
C THR C 729 -8.32 0.84 31.82
N MET C 730 -7.88 0.02 32.77
CA MET C 730 -6.90 0.50 33.73
C MET C 730 -5.49 0.52 33.14
N TYR C 731 -5.16 -0.47 32.30
CA TYR C 731 -3.80 -0.58 31.77
C TYR C 731 -3.56 0.44 30.65
N ILE C 732 -4.39 0.42 29.62
CA ILE C 732 -4.14 1.26 28.44
C ILE C 732 -4.52 2.71 28.74
N CYS C 733 -5.76 2.93 29.16
CA CYS C 733 -6.22 4.27 29.51
C CYS C 733 -5.91 4.58 30.97
N GLY C 734 -5.98 5.85 31.31
CA GLY C 734 -5.79 6.27 32.69
C GLY C 734 -7.07 6.74 33.33
N ASP C 735 -7.18 8.05 33.53
CA ASP C 735 -8.38 8.67 34.10
C ASP C 735 -8.99 9.66 33.09
N SER C 736 -8.91 9.32 31.81
CA SER C 736 -9.36 10.21 30.74
C SER C 736 -10.49 9.56 29.96
N THR C 737 -11.51 10.36 29.63
CA THR C 737 -12.60 9.88 28.80
C THR C 737 -12.16 9.70 27.35
N GLU C 738 -11.28 10.58 26.87
CA GLU C 738 -10.89 10.59 25.45
C GLU C 738 -10.23 9.29 25.03
N CYS C 739 -9.47 8.66 25.92
CA CYS C 739 -8.87 7.36 25.60
C CYS C 739 -9.94 6.28 25.51
N SER C 740 -11.01 6.40 26.31
CA SER C 740 -12.03 5.36 26.33
C SER C 740 -12.89 5.38 25.07
N ASN C 741 -13.11 6.56 24.48
CA ASN C 741 -13.98 6.66 23.30
C ASN C 741 -13.38 5.95 22.11
N LEU C 742 -12.05 5.98 21.96
CA LEU C 742 -11.40 5.24 20.88
C LEU C 742 -11.25 3.76 21.17
N LEU C 743 -11.54 3.33 22.41
CA LEU C 743 -11.44 1.92 22.76
C LEU C 743 -12.65 1.10 22.31
N LEU C 744 -13.76 1.75 21.93
CA LEU C 744 -14.89 1.00 21.38
C LEU C 744 -14.57 0.44 20.00
N GLN C 745 -13.58 1.00 19.30
CA GLN C 745 -13.12 0.41 18.05
C GLN C 745 -12.35 -0.88 18.26
N TYR C 746 -11.88 -1.13 19.48
CA TYR C 746 -11.13 -2.34 19.80
C TYR C 746 -11.71 -3.04 21.02
N GLY C 747 -13.01 -2.88 21.26
CA GLY C 747 -13.65 -3.57 22.38
C GLY C 747 -13.69 -5.07 22.21
N SER C 748 -13.77 -5.55 20.97
CA SER C 748 -13.73 -6.99 20.71
C SER C 748 -12.40 -7.58 21.15
N PHE C 749 -11.30 -6.87 20.87
CA PHE C 749 -9.98 -7.33 21.30
C PHE C 749 -9.92 -7.45 22.82
N CYS C 750 -10.46 -6.46 23.53
CA CYS C 750 -10.50 -6.52 24.98
C CYS C 750 -11.35 -7.69 25.47
N THR C 751 -12.43 -8.00 24.73
CA THR C 751 -13.24 -9.18 25.08
C THR C 751 -12.42 -10.45 24.97
N GLN C 752 -11.67 -10.62 23.87
CA GLN C 752 -10.83 -11.82 23.74
C GLN C 752 -9.77 -11.87 24.83
N LEU C 753 -9.13 -10.73 25.13
CA LEU C 753 -8.09 -10.74 26.15
C LEU C 753 -8.64 -11.09 27.53
N ASN C 754 -9.78 -10.50 27.91
CA ASN C 754 -10.39 -10.79 29.20
C ASN C 754 -10.84 -12.24 29.28
N ARG C 755 -11.43 -12.77 28.20
CA ARG C 755 -11.87 -14.17 28.20
C ARG C 755 -10.68 -15.11 28.27
N ALA C 756 -9.58 -14.78 27.59
CA ALA C 756 -8.38 -15.61 27.66
C ALA C 756 -7.79 -15.62 29.06
N LEU C 757 -7.74 -14.46 29.72
CA LEU C 757 -7.23 -14.42 31.09
C LEU C 757 -8.14 -15.17 32.05
N THR C 758 -9.46 -15.05 31.86
CA THR C 758 -10.40 -15.79 32.71
C THR C 758 -10.24 -17.30 32.51
N GLY C 759 -10.07 -17.73 31.26
CA GLY C 759 -9.82 -19.15 31.00
C GLY C 759 -8.52 -19.64 31.58
N ILE C 760 -7.48 -18.81 31.52
CA ILE C 760 -6.20 -19.17 32.14
C ILE C 760 -6.36 -19.31 33.65
N ALA C 761 -7.08 -18.38 34.28
CA ALA C 761 -7.28 -18.44 35.72
C ALA C 761 -8.09 -19.67 36.13
N VAL C 762 -9.15 -19.99 35.39
CA VAL C 762 -9.96 -21.14 35.76
C VAL C 762 -9.23 -22.44 35.45
N GLU C 763 -8.32 -22.43 34.46
CA GLU C 763 -7.50 -23.61 34.22
C GLU C 763 -6.47 -23.80 35.33
N GLN C 764 -5.92 -22.70 35.84
CA GLN C 764 -5.00 -22.78 36.97
C GLN C 764 -5.71 -23.29 38.22
N ASP C 765 -6.96 -22.84 38.42
CA ASP C 765 -7.74 -23.35 39.54
C ASP C 765 -8.06 -24.84 39.36
N LYS C 766 -8.36 -25.26 38.13
CA LYS C 766 -8.69 -26.66 37.87
C LYS C 766 -7.47 -27.57 37.94
N ASN C 767 -6.26 -27.03 37.77
CA ASN C 767 -5.06 -27.86 37.81
C ASN C 767 -4.82 -28.44 39.20
N THR C 768 -5.07 -27.63 40.24
CA THR C 768 -4.86 -28.10 41.61
C THR C 768 -5.89 -29.17 41.98
N GLN C 769 -7.11 -29.08 41.46
CA GLN C 769 -8.15 -30.06 41.77
C GLN C 769 -7.84 -31.41 41.14
N GLU C 770 -7.11 -31.44 40.03
CA GLU C 770 -6.81 -32.68 39.34
C GLU C 770 -5.60 -33.41 39.93
N VAL C 771 -4.85 -32.79 40.82
CA VAL C 771 -3.64 -33.35 41.37
C VAL C 771 -3.81 -33.76 42.84
N PHE C 772 -4.28 -32.84 43.67
CA PHE C 772 -4.36 -33.09 45.11
C PHE C 772 -5.70 -33.69 45.53
N ALA C 773 -6.78 -33.39 44.80
CA ALA C 773 -8.11 -33.90 45.17
C ALA C 773 -8.37 -35.26 44.52
N GLN C 774 -7.46 -36.19 44.71
CA GLN C 774 -7.64 -37.54 44.18
C GLN C 774 -8.63 -38.34 45.02
N VAL C 775 -8.66 -38.11 46.33
CA VAL C 775 -9.56 -38.82 47.23
C VAL C 775 -10.54 -37.81 47.82
N LYS C 776 -11.75 -38.29 48.09
CA LYS C 776 -12.81 -37.45 48.66
C LYS C 776 -13.03 -37.71 50.15
N GLN C 777 -12.14 -38.46 50.79
CA GLN C 777 -12.22 -38.71 52.23
C GLN C 777 -10.88 -38.35 52.86
N ILE C 778 -10.92 -37.51 53.88
CA ILE C 778 -9.70 -37.10 54.59
C ILE C 778 -9.38 -38.18 55.62
N TYR C 779 -8.26 -38.87 55.42
CA TYR C 779 -7.85 -39.94 56.32
C TYR C 779 -6.96 -39.37 57.41
N LYS C 780 -7.35 -39.58 58.66
CA LYS C 780 -6.59 -39.06 59.79
C LYS C 780 -5.41 -39.97 60.11
N THR C 781 -4.30 -39.35 60.47
CA THR C 781 -3.12 -40.12 60.89
C THR C 781 -3.40 -40.77 62.24
N PRO C 782 -3.18 -42.08 62.37
CA PRO C 782 -3.43 -42.73 63.66
C PRO C 782 -2.46 -42.22 64.72
N PRO C 783 -2.89 -42.15 65.98
CA PRO C 783 -1.98 -41.68 67.04
C PRO C 783 -0.83 -42.62 67.32
N ILE C 784 -0.95 -43.89 66.97
CA ILE C 784 0.15 -44.85 67.17
C ILE C 784 1.15 -44.68 66.04
N LYS C 785 2.39 -44.37 66.40
CA LYS C 785 3.46 -44.16 65.42
C LYS C 785 4.38 -45.37 65.28
N ASP C 786 3.99 -46.52 65.83
CA ASP C 786 4.78 -47.74 65.73
C ASP C 786 4.45 -48.42 64.41
N PHE C 787 5.25 -48.13 63.39
CA PHE C 787 5.07 -48.70 62.06
C PHE C 787 6.09 -49.79 61.75
N GLY C 788 6.50 -50.55 62.77
CA GLY C 788 7.49 -51.59 62.56
C GLY C 788 8.92 -51.08 62.42
N GLY C 789 9.20 -49.86 62.87
CA GLY C 789 10.52 -49.28 62.79
C GLY C 789 10.66 -48.16 61.79
N PHE C 790 9.63 -47.90 60.98
CA PHE C 790 9.68 -46.84 59.98
C PHE C 790 9.37 -45.50 60.64
N ASN C 791 10.30 -44.56 60.56
CA ASN C 791 10.15 -43.24 61.16
C ASN C 791 9.49 -42.32 60.14
N PHE C 792 8.22 -41.98 60.36
CA PHE C 792 7.46 -41.17 59.43
C PHE C 792 7.23 -39.74 59.94
N SER C 793 7.92 -39.34 61.01
CA SER C 793 7.68 -38.02 61.59
C SER C 793 8.15 -36.89 60.68
N GLN C 794 9.10 -37.16 59.78
CA GLN C 794 9.61 -36.12 58.90
C GLN C 794 8.62 -35.76 57.79
N ILE C 795 7.71 -36.66 57.44
CA ILE C 795 6.74 -36.38 56.39
C ILE C 795 5.33 -36.15 56.93
N LEU C 796 4.98 -36.74 58.07
CA LEU C 796 3.68 -36.47 58.65
C LEU C 796 3.69 -35.11 59.37
N PRO C 797 2.55 -34.42 59.40
CA PRO C 797 2.48 -33.14 60.11
C PRO C 797 2.68 -33.31 61.61
N ASP C 798 3.26 -32.28 62.22
CA ASP C 798 3.55 -32.29 63.64
C ASP C 798 2.62 -31.32 64.38
N PRO C 799 2.13 -31.69 65.57
CA PRO C 799 1.25 -30.80 66.33
C PRO C 799 1.99 -29.73 67.13
N SER C 800 3.32 -29.69 67.08
CA SER C 800 4.06 -28.69 67.84
C SER C 800 3.86 -27.29 67.28
N LYS C 801 3.66 -27.17 65.97
CA LYS C 801 3.47 -25.89 65.32
C LYS C 801 2.02 -25.69 64.92
N PRO C 802 1.52 -24.45 64.94
CA PRO C 802 0.15 -24.20 64.47
C PRO C 802 -0.05 -24.53 62.99
N SER C 803 0.98 -24.37 62.17
CA SER C 803 0.88 -24.72 60.76
C SER C 803 0.79 -26.24 60.59
N LYS C 804 0.05 -26.65 59.57
CA LYS C 804 -0.15 -28.06 59.28
C LYS C 804 0.92 -28.65 58.39
N ARG C 805 1.91 -27.86 57.99
CA ARG C 805 2.94 -28.34 57.08
C ARG C 805 3.90 -29.30 57.78
N SER C 806 4.42 -30.25 57.01
CA SER C 806 5.45 -31.14 57.50
C SER C 806 6.77 -30.39 57.68
N PRO C 807 7.69 -30.93 58.49
CA PRO C 807 9.02 -30.29 58.61
C PRO C 807 9.76 -30.19 57.29
N ILE C 808 9.61 -31.17 56.41
CA ILE C 808 10.20 -31.06 55.07
C ILE C 808 9.44 -30.02 54.24
N GLU C 809 8.11 -29.95 54.41
CA GLU C 809 7.32 -28.96 53.69
C GLU C 809 7.64 -27.55 54.17
N ASP C 810 7.84 -27.38 55.48
CA ASP C 810 8.25 -26.06 56.00
C ASP C 810 9.62 -25.66 55.48
N LEU C 811 10.53 -26.63 55.38
CA LEU C 811 11.82 -26.37 54.73
C LEU C 811 11.62 -26.05 53.25
N LEU C 812 10.68 -26.73 52.60
CA LEU C 812 10.39 -26.44 51.20
C LEU C 812 9.69 -25.10 51.04
N PHE C 813 8.84 -24.73 52.01
CA PHE C 813 8.11 -23.47 51.91
C PHE C 813 9.04 -22.27 52.03
N ASN C 814 10.01 -22.32 52.93
CA ASN C 814 10.94 -21.21 53.12
C ASN C 814 12.06 -21.18 52.10
N LYS C 815 12.27 -22.27 51.35
CA LYS C 815 13.38 -22.31 50.41
C LYS C 815 13.08 -21.49 49.15
N VAL C 816 11.84 -21.51 48.68
CA VAL C 816 11.45 -20.84 47.45
C VAL C 816 10.77 -19.52 47.80
N THR C 817 11.22 -18.44 47.17
CA THR C 817 10.66 -17.12 47.39
C THR C 817 9.33 -16.96 46.66
N ALA C 842 5.27 -3.66 44.89
CA ALA C 842 4.40 -4.72 44.37
C ALA C 842 4.17 -4.55 42.87
N GLN C 843 3.22 -5.30 42.33
CA GLN C 843 2.89 -5.26 40.91
C GLN C 843 1.41 -5.02 40.66
N LYS C 844 0.70 -4.44 41.63
CA LYS C 844 -0.74 -4.28 41.55
C LYS C 844 -1.19 -2.83 41.36
N PHE C 845 -0.26 -1.88 41.34
CA PHE C 845 -0.65 -0.47 41.28
C PHE C 845 -1.16 -0.05 39.91
N ASN C 846 -0.86 -0.81 38.86
CA ASN C 846 -1.21 -0.44 37.50
C ASN C 846 -2.36 -1.27 36.94
N GLY C 847 -3.30 -1.66 37.80
CA GLY C 847 -4.44 -2.45 37.36
C GLY C 847 -4.14 -3.91 37.11
N LEU C 848 -2.94 -4.38 37.45
CA LEU C 848 -2.54 -5.76 37.23
C LEU C 848 -2.81 -6.57 38.49
N THR C 849 -4.10 -6.76 38.76
CA THR C 849 -4.54 -7.46 39.97
C THR C 849 -4.18 -8.93 39.91
N VAL C 850 -3.83 -9.49 41.08
CA VAL C 850 -3.47 -10.89 41.21
C VAL C 850 -4.62 -11.61 41.89
N LEU C 851 -5.14 -12.65 41.23
CA LEU C 851 -6.27 -13.41 41.76
C LEU C 851 -5.78 -14.42 42.79
N PRO C 852 -6.38 -14.46 43.98
CA PRO C 852 -5.99 -15.47 44.96
C PRO C 852 -6.41 -16.85 44.50
N PRO C 853 -5.67 -17.89 44.85
CA PRO C 853 -6.05 -19.24 44.44
C PRO C 853 -7.28 -19.74 45.18
N LEU C 854 -7.99 -20.67 44.55
CA LEU C 854 -9.16 -21.26 45.17
C LEU C 854 -8.80 -22.06 46.41
N LEU C 855 -7.74 -22.86 46.34
CA LEU C 855 -7.29 -23.66 47.47
C LEU C 855 -6.07 -23.01 48.10
N THR C 856 -6.14 -22.75 49.41
CA THR C 856 -5.03 -22.20 50.14
C THR C 856 -3.96 -23.27 50.36
N ASP C 857 -2.80 -22.83 50.87
CA ASP C 857 -1.72 -23.76 51.16
C ASP C 857 -2.08 -24.70 52.30
N GLU C 858 -2.92 -24.26 53.23
CA GLU C 858 -3.37 -25.13 54.31
C GLU C 858 -4.20 -26.29 53.79
N MET C 859 -5.09 -26.02 52.82
CA MET C 859 -5.91 -27.08 52.26
C MET C 859 -5.08 -28.05 51.43
N ILE C 860 -4.08 -27.54 50.72
CA ILE C 860 -3.18 -28.42 49.97
C ILE C 860 -2.38 -29.29 50.92
N ALA C 861 -1.91 -28.71 52.03
CA ALA C 861 -1.22 -29.49 53.05
C ALA C 861 -2.12 -30.56 53.66
N GLN C 862 -3.39 -30.21 53.88
CA GLN C 862 -4.35 -31.18 54.40
C GLN C 862 -4.57 -32.33 53.41
N TYR C 863 -4.66 -32.01 52.11
CA TYR C 863 -4.80 -33.05 51.10
C TYR C 863 -3.58 -33.97 51.06
N THR C 864 -2.38 -33.38 51.14
CA THR C 864 -1.16 -34.19 51.13
C THR C 864 -1.07 -35.07 52.37
N SER C 865 -1.46 -34.54 53.54
CA SER C 865 -1.44 -35.35 54.76
C SER C 865 -2.46 -36.47 54.69
N ALA C 866 -3.64 -36.21 54.12
CA ALA C 866 -4.63 -37.26 53.95
C ALA C 866 -4.13 -38.35 53.01
N LEU C 867 -3.49 -37.95 51.90
CA LEU C 867 -2.93 -38.95 50.99
C LEU C 867 -1.81 -39.74 51.65
N LEU C 868 -0.98 -39.08 52.47
CA LEU C 868 0.08 -39.77 53.19
C LEU C 868 -0.48 -40.79 54.17
N ALA C 869 -1.51 -40.39 54.93
CA ALA C 869 -2.13 -41.31 55.89
C ALA C 869 -2.77 -42.49 55.17
N GLY C 870 -3.43 -42.23 54.04
CA GLY C 870 -4.01 -43.33 53.27
C GLY C 870 -2.97 -44.26 52.72
N THR C 871 -1.84 -43.74 52.26
CA THR C 871 -0.83 -44.59 51.67
C THR C 871 0.06 -45.29 52.70
N ILE C 872 0.04 -44.87 53.97
CA ILE C 872 0.74 -45.64 55.00
C ILE C 872 -0.19 -46.60 55.74
N THR C 873 -1.50 -46.31 55.79
CA THR C 873 -2.41 -47.16 56.54
C THR C 873 -3.20 -48.12 55.67
N SER C 874 -3.26 -47.89 54.37
CA SER C 874 -4.03 -48.75 53.47
C SER C 874 -3.29 -49.20 52.21
N GLY C 875 -2.20 -48.55 51.84
CA GLY C 875 -1.46 -48.94 50.66
C GLY C 875 -2.07 -48.38 49.39
N TRP C 876 -2.76 -49.23 48.61
CA TRP C 876 -3.44 -48.79 47.41
C TRP C 876 -4.93 -49.11 47.42
N THR C 877 -5.46 -49.67 48.51
CA THR C 877 -6.88 -49.99 48.56
C THR C 877 -7.73 -48.73 48.60
N PHE C 878 -7.25 -47.69 49.29
CA PHE C 878 -8.00 -46.44 49.38
C PHE C 878 -8.02 -45.69 48.05
N GLY C 879 -7.05 -45.92 47.18
CA GLY C 879 -7.04 -45.28 45.87
C GLY C 879 -7.87 -45.97 44.82
N ALA C 880 -8.40 -47.16 45.12
CA ALA C 880 -9.22 -47.90 44.17
C ALA C 880 -10.46 -48.47 44.84
N GLY C 881 -10.98 -47.78 45.85
CA GLY C 881 -12.14 -48.23 46.59
C GLY C 881 -12.09 -47.81 48.04
N PRO C 882 -12.82 -48.51 48.89
CA PRO C 882 -12.78 -48.22 50.34
C PRO C 882 -11.42 -48.57 50.92
N ALA C 883 -11.04 -47.80 51.94
CA ALA C 883 -9.74 -48.01 52.59
C ALA C 883 -9.77 -49.28 53.43
N LEU C 884 -8.75 -50.12 53.26
CA LEU C 884 -8.63 -51.36 54.01
C LEU C 884 -7.38 -51.28 54.88
N GLN C 885 -7.54 -51.55 56.17
CA GLN C 885 -6.42 -51.51 57.10
C GLN C 885 -5.44 -52.64 56.81
N ILE C 886 -4.15 -52.34 56.93
CA ILE C 886 -3.10 -53.33 56.72
C ILE C 886 -1.88 -52.88 57.52
N PRO C 887 -1.10 -53.80 58.08
CA PRO C 887 0.17 -53.41 58.70
C PRO C 887 1.16 -52.95 57.64
N PHE C 888 2.01 -51.99 58.03
CA PHE C 888 3.02 -51.49 57.10
C PHE C 888 4.04 -52.52 56.66
N PRO C 889 4.57 -53.42 57.52
CA PRO C 889 5.45 -54.48 56.97
C PRO C 889 4.79 -55.34 55.93
N MET C 890 3.50 -55.66 56.09
CA MET C 890 2.79 -56.43 55.07
C MET C 890 2.69 -55.65 53.78
N GLN C 891 2.44 -54.34 53.86
CA GLN C 891 2.39 -53.51 52.65
C GLN C 891 3.75 -53.42 51.99
N MET C 892 4.83 -53.35 52.78
CA MET C 892 6.16 -53.30 52.21
C MET C 892 6.52 -54.61 51.51
N ALA C 893 6.16 -55.75 52.11
CA ALA C 893 6.34 -57.02 51.43
C ALA C 893 5.46 -57.12 50.18
N TYR C 894 4.30 -56.47 50.21
CA TYR C 894 3.41 -56.45 49.05
C TYR C 894 4.05 -55.67 47.90
N ARG C 895 4.68 -54.54 48.21
CA ARG C 895 5.46 -53.82 47.21
C ARG C 895 6.66 -54.63 46.73
N PHE C 896 7.27 -55.39 47.64
CA PHE C 896 8.41 -56.23 47.26
C PHE C 896 7.98 -57.31 46.27
N ASN C 897 6.79 -57.88 46.45
CA ASN C 897 6.29 -58.87 45.50
C ASN C 897 6.02 -58.29 44.13
N GLY C 898 5.81 -56.98 44.03
CA GLY C 898 5.54 -56.36 42.74
C GLY C 898 6.75 -56.18 41.86
N ILE C 899 7.95 -56.22 42.43
CA ILE C 899 9.18 -56.02 41.67
C ILE C 899 9.92 -57.35 41.47
N GLY C 900 9.25 -58.48 41.68
CA GLY C 900 9.85 -59.76 41.45
C GLY C 900 10.67 -60.33 42.58
N VAL C 901 10.65 -59.71 43.76
CA VAL C 901 11.37 -60.21 44.92
C VAL C 901 10.36 -60.87 45.86
N THR C 902 10.69 -62.08 46.32
CA THR C 902 9.80 -62.79 47.23
C THR C 902 9.73 -62.07 48.58
N GLN C 903 8.56 -62.15 49.21
CA GLN C 903 8.30 -61.42 50.44
C GLN C 903 9.04 -61.98 51.64
N ASN C 904 9.67 -63.15 51.52
CA ASN C 904 10.39 -63.74 52.64
C ASN C 904 11.67 -62.99 53.00
N VAL C 905 12.14 -62.10 52.12
CA VAL C 905 13.40 -61.41 52.37
C VAL C 905 13.23 -60.15 53.22
N LEU C 906 12.04 -59.54 53.23
CA LEU C 906 11.84 -58.33 54.03
C LEU C 906 11.85 -58.65 55.52
N TYR C 907 11.08 -59.66 55.93
CA TYR C 907 10.94 -59.96 57.35
C TYR C 907 12.22 -60.51 57.96
N GLU C 908 13.15 -61.01 57.14
CA GLU C 908 14.43 -61.49 57.67
C GLU C 908 15.36 -60.33 58.04
N ASN C 909 15.26 -59.21 57.33
CA ASN C 909 16.10 -58.04 57.58
C ASN C 909 15.25 -56.77 57.61
N GLN C 910 14.15 -56.82 58.37
CA GLN C 910 13.26 -55.67 58.47
C GLN C 910 13.94 -54.47 59.12
N LYS C 911 14.78 -54.72 60.14
CA LYS C 911 15.48 -53.63 60.81
C LYS C 911 16.45 -52.94 59.86
N LEU C 912 17.13 -53.70 59.00
CA LEU C 912 18.06 -53.12 58.04
C LEU C 912 17.33 -52.21 57.06
N ILE C 913 16.19 -52.65 56.54
CA ILE C 913 15.43 -51.85 55.57
C ILE C 913 14.85 -50.62 56.24
N ALA C 914 14.39 -50.75 57.49
CA ALA C 914 13.88 -49.60 58.21
C ALA C 914 14.98 -48.56 58.46
N ASN C 915 16.16 -49.03 58.85
CA ASN C 915 17.29 -48.11 59.05
C ASN C 915 17.71 -47.45 57.74
N GLN C 916 17.69 -48.20 56.64
CA GLN C 916 18.01 -47.61 55.34
C GLN C 916 16.99 -46.56 54.95
N PHE C 917 15.71 -46.82 55.20
CA PHE C 917 14.65 -45.84 54.92
C PHE C 917 14.83 -44.58 55.75
N ASN C 918 15.12 -44.73 57.05
CA ASN C 918 15.32 -43.57 57.91
C ASN C 918 16.55 -42.77 57.48
N SER C 919 17.64 -43.46 57.12
CA SER C 919 18.84 -42.76 56.66
C SER C 919 18.58 -42.04 55.34
N ALA C 920 17.80 -42.65 54.44
CA ALA C 920 17.47 -41.97 53.19
C ALA C 920 16.61 -40.75 53.42
N ILE C 921 15.67 -40.82 54.37
CA ILE C 921 14.86 -39.66 54.72
C ILE C 921 15.72 -38.55 55.29
N GLY C 922 16.66 -38.91 56.17
CA GLY C 922 17.60 -37.92 56.67
C GLY C 922 18.45 -37.31 55.58
N LYS C 923 18.87 -38.13 54.61
CA LYS C 923 19.70 -37.64 53.51
C LYS C 923 18.94 -36.67 52.62
N ILE C 924 17.68 -36.98 52.28
CA ILE C 924 16.92 -36.05 51.43
C ILE C 924 16.60 -34.78 52.19
N GLN C 925 16.31 -34.89 53.51
CA GLN C 925 16.06 -33.69 54.30
C GLN C 925 17.30 -32.80 54.38
N ASP C 926 18.48 -33.42 54.51
CA ASP C 926 19.72 -32.64 54.55
C ASP C 926 20.05 -32.04 53.19
N SER C 927 19.78 -32.78 52.11
CA SER C 927 20.11 -32.28 50.78
C SER C 927 19.19 -31.14 50.37
N LEU C 928 17.91 -31.21 50.75
CA LEU C 928 17.00 -30.13 50.44
C LEU C 928 17.31 -28.85 51.21
N SER C 929 17.96 -28.96 52.36
CA SER C 929 18.34 -27.78 53.13
C SER C 929 19.53 -27.04 52.53
N SER C 930 20.26 -27.67 51.62
CA SER C 930 21.43 -27.04 50.99
C SER C 930 21.01 -26.23 49.77
N ALA C 934 19.33 -24.70 44.47
CA ALA C 934 17.95 -24.66 44.95
C ALA C 934 17.01 -25.37 43.98
N LEU C 935 15.72 -25.10 44.11
CA LEU C 935 14.72 -25.69 43.22
C LEU C 935 14.62 -24.88 41.94
N GLY C 936 14.76 -25.55 40.80
CA GLY C 936 14.75 -24.87 39.52
C GLY C 936 13.39 -24.81 38.86
N LYS C 937 12.65 -25.91 38.90
CA LYS C 937 11.34 -25.96 38.26
C LYS C 937 10.34 -25.04 38.94
N LEU C 938 10.35 -25.01 40.26
CA LEU C 938 9.41 -24.17 41.01
C LEU C 938 9.77 -22.70 40.99
N GLN C 939 11.02 -22.37 40.71
CA GLN C 939 11.46 -20.97 40.71
C GLN C 939 11.27 -20.31 39.35
N ASP C 940 11.37 -21.07 38.26
CA ASP C 940 11.24 -20.48 36.93
C ASP C 940 9.83 -20.00 36.66
N VAL C 941 8.83 -20.74 37.13
CA VAL C 941 7.44 -20.38 36.85
C VAL C 941 7.03 -19.11 37.59
N VAL C 942 7.73 -18.74 38.65
CA VAL C 942 7.45 -17.48 39.35
C VAL C 942 8.28 -16.35 38.79
N ASN C 943 9.57 -16.61 38.52
CA ASN C 943 10.45 -15.57 37.98
C ASN C 943 10.00 -15.12 36.60
N GLN C 944 9.57 -16.06 35.76
CA GLN C 944 9.11 -15.70 34.42
C GLN C 944 7.85 -14.82 34.48
N ASN C 945 6.90 -15.18 35.35
CA ASN C 945 5.68 -14.38 35.50
C ASN C 945 6.00 -13.00 36.05
N ALA C 946 6.89 -12.92 37.05
CA ALA C 946 7.27 -11.63 37.62
C ALA C 946 7.97 -10.75 36.59
N GLN C 947 8.85 -11.35 35.78
CA GLN C 947 9.56 -10.59 34.76
C GLN C 947 8.61 -10.15 33.64
N ALA C 948 7.62 -10.99 33.30
CA ALA C 948 6.62 -10.58 32.33
C ALA C 948 5.77 -9.41 32.84
N LEU C 949 5.40 -9.46 34.13
CA LEU C 949 4.67 -8.34 34.72
C LEU C 949 5.52 -7.07 34.73
N ASN C 950 6.81 -7.21 35.05
CA ASN C 950 7.71 -6.06 35.04
C ASN C 950 7.84 -5.49 33.64
N THR C 951 7.92 -6.35 32.62
CA THR C 951 8.01 -5.87 31.25
C THR C 951 6.72 -5.18 30.81
N LEU C 952 5.57 -5.70 31.27
CA LEU C 952 4.30 -5.03 31.03
C LEU C 952 4.31 -3.63 31.65
N VAL C 953 4.88 -3.50 32.84
CA VAL C 953 5.01 -2.18 33.46
C VAL C 953 5.93 -1.29 32.64
N LYS C 954 7.05 -1.85 32.16
CA LYS C 954 8.00 -1.07 31.36
C LYS C 954 7.38 -0.59 30.05
N GLN C 955 6.42 -1.35 29.50
CA GLN C 955 5.82 -0.97 28.23
C GLN C 955 5.06 0.35 28.32
N LEU C 956 4.57 0.71 29.50
CA LEU C 956 3.91 2.00 29.68
C LEU C 956 4.88 3.17 29.74
N SER C 957 6.18 2.91 29.85
CA SER C 957 7.18 3.96 29.90
C SER C 957 7.74 4.31 28.53
N SER C 958 7.24 3.70 27.46
CA SER C 958 7.69 3.97 26.11
C SER C 958 6.63 4.77 25.36
N ASN C 959 7.07 5.55 24.37
CA ASN C 959 6.19 6.43 23.63
C ASN C 959 5.55 5.77 22.42
N PHE C 960 6.11 4.65 21.95
CA PHE C 960 5.66 3.97 20.72
C PHE C 960 5.63 4.92 19.53
N GLY C 961 6.68 5.74 19.41
CA GLY C 961 6.79 6.68 18.30
C GLY C 961 6.02 7.96 18.48
N ALA C 962 5.52 8.26 19.68
CA ALA C 962 4.82 9.50 19.96
C ALA C 962 5.78 10.51 20.57
N ILE C 963 5.22 11.68 20.95
CA ILE C 963 6.03 12.73 21.56
C ILE C 963 6.02 12.67 23.07
N SER C 964 5.27 11.75 23.67
CA SER C 964 5.23 11.61 25.12
C SER C 964 4.83 10.19 25.46
N SER C 965 5.11 9.81 26.71
CA SER C 965 4.76 8.47 27.19
C SER C 965 3.39 8.46 27.85
N VAL C 966 3.17 9.30 28.85
CA VAL C 966 1.89 9.37 29.53
C VAL C 966 0.88 10.07 28.63
N LEU C 967 -0.36 9.58 28.64
CA LEU C 967 -1.40 10.12 27.77
C LEU C 967 -1.95 11.45 28.27
N ASN C 968 -1.73 11.79 29.54
CA ASN C 968 -2.24 13.04 30.07
C ASN C 968 -1.44 14.26 29.60
N ASP C 969 -0.13 14.08 29.37
CA ASP C 969 0.72 15.20 28.99
C ASP C 969 0.35 15.76 27.62
N ILE C 970 0.12 14.89 26.64
CA ILE C 970 -0.24 15.35 25.30
C ILE C 970 -1.63 15.98 25.31
N LEU C 971 -2.54 15.47 26.13
CA LEU C 971 -3.86 16.09 26.25
C LEU C 971 -3.77 17.47 26.89
N SER C 972 -2.87 17.63 27.87
CA SER C 972 -2.74 18.92 28.53
C SER C 972 -2.01 19.93 27.65
N ARG C 973 -1.08 19.48 26.80
CA ARG C 973 -0.28 20.39 25.99
C ARG C 973 -0.80 20.57 24.58
N LEU C 974 -1.67 19.69 24.09
CA LEU C 974 -2.19 19.77 22.73
C LEU C 974 -3.69 19.55 22.74
N ASP C 975 -4.35 20.09 21.72
CA ASP C 975 -5.80 19.96 21.62
C ASP C 975 -6.16 18.53 21.21
N PRO C 976 -7.28 18.00 21.71
CA PRO C 976 -7.70 16.64 21.35
C PRO C 976 -7.95 16.43 19.86
N PRO C 977 -8.48 17.41 19.10
CA PRO C 977 -8.58 17.18 17.65
C PRO C 977 -7.25 16.94 16.95
N GLU C 978 -6.17 17.57 17.41
CA GLU C 978 -4.88 17.39 16.76
C GLU C 978 -4.10 16.21 17.34
N ALA C 979 -4.22 15.97 18.65
CA ALA C 979 -3.48 14.92 19.32
C ALA C 979 -4.14 13.54 19.20
N GLU C 980 -5.05 13.36 18.24
CA GLU C 980 -5.69 12.06 18.06
C GLU C 980 -4.72 11.02 17.53
N VAL C 981 -3.76 11.43 16.70
CA VAL C 981 -2.81 10.49 16.11
C VAL C 981 -1.89 9.90 17.18
N GLN C 982 -1.40 10.74 18.08
CA GLN C 982 -0.54 10.25 19.16
C GLN C 982 -1.28 9.32 20.09
N ILE C 983 -2.53 9.66 20.44
CA ILE C 983 -3.31 8.78 21.30
C ILE C 983 -3.63 7.47 20.58
N ASP C 984 -3.82 7.52 19.26
CA ASP C 984 -4.13 6.29 18.52
C ASP C 984 -2.91 5.39 18.44
N ARG C 985 -1.72 5.96 18.23
CA ARG C 985 -0.52 5.14 18.20
C ARG C 985 -0.19 4.60 19.59
N LEU C 986 -0.53 5.34 20.64
CA LEU C 986 -0.39 4.81 22.00
C LEU C 986 -1.35 3.64 22.22
N ILE C 987 -2.58 3.75 21.72
CA ILE C 987 -3.54 2.65 21.79
C ILE C 987 -3.00 1.42 21.09
N THR C 988 -2.46 1.60 19.87
CA THR C 988 -1.95 0.46 19.12
C THR C 988 -0.75 -0.19 19.81
N GLY C 989 0.16 0.64 20.36
CA GLY C 989 1.32 0.08 21.06
C GLY C 989 0.93 -0.69 22.31
N ARG C 990 0.02 -0.13 23.11
CA ARG C 990 -0.43 -0.83 24.31
C ARG C 990 -1.19 -2.09 23.96
N LEU C 991 -1.99 -2.06 22.89
CA LEU C 991 -2.70 -3.26 22.44
C LEU C 991 -1.72 -4.34 21.99
N GLN C 992 -0.67 -3.96 21.27
CA GLN C 992 0.34 -4.93 20.84
C GLN C 992 1.06 -5.55 22.03
N SER C 993 1.43 -4.72 23.01
CA SER C 993 2.10 -5.25 24.20
C SER C 993 1.20 -6.19 24.98
N LEU C 994 -0.08 -5.81 25.14
CA LEU C 994 -1.02 -6.67 25.85
C LEU C 994 -1.25 -7.97 25.11
N GLN C 995 -1.36 -7.93 23.79
CA GLN C 995 -1.56 -9.14 23.01
C GLN C 995 -0.35 -10.07 23.10
N THR C 996 0.86 -9.51 23.06
CA THR C 996 2.05 -10.33 23.23
C THR C 996 2.11 -10.96 24.61
N TYR C 997 1.75 -10.19 25.64
CA TYR C 997 1.72 -10.74 27.00
C TYR C 997 0.69 -11.86 27.12
N VAL C 998 -0.48 -11.68 26.49
CA VAL C 998 -1.52 -12.70 26.55
C VAL C 998 -1.08 -13.96 25.83
N THR C 999 -0.41 -13.82 24.68
CA THR C 999 0.10 -14.99 23.97
C THR C 999 1.15 -15.73 24.79
N GLN C 1000 2.07 -14.98 25.42
CA GLN C 1000 3.08 -15.61 26.27
C GLN C 1000 2.45 -16.34 27.45
N GLN C 1001 1.45 -15.71 28.07
CA GLN C 1001 0.75 -16.33 29.20
C GLN C 1001 -0.04 -17.56 28.76
N LEU C 1002 -0.60 -17.55 27.56
CA LEU C 1002 -1.32 -18.71 27.06
C LEU C 1002 -0.37 -19.89 26.80
N ILE C 1003 0.80 -19.60 26.24
CA ILE C 1003 1.79 -20.66 26.03
C ILE C 1003 2.27 -21.21 27.38
N ARG C 1004 2.52 -20.32 28.34
CA ARG C 1004 2.92 -20.76 29.67
C ARG C 1004 1.83 -21.58 30.34
N ALA C 1005 0.56 -21.20 30.13
CA ALA C 1005 -0.55 -21.95 30.70
C ALA C 1005 -0.67 -23.33 30.05
N ALA C 1006 -0.40 -23.43 28.74
CA ALA C 1006 -0.39 -24.73 28.09
C ALA C 1006 0.71 -25.63 28.66
N GLU C 1007 1.90 -25.06 28.88
CA GLU C 1007 2.98 -25.84 29.46
C GLU C 1007 2.66 -26.26 30.88
N ILE C 1008 2.03 -25.36 31.66
CA ILE C 1008 1.63 -25.68 33.02
C ILE C 1008 0.55 -26.75 33.03
N ARG C 1009 -0.36 -26.70 32.06
CA ARG C 1009 -1.38 -27.75 31.95
C ARG C 1009 -0.75 -29.10 31.65
N ALA C 1010 0.24 -29.14 30.75
CA ALA C 1010 0.94 -30.39 30.48
C ALA C 1010 1.67 -30.91 31.72
N SER C 1011 2.34 -30.01 32.45
CA SER C 1011 3.05 -30.42 33.67
C SER C 1011 2.07 -30.90 34.73
N ALA C 1012 0.91 -30.26 34.84
CA ALA C 1012 -0.10 -30.67 35.82
C ALA C 1012 -0.71 -32.01 35.45
N ASN C 1013 -0.90 -32.27 34.16
CA ASN C 1013 -1.37 -33.58 33.74
C ASN C 1013 -0.35 -34.66 34.06
N LEU C 1014 0.94 -34.36 33.84
CA LEU C 1014 1.99 -35.31 34.21
C LEU C 1014 2.01 -35.55 35.72
N ALA C 1015 1.86 -34.50 36.51
CA ALA C 1015 1.82 -34.64 37.97
C ALA C 1015 0.61 -35.43 38.43
N ALA C 1016 -0.55 -35.21 37.79
CA ALA C 1016 -1.74 -35.96 38.14
C ALA C 1016 -1.58 -37.44 37.82
N THR C 1017 -0.99 -37.76 36.66
CA THR C 1017 -0.74 -39.16 36.33
C THR C 1017 0.25 -39.79 37.32
N LYS C 1018 1.29 -39.03 37.70
CA LYS C 1018 2.25 -39.54 38.67
C LYS C 1018 1.59 -39.78 40.03
N MET C 1019 0.72 -38.87 40.46
CA MET C 1019 0.01 -39.05 41.73
C MET C 1019 -0.92 -40.25 41.66
N SER C 1020 -1.58 -40.46 40.52
CA SER C 1020 -2.49 -41.59 40.39
C SER C 1020 -1.75 -42.91 40.33
N GLU C 1021 -0.53 -42.93 39.78
CA GLU C 1021 0.18 -44.20 39.56
C GLU C 1021 1.21 -44.51 40.64
N CYS C 1022 2.20 -43.64 40.84
CA CYS C 1022 3.28 -43.94 41.77
C CYS C 1022 2.84 -43.78 43.23
N VAL C 1023 1.89 -42.88 43.49
CA VAL C 1023 1.43 -42.64 44.86
C VAL C 1023 0.24 -43.53 45.21
N LEU C 1024 -0.81 -43.49 44.38
CA LEU C 1024 -2.01 -44.29 44.64
C LEU C 1024 -1.84 -45.71 44.12
N GLY C 1025 -0.75 -46.38 44.49
CA GLY C 1025 -0.46 -47.71 44.05
C GLY C 1025 1.00 -47.85 43.65
N GLN C 1026 1.33 -49.01 43.10
CA GLN C 1026 2.68 -49.31 42.64
C GLN C 1026 2.66 -49.37 41.11
N SER C 1027 3.52 -48.59 40.47
CA SER C 1027 3.57 -48.50 39.03
C SER C 1027 4.62 -49.46 38.49
N LYS C 1028 4.22 -50.31 37.54
CA LYS C 1028 5.14 -51.25 36.90
C LYS C 1028 5.96 -50.59 35.80
N ARG C 1029 5.69 -49.32 35.48
CA ARG C 1029 6.45 -48.61 34.46
C ARG C 1029 7.86 -48.33 34.97
N VAL C 1030 8.85 -48.91 34.30
CA VAL C 1030 10.24 -48.78 34.72
C VAL C 1030 10.75 -47.39 34.34
N ASP C 1031 11.54 -46.80 35.26
CA ASP C 1031 12.14 -45.47 35.07
C ASP C 1031 11.08 -44.39 34.85
N PHE C 1032 9.95 -44.53 35.55
CA PHE C 1032 8.89 -43.53 35.54
C PHE C 1032 8.72 -42.86 36.90
N CYS C 1033 8.79 -43.63 37.99
CA CYS C 1033 8.71 -43.10 39.35
C CYS C 1033 10.08 -43.07 40.01
N GLY C 1034 11.13 -42.77 39.26
CA GLY C 1034 12.47 -42.71 39.81
C GLY C 1034 13.33 -43.84 39.28
N LYS C 1035 14.65 -43.66 39.45
CA LYS C 1035 15.61 -44.66 38.99
C LYS C 1035 15.59 -45.87 39.91
N GLY C 1036 15.36 -47.04 39.33
CA GLY C 1036 15.27 -48.28 40.08
C GLY C 1036 13.84 -48.78 40.15
N TYR C 1037 13.70 -49.95 40.75
CA TYR C 1037 12.38 -50.57 40.92
C TYR C 1037 11.59 -49.78 41.96
N HIS C 1038 10.40 -49.33 41.57
CA HIS C 1038 9.60 -48.45 42.42
C HIS C 1038 8.83 -49.26 43.46
N LEU C 1039 8.87 -48.80 44.70
CA LEU C 1039 8.11 -49.41 45.79
C LEU C 1039 6.91 -48.57 46.19
N MET C 1040 7.14 -47.30 46.55
CA MET C 1040 6.08 -46.41 46.97
C MET C 1040 6.56 -44.98 46.80
N SER C 1041 5.62 -44.03 46.91
CA SER C 1041 5.94 -42.62 46.79
C SER C 1041 5.17 -41.83 47.83
N PHE C 1042 5.74 -40.71 48.24
CA PHE C 1042 5.14 -39.84 49.25
C PHE C 1042 5.03 -38.42 48.70
N PRO C 1043 3.83 -37.99 48.31
CA PRO C 1043 3.66 -36.63 47.82
C PRO C 1043 3.65 -35.62 48.95
N GLN C 1044 4.23 -34.45 48.67
CA GLN C 1044 4.27 -33.38 49.65
C GLN C 1044 3.94 -32.06 48.99
N SER C 1045 3.33 -31.16 49.76
CA SER C 1045 2.89 -29.88 49.24
C SER C 1045 4.07 -28.96 48.96
N ALA C 1046 3.92 -28.12 47.95
CA ALA C 1046 4.92 -27.15 47.57
C ALA C 1046 4.20 -25.88 47.10
N PRO C 1047 4.85 -24.71 47.21
CA PRO C 1047 4.22 -23.49 46.69
C PRO C 1047 4.13 -23.53 45.17
N HIS C 1048 2.89 -23.50 44.67
CA HIS C 1048 2.60 -23.54 43.23
C HIS C 1048 3.21 -24.78 42.58
N GLY C 1049 3.10 -25.92 43.24
CA GLY C 1049 3.64 -27.15 42.69
C GLY C 1049 3.52 -28.29 43.69
N VAL C 1050 4.10 -29.42 43.30
CA VAL C 1050 4.10 -30.62 44.14
C VAL C 1050 5.43 -31.33 43.96
N VAL C 1051 5.85 -32.04 45.01
CA VAL C 1051 7.05 -32.87 44.95
C VAL C 1051 6.67 -34.29 45.34
N PHE C 1052 7.44 -35.25 44.85
CA PHE C 1052 7.24 -36.65 45.14
C PHE C 1052 8.51 -37.24 45.74
N LEU C 1053 8.38 -37.91 46.88
CA LEU C 1053 9.50 -38.59 47.51
C LEU C 1053 9.37 -40.08 47.20
N HIS C 1054 9.84 -40.45 46.00
CA HIS C 1054 9.75 -41.83 45.56
C HIS C 1054 10.67 -42.72 46.38
N VAL C 1055 10.21 -43.94 46.66
CA VAL C 1055 11.01 -44.95 47.34
C VAL C 1055 11.33 -46.03 46.32
N THR C 1056 12.61 -46.15 45.96
CA THR C 1056 13.04 -47.07 44.94
C THR C 1056 13.74 -48.27 45.58
N TYR C 1057 14.17 -49.20 44.72
CA TYR C 1057 14.84 -50.42 45.17
C TYR C 1057 15.99 -50.67 44.19
N VAL C 1058 17.20 -50.27 44.59
CA VAL C 1058 18.39 -50.45 43.76
C VAL C 1058 19.32 -51.43 44.47
N PRO C 1059 19.73 -52.51 43.80
CA PRO C 1059 20.71 -53.42 44.41
C PRO C 1059 22.08 -52.76 44.52
N ALA C 1060 22.86 -53.24 45.49
CA ALA C 1060 24.18 -52.68 45.77
C ALA C 1060 25.31 -53.65 45.48
N GLN C 1061 25.28 -54.84 46.08
CA GLN C 1061 26.37 -55.80 45.98
C GLN C 1061 25.96 -56.94 45.05
N GLU C 1062 26.83 -57.25 44.09
CA GLU C 1062 26.54 -58.27 43.09
C GLU C 1062 27.68 -59.30 43.09
N LYS C 1063 27.38 -60.47 42.55
CA LYS C 1063 28.32 -61.58 42.47
C LYS C 1063 28.42 -62.05 41.03
N ASN C 1064 29.21 -63.11 40.82
CA ASN C 1064 29.32 -63.76 39.53
C ASN C 1064 29.08 -65.25 39.69
N PHE C 1065 28.20 -65.80 38.87
CA PHE C 1065 27.83 -67.21 38.96
C PHE C 1065 27.75 -67.81 37.56
N THR C 1066 28.13 -69.08 37.45
CA THR C 1066 27.97 -69.82 36.21
C THR C 1066 26.53 -70.33 36.12
N THR C 1067 25.88 -70.09 34.99
CA THR C 1067 24.45 -70.35 34.84
C THR C 1067 24.20 -71.25 33.65
N ALA C 1068 23.08 -71.98 33.72
CA ALA C 1068 22.59 -72.82 32.63
C ALA C 1068 21.08 -72.63 32.53
N PRO C 1069 20.52 -72.64 31.32
CA PRO C 1069 19.08 -72.40 31.20
C PRO C 1069 18.22 -73.61 31.53
N ALA C 1070 18.79 -74.81 31.62
CA ALA C 1070 18.01 -76.00 31.91
C ALA C 1070 18.89 -77.03 32.58
N ILE C 1071 18.24 -78.00 33.23
CA ILE C 1071 18.92 -79.07 33.94
C ILE C 1071 18.46 -80.40 33.36
N CYS C 1072 19.43 -81.23 32.96
CA CYS C 1072 19.16 -82.54 32.40
C CYS C 1072 19.30 -83.59 33.49
N HIS C 1073 18.18 -84.17 33.91
CA HIS C 1073 18.16 -85.13 35.00
C HIS C 1073 18.10 -86.57 34.51
N ASP C 1074 17.07 -86.92 33.73
CA ASP C 1074 16.89 -88.28 33.22
C ASP C 1074 16.39 -88.24 31.79
N GLY C 1075 16.97 -87.36 30.98
CA GLY C 1075 16.51 -87.15 29.63
C GLY C 1075 15.40 -86.11 29.50
N LYS C 1076 14.87 -85.62 30.62
CA LYS C 1076 13.87 -84.57 30.63
C LYS C 1076 14.50 -83.27 31.11
N ALA C 1077 14.29 -82.19 30.37
CA ALA C 1077 14.88 -80.90 30.72
C ALA C 1077 14.04 -80.22 31.79
N HIS C 1078 14.70 -79.75 32.84
CA HIS C 1078 14.05 -79.05 33.94
C HIS C 1078 14.24 -77.55 33.76
N PHE C 1079 13.13 -76.81 33.77
CA PHE C 1079 13.16 -75.36 33.65
C PHE C 1079 12.64 -74.71 34.92
N PRO C 1080 13.25 -73.62 35.37
CA PRO C 1080 12.79 -72.97 36.59
C PRO C 1080 11.45 -72.26 36.37
N ARG C 1081 10.68 -72.15 37.45
CA ARG C 1081 9.38 -71.50 37.37
C ARG C 1081 9.51 -69.98 37.48
N GLU C 1082 10.13 -69.51 38.58
CA GLU C 1082 10.38 -68.09 38.76
C GLU C 1082 11.85 -67.75 38.95
N GLY C 1083 12.70 -68.73 39.27
CA GLY C 1083 14.10 -68.50 39.50
C GLY C 1083 14.95 -68.72 38.27
N VAL C 1084 16.24 -68.94 38.51
CA VAL C 1084 17.20 -69.21 37.45
C VAL C 1084 18.33 -70.04 38.04
N PHE C 1085 18.84 -70.98 37.24
CA PHE C 1085 19.88 -71.90 37.73
C PHE C 1085 21.21 -71.18 37.82
N VAL C 1086 21.83 -71.21 39.01
CA VAL C 1086 23.14 -70.64 39.23
C VAL C 1086 24.00 -71.67 39.96
N SER C 1087 25.31 -71.47 39.87
CA SER C 1087 26.26 -72.37 40.51
C SER C 1087 27.45 -71.58 41.02
N ASN C 1088 27.97 -71.98 42.18
CA ASN C 1088 29.15 -71.35 42.77
C ASN C 1088 30.42 -72.14 42.48
N GLY C 1089 30.37 -73.04 41.49
CA GLY C 1089 31.56 -73.76 41.07
C GLY C 1089 31.41 -75.27 41.10
N THR C 1090 30.75 -75.80 42.13
CA THR C 1090 30.57 -77.24 42.27
C THR C 1090 29.11 -77.66 42.24
N HIS C 1091 28.26 -77.02 43.04
CA HIS C 1091 26.84 -77.37 43.12
C HIS C 1091 26.00 -76.28 42.49
N TRP C 1092 24.81 -76.67 42.04
CA TRP C 1092 23.86 -75.76 41.40
C TRP C 1092 22.71 -75.44 42.35
N PHE C 1093 22.15 -74.24 42.18
CA PHE C 1093 21.01 -73.79 42.96
C PHE C 1093 20.05 -73.06 42.04
N VAL C 1094 18.94 -72.59 42.60
CA VAL C 1094 17.98 -71.77 41.87
C VAL C 1094 17.58 -70.60 42.75
N THR C 1095 17.81 -69.37 42.27
CA THR C 1095 17.48 -68.16 43.00
C THR C 1095 16.70 -67.23 42.10
N GLN C 1096 15.93 -66.33 42.72
CA GLN C 1096 15.20 -65.32 41.96
C GLN C 1096 16.17 -64.35 41.30
N ARG C 1097 15.70 -63.71 40.22
CA ARG C 1097 16.56 -62.87 39.41
C ARG C 1097 16.94 -61.55 40.09
N ASN C 1098 16.31 -61.20 41.21
CA ASN C 1098 16.57 -59.93 41.85
C ASN C 1098 17.28 -60.06 43.20
N PHE C 1099 17.37 -61.25 43.76
CA PHE C 1099 18.05 -61.45 45.03
C PHE C 1099 18.65 -62.85 45.06
N TYR C 1100 19.77 -62.97 45.76
CA TYR C 1100 20.49 -64.25 45.85
C TYR C 1100 19.94 -65.04 47.03
N GLU C 1101 19.07 -66.00 46.73
CA GLU C 1101 18.49 -66.89 47.74
C GLU C 1101 18.71 -68.32 47.25
N PRO C 1102 19.84 -68.93 47.59
CA PRO C 1102 20.15 -70.28 47.08
C PRO C 1102 19.20 -71.33 47.65
N GLN C 1103 18.63 -72.14 46.76
CA GLN C 1103 17.71 -73.19 47.13
C GLN C 1103 18.10 -74.48 46.44
N ILE C 1104 17.74 -75.61 47.05
CA ILE C 1104 18.04 -76.92 46.48
C ILE C 1104 17.13 -77.15 45.28
N ILE C 1105 17.68 -77.79 44.24
CA ILE C 1105 16.93 -78.07 43.03
C ILE C 1105 15.88 -79.13 43.35
N THR C 1106 14.61 -78.74 43.36
CA THR C 1106 13.52 -79.63 43.72
C THR C 1106 12.52 -79.70 42.57
N THR C 1107 11.43 -80.44 42.81
CA THR C 1107 10.35 -80.58 41.85
C THR C 1107 9.34 -79.45 41.95
N ASP C 1108 9.18 -78.87 43.15
CA ASP C 1108 8.17 -77.83 43.34
C ASP C 1108 8.49 -76.56 42.58
N ASN C 1109 9.78 -76.24 42.41
CA ASN C 1109 10.18 -74.99 41.76
C ASN C 1109 10.63 -75.19 40.32
N THR C 1110 10.49 -76.40 39.77
CA THR C 1110 10.89 -76.69 38.40
C THR C 1110 9.78 -77.46 37.69
N PHE C 1111 9.77 -77.34 36.36
CA PHE C 1111 8.81 -78.07 35.54
C PHE C 1111 9.55 -78.66 34.34
N VAL C 1112 9.11 -79.85 33.93
CA VAL C 1112 9.74 -80.58 32.83
C VAL C 1112 8.96 -80.30 31.55
N SER C 1113 9.67 -80.36 30.42
CA SER C 1113 9.06 -80.13 29.11
C SER C 1113 9.95 -80.71 28.04
N GLY C 1114 9.46 -81.71 27.32
CA GLY C 1114 10.18 -82.24 26.18
C GLY C 1114 11.39 -83.09 26.57
N ASN C 1115 12.23 -83.32 25.56
CA ASN C 1115 13.41 -84.16 25.69
C ASN C 1115 14.62 -83.27 25.99
N CYS C 1116 15.69 -83.90 26.48
CA CYS C 1116 16.87 -83.15 26.90
C CYS C 1116 17.62 -82.55 25.72
N ASP C 1117 17.68 -83.25 24.59
CA ASP C 1117 18.53 -82.84 23.47
C ASP C 1117 17.80 -81.89 22.52
N VAL C 1118 17.26 -80.80 23.06
CA VAL C 1118 16.62 -79.77 22.24
C VAL C 1118 17.31 -78.44 22.46
N VAL C 1119 17.91 -78.27 23.64
CA VAL C 1119 18.56 -77.03 24.03
C VAL C 1119 20.04 -77.13 23.71
N ILE C 1120 20.60 -76.08 23.10
CA ILE C 1120 22.02 -76.08 22.76
C ILE C 1120 22.89 -76.07 24.01
N GLY C 1121 22.50 -75.27 25.01
CA GLY C 1121 23.25 -75.21 26.24
C GLY C 1121 22.52 -75.83 27.42
N ILE C 1122 23.07 -76.91 27.97
CA ILE C 1122 22.46 -77.61 29.09
C ILE C 1122 23.56 -78.31 29.88
N VAL C 1123 23.27 -78.58 31.16
CA VAL C 1123 24.20 -79.24 32.05
C VAL C 1123 23.50 -80.42 32.72
N ASN C 1124 24.30 -81.33 33.24
CA ASN C 1124 23.80 -82.52 33.93
C ASN C 1124 23.82 -82.28 35.44
N ASN C 1125 22.71 -82.63 36.09
CA ASN C 1125 22.61 -82.56 37.55
C ASN C 1125 21.49 -83.49 37.99
N THR C 1126 21.12 -83.39 39.27
CA THR C 1126 20.08 -84.24 39.85
C THR C 1126 19.05 -83.36 40.56
N VAL C 1127 17.86 -83.92 40.71
CA VAL C 1127 16.75 -83.26 41.39
C VAL C 1127 16.52 -83.95 42.73
N TYR C 1128 16.32 -83.14 43.78
CA TYR C 1128 16.20 -83.67 45.13
C TYR C 1128 14.97 -84.57 45.27
N ASP C 1129 13.87 -84.21 44.58
CA ASP C 1129 12.60 -84.93 44.58
C ASP C 1129 12.08 -85.13 46.00
N PRO C 1130 11.48 -84.09 46.60
CA PRO C 1130 11.17 -84.14 48.04
C PRO C 1130 10.02 -85.08 48.40
N LEU C 1131 9.55 -85.88 47.45
CA LEU C 1131 8.51 -86.86 47.71
C LEU C 1131 9.06 -88.28 47.91
N GLN C 1132 10.22 -88.56 47.34
CA GLN C 1132 10.80 -89.91 47.45
C GLN C 1132 11.17 -90.32 48.88
N PRO C 1133 11.89 -89.51 49.69
CA PRO C 1133 12.22 -89.98 51.04
C PRO C 1133 11.03 -90.08 51.97
N GLU C 1134 9.96 -89.34 51.72
CA GLU C 1134 8.81 -89.34 52.63
C GLU C 1134 7.96 -90.60 52.50
N LEU C 1135 7.92 -91.22 51.31
CA LEU C 1135 7.09 -92.40 51.12
C LEU C 1135 7.71 -93.66 51.71
N ASP C 1136 8.97 -93.62 52.12
CA ASP C 1136 9.62 -94.78 52.72
C ASP C 1136 9.10 -95.05 54.12
N VAL D 2 -63.70 58.22 -18.70
CA VAL D 2 -65.12 58.53 -18.58
C VAL D 2 -65.69 57.94 -17.30
N GLN D 3 -67.00 58.02 -17.14
CA GLN D 3 -67.69 57.50 -15.97
C GLN D 3 -68.80 56.57 -16.41
N LEU D 4 -68.98 55.47 -15.68
CA LEU D 4 -70.03 54.51 -15.95
C LEU D 4 -71.14 54.67 -14.91
N VAL D 5 -72.38 54.81 -15.39
CA VAL D 5 -73.54 55.04 -14.53
C VAL D 5 -74.40 53.79 -14.54
N GLU D 6 -74.71 53.29 -13.35
CA GLU D 6 -75.53 52.10 -13.18
C GLU D 6 -76.79 52.45 -12.40
N SER D 7 -77.76 51.55 -12.42
CA SER D 7 -79.03 51.76 -11.74
C SER D 7 -78.87 51.57 -10.24
N GLY D 8 -79.96 51.80 -9.51
CA GLY D 8 -79.97 51.68 -8.06
C GLY D 8 -80.30 50.28 -7.60
N ALA D 9 -80.90 50.22 -6.41
CA ALA D 9 -81.25 48.93 -5.82
C ALA D 9 -82.41 48.28 -6.57
N GLU D 10 -82.42 46.95 -6.58
CA GLU D 10 -83.47 46.19 -7.23
C GLU D 10 -83.70 44.91 -6.46
N VAL D 11 -84.98 44.58 -6.24
CA VAL D 11 -85.39 43.41 -5.47
C VAL D 11 -86.27 42.55 -6.34
N LYS D 12 -85.94 41.26 -6.44
CA LYS D 12 -86.70 40.30 -7.23
C LYS D 12 -87.12 39.13 -6.33
N LYS D 13 -87.76 38.12 -6.95
CA LYS D 13 -88.27 36.94 -6.28
C LYS D 13 -87.24 35.81 -6.32
N PRO D 14 -87.27 34.89 -5.34
CA PRO D 14 -86.34 33.76 -5.36
C PRO D 14 -86.71 32.73 -6.41
N GLY D 15 -86.29 32.96 -7.65
CA GLY D 15 -86.64 32.08 -8.74
C GLY D 15 -87.08 32.84 -9.97
N SER D 16 -86.90 34.16 -9.95
CA SER D 16 -87.23 35.05 -11.05
C SER D 16 -85.95 35.51 -11.74
N SER D 17 -86.10 36.40 -12.71
CA SER D 17 -84.99 36.93 -13.49
C SER D 17 -84.83 38.41 -13.20
N VAL D 18 -83.59 38.82 -12.93
CA VAL D 18 -83.26 40.22 -12.65
C VAL D 18 -82.78 40.88 -13.95
N LYS D 19 -83.11 42.15 -14.11
CA LYS D 19 -82.79 42.90 -15.34
C LYS D 19 -82.20 44.25 -14.94
N VAL D 20 -80.88 44.39 -15.09
CA VAL D 20 -80.19 45.64 -14.81
C VAL D 20 -79.44 46.06 -16.08
N SER D 21 -78.98 47.32 -16.07
CA SER D 21 -78.33 47.91 -17.22
C SER D 21 -77.02 48.56 -16.80
N CYS D 22 -76.11 48.70 -17.77
CA CYS D 22 -74.82 49.35 -17.58
C CYS D 22 -74.67 50.44 -18.62
N LYS D 23 -74.78 51.69 -18.21
CA LYS D 23 -74.70 52.84 -19.11
C LYS D 23 -73.29 53.42 -19.09
N ALA D 24 -72.87 53.94 -20.25
CA ALA D 24 -71.58 54.59 -20.41
C ALA D 24 -71.80 56.00 -20.94
N SER D 25 -71.15 56.97 -20.31
CA SER D 25 -71.26 58.38 -20.69
C SER D 25 -70.04 58.77 -21.52
N GLY D 26 -70.28 59.28 -22.71
CA GLY D 26 -69.21 59.72 -23.58
C GLY D 26 -68.78 58.62 -24.53
N GLY D 27 -67.48 58.32 -24.56
CA GLY D 27 -66.95 57.31 -25.45
C GLY D 27 -66.24 56.18 -24.73
N THR D 28 -65.16 55.69 -25.36
CA THR D 28 -64.29 54.57 -24.94
C THR D 28 -65.05 53.41 -24.32
N PHE D 29 -66.21 53.08 -24.87
CA PHE D 29 -66.97 51.90 -24.50
C PHE D 29 -67.10 50.89 -25.63
N SER D 30 -67.03 51.34 -26.88
CA SER D 30 -67.06 50.46 -28.04
C SER D 30 -65.66 50.20 -28.58
N SER D 31 -64.66 50.14 -27.71
CA SER D 31 -63.29 49.81 -28.10
C SER D 31 -62.60 48.82 -27.17
N TYR D 32 -63.04 48.66 -25.93
CA TYR D 32 -62.39 47.81 -24.96
C TYR D 32 -63.37 46.79 -24.39
N ALA D 33 -62.81 45.71 -23.85
CA ALA D 33 -63.62 44.66 -23.26
C ALA D 33 -64.30 45.13 -21.98
N ILE D 34 -65.49 44.60 -21.74
CA ILE D 34 -66.30 44.98 -20.58
C ILE D 34 -66.61 43.71 -19.79
N SER D 35 -66.35 43.76 -18.48
CA SER D 35 -66.59 42.64 -17.59
C SER D 35 -67.51 43.08 -16.44
N TRP D 36 -67.80 42.14 -15.55
CA TRP D 36 -68.66 42.40 -14.39
C TRP D 36 -67.99 41.88 -13.13
N VAL D 37 -68.05 42.68 -12.07
CA VAL D 37 -67.43 42.35 -10.78
C VAL D 37 -68.51 42.32 -9.72
N ARG D 38 -68.48 41.30 -8.87
CA ARG D 38 -69.41 41.15 -7.77
C ARG D 38 -68.66 41.16 -6.45
N GLN D 39 -69.11 42.00 -5.51
CA GLN D 39 -68.55 42.04 -4.16
C GLN D 39 -69.64 41.66 -3.17
N ALA D 40 -69.32 40.70 -2.30
CA ALA D 40 -70.28 40.19 -1.33
C ALA D 40 -69.78 40.42 0.08
N PRO D 41 -70.57 41.04 0.96
CA PRO D 41 -70.13 41.21 2.36
C PRO D 41 -70.10 39.88 3.08
N GLY D 42 -68.91 39.50 3.54
CA GLY D 42 -68.68 38.22 4.21
C GLY D 42 -67.65 37.35 3.51
N GLN D 43 -67.50 37.52 2.20
CA GLN D 43 -66.50 36.78 1.44
C GLN D 43 -65.72 37.73 0.54
N GLY D 44 -64.87 37.19 -0.33
CA GLY D 44 -64.08 37.99 -1.24
C GLY D 44 -64.85 38.37 -2.50
N LEU D 45 -64.14 39.02 -3.40
CA LEU D 45 -64.70 39.43 -4.68
C LEU D 45 -64.52 38.31 -5.71
N GLU D 46 -65.47 38.21 -6.63
CA GLU D 46 -65.44 37.19 -7.67
C GLU D 46 -65.64 37.84 -9.03
N TRP D 47 -65.45 37.05 -10.08
CA TRP D 47 -65.49 37.52 -11.46
C TRP D 47 -66.21 36.48 -12.30
N MET D 48 -67.44 36.78 -12.69
CA MET D 48 -68.22 35.81 -13.48
C MET D 48 -67.67 35.68 -14.89
N GLY D 49 -67.39 36.79 -15.55
CA GLY D 49 -66.87 36.74 -16.91
C GLY D 49 -66.87 38.12 -17.53
N GLY D 50 -66.28 38.17 -18.73
CA GLY D 50 -66.20 39.41 -19.47
C GLY D 50 -66.67 39.20 -20.91
N ILE D 51 -67.30 40.24 -21.44
CA ILE D 51 -67.88 40.21 -22.78
C ILE D 51 -67.22 41.30 -23.62
N ILE D 52 -66.68 40.92 -24.77
CA ILE D 52 -66.14 41.90 -25.71
C ILE D 52 -67.28 42.46 -26.56
N PRO D 53 -67.43 43.79 -26.63
CA PRO D 53 -68.51 44.36 -27.44
C PRO D 53 -68.22 44.43 -28.92
N ILE D 54 -66.98 44.18 -29.35
CA ILE D 54 -66.64 44.27 -30.76
C ILE D 54 -67.14 43.07 -31.53
N LEU D 55 -66.64 41.89 -31.18
CA LEU D 55 -67.03 40.66 -31.86
C LEU D 55 -68.24 39.97 -31.22
N GLY D 56 -68.68 40.45 -30.06
CA GLY D 56 -69.82 39.85 -29.38
C GLY D 56 -69.56 38.43 -28.92
N ILE D 57 -68.40 38.17 -28.34
CA ILE D 57 -67.99 36.84 -27.92
C ILE D 57 -68.01 36.77 -26.40
N ALA D 58 -68.70 35.76 -25.87
CA ALA D 58 -68.79 35.59 -24.43
C ALA D 58 -67.55 34.88 -23.91
N ASN D 59 -67.13 35.25 -22.70
CA ASN D 59 -65.98 34.64 -22.05
C ASN D 59 -66.25 34.64 -20.54
N TYR D 60 -66.77 33.52 -20.04
CA TYR D 60 -67.11 33.37 -18.65
C TYR D 60 -66.04 32.52 -17.94
N ALA D 61 -66.30 32.18 -16.69
CA ALA D 61 -65.39 31.37 -15.89
C ALA D 61 -65.99 29.98 -15.68
N GLN D 62 -65.11 29.02 -15.36
CA GLN D 62 -65.55 27.65 -15.17
C GLN D 62 -66.30 27.45 -13.85
N LYS D 63 -66.17 28.39 -12.90
CA LYS D 63 -66.86 28.28 -11.63
C LYS D 63 -68.35 28.60 -11.74
N PHE D 64 -68.79 29.18 -12.85
CA PHE D 64 -70.19 29.52 -13.06
C PHE D 64 -70.73 28.75 -14.26
N GLN D 65 -71.91 28.15 -14.09
CA GLN D 65 -72.51 27.34 -15.13
C GLN D 65 -73.24 28.22 -16.14
N GLY D 66 -73.86 27.58 -17.12
CA GLY D 66 -74.59 28.29 -18.15
C GLY D 66 -75.95 28.77 -17.69
N ARG D 67 -75.96 29.74 -16.80
CA ARG D 67 -77.18 30.31 -16.24
C ARG D 67 -77.26 31.83 -16.39
N VAL D 68 -76.13 32.52 -16.27
CA VAL D 68 -76.09 33.97 -16.44
C VAL D 68 -75.59 34.28 -17.85
N THR D 69 -76.33 35.13 -18.56
CA THR D 69 -75.97 35.54 -19.90
C THR D 69 -75.90 37.06 -19.97
N ILE D 70 -74.89 37.58 -20.67
CA ILE D 70 -74.67 39.00 -20.81
C ILE D 70 -74.67 39.35 -22.28
N THR D 71 -75.42 40.39 -22.65
CA THR D 71 -75.49 40.87 -24.02
C THR D 71 -74.91 42.27 -24.10
N ALA D 72 -74.59 42.69 -25.32
CA ALA D 72 -73.98 43.99 -25.57
C ALA D 72 -74.74 44.70 -26.69
N ASP D 73 -74.76 46.03 -26.61
CA ASP D 73 -75.43 46.87 -27.58
C ASP D 73 -74.47 47.93 -28.11
N LYS D 74 -74.52 48.17 -29.41
CA LYS D 74 -73.67 49.16 -30.06
C LYS D 74 -74.38 50.44 -30.44
N SER D 75 -75.70 50.43 -30.59
CA SER D 75 -76.42 51.62 -31.01
C SER D 75 -76.42 52.69 -29.92
N THR D 76 -76.65 52.28 -28.66
CA THR D 76 -76.73 53.22 -27.55
C THR D 76 -75.58 53.07 -26.56
N SER D 77 -74.62 52.17 -26.83
CA SER D 77 -73.45 51.93 -25.99
C SER D 77 -73.86 51.56 -24.56
N THR D 78 -74.59 50.45 -24.45
CA THR D 78 -75.08 49.96 -23.17
C THR D 78 -74.96 48.44 -23.12
N ALA D 79 -75.03 47.90 -21.92
CA ALA D 79 -74.98 46.46 -21.69
C ALA D 79 -76.11 46.06 -20.75
N TYR D 80 -76.61 44.84 -20.95
CA TYR D 80 -77.70 44.30 -20.15
C TYR D 80 -77.25 43.01 -19.48
N MET D 81 -77.73 42.79 -18.26
CA MET D 81 -77.44 41.59 -17.48
C MET D 81 -78.72 40.79 -17.28
N GLU D 82 -78.68 39.52 -17.65
CA GLU D 82 -79.80 38.60 -17.45
C GLU D 82 -79.34 37.50 -16.51
N LEU D 83 -80.08 37.32 -15.41
CA LEU D 83 -79.72 36.30 -14.41
C LEU D 83 -81.01 35.75 -13.83
N SER D 84 -81.28 34.47 -14.10
CA SER D 84 -82.46 33.78 -13.62
C SER D 84 -82.08 32.74 -12.58
N SER D 85 -83.10 32.11 -11.99
CA SER D 85 -82.97 31.11 -10.93
C SER D 85 -82.11 31.63 -9.78
N LEU D 86 -82.61 32.68 -9.15
CA LEU D 86 -81.93 33.29 -8.01
C LEU D 86 -81.95 32.36 -6.81
N ARG D 87 -80.85 32.32 -6.07
CA ARG D 87 -80.74 31.50 -4.88
C ARG D 87 -80.67 32.38 -3.64
N SER D 88 -80.45 31.75 -2.49
CA SER D 88 -80.51 32.45 -1.21
C SER D 88 -79.32 33.36 -0.96
N GLU D 89 -78.22 33.18 -1.68
CA GLU D 89 -76.99 33.93 -1.45
C GLU D 89 -76.68 34.91 -2.57
N ASP D 90 -77.72 35.57 -3.09
CA ASP D 90 -77.55 36.59 -4.11
C ASP D 90 -77.49 38.01 -3.54
N THR D 91 -77.50 38.16 -2.23
CA THR D 91 -77.49 39.47 -1.59
C THR D 91 -76.09 40.05 -1.67
N ALA D 92 -75.81 40.73 -2.77
CA ALA D 92 -74.50 41.34 -3.00
C ALA D 92 -74.68 42.51 -3.96
N VAL D 93 -73.57 43.06 -4.43
CA VAL D 93 -73.58 44.21 -5.33
C VAL D 93 -72.70 43.90 -6.54
N TYR D 94 -73.20 44.25 -7.72
CA TYR D 94 -72.47 44.06 -8.97
C TYR D 94 -71.79 45.35 -9.39
N TYR D 95 -70.72 45.22 -10.17
CA TYR D 95 -69.96 46.35 -10.67
C TYR D 95 -69.68 46.17 -12.15
N CYS D 96 -69.81 47.26 -12.91
CA CYS D 96 -69.53 47.27 -14.34
C CYS D 96 -68.13 47.85 -14.55
N ALA D 97 -67.19 46.98 -14.91
CA ALA D 97 -65.79 47.36 -15.02
C ALA D 97 -65.36 47.40 -16.48
N ARG D 98 -64.16 47.95 -16.69
CA ARG D 98 -63.55 48.07 -18.01
C ARG D 98 -62.14 47.49 -17.96
N GLU D 99 -61.70 46.94 -19.08
CA GLU D 99 -60.39 46.31 -19.20
C GLU D 99 -59.57 47.04 -20.25
N ASN D 100 -58.31 47.34 -19.91
CA ASN D 100 -57.38 47.99 -20.82
C ASN D 100 -56.11 47.14 -20.88
N GLY D 101 -55.96 46.38 -21.96
CA GLY D 101 -54.81 45.51 -22.10
C GLY D 101 -53.53 46.26 -22.39
N TYR D 102 -52.42 45.57 -22.17
CA TYR D 102 -51.10 46.14 -22.41
C TYR D 102 -50.16 45.03 -22.87
N SER D 103 -48.87 45.32 -22.91
CA SER D 103 -47.85 44.37 -23.33
C SER D 103 -46.81 44.21 -22.24
N GLY D 104 -46.40 42.97 -22.01
CA GLY D 104 -45.40 42.69 -21.00
C GLY D 104 -45.31 41.20 -20.73
N TYR D 105 -44.37 40.86 -19.85
CA TYR D 105 -44.18 39.46 -19.47
C TYR D 105 -45.38 38.93 -18.70
N GLY D 106 -45.95 39.75 -17.82
CA GLY D 106 -47.09 39.33 -17.02
C GLY D 106 -48.37 39.24 -17.82
N ALA D 107 -48.77 40.36 -18.43
CA ALA D 107 -49.98 40.48 -19.25
C ALA D 107 -51.22 40.04 -18.46
N ALA D 108 -51.47 40.74 -17.37
CA ALA D 108 -52.62 40.48 -16.51
C ALA D 108 -53.71 41.51 -16.77
N ALA D 109 -54.96 41.10 -16.51
CA ALA D 109 -56.11 41.97 -16.74
C ALA D 109 -56.25 42.95 -15.58
N ASN D 110 -55.99 44.23 -15.86
CA ASN D 110 -56.10 45.28 -14.86
C ASN D 110 -57.43 46.02 -15.04
N PHE D 111 -58.08 46.32 -13.92
CA PHE D 111 -59.42 46.91 -13.92
C PHE D 111 -59.26 48.40 -13.59
N ASP D 112 -59.05 49.21 -14.63
CA ASP D 112 -58.79 50.63 -14.41
C ASP D 112 -60.07 51.42 -14.15
N LEU D 113 -61.15 51.09 -14.84
CA LEU D 113 -62.41 51.83 -14.75
C LEU D 113 -63.48 50.95 -14.11
N TRP D 114 -64.26 51.54 -13.20
CA TRP D 114 -65.29 50.83 -12.47
C TRP D 114 -66.61 51.58 -12.57
N GLY D 115 -67.70 50.86 -12.35
CA GLY D 115 -69.03 51.43 -12.39
C GLY D 115 -69.47 51.97 -11.05
N ARG D 116 -70.78 52.11 -10.89
CA ARG D 116 -71.36 52.64 -9.66
C ARG D 116 -71.72 51.53 -8.68
N GLY D 117 -72.59 50.62 -9.09
CA GLY D 117 -73.01 49.51 -8.25
C GLY D 117 -74.51 49.27 -8.31
N THR D 118 -74.90 48.01 -8.18
CA THR D 118 -76.31 47.61 -8.20
C THR D 118 -76.56 46.73 -6.97
N LEU D 119 -77.32 47.25 -6.01
CA LEU D 119 -77.63 46.50 -4.79
C LEU D 119 -78.81 45.58 -5.06
N VAL D 120 -78.50 44.36 -5.48
CA VAL D 120 -79.52 43.35 -5.81
C VAL D 120 -79.61 42.40 -4.63
N THR D 121 -80.74 42.44 -3.91
CA THR D 121 -81.00 41.57 -2.77
C THR D 121 -82.29 40.79 -3.00
N VAL D 122 -82.26 39.51 -2.67
CA VAL D 122 -83.42 38.64 -2.79
C VAL D 122 -83.59 37.86 -1.50
N SER D 123 -84.84 37.74 -1.04
CA SER D 123 -85.19 37.02 0.18
C SER D 123 -86.69 36.76 0.17
N SER D 124 -87.20 36.20 1.25
CA SER D 124 -88.64 36.00 1.41
C SER D 124 -89.26 37.28 1.94
N ALA D 125 -90.56 37.22 2.28
CA ALA D 125 -91.32 38.34 2.83
C ALA D 125 -91.29 39.54 1.88
N SER D 126 -91.94 39.35 0.73
CA SER D 126 -91.91 40.31 -0.36
C SER D 126 -92.76 41.54 0.00
N THR D 127 -92.94 42.43 -0.99
CA THR D 127 -93.58 43.72 -0.75
C THR D 127 -95.03 43.54 -0.34
N LYS D 128 -95.42 44.20 0.75
CA LYS D 128 -96.77 44.14 1.29
C LYS D 128 -97.16 45.53 1.79
N GLY D 129 -98.30 45.62 2.45
CA GLY D 129 -98.76 46.87 2.99
C GLY D 129 -98.14 47.18 4.33
N PRO D 130 -97.41 48.29 4.42
CA PRO D 130 -96.77 48.66 5.68
C PRO D 130 -97.77 49.08 6.73
N SER D 131 -97.40 48.86 8.00
CA SER D 131 -98.21 49.24 9.15
C SER D 131 -97.40 50.14 10.06
N VAL D 132 -97.97 51.28 10.41
CA VAL D 132 -97.30 52.27 11.26
C VAL D 132 -98.12 52.43 12.54
N PHE D 133 -97.45 52.40 13.68
CA PHE D 133 -98.10 52.55 14.98
C PHE D 133 -97.51 53.75 15.70
N PRO D 134 -98.33 54.75 16.06
CA PRO D 134 -97.80 55.90 16.79
C PRO D 134 -97.39 55.54 18.21
N LEU D 135 -96.43 56.28 18.75
CA LEU D 135 -95.92 56.10 20.10
C LEU D 135 -96.17 57.35 20.91
N ALA D 136 -96.68 57.18 22.13
CA ALA D 136 -97.02 58.30 22.98
C ALA D 136 -96.39 58.12 24.36
N PRO D 137 -95.94 59.20 24.99
CA PRO D 137 -95.39 59.10 26.34
C PRO D 137 -96.49 58.98 27.39
N SER D 138 -96.07 58.58 28.58
CA SER D 138 -96.96 58.43 29.73
C SER D 138 -96.54 59.36 30.85
N SER D 139 -97.26 59.29 31.97
CA SER D 139 -96.94 60.14 33.11
C SER D 139 -95.61 59.76 33.75
N LYS D 140 -95.33 58.46 33.87
CA LYS D 140 -94.08 58.02 34.47
C LYS D 140 -92.90 58.21 33.53
N SER D 141 -93.15 58.17 32.21
CA SER D 141 -92.06 58.27 31.24
C SER D 141 -91.44 59.66 31.23
N THR D 142 -92.23 60.71 31.49
CA THR D 142 -91.76 62.08 31.49
C THR D 142 -91.68 62.57 32.93
N SER D 143 -90.47 62.97 33.33
CA SER D 143 -90.24 63.50 34.67
C SER D 143 -89.81 64.96 34.68
N GLY D 144 -89.16 65.43 33.62
CA GLY D 144 -88.75 66.82 33.53
C GLY D 144 -89.52 67.58 32.46
N GLY D 145 -88.82 68.45 31.73
CA GLY D 145 -89.41 69.22 30.66
C GLY D 145 -89.19 68.66 29.26
N THR D 146 -88.71 67.42 29.15
CA THR D 146 -88.45 66.80 27.86
C THR D 146 -89.20 65.48 27.79
N ALA D 147 -89.94 65.26 26.71
CA ALA D 147 -90.71 64.05 26.49
C ALA D 147 -90.26 63.38 25.20
N ALA D 148 -90.25 62.06 25.20
CA ALA D 148 -89.83 61.28 24.04
C ALA D 148 -91.04 60.61 23.41
N LEU D 149 -91.26 60.89 22.12
CA LEU D 149 -92.37 60.29 21.39
C LEU D 149 -91.99 60.19 19.92
N GLY D 150 -92.71 59.34 19.21
CA GLY D 150 -92.42 59.13 17.80
C GLY D 150 -93.42 58.19 17.18
N CYS D 151 -93.01 57.60 16.05
CA CYS D 151 -93.84 56.66 15.30
C CYS D 151 -93.02 55.41 14.99
N LEU D 152 -93.64 54.26 15.16
CA LEU D 152 -93.00 52.97 14.89
C LEU D 152 -93.59 52.39 13.61
N VAL D 153 -92.72 52.02 12.67
CA VAL D 153 -93.13 51.48 11.37
C VAL D 153 -92.76 50.00 11.33
N LYS D 154 -93.73 49.17 10.94
CA LYS D 154 -93.56 47.73 10.95
C LYS D 154 -93.98 47.16 9.59
N ASP D 155 -93.44 45.98 9.30
CA ASP D 155 -93.69 45.17 8.10
C ASP D 155 -93.74 46.02 6.82
N TYR D 156 -92.61 46.67 6.54
CA TYR D 156 -92.45 47.45 5.33
C TYR D 156 -91.46 46.76 4.40
N PHE D 157 -91.71 46.87 3.10
CA PHE D 157 -90.83 46.28 2.09
C PHE D 157 -91.02 47.03 0.79
N PRO D 158 -89.95 47.31 0.02
CA PRO D 158 -88.54 47.02 0.33
C PRO D 158 -87.75 48.27 0.71
N GLU D 159 -86.46 48.11 0.99
CA GLU D 159 -85.60 49.24 1.28
C GLU D 159 -85.34 50.05 0.01
N PRO D 160 -85.12 51.37 0.13
CA PRO D 160 -85.10 52.20 1.35
C PRO D 160 -86.43 52.88 1.64
N VAL D 161 -86.73 53.14 2.91
CA VAL D 161 -87.93 53.84 3.33
C VAL D 161 -87.51 55.08 4.11
N THR D 162 -88.06 56.24 3.73
CA THR D 162 -87.76 57.50 4.39
C THR D 162 -88.94 57.95 5.23
N VAL D 163 -88.64 58.65 6.32
CA VAL D 163 -89.64 59.17 7.25
C VAL D 163 -89.47 60.67 7.35
N SER D 164 -90.56 61.41 7.15
CA SER D 164 -90.55 62.86 7.22
C SER D 164 -91.46 63.32 8.36
N TRP D 165 -91.01 64.33 9.09
CA TRP D 165 -91.74 64.87 10.23
C TRP D 165 -92.36 66.20 9.82
N ASN D 166 -93.71 66.23 9.74
CA ASN D 166 -94.48 67.42 9.39
C ASN D 166 -94.04 68.00 8.04
N SER D 167 -93.80 67.10 7.07
CA SER D 167 -93.32 67.47 5.73
C SER D 167 -92.03 68.27 5.80
N GLY D 168 -91.11 67.86 6.67
CA GLY D 168 -89.82 68.51 6.79
C GLY D 168 -89.80 69.75 7.67
N ALA D 169 -90.86 70.00 8.43
CA ALA D 169 -90.90 71.19 9.29
C ALA D 169 -90.06 71.03 10.55
N LEU D 170 -89.65 69.81 10.90
CA LEU D 170 -88.85 69.56 12.09
C LEU D 170 -87.48 69.09 11.66
N THR D 171 -86.45 69.77 12.12
CA THR D 171 -85.07 69.47 11.74
C THR D 171 -84.16 69.24 12.94
N SER D 172 -84.40 69.94 14.04
CA SER D 172 -83.61 69.77 15.26
C SER D 172 -84.21 68.68 16.13
N GLY D 173 -83.39 67.69 16.48
CA GLY D 173 -83.81 66.63 17.38
C GLY D 173 -84.42 65.41 16.73
N VAL D 174 -84.29 65.26 15.42
CA VAL D 174 -84.84 64.11 14.71
C VAL D 174 -83.75 63.04 14.61
N HIS D 175 -84.15 61.78 14.73
CA HIS D 175 -83.23 60.65 14.63
C HIS D 175 -83.91 59.52 13.89
N THR D 176 -83.21 58.96 12.90
CA THR D 176 -83.71 57.85 12.10
C THR D 176 -82.91 56.60 12.40
N PHE D 177 -83.60 55.51 12.72
CA PHE D 177 -82.95 54.26 13.05
C PHE D 177 -82.93 53.32 11.84
N PRO D 178 -81.87 52.53 11.68
CA PRO D 178 -81.79 51.61 10.54
C PRO D 178 -82.70 50.40 10.70
N ALA D 179 -82.68 49.51 9.71
CA ALA D 179 -83.49 48.31 9.72
C ALA D 179 -82.66 47.13 10.26
N VAL D 180 -83.32 45.98 10.38
CA VAL D 180 -82.68 44.79 10.94
C VAL D 180 -83.40 43.56 10.41
N LEU D 181 -82.62 42.52 10.10
CA LEU D 181 -83.20 41.26 9.66
C LEU D 181 -83.91 40.56 10.81
N GLN D 182 -84.98 39.84 10.48
CA GLN D 182 -85.75 39.06 11.43
C GLN D 182 -85.68 37.58 11.06
N SER D 183 -86.40 36.76 11.82
CA SER D 183 -86.46 35.33 11.53
C SER D 183 -87.20 35.05 10.24
N SER D 184 -88.22 35.85 9.94
CA SER D 184 -89.01 35.71 8.72
C SER D 184 -88.54 36.64 7.60
N GLY D 185 -87.37 37.27 7.77
CA GLY D 185 -86.86 38.18 6.77
C GLY D 185 -87.64 39.48 6.67
N LEU D 186 -87.95 40.08 7.82
CA LEU D 186 -88.71 41.32 7.88
C LEU D 186 -87.89 42.39 8.58
N TYR D 187 -88.15 43.65 8.24
CA TYR D 187 -87.41 44.78 8.77
C TYR D 187 -88.31 45.65 9.64
N SER D 188 -87.68 46.45 10.48
CA SER D 188 -88.39 47.37 11.37
C SER D 188 -87.46 48.52 11.75
N LEU D 189 -87.99 49.73 11.70
CA LEU D 189 -87.25 50.93 12.05
C LEU D 189 -87.98 51.71 13.14
N SER D 190 -87.32 52.75 13.65
CA SER D 190 -87.89 53.63 14.65
C SER D 190 -87.51 55.07 14.34
N SER D 191 -88.31 56.00 14.85
CA SER D 191 -88.04 57.42 14.64
C SER D 191 -88.68 58.19 15.79
N VAL D 192 -87.85 58.79 16.65
CA VAL D 192 -88.32 59.56 17.80
C VAL D 192 -87.69 60.94 17.77
N VAL D 193 -88.39 61.89 18.40
CA VAL D 193 -87.95 63.28 18.46
C VAL D 193 -88.00 63.73 19.91
N THR D 194 -87.34 64.86 20.19
CA THR D 194 -87.31 65.46 21.51
C THR D 194 -87.94 66.84 21.45
N VAL D 195 -89.02 67.03 22.21
CA VAL D 195 -89.74 68.30 22.23
C VAL D 195 -90.05 68.68 23.67
N PRO D 196 -90.14 69.99 23.94
CA PRO D 196 -90.56 70.42 25.28
C PRO D 196 -92.01 70.03 25.56
N SER D 197 -92.28 69.79 26.84
CA SER D 197 -93.60 69.33 27.26
C SER D 197 -94.67 70.41 27.14
N SER D 198 -94.28 71.67 27.02
CA SER D 198 -95.26 72.75 26.92
C SER D 198 -95.95 72.79 25.56
N SER D 199 -95.38 72.15 24.54
CA SER D 199 -95.95 72.14 23.20
C SER D 199 -96.73 70.87 22.91
N LEU D 200 -96.93 70.01 23.91
CA LEU D 200 -97.67 68.76 23.69
C LEU D 200 -99.18 68.97 23.68
N GLY D 201 -99.66 70.12 24.16
CA GLY D 201 -101.09 70.37 24.20
C GLY D 201 -101.56 71.39 23.20
N THR D 202 -100.64 72.03 22.48
CA THR D 202 -100.97 73.06 21.50
C THR D 202 -100.48 72.75 20.10
N GLN D 203 -99.39 72.01 19.94
CA GLN D 203 -98.86 71.66 18.63
C GLN D 203 -98.86 70.14 18.49
N THR D 204 -99.42 69.66 17.39
CA THR D 204 -99.54 68.23 17.14
C THR D 204 -98.38 67.74 16.28
N TYR D 205 -97.96 66.51 16.53
CA TYR D 205 -96.89 65.86 15.77
C TYR D 205 -97.48 64.74 14.95
N ILE D 206 -97.20 64.74 13.64
CA ILE D 206 -97.72 63.76 12.71
C ILE D 206 -96.58 63.23 11.85
N CYS D 207 -96.55 61.91 11.67
CA CYS D 207 -95.51 61.24 10.91
C CYS D 207 -95.99 60.96 9.50
N ASN D 208 -95.15 61.25 8.51
CA ASN D 208 -95.44 60.99 7.11
C ASN D 208 -94.46 59.92 6.61
N VAL D 209 -95.00 58.85 6.02
CA VAL D 209 -94.22 57.72 5.54
C VAL D 209 -94.26 57.72 4.03
N ASN D 210 -93.09 57.69 3.40
CA ASN D 210 -92.96 57.64 1.95
C ASN D 210 -92.34 56.31 1.56
N HIS D 211 -93.03 55.56 0.71
CA HIS D 211 -92.58 54.25 0.25
C HIS D 211 -92.80 54.21 -1.27
N LYS D 212 -91.80 54.66 -2.02
CA LYS D 212 -91.93 54.78 -3.47
C LYS D 212 -92.00 53.45 -4.27
N PRO D 213 -91.38 52.33 -3.85
CA PRO D 213 -91.61 51.10 -4.63
C PRO D 213 -93.02 50.56 -4.50
N SER D 214 -93.67 50.77 -3.35
CA SER D 214 -95.04 50.32 -3.16
C SER D 214 -96.08 51.43 -3.38
N ASN D 215 -95.63 52.68 -3.49
CA ASN D 215 -96.49 53.84 -3.78
C ASN D 215 -97.61 54.00 -2.74
N THR D 216 -97.22 53.90 -1.46
CA THR D 216 -98.14 54.08 -0.36
C THR D 216 -97.65 55.21 0.53
N LYS D 217 -98.59 56.05 0.98
CA LYS D 217 -98.29 57.20 1.84
C LYS D 217 -99.37 57.25 2.92
N VAL D 218 -99.09 56.61 4.05
CA VAL D 218 -100.03 56.54 5.17
C VAL D 218 -99.77 57.72 6.10
N ASP D 219 -100.85 58.42 6.48
CA ASP D 219 -100.78 59.58 7.35
C ASP D 219 -101.57 59.25 8.63
N LYS D 220 -100.87 59.16 9.75
CA LYS D 220 -101.47 58.77 11.02
C LYS D 220 -101.23 59.85 12.07
N LYS D 221 -102.22 60.06 12.93
CA LYS D 221 -102.14 61.06 13.97
C LYS D 221 -101.53 60.46 15.24
N VAL D 222 -100.89 61.32 16.03
CA VAL D 222 -100.28 60.94 17.30
C VAL D 222 -100.97 61.72 18.40
N GLU D 223 -101.49 61.02 19.40
CA GLU D 223 -102.16 61.65 20.53
C GLU D 223 -101.61 61.08 21.83
N PRO D 224 -101.53 61.90 22.88
CA PRO D 224 -101.05 61.39 24.17
C PRO D 224 -102.05 60.45 24.81
N LYS D 225 -101.52 59.53 25.61
CA LYS D 225 -102.37 58.60 26.34
C LYS D 225 -103.09 59.30 27.48
N SER D 226 -104.33 58.90 27.74
CA SER D 226 -105.14 59.53 28.77
C SER D 226 -105.01 58.86 30.13
N CYS D 227 -104.88 57.53 30.16
CA CYS D 227 -104.80 56.82 31.43
C CYS D 227 -103.47 57.07 32.13
N ASP D 228 -102.39 57.17 31.36
CA ASP D 228 -101.07 57.45 31.94
C ASP D 228 -100.34 58.54 31.16
N SER E 2 -60.29 31.23 -1.53
CA SER E 2 -60.10 30.07 -2.41
C SER E 2 -58.61 29.76 -2.59
N VAL E 3 -58.07 30.19 -3.73
CA VAL E 3 -56.67 29.94 -4.02
C VAL E 3 -55.76 31.04 -3.47
N LEU E 4 -56.31 32.19 -3.11
CA LEU E 4 -55.54 33.30 -2.55
C LEU E 4 -55.96 33.52 -1.10
N THR E 5 -54.97 33.57 -0.21
CA THR E 5 -55.20 33.77 1.21
C THR E 5 -54.60 35.09 1.65
N GLN E 6 -55.30 35.79 2.52
CA GLN E 6 -54.87 37.07 3.05
C GLN E 6 -55.06 37.11 4.56
N PRO E 7 -54.24 37.88 5.28
CA PRO E 7 -54.43 37.99 6.72
C PRO E 7 -55.73 38.70 7.05
N PRO E 8 -56.34 38.41 8.20
CA PRO E 8 -57.61 39.09 8.53
C PRO E 8 -57.45 40.56 8.86
N SER E 9 -56.41 40.92 9.61
CA SER E 9 -56.18 42.31 9.97
C SER E 9 -54.70 42.52 10.25
N VAL E 10 -54.26 43.78 10.15
CA VAL E 10 -52.88 44.16 10.41
C VAL E 10 -52.88 45.42 11.26
N SER E 11 -51.95 45.48 12.20
CA SER E 11 -51.81 46.62 13.10
C SER E 11 -50.63 47.48 12.66
N GLY E 12 -50.76 48.78 12.91
CA GLY E 12 -49.72 49.72 12.54
C GLY E 12 -49.82 50.99 13.35
N ALA E 13 -48.90 51.92 13.07
CA ALA E 13 -48.83 53.19 13.77
C ALA E 13 -48.80 54.33 12.77
N PRO E 14 -49.35 55.50 13.13
CA PRO E 14 -49.38 56.62 12.19
C PRO E 14 -48.03 57.31 12.05
N GLY E 15 -47.15 56.76 11.21
CA GLY E 15 -45.84 57.35 11.01
C GLY E 15 -44.76 56.34 10.69
N GLN E 16 -45.08 55.06 10.78
CA GLN E 16 -44.14 53.99 10.45
C GLN E 16 -44.58 53.31 9.17
N ARG E 17 -43.79 52.31 8.75
CA ARG E 17 -44.06 51.58 7.52
C ARG E 17 -44.96 50.38 7.79
N VAL E 18 -46.02 50.26 7.00
CA VAL E 18 -46.95 49.14 7.09
C VAL E 18 -46.85 48.35 5.79
N THR E 19 -46.54 47.06 5.90
CA THR E 19 -46.32 46.20 4.75
C THR E 19 -47.24 44.99 4.85
N ILE E 20 -47.93 44.67 3.75
CA ILE E 20 -48.81 43.52 3.67
C ILE E 20 -48.16 42.47 2.78
N SER E 21 -48.41 41.20 3.11
CA SER E 21 -47.86 40.07 2.36
C SER E 21 -49.01 39.26 1.79
N CYS E 22 -48.91 38.93 0.50
CA CYS E 22 -49.92 38.17 -0.21
C CYS E 22 -49.29 36.91 -0.77
N THR E 23 -49.88 35.76 -0.46
CA THR E 23 -49.34 34.46 -0.86
C THR E 23 -50.41 33.69 -1.62
N GLY E 24 -50.05 33.16 -2.78
CA GLY E 24 -50.97 32.38 -3.59
C GLY E 24 -50.42 31.02 -3.97
N SER E 25 -50.50 30.67 -5.24
CA SER E 25 -50.00 29.41 -5.76
C SER E 25 -48.91 29.67 -6.79
N SER E 26 -48.43 28.60 -7.41
CA SER E 26 -47.39 28.68 -8.43
C SER E 26 -47.96 28.76 -9.85
N SER E 27 -49.27 28.80 -10.00
CA SER E 27 -49.90 28.86 -11.31
C SER E 27 -50.62 30.17 -11.59
N ASN E 28 -50.84 31.00 -10.57
CA ASN E 28 -51.55 32.26 -10.72
C ASN E 28 -50.66 33.48 -10.54
N ILE E 29 -49.87 33.51 -9.46
CA ILE E 29 -48.96 34.61 -9.18
C ILE E 29 -47.51 34.23 -9.41
N GLY E 30 -47.11 33.02 -9.00
CA GLY E 30 -45.76 32.56 -9.20
C GLY E 30 -45.43 32.11 -10.61
N ALA E 31 -46.44 31.99 -11.48
CA ALA E 31 -46.19 31.60 -12.85
C ALA E 31 -45.51 32.72 -13.64
N GLY E 32 -45.81 33.97 -13.31
CA GLY E 32 -45.23 35.10 -14.00
C GLY E 32 -46.22 36.22 -14.26
N TYR E 33 -47.49 35.98 -13.92
CA TYR E 33 -48.52 36.98 -14.11
C TYR E 33 -48.33 38.15 -13.15
N ASP E 34 -48.69 39.34 -13.61
CA ASP E 34 -48.64 40.52 -12.78
C ASP E 34 -49.80 40.54 -11.80
N VAL E 35 -49.64 41.33 -10.73
CA VAL E 35 -50.65 41.44 -9.69
C VAL E 35 -51.19 42.86 -9.67
N HIS E 36 -52.43 43.00 -9.21
CA HIS E 36 -53.11 44.28 -9.12
C HIS E 36 -53.70 44.44 -7.72
N TRP E 37 -53.56 45.62 -7.15
CA TRP E 37 -54.06 45.93 -5.82
C TRP E 37 -55.17 46.96 -5.91
N TYR E 38 -56.24 46.74 -5.14
CA TYR E 38 -57.39 47.62 -5.14
C TYR E 38 -57.80 47.94 -3.70
N GLN E 39 -58.42 49.10 -3.53
CA GLN E 39 -58.88 49.56 -2.23
C GLN E 39 -60.40 49.55 -2.21
N GLN E 40 -60.98 48.86 -1.22
CA GLN E 40 -62.43 48.68 -1.11
C GLN E 40 -62.95 49.56 0.02
N LEU E 41 -63.27 50.81 -0.31
CA LEU E 41 -63.85 51.71 0.67
C LEU E 41 -65.29 51.30 0.95
N PRO E 42 -65.70 51.23 2.23
CA PRO E 42 -67.07 50.81 2.54
C PRO E 42 -68.11 51.85 2.20
N GLY E 43 -68.51 51.92 0.93
CA GLY E 43 -69.54 52.85 0.50
C GLY E 43 -69.30 53.44 -0.87
N THR E 44 -68.05 53.37 -1.34
CA THR E 44 -67.68 53.86 -2.67
C THR E 44 -67.13 52.72 -3.50
N ALA E 45 -67.25 52.86 -4.82
CA ALA E 45 -66.76 51.84 -5.73
C ALA E 45 -65.23 51.80 -5.70
N PRO E 46 -64.63 50.61 -5.73
CA PRO E 46 -63.16 50.53 -5.74
C PRO E 46 -62.58 51.07 -7.04
N LYS E 47 -61.36 51.60 -6.94
CA LYS E 47 -60.65 52.16 -8.08
C LYS E 47 -59.29 51.49 -8.22
N LEU E 48 -58.61 51.81 -9.33
CA LEU E 48 -57.30 51.23 -9.60
C LEU E 48 -56.22 51.99 -8.84
N LEU E 49 -55.38 51.26 -8.12
CA LEU E 49 -54.28 51.83 -7.36
C LEU E 49 -52.94 51.70 -8.08
N ILE E 50 -52.56 50.48 -8.45
CA ILE E 50 -51.31 50.23 -9.16
C ILE E 50 -51.44 48.93 -9.95
N TYR E 51 -51.04 48.96 -11.22
CA TYR E 51 -51.11 47.81 -12.11
C TYR E 51 -49.71 47.43 -12.56
N GLY E 52 -49.38 46.15 -12.43
CA GLY E 52 -48.09 45.64 -12.86
C GLY E 52 -46.94 45.88 -11.90
N ASN E 53 -47.17 46.60 -10.80
CA ASN E 53 -46.17 46.93 -9.79
C ASN E 53 -44.96 47.66 -10.35
N SER E 54 -45.12 48.33 -11.49
CA SER E 54 -44.04 49.10 -12.11
C SER E 54 -44.45 50.48 -12.59
N ASN E 55 -45.72 50.73 -12.85
CA ASN E 55 -46.20 52.02 -13.34
C ASN E 55 -47.10 52.67 -12.29
N ARG E 56 -47.21 54.00 -12.40
CA ARG E 56 -48.04 54.78 -11.49
C ARG E 56 -49.22 55.37 -12.25
N PRO E 57 -50.45 54.96 -11.95
CA PRO E 57 -51.61 55.57 -12.61
C PRO E 57 -51.82 57.01 -12.15
N SER E 58 -52.50 57.77 -13.00
CA SER E 58 -52.77 59.17 -12.71
C SER E 58 -53.73 59.29 -11.53
N GLY E 59 -53.46 60.27 -10.66
CA GLY E 59 -54.27 60.51 -9.49
C GLY E 59 -53.92 59.66 -8.29
N VAL E 60 -52.89 58.83 -8.37
CA VAL E 60 -52.47 57.95 -7.28
C VAL E 60 -51.19 58.51 -6.69
N PRO E 61 -51.09 58.69 -5.37
CA PRO E 61 -49.86 59.18 -4.78
C PRO E 61 -48.74 58.17 -4.87
N ASP E 62 -47.51 58.66 -4.72
CA ASP E 62 -46.31 57.84 -4.83
C ASP E 62 -45.99 57.07 -3.54
N ARG E 63 -46.77 57.27 -2.48
CA ARG E 63 -46.51 56.57 -1.22
C ARG E 63 -46.76 55.08 -1.32
N PHE E 64 -47.59 54.63 -2.26
CA PHE E 64 -47.84 53.21 -2.43
C PHE E 64 -46.77 52.58 -3.31
N SER E 65 -46.20 51.47 -2.83
CA SER E 65 -45.15 50.76 -3.55
C SER E 65 -45.55 49.31 -3.72
N GLY E 66 -45.40 48.78 -4.93
CA GLY E 66 -45.73 47.40 -5.20
C GLY E 66 -44.53 46.60 -5.69
N SER E 67 -44.31 45.43 -5.09
CA SER E 67 -43.19 44.58 -5.45
C SER E 67 -43.65 43.13 -5.48
N LYS E 68 -42.94 42.32 -6.25
CA LYS E 68 -43.23 40.89 -6.39
C LYS E 68 -41.96 40.11 -6.05
N SER E 69 -41.94 39.51 -4.86
CA SER E 69 -40.78 38.73 -4.41
C SER E 69 -41.01 37.26 -4.77
N GLY E 70 -40.90 37.00 -6.07
CA GLY E 70 -41.09 35.66 -6.59
C GLY E 70 -42.54 35.22 -6.60
N THR E 71 -42.88 34.24 -5.75
CA THR E 71 -44.24 33.72 -5.68
C THR E 71 -45.17 34.61 -4.85
N SER E 72 -44.63 35.53 -4.05
CA SER E 72 -45.41 36.38 -3.18
C SER E 72 -45.27 37.83 -3.59
N ALA E 73 -46.37 38.58 -3.49
CA ALA E 73 -46.40 40.01 -3.78
C ALA E 73 -46.59 40.79 -2.50
N SER E 74 -45.94 41.95 -2.42
CA SER E 74 -45.97 42.78 -1.22
C SER E 74 -46.30 44.22 -1.58
N LEU E 75 -47.03 44.88 -0.68
CA LEU E 75 -47.38 46.28 -0.81
C LEU E 75 -46.96 47.01 0.46
N ALA E 76 -46.27 48.13 0.29
CA ALA E 76 -45.75 48.90 1.42
C ALA E 76 -46.22 50.34 1.31
N ILE E 77 -46.56 50.93 2.46
CA ILE E 77 -47.01 52.32 2.54
C ILE E 77 -46.19 53.03 3.61
N THR E 78 -46.13 54.35 3.49
CA THR E 78 -45.39 55.19 4.43
C THR E 78 -46.37 56.22 4.99
N GLY E 79 -46.68 56.10 6.28
CA GLY E 79 -47.58 57.03 6.94
C GLY E 79 -49.04 56.63 6.82
N LEU E 80 -49.77 56.72 7.93
CA LEU E 80 -51.19 56.39 7.97
C LEU E 80 -52.00 57.68 7.97
N GLN E 81 -52.70 57.93 6.87
CA GLN E 81 -53.52 59.12 6.72
C GLN E 81 -54.95 58.83 7.17
N ALA E 82 -55.87 59.76 6.90
CA ALA E 82 -57.26 59.65 7.33
C ALA E 82 -58.15 59.05 6.26
N GLU E 83 -57.60 58.22 5.37
CA GLU E 83 -58.40 57.58 4.34
C GLU E 83 -58.05 56.10 4.15
N ASP E 84 -57.20 55.53 5.01
CA ASP E 84 -56.78 54.14 4.90
C ASP E 84 -57.73 53.19 5.62
N GLU E 85 -58.96 53.62 5.91
CA GLU E 85 -59.95 52.77 6.58
C GLU E 85 -60.76 52.02 5.54
N ALA E 86 -60.10 51.08 4.88
CA ALA E 86 -60.71 50.29 3.82
C ALA E 86 -60.07 48.91 3.81
N ASP E 87 -60.27 48.16 2.73
CA ASP E 87 -59.75 46.81 2.58
C ASP E 87 -58.83 46.73 1.36
N TYR E 88 -57.76 45.96 1.49
CA TYR E 88 -56.81 45.74 0.41
C TYR E 88 -56.95 44.31 -0.10
N TYR E 89 -56.97 44.16 -1.42
CA TYR E 89 -57.19 42.88 -2.06
C TYR E 89 -56.10 42.61 -3.08
N CYS E 90 -55.87 41.32 -3.35
CA CYS E 90 -54.93 40.87 -4.37
C CYS E 90 -55.71 40.37 -5.58
N GLN E 91 -55.38 40.87 -6.75
CA GLN E 91 -56.03 40.46 -7.99
C GLN E 91 -54.96 39.97 -8.97
N SER E 92 -55.10 38.73 -9.42
CA SER E 92 -54.17 38.15 -10.37
C SER E 92 -54.90 37.14 -11.24
N TYR E 93 -54.39 36.92 -12.44
CA TYR E 93 -54.98 35.97 -13.37
C TYR E 93 -54.64 34.54 -12.94
N ASP E 94 -55.66 33.69 -12.86
CA ASP E 94 -55.50 32.30 -12.46
C ASP E 94 -55.75 31.41 -13.67
N SER E 95 -54.75 30.60 -14.04
CA SER E 95 -54.91 29.69 -15.17
C SER E 95 -55.82 28.53 -14.82
N SER E 96 -55.76 28.05 -13.58
CA SER E 96 -56.61 26.93 -13.16
C SER E 96 -58.08 27.35 -13.13
N LEU E 97 -58.37 28.56 -12.66
CA LEU E 97 -59.74 29.06 -12.63
C LEU E 97 -60.17 29.66 -13.96
N SER E 98 -59.23 29.84 -14.90
CA SER E 98 -59.51 30.45 -16.21
C SER E 98 -60.15 31.82 -16.08
N GLY E 99 -59.64 32.62 -15.15
CA GLY E 99 -60.19 33.94 -14.94
C GLY E 99 -59.50 34.64 -13.78
N SER E 100 -60.01 35.81 -13.44
CA SER E 100 -59.46 36.62 -12.37
C SER E 100 -60.10 36.24 -11.04
N VAL E 101 -59.28 36.08 -10.01
CA VAL E 101 -59.73 35.73 -8.67
C VAL E 101 -59.16 36.74 -7.69
N PHE E 102 -59.99 37.23 -6.78
CA PHE E 102 -59.56 38.20 -5.80
C PHE E 102 -59.12 37.50 -4.51
N GLY E 103 -58.56 38.30 -3.59
CA GLY E 103 -58.03 37.80 -2.34
C GLY E 103 -59.04 37.80 -1.22
N GLY E 104 -58.52 37.79 0.01
CA GLY E 104 -59.37 37.77 1.18
C GLY E 104 -59.76 39.14 1.69
N GLY E 105 -58.77 40.00 1.94
CA GLY E 105 -59.03 41.33 2.42
C GLY E 105 -58.50 41.59 3.82
N THR E 106 -57.82 42.72 4.02
CA THR E 106 -57.25 43.10 5.29
C THR E 106 -57.87 44.41 5.75
N LYS E 107 -58.26 44.46 7.03
CA LYS E 107 -58.82 45.67 7.63
C LYS E 107 -57.72 46.43 8.36
N LEU E 108 -57.69 47.74 8.16
CA LEU E 108 -56.64 48.60 8.71
C LEU E 108 -57.25 49.57 9.72
N THR E 109 -57.31 49.16 10.97
CA THR E 109 -57.75 50.03 12.07
C THR E 109 -57.15 49.50 13.37
N VAL E 110 -56.89 50.42 14.30
CA VAL E 110 -56.33 50.04 15.59
C VAL E 110 -57.33 50.32 16.70
N LEU E 111 -57.65 51.59 16.91
CA LEU E 111 -58.59 52.00 17.96
C LEU E 111 -58.97 53.46 17.78
N GLY E 112 -60.26 53.75 17.75
CA GLY E 112 -60.74 55.12 17.66
C GLY E 112 -62.01 55.37 18.44
N GLN E 113 -62.32 54.48 19.38
CA GLN E 113 -63.60 54.49 20.09
C GLN E 113 -63.40 54.62 21.60
N PRO E 114 -63.53 55.81 22.16
CA PRO E 114 -63.51 55.96 23.61
C PRO E 114 -64.84 55.52 24.23
N LYS E 115 -64.94 55.69 25.54
CA LYS E 115 -66.11 55.27 26.31
C LYS E 115 -67.02 56.46 26.62
N ALA E 116 -68.24 56.13 27.04
CA ALA E 116 -69.24 57.14 27.38
C ALA E 116 -70.25 56.50 28.34
N ALA E 117 -71.29 57.27 28.68
CA ALA E 117 -72.32 56.81 29.60
C ALA E 117 -73.62 56.59 28.84
N PRO E 118 -74.12 55.36 28.75
CA PRO E 118 -75.35 55.11 28.00
C PRO E 118 -76.59 55.45 28.80
N SER E 119 -77.69 55.66 28.07
CA SER E 119 -79.01 55.88 28.66
C SER E 119 -80.04 55.16 27.80
N VAL E 120 -80.97 54.47 28.45
CA VAL E 120 -81.95 53.66 27.75
C VAL E 120 -83.35 54.18 28.05
N THR E 121 -84.28 53.82 27.16
CA THR E 121 -85.69 54.15 27.33
C THR E 121 -86.53 52.94 26.93
N LEU E 122 -87.50 52.59 27.76
CA LEU E 122 -88.40 51.48 27.49
C LEU E 122 -89.81 52.02 27.30
N PHE E 123 -90.43 51.67 26.17
CA PHE E 123 -91.76 52.18 25.82
C PHE E 123 -92.68 50.99 25.54
N PRO E 124 -93.74 50.81 26.31
CA PRO E 124 -94.68 49.71 26.04
C PRO E 124 -95.46 49.96 24.76
N PRO E 125 -95.95 48.91 24.10
CA PRO E 125 -96.75 49.12 22.89
C PRO E 125 -98.06 49.82 23.20
N SER E 126 -98.56 50.56 22.20
CA SER E 126 -99.75 51.37 22.35
C SER E 126 -101.00 50.50 22.27
N SER E 127 -102.16 51.14 22.37
CA SER E 127 -103.43 50.41 22.38
C SER E 127 -103.76 49.83 21.02
N GLU E 128 -103.42 50.55 19.94
CA GLU E 128 -103.75 50.10 18.59
C GLU E 128 -102.91 48.90 18.15
N GLU E 129 -101.81 48.61 18.84
CA GLU E 129 -100.97 47.47 18.49
C GLU E 129 -101.49 46.15 19.03
N LEU E 130 -102.44 46.18 19.97
CA LEU E 130 -102.91 44.95 20.60
C LEU E 130 -103.82 44.14 19.67
N GLN E 131 -104.51 44.81 18.75
CA GLN E 131 -105.46 44.14 17.87
C GLN E 131 -104.82 43.60 16.60
N ALA E 132 -103.50 43.74 16.44
CA ALA E 132 -102.81 43.24 15.26
C ALA E 132 -102.29 41.81 15.44
N ASN E 133 -102.66 41.15 16.55
CA ASN E 133 -102.21 39.79 16.88
C ASN E 133 -100.69 39.70 16.94
N LYS E 134 -100.07 40.76 17.45
CA LYS E 134 -98.63 40.80 17.64
C LYS E 134 -98.30 41.81 18.73
N ALA E 135 -97.10 41.68 19.30
CA ALA E 135 -96.64 42.57 20.36
C ALA E 135 -95.18 42.87 20.13
N THR E 136 -94.87 44.09 19.68
CA THR E 136 -93.50 44.52 19.43
C THR E 136 -93.01 45.32 20.62
N LEU E 137 -92.15 44.71 21.42
CA LEU E 137 -91.57 45.37 22.60
C LEU E 137 -90.27 46.03 22.20
N VAL E 138 -90.20 47.35 22.31
CA VAL E 138 -89.04 48.13 21.90
C VAL E 138 -88.40 48.75 23.14
N CYS E 139 -87.08 48.64 23.24
CA CYS E 139 -86.32 49.22 24.34
C CYS E 139 -85.16 50.00 23.72
N LEU E 140 -85.34 51.30 23.57
CA LEU E 140 -84.39 52.14 22.83
C LEU E 140 -83.18 52.50 23.70
N ILE E 141 -82.02 52.53 23.06
CA ILE E 141 -80.76 52.95 23.70
C ILE E 141 -80.19 54.11 22.90
N SER E 142 -79.86 55.20 23.58
CA SER E 142 -79.38 56.40 22.92
C SER E 142 -78.29 57.07 23.75
N ASP E 143 -77.52 57.92 23.08
CA ASP E 143 -76.45 58.73 23.69
C ASP E 143 -75.41 57.84 24.39
N PHE E 144 -74.74 57.02 23.57
CA PHE E 144 -73.69 56.15 24.06
C PHE E 144 -72.56 56.09 23.05
N TYR E 145 -71.38 55.71 23.54
CA TYR E 145 -70.18 55.60 22.72
C TYR E 145 -69.26 54.60 23.40
N PRO E 146 -68.79 53.57 22.69
CA PRO E 146 -69.03 53.25 21.28
C PRO E 146 -70.31 52.46 21.07
N GLY E 147 -70.57 52.00 19.86
CA GLY E 147 -71.77 51.25 19.56
C GLY E 147 -71.62 49.75 19.71
N ALA E 148 -71.28 49.30 20.92
CA ALA E 148 -71.16 47.87 21.23
C ALA E 148 -71.90 47.63 22.54
N VAL E 149 -73.21 47.38 22.45
CA VAL E 149 -74.05 47.13 23.62
C VAL E 149 -74.75 45.79 23.41
N THR E 150 -74.68 44.92 24.41
CA THR E 150 -75.41 43.67 24.40
C THR E 150 -76.80 43.87 25.01
N VAL E 151 -77.77 43.14 24.47
CA VAL E 151 -79.17 43.27 24.87
C VAL E 151 -79.65 41.95 25.42
N ALA E 152 -80.25 41.98 26.60
CA ALA E 152 -80.85 40.81 27.23
C ALA E 152 -82.25 41.16 27.71
N TRP E 153 -83.18 40.23 27.50
CA TRP E 153 -84.57 40.42 27.85
C TRP E 153 -84.98 39.43 28.93
N LYS E 154 -85.72 39.92 29.93
CA LYS E 154 -86.21 39.09 31.02
C LYS E 154 -87.65 39.44 31.32
N ALA E 155 -88.37 38.47 31.87
CA ALA E 155 -89.77 38.64 32.28
C ALA E 155 -89.94 38.42 33.77
N ASP E 156 -88.92 38.78 34.55
CA ASP E 156 -88.84 38.69 36.01
C ASP E 156 -88.83 37.27 36.54
N SER E 157 -88.91 36.25 35.67
CA SER E 157 -88.83 34.86 36.11
C SER E 157 -87.92 33.99 35.25
N SER E 158 -87.68 34.35 33.99
CA SER E 158 -86.82 33.57 33.10
C SER E 158 -86.40 34.46 31.94
N PRO E 159 -85.16 34.37 31.48
CA PRO E 159 -84.74 35.16 30.31
C PRO E 159 -85.46 34.69 29.05
N VAL E 160 -85.68 35.64 28.15
CA VAL E 160 -86.35 35.39 26.87
C VAL E 160 -85.28 35.29 25.80
N LYS E 161 -85.19 34.13 25.15
CA LYS E 161 -84.18 33.88 24.13
C LYS E 161 -84.80 33.73 22.73
N ALA E 162 -86.04 34.19 22.56
CA ALA E 162 -86.73 34.12 21.27
C ALA E 162 -87.18 35.51 20.88
N GLY E 163 -86.93 35.88 19.62
CA GLY E 163 -87.32 37.18 19.12
C GLY E 163 -86.40 38.31 19.49
N VAL E 164 -85.24 38.03 20.09
CA VAL E 164 -84.31 39.07 20.49
C VAL E 164 -83.51 39.53 19.27
N GLU E 165 -83.52 40.83 19.03
CA GLU E 165 -82.80 41.42 17.91
C GLU E 165 -82.00 42.63 18.38
N THR E 166 -80.99 42.99 17.58
CA THR E 166 -80.16 44.15 17.86
C THR E 166 -79.75 44.78 16.54
N THR E 167 -80.07 46.06 16.36
CA THR E 167 -79.69 46.78 15.15
C THR E 167 -78.32 47.43 15.34
N THR E 168 -77.64 47.67 14.22
CA THR E 168 -76.36 48.34 14.28
C THR E 168 -76.56 49.82 14.61
N PRO E 169 -75.65 50.42 15.39
CA PRO E 169 -75.77 51.84 15.71
C PRO E 169 -75.16 52.73 14.64
N SER E 170 -75.74 53.91 14.50
CA SER E 170 -75.31 54.89 13.51
C SER E 170 -74.88 56.18 14.20
N LYS E 171 -74.03 56.93 13.52
CA LYS E 171 -73.51 58.18 14.08
C LYS E 171 -74.60 59.24 14.14
N GLN E 172 -74.70 59.90 15.29
CA GLN E 172 -75.70 60.96 15.50
C GLN E 172 -75.15 62.29 15.00
N SER E 173 -75.89 63.37 15.27
CA SER E 173 -75.44 64.69 14.86
C SER E 173 -74.24 65.15 15.68
N ASN E 174 -74.19 64.80 16.96
CA ASN E 174 -73.11 65.20 17.85
C ASN E 174 -72.11 64.06 18.10
N ASN E 175 -71.89 63.22 17.09
CA ASN E 175 -70.86 62.18 17.09
C ASN E 175 -71.09 61.14 18.20
N LYS E 176 -72.36 60.79 18.42
CA LYS E 176 -72.72 59.69 19.30
C LYS E 176 -73.43 58.60 18.52
N TYR E 177 -73.92 57.58 19.21
CA TYR E 177 -74.56 56.44 18.58
C TYR E 177 -75.90 56.17 19.24
N ALA E 178 -76.83 55.63 18.44
CA ALA E 178 -78.17 55.30 18.91
C ALA E 178 -78.58 53.96 18.32
N ALA E 179 -79.40 53.22 19.06
CA ALA E 179 -79.81 51.89 18.66
C ALA E 179 -81.16 51.56 19.27
N SER E 180 -81.79 50.52 18.74
CA SER E 180 -83.07 50.04 19.24
C SER E 180 -83.09 48.51 19.18
N SER E 181 -83.91 47.92 20.04
CA SER E 181 -84.07 46.48 20.09
C SER E 181 -85.56 46.13 20.16
N TYR E 182 -86.02 45.30 19.24
CA TYR E 182 -87.40 44.86 19.20
C TYR E 182 -87.53 43.45 19.75
N LEU E 183 -88.78 43.08 20.06
CA LEU E 183 -89.07 41.75 20.58
C LEU E 183 -90.45 41.34 20.06
N SER E 184 -90.49 40.31 19.23
CA SER E 184 -91.73 39.85 18.63
C SER E 184 -92.48 38.93 19.60
N LEU E 185 -93.67 39.36 20.02
CA LEU E 185 -94.49 38.59 20.95
C LEU E 185 -95.94 38.67 20.48
N THR E 186 -96.85 38.19 21.32
CA THR E 186 -98.28 38.21 21.05
C THR E 186 -99.02 38.75 22.26
N PRO E 187 -100.14 39.46 22.04
CA PRO E 187 -100.88 40.02 23.18
C PRO E 187 -101.57 38.98 24.03
N GLU E 188 -101.63 37.71 23.61
CA GLU E 188 -102.27 36.68 24.41
C GLU E 188 -101.54 36.45 25.74
N GLN E 189 -100.21 36.38 25.69
CA GLN E 189 -99.39 36.20 26.88
C GLN E 189 -98.79 37.51 27.39
N TRP E 190 -99.08 38.63 26.72
CA TRP E 190 -98.54 39.91 27.16
C TRP E 190 -99.17 40.36 28.49
N LYS E 191 -100.47 40.11 28.66
CA LYS E 191 -101.15 40.50 29.88
C LYS E 191 -100.95 39.52 31.02
N SER E 192 -100.66 38.25 30.72
CA SER E 192 -100.47 37.27 31.78
C SER E 192 -99.22 37.55 32.59
N HIS E 193 -98.13 37.94 31.93
CA HIS E 193 -96.90 38.24 32.63
C HIS E 193 -97.02 39.54 33.43
N ARG E 194 -96.31 39.59 34.56
CA ARG E 194 -96.44 40.73 35.46
C ARG E 194 -95.75 41.97 34.88
N SER E 195 -94.55 41.80 34.34
CA SER E 195 -93.80 42.94 33.83
C SER E 195 -92.79 42.46 32.80
N TYR E 196 -92.30 43.41 32.01
CA TYR E 196 -91.27 43.16 31.01
C TYR E 196 -90.18 44.23 31.11
N SER E 197 -88.95 43.85 30.78
CA SER E 197 -87.83 44.76 30.89
C SER E 197 -86.72 44.33 29.94
N CYS E 198 -85.85 45.28 29.61
CA CYS E 198 -84.64 45.01 28.85
C CYS E 198 -83.43 45.29 29.72
N GLN E 199 -82.42 44.43 29.63
CA GLN E 199 -81.20 44.58 30.42
C GLN E 199 -80.00 44.66 29.49
N VAL E 200 -79.21 45.71 29.65
CA VAL E 200 -78.03 45.94 28.83
C VAL E 200 -76.84 46.18 29.74
N THR E 201 -75.65 45.92 29.20
CA THR E 201 -74.40 46.09 29.93
C THR E 201 -73.40 46.82 29.03
N HIS E 202 -72.83 47.91 29.55
CA HIS E 202 -71.83 48.69 28.83
C HIS E 202 -70.66 48.93 29.77
N GLU E 203 -69.49 48.37 29.41
CA GLU E 203 -68.24 48.44 30.18
C GLU E 203 -68.43 48.18 31.67
N GLY E 204 -69.38 47.30 32.01
CA GLY E 204 -69.69 46.97 33.39
C GLY E 204 -70.83 47.75 34.00
N SER E 205 -71.31 48.79 33.33
CA SER E 205 -72.43 49.59 33.82
C SER E 205 -73.72 48.97 33.31
N THR E 206 -74.53 48.44 34.23
CA THR E 206 -75.80 47.82 33.89
C THR E 206 -76.94 48.65 34.47
N VAL E 207 -77.88 49.03 33.61
CA VAL E 207 -79.07 49.76 34.02
C VAL E 207 -80.30 48.95 33.62
N GLU E 208 -81.39 49.17 34.35
CA GLU E 208 -82.61 48.40 34.17
C GLU E 208 -83.82 49.30 34.26
N LYS E 209 -84.74 49.15 33.30
CA LYS E 209 -86.01 49.88 33.29
C LYS E 209 -87.13 48.88 33.03
N THR E 210 -88.21 48.99 33.80
CA THR E 210 -89.31 48.05 33.75
C THR E 210 -90.63 48.79 33.57
N VAL E 211 -91.59 48.11 32.92
CA VAL E 211 -92.91 48.65 32.67
C VAL E 211 -93.95 47.67 33.19
N ALA E 212 -95.13 48.20 33.47
CA ALA E 212 -96.25 47.40 33.98
C ALA E 212 -97.45 47.55 33.05
N PRO E 213 -97.87 46.48 32.35
CA PRO E 213 -99.05 46.62 31.47
C PRO E 213 -100.35 46.84 32.22
N THR E 214 -100.45 46.44 33.48
CA THR E 214 -101.68 46.60 34.25
C THR E 214 -101.48 47.63 35.37
N VAL F 2 35.93 47.67 -57.16
CA VAL F 2 36.55 47.42 -58.45
C VAL F 2 36.00 46.14 -59.07
N GLN F 3 36.53 45.76 -60.23
CA GLN F 3 36.08 44.58 -60.96
C GLN F 3 37.28 43.71 -61.31
N LEU F 4 37.11 42.40 -61.18
CA LEU F 4 38.13 41.43 -61.54
C LEU F 4 37.63 40.60 -62.72
N VAL F 5 38.38 40.59 -63.80
CA VAL F 5 38.02 39.90 -65.03
C VAL F 5 38.99 38.73 -65.23
N GLU F 6 38.45 37.55 -65.48
CA GLU F 6 39.23 36.34 -65.67
C GLU F 6 39.21 35.94 -67.15
N SER F 7 39.96 34.89 -67.48
CA SER F 7 40.07 34.43 -68.85
C SER F 7 38.89 33.53 -69.21
N GLY F 8 38.92 32.99 -70.43
CA GLY F 8 37.87 32.13 -70.93
C GLY F 8 38.15 30.67 -70.69
N ALA F 9 37.47 29.83 -71.47
CA ALA F 9 37.61 28.38 -71.33
C ALA F 9 38.99 27.93 -71.78
N GLU F 10 39.54 26.93 -71.08
CA GLU F 10 40.84 26.37 -71.38
C GLU F 10 40.76 24.84 -71.32
N VAL F 11 41.43 24.19 -72.28
CA VAL F 11 41.46 22.74 -72.37
C VAL F 11 42.90 22.28 -72.24
N LYS F 12 43.13 21.28 -71.39
CA LYS F 12 44.46 20.74 -71.17
C LYS F 12 44.36 19.22 -71.14
N LYS F 13 45.41 18.56 -70.68
CA LYS F 13 45.53 17.12 -70.71
C LYS F 13 45.78 16.56 -69.31
N PRO F 14 45.41 15.30 -69.05
CA PRO F 14 45.64 14.71 -67.72
C PRO F 14 47.10 14.37 -67.47
N GLY F 15 47.86 15.34 -66.99
CA GLY F 15 49.29 15.17 -66.79
C GLY F 15 50.09 16.31 -67.39
N SER F 16 49.40 17.42 -67.65
CA SER F 16 50.01 18.65 -68.14
C SER F 16 49.78 19.76 -67.12
N SER F 17 50.18 20.98 -67.47
CA SER F 17 50.07 22.13 -66.59
C SER F 17 49.17 23.18 -67.23
N VAL F 18 48.41 23.88 -66.40
CA VAL F 18 47.51 24.91 -66.85
C VAL F 18 48.11 26.27 -66.55
N LYS F 19 47.53 27.32 -67.12
CA LYS F 19 47.96 28.70 -66.88
C LYS F 19 46.69 29.56 -66.82
N VAL F 20 46.26 29.88 -65.60
CA VAL F 20 45.06 30.68 -65.37
C VAL F 20 45.48 32.01 -64.74
N SER F 21 45.03 33.10 -65.34
CA SER F 21 45.37 34.45 -64.88
C SER F 21 44.16 35.11 -64.25
N CYS F 22 44.41 35.95 -63.25
CA CYS F 22 43.36 36.70 -62.56
C CYS F 22 43.83 38.15 -62.45
N LYS F 23 43.27 39.02 -63.27
CA LYS F 23 43.63 40.43 -63.28
C LYS F 23 42.49 41.25 -62.70
N ALA F 24 42.84 42.43 -62.17
CA ALA F 24 41.89 43.34 -61.55
C ALA F 24 41.90 44.68 -62.26
N SER F 25 40.71 45.21 -62.51
CA SER F 25 40.57 46.51 -63.17
C SER F 25 40.48 47.59 -62.09
N GLY F 26 41.51 48.42 -61.99
CA GLY F 26 41.52 49.49 -61.01
C GLY F 26 42.56 49.29 -59.93
N GLY F 27 42.16 49.52 -58.67
CA GLY F 27 43.07 49.39 -57.55
C GLY F 27 42.62 48.37 -56.53
N THR F 28 42.93 48.66 -55.25
CA THR F 28 42.63 47.87 -54.06
C THR F 28 42.81 46.36 -54.24
N PHE F 29 43.82 45.97 -55.01
CA PHE F 29 44.16 44.56 -55.22
C PHE F 29 45.43 44.15 -54.49
N SER F 30 46.33 45.09 -54.22
CA SER F 30 47.60 44.82 -53.56
C SER F 30 47.54 45.06 -52.05
N SER F 31 46.36 45.36 -51.51
CA SER F 31 46.22 45.64 -50.09
C SER F 31 45.38 44.61 -49.35
N TYR F 32 44.52 43.87 -50.04
CA TYR F 32 43.65 42.88 -49.42
C TYR F 32 43.95 41.50 -49.96
N ALA F 33 43.71 40.49 -49.12
CA ALA F 33 43.99 39.11 -49.50
C ALA F 33 43.02 38.62 -50.56
N ILE F 34 43.49 37.69 -51.39
CA ILE F 34 42.68 37.07 -52.43
C ILE F 34 42.62 35.56 -52.16
N SER F 35 41.71 34.90 -52.86
CA SER F 35 41.50 33.46 -52.70
C SER F 35 40.99 32.88 -54.01
N TRP F 36 40.82 31.56 -54.02
CA TRP F 36 40.32 30.84 -55.18
C TRP F 36 39.19 29.92 -54.74
N VAL F 37 38.05 30.01 -55.42
CA VAL F 37 36.87 29.21 -55.12
C VAL F 37 36.49 28.44 -56.38
N ARG F 38 36.22 27.14 -56.23
CA ARG F 38 35.86 26.28 -57.34
C ARG F 38 34.43 25.78 -57.17
N GLN F 39 33.65 25.85 -58.24
CA GLN F 39 32.30 25.32 -58.27
C GLN F 39 32.24 24.19 -59.30
N ALA F 40 31.71 23.03 -58.89
CA ALA F 40 31.65 21.87 -59.75
C ALA F 40 30.21 21.38 -59.83
N PRO F 41 29.67 21.17 -61.04
CA PRO F 41 28.31 20.63 -61.17
C PRO F 41 28.27 19.18 -60.73
N GLY F 42 27.46 18.91 -59.69
CA GLY F 42 27.35 17.59 -59.11
C GLY F 42 27.67 17.54 -57.63
N GLN F 43 28.46 18.48 -57.13
CA GLN F 43 28.81 18.54 -55.72
C GLN F 43 28.82 20.01 -55.29
N GLY F 44 29.35 20.27 -54.10
CA GLY F 44 29.38 21.60 -53.56
C GLY F 44 30.61 22.39 -54.00
N LEU F 45 30.78 23.55 -53.39
CA LEU F 45 31.90 24.43 -53.66
C LEU F 45 33.01 24.19 -52.64
N GLU F 46 34.25 24.11 -53.12
CA GLU F 46 35.41 23.87 -52.28
C GLU F 46 36.40 25.02 -52.41
N TRP F 47 37.23 25.17 -51.38
CA TRP F 47 38.18 26.27 -51.28
C TRP F 47 39.58 25.69 -51.20
N MET F 48 40.41 25.98 -52.21
CA MET F 48 41.76 25.43 -52.25
C MET F 48 42.66 26.13 -51.24
N GLY F 49 42.84 27.44 -51.40
CA GLY F 49 43.69 28.19 -50.50
C GLY F 49 43.63 29.66 -50.80
N GLY F 50 44.22 30.45 -49.91
CA GLY F 50 44.24 31.89 -50.06
C GLY F 50 45.65 32.42 -50.03
N ILE F 51 45.91 33.42 -50.87
CA ILE F 51 47.23 34.02 -51.02
C ILE F 51 47.13 35.51 -50.70
N ILE F 52 47.97 35.97 -49.79
CA ILE F 52 48.07 37.40 -49.48
C ILE F 52 49.04 38.02 -50.48
N PRO F 53 48.62 39.03 -51.25
CA PRO F 53 49.49 39.54 -52.32
C PRO F 53 50.57 40.50 -51.84
N ILE F 54 50.28 41.27 -50.78
CA ILE F 54 51.25 42.26 -50.31
C ILE F 54 52.44 41.57 -49.65
N LEU F 55 52.19 40.54 -48.85
CA LEU F 55 53.26 39.84 -48.16
C LEU F 55 53.79 38.64 -48.93
N GLY F 56 53.02 38.12 -49.88
CA GLY F 56 53.46 36.97 -50.66
C GLY F 56 53.60 35.70 -49.85
N ILE F 57 52.65 35.40 -48.98
CA ILE F 57 52.70 34.23 -48.11
C ILE F 57 51.57 33.29 -48.51
N ALA F 58 51.92 32.03 -48.78
CA ALA F 58 50.93 31.03 -49.17
C ALA F 58 50.17 30.52 -47.96
N ASN F 59 48.88 30.24 -48.15
CA ASN F 59 48.04 29.70 -47.10
C ASN F 59 47.00 28.79 -47.77
N TYR F 60 47.30 27.50 -47.82
CA TYR F 60 46.43 26.52 -48.45
C TYR F 60 45.63 25.77 -47.39
N ALA F 61 44.89 24.75 -47.84
CA ALA F 61 44.08 23.92 -46.96
C ALA F 61 44.69 22.53 -46.83
N GLN F 62 44.31 21.84 -45.75
CA GLN F 62 44.85 20.51 -45.50
C GLN F 62 44.24 19.45 -46.41
N LYS F 63 43.08 19.74 -47.02
CA LYS F 63 42.46 18.77 -47.92
C LYS F 63 43.18 18.68 -49.26
N PHE F 64 43.99 19.68 -49.61
CA PHE F 64 44.74 19.70 -50.85
C PHE F 64 46.22 19.50 -50.56
N GLN F 65 46.85 18.58 -51.28
CA GLN F 65 48.26 18.29 -51.11
C GLN F 65 49.11 19.37 -51.77
N GLY F 66 50.43 19.26 -51.61
CA GLY F 66 51.35 20.21 -52.19
C GLY F 66 51.56 20.02 -53.67
N ARG F 67 50.51 20.28 -54.46
CA ARG F 67 50.55 20.10 -55.90
C ARG F 67 50.30 21.40 -56.67
N VAL F 68 49.34 22.21 -56.23
CA VAL F 68 49.03 23.45 -56.90
C VAL F 68 49.92 24.56 -56.35
N THR F 69 50.07 25.63 -57.13
CA THR F 69 50.87 26.78 -56.72
C THR F 69 50.25 28.04 -57.30
N ILE F 70 50.16 29.07 -56.47
CA ILE F 70 49.61 30.37 -56.85
C ILE F 70 50.67 31.43 -56.60
N THR F 71 50.91 32.28 -57.58
CA THR F 71 51.87 33.38 -57.48
C THR F 71 51.18 34.70 -57.79
N ALA F 72 51.64 35.76 -57.13
CA ALA F 72 51.07 37.08 -57.27
C ALA F 72 52.11 38.05 -57.82
N ASP F 73 51.65 39.01 -58.62
CA ASP F 73 52.49 40.02 -59.22
C ASP F 73 52.12 41.40 -58.69
N LYS F 74 53.13 42.20 -58.37
CA LYS F 74 52.92 43.52 -57.78
C LYS F 74 52.97 44.66 -58.80
N SER F 75 53.65 44.46 -59.93
CA SER F 75 53.78 45.53 -60.92
C SER F 75 52.48 45.73 -61.68
N THR F 76 52.03 44.70 -62.39
CA THR F 76 50.82 44.77 -63.19
C THR F 76 49.56 44.38 -62.40
N SER F 77 49.72 43.98 -61.13
CA SER F 77 48.62 43.70 -60.22
C SER F 77 47.69 42.60 -60.75
N THR F 78 48.28 41.42 -60.93
CA THR F 78 47.55 40.25 -61.37
C THR F 78 48.08 39.02 -60.65
N ALA F 79 47.33 37.91 -60.74
CA ALA F 79 47.71 36.66 -60.11
C ALA F 79 47.68 35.54 -61.14
N TYR F 80 48.63 34.61 -61.02
CA TYR F 80 48.74 33.47 -61.91
C TYR F 80 48.45 32.19 -61.15
N MET F 81 47.74 31.27 -61.80
CA MET F 81 47.38 29.98 -61.23
C MET F 81 47.98 28.86 -62.05
N GLU F 82 48.60 27.90 -61.35
CA GLU F 82 49.22 26.75 -62.00
C GLU F 82 48.72 25.47 -61.35
N LEU F 83 48.44 24.46 -62.16
CA LEU F 83 47.97 23.17 -61.67
C LEU F 83 48.51 22.10 -62.60
N SER F 84 49.29 21.17 -62.05
CA SER F 84 49.91 20.10 -62.81
C SER F 84 49.29 18.76 -62.45
N SER F 85 49.56 17.77 -63.31
CA SER F 85 49.04 16.40 -63.19
C SER F 85 47.52 16.40 -63.05
N LEU F 86 46.86 16.85 -64.11
CA LEU F 86 45.41 16.96 -64.13
C LEU F 86 44.76 15.58 -64.02
N ARG F 87 43.57 15.56 -63.44
CA ARG F 87 42.84 14.33 -63.16
C ARG F 87 41.42 14.42 -63.71
N SER F 88 40.63 13.38 -63.49
CA SER F 88 39.32 13.26 -64.13
C SER F 88 38.28 14.18 -63.52
N GLU F 89 38.48 14.68 -62.30
CA GLU F 89 37.51 15.54 -61.65
C GLU F 89 37.85 17.02 -61.79
N ASP F 90 38.78 17.37 -62.69
CA ASP F 90 39.18 18.76 -62.88
C ASP F 90 38.21 19.53 -63.76
N THR F 91 37.20 18.87 -64.33
CA THR F 91 36.24 19.53 -65.21
C THR F 91 35.27 20.35 -64.37
N ALA F 92 35.66 21.59 -64.08
CA ALA F 92 34.83 22.51 -63.31
C ALA F 92 35.26 23.93 -63.65
N VAL F 93 34.80 24.89 -62.85
CA VAL F 93 35.10 26.31 -63.07
C VAL F 93 35.69 26.88 -61.78
N TYR F 94 36.74 27.69 -61.94
CA TYR F 94 37.38 28.37 -60.83
C TYR F 94 36.92 29.82 -60.76
N TYR F 95 36.99 30.40 -59.56
CA TYR F 95 36.63 31.79 -59.34
C TYR F 95 37.72 32.48 -58.54
N CYS F 96 38.07 33.70 -58.95
CA CYS F 96 39.07 34.51 -58.26
C CYS F 96 38.34 35.43 -57.29
N ALA F 97 38.36 35.08 -56.02
CA ALA F 97 37.64 35.82 -54.99
C ALA F 97 38.56 36.79 -54.26
N ARG F 98 37.95 37.62 -53.42
CA ARG F 98 38.66 38.63 -52.65
C ARG F 98 38.22 38.51 -51.19
N GLU F 99 39.19 38.51 -50.28
CA GLU F 99 38.93 38.38 -48.86
C GLU F 99 38.93 39.76 -48.20
N ASN F 100 37.86 40.06 -47.47
CA ASN F 100 37.72 41.34 -46.78
C ASN F 100 37.45 41.04 -45.30
N GLY F 101 38.46 41.25 -44.46
CA GLY F 101 38.32 41.00 -43.04
C GLY F 101 37.55 42.09 -42.32
N TYR F 102 37.18 41.79 -41.09
CA TYR F 102 36.46 42.74 -40.23
C TYR F 102 36.76 42.40 -38.78
N SER F 103 36.04 43.04 -37.87
CA SER F 103 36.22 42.85 -36.43
C SER F 103 34.92 42.39 -35.81
N GLY F 104 35.01 41.44 -34.89
CA GLY F 104 33.84 40.92 -34.21
C GLY F 104 34.16 39.63 -33.49
N TYR F 105 33.13 39.09 -32.84
CA TYR F 105 33.29 37.83 -32.11
C TYR F 105 33.51 36.67 -33.06
N GLY F 106 32.78 36.64 -34.18
CA GLY F 106 32.91 35.57 -35.14
C GLY F 106 34.18 35.63 -35.95
N ALA F 107 34.35 36.72 -36.71
CA ALA F 107 35.51 36.96 -37.57
C ALA F 107 35.72 35.82 -38.57
N ALA F 108 34.72 35.65 -39.43
CA ALA F 108 34.73 34.61 -40.45
C ALA F 108 35.20 35.17 -41.78
N ALA F 109 35.88 34.32 -42.55
CA ALA F 109 36.38 34.73 -43.85
C ALA F 109 35.24 34.91 -44.84
N ASN F 110 35.25 36.02 -45.56
CA ASN F 110 34.17 36.36 -46.49
C ASN F 110 34.76 36.67 -47.86
N PHE F 111 33.96 36.39 -48.90
CA PHE F 111 34.33 36.67 -50.29
C PHE F 111 33.31 37.64 -50.85
N ASP F 112 33.57 38.94 -50.66
CA ASP F 112 32.63 39.96 -51.12
C ASP F 112 32.70 40.16 -52.63
N LEU F 113 33.89 40.10 -53.21
CA LEU F 113 34.10 40.36 -54.62
C LEU F 113 34.52 39.08 -55.34
N TRP F 114 33.93 38.85 -56.50
CA TRP F 114 34.15 37.62 -57.26
C TRP F 114 34.52 37.97 -58.70
N GLY F 115 35.21 37.03 -59.34
CA GLY F 115 35.61 37.16 -60.72
C GLY F 115 34.56 36.65 -61.68
N ARG F 116 34.99 36.37 -62.91
CA ARG F 116 34.09 35.86 -63.94
C ARG F 116 34.03 34.34 -63.93
N GLY F 117 35.17 33.68 -64.12
CA GLY F 117 35.21 32.23 -64.13
C GLY F 117 36.02 31.63 -65.26
N THR F 118 36.72 30.54 -64.98
CA THR F 118 37.53 29.82 -65.96
C THR F 118 37.03 28.38 -66.02
N LEU F 119 36.30 28.06 -67.09
CA LEU F 119 35.76 26.72 -67.28
C LEU F 119 36.84 25.84 -67.88
N VAL F 120 37.53 25.08 -67.04
CA VAL F 120 38.61 24.20 -67.46
C VAL F 120 38.06 22.78 -67.50
N THR F 121 38.00 22.20 -68.70
CA THR F 121 37.54 20.83 -68.90
C THR F 121 38.68 20.01 -69.50
N VAL F 122 38.91 18.83 -68.94
CA VAL F 122 39.99 17.95 -69.37
C VAL F 122 39.44 16.55 -69.60
N SER F 123 39.84 15.94 -70.72
CA SER F 123 39.43 14.59 -71.10
C SER F 123 40.38 14.11 -72.19
N SER F 124 40.07 12.95 -72.76
CA SER F 124 40.80 12.41 -73.89
C SER F 124 40.18 12.92 -75.19
N ALA F 125 40.59 12.34 -76.32
CA ALA F 125 40.07 12.67 -77.65
C ALA F 125 40.26 14.16 -77.97
N SER F 126 41.53 14.52 -78.13
CA SER F 126 41.94 15.92 -78.22
C SER F 126 41.53 16.53 -79.55
N THR F 127 41.99 17.75 -79.79
CA THR F 127 41.59 18.52 -80.96
C THR F 127 42.12 17.89 -82.24
N LYS F 128 41.23 17.72 -83.22
CA LYS F 128 41.59 17.20 -84.52
C LYS F 128 40.63 17.77 -85.55
N GLY F 129 40.99 17.65 -86.82
CA GLY F 129 40.21 18.21 -87.91
C GLY F 129 38.82 17.62 -88.02
N PRO F 130 37.81 18.47 -87.91
CA PRO F 130 36.42 17.99 -87.99
C PRO F 130 36.01 17.70 -89.42
N SER F 131 34.94 16.91 -89.54
CA SER F 131 34.36 16.55 -90.83
C SER F 131 32.89 16.96 -90.86
N VAL F 132 32.45 17.49 -91.99
CA VAL F 132 31.09 17.97 -92.17
C VAL F 132 30.36 17.02 -93.12
N PHE F 133 29.16 16.62 -92.73
CA PHE F 133 28.31 15.74 -93.53
C PHE F 133 27.04 16.46 -93.93
N PRO F 134 26.93 16.95 -95.17
CA PRO F 134 25.70 17.61 -95.60
C PRO F 134 24.54 16.64 -95.72
N LEU F 135 23.35 17.14 -95.42
CA LEU F 135 22.12 16.36 -95.48
C LEU F 135 21.12 17.02 -96.40
N ALA F 136 20.37 16.20 -97.15
CA ALA F 136 19.34 16.67 -98.05
C ALA F 136 18.05 15.92 -97.79
N PRO F 137 16.90 16.59 -97.82
CA PRO F 137 15.63 15.91 -97.60
C PRO F 137 15.29 14.97 -98.75
N SER F 138 14.57 13.91 -98.42
CA SER F 138 14.14 12.93 -99.41
C SER F 138 12.77 13.30 -99.97
N SER F 139 12.39 12.59 -101.04
CA SER F 139 11.09 12.83 -101.66
C SER F 139 9.95 12.43 -100.74
N LYS F 140 10.09 11.29 -100.05
CA LYS F 140 9.05 10.84 -99.14
C LYS F 140 9.00 11.64 -97.85
N SER F 141 10.10 12.30 -97.48
CA SER F 141 10.13 13.10 -96.26
C SER F 141 9.40 14.43 -96.41
N THR F 142 9.03 14.83 -97.62
CA THR F 142 8.33 16.08 -97.86
C THR F 142 6.90 15.79 -98.28
N SER F 143 5.94 16.38 -97.57
CA SER F 143 4.53 16.22 -97.89
C SER F 143 3.80 17.54 -98.12
N GLY F 144 4.31 18.66 -97.59
CA GLY F 144 3.69 19.94 -97.81
C GLY F 144 4.51 20.84 -98.71
N GLY F 145 4.49 22.14 -98.45
CA GLY F 145 5.23 23.09 -99.26
C GLY F 145 6.54 23.53 -98.62
N THR F 146 7.02 22.75 -97.65
CA THR F 146 8.24 23.07 -96.92
C THR F 146 9.17 21.87 -96.91
N ALA F 147 10.44 22.14 -96.66
CA ALA F 147 11.47 21.11 -96.58
C ALA F 147 12.46 21.46 -95.48
N ALA F 148 13.16 20.44 -94.99
CA ALA F 148 14.15 20.59 -93.93
C ALA F 148 15.50 20.12 -94.42
N LEU F 149 16.51 20.97 -94.27
CA LEU F 149 17.88 20.62 -94.64
C LEU F 149 18.84 21.31 -93.70
N GLY F 150 20.02 20.74 -93.55
CA GLY F 150 21.02 21.31 -92.66
C GLY F 150 22.36 20.66 -92.86
N CYS F 151 23.28 20.99 -91.96
CA CYS F 151 24.63 20.46 -92.00
C CYS F 151 24.98 19.86 -90.64
N LEU F 152 25.73 18.77 -90.67
CA LEU F 152 26.10 18.04 -89.46
C LEU F 152 27.60 18.17 -89.22
N VAL F 153 27.96 18.47 -87.97
CA VAL F 153 29.36 18.53 -87.54
C VAL F 153 29.60 17.37 -86.60
N LYS F 154 30.47 16.45 -87.00
CA LYS F 154 30.75 15.24 -86.23
C LYS F 154 32.25 15.14 -85.97
N ASP F 155 32.60 14.63 -84.79
CA ASP F 155 33.99 14.40 -84.37
C ASP F 155 34.79 15.70 -84.38
N TYR F 156 34.37 16.63 -83.52
CA TYR F 156 35.02 17.93 -83.40
C TYR F 156 35.41 18.16 -81.94
N PHE F 157 36.42 19.01 -81.75
CA PHE F 157 36.95 19.31 -80.43
C PHE F 157 37.76 20.58 -80.51
N PRO F 158 37.69 21.47 -79.52
CA PRO F 158 36.84 21.45 -78.33
C PRO F 158 35.68 22.44 -78.40
N GLU F 159 34.90 22.53 -77.33
CA GLU F 159 33.85 23.53 -77.23
C GLU F 159 34.46 24.91 -77.02
N PRO F 160 33.78 25.98 -77.47
CA PRO F 160 32.52 26.03 -78.22
C PRO F 160 32.73 26.20 -79.73
N VAL F 161 31.68 26.00 -80.51
CA VAL F 161 31.73 26.21 -81.95
C VAL F 161 30.56 27.10 -82.37
N THR F 162 30.76 27.84 -83.46
CA THR F 162 29.74 28.74 -83.99
C THR F 162 29.52 28.42 -85.46
N VAL F 163 28.25 28.28 -85.85
CA VAL F 163 27.89 27.98 -87.23
C VAL F 163 27.09 29.15 -87.78
N SER F 164 27.13 29.30 -89.11
CA SER F 164 26.44 30.38 -89.79
C SER F 164 25.82 29.84 -91.07
N TRP F 165 24.75 30.50 -91.52
CA TRP F 165 24.05 30.15 -92.75
C TRP F 165 24.27 31.29 -93.76
N ASN F 166 25.01 30.98 -94.83
CA ASN F 166 25.35 31.95 -95.88
C ASN F 166 26.02 33.19 -95.30
N SER F 167 26.95 32.96 -94.35
CA SER F 167 27.65 34.02 -93.63
C SER F 167 26.68 34.98 -92.94
N GLY F 168 25.62 34.43 -92.36
CA GLY F 168 24.64 35.22 -91.65
C GLY F 168 23.60 35.89 -92.52
N ALA F 169 23.53 35.56 -93.81
CA ALA F 169 22.53 36.17 -94.68
C ALA F 169 21.12 35.74 -94.29
N LEU F 170 20.93 34.47 -93.96
CA LEU F 170 19.64 33.92 -93.58
C LEU F 170 19.67 33.59 -92.09
N THR F 171 18.71 34.15 -91.34
CA THR F 171 18.64 33.94 -89.90
C THR F 171 17.24 33.61 -89.40
N SER F 172 16.26 33.49 -90.29
CA SER F 172 14.89 33.18 -89.90
C SER F 172 14.68 31.66 -89.90
N GLY F 173 14.19 31.15 -88.77
CA GLY F 173 13.97 29.72 -88.64
C GLY F 173 15.18 28.91 -88.27
N VAL F 174 16.33 29.54 -88.02
CA VAL F 174 17.54 28.80 -87.67
C VAL F 174 17.43 28.27 -86.25
N HIS F 175 18.17 27.21 -85.96
CA HIS F 175 18.20 26.61 -84.64
C HIS F 175 19.52 25.87 -84.45
N THR F 176 20.09 25.99 -83.26
CA THR F 176 21.35 25.34 -82.93
C THR F 176 21.12 24.32 -81.82
N PHE F 177 21.76 23.16 -81.96
CA PHE F 177 21.60 22.10 -80.96
C PHE F 177 22.84 22.02 -80.08
N PRO F 178 22.67 21.72 -78.79
CA PRO F 178 23.84 21.62 -77.90
C PRO F 178 24.64 20.35 -78.16
N ALA F 179 25.86 20.35 -77.63
CA ALA F 179 26.74 19.19 -77.74
C ALA F 179 26.39 18.16 -76.69
N VAL F 180 27.12 17.05 -76.70
CA VAL F 180 26.90 15.96 -75.75
C VAL F 180 28.22 15.25 -75.52
N LEU F 181 28.39 14.72 -74.30
CA LEU F 181 29.61 14.03 -73.93
C LEU F 181 29.56 12.60 -74.48
N GLN F 182 30.36 12.33 -75.51
CA GLN F 182 30.42 11.00 -76.09
C GLN F 182 31.18 10.05 -75.18
N SER F 183 30.99 8.75 -75.43
CA SER F 183 31.69 7.73 -74.65
C SER F 183 33.19 7.80 -74.88
N SER F 184 33.62 7.99 -76.13
CA SER F 184 35.04 8.09 -76.44
C SER F 184 35.61 9.48 -76.17
N GLY F 185 34.77 10.48 -75.92
CA GLY F 185 35.25 11.81 -75.58
C GLY F 185 35.08 12.83 -76.68
N LEU F 186 34.07 12.65 -77.53
CA LEU F 186 33.79 13.57 -78.62
C LEU F 186 32.52 14.36 -78.32
N TYR F 187 32.13 15.18 -79.29
CA TYR F 187 30.93 16.01 -79.19
C TYR F 187 30.20 15.99 -80.53
N SER F 188 28.93 16.37 -80.50
CA SER F 188 28.13 16.38 -81.72
C SER F 188 27.02 17.41 -81.58
N LEU F 189 26.85 18.23 -82.63
CA LEU F 189 25.77 19.21 -82.69
C LEU F 189 25.22 19.23 -84.10
N SER F 190 24.05 19.83 -84.25
CA SER F 190 23.38 19.93 -85.53
C SER F 190 22.70 21.28 -85.67
N SER F 191 22.36 21.64 -86.90
CA SER F 191 21.69 22.90 -87.19
C SER F 191 20.83 22.72 -88.43
N VAL F 192 19.51 22.75 -88.25
CA VAL F 192 18.56 22.59 -89.35
C VAL F 192 17.72 23.86 -89.44
N VAL F 193 17.29 24.17 -90.66
CA VAL F 193 16.51 25.37 -90.94
C VAL F 193 15.33 24.99 -91.82
N THR F 194 14.29 25.82 -91.78
CA THR F 194 13.07 25.59 -92.55
C THR F 194 13.18 26.27 -93.89
N VAL F 195 13.13 25.48 -94.97
CA VAL F 195 13.27 25.97 -96.34
C VAL F 195 12.00 25.62 -97.08
N PRO F 196 11.38 26.56 -97.80
CA PRO F 196 10.24 26.20 -98.65
C PRO F 196 10.67 25.32 -99.82
N SER F 197 9.74 24.46 -100.25
CA SER F 197 10.05 23.49 -101.30
C SER F 197 10.23 24.12 -102.68
N SER F 198 9.85 25.38 -102.86
CA SER F 198 9.97 26.05 -104.14
C SER F 198 11.35 26.66 -104.36
N SER F 199 12.26 26.55 -103.40
CA SER F 199 13.59 27.15 -103.48
C SER F 199 14.69 26.11 -103.34
N LEU F 200 14.41 24.86 -103.75
CA LEU F 200 15.38 23.78 -103.67
C LEU F 200 16.21 23.61 -104.94
N GLY F 201 15.99 24.43 -105.96
CA GLY F 201 16.72 24.30 -107.20
C GLY F 201 17.15 25.61 -107.82
N THR F 202 16.87 26.72 -107.14
CA THR F 202 17.21 28.06 -107.63
C THR F 202 18.42 28.65 -106.93
N GLN F 203 18.47 28.58 -105.60
CA GLN F 203 19.58 29.09 -104.83
C GLN F 203 20.11 28.00 -103.91
N THR F 204 21.38 28.14 -103.54
CA THR F 204 22.07 27.17 -102.70
C THR F 204 22.37 27.76 -101.33
N TYR F 205 22.45 26.89 -100.33
CA TYR F 205 22.76 27.27 -98.97
C TYR F 205 24.09 26.66 -98.57
N ILE F 206 24.96 27.46 -97.95
CA ILE F 206 26.30 27.04 -97.57
C ILE F 206 26.43 27.15 -96.06
N CYS F 207 26.92 26.07 -95.43
CA CYS F 207 27.12 26.05 -93.99
C CYS F 207 28.58 26.34 -93.66
N ASN F 208 28.79 27.29 -92.77
CA ASN F 208 30.13 27.71 -92.35
C ASN F 208 30.36 27.26 -90.91
N VAL F 209 31.50 26.63 -90.67
CA VAL F 209 31.89 26.15 -89.35
C VAL F 209 33.09 26.96 -88.88
N ASN F 210 33.02 27.46 -87.64
CA ASN F 210 34.09 28.23 -87.05
C ASN F 210 34.64 27.49 -85.85
N HIS F 211 35.94 27.19 -85.88
CA HIS F 211 36.62 26.48 -84.79
C HIS F 211 37.89 27.27 -84.47
N LYS F 212 37.76 28.26 -83.59
CA LYS F 212 38.88 29.12 -83.24
C LYS F 212 40.03 28.45 -82.46
N PRO F 213 39.80 27.42 -81.62
CA PRO F 213 40.98 26.73 -81.06
C PRO F 213 41.80 26.00 -82.10
N SER F 214 41.18 25.51 -83.18
CA SER F 214 41.89 24.78 -84.21
C SER F 214 42.11 25.57 -85.49
N ASN F 215 41.49 26.75 -85.63
CA ASN F 215 41.66 27.64 -86.77
C ASN F 215 41.33 26.95 -88.10
N THR F 216 40.16 26.30 -88.13
CA THR F 216 39.67 25.62 -89.32
C THR F 216 38.32 26.21 -89.73
N LYS F 217 38.14 26.36 -91.04
CA LYS F 217 36.88 26.87 -91.59
C LYS F 217 36.62 26.08 -92.89
N VAL F 218 35.67 25.16 -92.82
CA VAL F 218 35.36 24.27 -93.94
C VAL F 218 34.01 24.65 -94.52
N ASP F 219 33.97 24.87 -95.82
CA ASP F 219 32.74 25.22 -96.53
C ASP F 219 32.20 23.99 -97.25
N LYS F 220 30.94 23.66 -97.00
CA LYS F 220 30.31 22.49 -97.57
C LYS F 220 29.03 22.90 -98.30
N LYS F 221 28.78 22.26 -99.44
CA LYS F 221 27.61 22.54 -100.25
C LYS F 221 26.63 21.38 -100.15
N VAL F 222 25.34 21.69 -100.14
CA VAL F 222 24.27 20.70 -100.05
C VAL F 222 23.71 20.44 -101.44
N GLU F 223 23.56 19.17 -101.79
CA GLU F 223 23.02 18.78 -103.09
C GLU F 223 21.83 17.85 -102.87
N PRO F 224 20.71 18.08 -103.54
CA PRO F 224 19.57 17.17 -103.41
C PRO F 224 19.88 15.80 -103.96
N LYS F 225 19.31 14.78 -103.32
CA LYS F 225 19.55 13.40 -103.74
C LYS F 225 18.79 13.10 -105.05
N SER F 226 19.44 12.34 -105.93
CA SER F 226 18.85 12.03 -107.23
C SER F 226 17.87 10.88 -107.15
N CYS F 227 18.03 9.97 -106.19
CA CYS F 227 17.17 8.79 -106.12
C CYS F 227 15.83 9.13 -105.47
N ASP F 228 15.87 9.72 -104.28
CA ASP F 228 14.64 10.08 -103.58
C ASP F 228 14.87 11.25 -102.62
N SER G 2 30.34 17.53 -47.17
CA SER G 2 31.30 16.98 -46.21
C SER G 2 30.80 17.16 -44.78
N VAL G 3 31.20 18.26 -44.15
CA VAL G 3 30.80 18.53 -42.77
C VAL G 3 29.49 19.32 -42.69
N LEU G 4 29.08 19.95 -43.79
CA LEU G 4 27.86 20.74 -43.83
C LEU G 4 26.84 20.04 -44.74
N THR G 5 25.64 19.85 -44.23
CA THR G 5 24.56 19.19 -44.97
C THR G 5 23.42 20.16 -45.19
N GLN G 6 22.85 20.13 -46.39
CA GLN G 6 21.73 20.98 -46.75
C GLN G 6 20.65 20.14 -47.42
N PRO G 7 19.38 20.56 -47.30
CA PRO G 7 18.30 19.81 -47.94
C PRO G 7 18.43 19.87 -49.46
N PRO G 8 18.00 18.82 -50.16
CA PRO G 8 18.12 18.83 -51.63
C PRO G 8 17.20 19.83 -52.31
N SER G 9 16.03 20.09 -51.76
CA SER G 9 15.09 21.03 -52.36
C SER G 9 14.16 21.57 -51.29
N VAL G 10 13.53 22.70 -51.61
CA VAL G 10 12.59 23.36 -50.71
C VAL G 10 11.40 23.85 -51.55
N SER G 11 10.19 23.61 -51.04
CA SER G 11 8.97 24.00 -51.73
C SER G 11 8.33 25.19 -51.01
N GLY G 12 7.72 26.08 -51.80
CA GLY G 12 7.09 27.27 -51.26
C GLY G 12 6.05 27.80 -52.22
N ALA G 13 5.47 28.94 -51.82
CA ALA G 13 4.43 29.59 -52.60
C ALA G 13 4.78 31.05 -52.84
N PRO G 14 4.34 31.62 -53.97
CA PRO G 14 4.67 33.02 -54.26
C PRO G 14 3.83 34.00 -53.45
N GLY G 15 4.24 34.26 -52.21
CA GLY G 15 3.52 35.19 -51.37
C GLY G 15 3.57 34.83 -49.90
N GLN G 16 4.11 33.65 -49.60
CA GLN G 16 4.28 33.17 -48.23
C GLN G 16 5.75 33.23 -47.84
N ARG G 17 6.03 32.87 -46.59
CA ARG G 17 7.39 32.87 -46.06
C ARG G 17 8.04 31.51 -46.30
N VAL G 18 9.22 31.52 -46.89
CA VAL G 18 10.00 30.31 -47.16
C VAL G 18 11.32 30.42 -46.39
N THR G 19 11.62 29.40 -45.60
CA THR G 19 12.80 29.39 -44.75
C THR G 19 13.66 28.18 -45.06
N ILE G 20 14.96 28.31 -44.77
CA ILE G 20 15.92 27.24 -44.96
C ILE G 20 16.75 27.13 -43.68
N SER G 21 17.36 25.96 -43.50
CA SER G 21 18.16 25.67 -42.31
C SER G 21 19.53 25.13 -42.73
N CYS G 22 20.56 25.59 -42.03
CA CYS G 22 21.93 25.11 -42.24
C CYS G 22 22.39 24.43 -40.96
N THR G 23 22.77 23.16 -41.07
CA THR G 23 23.19 22.36 -39.93
C THR G 23 24.58 21.79 -40.18
N GLY G 24 25.46 21.94 -39.21
CA GLY G 24 26.82 21.42 -39.32
C GLY G 24 27.31 20.75 -38.06
N SER G 25 28.47 21.17 -37.58
CA SER G 25 29.07 20.62 -36.37
C SER G 25 29.21 21.74 -35.33
N SER G 26 29.83 21.40 -34.21
CA SER G 26 30.05 22.35 -33.13
C SER G 26 31.41 23.05 -33.22
N SER G 27 32.19 22.79 -34.26
CA SER G 27 33.50 23.39 -34.41
C SER G 27 33.58 24.40 -35.56
N ASN G 28 32.56 24.46 -36.42
CA ASN G 28 32.56 25.39 -37.55
C ASN G 28 31.50 26.46 -37.43
N ILE G 29 30.25 26.08 -37.15
CA ILE G 29 29.17 27.04 -37.00
C ILE G 29 28.77 27.23 -35.55
N GLY G 30 28.72 26.14 -34.78
CA GLY G 30 28.38 26.23 -33.37
C GLY G 30 29.50 26.68 -32.46
N ALA G 31 30.72 26.81 -32.99
CA ALA G 31 31.83 27.28 -32.17
C ALA G 31 31.73 28.78 -31.89
N GLY G 32 31.11 29.53 -32.79
CA GLY G 32 30.98 30.97 -32.61
C GLY G 32 31.28 31.75 -33.87
N TYR G 33 31.74 31.06 -34.92
CA TYR G 33 32.04 31.70 -36.18
C TYR G 33 30.76 32.15 -36.89
N ASP G 34 30.86 33.27 -37.59
CA ASP G 34 29.75 33.77 -38.37
C ASP G 34 29.56 32.94 -39.64
N VAL G 35 28.38 33.06 -40.24
CA VAL G 35 28.03 32.33 -41.44
C VAL G 35 27.74 33.32 -42.55
N HIS G 36 27.97 32.87 -43.80
CA HIS G 36 27.73 33.68 -44.98
C HIS G 36 26.88 32.90 -45.97
N TRP G 37 25.93 33.59 -46.60
CA TRP G 37 25.04 32.98 -47.57
C TRP G 37 25.31 33.57 -48.95
N TYR G 38 25.33 32.71 -49.97
CA TYR G 38 25.60 33.12 -51.34
C TYR G 38 24.55 32.53 -52.26
N GLN G 39 24.29 33.24 -53.35
CA GLN G 39 23.32 32.82 -54.36
C GLN G 39 24.07 32.38 -55.61
N GLN G 40 23.83 31.15 -56.04
CA GLN G 40 24.53 30.55 -57.18
C GLN G 40 23.56 30.53 -58.37
N LEU G 41 23.56 31.61 -59.13
CA LEU G 41 22.75 31.67 -60.34
C LEU G 41 23.40 30.83 -61.43
N PRO G 42 22.65 29.93 -62.09
CA PRO G 42 23.26 29.07 -63.11
C PRO G 42 23.59 29.82 -64.39
N GLY G 43 24.74 30.47 -64.42
CA GLY G 43 25.17 31.20 -65.60
C GLY G 43 25.92 32.48 -65.27
N THR G 44 25.72 32.99 -64.06
CA THR G 44 26.41 34.18 -63.58
C THR G 44 27.20 33.85 -62.33
N ALA G 45 28.25 34.62 -62.09
CA ALA G 45 29.10 34.40 -60.92
C ALA G 45 28.35 34.74 -59.64
N PRO G 46 28.52 33.95 -58.58
CA PRO G 46 27.86 34.27 -57.31
C PRO G 46 28.42 35.55 -56.69
N LYS G 47 27.56 36.24 -55.97
CA LYS G 47 27.89 37.49 -55.30
C LYS G 47 27.60 37.37 -53.81
N LEU G 48 27.89 38.44 -53.07
CA LEU G 48 27.69 38.47 -51.63
C LEU G 48 26.29 38.98 -51.31
N LEU G 49 25.58 38.25 -50.44
CA LEU G 49 24.23 38.61 -50.03
C LEU G 49 24.19 39.21 -48.63
N ILE G 50 24.74 38.51 -47.65
CA ILE G 50 24.76 38.99 -46.27
C ILE G 50 25.89 38.29 -45.52
N TYR G 51 26.68 39.06 -44.77
CA TYR G 51 27.79 38.53 -43.98
C TYR G 51 27.59 38.91 -42.52
N GLY G 52 27.77 37.93 -41.63
CA GLY G 52 27.62 38.15 -40.21
C GLY G 52 26.20 38.14 -39.69
N ASN G 53 25.20 38.08 -40.58
CA ASN G 53 23.78 38.06 -40.25
C ASN G 53 23.35 39.27 -39.43
N SER G 54 24.07 40.39 -39.54
CA SER G 54 23.74 41.60 -38.81
C SER G 54 23.82 42.87 -39.64
N ASN G 55 24.51 42.87 -40.77
CA ASN G 55 24.69 44.06 -41.59
C ASN G 55 24.18 43.79 -43.00
N ARG G 56 23.49 44.79 -43.58
CA ARG G 56 22.96 44.67 -44.92
C ARG G 56 23.94 45.31 -45.90
N PRO G 57 24.54 44.53 -46.81
CA PRO G 57 25.44 45.13 -47.81
C PRO G 57 24.67 45.96 -48.82
N SER G 58 25.41 46.85 -49.48
CA SER G 58 24.81 47.73 -50.48
C SER G 58 24.36 46.94 -51.69
N GLY G 59 23.21 47.30 -52.25
CA GLY G 59 22.66 46.63 -53.41
C GLY G 59 21.87 45.38 -53.11
N VAL G 60 21.71 45.02 -51.84
CA VAL G 60 20.98 43.81 -51.44
C VAL G 60 19.67 44.27 -50.81
N PRO G 61 18.53 43.75 -51.24
CA PRO G 61 17.25 44.13 -50.63
C PRO G 61 17.12 43.64 -49.20
N ASP G 62 16.22 44.29 -48.47
CA ASP G 62 16.00 43.99 -47.06
C ASP G 62 15.12 42.77 -46.83
N ARG G 63 14.60 42.16 -47.90
CA ARG G 63 13.73 40.99 -47.75
C ARG G 63 14.47 39.77 -47.23
N PHE G 64 15.79 39.70 -47.41
CA PHE G 64 16.57 38.58 -46.90
C PHE G 64 16.93 38.81 -45.44
N SER G 65 16.68 37.81 -44.60
CA SER G 65 16.96 37.87 -43.18
C SER G 65 17.86 36.71 -42.78
N GLY G 66 18.90 37.00 -42.02
CA GLY G 66 19.82 35.98 -41.55
C GLY G 66 19.88 35.90 -40.04
N SER G 67 19.74 34.68 -39.51
CA SER G 67 19.79 34.47 -38.06
C SER G 67 20.59 33.22 -37.76
N LYS G 68 21.14 33.17 -36.55
CA LYS G 68 21.92 32.03 -36.07
C LYS G 68 21.30 31.56 -34.75
N SER G 69 20.55 30.46 -34.82
CA SER G 69 19.90 29.90 -33.63
C SER G 69 20.80 28.83 -33.04
N GLY G 70 21.82 29.28 -32.32
CA GLY G 70 22.77 28.39 -31.69
C GLY G 70 23.74 27.75 -32.68
N THR G 71 23.63 26.44 -32.87
CA THR G 71 24.50 25.71 -33.79
C THR G 71 23.96 25.67 -35.21
N SER G 72 22.79 26.24 -35.46
CA SER G 72 22.17 26.21 -36.78
C SER G 72 21.89 27.64 -37.26
N ALA G 73 22.02 27.84 -38.56
CA ALA G 73 21.76 29.12 -39.20
C ALA G 73 20.50 29.03 -40.06
N SER G 74 19.71 30.09 -40.06
CA SER G 74 18.45 30.11 -40.78
C SER G 74 18.37 31.34 -41.68
N LEU G 75 17.81 31.15 -42.87
CA LEU G 75 17.59 32.23 -43.82
C LEU G 75 16.11 32.29 -44.16
N ALA G 76 15.52 33.47 -44.05
CA ALA G 76 14.09 33.68 -44.30
C ALA G 76 13.89 34.75 -45.36
N ILE G 77 12.94 34.50 -46.26
CA ILE G 77 12.60 35.44 -47.32
C ILE G 77 11.10 35.64 -47.32
N THR G 78 10.67 36.78 -47.88
CA THR G 78 9.26 37.15 -47.96
C THR G 78 8.94 37.47 -49.42
N GLY G 79 8.12 36.63 -50.05
CA GLY G 79 7.73 36.85 -51.43
C GLY G 79 8.69 36.20 -52.41
N LEU G 80 8.16 35.40 -53.33
CA LEU G 80 8.96 34.73 -54.34
C LEU G 80 8.90 35.53 -55.64
N GLN G 81 10.00 36.18 -56.00
CA GLN G 81 10.08 36.99 -57.20
C GLN G 81 10.58 36.12 -58.36
N ALA G 82 10.92 36.77 -59.48
CA ALA G 82 11.34 36.08 -60.70
C ALA G 82 12.86 35.98 -60.82
N GLU G 83 13.57 36.00 -59.69
CA GLU G 83 15.02 35.85 -59.73
C GLU G 83 15.55 34.89 -58.66
N ASP G 84 14.67 34.16 -57.99
CA ASP G 84 15.07 33.22 -56.94
C ASP G 84 15.37 31.82 -57.48
N GLU G 85 15.44 31.66 -58.80
CA GLU G 85 15.73 30.37 -59.42
C GLU G 85 17.25 30.15 -59.43
N ALA G 86 17.79 29.91 -58.25
CA ALA G 86 19.23 29.71 -58.08
C ALA G 86 19.45 28.75 -56.92
N ASP G 87 20.68 28.69 -56.44
CA ASP G 87 21.07 27.79 -55.36
C ASP G 87 21.52 28.61 -54.16
N TYR G 88 21.15 28.14 -52.96
CA TYR G 88 21.54 28.77 -51.70
C TYR G 88 22.53 27.88 -50.99
N TYR G 89 23.67 28.45 -50.61
CA TYR G 89 24.75 27.70 -49.97
C TYR G 89 25.06 28.30 -48.60
N CYS G 90 25.45 27.43 -47.68
CA CYS G 90 25.84 27.81 -46.32
C CYS G 90 27.36 27.70 -46.21
N GLN G 91 28.02 28.84 -46.00
CA GLN G 91 29.47 28.90 -45.93
C GLN G 91 29.88 29.41 -44.56
N SER G 92 30.82 28.71 -43.93
CA SER G 92 31.35 29.12 -42.64
C SER G 92 32.78 28.60 -42.52
N TYR G 93 33.55 29.24 -41.64
CA TYR G 93 34.93 28.85 -41.40
C TYR G 93 34.97 27.57 -40.57
N ASP G 94 35.73 26.59 -41.03
CA ASP G 94 35.87 25.31 -40.34
C ASP G 94 37.28 25.20 -39.79
N SER G 95 37.38 25.03 -38.46
CA SER G 95 38.68 24.88 -37.83
C SER G 95 39.29 23.50 -38.08
N SER G 96 38.46 22.46 -38.15
CA SER G 96 38.97 21.12 -38.44
C SER G 96 39.52 21.03 -39.85
N LEU G 97 38.86 21.66 -40.81
CA LEU G 97 39.33 21.66 -42.19
C LEU G 97 40.38 22.74 -42.44
N SER G 98 40.61 23.64 -41.49
CA SER G 98 41.55 24.75 -41.61
C SER G 98 41.25 25.61 -42.83
N GLY G 99 39.98 25.88 -43.07
CA GLY G 99 39.58 26.66 -44.21
C GLY G 99 38.08 26.80 -44.26
N SER G 100 37.61 27.45 -45.33
CA SER G 100 36.19 27.69 -45.54
C SER G 100 35.60 26.53 -46.35
N VAL G 101 34.44 26.04 -45.90
CA VAL G 101 33.74 24.95 -46.57
C VAL G 101 32.31 25.39 -46.84
N PHE G 102 31.84 25.17 -48.05
CA PHE G 102 30.48 25.52 -48.43
C PHE G 102 29.52 24.39 -48.09
N GLY G 103 28.23 24.65 -48.29
CA GLY G 103 27.18 23.70 -48.00
C GLY G 103 26.86 22.80 -49.17
N GLY G 104 25.67 22.21 -49.11
CA GLY G 104 25.23 21.31 -50.16
C GLY G 104 24.49 22.02 -51.28
N GLY G 105 23.50 22.84 -50.93
CA GLY G 105 22.75 23.59 -51.92
C GLY G 105 21.30 23.15 -52.01
N THR G 106 20.39 24.12 -51.95
CA THR G 106 18.96 23.87 -52.06
C THR G 106 18.44 24.46 -53.37
N LYS G 107 17.50 23.76 -54.00
CA LYS G 107 16.90 24.20 -55.26
C LYS G 107 15.52 24.78 -54.97
N LEU G 108 15.30 26.02 -55.41
CA LEU G 108 14.02 26.69 -55.28
C LEU G 108 13.45 26.88 -56.68
N THR G 109 12.78 25.83 -57.17
CA THR G 109 12.24 25.84 -58.52
C THR G 109 11.16 24.78 -58.63
N VAL G 110 9.98 25.17 -59.10
CA VAL G 110 8.88 24.26 -59.35
C VAL G 110 8.86 24.00 -60.84
N LEU G 111 8.17 22.92 -61.25
CA LEU G 111 8.12 22.51 -62.65
C LEU G 111 7.55 23.60 -63.55
N GLY G 112 6.27 23.91 -63.40
CA GLY G 112 5.63 24.98 -64.16
C GLY G 112 5.73 24.83 -65.66
N GLN G 113 5.59 23.60 -66.16
CA GLN G 113 5.77 23.32 -67.59
C GLN G 113 4.51 22.71 -68.18
N PRO G 114 3.77 23.45 -69.00
CA PRO G 114 2.58 22.87 -69.64
C PRO G 114 2.96 21.85 -70.71
N LYS G 115 2.01 20.95 -70.97
CA LYS G 115 2.22 19.91 -71.96
C LYS G 115 2.04 20.46 -73.38
N ALA G 116 2.54 19.70 -74.35
CA ALA G 116 2.45 20.07 -75.76
C ALA G 116 2.49 18.81 -76.61
N ALA G 117 2.39 19.00 -77.92
CA ALA G 117 2.39 17.89 -78.87
C ALA G 117 3.74 17.79 -79.54
N PRO G 118 4.53 16.76 -79.29
CA PRO G 118 5.85 16.65 -79.92
C PRO G 118 5.76 16.21 -81.37
N SER G 119 6.80 16.57 -82.12
CA SER G 119 6.94 16.15 -83.52
C SER G 119 8.39 15.72 -83.75
N VAL G 120 8.57 14.56 -84.36
CA VAL G 120 9.90 14.00 -84.57
C VAL G 120 10.21 13.97 -86.06
N THR G 121 11.50 13.91 -86.37
CA THR G 121 11.98 13.82 -87.74
C THR G 121 13.16 12.85 -87.78
N LEU G 122 13.09 11.88 -88.70
CA LEU G 122 14.14 10.87 -88.85
C LEU G 122 14.80 11.05 -90.22
N PHE G 123 16.13 11.18 -90.21
CA PHE G 123 16.90 11.40 -91.42
C PHE G 123 17.95 10.32 -91.59
N PRO G 124 17.91 9.53 -92.66
CA PRO G 124 18.93 8.50 -92.87
C PRO G 124 20.27 9.13 -93.21
N PRO G 125 21.38 8.43 -92.94
CA PRO G 125 22.70 8.97 -93.28
C PRO G 125 22.89 9.09 -94.78
N SER G 126 23.71 10.05 -95.18
CA SER G 126 23.95 10.34 -96.59
C SER G 126 24.96 9.35 -97.17
N SER G 127 25.22 9.50 -98.48
CA SER G 127 26.14 8.59 -99.15
C SER G 127 27.59 8.83 -98.75
N GLU G 128 27.97 10.10 -98.55
CA GLU G 128 29.35 10.42 -98.21
C GLU G 128 29.72 10.00 -96.79
N GLU G 129 28.72 9.76 -95.92
CA GLU G 129 28.99 9.32 -94.56
C GLU G 129 29.37 7.85 -94.48
N LEU G 130 29.02 7.05 -95.49
CA LEU G 130 29.30 5.63 -95.45
C LEU G 130 30.80 5.34 -95.62
N GLN G 131 31.51 6.17 -96.36
CA GLN G 131 32.94 5.97 -96.56
C GLN G 131 33.80 6.44 -95.40
N ALA G 132 33.19 7.05 -94.37
CA ALA G 132 33.91 7.49 -93.19
C ALA G 132 34.07 6.39 -92.14
N ASN G 133 33.78 5.13 -92.52
CA ASN G 133 33.90 3.97 -91.63
C ASN G 133 33.04 4.12 -90.37
N LYS G 134 31.89 4.78 -90.50
CA LYS G 134 30.98 4.97 -89.38
C LYS G 134 29.59 5.25 -89.94
N ALA G 135 28.59 5.12 -89.06
CA ALA G 135 27.20 5.39 -89.42
C ALA G 135 26.56 6.14 -88.27
N THR G 136 26.34 7.44 -88.46
CA THR G 136 25.71 8.30 -87.45
C THR G 136 24.23 8.43 -87.79
N LEU G 137 23.40 7.70 -87.05
CA LEU G 137 21.95 7.73 -87.24
C LEU G 137 21.38 8.86 -86.39
N VAL G 138 20.92 9.92 -87.06
CA VAL G 138 20.38 11.07 -86.36
C VAL G 138 18.87 10.90 -86.21
N CYS G 139 18.32 11.58 -85.20
CA CYS G 139 16.88 11.53 -84.93
C CYS G 139 16.52 12.81 -84.19
N LEU G 140 15.88 13.74 -84.90
CA LEU G 140 15.64 15.08 -84.39
C LEU G 140 14.19 15.21 -83.92
N ILE G 141 14.00 15.78 -82.74
CA ILE G 141 12.69 16.05 -82.17
C ILE G 141 12.59 17.55 -81.90
N SER G 142 11.52 18.18 -82.37
CA SER G 142 11.36 19.61 -82.24
C SER G 142 9.90 19.93 -81.92
N ASP G 143 9.70 21.17 -81.43
CA ASP G 143 8.38 21.71 -81.11
C ASP G 143 7.64 20.85 -80.07
N PHE G 144 8.24 20.78 -78.88
CA PHE G 144 7.63 20.05 -77.78
C PHE G 144 7.90 20.80 -76.48
N TYR G 145 7.07 20.52 -75.47
CA TYR G 145 7.13 21.17 -74.17
C TYR G 145 6.53 20.21 -73.15
N PRO G 146 7.26 19.88 -72.08
CA PRO G 146 8.60 20.35 -71.70
C PRO G 146 9.71 19.54 -72.37
N GLY G 147 10.96 19.83 -72.03
CA GLY G 147 12.08 19.12 -72.62
C GLY G 147 12.49 17.87 -71.86
N ALA G 148 11.55 16.95 -71.70
CA ALA G 148 11.80 15.67 -71.04
C ALA G 148 11.17 14.58 -71.91
N VAL G 149 11.95 14.08 -72.88
CA VAL G 149 11.51 13.06 -73.81
C VAL G 149 12.50 11.91 -73.76
N THR G 150 11.99 10.69 -73.56
CA THR G 150 12.84 9.51 -73.61
C THR G 150 13.07 9.08 -75.05
N VAL G 151 14.24 8.50 -75.30
CA VAL G 151 14.63 8.07 -76.64
C VAL G 151 14.93 6.58 -76.61
N ALA G 152 14.33 5.83 -77.53
CA ALA G 152 14.57 4.41 -77.67
C ALA G 152 14.81 4.08 -79.14
N TRP G 153 15.68 3.10 -79.39
CA TRP G 153 16.04 2.69 -80.72
C TRP G 153 15.72 1.21 -80.91
N LYS G 154 15.13 0.88 -82.07
CA LYS G 154 14.79 -0.49 -82.40
C LYS G 154 15.16 -0.76 -83.86
N ALA G 155 15.44 -2.03 -84.16
CA ALA G 155 15.76 -2.47 -85.50
C ALA G 155 14.76 -3.53 -85.99
N ASP G 156 13.50 -3.39 -85.58
CA ASP G 156 12.35 -4.24 -85.92
C ASP G 156 12.46 -5.66 -85.36
N SER G 157 13.55 -6.00 -84.67
CA SER G 157 13.69 -7.33 -84.07
C SER G 157 14.19 -7.31 -82.64
N SER G 158 14.90 -6.26 -82.20
CA SER G 158 15.44 -6.20 -80.85
C SER G 158 15.77 -4.75 -80.52
N PRO G 159 15.58 -4.31 -79.28
CA PRO G 159 15.95 -2.94 -78.92
C PRO G 159 17.46 -2.75 -78.94
N VAL G 160 17.87 -1.52 -79.22
CA VAL G 160 19.28 -1.15 -79.28
C VAL G 160 19.65 -0.44 -77.99
N LYS G 161 20.60 -1.01 -77.24
CA LYS G 161 21.04 -0.45 -75.98
C LYS G 161 22.50 0.00 -76.02
N ALA G 162 23.06 0.16 -77.21
CA ALA G 162 24.43 0.61 -77.38
C ALA G 162 24.46 1.83 -78.28
N GLY G 163 25.27 2.81 -77.90
CA GLY G 163 25.39 4.04 -78.66
C GLY G 163 24.22 5.00 -78.52
N VAL G 164 23.33 4.77 -77.57
CA VAL G 164 22.16 5.63 -77.38
C VAL G 164 22.58 6.87 -76.60
N GLU G 165 22.28 8.04 -77.15
CA GLU G 165 22.58 9.31 -76.50
C GLU G 165 21.39 10.23 -76.59
N THR G 166 21.31 11.18 -75.65
CA THR G 166 20.26 12.17 -75.62
C THR G 166 20.86 13.52 -75.20
N THR G 167 20.55 14.56 -75.96
CA THR G 167 21.06 15.90 -75.68
C THR G 167 20.04 16.71 -74.89
N THR G 168 20.54 17.68 -74.15
CA THR G 168 19.65 18.54 -73.36
C THR G 168 18.91 19.51 -74.26
N PRO G 169 17.58 19.57 -74.17
CA PRO G 169 16.84 20.53 -75.00
C PRO G 169 17.07 21.97 -74.56
N SER G 170 16.90 22.89 -75.49
CA SER G 170 17.10 24.31 -75.25
C SER G 170 15.89 25.10 -75.74
N LYS G 171 15.73 26.29 -75.18
CA LYS G 171 14.58 27.13 -75.52
C LYS G 171 14.70 27.68 -76.93
N GLN G 172 13.61 27.59 -77.70
CA GLN G 172 13.57 28.08 -79.06
C GLN G 172 13.15 29.55 -79.07
N SER G 173 12.92 30.09 -80.26
CA SER G 173 12.45 31.47 -80.37
C SER G 173 11.00 31.62 -79.92
N ASN G 174 10.18 30.59 -80.13
CA ASN G 174 8.77 30.62 -79.76
C ASN G 174 8.51 29.92 -78.43
N ASN G 175 9.47 29.97 -77.51
CA ASN G 175 9.35 29.40 -76.16
C ASN G 175 9.05 27.91 -76.21
N LYS G 176 9.71 27.21 -77.14
CA LYS G 176 9.57 25.77 -77.34
C LYS G 176 10.92 25.11 -77.09
N TYR G 177 10.99 23.80 -77.31
CA TYR G 177 12.19 23.04 -77.06
C TYR G 177 12.45 22.09 -78.22
N ALA G 178 13.74 21.83 -78.47
CA ALA G 178 14.16 20.92 -79.54
C ALA G 178 15.35 20.10 -79.05
N ALA G 179 15.45 18.87 -79.56
CA ALA G 179 16.52 17.97 -79.16
C ALA G 179 16.84 17.03 -80.31
N SER G 180 18.04 16.46 -80.26
CA SER G 180 18.50 15.53 -81.28
C SER G 180 19.14 14.31 -80.61
N SER G 181 19.04 13.17 -81.27
CA SER G 181 19.61 11.93 -80.77
C SER G 181 20.51 11.32 -81.83
N TYR G 182 21.72 10.93 -81.43
CA TYR G 182 22.68 10.31 -82.32
C TYR G 182 22.87 8.84 -81.97
N LEU G 183 23.32 8.07 -82.96
CA LEU G 183 23.59 6.65 -82.76
C LEU G 183 24.83 6.29 -83.57
N SER G 184 25.81 5.67 -82.90
CA SER G 184 27.10 5.36 -83.52
C SER G 184 27.07 3.94 -84.04
N LEU G 185 26.99 3.79 -85.37
CA LEU G 185 27.07 2.48 -86.01
C LEU G 185 28.15 2.48 -87.07
N THR G 186 28.24 1.39 -87.83
CA THR G 186 29.17 1.28 -88.95
C THR G 186 28.42 0.73 -90.15
N PRO G 187 28.86 1.06 -91.37
CA PRO G 187 28.10 0.63 -92.57
C PRO G 187 28.16 -0.86 -92.86
N GLU G 188 28.91 -1.65 -92.09
CA GLU G 188 29.00 -3.08 -92.35
C GLU G 188 27.65 -3.78 -92.09
N GLN G 189 27.02 -3.48 -90.96
CA GLN G 189 25.69 -4.01 -90.66
C GLN G 189 24.58 -2.98 -90.85
N TRP G 190 24.89 -1.80 -91.41
CA TRP G 190 23.84 -0.82 -91.68
C TRP G 190 22.92 -1.28 -92.80
N LYS G 191 23.48 -1.88 -93.84
CA LYS G 191 22.70 -2.36 -94.98
C LYS G 191 22.11 -3.75 -94.76
N SER G 192 22.57 -4.49 -93.75
CA SER G 192 22.03 -5.82 -93.51
C SER G 192 20.64 -5.76 -92.91
N HIS G 193 20.40 -4.84 -91.97
CA HIS G 193 19.11 -4.73 -91.33
C HIS G 193 18.09 -4.13 -92.30
N ARG G 194 16.82 -4.50 -92.09
CA ARG G 194 15.77 -4.05 -92.99
C ARG G 194 15.46 -2.56 -92.80
N SER G 195 15.35 -2.12 -91.55
CA SER G 195 14.98 -0.74 -91.28
C SER G 195 15.48 -0.33 -89.91
N TYR G 196 15.52 0.98 -89.68
CA TYR G 196 15.87 1.56 -88.40
C TYR G 196 14.85 2.63 -88.04
N SER G 197 14.59 2.80 -86.75
CA SER G 197 13.56 3.71 -86.29
C SER G 197 13.85 4.17 -84.87
N CYS G 198 13.20 5.26 -84.48
CA CYS G 198 13.23 5.77 -83.13
C CYS G 198 11.83 5.67 -82.52
N GLN G 199 11.77 5.32 -81.23
CA GLN G 199 10.52 5.27 -80.50
C GLN G 199 10.63 6.19 -79.29
N VAL G 200 9.73 7.17 -79.22
CA VAL G 200 9.72 8.15 -78.15
C VAL G 200 8.34 8.20 -77.52
N THR G 201 8.28 8.66 -76.28
CA THR G 201 7.04 8.75 -75.53
C THR G 201 7.02 10.06 -74.75
N HIS G 202 5.96 10.85 -74.94
CA HIS G 202 5.78 12.12 -74.23
C HIS G 202 4.37 12.13 -73.64
N GLU G 203 4.28 11.88 -72.34
CA GLU G 203 3.01 11.83 -71.60
C GLU G 203 2.04 10.83 -72.23
N GLY G 204 2.57 9.68 -72.64
CA GLY G 204 1.76 8.63 -73.24
C GLY G 204 1.57 8.75 -74.74
N SER G 205 2.05 9.83 -75.36
CA SER G 205 1.93 10.02 -76.80
C SER G 205 3.17 9.44 -77.47
N THR G 206 3.00 8.33 -78.19
CA THR G 206 4.09 7.63 -78.85
C THR G 206 3.93 7.73 -80.35
N VAL G 207 4.97 8.19 -81.03
CA VAL G 207 4.99 8.27 -82.49
C VAL G 207 6.18 7.47 -83.00
N GLU G 208 6.01 6.86 -84.17
CA GLU G 208 7.04 6.00 -84.76
C GLU G 208 7.25 6.40 -86.22
N LYS G 209 8.51 6.61 -86.59
CA LYS G 209 8.89 6.92 -87.96
C LYS G 209 10.00 5.98 -88.38
N THR G 210 9.85 5.38 -89.56
CA THR G 210 10.81 4.40 -90.06
C THR G 210 11.38 4.86 -91.40
N VAL G 211 12.59 4.38 -91.70
CA VAL G 211 13.26 4.66 -92.96
C VAL G 211 13.72 3.35 -93.58
N ALA G 212 13.87 3.37 -94.90
CA ALA G 212 14.31 2.20 -95.65
C ALA G 212 15.60 2.51 -96.38
N PRO G 213 16.75 1.96 -95.95
CA PRO G 213 18.00 2.21 -96.68
C PRO G 213 17.99 1.67 -98.10
N THR G 214 17.30 0.58 -98.35
CA THR G 214 17.22 0.00 -99.69
C THR G 214 15.92 0.39 -100.38
N ASN H 21 70.18 23.95 -18.22
CA ASN H 21 71.07 24.89 -17.55
C ASN H 21 70.27 25.99 -16.85
N PHE H 22 69.10 25.64 -16.33
CA PHE H 22 68.22 26.59 -15.66
C PHE H 22 68.39 26.44 -14.15
N MET H 23 68.75 27.54 -13.51
CA MET H 23 68.97 27.51 -12.09
C MET H 23 68.13 28.55 -11.42
N LEU H 24 67.90 28.37 -10.12
CA LEU H 24 67.11 29.30 -9.34
C LEU H 24 68.02 30.02 -8.35
N THR H 25 68.12 31.34 -8.47
CA THR H 25 69.05 32.14 -7.68
C THR H 25 68.34 32.67 -6.44
N GLN H 26 68.88 32.36 -5.27
CA GLN H 26 68.28 32.76 -4.01
C GLN H 26 69.31 33.47 -3.15
N PRO H 27 68.91 34.48 -2.40
CA PRO H 27 69.85 35.12 -1.47
C PRO H 27 70.25 34.19 -0.35
N HIS H 28 71.54 34.22 0.00
CA HIS H 28 72.07 33.28 0.98
C HIS H 28 71.55 33.62 2.37
N SER H 29 71.61 34.89 2.76
CA SER H 29 71.27 35.32 4.10
C SER H 29 70.32 36.51 4.03
N VAL H 30 69.16 36.39 4.69
CA VAL H 30 68.21 37.49 4.81
C VAL H 30 67.85 37.59 6.29
N SER H 31 68.16 38.72 6.91
CA SER H 31 67.95 38.92 8.34
C SER H 31 67.24 40.23 8.58
N GLU H 32 66.13 40.18 9.33
CA GLU H 32 65.40 41.38 9.73
C GLU H 32 64.81 41.16 11.11
N SER H 33 64.47 42.27 11.76
CA SER H 33 63.89 42.19 13.10
C SER H 33 62.46 41.63 13.02
N PRO H 34 62.02 40.93 14.08
CA PRO H 34 60.66 40.39 14.08
C PRO H 34 59.60 41.49 14.05
N GLY H 35 58.48 41.19 13.42
CA GLY H 35 57.36 42.10 13.32
C GLY H 35 57.28 42.91 12.05
N LYS H 36 58.34 42.91 11.24
CA LYS H 36 58.37 43.67 10.01
C LYS H 36 58.08 42.75 8.82
N THR H 37 58.19 43.29 7.61
CA THR H 37 57.95 42.55 6.39
C THR H 37 59.25 42.37 5.61
N VAL H 38 59.40 41.21 4.99
CA VAL H 38 60.60 40.87 4.21
C VAL H 38 60.17 40.37 2.84
N THR H 39 61.13 40.37 1.91
CA THR H 39 60.93 39.88 0.56
C THR H 39 62.08 38.97 0.20
N ILE H 40 61.77 37.72 -0.17
CA ILE H 40 62.76 36.73 -0.55
C ILE H 40 62.62 36.49 -2.05
N SER H 41 63.72 36.65 -2.78
CA SER H 41 63.72 36.54 -4.24
C SER H 41 64.12 35.14 -4.68
N CYS H 42 63.70 34.79 -5.89
CA CYS H 42 64.09 33.53 -6.51
C CYS H 42 64.19 33.79 -8.01
N THR H 43 65.42 33.93 -8.51
CA THR H 43 65.67 34.38 -9.86
C THR H 43 66.10 33.21 -10.75
N GLY H 44 65.43 33.07 -11.89
CA GLY H 44 65.82 32.07 -12.87
C GLY H 44 66.74 32.67 -13.92
N SER H 45 67.73 31.87 -14.33
CA SER H 45 68.74 32.37 -15.26
C SER H 45 68.26 32.33 -16.71
N SER H 46 67.97 31.14 -17.23
CA SER H 46 67.57 30.97 -18.62
C SER H 46 66.05 30.93 -18.78
N GLY H 47 65.38 29.99 -18.12
CA GLY H 47 63.95 29.87 -18.26
C GLY H 47 63.20 30.93 -17.46
N SER H 48 62.06 31.35 -18.00
CA SER H 48 61.22 32.33 -17.34
C SER H 48 60.48 31.69 -16.17
N ILE H 49 60.22 32.49 -15.14
CA ILE H 49 59.52 31.98 -13.95
C ILE H 49 58.05 31.71 -14.27
N ALA H 50 57.46 32.48 -15.16
CA ALA H 50 56.06 32.27 -15.54
C ALA H 50 55.88 31.00 -16.36
N SER H 51 56.98 30.37 -16.82
CA SER H 51 56.87 29.14 -17.59
C SER H 51 56.37 27.99 -16.72
N ASN H 52 56.86 27.88 -15.49
CA ASN H 52 56.60 26.74 -14.63
C ASN H 52 56.23 27.19 -13.22
N TYR H 53 55.56 26.29 -12.51
CA TYR H 53 55.13 26.58 -11.14
C TYR H 53 56.33 26.66 -10.19
N VAL H 54 56.20 27.48 -9.17
CA VAL H 54 57.25 27.74 -8.21
C VAL H 54 56.76 27.32 -6.83
N GLN H 55 57.51 26.44 -6.18
CA GLN H 55 57.15 25.90 -4.86
C GLN H 55 58.19 26.32 -3.84
N TRP H 56 57.73 26.87 -2.72
CA TRP H 56 58.62 27.31 -1.64
C TRP H 56 58.56 26.32 -0.49
N TYR H 57 59.73 25.94 0.01
CA TYR H 57 59.86 24.95 1.08
C TYR H 57 60.54 25.59 2.27
N GLN H 58 59.96 25.40 3.45
CA GLN H 58 60.45 25.99 4.69
C GLN H 58 60.80 24.86 5.66
N GLN H 59 62.07 24.72 5.98
CA GLN H 59 62.60 23.53 6.63
C GLN H 59 63.31 23.88 7.92
N ARG H 60 62.95 23.20 9.02
CA ARG H 60 63.69 23.34 10.26
C ARG H 60 65.08 22.73 10.13
N PRO H 61 66.05 23.20 10.92
CA PRO H 61 67.32 22.47 11.05
C PRO H 61 67.09 21.14 11.74
N GLY H 62 67.59 20.07 11.13
CA GLY H 62 67.38 18.73 11.67
C GLY H 62 65.94 18.26 11.60
N SER H 63 65.24 18.58 10.51
CA SER H 63 63.87 18.12 10.31
C SER H 63 63.57 18.07 8.82
N ALA H 64 62.52 17.32 8.48
CA ALA H 64 62.12 17.21 7.08
C ALA H 64 61.54 18.54 6.59
N PRO H 65 61.77 18.89 5.32
CA PRO H 65 61.17 20.12 4.79
C PRO H 65 59.66 20.03 4.71
N THR H 66 59.03 21.19 4.86
CA THR H 66 57.58 21.33 4.72
C THR H 66 57.29 22.45 3.74
N THR H 67 56.33 22.22 2.85
CA THR H 67 56.00 23.19 1.81
C THR H 67 55.21 24.34 2.41
N VAL H 68 55.81 25.52 2.43
CA VAL H 68 55.16 26.69 3.02
C VAL H 68 54.19 27.34 2.04
N ILE H 69 54.39 27.14 0.73
CA ILE H 69 53.48 27.66 -0.28
C ILE H 69 53.72 26.89 -1.57
N TYR H 70 52.69 26.81 -2.42
CA TYR H 70 52.82 26.27 -3.75
C TYR H 70 51.83 26.96 -4.68
N GLU H 71 52.02 26.72 -5.99
CA GLU H 71 51.24 27.31 -7.08
C GLU H 71 51.38 28.83 -7.13
N ASP H 72 52.42 29.36 -6.48
CA ASP H 72 52.95 30.71 -6.61
C ASP H 72 52.08 31.78 -5.98
N ASN H 73 50.84 31.47 -5.62
CA ASN H 73 50.06 32.44 -4.87
C ASN H 73 49.11 31.88 -3.82
N GLN H 74 48.92 30.57 -3.71
CA GLN H 74 47.85 30.06 -2.85
C GLN H 74 48.49 29.34 -1.66
N ARG H 75 48.01 29.61 -0.48
CA ARG H 75 48.65 29.17 0.75
C ARG H 75 48.06 27.83 1.20
N PRO H 76 48.90 26.87 1.61
CA PRO H 76 48.37 25.60 2.09
C PRO H 76 47.64 25.75 3.41
N SER H 77 46.73 24.81 3.66
CA SER H 77 45.94 24.82 4.89
C SER H 77 46.80 24.37 6.05
N GLY H 78 47.07 25.29 6.98
CA GLY H 78 47.90 25.00 8.13
C GLY H 78 48.91 26.10 8.41
N VAL H 79 49.40 26.74 7.36
CA VAL H 79 50.33 27.85 7.49
C VAL H 79 49.51 29.13 7.62
N PRO H 80 50.05 30.19 8.25
CA PRO H 80 49.30 31.44 8.35
C PRO H 80 49.24 32.17 7.01
N ASP H 81 48.39 33.20 6.98
CA ASP H 81 48.17 33.98 5.77
C ASP H 81 49.40 34.81 5.38
N ARG H 82 50.30 35.08 6.32
CA ARG H 82 51.42 35.98 6.09
C ARG H 82 52.34 35.48 4.98
N PHE H 83 52.42 34.18 4.76
CA PHE H 83 53.28 33.63 3.72
C PHE H 83 52.61 33.85 2.37
N SER H 84 52.98 34.95 1.71
CA SER H 84 52.41 35.33 0.43
C SER H 84 53.49 35.34 -0.63
N GLY H 85 53.16 34.82 -1.80
CA GLY H 85 54.09 34.75 -2.91
C GLY H 85 53.58 35.54 -4.11
N SER H 86 54.52 36.12 -4.86
CA SER H 86 54.22 36.89 -6.04
C SER H 86 55.24 36.57 -7.13
N ILE H 87 54.83 36.76 -8.38
CA ILE H 87 55.66 36.45 -9.54
C ILE H 87 55.82 37.72 -10.37
N ASP H 88 57.07 38.07 -10.66
CA ASP H 88 57.41 39.22 -11.49
C ASP H 88 58.15 38.67 -12.72
N SER H 89 57.38 38.32 -13.76
CA SER H 89 57.94 37.66 -14.93
C SER H 89 58.83 38.57 -15.76
N SER H 90 58.75 39.90 -15.55
CA SER H 90 59.58 40.81 -16.33
C SER H 90 61.06 40.69 -15.94
N SER H 91 61.34 40.61 -14.65
CA SER H 91 62.71 40.51 -14.16
C SER H 91 63.16 39.07 -13.93
N ASN H 92 62.28 38.09 -14.20
CA ASN H 92 62.56 36.66 -14.01
C ASN H 92 62.98 36.35 -12.58
N SER H 93 62.37 37.05 -11.62
CA SER H 93 62.63 36.83 -10.19
C SER H 93 61.32 36.55 -9.48
N ALA H 94 61.26 35.44 -8.75
CA ALA H 94 60.07 35.03 -8.01
C ALA H 94 60.19 35.50 -6.58
N SER H 95 59.15 36.15 -6.07
CA SER H 95 59.17 36.79 -4.77
C SER H 95 58.26 36.06 -3.77
N LEU H 96 58.73 35.94 -2.54
CA LEU H 96 57.94 35.40 -1.43
C LEU H 96 57.93 36.45 -0.32
N THR H 97 56.76 36.99 -0.02
CA THR H 97 56.63 38.07 0.95
C THR H 97 56.16 37.48 2.28
N ILE H 98 56.93 37.75 3.34
CA ILE H 98 56.61 37.30 4.69
C ILE H 98 56.48 38.53 5.57
N SER H 99 55.38 38.63 6.30
CA SER H 99 55.07 39.78 7.14
C SER H 99 54.86 39.34 8.58
N GLY H 100 55.34 40.16 9.51
CA GLY H 100 55.21 39.85 10.92
C GLY H 100 56.06 38.68 11.35
N LEU H 101 57.38 38.85 11.32
CA LEU H 101 58.29 37.75 11.62
C LEU H 101 58.18 37.33 13.07
N LYS H 102 58.33 36.03 13.31
CA LYS H 102 58.22 35.44 14.64
C LYS H 102 59.45 34.57 14.90
N THR H 103 59.43 33.89 16.05
CA THR H 103 60.56 33.04 16.43
C THR H 103 60.63 31.79 15.55
N GLU H 104 59.48 31.16 15.30
CA GLU H 104 59.45 29.90 14.57
C GLU H 104 59.74 30.07 13.08
N ASP H 105 59.78 31.29 12.57
CA ASP H 105 60.03 31.52 11.15
C ASP H 105 61.51 31.47 10.79
N GLU H 106 62.40 31.33 11.77
CA GLU H 106 63.84 31.29 11.53
C GLU H 106 64.19 29.91 10.97
N ALA H 107 64.26 29.80 9.65
CA ALA H 107 64.48 28.51 9.00
C ALA H 107 65.03 28.75 7.60
N ASP H 108 65.38 27.66 6.93
CA ASP H 108 65.85 27.72 5.55
C ASP H 108 64.66 27.79 4.59
N TYR H 109 64.81 28.58 3.53
CA TYR H 109 63.78 28.74 2.51
C TYR H 109 64.37 28.33 1.16
N TYR H 110 63.68 27.43 0.47
CA TYR H 110 64.10 26.96 -0.84
C TYR H 110 62.95 27.10 -1.83
N CYS H 111 63.28 27.57 -3.03
CA CYS H 111 62.31 27.69 -4.12
C CYS H 111 62.57 26.62 -5.17
N GLN H 112 61.49 26.09 -5.74
CA GLN H 112 61.54 24.93 -6.62
C GLN H 112 60.93 25.27 -7.98
N SER H 113 61.35 24.53 -9.00
CA SER H 113 60.83 24.67 -10.35
C SER H 113 60.81 23.29 -11.01
N TYR H 114 60.59 23.28 -12.33
CA TYR H 114 60.47 22.01 -13.04
C TYR H 114 61.34 21.94 -14.29
N ASP H 115 61.63 23.11 -14.89
CA ASP H 115 62.32 23.19 -16.18
C ASP H 115 61.64 22.34 -17.23
N SER H 116 62.29 21.24 -17.62
CA SER H 116 61.72 20.29 -18.58
C SER H 116 62.15 18.90 -18.14
N SER H 117 61.28 18.22 -17.40
CA SER H 117 61.52 16.88 -16.85
C SER H 117 62.78 16.83 -15.98
N ASN H 118 63.07 17.92 -15.27
CA ASN H 118 64.25 17.96 -14.39
C ASN H 118 63.97 19.00 -13.30
N VAL H 119 63.57 18.51 -12.12
CA VAL H 119 63.22 19.39 -11.02
C VAL H 119 64.47 20.12 -10.52
N VAL H 120 64.38 21.44 -10.41
CA VAL H 120 65.49 22.29 -10.02
C VAL H 120 65.07 23.07 -8.78
N PHE H 121 65.90 23.02 -7.74
CA PHE H 121 65.65 23.73 -6.49
C PHE H 121 66.42 25.05 -6.47
N GLY H 122 66.23 25.80 -5.38
CA GLY H 122 66.90 27.08 -5.20
C GLY H 122 68.13 26.97 -4.31
N GLY H 123 68.84 28.10 -4.20
CA GLY H 123 70.06 28.14 -3.41
C GLY H 123 69.81 27.96 -1.92
N GLY H 124 68.82 28.67 -1.38
CA GLY H 124 68.55 28.56 0.05
C GLY H 124 68.71 29.91 0.74
N THR H 125 67.70 30.31 1.49
CA THR H 125 67.74 31.61 2.15
C THR H 125 67.78 31.47 3.67
N LYS H 126 68.76 32.10 4.29
CA LYS H 126 68.91 32.01 5.74
C LYS H 126 68.10 33.09 6.43
N LEU H 127 66.80 32.84 6.63
CA LEU H 127 65.97 33.80 7.34
C LEU H 127 66.51 33.98 8.74
N THR H 128 66.71 35.23 9.15
CA THR H 128 67.27 35.50 10.48
C THR H 128 66.67 36.75 11.10
N VAL H 129 66.88 36.91 12.40
CA VAL H 129 66.35 38.07 13.10
C VAL H 129 67.32 39.25 12.98
N GLY H 138 73.14 38.83 19.82
CA GLY H 138 72.07 39.11 20.75
C GLY H 138 72.29 38.49 22.11
N GLN H 139 73.55 38.21 22.43
CA GLN H 139 73.87 37.60 23.72
C GLN H 139 75.04 38.32 24.38
N PRO H 140 75.02 38.44 25.71
CA PRO H 140 76.15 39.05 26.40
C PRO H 140 77.42 38.24 26.20
N LYS H 141 78.53 38.91 25.97
CA LYS H 141 79.80 38.22 25.76
C LYS H 141 80.20 37.43 27.01
N ALA H 142 80.78 36.26 26.83
CA ALA H 142 81.18 35.44 27.96
C ALA H 142 82.66 35.09 27.90
N ALA H 143 83.32 35.05 29.05
CA ALA H 143 84.75 34.74 29.08
C ALA H 143 85.00 33.26 28.84
N PRO H 144 86.01 32.95 28.01
CA PRO H 144 86.29 31.56 27.68
C PRO H 144 87.06 30.83 28.77
N SER H 145 86.36 30.10 29.63
CA SER H 145 87.04 29.31 30.66
C SER H 145 87.86 28.25 29.96
N VAL H 146 89.12 28.08 30.35
CA VAL H 146 89.96 27.13 29.62
C VAL H 146 90.65 26.22 30.62
N THR H 147 90.59 24.90 30.37
CA THR H 147 91.25 23.91 31.19
C THR H 147 92.06 22.97 30.31
N LEU H 148 93.13 22.40 30.88
CA LEU H 148 94.03 21.53 30.14
C LEU H 148 94.38 20.30 30.98
N PHE H 149 94.50 19.16 30.32
CA PHE H 149 94.93 17.90 30.91
C PHE H 149 96.07 17.31 30.11
N PRO H 150 97.00 16.62 30.76
CA PRO H 150 98.08 15.92 30.04
C PRO H 150 97.60 14.56 29.56
N PRO H 151 98.32 13.93 28.62
CA PRO H 151 97.95 12.58 28.22
C PRO H 151 98.07 11.59 29.37
N SER H 152 97.18 10.61 29.39
CA SER H 152 97.12 9.65 30.48
C SER H 152 98.19 8.57 30.32
N SER H 153 98.46 7.87 31.42
CA SER H 153 99.42 6.76 31.38
C SER H 153 98.89 5.58 30.59
N GLU H 154 97.58 5.36 30.61
CA GLU H 154 96.99 4.28 29.82
C GLU H 154 97.15 4.54 28.33
N GLU H 155 96.99 5.80 27.91
CA GLU H 155 97.25 6.16 26.52
C GLU H 155 98.72 6.00 26.17
N LEU H 156 99.61 6.35 27.11
CA LEU H 156 101.04 6.19 26.89
C LEU H 156 101.42 4.71 26.75
N GLN H 157 100.76 3.84 27.52
CA GLN H 157 100.98 2.41 27.37
C GLN H 157 100.46 1.88 26.04
N ALA H 158 99.56 2.60 25.39
CA ALA H 158 99.08 2.25 24.06
C ALA H 158 99.90 2.92 22.95
N ASN H 159 101.08 3.44 23.29
CA ASN H 159 101.99 4.09 22.34
C ASN H 159 101.32 5.29 21.64
N LYS H 160 100.49 6.01 22.39
CA LYS H 160 99.80 7.19 21.88
C LYS H 160 99.86 8.29 22.93
N ALA H 161 99.61 9.53 22.48
CA ALA H 161 99.54 10.67 23.38
C ALA H 161 98.70 11.74 22.70
N THR H 162 97.83 12.38 23.49
CA THR H 162 96.95 13.43 22.98
C THR H 162 96.76 14.50 24.04
N LEU H 163 97.06 15.73 23.69
CA LEU H 163 96.84 16.88 24.56
C LEU H 163 95.50 17.52 24.21
N VAL H 164 94.63 17.66 25.19
CA VAL H 164 93.26 18.12 24.99
C VAL H 164 93.12 19.50 25.61
N CYS H 165 92.78 20.49 24.79
CA CYS H 165 92.50 21.84 25.25
C CYS H 165 91.02 22.14 25.00
N LEU H 166 90.35 22.66 26.02
CA LEU H 166 88.90 22.87 25.96
C LEU H 166 88.57 24.31 26.31
N ILE H 167 87.66 24.89 25.53
CA ILE H 167 87.18 26.26 25.72
C ILE H 167 85.68 26.19 25.93
N SER H 168 85.20 26.82 27.01
CA SER H 168 83.79 26.71 27.36
C SER H 168 83.30 28.00 27.99
N ASP H 169 81.98 28.16 28.00
CA ASP H 169 81.28 29.27 28.66
C ASP H 169 81.74 30.63 28.13
N PHE H 170 81.95 30.72 26.82
CA PHE H 170 82.43 31.95 26.20
C PHE H 170 81.44 32.45 25.17
N TYR H 171 81.44 33.77 24.98
CA TYR H 171 80.67 34.43 23.93
C TYR H 171 81.42 35.70 23.58
N PRO H 172 81.57 36.05 22.29
CA PRO H 172 81.05 35.38 21.08
C PRO H 172 81.76 34.08 20.73
N GLY H 173 81.09 33.20 19.97
CA GLY H 173 81.67 31.93 19.59
C GLY H 173 82.67 32.05 18.47
N ALA H 174 83.78 32.76 18.72
CA ALA H 174 84.84 32.93 17.74
C ALA H 174 86.16 32.93 18.51
N VAL H 175 86.83 31.78 18.55
CA VAL H 175 88.06 31.61 19.28
C VAL H 175 89.13 31.05 18.35
N THR H 176 90.39 31.37 18.66
CA THR H 176 91.54 30.87 17.92
C THR H 176 92.46 30.15 18.89
N VAL H 177 92.92 28.96 18.51
CA VAL H 177 93.77 28.14 19.35
C VAL H 177 95.16 28.09 18.74
N ALA H 178 96.16 27.89 19.60
CA ALA H 178 97.55 27.81 19.16
C ALA H 178 98.33 27.03 20.21
N TRP H 179 98.72 25.80 19.87
CA TRP H 179 99.49 24.98 20.79
C TRP H 179 100.93 25.49 20.87
N LYS H 180 101.58 25.21 21.99
CA LYS H 180 102.96 25.63 22.22
C LYS H 180 103.75 24.46 22.80
N ALA H 181 104.95 24.26 22.27
CA ALA H 181 105.92 23.32 22.83
C ALA H 181 107.01 24.18 23.49
N ASP H 182 106.84 24.43 24.79
CA ASP H 182 107.66 25.34 25.58
C ASP H 182 107.54 26.77 25.04
N SER H 183 108.13 27.02 23.87
CA SER H 183 107.96 28.29 23.18
C SER H 183 107.69 28.16 21.69
N SER H 184 107.93 27.01 21.08
CA SER H 184 107.69 26.83 19.66
C SER H 184 106.22 26.47 19.40
N PRO H 185 105.54 27.17 18.51
CA PRO H 185 104.15 26.80 18.19
C PRO H 185 104.07 25.44 17.52
N VAL H 186 102.98 24.74 17.80
CA VAL H 186 102.74 23.39 17.28
C VAL H 186 101.55 23.43 16.34
N LYS H 187 101.74 22.92 15.12
CA LYS H 187 100.68 22.86 14.13
C LYS H 187 100.36 21.45 13.65
N ALA H 188 101.35 20.55 13.62
CA ALA H 188 101.11 19.18 13.18
C ALA H 188 100.33 18.42 14.24
N GLY H 189 99.31 17.69 13.81
CA GLY H 189 98.47 16.92 14.71
C GLY H 189 97.46 17.72 15.49
N VAL H 190 97.28 19.00 15.15
CA VAL H 190 96.34 19.87 15.87
C VAL H 190 94.96 19.69 15.26
N GLU H 191 93.99 19.28 16.07
CA GLU H 191 92.60 19.16 15.66
C GLU H 191 91.73 19.95 16.64
N THR H 192 90.92 20.86 16.12
CA THR H 192 90.07 21.70 16.93
C THR H 192 88.63 21.60 16.44
N THR H 193 87.70 21.96 17.32
CA THR H 193 86.28 21.88 17.04
C THR H 193 85.69 23.29 16.93
N THR H 194 84.71 23.43 16.06
CA THR H 194 83.99 24.70 15.93
C THR H 194 83.19 24.97 17.19
N PRO H 195 83.00 26.25 17.55
CA PRO H 195 82.21 26.57 18.75
C PRO H 195 80.77 26.08 18.63
N SER H 196 80.26 25.54 19.73
CA SER H 196 78.92 24.99 19.80
C SER H 196 78.18 25.57 20.99
N LYS H 197 76.90 25.87 20.79
CA LYS H 197 76.09 26.50 21.83
C LYS H 197 75.87 25.56 23.00
N GLN H 198 75.99 26.09 24.21
CA GLN H 198 75.81 25.32 25.43
C GLN H 198 74.37 25.42 25.91
N SER H 199 74.09 24.84 27.08
CA SER H 199 72.76 24.94 27.68
C SER H 199 72.51 26.31 28.30
N ASN H 200 73.56 26.98 28.78
CA ASN H 200 73.44 28.30 29.39
C ASN H 200 73.66 29.43 28.40
N ASN H 201 73.33 29.21 27.12
CA ASN H 201 73.37 30.15 26.00
C ASN H 201 74.79 30.50 25.57
N LYS H 202 75.81 30.01 26.27
CA LYS H 202 77.19 30.30 25.92
C LYS H 202 77.67 29.31 24.87
N TYR H 203 78.97 29.34 24.56
CA TYR H 203 79.56 28.49 23.54
C TYR H 203 80.64 27.60 24.13
N ALA H 204 80.90 26.49 23.46
CA ALA H 204 81.89 25.51 23.89
C ALA H 204 82.72 25.06 22.70
N ALA H 205 83.99 24.74 22.98
CA ALA H 205 84.92 24.35 21.92
C ALA H 205 85.98 23.43 22.50
N SER H 206 86.72 22.77 21.61
CA SER H 206 87.75 21.83 22.00
C SER H 206 88.95 21.96 21.07
N SER H 207 90.08 21.42 21.52
CA SER H 207 91.30 21.36 20.72
C SER H 207 92.08 20.12 21.12
N TYR H 208 92.54 19.36 20.13
CA TYR H 208 93.25 18.11 20.38
C TYR H 208 94.59 18.14 19.64
N LEU H 209 95.65 17.73 20.33
CA LEU H 209 96.99 17.68 19.78
C LEU H 209 97.49 16.24 19.86
N SER H 210 97.33 15.50 18.76
CA SER H 210 97.89 14.16 18.69
C SER H 210 99.41 14.22 18.69
N LEU H 211 100.04 13.34 19.45
CA LEU H 211 101.47 13.47 19.70
C LEU H 211 102.03 12.09 20.02
N THR H 212 103.35 11.94 19.83
CA THR H 212 103.99 10.67 20.19
C THR H 212 104.44 10.70 21.65
N PRO H 213 104.52 9.53 22.29
CA PRO H 213 105.00 9.49 23.68
C PRO H 213 106.41 10.03 23.86
N GLU H 214 107.30 9.83 22.88
CA GLU H 214 108.66 10.35 22.98
C GLU H 214 108.67 11.87 22.88
N GLN H 215 107.83 12.43 22.01
CA GLN H 215 107.79 13.88 21.85
C GLN H 215 107.13 14.56 23.05
N TRP H 216 106.28 13.85 23.79
CA TRP H 216 105.66 14.42 24.98
C TRP H 216 106.70 14.67 26.07
N LYS H 217 107.66 13.77 26.22
CA LYS H 217 108.72 13.93 27.21
C LYS H 217 109.94 14.67 26.66
N SER H 218 109.96 14.97 25.37
CA SER H 218 111.10 15.69 24.80
C SER H 218 111.13 17.14 25.25
N HIS H 219 109.97 17.79 25.28
CA HIS H 219 109.88 19.18 25.71
C HIS H 219 109.56 19.26 27.19
N ARG H 220 110.02 20.35 27.82
CA ARG H 220 109.82 20.53 29.25
C ARG H 220 108.35 20.77 29.59
N SER H 221 107.65 21.55 28.76
CA SER H 221 106.26 21.88 29.04
C SER H 221 105.51 22.05 27.73
N TYR H 222 104.21 21.80 27.79
CA TYR H 222 103.29 22.02 26.67
C TYR H 222 102.15 22.90 27.14
N SER H 223 101.83 23.94 26.36
CA SER H 223 100.80 24.89 26.73
C SER H 223 99.88 25.16 25.55
N CYS H 224 98.61 25.39 25.85
CA CYS H 224 97.61 25.78 24.86
C CYS H 224 97.11 27.18 25.19
N GLN H 225 97.16 28.07 24.21
CA GLN H 225 96.76 29.46 24.39
C GLN H 225 95.49 29.73 23.60
N VAL H 226 94.51 30.34 24.27
CA VAL H 226 93.21 30.64 23.67
C VAL H 226 93.06 32.15 23.61
N THR H 227 92.82 32.67 22.41
CA THR H 227 92.62 34.09 22.19
C THR H 227 91.15 34.36 21.93
N HIS H 228 90.57 35.26 22.71
CA HIS H 228 89.15 35.58 22.60
C HIS H 228 88.96 37.05 22.90
N GLU H 229 88.47 37.81 21.91
CA GLU H 229 88.23 39.25 22.02
C GLU H 229 89.48 40.01 22.45
N GLY H 230 90.63 39.59 21.92
CA GLY H 230 91.91 40.20 22.24
C GLY H 230 92.61 39.60 23.44
N SER H 231 91.85 39.27 24.49
CA SER H 231 92.44 38.68 25.67
C SER H 231 92.90 37.25 25.41
N THR H 232 93.93 36.83 26.13
CA THR H 232 94.52 35.51 25.98
C THR H 232 94.53 34.81 27.33
N VAL H 233 94.02 33.59 27.37
CA VAL H 233 94.02 32.75 28.56
C VAL H 233 94.92 31.55 28.28
N GLU H 234 95.95 31.38 29.12
CA GLU H 234 96.97 30.36 28.89
C GLU H 234 97.08 29.45 30.10
N LYS H 235 97.11 28.14 29.86
CA LYS H 235 97.43 27.15 30.86
C LYS H 235 98.53 26.25 30.31
N THR H 236 99.27 25.61 31.21
CA THR H 236 100.39 24.76 30.83
C THR H 236 100.33 23.45 31.59
N VAL H 237 100.90 22.40 30.97
CA VAL H 237 101.03 21.09 31.58
C VAL H 237 102.45 20.60 31.36
N ALA H 238 102.88 19.69 32.22
CA ALA H 238 104.22 19.12 32.17
C ALA H 238 104.15 17.65 32.49
N PRO H 239 105.10 16.84 31.96
CA PRO H 239 105.13 15.42 32.34
C PRO H 239 105.53 15.23 33.79
N THR H 240 104.59 14.79 34.62
CA THR H 240 104.84 14.60 36.04
C THR H 240 104.27 13.28 36.53
N GLN I 20 45.86 8.89 7.50
CA GLN I 20 46.61 9.44 6.37
C GLN I 20 47.65 8.44 5.88
N VAL I 21 48.76 8.94 5.34
CA VAL I 21 49.84 8.11 4.82
C VAL I 21 51.16 8.67 5.32
N GLN I 22 52.19 7.81 5.31
CA GLN I 22 53.50 8.17 5.83
C GLN I 22 54.56 7.47 4.99
N LEU I 23 55.77 8.02 5.01
CA LEU I 23 56.91 7.45 4.31
C LEU I 23 57.99 7.12 5.33
N GLN I 24 58.54 5.90 5.23
CA GLN I 24 59.62 5.47 6.11
C GLN I 24 60.76 4.93 5.27
N GLU I 25 61.95 5.48 5.46
CA GLU I 25 63.14 5.03 4.76
C GLU I 25 63.88 3.98 5.57
N SER I 26 64.66 3.16 4.87
CA SER I 26 65.46 2.12 5.50
C SER I 26 66.80 2.06 4.79
N GLY I 27 67.55 0.99 5.06
CA GLY I 27 68.87 0.83 4.49
C GLY I 27 69.95 1.33 5.42
N PRO I 28 71.19 0.88 5.21
CA PRO I 28 72.28 1.30 6.08
C PRO I 28 72.61 2.78 5.91
N GLY I 29 73.03 3.39 7.01
CA GLY I 29 73.47 4.77 7.01
C GLY I 29 74.89 5.00 6.58
N LEU I 30 75.60 3.93 6.22
CA LEU I 30 76.99 4.01 5.78
C LEU I 30 77.13 3.37 4.41
N VAL I 31 78.11 3.88 3.66
CA VAL I 31 78.53 3.28 2.39
C VAL I 31 79.98 3.63 2.18
N LYS I 32 80.74 2.70 1.62
CA LYS I 32 82.14 2.93 1.34
C LYS I 32 82.29 3.61 -0.01
N PRO I 33 83.40 4.33 -0.23
CA PRO I 33 83.62 4.95 -1.54
C PRO I 33 83.74 3.92 -2.66
N SER I 34 83.26 4.30 -3.84
CA SER I 34 83.23 3.45 -5.04
C SER I 34 82.45 2.16 -4.79
N GLU I 35 81.30 2.29 -4.12
CA GLU I 35 80.44 1.14 -3.85
C GLU I 35 79.02 1.39 -4.32
N THR I 36 78.09 0.53 -3.95
CA THR I 36 76.70 0.63 -4.36
C THR I 36 75.83 0.99 -3.15
N LEU I 37 75.07 2.06 -3.27
CA LEU I 37 74.15 2.48 -2.23
C LEU I 37 72.81 1.78 -2.40
N SER I 38 72.19 1.43 -1.27
CA SER I 38 70.90 0.75 -1.28
C SER I 38 70.02 1.38 -0.19
N LEU I 39 69.18 2.33 -0.59
CA LEU I 39 68.23 2.96 0.31
C LEU I 39 66.82 2.70 -0.17
N THR I 40 65.98 2.15 0.70
CA THR I 40 64.62 1.77 0.37
C THR I 40 63.66 2.60 1.22
N CYS I 41 62.65 3.18 0.55
CA CYS I 41 61.62 3.96 1.23
C CYS I 41 60.31 3.19 1.15
N THR I 42 59.73 2.91 2.31
CA THR I 42 58.49 2.14 2.40
C THR I 42 57.32 3.07 2.71
N VAL I 43 56.14 2.68 2.25
CA VAL I 43 54.93 3.48 2.40
C VAL I 43 53.93 2.70 3.24
N SER I 44 53.38 3.35 4.26
CA SER I 44 52.38 2.76 5.15
C SER I 44 51.15 3.65 5.19
N GLY I 45 49.98 3.03 5.03
CA GLY I 45 48.73 3.75 5.02
C GLY I 45 48.21 4.14 3.66
N GLY I 46 48.80 3.61 2.59
CA GLY I 46 48.37 3.93 1.24
C GLY I 46 48.88 2.91 0.25
N SER I 47 48.59 3.15 -1.01
CA SER I 47 48.99 2.25 -2.09
C SER I 47 49.88 2.98 -3.09
N VAL I 48 50.95 2.31 -3.51
CA VAL I 48 51.89 2.90 -4.46
C VAL I 48 51.24 3.04 -5.84
N SER I 49 50.57 1.98 -6.30
CA SER I 49 50.01 1.97 -7.64
C SER I 49 48.75 2.80 -7.77
N SER I 50 47.97 2.93 -6.69
CA SER I 50 46.72 3.67 -6.78
C SER I 50 46.97 5.16 -6.56
N GLY I 51 46.02 5.98 -7.02
CA GLY I 51 46.15 7.41 -6.85
C GLY I 51 47.01 8.11 -7.89
N GLY I 52 47.62 7.34 -8.78
CA GLY I 52 48.48 7.91 -9.80
C GLY I 52 49.48 8.83 -9.13
N TYR I 53 50.03 8.39 -8.01
CA TYR I 53 50.95 9.23 -7.26
C TYR I 53 52.40 8.99 -7.62
N PHE I 54 53.10 10.03 -8.10
CA PHE I 54 54.52 9.87 -8.38
C PHE I 54 55.33 9.58 -7.11
N TRP I 55 56.62 9.28 -7.29
CA TRP I 55 57.59 9.10 -6.21
C TRP I 55 58.94 9.67 -6.64
N SER I 56 59.59 10.41 -5.74
CA SER I 56 60.86 11.05 -6.04
C SER I 56 61.78 10.97 -4.84
N TRP I 57 63.08 10.96 -5.11
CA TRP I 57 64.14 11.00 -4.10
C TRP I 57 64.82 12.36 -4.13
N ILE I 58 64.99 12.96 -2.95
CA ILE I 58 65.65 14.25 -2.81
C ILE I 58 66.68 14.14 -1.69
N ARG I 59 67.90 14.57 -1.97
CA ARG I 59 68.97 14.61 -0.98
C ARG I 59 69.33 16.05 -0.63
N GLN I 60 69.93 16.22 0.55
CA GLN I 60 70.34 17.54 1.02
C GLN I 60 71.64 17.43 1.81
N PRO I 61 72.74 17.98 1.30
CA PRO I 61 73.98 17.97 2.07
C PRO I 61 73.86 18.85 3.29
N PRO I 62 74.60 18.56 4.35
CA PRO I 62 74.54 19.40 5.56
C PRO I 62 75.09 20.79 5.29
N GLY I 63 74.27 21.80 5.54
CA GLY I 63 74.63 23.18 5.27
C GLY I 63 74.47 23.62 3.83
N LYS I 64 73.91 22.78 2.97
CA LYS I 64 73.70 23.09 1.57
C LYS I 64 72.23 23.00 1.22
N GLY I 65 71.90 23.40 -0.01
CA GLY I 65 70.52 23.37 -0.46
C GLY I 65 70.07 21.98 -0.89
N LEU I 66 68.77 21.85 -1.11
CA LEU I 66 68.20 20.58 -1.54
C LEU I 66 68.62 20.28 -2.97
N GLU I 67 68.84 19.00 -3.26
CA GLU I 67 69.22 18.54 -4.59
C GLU I 67 68.26 17.45 -5.04
N TRP I 68 67.74 17.59 -6.26
CA TRP I 68 66.83 16.61 -6.82
C TRP I 68 67.61 15.49 -7.49
N ILE I 69 67.31 14.25 -7.12
CA ILE I 69 68.02 13.09 -7.66
C ILE I 69 67.24 12.54 -8.85
N GLY I 70 66.00 12.14 -8.61
CA GLY I 70 65.18 11.59 -9.68
C GLY I 70 63.78 11.32 -9.18
N CYS I 71 62.89 11.04 -10.12
CA CYS I 71 61.49 10.73 -9.82
C CYS I 71 61.06 9.50 -10.59
N ILE I 72 60.07 8.79 -10.02
CA ILE I 72 59.57 7.56 -10.62
C ILE I 72 58.05 7.52 -10.52
N TYR I 73 57.45 6.75 -11.41
CA TYR I 73 56.03 6.40 -11.42
C TYR I 73 55.89 4.94 -11.00
N TYR I 74 54.65 4.49 -10.85
CA TYR I 74 54.47 3.08 -10.47
C TYR I 74 54.79 2.15 -11.64
N SER I 75 54.76 2.67 -12.86
CA SER I 75 55.22 1.95 -14.03
C SER I 75 56.71 2.19 -14.24
N GLY I 76 57.23 1.86 -15.41
CA GLY I 76 58.64 2.00 -15.70
C GLY I 76 59.11 3.39 -16.07
N SER I 77 58.23 4.38 -16.04
CA SER I 77 58.62 5.75 -16.36
C SER I 77 59.56 6.30 -15.31
N THR I 78 60.64 6.93 -15.76
CA THR I 78 61.65 7.45 -14.84
C THR I 78 62.36 8.64 -15.48
N ASN I 79 62.95 9.48 -14.64
CA ASN I 79 63.75 10.61 -15.07
C ASN I 79 64.78 10.95 -14.01
N TYR I 80 65.98 11.35 -14.43
CA TYR I 80 67.09 11.62 -13.53
C TYR I 80 67.67 13.00 -13.81
N ASN I 81 68.34 13.54 -12.80
CA ASN I 81 69.03 14.81 -12.95
C ASN I 81 70.20 14.66 -13.91
N PRO I 82 70.48 15.66 -14.75
CA PRO I 82 71.61 15.55 -15.69
C PRO I 82 72.96 15.39 -15.01
N SER I 83 73.15 16.00 -13.84
CA SER I 83 74.39 15.81 -13.09
C SER I 83 74.48 14.41 -12.50
N LEU I 84 73.34 13.79 -12.21
CA LEU I 84 73.30 12.46 -11.63
C LEU I 84 72.85 11.40 -12.63
N LYS I 85 72.93 11.70 -13.93
CA LYS I 85 72.51 10.75 -14.95
C LYS I 85 73.48 9.58 -15.04
N SER I 86 72.96 8.44 -15.51
CA SER I 86 73.70 7.20 -15.70
C SER I 86 74.28 6.64 -14.41
N ARG I 87 73.81 7.12 -13.26
CA ARG I 87 74.24 6.60 -11.96
C ARG I 87 73.09 6.23 -11.04
N VAL I 88 71.87 6.66 -11.32
CA VAL I 88 70.72 6.44 -10.45
C VAL I 88 69.90 5.29 -11.01
N THR I 89 69.62 4.29 -10.17
CA THR I 89 68.79 3.15 -10.54
C THR I 89 67.71 2.99 -9.48
N ILE I 90 66.48 3.35 -9.82
CA ILE I 90 65.35 3.30 -8.88
C ILE I 90 64.31 2.34 -9.44
N SER I 91 63.82 1.45 -8.59
CA SER I 91 62.84 0.44 -8.98
C SER I 91 61.68 0.46 -7.99
N VAL I 92 60.50 0.08 -8.48
CA VAL I 92 59.28 0.04 -7.68
C VAL I 92 58.80 -1.40 -7.61
N ASP I 93 58.63 -1.90 -6.40
CA ASP I 93 58.06 -3.22 -6.16
C ASP I 93 56.70 -3.03 -5.48
N THR I 94 55.64 -3.24 -6.24
CA THR I 94 54.28 -3.00 -5.75
C THR I 94 53.89 -4.02 -4.67
N SER I 95 54.38 -5.26 -4.79
CA SER I 95 53.96 -6.34 -3.89
C SER I 95 54.31 -6.03 -2.44
N LYS I 96 55.49 -5.46 -2.21
CA LYS I 96 55.87 -5.03 -0.86
C LYS I 96 55.48 -3.59 -0.57
N ASP I 97 54.88 -2.90 -1.54
CA ASP I 97 54.41 -1.51 -1.39
C ASP I 97 55.54 -0.58 -0.97
N GLN I 98 56.61 -0.59 -1.76
CA GLN I 98 57.79 0.22 -1.46
C GLN I 98 58.57 0.45 -2.74
N PHE I 99 59.46 1.44 -2.70
CA PHE I 99 60.36 1.74 -3.80
C PHE I 99 61.74 2.01 -3.27
N SER I 100 62.76 1.55 -4.00
CA SER I 100 64.15 1.65 -3.56
C SER I 100 64.99 2.33 -4.62
N LEU I 101 66.06 2.99 -4.18
CA LEU I 101 66.99 3.70 -5.05
C LEU I 101 68.38 3.10 -4.91
N LYS I 102 69.02 2.84 -6.05
CA LYS I 102 70.39 2.31 -6.07
C LYS I 102 71.31 3.33 -6.72
N LEU I 103 72.39 3.65 -6.03
CA LEU I 103 73.39 4.62 -6.51
C LEU I 103 74.72 3.91 -6.72
N SER I 104 75.37 4.21 -7.84
CA SER I 104 76.64 3.61 -8.20
C SER I 104 77.73 4.67 -8.23
N SER I 105 78.97 4.23 -7.96
CA SER I 105 80.16 5.09 -7.94
C SER I 105 79.98 6.25 -6.97
N VAL I 106 79.67 5.89 -5.72
CA VAL I 106 79.47 6.89 -4.67
C VAL I 106 80.84 7.40 -4.21
N THR I 107 80.92 8.70 -3.96
CA THR I 107 82.16 9.36 -3.56
C THR I 107 81.98 10.03 -2.20
N ALA I 108 83.03 10.74 -1.77
CA ALA I 108 82.98 11.45 -0.49
C ALA I 108 82.14 12.72 -0.56
N ALA I 109 81.87 13.22 -1.77
CA ALA I 109 81.02 14.41 -1.94
C ALA I 109 79.54 14.07 -1.94
N ASP I 110 79.18 12.81 -1.80
CA ASP I 110 77.79 12.36 -1.81
C ASP I 110 77.18 12.34 -0.42
N THR I 111 77.88 12.83 0.60
CA THR I 111 77.38 12.84 1.96
C THR I 111 76.22 13.83 2.06
N ALA I 112 75.00 13.30 2.11
CA ALA I 112 73.80 14.13 2.15
C ALA I 112 72.71 13.40 2.89
N VAL I 113 71.73 14.16 3.39
CA VAL I 113 70.57 13.60 4.06
C VAL I 113 69.54 13.26 2.99
N TYR I 114 69.23 11.98 2.85
CA TYR I 114 68.35 11.52 1.78
C TYR I 114 66.90 11.51 2.24
N TYR I 115 66.03 12.14 1.46
CA TYR I 115 64.60 12.17 1.74
C TYR I 115 63.88 11.51 0.58
N CYS I 116 63.01 10.54 0.88
CA CYS I 116 62.08 10.03 -0.11
C CYS I 116 60.82 10.88 -0.07
N ALA I 117 60.39 11.34 -1.24
CA ALA I 117 59.43 12.44 -1.36
C ALA I 117 58.19 11.97 -2.09
N ARG I 118 57.13 11.69 -1.34
CA ARG I 118 55.82 11.46 -1.94
C ARG I 118 55.30 12.73 -2.56
N GLN I 119 55.23 12.76 -3.90
CA GLN I 119 54.82 13.95 -4.62
C GLN I 119 53.88 13.59 -5.75
N LEU I 120 52.80 14.37 -5.88
CA LEU I 120 51.74 14.09 -6.82
C LEU I 120 51.91 14.81 -8.15
N TRP I 121 52.24 16.09 -8.11
CA TRP I 121 52.37 16.89 -9.31
C TRP I 121 53.85 17.07 -9.66
N LEU I 122 54.21 16.65 -10.87
CA LEU I 122 55.62 16.60 -11.29
C LEU I 122 56.26 17.97 -11.26
N ARG I 123 55.51 19.00 -11.65
CA ARG I 123 55.94 20.39 -11.58
C ARG I 123 55.48 21.06 -10.29
N GLY I 124 54.85 20.29 -9.40
CA GLY I 124 54.28 20.81 -8.18
C GLY I 124 55.14 20.56 -6.96
N ARG I 125 54.57 19.90 -5.95
CA ARG I 125 55.19 19.89 -4.64
C ARG I 125 55.27 18.47 -4.11
N PHE I 126 56.21 18.29 -3.18
CA PHE I 126 56.36 17.07 -2.39
C PHE I 126 55.60 17.31 -1.08
N ASP I 127 54.30 16.97 -1.08
CA ASP I 127 53.43 17.40 0.01
C ASP I 127 53.78 16.67 1.31
N TYR I 128 54.12 15.39 1.24
CA TYR I 128 54.52 14.61 2.41
C TYR I 128 55.99 14.26 2.26
N TRP I 129 56.79 14.63 3.27
CA TRP I 129 58.22 14.36 3.28
C TRP I 129 58.51 13.28 4.32
N GLY I 130 59.26 12.26 3.91
CA GLY I 130 59.77 11.31 4.87
C GLY I 130 60.93 11.88 5.68
N GLN I 131 61.19 11.24 6.82
CA GLN I 131 62.31 11.65 7.66
C GLN I 131 63.63 11.34 6.97
N GLY I 132 64.56 12.28 7.03
CA GLY I 132 65.82 12.13 6.30
C GLY I 132 66.83 11.26 7.00
N THR I 133 67.27 10.20 6.32
CA THR I 133 68.32 9.33 6.85
C THR I 133 69.69 9.93 6.55
N LEU I 134 70.59 9.81 7.53
CA LEU I 134 71.93 10.35 7.41
C LEU I 134 72.84 9.34 6.72
N VAL I 135 73.48 9.76 5.64
CA VAL I 135 74.37 8.91 4.86
C VAL I 135 75.77 9.51 4.94
N THR I 136 76.73 8.74 5.41
CA THR I 136 78.10 9.22 5.49
C THR I 136 79.03 8.21 4.86
N VAL I 137 79.72 8.62 3.80
CA VAL I 137 80.64 7.72 3.12
C VAL I 137 81.60 7.15 4.16
N SER I 138 81.52 5.86 4.38
CA SER I 138 82.37 5.23 5.39
C SER I 138 83.80 5.08 4.91
N SER I 139 84.75 5.42 5.76
CA SER I 139 86.16 5.28 5.41
C SER I 139 86.74 4.08 6.12
N ALA I 140 87.80 3.50 5.56
CA ALA I 140 88.43 2.34 6.17
C ALA I 140 87.37 1.31 6.59
N SER I 141 87.14 1.22 7.90
CA SER I 141 86.14 0.27 8.40
C SER I 141 85.67 0.69 9.78
N THR I 142 84.54 0.12 10.22
CA THR I 142 84.04 0.42 11.56
C THR I 142 85.02 -0.11 12.61
N LYS I 143 85.57 0.79 13.41
CA LYS I 143 86.57 0.45 14.41
C LYS I 143 86.12 0.91 15.79
N GLY I 144 86.61 0.22 16.81
CA GLY I 144 86.25 0.53 18.17
C GLY I 144 86.94 1.78 18.69
N PRO I 145 86.31 2.44 19.66
CA PRO I 145 86.90 3.66 20.22
C PRO I 145 88.00 3.35 21.23
N SER I 146 88.86 4.33 21.43
CA SER I 146 89.94 4.27 22.42
C SER I 146 89.67 5.35 23.45
N VAL I 147 89.18 4.95 24.62
CA VAL I 147 88.79 5.89 25.68
C VAL I 147 89.98 6.08 26.61
N PHE I 148 90.35 7.33 26.84
CA PHE I 148 91.45 7.68 27.72
C PHE I 148 90.98 8.62 28.82
N PRO I 149 91.39 8.39 30.07
CA PRO I 149 90.99 9.29 31.15
C PRO I 149 91.65 10.65 31.02
N LEU I 150 90.95 11.66 31.52
CA LEU I 150 91.42 13.05 31.51
C LEU I 150 91.57 13.49 32.96
N ALA I 151 92.76 13.31 33.51
CA ALA I 151 92.98 13.52 34.94
C ALA I 151 93.05 15.01 35.25
N PRO I 152 92.21 15.51 36.16
CA PRO I 152 92.38 16.90 36.62
C PRO I 152 93.58 17.03 37.55
N SER I 153 94.07 18.25 37.67
CA SER I 153 95.23 18.54 38.51
C SER I 153 95.10 19.97 39.02
N SER I 154 96.19 20.47 39.62
CA SER I 154 96.20 21.84 40.13
C SER I 154 96.14 22.86 39.00
N LYS I 155 96.74 22.55 37.86
CA LYS I 155 96.70 23.43 36.70
C LYS I 155 95.45 23.26 35.85
N SER I 156 94.61 22.27 36.16
CA SER I 156 93.38 22.02 35.44
C SER I 156 92.17 22.68 36.08
N THR I 157 92.36 23.42 37.17
CA THR I 157 91.28 24.10 37.86
C THR I 157 91.58 25.60 37.92
N SER I 158 90.54 26.41 37.75
CA SER I 158 90.64 27.88 37.76
C SER I 158 89.61 28.41 38.74
N GLY I 159 90.01 28.55 40.00
CA GLY I 159 89.11 29.04 41.03
C GLY I 159 88.61 27.94 41.93
N GLY I 160 87.35 28.03 42.35
CA GLY I 160 86.74 27.04 43.21
C GLY I 160 86.18 25.82 42.51
N THR I 161 86.31 25.73 41.19
CA THR I 161 85.79 24.61 40.43
C THR I 161 86.90 23.95 39.63
N ALA I 162 86.71 22.67 39.33
CA ALA I 162 87.67 21.88 38.59
C ALA I 162 86.96 21.18 37.43
N ALA I 163 87.74 20.81 36.42
CA ALA I 163 87.21 20.17 35.23
C ALA I 163 87.89 18.84 34.99
N LEU I 164 87.10 17.80 34.77
CA LEU I 164 87.59 16.48 34.41
C LEU I 164 86.72 15.92 33.30
N GLY I 165 87.23 14.91 32.61
CA GLY I 165 86.49 14.37 31.49
C GLY I 165 87.05 13.06 31.00
N CYS I 166 86.66 12.70 29.79
CA CYS I 166 87.11 11.49 29.11
C CYS I 166 87.34 11.80 27.65
N LEU I 167 88.39 11.21 27.08
CA LEU I 167 88.78 11.43 25.70
C LEU I 167 88.34 10.25 24.86
N VAL I 168 87.50 10.51 23.84
CA VAL I 168 87.04 9.49 22.90
C VAL I 168 87.78 9.74 21.60
N LYS I 169 88.76 8.88 21.29
CA LYS I 169 89.65 9.09 20.17
C LYS I 169 89.71 7.83 19.31
N ASP I 170 89.88 8.05 18.00
CA ASP I 170 90.13 6.98 17.02
C ASP I 170 88.99 5.97 16.98
N TYR I 171 87.82 6.45 16.58
CA TYR I 171 86.64 5.61 16.42
C TYR I 171 86.01 5.85 15.06
N PHE I 172 85.27 4.85 14.60
CA PHE I 172 84.50 4.93 13.37
C PHE I 172 83.35 3.94 13.42
N PRO I 173 82.14 4.34 13.01
CA PRO I 173 81.71 5.65 12.54
C PRO I 173 81.01 6.49 13.60
N GLU I 174 80.41 7.60 13.19
CA GLU I 174 79.55 8.38 14.06
C GLU I 174 78.25 7.62 14.31
N PRO I 175 77.60 7.85 15.46
CA PRO I 175 78.00 8.69 16.59
C PRO I 175 78.46 7.89 17.81
N VAL I 176 78.84 8.59 18.89
CA VAL I 176 79.18 7.96 20.16
C VAL I 176 78.40 8.67 21.25
N THR I 177 77.82 7.89 22.16
CA THR I 177 77.05 8.44 23.28
C THR I 177 77.88 8.29 24.55
N VAL I 178 78.10 9.41 25.25
CA VAL I 178 78.88 9.44 26.47
C VAL I 178 77.97 9.90 27.61
N SER I 179 77.94 9.11 28.69
CA SER I 179 77.15 9.43 29.86
C SER I 179 78.03 9.33 31.10
N TRP I 180 77.72 10.17 32.09
CA TRP I 180 78.50 10.25 33.32
C TRP I 180 77.70 9.63 34.46
N ASN I 181 78.31 8.64 35.13
CA ASN I 181 77.69 7.93 36.26
C ASN I 181 76.34 7.33 35.89
N SER I 182 76.28 6.74 34.69
CA SER I 182 75.05 6.16 34.13
C SER I 182 73.93 7.19 34.06
N GLY I 183 74.28 8.42 33.66
CA GLY I 183 73.31 9.48 33.51
C GLY I 183 72.96 10.23 34.78
N ALA I 184 73.61 9.92 35.90
CA ALA I 184 73.30 10.60 37.15
C ALA I 184 73.76 12.05 37.13
N LEU I 185 74.90 12.32 36.50
CA LEU I 185 75.46 13.66 36.41
C LEU I 185 75.14 14.24 35.04
N THR I 186 74.37 15.34 35.02
CA THR I 186 73.99 15.99 33.77
C THR I 186 74.36 17.46 33.80
N SER I 187 74.35 18.07 34.99
CA SER I 187 74.69 19.48 35.11
C SER I 187 76.19 19.68 34.92
N GLY I 188 76.56 20.62 34.06
CA GLY I 188 77.95 20.88 33.76
C GLY I 188 78.57 19.94 32.75
N VAL I 189 77.81 18.98 32.22
CA VAL I 189 78.33 18.02 31.26
C VAL I 189 78.20 18.62 29.86
N HIS I 190 79.32 18.68 29.14
CA HIS I 190 79.36 19.23 27.79
C HIS I 190 79.80 18.14 26.83
N THR I 191 78.96 17.86 25.84
CA THR I 191 79.28 16.92 24.78
C THR I 191 79.65 17.69 23.52
N PHE I 192 80.81 17.38 22.95
CA PHE I 192 81.32 18.17 21.85
C PHE I 192 81.18 17.42 20.52
N PRO I 193 80.92 18.14 19.43
CA PRO I 193 80.83 17.47 18.13
C PRO I 193 82.16 16.88 17.68
N ALA I 194 82.07 15.81 16.90
CA ALA I 194 83.26 15.12 16.42
C ALA I 194 83.95 15.95 15.33
N VAL I 195 85.25 15.73 15.18
CA VAL I 195 86.06 16.35 14.14
C VAL I 195 86.90 15.28 13.47
N LEU I 196 87.04 15.39 12.15
CA LEU I 196 87.84 14.43 11.40
C LEU I 196 89.31 14.64 11.69
N GLN I 197 90.02 13.56 11.99
CA GLN I 197 91.44 13.64 12.29
C GLN I 197 92.25 13.81 11.00
N SER I 198 93.57 13.77 11.14
CA SER I 198 94.45 13.89 9.98
C SER I 198 94.34 12.69 9.05
N SER I 199 93.99 11.52 9.59
CA SER I 199 93.83 10.30 8.79
C SER I 199 92.49 9.65 9.14
N GLY I 200 91.44 10.08 8.44
CA GLY I 200 90.17 9.37 8.45
C GLY I 200 89.35 9.37 9.71
N LEU I 201 89.96 8.95 10.82
CA LEU I 201 89.22 8.63 12.04
C LEU I 201 88.70 9.90 12.71
N TYR I 202 87.81 9.71 13.69
CA TYR I 202 87.19 10.79 14.43
C TYR I 202 87.76 10.88 15.84
N SER I 203 87.41 11.96 16.53
CA SER I 203 87.83 12.18 17.91
C SER I 203 86.95 13.25 18.54
N LEU I 204 86.63 13.08 19.81
CA LEU I 204 85.91 14.08 20.59
C LEU I 204 86.20 13.84 22.06
N SER I 205 85.48 14.56 22.93
CA SER I 205 85.61 14.39 24.38
C SER I 205 84.31 14.83 25.03
N SER I 206 84.15 14.41 26.29
CA SER I 206 83.03 14.84 27.12
C SER I 206 83.56 15.14 28.52
N VAL I 207 83.24 16.33 29.03
CA VAL I 207 83.78 16.80 30.30
C VAL I 207 82.65 17.29 31.19
N VAL I 208 82.93 17.33 32.49
CA VAL I 208 81.99 17.81 33.49
C VAL I 208 82.76 18.67 34.49
N THR I 209 82.19 19.82 34.86
CA THR I 209 82.80 20.74 35.80
C THR I 209 82.27 20.46 37.20
N VAL I 210 83.17 20.21 38.14
CA VAL I 210 82.80 19.88 39.51
C VAL I 210 83.64 20.75 40.46
N PRO I 211 83.14 21.00 41.67
CA PRO I 211 83.96 21.69 42.66
C PRO I 211 85.20 20.88 43.03
N SER I 212 86.28 21.60 43.35
CA SER I 212 87.55 20.95 43.64
C SER I 212 87.54 20.18 44.96
N SER I 213 86.56 20.45 45.84
CA SER I 213 86.49 19.73 47.11
C SER I 213 86.09 18.27 46.91
N SER I 214 85.30 17.97 45.88
CA SER I 214 84.83 16.62 45.61
C SER I 214 85.73 15.86 44.65
N LEU I 215 87.01 16.19 44.59
CA LEU I 215 87.93 15.50 43.69
C LEU I 215 88.34 14.14 44.26
N GLY I 216 88.91 14.14 45.46
CA GLY I 216 89.36 12.93 46.09
C GLY I 216 88.32 12.18 46.92
N THR I 217 87.08 12.69 46.97
CA THR I 217 86.03 12.06 47.74
C THR I 217 84.89 11.51 46.90
N GLN I 218 84.79 11.90 45.63
CA GLN I 218 83.73 11.45 44.74
C GLN I 218 84.34 10.76 43.53
N THR I 219 83.74 9.63 43.15
CA THR I 219 84.20 8.85 42.01
C THR I 219 83.39 9.22 40.77
N TYR I 220 84.09 9.54 39.68
CA TYR I 220 83.47 9.92 38.42
C TYR I 220 83.86 8.90 37.36
N ILE I 221 82.87 8.26 36.76
CA ILE I 221 83.08 7.24 35.73
C ILE I 221 82.33 7.66 34.47
N CYS I 222 83.06 7.73 33.36
CA CYS I 222 82.46 8.03 32.07
C CYS I 222 82.05 6.73 31.37
N ASN I 223 80.92 6.78 30.68
CA ASN I 223 80.38 5.61 29.98
C ASN I 223 80.26 5.95 28.50
N VAL I 224 81.24 5.51 27.71
CA VAL I 224 81.26 5.75 26.28
C VAL I 224 80.70 4.52 25.58
N ASN I 225 79.67 4.71 24.77
CA ASN I 225 79.02 3.63 24.04
C ASN I 225 79.19 3.86 22.55
N HIS I 226 79.57 2.81 21.83
CA HIS I 226 79.75 2.86 20.37
C HIS I 226 78.94 1.70 19.79
N LYS I 227 77.69 1.99 19.42
CA LYS I 227 76.78 0.96 18.94
C LYS I 227 77.21 0.27 17.65
N PRO I 228 77.64 0.97 16.58
CA PRO I 228 78.03 0.25 15.36
C PRO I 228 79.18 -0.74 15.54
N SER I 229 80.14 -0.43 16.42
CA SER I 229 81.21 -1.36 16.71
C SER I 229 80.91 -2.29 17.88
N ASN I 230 79.78 -2.07 18.56
CA ASN I 230 79.33 -2.88 19.70
C ASN I 230 80.38 -2.92 20.81
N THR I 231 80.73 -1.72 21.30
CA THR I 231 81.74 -1.57 22.34
C THR I 231 81.23 -0.59 23.39
N LYS I 232 81.16 -1.04 24.63
CA LYS I 232 80.83 -0.19 25.77
C LYS I 232 82.03 -0.16 26.71
N VAL I 233 82.53 1.04 26.98
CA VAL I 233 83.73 1.22 27.79
C VAL I 233 83.40 2.15 28.95
N ASP I 234 83.66 1.68 30.17
CA ASP I 234 83.54 2.50 31.36
C ASP I 234 84.95 2.81 31.88
N LYS I 235 85.27 4.09 31.96
CA LYS I 235 86.60 4.54 32.36
C LYS I 235 86.48 5.46 33.56
N LYS I 236 87.11 5.07 34.67
CA LYS I 236 87.12 5.92 35.86
C LYS I 236 88.07 7.09 35.68
N VAL I 237 87.68 8.26 36.18
CA VAL I 237 88.49 9.46 36.12
C VAL I 237 88.94 9.80 37.53
N GLU I 238 90.26 9.89 37.71
CA GLU I 238 90.89 10.15 38.99
C GLU I 238 91.89 11.29 38.83
N PRO I 239 92.21 11.99 39.91
CA PRO I 239 93.26 13.02 39.83
C PRO I 239 94.61 12.41 39.48
N LYS I 240 95.45 13.21 38.84
CA LYS I 240 96.75 12.75 38.35
C LYS I 240 97.65 12.33 39.51
N SER I 241 98.31 11.19 39.34
CA SER I 241 99.29 10.68 40.30
C SER I 241 100.67 10.94 39.73
N CYS I 242 101.42 11.86 40.35
CA CYS I 242 102.74 12.22 39.87
C CYS I 242 103.73 11.09 40.11
N ASP I 243 104.48 10.74 39.08
CA ASP I 243 105.48 9.67 39.18
C ASP I 243 106.85 10.17 38.73
N ASN J 21 -54.80 8.18 -45.37
CA ASN J 21 -54.48 8.29 -46.79
C ASN J 21 -53.21 9.10 -47.00
N PHE J 22 -52.32 9.06 -46.00
CA PHE J 22 -51.07 9.81 -46.06
C PHE J 22 -49.97 8.90 -46.61
N MET J 23 -49.41 9.28 -47.75
CA MET J 23 -48.38 8.50 -48.42
C MET J 23 -47.16 9.37 -48.67
N LEU J 24 -45.98 8.76 -48.50
CA LEU J 24 -44.72 9.46 -48.70
C LEU J 24 -44.22 9.22 -50.12
N THR J 25 -43.91 10.30 -50.83
CA THR J 25 -43.46 10.23 -52.21
C THR J 25 -41.94 10.38 -52.26
N GLN J 26 -41.28 9.41 -52.89
CA GLN J 26 -39.83 9.38 -52.99
C GLN J 26 -39.41 9.19 -54.44
N PRO J 27 -38.27 9.76 -54.84
CA PRO J 27 -37.76 9.52 -56.19
C PRO J 27 -37.32 8.07 -56.34
N HIS J 28 -37.80 7.41 -57.41
CA HIS J 28 -37.52 5.99 -57.60
C HIS J 28 -36.07 5.74 -57.93
N SER J 29 -35.48 6.55 -58.81
CA SER J 29 -34.11 6.37 -59.25
C SER J 29 -33.36 7.69 -59.13
N VAL J 30 -32.21 7.65 -58.46
CA VAL J 30 -31.32 8.81 -58.31
C VAL J 30 -29.90 8.35 -58.62
N SER J 31 -29.25 9.05 -59.55
CA SER J 31 -27.90 8.71 -59.97
C SER J 31 -26.99 9.91 -59.82
N GLU J 32 -25.80 9.67 -59.28
CA GLU J 32 -24.81 10.72 -59.10
C GLU J 32 -23.43 10.09 -59.02
N SER J 33 -22.44 10.76 -59.61
CA SER J 33 -21.07 10.27 -59.55
C SER J 33 -20.52 10.43 -58.14
N PRO J 34 -19.59 9.57 -57.73
CA PRO J 34 -19.02 9.67 -56.38
C PRO J 34 -18.24 10.97 -56.18
N GLY J 35 -18.29 11.46 -54.95
CA GLY J 35 -17.58 12.67 -54.57
C GLY J 35 -18.37 13.95 -54.68
N LYS J 36 -19.57 13.92 -55.23
CA LYS J 36 -20.40 15.10 -55.39
C LYS J 36 -21.52 15.11 -54.34
N THR J 37 -22.41 16.08 -54.45
CA THR J 37 -23.51 16.26 -53.51
C THR J 37 -24.83 15.99 -54.21
N VAL J 38 -25.70 15.21 -53.56
CA VAL J 38 -27.01 14.88 -54.10
C VAL J 38 -28.04 15.04 -52.98
N THR J 39 -29.28 15.33 -53.37
CA THR J 39 -30.37 15.55 -52.43
C THR J 39 -31.49 14.56 -52.74
N ILE J 40 -31.93 13.83 -51.71
CA ILE J 40 -33.02 12.87 -51.83
C ILE J 40 -34.23 13.43 -51.10
N SER J 41 -35.34 13.52 -51.81
CA SER J 41 -36.56 14.12 -51.29
C SER J 41 -37.50 13.06 -50.74
N CYS J 42 -38.45 13.52 -49.92
CA CYS J 42 -39.51 12.66 -49.40
C CYS J 42 -40.72 13.55 -49.10
N THR J 43 -41.71 13.51 -49.99
CA THR J 43 -42.84 14.43 -49.96
C THR J 43 -44.07 13.71 -49.40
N GLY J 44 -44.73 14.35 -48.44
CA GLY J 44 -45.99 13.84 -47.91
C GLY J 44 -47.18 14.45 -48.62
N SER J 45 -48.22 13.64 -48.81
CA SER J 45 -49.37 14.08 -49.61
C SER J 45 -50.33 14.92 -48.78
N SER J 46 -50.93 14.33 -47.73
CA SER J 46 -51.95 15.01 -46.94
C SER J 46 -51.37 15.65 -45.69
N GLY J 47 -50.76 14.86 -44.80
CA GLY J 47 -50.22 15.40 -43.58
C GLY J 47 -48.94 16.20 -43.83
N SER J 48 -48.76 17.22 -43.00
CA SER J 48 -47.55 18.04 -43.09
C SER J 48 -46.33 17.23 -42.65
N ILE J 49 -45.19 17.48 -43.31
CA ILE J 49 -44.00 16.68 -43.06
C ILE J 49 -43.41 17.00 -41.69
N ALA J 50 -43.60 18.22 -41.18
CA ALA J 50 -43.06 18.62 -39.90
C ALA J 50 -43.90 18.15 -38.73
N SER J 51 -45.07 17.55 -38.97
CA SER J 51 -45.91 17.09 -37.89
C SER J 51 -45.31 15.89 -37.17
N ASN J 52 -44.76 14.94 -37.91
CA ASN J 52 -44.24 13.71 -37.34
C ASN J 52 -42.77 13.54 -37.72
N TYR J 53 -42.09 12.69 -36.97
CA TYR J 53 -40.67 12.45 -37.18
C TYR J 53 -40.43 11.69 -38.48
N VAL J 54 -39.29 11.99 -39.12
CA VAL J 54 -38.93 11.44 -40.41
C VAL J 54 -37.66 10.62 -40.25
N GLN J 55 -37.70 9.37 -40.67
CA GLN J 55 -36.63 8.40 -40.45
C GLN J 55 -36.15 7.83 -41.77
N TRP J 56 -34.85 7.89 -42.00
CA TRP J 56 -34.25 7.39 -43.25
C TRP J 56 -33.50 6.10 -42.96
N TYR J 57 -33.75 5.08 -43.78
CA TYR J 57 -33.13 3.77 -43.61
C TYR J 57 -32.35 3.41 -44.86
N GLN J 58 -31.08 3.06 -44.69
CA GLN J 58 -30.20 2.66 -45.77
C GLN J 58 -30.04 1.15 -45.73
N GLN J 59 -30.58 0.46 -46.73
CA GLN J 59 -30.64 -1.00 -46.73
C GLN J 59 -29.80 -1.54 -47.90
N ARG J 60 -28.77 -2.31 -47.57
CA ARG J 60 -28.03 -3.02 -48.60
C ARG J 60 -28.89 -4.13 -49.21
N PRO J 61 -28.68 -4.46 -50.48
CA PRO J 61 -29.38 -5.61 -51.07
C PRO J 61 -28.99 -6.90 -50.39
N GLY J 62 -30.00 -7.73 -50.11
CA GLY J 62 -29.77 -8.97 -49.39
C GLY J 62 -29.30 -8.77 -47.96
N SER J 63 -29.79 -7.72 -47.30
CA SER J 63 -29.39 -7.41 -45.93
C SER J 63 -30.52 -6.67 -45.23
N ALA J 64 -30.48 -6.70 -43.91
CA ALA J 64 -31.49 -6.00 -43.13
C ALA J 64 -31.27 -4.49 -43.22
N PRO J 65 -32.35 -3.70 -43.24
CA PRO J 65 -32.20 -2.25 -43.25
C PRO J 65 -31.58 -1.72 -41.96
N THR J 66 -30.85 -0.62 -42.09
CA THR J 66 -30.20 0.04 -40.96
C THR J 66 -30.56 1.53 -40.97
N THR J 67 -30.79 2.07 -39.78
CA THR J 67 -31.15 3.48 -39.65
C THR J 67 -29.94 4.36 -39.93
N VAL J 68 -30.04 5.19 -40.96
CA VAL J 68 -28.93 6.06 -41.34
C VAL J 68 -29.06 7.46 -40.74
N ILE J 69 -30.28 7.87 -40.36
CA ILE J 69 -30.50 9.16 -39.71
C ILE J 69 -31.85 9.09 -39.01
N TYR J 70 -32.05 9.96 -38.02
CA TYR J 70 -33.33 10.02 -37.33
C TYR J 70 -33.54 11.42 -36.76
N GLU J 71 -34.74 11.63 -36.22
CA GLU J 71 -35.19 12.88 -35.63
C GLU J 71 -35.12 14.07 -36.60
N ASP J 72 -34.94 13.79 -37.89
CA ASP J 72 -34.90 14.73 -39.02
C ASP J 72 -33.62 15.55 -39.04
N ASN J 73 -32.81 15.49 -37.97
CA ASN J 73 -31.49 16.08 -37.99
C ASN J 73 -30.42 15.30 -37.24
N GLN J 74 -30.76 14.19 -36.58
CA GLN J 74 -29.86 13.51 -35.66
C GLN J 74 -29.26 12.29 -36.33
N ARG J 75 -27.93 12.24 -36.39
CA ARG J 75 -27.20 11.12 -36.98
C ARG J 75 -26.85 10.09 -35.91
N PRO J 76 -27.07 8.81 -36.16
CA PRO J 76 -26.66 7.78 -35.19
C PRO J 76 -25.15 7.69 -35.06
N SER J 77 -24.70 7.21 -33.91
CA SER J 77 -23.27 7.02 -33.68
C SER J 77 -22.78 5.84 -34.50
N GLY J 78 -21.90 6.10 -35.45
CA GLY J 78 -21.37 5.06 -36.31
C GLY J 78 -21.43 5.40 -37.78
N VAL J 79 -22.49 6.08 -38.21
CA VAL J 79 -22.63 6.50 -39.60
C VAL J 79 -21.77 7.73 -39.81
N PRO J 80 -21.31 8.00 -41.03
CA PRO J 80 -20.50 9.20 -41.28
C PRO J 80 -21.32 10.47 -41.19
N ASP J 81 -20.61 11.59 -41.11
CA ASP J 81 -21.23 12.90 -40.97
C ASP J 81 -22.00 13.32 -42.21
N ARG J 82 -21.66 12.76 -43.38
CA ARG J 82 -22.23 13.24 -44.64
C ARG J 82 -23.74 13.03 -44.72
N PHE J 83 -24.26 12.04 -44.01
CA PHE J 83 -25.70 11.76 -44.02
C PHE J 83 -26.38 12.82 -43.17
N SER J 84 -26.76 13.93 -43.79
CA SER J 84 -27.43 15.03 -43.13
C SER J 84 -28.80 15.25 -43.76
N GLY J 85 -29.79 15.51 -42.92
CA GLY J 85 -31.17 15.66 -43.37
C GLY J 85 -31.71 17.04 -43.03
N SER J 86 -32.68 17.49 -43.83
CA SER J 86 -33.33 18.77 -43.61
C SER J 86 -34.82 18.62 -43.91
N ILE J 87 -35.60 19.53 -43.34
CA ILE J 87 -37.06 19.50 -43.46
C ILE J 87 -37.52 20.82 -44.07
N ASP J 88 -38.33 20.74 -45.12
CA ASP J 88 -38.97 21.90 -45.73
C ASP J 88 -40.47 21.74 -45.53
N SER J 89 -40.99 22.36 -44.46
CA SER J 89 -42.39 22.20 -44.12
C SER J 89 -43.32 22.94 -45.07
N SER J 90 -42.82 23.99 -45.74
CA SER J 90 -43.65 24.73 -46.69
C SER J 90 -44.01 23.88 -47.89
N SER J 91 -43.07 23.10 -48.40
CA SER J 91 -43.30 22.24 -49.55
C SER J 91 -43.73 20.83 -49.17
N ASN J 92 -43.90 20.56 -47.88
CA ASN J 92 -44.31 19.25 -47.35
C ASN J 92 -43.36 18.14 -47.81
N SER J 93 -42.07 18.44 -47.83
CA SER J 93 -41.05 17.53 -48.31
C SER J 93 -39.92 17.39 -47.30
N ALA J 94 -39.43 16.17 -47.14
CA ALA J 94 -38.27 15.88 -46.30
C ALA J 94 -37.06 15.62 -47.19
N SER J 95 -35.96 16.29 -46.91
CA SER J 95 -34.76 16.24 -47.74
C SER J 95 -33.62 15.59 -46.98
N LEU J 96 -32.95 14.64 -47.62
CA LEU J 96 -31.75 14.00 -47.09
C LEU J 96 -30.60 14.31 -48.03
N THR J 97 -29.55 14.93 -47.51
CA THR J 97 -28.42 15.39 -48.32
C THR J 97 -27.23 14.47 -48.10
N ILE J 98 -26.63 14.01 -49.19
CA ILE J 98 -25.43 13.18 -49.17
C ILE J 98 -24.32 13.93 -49.87
N SER J 99 -23.19 14.09 -49.18
CA SER J 99 -22.03 14.79 -49.71
C SER J 99 -20.85 13.83 -49.79
N GLY J 100 -20.19 13.79 -50.95
CA GLY J 100 -19.07 12.90 -51.13
C GLY J 100 -19.48 11.44 -51.19
N LEU J 101 -20.17 11.07 -52.27
CA LEU J 101 -20.66 9.70 -52.42
C LEU J 101 -19.50 8.73 -52.56
N LYS J 102 -19.70 7.51 -52.05
CA LYS J 102 -18.68 6.47 -52.07
C LYS J 102 -19.29 5.20 -52.65
N THR J 103 -18.48 4.13 -52.66
CA THR J 103 -18.93 2.86 -53.21
C THR J 103 -19.97 2.20 -52.30
N GLU J 104 -19.74 2.23 -50.99
CA GLU J 104 -20.63 1.56 -50.04
C GLU J 104 -21.98 2.26 -49.90
N ASP J 105 -22.15 3.46 -50.44
CA ASP J 105 -23.40 4.18 -50.35
C ASP J 105 -24.44 3.69 -51.36
N GLU J 106 -24.07 2.77 -52.26
CA GLU J 106 -25.02 2.26 -53.25
C GLU J 106 -26.02 1.32 -52.59
N ALA J 107 -27.12 1.87 -52.11
CA ALA J 107 -28.12 1.08 -51.40
C ALA J 107 -29.48 1.76 -51.52
N ASP J 108 -30.51 1.08 -51.03
CA ASP J 108 -31.87 1.59 -51.07
C ASP J 108 -32.13 2.50 -49.88
N TYR J 109 -32.82 3.61 -50.14
CA TYR J 109 -33.13 4.61 -49.12
C TYR J 109 -34.65 4.73 -48.99
N TYR J 110 -35.15 4.60 -47.77
CA TYR J 110 -36.57 4.70 -47.48
C TYR J 110 -36.79 5.71 -46.36
N CYS J 111 -37.82 6.54 -46.52
CA CYS J 111 -38.19 7.52 -45.51
C CYS J 111 -39.45 7.07 -44.77
N GLN J 112 -39.44 7.21 -43.45
CA GLN J 112 -40.48 6.69 -42.58
C GLN J 112 -41.22 7.82 -41.89
N SER J 113 -42.51 7.59 -41.62
CA SER J 113 -43.36 8.52 -40.89
C SER J 113 -44.25 7.73 -39.94
N TYR J 114 -45.20 8.40 -39.31
CA TYR J 114 -46.07 7.76 -38.33
C TYR J 114 -47.55 8.05 -38.55
N ASP J 115 -47.87 9.22 -39.11
CA ASP J 115 -49.26 9.68 -39.27
C ASP J 115 -50.01 9.67 -37.94
N SER J 116 -50.95 8.75 -37.79
CA SER J 116 -51.72 8.60 -36.55
C SER J 116 -51.91 7.10 -36.30
N SER J 117 -51.03 6.52 -35.48
CA SER J 117 -51.05 5.11 -35.11
C SER J 117 -50.97 4.18 -36.33
N ASN J 118 -50.25 4.61 -37.37
CA ASN J 118 -50.11 3.81 -38.57
C ASN J 118 -48.82 4.22 -39.26
N VAL J 119 -47.75 3.45 -39.05
CA VAL J 119 -46.44 3.79 -39.60
C VAL J 119 -46.47 3.67 -41.11
N VAL J 120 -46.04 4.72 -41.79
CA VAL J 120 -46.04 4.79 -43.25
C VAL J 120 -44.61 5.01 -43.71
N PHE J 121 -44.15 4.15 -44.63
CA PHE J 121 -42.81 4.23 -45.18
C PHE J 121 -42.83 5.01 -46.49
N GLY J 122 -41.67 5.06 -47.14
CA GLY J 122 -41.51 5.78 -48.39
C GLY J 122 -41.45 4.87 -49.61
N GLY J 123 -41.44 5.50 -50.78
CA GLY J 123 -41.39 4.74 -52.02
C GLY J 123 -40.08 3.99 -52.21
N GLY J 124 -38.95 4.65 -51.94
CA GLY J 124 -37.66 4.03 -52.11
C GLY J 124 -36.78 4.73 -53.13
N THR J 125 -35.50 4.90 -52.81
CA THR J 125 -34.55 5.58 -53.68
C THR J 125 -33.35 4.66 -53.91
N LYS J 126 -33.00 4.47 -55.17
CA LYS J 126 -31.85 3.61 -55.48
C LYS J 126 -30.62 4.44 -55.76
N LEU J 127 -29.78 4.62 -54.73
CA LEU J 127 -28.57 5.40 -54.92
C LEU J 127 -27.74 4.81 -56.04
N THR J 128 -27.38 5.64 -57.01
CA THR J 128 -26.62 5.14 -58.15
C THR J 128 -25.36 5.97 -58.37
N VAL J 129 -24.29 5.31 -58.78
CA VAL J 129 -23.03 6.03 -59.03
C VAL J 129 -23.05 6.68 -60.41
N GLY J 138 -21.66 -0.76 -66.62
CA GLY J 138 -20.53 0.12 -66.89
C GLY J 138 -19.34 -0.61 -67.45
N GLN J 139 -19.38 -1.94 -67.39
CA GLN J 139 -18.27 -2.74 -67.91
C GLN J 139 -18.23 -2.68 -69.43
N PRO J 140 -17.10 -3.09 -70.03
CA PRO J 140 -17.02 -3.11 -71.48
C PRO J 140 -18.02 -4.10 -72.08
N LYS J 141 -18.52 -3.81 -73.27
CA LYS J 141 -19.47 -4.70 -73.93
C LYS J 141 -18.81 -6.05 -74.22
N ALA J 142 -19.58 -7.12 -74.10
CA ALA J 142 -19.03 -8.46 -74.34
C ALA J 142 -19.91 -9.26 -75.28
N ALA J 143 -19.29 -10.11 -76.10
CA ALA J 143 -20.05 -10.91 -77.06
C ALA J 143 -20.82 -12.02 -76.37
N PRO J 144 -22.06 -12.27 -76.82
CA PRO J 144 -22.89 -13.31 -76.19
C PRO J 144 -22.58 -14.70 -76.71
N SER J 145 -21.64 -15.41 -76.08
CA SER J 145 -21.36 -16.77 -76.48
C SER J 145 -22.63 -17.58 -76.35
N VAL J 146 -23.00 -18.33 -77.39
CA VAL J 146 -24.28 -19.03 -77.33
C VAL J 146 -24.03 -20.52 -77.50
N THR J 147 -24.57 -21.33 -76.60
CA THR J 147 -24.48 -22.78 -76.67
C THR J 147 -25.88 -23.39 -76.70
N LEU J 148 -25.99 -24.52 -77.40
CA LEU J 148 -27.27 -25.22 -77.55
C LEU J 148 -27.08 -26.71 -77.34
N PHE J 149 -28.05 -27.34 -76.67
CA PHE J 149 -28.10 -28.78 -76.50
C PHE J 149 -29.48 -29.30 -76.83
N PRO J 150 -29.56 -30.52 -77.38
CA PRO J 150 -30.87 -31.15 -77.60
C PRO J 150 -31.34 -31.87 -76.34
N PRO J 151 -32.61 -32.22 -76.26
CA PRO J 151 -33.09 -33.02 -75.12
C PRO J 151 -32.41 -34.38 -75.05
N SER J 152 -32.17 -34.84 -73.84
CA SER J 152 -31.48 -36.10 -73.63
C SER J 152 -32.43 -37.28 -73.85
N SER J 153 -31.83 -38.47 -74.03
CA SER J 153 -32.62 -39.67 -74.20
C SER J 153 -33.33 -40.07 -72.92
N GLU J 154 -32.73 -39.77 -71.76
CA GLU J 154 -33.39 -40.06 -70.48
C GLU J 154 -34.65 -39.21 -70.31
N GLU J 155 -34.60 -37.95 -70.74
CA GLU J 155 -35.80 -37.11 -70.71
C GLU J 155 -36.86 -37.62 -71.67
N LEU J 156 -36.43 -38.10 -72.85
CA LEU J 156 -37.38 -38.65 -73.82
C LEU J 156 -38.05 -39.91 -73.28
N GLN J 157 -37.31 -40.73 -72.53
CA GLN J 157 -37.90 -41.89 -71.88
C GLN J 157 -38.86 -41.50 -70.77
N ALA J 158 -38.77 -40.28 -70.26
CA ALA J 158 -39.71 -39.75 -69.28
C ALA J 158 -40.87 -39.01 -69.92
N ASN J 159 -41.06 -39.16 -71.24
CA ASN J 159 -42.14 -38.53 -72.00
C ASN J 159 -42.08 -37.01 -71.90
N LYS J 160 -40.86 -36.46 -71.86
CA LYS J 160 -40.64 -35.03 -71.81
C LYS J 160 -39.54 -34.66 -72.78
N ALA J 161 -39.46 -33.37 -73.11
CA ALA J 161 -38.41 -32.85 -73.97
C ALA J 161 -38.25 -31.36 -73.69
N THR J 162 -37.00 -30.92 -73.56
CA THR J 162 -36.72 -29.52 -73.28
C THR J 162 -35.43 -29.11 -73.98
N LEU J 163 -35.50 -28.04 -74.77
CA LEU J 163 -34.34 -27.47 -75.44
C LEU J 163 -33.82 -26.30 -74.62
N VAL J 164 -32.53 -26.34 -74.29
CA VAL J 164 -31.91 -25.36 -73.42
C VAL J 164 -30.91 -24.55 -74.23
N CYS J 165 -31.17 -23.26 -74.39
CA CYS J 165 -30.27 -22.32 -75.04
C CYS J 165 -29.72 -21.36 -74.00
N LEU J 166 -28.41 -21.19 -73.99
CA LEU J 166 -27.73 -20.42 -72.94
C LEU J 166 -26.89 -19.32 -73.55
N ILE J 167 -26.97 -18.14 -72.95
CA ILE J 167 -26.23 -16.96 -73.37
C ILE J 167 -25.34 -16.52 -72.23
N SER J 168 -24.05 -16.32 -72.51
CA SER J 168 -23.10 -16.03 -71.44
C SER J 168 -21.99 -15.12 -71.96
N ASP J 169 -21.28 -14.52 -70.99
CA ASP J 169 -20.09 -13.71 -71.26
C ASP J 169 -20.38 -12.53 -72.17
N PHE J 170 -21.54 -11.91 -72.00
CA PHE J 170 -21.97 -10.81 -72.87
C PHE J 170 -22.21 -9.55 -72.06
N TYR J 171 -22.10 -8.41 -72.75
CA TYR J 171 -22.47 -7.10 -72.22
C TYR J 171 -22.80 -6.23 -73.42
N PRO J 172 -23.87 -5.41 -73.36
CA PRO J 172 -24.82 -5.18 -72.24
C PRO J 172 -25.76 -6.34 -71.97
N GLY J 173 -26.27 -6.43 -70.74
CA GLY J 173 -27.19 -7.49 -70.37
C GLY J 173 -28.61 -7.23 -70.82
N ALA J 174 -28.80 -7.12 -72.14
CA ALA J 174 -30.11 -6.91 -72.74
C ALA J 174 -30.14 -7.73 -74.04
N VAL J 175 -30.64 -8.96 -73.93
CA VAL J 175 -30.69 -9.87 -75.07
C VAL J 175 -32.13 -10.32 -75.29
N THR J 176 -32.44 -10.60 -76.56
CA THR J 176 -33.74 -11.11 -76.95
C THR J 176 -33.55 -12.45 -77.65
N VAL J 177 -34.30 -13.46 -77.20
CA VAL J 177 -34.20 -14.80 -77.75
C VAL J 177 -35.44 -15.10 -78.57
N ALA J 178 -35.30 -16.00 -79.54
CA ALA J 178 -36.42 -16.39 -80.39
C ALA J 178 -36.16 -17.79 -80.90
N TRP J 179 -36.93 -18.76 -80.39
CA TRP J 179 -36.79 -20.14 -80.81
C TRP J 179 -37.34 -20.32 -82.23
N LYS J 180 -36.78 -21.29 -82.94
CA LYS J 180 -37.19 -21.58 -84.30
C LYS J 180 -37.39 -23.08 -84.48
N ALA J 181 -38.48 -23.45 -85.14
CA ALA J 181 -38.73 -24.81 -85.58
C ALA J 181 -38.52 -24.83 -87.09
N ASP J 182 -37.29 -25.15 -87.50
CA ASP J 182 -36.81 -25.09 -88.87
C ASP J 182 -36.85 -23.66 -89.40
N SER J 183 -38.06 -23.13 -89.62
CA SER J 183 -38.22 -21.73 -90.00
C SER J 183 -39.33 -21.01 -89.26
N SER J 184 -40.25 -21.74 -88.61
CA SER J 184 -41.37 -21.14 -87.89
C SER J 184 -40.94 -20.78 -86.47
N PRO J 185 -41.16 -19.53 -86.02
CA PRO J 185 -40.83 -19.17 -84.65
C PRO J 185 -41.70 -19.92 -83.65
N VAL J 186 -41.10 -20.21 -82.49
CA VAL J 186 -41.76 -20.97 -81.43
C VAL J 186 -41.91 -20.07 -80.22
N LYS J 187 -43.14 -19.96 -79.71
CA LYS J 187 -43.44 -19.16 -78.53
C LYS J 187 -44.06 -19.96 -77.39
N ALA J 188 -44.76 -21.05 -77.68
CA ALA J 188 -45.38 -21.85 -76.64
C ALA J 188 -44.32 -22.65 -75.89
N GLY J 189 -44.38 -22.62 -74.56
CA GLY J 189 -43.43 -23.33 -73.74
C GLY J 189 -42.07 -22.68 -73.62
N VAL J 190 -41.91 -21.45 -74.11
CA VAL J 190 -40.61 -20.77 -74.06
C VAL J 190 -40.46 -20.11 -72.70
N GLU J 191 -39.40 -20.46 -71.98
CA GLU J 191 -39.07 -19.85 -70.70
C GLU J 191 -37.64 -19.37 -70.75
N THR J 192 -37.43 -18.09 -70.44
CA THR J 192 -36.12 -17.47 -70.48
C THR J 192 -35.83 -16.80 -69.14
N THR J 193 -34.55 -16.60 -68.88
CA THR J 193 -34.09 -16.01 -67.63
C THR J 193 -33.55 -14.60 -67.87
N THR J 194 -33.78 -13.73 -66.91
CA THR J 194 -33.22 -12.38 -66.98
C THR J 194 -31.70 -12.44 -66.86
N PRO J 195 -30.99 -11.52 -67.54
CA PRO J 195 -29.53 -11.53 -67.47
C PRO J 195 -29.02 -11.28 -66.06
N SER J 196 -27.96 -12.02 -65.69
CA SER J 196 -27.35 -11.92 -64.37
C SER J 196 -25.85 -11.73 -64.54
N LYS J 197 -25.27 -10.87 -63.71
CA LYS J 197 -23.86 -10.54 -63.83
C LYS J 197 -22.99 -11.73 -63.42
N GLN J 198 -21.95 -11.97 -64.20
CA GLN J 198 -21.03 -13.08 -63.95
C GLN J 198 -19.88 -12.62 -63.05
N SER J 199 -18.92 -13.51 -62.84
CA SER J 199 -17.73 -13.16 -62.05
C SER J 199 -16.74 -12.31 -62.83
N ASN J 200 -16.73 -12.43 -64.15
CA ASN J 200 -15.81 -11.68 -65.01
C ASN J 200 -16.42 -10.40 -65.55
N ASN J 201 -17.31 -9.76 -64.79
CA ASN J 201 -17.93 -8.47 -65.12
C ASN J 201 -18.78 -8.55 -66.39
N LYS J 202 -19.18 -9.75 -66.79
CA LYS J 202 -20.08 -9.96 -67.93
C LYS J 202 -21.42 -10.48 -67.41
N TYR J 203 -22.32 -10.78 -68.35
CA TYR J 203 -23.67 -11.22 -68.01
C TYR J 203 -23.93 -12.61 -68.56
N ALA J 204 -24.93 -13.28 -67.97
CA ALA J 204 -25.29 -14.64 -68.34
C ALA J 204 -26.81 -14.76 -68.38
N ALA J 205 -27.30 -15.64 -69.26
CA ALA J 205 -28.73 -15.81 -69.45
C ALA J 205 -29.01 -17.22 -69.97
N SER J 206 -30.28 -17.60 -69.93
CA SER J 206 -30.71 -18.92 -70.36
C SER J 206 -32.06 -18.82 -71.06
N SER J 207 -32.38 -19.87 -71.81
CA SER J 207 -33.68 -20.01 -72.46
C SER J 207 -34.04 -21.48 -72.51
N TYR J 208 -35.32 -21.77 -72.24
CA TYR J 208 -35.81 -23.15 -72.18
C TYR J 208 -37.04 -23.27 -73.06
N LEU J 209 -37.07 -24.30 -73.91
CA LEU J 209 -38.21 -24.58 -74.78
C LEU J 209 -38.72 -25.99 -74.45
N SER J 210 -39.78 -26.06 -73.66
CA SER J 210 -40.39 -27.34 -73.33
C SER J 210 -41.20 -27.86 -74.51
N LEU J 211 -41.00 -29.13 -74.84
CA LEU J 211 -41.66 -29.74 -75.98
C LEU J 211 -42.10 -31.16 -75.63
N THR J 212 -43.01 -31.68 -76.44
CA THR J 212 -43.36 -33.09 -76.36
C THR J 212 -42.31 -33.91 -77.11
N PRO J 213 -42.19 -35.21 -76.79
CA PRO J 213 -41.29 -36.06 -77.58
C PRO J 213 -41.66 -36.14 -79.06
N GLU J 214 -42.94 -36.03 -79.39
CA GLU J 214 -43.35 -36.04 -80.79
C GLU J 214 -43.02 -34.73 -81.49
N GLN J 215 -43.17 -33.60 -80.78
CA GLN J 215 -42.89 -32.30 -81.39
C GLN J 215 -41.41 -32.11 -81.66
N TRP J 216 -40.55 -32.66 -80.81
CA TRP J 216 -39.10 -32.54 -81.01
C TRP J 216 -38.67 -33.28 -82.28
N LYS J 217 -39.26 -34.44 -82.55
CA LYS J 217 -38.92 -35.23 -83.71
C LYS J 217 -39.80 -34.91 -84.93
N SER J 218 -40.81 -34.05 -84.78
CA SER J 218 -41.66 -33.72 -85.92
C SER J 218 -40.94 -32.81 -86.92
N HIS J 219 -40.17 -31.84 -86.42
CA HIS J 219 -39.45 -30.93 -87.27
C HIS J 219 -38.04 -31.45 -87.53
N ARG J 220 -37.49 -31.07 -88.69
CA ARG J 220 -36.17 -31.55 -89.09
C ARG J 220 -35.08 -30.99 -88.17
N SER J 221 -35.18 -29.71 -87.81
CA SER J 221 -34.16 -29.08 -86.99
C SER J 221 -34.80 -28.02 -86.09
N TYR J 222 -34.16 -27.78 -84.95
CA TYR J 222 -34.55 -26.73 -84.02
C TYR J 222 -33.34 -25.84 -83.77
N SER J 223 -33.58 -24.52 -83.77
CA SER J 223 -32.49 -23.56 -83.63
C SER J 223 -32.89 -22.47 -82.64
N CYS J 224 -31.89 -21.92 -81.96
CA CYS J 224 -32.05 -20.81 -81.04
C CYS J 224 -31.27 -19.62 -81.57
N GLN J 225 -31.93 -18.48 -81.71
CA GLN J 225 -31.33 -17.26 -82.22
C GLN J 225 -31.28 -16.22 -81.12
N VAL J 226 -30.10 -15.65 -80.91
CA VAL J 226 -29.87 -14.65 -79.86
C VAL J 226 -29.46 -13.34 -80.53
N THR J 227 -30.21 -12.28 -80.25
CA THR J 227 -29.93 -10.96 -80.78
C THR J 227 -29.29 -10.12 -79.68
N HIS J 228 -28.11 -9.56 -79.97
CA HIS J 228 -27.36 -8.79 -78.99
C HIS J 228 -26.64 -7.65 -79.72
N GLU J 229 -27.07 -6.41 -79.44
CA GLU J 229 -26.49 -5.20 -80.04
C GLU J 229 -26.54 -5.25 -81.57
N GLY J 230 -27.66 -5.74 -82.09
CA GLY J 230 -27.86 -5.87 -83.53
C GLY J 230 -27.35 -7.17 -84.12
N SER J 231 -26.17 -7.61 -83.69
CA SER J 231 -25.61 -8.87 -84.18
C SER J 231 -26.43 -10.06 -83.66
N THR J 232 -26.55 -11.08 -84.50
CA THR J 232 -27.32 -12.27 -84.20
C THR J 232 -26.40 -13.49 -84.26
N VAL J 233 -26.40 -14.28 -83.19
CA VAL J 233 -25.65 -15.53 -83.13
C VAL J 233 -26.66 -16.66 -83.03
N GLU J 234 -26.60 -17.59 -83.99
CA GLU J 234 -27.58 -18.67 -84.09
C GLU J 234 -26.88 -20.01 -83.99
N LYS J 235 -27.40 -20.86 -83.11
CA LYS J 235 -26.99 -22.26 -83.02
C LYS J 235 -28.18 -23.13 -83.40
N THR J 236 -27.90 -24.29 -83.99
CA THR J 236 -28.94 -25.21 -84.42
C THR J 236 -28.60 -26.63 -83.96
N VAL J 237 -29.65 -27.39 -83.65
CA VAL J 237 -29.55 -28.79 -83.28
C VAL J 237 -30.57 -29.58 -84.08
N ALA J 238 -30.33 -30.89 -84.18
CA ALA J 238 -31.21 -31.79 -84.91
C ALA J 238 -31.33 -33.10 -84.15
N PRO J 239 -32.44 -33.82 -84.31
CA PRO J 239 -32.57 -35.14 -83.68
C PRO J 239 -31.62 -36.16 -84.31
N THR J 240 -30.62 -36.59 -83.56
CA THR J 240 -29.63 -37.54 -84.07
C THR J 240 -29.36 -38.64 -83.05
N GLN K 20 -25.28 -7.07 -25.99
CA GLN K 20 -26.46 -6.34 -26.44
C GLN K 20 -27.66 -7.25 -26.58
N VAL K 21 -28.59 -6.88 -27.45
CA VAL K 21 -29.78 -7.68 -27.73
C VAL K 21 -29.83 -7.95 -29.23
N GLN K 22 -30.49 -9.06 -29.59
CA GLN K 22 -30.52 -9.50 -30.98
C GLN K 22 -31.82 -10.24 -31.23
N LEU K 23 -32.33 -10.11 -32.46
CA LEU K 23 -33.62 -10.66 -32.87
C LEU K 23 -33.41 -11.69 -33.96
N GLN K 24 -33.99 -12.88 -33.77
CA GLN K 24 -33.97 -13.93 -34.77
C GLN K 24 -35.38 -14.44 -35.00
N GLU K 25 -35.70 -14.71 -36.26
CA GLU K 25 -37.01 -15.19 -36.65
C GLU K 25 -36.99 -16.70 -36.88
N SER K 26 -38.17 -17.31 -36.83
CA SER K 26 -38.32 -18.74 -37.08
C SER K 26 -39.61 -18.94 -37.88
N GLY K 27 -40.05 -20.18 -37.98
CA GLY K 27 -41.22 -20.53 -38.75
C GLY K 27 -40.84 -20.96 -40.16
N PRO K 28 -41.74 -21.68 -40.83
CA PRO K 28 -41.46 -22.15 -42.18
C PRO K 28 -41.36 -21.01 -43.18
N GLY K 29 -40.51 -21.21 -44.18
CA GLY K 29 -40.35 -20.27 -45.27
C GLY K 29 -41.37 -20.40 -46.36
N LEU K 30 -42.30 -21.34 -46.23
CA LEU K 30 -43.35 -21.56 -47.22
C LEU K 30 -44.73 -21.45 -46.56
N VAL K 31 -45.70 -21.03 -47.36
CA VAL K 31 -47.10 -21.03 -46.97
C VAL K 31 -47.94 -21.17 -48.24
N LYS K 32 -48.98 -21.98 -48.15
CA LYS K 32 -49.85 -22.21 -49.30
C LYS K 32 -50.87 -21.09 -49.41
N PRO K 33 -51.43 -20.85 -50.60
CA PRO K 33 -52.47 -19.82 -50.74
C PRO K 33 -53.71 -20.16 -49.93
N SER K 34 -54.36 -19.11 -49.41
CA SER K 34 -55.55 -19.22 -48.56
C SER K 34 -55.28 -20.08 -47.33
N GLU K 35 -54.14 -19.84 -46.69
CA GLU K 35 -53.77 -20.57 -45.48
C GLU K 35 -53.38 -19.60 -44.36
N THR K 36 -52.85 -20.14 -43.27
CA THR K 36 -52.46 -19.35 -42.11
C THR K 36 -50.93 -19.33 -41.98
N LEU K 37 -50.37 -18.13 -41.91
CA LEU K 37 -48.93 -17.96 -41.73
C LEU K 37 -48.57 -17.94 -40.26
N SER K 38 -47.42 -18.52 -39.92
CA SER K 38 -46.93 -18.59 -38.55
C SER K 38 -45.45 -18.20 -38.56
N LEU K 39 -45.14 -16.96 -38.20
CA LEU K 39 -43.78 -16.47 -38.09
C LEU K 39 -43.54 -15.98 -36.68
N THR K 40 -42.55 -16.55 -36.01
CA THR K 40 -42.22 -16.21 -34.63
C THR K 40 -40.82 -15.60 -34.58
N CYS K 41 -40.70 -14.46 -33.92
CA CYS K 41 -39.43 -13.77 -33.72
C CYS K 41 -39.09 -13.81 -32.23
N THR K 42 -37.95 -14.40 -31.90
CA THR K 42 -37.52 -14.55 -30.51
C THR K 42 -36.48 -13.49 -30.16
N VAL K 43 -36.24 -13.34 -28.87
CA VAL K 43 -35.36 -12.31 -28.33
C VAL K 43 -34.22 -12.99 -27.58
N SER K 44 -32.99 -12.61 -27.91
CA SER K 44 -31.80 -13.11 -27.24
C SER K 44 -31.01 -11.94 -26.68
N GLY K 45 -30.68 -12.01 -25.39
CA GLY K 45 -29.93 -10.96 -24.74
C GLY K 45 -30.75 -9.84 -24.15
N GLY K 46 -32.06 -10.00 -24.02
CA GLY K 46 -32.90 -8.96 -23.46
C GLY K 46 -34.22 -9.53 -23.01
N SER K 47 -35.08 -8.63 -22.51
CA SER K 47 -36.39 -8.99 -22.00
C SER K 47 -37.47 -8.24 -22.78
N VAL K 48 -38.55 -8.95 -23.10
CA VAL K 48 -39.65 -8.35 -23.84
C VAL K 48 -40.38 -7.32 -22.99
N SER K 49 -40.72 -7.69 -21.75
CA SER K 49 -41.55 -6.82 -20.92
C SER K 49 -40.76 -5.63 -20.38
N SER K 50 -39.52 -5.86 -19.97
CA SER K 50 -38.76 -4.82 -19.29
C SER K 50 -38.28 -3.75 -20.28
N GLY K 51 -38.21 -2.52 -19.79
CA GLY K 51 -37.69 -1.40 -20.54
C GLY K 51 -38.73 -0.54 -21.23
N GLY K 52 -39.94 -1.07 -21.41
CA GLY K 52 -41.02 -0.28 -22.01
C GLY K 52 -40.82 0.09 -23.46
N TYR K 53 -40.38 -0.84 -24.29
CA TYR K 53 -40.23 -0.59 -25.72
C TYR K 53 -41.37 -1.26 -26.50
N PHE K 54 -41.31 -1.12 -27.81
CA PHE K 54 -42.34 -1.65 -28.71
C PHE K 54 -41.73 -2.68 -29.64
N TRP K 55 -42.60 -3.53 -30.19
CA TRP K 55 -42.25 -4.47 -31.24
C TRP K 55 -43.05 -4.15 -32.50
N SER K 56 -42.47 -4.48 -33.65
CA SER K 56 -43.15 -4.22 -34.92
C SER K 56 -42.68 -5.22 -35.97
N TRP K 57 -43.62 -5.68 -36.79
CA TRP K 57 -43.33 -6.53 -37.93
C TRP K 57 -43.37 -5.71 -39.20
N ILE K 58 -42.30 -5.78 -40.00
CA ILE K 58 -42.19 -5.05 -41.25
C ILE K 58 -41.77 -6.01 -42.34
N ARG K 59 -42.54 -6.06 -43.43
CA ARG K 59 -42.24 -6.92 -44.56
C ARG K 59 -41.77 -6.07 -45.74
N GLN K 60 -41.03 -6.73 -46.65
CA GLN K 60 -40.50 -6.05 -47.82
C GLN K 60 -40.54 -6.99 -49.03
N PRO K 61 -41.38 -6.71 -50.03
CA PRO K 61 -41.36 -7.52 -51.24
C PRO K 61 -40.06 -7.33 -52.00
N PRO K 62 -39.61 -8.33 -52.75
CA PRO K 62 -38.37 -8.19 -53.53
C PRO K 62 -38.53 -7.16 -54.62
N GLY K 63 -37.65 -6.14 -54.60
CA GLY K 63 -37.70 -5.05 -55.54
C GLY K 63 -38.71 -3.98 -55.22
N LYS K 64 -39.38 -4.04 -54.07
CA LYS K 64 -40.36 -3.06 -53.66
C LYS K 64 -39.96 -2.43 -52.34
N GLY K 65 -40.68 -1.38 -51.96
CA GLY K 65 -40.40 -0.68 -50.73
C GLY K 65 -40.88 -1.44 -49.50
N LEU K 66 -40.42 -0.98 -48.34
CA LEU K 66 -40.80 -1.58 -47.08
C LEU K 66 -42.27 -1.31 -46.78
N GLU K 67 -42.94 -2.30 -46.19
CA GLU K 67 -44.35 -2.19 -45.83
C GLU K 67 -44.51 -2.48 -44.34
N TRP K 68 -45.23 -1.61 -43.65
CA TRP K 68 -45.47 -1.76 -42.22
C TRP K 68 -46.71 -2.61 -42.00
N ILE K 69 -46.57 -3.68 -41.21
CA ILE K 69 -47.66 -4.61 -40.96
C ILE K 69 -48.42 -4.19 -39.70
N GLY K 70 -47.73 -4.15 -38.58
CA GLY K 70 -48.37 -3.78 -37.32
C GLY K 70 -47.34 -3.68 -36.21
N CYS K 71 -47.80 -3.17 -35.08
CA CYS K 71 -46.96 -2.99 -33.90
C CYS K 71 -47.67 -3.56 -32.67
N ILE K 72 -46.87 -4.03 -31.70
CA ILE K 72 -47.41 -4.59 -30.46
C ILE K 72 -46.58 -4.10 -29.29
N TYR K 73 -47.20 -4.11 -28.12
CA TYR K 73 -46.56 -3.86 -26.83
C TYR K 73 -46.40 -5.19 -26.10
N TYR K 74 -45.75 -5.15 -24.93
CA TYR K 74 -45.73 -6.34 -24.10
C TYR K 74 -47.09 -6.61 -23.46
N SER K 75 -47.95 -5.60 -23.41
CA SER K 75 -49.35 -5.77 -23.03
C SER K 75 -50.17 -6.07 -24.28
N GLY K 76 -51.49 -5.98 -24.18
CA GLY K 76 -52.37 -6.28 -25.28
C GLY K 76 -52.60 -5.19 -26.29
N SER K 77 -51.82 -4.11 -26.25
CA SER K 77 -52.01 -3.01 -27.18
C SER K 77 -51.53 -3.41 -28.58
N THR K 78 -52.43 -3.28 -29.56
CA THR K 78 -52.12 -3.63 -30.95
C THR K 78 -52.66 -2.56 -31.88
N ASN K 79 -51.90 -2.27 -32.93
CA ASN K 79 -52.35 -1.40 -34.01
C ASN K 79 -51.84 -1.95 -35.33
N TYR K 80 -52.72 -2.04 -36.32
CA TYR K 80 -52.42 -2.66 -37.60
C TYR K 80 -52.62 -1.67 -38.74
N ASN K 81 -51.97 -1.97 -39.87
CA ASN K 81 -52.13 -1.15 -41.06
C ASN K 81 -53.55 -1.28 -41.61
N PRO K 82 -54.13 -0.18 -42.10
CA PRO K 82 -55.50 -0.26 -42.65
C PRO K 82 -55.62 -1.21 -43.84
N SER K 83 -54.58 -1.32 -44.67
CA SER K 83 -54.62 -2.27 -45.77
C SER K 83 -54.56 -3.70 -45.28
N LEU K 84 -53.90 -3.94 -44.14
CA LEU K 84 -53.76 -5.26 -43.56
C LEU K 84 -54.65 -5.47 -42.34
N LYS K 85 -55.68 -4.63 -42.18
CA LYS K 85 -56.57 -4.76 -41.03
C LYS K 85 -57.41 -6.02 -41.13
N SER K 86 -57.82 -6.53 -39.97
CA SER K 86 -58.65 -7.72 -39.81
C SER K 86 -57.98 -8.99 -40.38
N ARG K 87 -56.68 -8.94 -40.63
CA ARG K 87 -55.93 -10.09 -41.10
C ARG K 87 -54.67 -10.38 -40.29
N VAL K 88 -54.28 -9.49 -39.38
CA VAL K 88 -53.04 -9.63 -38.63
C VAL K 88 -53.39 -10.01 -37.19
N THR K 89 -52.81 -11.12 -36.72
CA THR K 89 -53.00 -11.58 -35.35
C THR K 89 -51.61 -11.80 -34.76
N ILE K 90 -51.18 -10.88 -33.90
CA ILE K 90 -49.86 -10.95 -33.27
C ILE K 90 -50.04 -11.08 -31.77
N SER K 91 -49.30 -12.00 -31.16
CA SER K 91 -49.38 -12.27 -29.73
C SER K 91 -47.99 -12.27 -29.12
N VAL K 92 -47.92 -11.93 -27.84
CA VAL K 92 -46.68 -11.87 -27.09
C VAL K 92 -46.75 -12.84 -25.92
N ASP K 93 -45.78 -13.75 -25.84
CA ASP K 93 -45.67 -14.68 -24.72
C ASP K 93 -44.36 -14.39 -24.00
N THR K 94 -44.47 -13.82 -22.80
CA THR K 94 -43.28 -13.42 -22.05
C THR K 94 -42.55 -14.62 -21.44
N SER K 95 -43.24 -15.75 -21.25
CA SER K 95 -42.61 -16.91 -20.65
C SER K 95 -41.50 -17.47 -21.53
N LYS K 96 -41.74 -17.55 -22.84
CA LYS K 96 -40.74 -18.04 -23.78
C LYS K 96 -39.86 -16.93 -24.35
N ASP K 97 -40.12 -15.67 -23.98
CA ASP K 97 -39.35 -14.51 -24.41
C ASP K 97 -39.34 -14.40 -25.94
N GLN K 98 -40.55 -14.34 -26.51
CA GLN K 98 -40.71 -14.24 -27.94
C GLN K 98 -42.09 -13.70 -28.27
N PHE K 99 -42.25 -13.24 -29.50
CA PHE K 99 -43.53 -12.78 -30.01
C PHE K 99 -43.73 -13.33 -31.42
N SER K 100 -44.97 -13.70 -31.74
CA SER K 100 -45.30 -14.34 -33.00
C SER K 100 -46.43 -13.59 -33.69
N LEU K 101 -46.42 -13.66 -35.02
CA LEU K 101 -47.43 -13.00 -35.85
C LEU K 101 -48.13 -14.05 -36.70
N LYS K 102 -49.46 -13.96 -36.76
CA LYS K 102 -50.28 -14.87 -37.56
C LYS K 102 -50.97 -14.08 -38.66
N LEU K 103 -50.85 -14.54 -39.89
CA LEU K 103 -51.47 -13.90 -41.05
C LEU K 103 -52.49 -14.85 -41.66
N SER K 104 -53.68 -14.32 -41.95
CA SER K 104 -54.76 -15.12 -42.49
C SER K 104 -55.08 -14.68 -43.92
N SER K 105 -55.55 -15.63 -44.72
CA SER K 105 -55.93 -15.42 -46.13
C SER K 105 -54.77 -14.85 -46.94
N VAL K 106 -53.64 -15.57 -46.88
CA VAL K 106 -52.45 -15.17 -47.62
C VAL K 106 -52.63 -15.52 -49.09
N THR K 107 -52.21 -14.62 -49.96
CA THR K 107 -52.32 -14.77 -51.41
C THR K 107 -50.92 -14.81 -52.04
N ALA K 108 -50.90 -14.86 -53.37
CA ALA K 108 -49.62 -14.87 -54.09
C ALA K 108 -48.92 -13.51 -54.05
N ALA K 109 -49.64 -12.45 -53.71
CA ALA K 109 -49.05 -11.12 -53.60
C ALA K 109 -48.42 -10.87 -52.24
N ASP K 110 -48.47 -11.85 -51.33
CA ASP K 110 -47.91 -11.72 -49.99
C ASP K 110 -46.44 -12.13 -49.92
N THR K 111 -45.83 -12.45 -51.06
CA THR K 111 -44.43 -12.86 -51.09
C THR K 111 -43.55 -11.66 -50.74
N ALA K 112 -43.02 -11.66 -49.51
CA ALA K 112 -42.21 -10.56 -49.04
C ALA K 112 -41.23 -11.09 -48.00
N VAL K 113 -40.17 -10.31 -47.78
CA VAL K 113 -39.16 -10.64 -46.77
C VAL K 113 -39.58 -9.99 -45.47
N TYR K 114 -39.86 -10.82 -44.45
CA TYR K 114 -40.40 -10.35 -43.19
C TYR K 114 -39.28 -10.03 -42.21
N TYR K 115 -39.38 -8.86 -41.57
CA TYR K 115 -38.40 -8.43 -40.58
C TYR K 115 -39.12 -8.13 -39.27
N CYS K 116 -38.57 -8.62 -38.17
CA CYS K 116 -38.99 -8.20 -36.83
C CYS K 116 -37.98 -7.19 -36.29
N ALA K 117 -38.47 -6.09 -35.75
CA ALA K 117 -37.62 -4.97 -35.37
C ALA K 117 -37.99 -4.48 -33.98
N ARG K 118 -36.98 -4.29 -33.14
CA ARG K 118 -37.16 -3.63 -31.85
C ARG K 118 -37.44 -2.14 -32.08
N GLN K 119 -38.50 -1.64 -31.43
CA GLN K 119 -38.93 -0.25 -31.55
C GLN K 119 -38.73 0.44 -30.21
N LEU K 120 -37.60 1.14 -30.06
CA LEU K 120 -37.38 1.95 -28.87
C LEU K 120 -38.37 3.11 -28.81
N TRP K 121 -38.70 3.70 -29.95
CA TRP K 121 -39.61 4.85 -29.98
C TRP K 121 -40.66 4.61 -31.05
N LEU K 122 -41.94 4.63 -30.65
CA LEU K 122 -43.02 4.08 -31.47
C LEU K 122 -43.26 4.91 -32.72
N ARG K 123 -43.30 6.23 -32.59
CA ARG K 123 -43.58 7.08 -33.75
C ARG K 123 -42.30 7.49 -34.47
N GLY K 124 -41.15 7.02 -34.00
CA GLY K 124 -39.86 7.33 -34.59
C GLY K 124 -39.12 6.10 -35.07
N ARG K 125 -37.81 6.12 -34.91
CA ARG K 125 -36.97 5.07 -35.47
C ARG K 125 -36.98 3.80 -34.62
N PHE K 126 -36.73 2.68 -35.30
CA PHE K 126 -36.38 1.44 -34.63
C PHE K 126 -34.89 1.50 -34.34
N ASP K 127 -34.28 0.44 -33.80
CA ASP K 127 -32.83 0.53 -33.69
C ASP K 127 -32.15 -0.74 -34.18
N TYR K 128 -32.83 -1.86 -34.03
CA TYR K 128 -32.29 -3.18 -34.36
C TYR K 128 -33.24 -3.89 -35.30
N TRP K 129 -32.72 -4.36 -36.43
CA TRP K 129 -33.47 -5.12 -37.42
C TRP K 129 -32.99 -6.56 -37.42
N GLY K 130 -33.94 -7.51 -37.30
CA GLY K 130 -33.60 -8.89 -37.48
C GLY K 130 -33.39 -9.25 -38.94
N GLN K 131 -32.70 -10.36 -39.16
CA GLN K 131 -32.45 -10.83 -40.52
C GLN K 131 -33.75 -11.31 -41.15
N GLY K 132 -34.00 -10.89 -42.39
CA GLY K 132 -35.26 -11.17 -43.04
C GLY K 132 -35.40 -12.57 -43.59
N THR K 133 -36.42 -13.29 -43.13
CA THR K 133 -36.72 -14.61 -43.67
C THR K 133 -37.49 -14.48 -44.98
N LEU K 134 -37.20 -15.37 -45.92
CA LEU K 134 -37.83 -15.37 -47.23
C LEU K 134 -39.09 -16.23 -47.19
N VAL K 135 -40.21 -15.63 -47.55
CA VAL K 135 -41.51 -16.31 -47.58
C VAL K 135 -42.01 -16.31 -49.01
N THR K 136 -42.28 -17.51 -49.55
CA THR K 136 -42.75 -17.68 -50.91
C THR K 136 -44.11 -18.36 -50.89
N VAL K 137 -45.10 -17.72 -51.49
CA VAL K 137 -46.46 -18.26 -51.56
C VAL K 137 -46.71 -18.65 -53.01
N SER K 138 -46.87 -19.95 -53.27
CA SER K 138 -47.05 -20.48 -54.63
C SER K 138 -47.38 -21.96 -54.57
N SER K 139 -48.06 -22.43 -55.63
CA SER K 139 -48.29 -23.84 -55.93
C SER K 139 -49.12 -24.56 -54.86
N ALA K 140 -49.29 -25.87 -55.03
CA ALA K 140 -50.11 -26.68 -54.13
C ALA K 140 -49.37 -27.83 -53.46
N SER K 141 -48.17 -28.17 -53.92
CA SER K 141 -47.43 -29.27 -53.32
C SER K 141 -45.95 -29.12 -53.64
N THR K 142 -45.13 -29.76 -52.81
CA THR K 142 -43.70 -29.82 -53.00
C THR K 142 -43.34 -31.08 -53.78
N LYS K 143 -42.42 -30.93 -54.74
CA LYS K 143 -42.10 -32.03 -55.64
C LYS K 143 -40.60 -32.03 -55.93
N GLY K 144 -40.07 -33.23 -56.16
CA GLY K 144 -38.66 -33.43 -56.43
C GLY K 144 -38.24 -32.99 -57.81
N PRO K 145 -36.95 -32.72 -58.00
CA PRO K 145 -36.47 -32.26 -59.30
C PRO K 145 -36.25 -33.42 -60.27
N SER K 146 -36.24 -33.07 -61.55
CA SER K 146 -35.94 -33.99 -62.64
C SER K 146 -34.69 -33.49 -63.34
N VAL K 147 -33.57 -34.17 -63.11
CA VAL K 147 -32.28 -33.75 -63.66
C VAL K 147 -32.03 -34.47 -64.97
N PHE K 148 -31.73 -33.70 -66.01
CA PHE K 148 -31.45 -34.24 -67.33
C PHE K 148 -30.07 -33.79 -67.80
N PRO K 149 -29.26 -34.69 -68.36
CA PRO K 149 -27.94 -34.29 -68.85
C PRO K 149 -28.04 -33.41 -70.09
N LEU K 150 -27.03 -32.56 -70.26
CA LEU K 150 -26.91 -31.67 -71.42
C LEU K 150 -25.66 -32.11 -72.19
N ALA K 151 -25.85 -32.98 -73.17
CA ALA K 151 -24.73 -33.58 -73.88
C ALA K 151 -24.10 -32.59 -74.85
N PRO K 152 -22.81 -32.30 -74.73
CA PRO K 152 -22.14 -31.47 -75.74
C PRO K 152 -21.94 -32.25 -77.04
N SER K 153 -21.80 -31.49 -78.12
CA SER K 153 -21.61 -32.07 -79.45
C SER K 153 -20.78 -31.11 -80.28
N SER K 154 -20.72 -31.38 -81.60
CA SER K 154 -19.97 -30.51 -82.50
C SER K 154 -20.62 -29.14 -82.63
N LYS K 155 -21.95 -29.09 -82.59
CA LYS K 155 -22.67 -27.82 -82.65
C LYS K 155 -22.75 -27.11 -81.31
N SER K 156 -22.30 -27.75 -80.23
CA SER K 156 -22.32 -27.16 -78.90
C SER K 156 -21.02 -26.46 -78.54
N THR K 157 -20.03 -26.45 -79.42
CA THR K 157 -18.75 -25.81 -79.17
C THR K 157 -18.50 -24.73 -80.21
N SER K 158 -17.91 -23.62 -79.78
CA SER K 158 -17.60 -22.48 -80.64
C SER K 158 -16.13 -22.12 -80.43
N GLY K 159 -15.26 -22.75 -81.23
CA GLY K 159 -13.84 -22.51 -81.11
C GLY K 159 -13.09 -23.64 -80.44
N GLY K 160 -12.11 -23.30 -79.62
CA GLY K 160 -11.32 -24.28 -78.89
C GLY K 160 -11.91 -24.75 -77.59
N THR K 161 -13.09 -24.26 -77.21
CA THR K 161 -13.73 -24.62 -75.96
C THR K 161 -15.13 -25.15 -76.23
N ALA K 162 -15.61 -25.99 -75.33
CA ALA K 162 -16.94 -26.58 -75.41
C ALA K 162 -17.71 -26.29 -74.12
N ALA K 163 -19.00 -26.58 -74.14
CA ALA K 163 -19.86 -26.34 -72.98
C ALA K 163 -20.72 -27.58 -72.72
N LEU K 164 -20.86 -27.92 -71.44
CA LEU K 164 -21.74 -28.99 -71.01
C LEU K 164 -22.42 -28.55 -69.72
N GLY K 165 -23.53 -29.20 -69.40
CA GLY K 165 -24.26 -28.82 -68.22
C GLY K 165 -25.29 -29.85 -67.81
N CYS K 166 -26.21 -29.42 -66.95
CA CYS K 166 -27.28 -30.26 -66.45
C CYS K 166 -28.52 -29.40 -66.27
N LEU K 167 -29.68 -29.95 -66.65
CA LEU K 167 -30.94 -29.23 -66.61
C LEU K 167 -31.72 -29.66 -65.37
N VAL K 168 -32.10 -28.70 -64.55
CA VAL K 168 -32.94 -28.93 -63.38
C VAL K 168 -34.33 -28.39 -63.71
N LYS K 169 -35.28 -29.30 -63.89
CA LYS K 169 -36.61 -28.95 -64.39
C LYS K 169 -37.68 -29.55 -63.48
N ASP K 170 -38.77 -28.81 -63.32
CA ASP K 170 -39.98 -29.26 -62.63
C ASP K 170 -39.69 -29.64 -61.17
N TYR K 171 -39.27 -28.65 -60.40
CA TYR K 171 -39.01 -28.83 -58.98
C TYR K 171 -39.75 -27.77 -58.18
N PHE K 172 -40.03 -28.10 -56.92
CA PHE K 172 -40.65 -27.18 -55.98
C PHE K 172 -40.28 -27.59 -54.56
N PRO K 173 -39.88 -26.63 -53.70
CA PRO K 173 -39.73 -25.19 -53.95
C PRO K 173 -38.28 -24.76 -54.14
N GLU K 174 -38.05 -23.46 -54.23
CA GLU K 174 -36.70 -22.93 -54.24
C GLU K 174 -36.05 -23.12 -52.88
N PRO K 175 -34.71 -23.25 -52.84
CA PRO K 175 -33.75 -23.30 -53.94
C PRO K 175 -33.15 -24.69 -54.16
N VAL K 176 -32.26 -24.83 -55.15
CA VAL K 176 -31.52 -26.06 -55.38
C VAL K 176 -30.05 -25.69 -55.55
N THR K 177 -29.18 -26.49 -54.95
CA THR K 177 -27.73 -26.27 -55.03
C THR K 177 -27.14 -27.28 -56.01
N VAL K 178 -26.42 -26.76 -57.01
CA VAL K 178 -25.80 -27.59 -58.05
C VAL K 178 -24.29 -27.40 -57.96
N SER K 179 -23.58 -28.52 -57.86
CA SER K 179 -22.12 -28.52 -57.79
C SER K 179 -21.56 -29.51 -58.80
N TRP K 180 -20.37 -29.21 -59.30
CA TRP K 180 -19.71 -30.03 -60.31
C TRP K 180 -18.53 -30.75 -59.70
N ASN K 181 -18.50 -32.08 -59.85
CA ASN K 181 -17.43 -32.94 -59.33
C ASN K 181 -17.23 -32.74 -57.84
N SER K 182 -18.35 -32.68 -57.09
CA SER K 182 -18.35 -32.46 -55.64
C SER K 182 -17.63 -31.18 -55.26
N GLY K 183 -17.82 -30.13 -56.06
CA GLY K 183 -17.22 -28.84 -55.79
C GLY K 183 -15.79 -28.68 -56.28
N ALA K 184 -15.20 -29.70 -56.90
CA ALA K 184 -13.83 -29.59 -57.38
C ALA K 184 -13.71 -28.70 -58.60
N LEU K 185 -14.80 -28.53 -59.37
CA LEU K 185 -14.80 -27.71 -60.57
C LEU K 185 -15.64 -26.46 -60.29
N THR K 186 -15.00 -25.30 -60.30
CA THR K 186 -15.67 -24.05 -60.00
C THR K 186 -15.44 -23.02 -61.10
N SER K 187 -14.31 -23.12 -61.79
CA SER K 187 -14.00 -22.18 -62.86
C SER K 187 -14.88 -22.43 -64.07
N GLY K 188 -15.53 -21.38 -64.56
CA GLY K 188 -16.43 -21.49 -65.68
C GLY K 188 -17.82 -21.99 -65.33
N VAL K 189 -18.09 -22.26 -64.07
CA VAL K 189 -19.40 -22.77 -63.65
C VAL K 189 -20.34 -21.60 -63.46
N HIS K 190 -21.47 -21.63 -64.16
CA HIS K 190 -22.48 -20.57 -64.10
C HIS K 190 -23.78 -21.15 -63.58
N THR K 191 -24.23 -20.65 -62.43
CA THR K 191 -25.51 -21.05 -61.85
C THR K 191 -26.55 -19.99 -62.15
N PHE K 192 -27.66 -20.40 -62.77
CA PHE K 192 -28.63 -19.41 -63.22
C PHE K 192 -29.84 -19.38 -62.29
N PRO K 193 -30.44 -18.20 -62.12
CA PRO K 193 -31.63 -18.10 -61.27
C PRO K 193 -32.81 -18.84 -61.89
N ALA K 194 -33.70 -19.32 -61.01
CA ALA K 194 -34.86 -20.06 -61.45
C ALA K 194 -35.89 -19.12 -62.08
N VAL K 195 -36.72 -19.68 -62.96
CA VAL K 195 -37.80 -18.96 -63.61
C VAL K 195 -39.08 -19.78 -63.50
N LEU K 196 -40.19 -19.11 -63.25
CA LEU K 196 -41.47 -19.79 -63.12
C LEU K 196 -41.91 -20.33 -64.47
N GLN K 197 -42.28 -21.61 -64.50
CA GLN K 197 -42.74 -22.24 -65.73
C GLN K 197 -44.18 -21.83 -66.02
N SER K 198 -44.74 -22.39 -67.08
CA SER K 198 -46.14 -22.12 -67.44
C SER K 198 -47.11 -22.74 -66.45
N SER K 199 -46.69 -23.78 -65.72
CA SER K 199 -47.55 -24.45 -64.73
C SER K 199 -46.77 -24.56 -63.42
N GLY K 200 -46.86 -23.52 -62.59
CA GLY K 200 -46.44 -23.60 -61.20
C GLY K 200 -44.96 -23.73 -60.92
N LEU K 201 -44.33 -24.79 -61.42
CA LEU K 201 -43.00 -25.18 -60.99
C LEU K 201 -41.94 -24.27 -61.61
N TYR K 202 -40.69 -24.46 -61.18
CA TYR K 202 -39.56 -23.68 -61.65
C TYR K 202 -38.70 -24.51 -62.60
N SER K 203 -37.63 -23.89 -63.10
CA SER K 203 -36.66 -24.55 -63.96
C SER K 203 -35.39 -23.73 -64.00
N LEU K 204 -34.25 -24.41 -64.05
CA LEU K 204 -32.95 -23.75 -64.17
C LEU K 204 -31.94 -24.77 -64.70
N SER K 205 -30.70 -24.31 -64.84
CA SER K 205 -29.61 -25.17 -65.28
C SER K 205 -28.30 -24.63 -64.74
N SER K 206 -27.27 -25.49 -64.74
CA SER K 206 -25.92 -25.11 -64.37
C SER K 206 -24.96 -25.70 -65.40
N VAL K 207 -24.09 -24.86 -65.96
CA VAL K 207 -23.19 -25.26 -67.03
C VAL K 207 -21.77 -24.83 -66.70
N VAL K 208 -20.81 -25.50 -67.34
CA VAL K 208 -19.39 -25.20 -67.17
C VAL K 208 -18.72 -25.26 -68.53
N THR K 209 -17.84 -24.30 -68.80
CA THR K 209 -17.11 -24.24 -70.06
C THR K 209 -15.79 -25.00 -69.92
N VAL K 210 -15.54 -25.89 -70.88
CA VAL K 210 -14.35 -26.75 -70.85
C VAL K 210 -13.76 -26.85 -72.24
N PRO K 211 -12.43 -26.90 -72.34
CA PRO K 211 -11.81 -27.19 -73.64
C PRO K 211 -12.25 -28.55 -74.17
N SER K 212 -12.40 -28.61 -75.50
CA SER K 212 -12.95 -29.80 -76.15
C SER K 212 -11.97 -30.97 -76.19
N SER K 213 -10.71 -30.76 -75.81
CA SER K 213 -9.75 -31.86 -75.81
C SER K 213 -10.06 -32.90 -74.75
N SER K 214 -10.59 -32.47 -73.60
CA SER K 214 -10.90 -33.36 -72.49
C SER K 214 -12.37 -33.78 -72.47
N LEU K 215 -13.05 -33.76 -73.61
CA LEU K 215 -14.44 -34.18 -73.66
C LEU K 215 -14.57 -35.69 -73.47
N GLY K 216 -13.76 -36.46 -74.19
CA GLY K 216 -13.80 -37.90 -74.11
C GLY K 216 -12.85 -38.54 -73.13
N THR K 217 -12.10 -37.75 -72.36
CA THR K 217 -11.13 -38.28 -71.42
C THR K 217 -11.42 -37.93 -69.97
N GLN K 218 -12.29 -36.96 -69.70
CA GLN K 218 -12.61 -36.54 -68.35
C GLN K 218 -14.09 -36.71 -68.09
N THR K 219 -14.43 -37.19 -66.90
CA THR K 219 -15.82 -37.42 -66.51
C THR K 219 -16.34 -36.23 -65.73
N TYR K 220 -17.52 -35.75 -66.10
CA TYR K 220 -18.16 -34.61 -65.45
C TYR K 220 -19.52 -35.04 -64.92
N ILE K 221 -19.73 -34.87 -63.62
CA ILE K 221 -20.96 -35.26 -62.96
C ILE K 221 -21.53 -34.05 -62.24
N CYS K 222 -22.82 -33.77 -62.48
CA CYS K 222 -23.51 -32.68 -61.80
C CYS K 222 -24.17 -33.21 -60.54
N ASN K 223 -24.03 -32.47 -59.44
CA ASN K 223 -24.59 -32.85 -58.15
C ASN K 223 -25.69 -31.86 -57.79
N VAL K 224 -26.93 -32.23 -58.06
CA VAL K 224 -28.09 -31.37 -57.78
C VAL K 224 -28.70 -31.84 -56.47
N ASN K 225 -28.83 -30.91 -55.52
CA ASN K 225 -29.39 -31.19 -54.20
C ASN K 225 -30.65 -30.35 -54.02
N HIS K 226 -31.71 -31.00 -53.53
CA HIS K 226 -32.99 -30.34 -53.25
C HIS K 226 -33.37 -30.69 -51.81
N LYS K 227 -32.98 -29.83 -50.88
CA LYS K 227 -33.20 -30.10 -49.46
C LYS K 227 -34.67 -30.19 -49.03
N PRO K 228 -35.59 -29.29 -49.44
CA PRO K 228 -36.98 -29.45 -48.98
C PRO K 228 -37.64 -30.76 -49.39
N SER K 229 -37.32 -31.29 -50.57
CA SER K 229 -37.84 -32.59 -50.98
C SER K 229 -36.93 -33.74 -50.61
N ASN K 230 -35.73 -33.44 -50.06
CA ASN K 230 -34.75 -34.44 -49.62
C ASN K 230 -34.38 -35.39 -50.76
N THR K 231 -33.86 -34.80 -51.83
CA THR K 231 -33.48 -35.55 -53.03
C THR K 231 -32.11 -35.06 -53.49
N LYS K 232 -31.16 -35.99 -53.58
CA LYS K 232 -29.83 -35.73 -54.13
C LYS K 232 -29.65 -36.58 -55.37
N VAL K 233 -29.38 -35.94 -56.50
CA VAL K 233 -29.27 -36.60 -57.79
C VAL K 233 -27.91 -36.28 -58.39
N ASP K 234 -27.15 -37.33 -58.73
CA ASP K 234 -25.88 -37.20 -59.43
C ASP K 234 -26.06 -37.76 -60.83
N LYS K 235 -25.80 -36.93 -61.83
CA LYS K 235 -25.98 -37.32 -63.24
C LYS K 235 -24.69 -37.09 -63.99
N LYS K 236 -24.18 -38.13 -64.64
CA LYS K 236 -22.97 -38.02 -65.45
C LYS K 236 -23.29 -37.36 -66.77
N VAL K 237 -22.36 -36.53 -67.25
CA VAL K 237 -22.49 -35.83 -68.52
C VAL K 237 -21.48 -36.42 -69.49
N GLU K 238 -21.98 -36.89 -70.64
CA GLU K 238 -21.18 -37.51 -71.68
C GLU K 238 -21.53 -36.87 -73.02
N PRO K 239 -20.62 -36.91 -73.98
CA PRO K 239 -20.94 -36.41 -75.32
C PRO K 239 -22.06 -37.20 -75.96
N LYS K 240 -22.83 -36.53 -76.82
CA LYS K 240 -24.00 -37.13 -77.44
C LYS K 240 -23.59 -38.27 -78.37
N SER K 241 -24.32 -39.38 -78.28
CA SER K 241 -24.12 -40.53 -79.16
C SER K 241 -25.26 -40.54 -80.19
N CYS K 242 -24.90 -40.45 -81.46
CA CYS K 242 -25.91 -40.41 -82.52
C CYS K 242 -26.54 -41.78 -82.70
N ASP K 243 -27.87 -41.81 -82.73
CA ASP K 243 -28.61 -43.06 -82.88
C ASP K 243 -29.55 -43.00 -84.07
C1 NAG L . 6.30 -71.41 12.31
C2 NAG L . 6.49 -72.83 11.75
C3 NAG L . 7.88 -72.98 11.15
C4 NAG L . 8.17 -71.88 10.14
C5 NAG L . 7.91 -70.51 10.76
C6 NAG L . 8.05 -69.37 9.78
C7 NAG L . 5.12 -74.49 12.92
C8 NAG L . 5.05 -75.49 14.03
N2 NAG L . 6.26 -73.82 12.78
O3 NAG L . 8.00 -74.26 10.54
O4 NAG L . 9.52 -71.95 9.71
O5 NAG L . 6.57 -70.45 11.28
O6 NAG L . 7.26 -69.60 8.62
O7 NAG L . 4.17 -74.31 12.16
C1 NAG L . 9.57 -72.37 8.33
C2 NAG L . 10.91 -71.93 7.74
C3 NAG L . 11.01 -72.40 6.29
C4 NAG L . 10.76 -73.90 6.20
C5 NAG L . 9.43 -74.26 6.85
C6 NAG L . 9.18 -75.75 6.91
C7 NAG L . 11.89 -69.91 8.70
C8 NAG L . 11.94 -68.41 8.66
N2 NAG L . 11.08 -70.49 7.82
O3 NAG L . 12.31 -72.09 5.79
O4 NAG L . 10.73 -74.30 4.83
O5 NAG L . 9.41 -73.78 8.21
O6 NAG L . 9.54 -76.29 8.17
O7 NAG L . 12.57 -70.55 9.50
C1 NAG M . 24.89 -60.42 9.86
C2 NAG M . 25.85 -61.49 9.33
C3 NAG M . 26.82 -60.89 8.31
C4 NAG M . 26.06 -60.14 7.22
C5 NAG M . 25.10 -59.13 7.84
C6 NAG M . 24.23 -58.44 6.83
C7 NAG M . 26.17 -63.25 11.03
C8 NAG M . 27.05 -63.76 12.13
N2 NAG M . 26.57 -62.13 10.42
O3 NAG M . 27.61 -61.92 7.75
O4 NAG M . 26.99 -59.47 6.38
O5 NAG M . 24.22 -59.80 8.77
O6 NAG M . 24.56 -57.06 6.70
O7 NAG M . 25.13 -63.82 10.69
C1 NAG M . 26.92 -59.99 5.03
C2 NAG M . 27.66 -59.03 4.11
C3 NAG M . 27.62 -59.54 2.67
C4 NAG M . 28.14 -60.97 2.61
C5 NAG M . 27.39 -61.86 3.60
C6 NAG M . 27.94 -63.26 3.68
C7 NAG M . 27.59 -56.73 4.97
C8 NAG M . 26.88 -55.41 4.92
N2 NAG M . 27.09 -57.68 4.19
O3 NAG M . 28.41 -58.70 1.85
O4 NAG M . 27.97 -61.49 1.30
O5 NAG M . 27.48 -61.30 4.93
O6 NAG M . 29.36 -63.25 3.71
O7 NAG M . 28.57 -56.91 5.69
C1 NAG N . -6.50 -85.84 20.36
C2 NAG N . -6.56 -86.89 19.26
C3 NAG N . -6.25 -88.26 19.83
C4 NAG N . -4.92 -88.24 20.58
C5 NAG N . -4.90 -87.11 21.61
C6 NAG N . -3.55 -86.94 22.26
C7 NAG N . -8.07 -86.30 17.41
C8 NAG N . -9.46 -86.39 16.87
N2 NAG N . -7.86 -86.88 18.59
O3 NAG N . -6.19 -89.21 18.77
O4 NAG N . -4.76 -89.49 21.27
O5 NAG N . -5.21 -85.86 20.97
O6 NAG N . -2.50 -87.00 21.31
O7 NAG N . -7.17 -85.72 16.80
C1 NAG N . -3.67 -90.25 20.70
C2 NAG N . -3.63 -91.60 21.42
C3 NAG N . -2.52 -92.47 20.83
C4 NAG N . -2.69 -92.59 19.31
C5 NAG N . -2.78 -91.21 18.69
C6 NAG N . -3.07 -91.25 17.20
C7 NAG N . -4.30 -91.83 23.77
C8 NAG N . -3.94 -91.57 25.20
N2 NAG N . -3.43 -91.42 22.85
O3 NAG N . -2.57 -93.75 21.43
O4 NAG N . -1.58 -93.30 18.76
O5 NAG N . -3.84 -90.46 19.28
O6 NAG N . -3.92 -90.19 16.80
O7 NAG N . -5.35 -92.40 23.46
C1 NAG O . -21.03 -85.68 35.02
C2 NAG O . -22.39 -85.79 34.33
C3 NAG O . -23.51 -85.66 35.36
C4 NAG O . -23.32 -86.68 36.49
C5 NAG O . -21.92 -86.53 37.09
C6 NAG O . -21.61 -87.58 38.13
C7 NAG O . -22.87 -85.07 32.04
C8 NAG O . -22.98 -83.90 31.10
N2 NAG O . -22.53 -84.78 33.29
O3 NAG O . -24.77 -85.88 34.72
O4 NAG O . -24.29 -86.47 37.51
O5 NAG O . -20.93 -86.67 36.06
O6 NAG O . -21.12 -88.77 37.54
O7 NAG O . -23.10 -86.22 31.67
C1 NAG O . -25.23 -87.57 37.50
C2 NAG O . -25.93 -87.62 38.85
C3 NAG O . -26.98 -88.73 38.86
C4 NAG O . -27.93 -88.59 37.69
C5 NAG O . -27.15 -88.50 36.37
C6 NAG O . -28.03 -88.23 35.18
C7 NAG O . -24.47 -86.79 40.63
C8 NAG O . -23.49 -87.15 41.71
N2 NAG O . -24.98 -87.80 39.92
O3 NAG O . -27.70 -88.70 40.09
O4 NAG O . -28.82 -89.70 37.64
O5 NAG O . -26.21 -87.42 36.45
O6 NAG O . -27.63 -87.04 34.50
O7 NAG O . -24.77 -85.62 40.41
C1 NAG P . -22.84 -58.77 47.32
C2 NAG P . -23.75 -59.76 48.05
C3 NAG P . -24.97 -60.08 47.17
C4 NAG P . -25.67 -58.79 46.75
C5 NAG P . -24.68 -57.84 46.09
C6 NAG P . -25.27 -56.50 45.74
C7 NAG P . -22.70 -61.30 49.63
C8 NAG P . -21.96 -62.61 49.79
N2 NAG P . -23.04 -60.98 48.38
O3 NAG P . -25.86 -60.91 47.90
O4 NAG P . -26.71 -59.10 45.82
O5 NAG P . -23.57 -57.60 46.98
O6 NAG P . -26.08 -56.01 46.80
O7 NAG P . -22.98 -60.59 50.58
C1 NAG P . -27.99 -58.83 46.44
C2 NAG P . -29.05 -58.74 45.34
C3 NAG P . -30.43 -58.51 45.95
C4 NAG P . -30.74 -59.56 46.99
C5 NAG P . -29.61 -59.64 48.02
C6 NAG P . -29.79 -60.77 49.01
C7 NAG P . -28.21 -57.93 43.17
C8 NAG P . -27.94 -56.72 42.33
N2 NAG P . -28.72 -57.68 44.39
O3 NAG P . -31.41 -58.53 44.91
O4 NAG P . -31.96 -59.26 47.65
O5 NAG P . -28.36 -59.87 47.37
O6 NAG P . -29.12 -61.94 48.60
O7 NAG P . -28.00 -59.06 42.78
C1 NAG Q . -31.20 -55.68 27.50
C2 NAG Q . -32.40 -56.63 27.51
C3 NAG Q . -33.56 -56.04 26.74
C4 NAG Q . -33.89 -54.63 27.24
C5 NAG Q . -32.62 -53.77 27.23
C6 NAG Q . -32.83 -52.40 27.83
C7 NAG Q . -31.62 -58.96 27.72
C8 NAG Q . -31.29 -60.23 26.99
N2 NAG Q . -32.04 -57.93 26.97
O3 NAG Q . -34.71 -56.87 26.87
O4 NAG Q . -34.89 -54.04 26.41
O5 NAG Q . -31.59 -54.40 28.00
O6 NAG Q . -32.83 -51.39 26.83
O7 NAG Q . -31.50 -58.86 28.94
C1 NAG Q . -36.08 -53.80 27.18
C2 NAG Q . -36.98 -52.87 26.37
C3 NAG Q . -38.28 -52.61 27.13
C4 NAG Q . -38.95 -53.92 27.53
C5 NAG Q . -37.96 -54.81 28.29
C6 NAG Q . -38.52 -56.17 28.60
C7 NAG Q . -35.70 -51.41 24.89
C8 NAG Q . -35.06 -50.06 24.72
N2 NAG Q . -36.32 -51.63 26.05
O3 NAG Q . -39.17 -51.84 26.32
O4 NAG Q . -40.08 -53.67 28.36
O5 NAG Q . -36.78 -55.01 27.50
O6 NAG Q . -39.32 -56.66 27.55
O7 NAG Q . -35.66 -52.26 24.01
C1 NAG R . -13.77 -69.61 62.82
C2 NAG R . -15.16 -69.80 63.41
C3 NAG R . -15.34 -71.25 63.88
C4 NAG R . -15.01 -72.23 62.78
C5 NAG R . -13.62 -71.92 62.20
C6 NAG R . -13.27 -72.77 61.00
C7 NAG R . -16.08 -67.73 64.35
C8 NAG R . -16.24 -66.89 65.58
N2 NAG R . -15.41 -68.87 64.50
O3 NAG R . -16.68 -71.44 64.32
O4 NAG R . -15.03 -73.56 63.29
O5 NAG R . -13.55 -70.56 61.77
O6 NAG R . -14.29 -72.74 60.02
O7 NAG R . -16.54 -67.39 63.26
C1 NAG R . -16.06 -74.33 62.64
C2 NAG R . -16.10 -75.72 63.27
C3 NAG R . -17.19 -76.57 62.64
C4 NAG R . -18.53 -75.84 62.71
C5 NAG R . -18.40 -74.44 62.12
C6 NAG R . -19.67 -73.62 62.26
C7 NAG R . -13.89 -76.42 64.12
C8 NAG R . -12.61 -77.14 63.82
N2 NAG R . -14.80 -76.38 63.14
O3 NAG R . -17.28 -77.81 63.33
O4 NAG R . -19.52 -76.57 62.01
O5 NAG R . -17.36 -73.71 62.77
O6 NAG R . -20.51 -74.14 63.28
O7 NAG R . -14.10 -75.89 65.22
C1 NAG S . 5.58 -70.67 70.02
C2 NAG S . 5.46 -70.19 71.46
C3 NAG S . 6.84 -70.03 72.09
C4 NAG S . 7.64 -71.32 71.95
C5 NAG S . 7.69 -71.74 70.49
C6 NAG S . 8.38 -73.07 70.27
C7 NAG S . 3.52 -68.85 72.11
C8 NAG S . 2.89 -67.48 72.10
N2 NAG S . 4.72 -68.95 71.54
O3 NAG S . 6.70 -69.69 73.47
O4 NAG S . 8.97 -71.14 72.44
O5 NAG S . 6.37 -71.89 69.97
O6 NAG S . 7.43 -74.14 70.16
O7 NAG S . 2.95 -69.81 72.62
C1 NAG S . 9.14 -71.90 73.65
C2 NAG S . 10.62 -72.23 73.82
C3 NAG S . 10.84 -72.99 75.12
C4 NAG S . 10.25 -72.23 76.30
C5 NAG S . 8.79 -71.90 76.04
C6 NAG S . 8.17 -71.04 77.11
C7 NAG S . 11.73 -72.42 71.64
C8 NAG S . 12.18 -73.35 70.57
N2 NAG S . 11.12 -72.99 72.69
O3 NAG S . 12.24 -73.19 75.32
O4 NAG S . 10.35 -73.02 77.48
O5 NAG S . 8.67 -71.18 74.80
O6 NAG S . 7.56 -69.87 76.57
O7 NAG S . 11.91 -71.21 71.57
C1 NAG T . 23.91 -54.70 52.90
C2 NAG T . 24.76 -55.47 53.91
C3 NAG T . 24.56 -54.91 55.31
C4 NAG T . 24.81 -53.41 55.33
C5 NAG T . 23.95 -52.72 54.27
C6 NAG T . 24.22 -51.24 54.15
C7 NAG T . 25.21 -57.80 53.27
C8 NAG T . 24.73 -59.22 53.34
N2 NAG T . 24.44 -56.89 53.88
O3 NAG T . 25.46 -55.57 56.21
O4 NAG T . 24.49 -52.88 56.61
O5 NAG T . 24.22 -53.30 52.98
O6 NAG T . 25.63 -50.97 54.17
O7 NAG T . 26.25 -57.50 52.70
C1 NAG T . 25.69 -52.45 57.27
C2 NAG T . 25.32 -51.39 58.31
C3 NAG T . 26.56 -50.94 59.07
C4 NAG T . 27.29 -52.14 59.66
C5 NAG T . 27.58 -53.17 58.57
C6 NAG T . 28.18 -54.44 59.12
C7 NAG T . 23.37 -49.97 57.87
C8 NAG T . 22.85 -48.77 57.15
N2 NAG T . 24.66 -50.26 57.68
O3 NAG T . 26.19 -50.04 60.10
O4 NAG T . 28.52 -51.72 60.24
O5 NAG T . 26.36 -53.54 57.92
O6 NAG T . 27.20 -55.45 59.31
O7 NAG T . 22.64 -50.65 58.58
C1 NAG U . 12.57 -39.73 63.69
C2 NAG U . 12.89 -40.04 65.15
C3 NAG U . 12.99 -38.75 65.96
C4 NAG U . 13.96 -37.77 65.32
C5 NAG U . 13.60 -37.56 63.85
C6 NAG U . 14.59 -36.71 63.09
C7 NAG U . 12.02 -42.26 65.75
C8 NAG U . 10.90 -43.02 66.39
N2 NAG U . 11.90 -40.93 65.73
O3 NAG U . 13.40 -39.05 67.29
O4 NAG U . 13.90 -36.53 66.00
O5 NAG U . 13.55 -38.83 63.17
O6 NAG U . 14.11 -35.39 62.91
O7 NAG U . 13.01 -42.82 65.28
C1 NAG U . 15.19 -36.21 66.59
C2 NAG U . 15.17 -34.75 67.05
C3 NAG U . 16.49 -34.39 67.70
C4 NAG U . 16.82 -35.37 68.82
C5 NAG U . 16.77 -36.80 68.31
C6 NAG U . 16.97 -37.83 69.40
C7 NAG U . 13.65 -33.39 65.68
C8 NAG U . 13.53 -32.48 64.49
N2 NAG U . 14.87 -33.86 65.93
O3 NAG U . 16.41 -33.07 68.22
O4 NAG U . 18.12 -35.10 69.33
O5 NAG U . 15.48 -37.06 67.72
O6 NAG U . 16.36 -37.41 70.61
O7 NAG U . 12.68 -33.67 66.38
C1 NAG V . 29.47 -73.95 46.78
C2 NAG V . 30.75 -74.24 47.56
C3 NAG V . 30.60 -75.53 48.35
C4 NAG V . 29.35 -75.48 49.23
C5 NAG V . 28.13 -75.12 48.39
C6 NAG V . 26.89 -74.91 49.22
C7 NAG V . 32.74 -73.31 46.46
C8 NAG V . 33.87 -73.56 45.51
N2 NAG V . 31.90 -74.33 46.67
O3 NAG V . 31.76 -75.73 49.17
O4 NAG V . 29.15 -76.75 49.84
O5 NAG V . 28.37 -73.90 47.68
O6 NAG V . 26.95 -73.69 49.94
O7 NAG V . 32.60 -72.23 47.03
C1 NAG V . 29.34 -76.65 51.27
C2 NAG V . 29.04 -78.02 51.88
C3 NAG V . 29.27 -77.99 53.39
C4 NAG V . 30.67 -77.47 53.71
C5 NAG V . 30.90 -76.13 53.02
C6 NAG V . 32.31 -75.62 53.20
C7 NAG V . 27.41 -79.53 50.83
C8 NAG V . 25.94 -79.82 50.63
N2 NAG V . 27.68 -78.45 51.58
O3 NAG V . 29.10 -79.30 53.93
O4 NAG V . 30.82 -77.32 55.11
O5 NAG V . 30.68 -76.25 51.62
O6 NAG V . 33.21 -76.67 53.50
O7 NAG V . 28.28 -80.23 50.34
C1 NAG W . 25.15 -85.62 30.36
C2 NAG W . 26.49 -85.74 29.65
C3 NAG W . 26.33 -86.45 28.32
C4 NAG W . 25.64 -87.79 28.51
C5 NAG W . 24.31 -87.59 29.24
C6 NAG W . 23.60 -88.88 29.57
C7 NAG W . 28.25 -84.08 30.05
C8 NAG W . 28.74 -82.69 29.74
N2 NAG W . 27.11 -84.44 29.46
O3 NAG W . 27.61 -86.65 27.72
O4 NAG W . 25.38 -88.40 27.24
O5 NAG W . 24.55 -86.92 30.50
O6 NAG W . 23.84 -89.27 30.92
O7 NAG W . 28.87 -84.82 30.79
C1 NAG W . 26.23 -89.57 27.12
C2 NAG W . 25.60 -90.54 26.12
C3 NAG W . 26.49 -91.75 25.92
C4 NAG W . 27.90 -91.31 25.53
C5 NAG W . 28.44 -90.31 26.53
C6 NAG W . 29.79 -89.74 26.14
C7 NAG W . 23.15 -90.34 26.19
C8 NAG W . 21.88 -90.91 26.74
N2 NAG W . 24.28 -90.95 26.58
O3 NAG W . 25.95 -92.59 24.90
O4 NAG W . 28.77 -92.44 25.48
O5 NAG W . 27.55 -89.20 26.65
O6 NAG W . 29.73 -88.34 25.94
O7 NAG W . 23.16 -89.38 25.42
C1 NAG X . -7.16 -21.03 -33.30
C2 NAG X . -7.62 -22.37 -32.72
C3 NAG X . -8.43 -23.14 -33.76
C4 NAG X . -9.56 -22.29 -34.30
C5 NAG X . -9.04 -20.96 -34.82
C6 NAG X . -10.13 -20.02 -35.25
C7 NAG X . -6.39 -23.65 -31.02
C8 NAG X . -5.15 -24.43 -30.72
N2 NAG X . -6.49 -23.16 -32.26
O3 NAG X . -8.94 -24.33 -33.18
O4 NAG X . -10.24 -22.98 -35.36
O5 NAG X . -8.30 -20.29 -33.77
O6 NAG X . -9.96 -18.72 -34.70
O7 NAG X . -7.25 -23.45 -30.18
C1 NAG Y . 22.43 -0.92 -45.64
C2 NAG Y . 23.31 0.14 -46.30
C3 NAG Y . 23.53 1.32 -45.35
C4 NAG Y . 22.19 1.87 -44.88
C5 NAG Y . 21.33 0.75 -44.29
C6 NAG Y . 19.93 1.20 -43.93
C7 NAG Y . 25.15 -0.14 -47.91
C8 NAG Y . 26.47 -0.80 -48.17
N2 NAG Y . 24.59 -0.41 -46.72
O3 NAG Y . 24.27 2.34 -46.01
O4 NAG Y . 22.38 2.87 -43.89
O5 NAG Y . 21.19 -0.33 -45.23
O6 NAG Y . 19.78 2.60 -44.09
O7 NAG Y . 24.62 0.60 -48.71
C1 NAG Z . 12.55 17.39 -33.55
C2 NAG Z . 11.14 16.81 -33.36
C3 NAG Z . 10.61 17.18 -31.97
C4 NAG Z . 11.59 16.78 -30.89
C5 NAG Z . 12.97 17.36 -31.18
C6 NAG Z . 14.03 16.92 -30.19
C7 NAG Z . 9.08 16.73 -34.71
C8 NAG Z . 8.29 17.38 -35.81
N2 NAG Z . 10.24 17.30 -34.39
O3 NAG Z . 9.36 16.53 -31.74
O4 NAG Z . 11.14 17.23 -29.62
O5 NAG Z . 13.41 16.94 -32.48
O6 NAG Z . 15.22 17.67 -30.35
O7 NAG Z . 8.67 15.72 -34.13
C1 NAG AA . 1.93 7.71 -26.60
C2 NAG AA . 1.82 9.08 -25.92
C3 NAG AA . 1.17 8.94 -24.55
C4 NAG AA . -0.17 8.20 -24.66
C5 NAG AA . 0.02 6.87 -25.39
C6 NAG AA . -1.28 6.15 -25.64
C7 NAG AA . 3.59 10.58 -26.69
C8 NAG AA . 4.96 11.14 -26.42
N2 NAG AA . 3.12 9.71 -25.81
O3 NAG AA . 0.97 10.22 -23.98
O4 NAG AA . -0.71 7.96 -23.37
O5 NAG AA . 0.63 7.09 -26.67
O6 NAG AA . -1.83 6.52 -26.90
O7 NAG AA . 2.94 10.91 -27.69
C1 NAG BA . 28.04 -26.27 -16.38
C2 NAG BA . 29.46 -25.96 -16.85
C3 NAG BA . 30.25 -27.26 -16.98
C4 NAG BA . 30.21 -28.05 -15.69
C5 NAG BA . 28.76 -28.27 -15.26
C6 NAG BA . 28.64 -28.95 -13.91
C7 NAG BA . 29.83 -23.96 -18.22
C8 NAG BA . 29.74 -23.36 -19.59
N2 NAG BA . 29.44 -25.23 -18.11
O3 NAG BA . 31.61 -26.94 -17.32
O4 NAG BA . 30.84 -29.31 -15.88
O5 NAG BA . 28.09 -27.01 -15.15
O6 NAG BA . 29.71 -28.58 -13.05
O7 NAG BA . 30.23 -23.31 -17.25
C1 NAG CA . -47.01 -0.68 -7.35
C2 NAG CA . -47.59 -0.56 -5.94
C3 NAG CA . -49.11 -0.37 -6.02
C4 NAG CA . -49.47 0.79 -6.93
C5 NAG CA . -48.80 0.61 -8.30
C6 NAG CA . -49.04 1.77 -9.23
C7 NAG CA . -46.78 -1.64 -3.89
C8 NAG CA . -46.59 -0.26 -3.33
N2 NAG CA . -47.26 -1.72 -5.13
O3 NAG CA . -49.63 -0.13 -4.72
O4 NAG CA . -50.88 0.86 -7.11
O5 NAG CA . -47.38 0.47 -8.14
O6 NAG CA . -48.81 1.40 -10.58
O7 NAG CA . -46.52 -2.65 -3.23
C1 NAG DA . -57.19 12.57 -19.91
C2 NAG DA . -56.06 11.76 -19.26
C3 NAG DA . -55.93 10.39 -19.96
C4 NAG DA . -57.27 9.68 -20.01
C5 NAG DA . -58.33 10.58 -20.64
C6 NAG DA . -59.71 9.97 -20.62
C7 NAG DA . -54.11 12.89 -20.32
C8 NAG DA . -52.82 13.59 -20.03
N2 NAG DA . -54.80 12.47 -19.24
O3 NAG DA . -54.97 9.60 -19.27
O4 NAG DA . -57.16 8.48 -20.77
O5 NAG DA . -58.41 11.82 -19.91
O6 NAG DA . -60.48 10.46 -19.53
O7 NAG DA . -54.51 12.71 -21.47
C1 NAG EA . -27.24 -28.03 -7.02
C2 NAG EA . -28.28 -28.47 -5.98
C3 NAG EA . -29.36 -29.31 -6.65
C4 NAG EA . -29.97 -28.56 -7.84
C5 NAG EA . -28.86 -28.12 -8.80
C6 NAG EA . -29.38 -27.27 -9.94
C7 NAG EA . -27.80 -28.87 -3.61
C8 NAG EA . -27.09 -29.74 -2.62
N2 NAG EA . -27.65 -29.20 -4.90
O3 NAG EA . -30.38 -29.60 -5.70
O4 NAG EA . -30.88 -29.40 -8.53
O5 NAG EA . -27.89 -27.33 -8.10
O6 NAG EA . -29.08 -25.89 -9.72
O7 NAG EA . -28.47 -27.91 -3.26
C1 NAG FA . -23.13 -49.81 -8.61
C2 NAG FA . -23.88 -48.96 -9.63
C3 NAG FA . -25.31 -48.68 -9.14
C4 NAG FA . -26.01 -49.99 -8.80
C5 NAG FA . -25.17 -50.80 -7.82
C6 NAG FA . -25.76 -52.17 -7.54
C7 NAG FA . -22.51 -47.47 -11.02
C8 NAG FA . -21.85 -46.14 -11.12
N2 NAG FA . -23.18 -47.71 -9.89
O3 NAG FA . -26.03 -47.98 -10.15
O4 NAG FA . -27.28 -49.71 -8.21
O5 NAG FA . -23.86 -51.03 -8.36
O6 NAG FA . -27.17 -52.10 -7.35
O7 NAG FA . -22.44 -48.31 -11.92
C1 NAG GA . -24.08 -72.56 24.36
C2 NAG GA . -24.55 -73.55 25.42
C3 NAG GA . -25.55 -74.53 24.80
C4 NAG GA . -26.69 -73.78 24.12
C5 NAG GA . -26.12 -72.78 23.12
C6 NAG GA . -27.20 -71.90 22.50
C7 NAG GA . -22.99 -74.03 27.25
C8 NAG GA . -21.82 -74.86 27.70
N2 NAG GA . -23.43 -74.27 26.01
O3 NAG GA . -26.08 -75.37 25.83
O4 NAG GA . -27.53 -74.69 23.44
O5 NAG GA . -25.20 -71.89 23.78
O6 NAG GA . -27.71 -70.96 23.44
O7 NAG GA . -23.51 -73.19 27.97
C1 NAG HA . -12.44 -73.30 13.70
C2 NAG HA . -11.76 -72.78 12.44
C3 NAG HA . -12.33 -71.41 12.06
C4 NAG HA . -13.84 -71.48 11.95
C5 NAG HA . -14.45 -72.05 13.22
C6 NAG HA . -15.94 -72.26 13.13
C7 NAG HA . -9.46 -73.45 11.91
C8 NAG HA . -8.01 -73.25 12.22
N2 NAG HA . -10.32 -72.71 12.61
O3 NAG HA . -11.76 -71.00 10.83
O4 NAG HA . -14.37 -70.17 11.72
O5 NAG HA . -13.87 -73.34 13.50
O6 NAG HA . -16.25 -73.49 12.48
O7 NAG HA . -9.84 -74.26 11.05
C1 NAG IA . -40.03 7.97 44.10
C2 NAG IA . -38.89 7.10 44.61
C3 NAG IA . -37.83 7.97 45.28
C4 NAG IA . -37.36 9.07 44.34
C5 NAG IA . -38.55 9.88 43.84
C6 NAG IA . -38.18 10.92 42.82
C7 NAG IA . -38.84 4.89 45.67
C8 NAG IA . -39.47 3.97 46.68
N2 NAG IA . -39.38 6.09 45.54
O3 NAG IA . -36.72 7.16 45.66
O4 NAG IA . -36.45 9.93 45.01
O5 NAG IA . -39.51 9.01 43.21
O6 NAG IA . -38.05 10.35 41.52
O7 NAG IA . -37.86 4.53 45.01
C1 NAG JA . -60.83 19.21 13.40
C2 NAG JA . -61.72 19.89 12.36
C3 NAG JA . -60.92 20.19 11.10
C4 NAG JA . -59.68 21.00 11.43
C5 NAG JA . -58.87 20.32 12.53
C6 NAG JA . -57.71 21.15 13.02
C7 NAG JA . -64.13 19.53 12.10
C8 NAG JA . -65.21 18.56 11.75
N2 NAG JA . -62.88 19.07 12.06
O3 NAG JA . -61.74 20.91 10.18
O4 NAG JA . -58.86 21.15 10.28
O5 NAG JA . -59.69 20.05 13.67
O6 NAG JA . -56.94 20.46 14.01
O7 NAG JA . -64.38 20.70 12.40
C1 NAG KA . -41.78 33.11 9.70
C2 NAG KA . -40.44 32.68 9.11
C3 NAG KA . -39.31 33.03 10.07
C4 NAG KA . -39.36 34.50 10.45
C5 NAG KA . -40.75 34.87 10.97
C6 NAG KA . -40.90 36.34 11.24
C7 NAG KA . -40.16 30.76 7.61
C8 NAG KA . -40.21 29.27 7.48
N2 NAG KA . -40.44 31.25 8.82
O3 NAG KA . -38.06 32.72 9.46
O4 NAG KA . -38.40 34.78 11.45
O5 NAG KA . -41.75 34.51 10.00
O6 NAG KA . -41.56 36.57 12.49
O7 NAG KA . -39.89 31.48 6.65
C1 NAG LA . -31.85 24.83 20.86
C2 NAG LA . -31.01 25.91 20.17
C3 NAG LA . -29.62 25.97 20.79
C4 NAG LA . -29.72 26.16 22.30
C5 NAG LA . -30.62 25.09 22.91
C6 NAG LA . -30.86 25.29 24.39
C7 NAG LA . -31.69 26.25 17.83
C8 NAG LA . -31.45 25.85 16.41
N2 NAG LA . -30.90 25.65 18.74
O3 NAG LA . -28.88 27.05 20.22
O4 NAG LA . -28.43 26.10 22.89
O5 NAG LA . -31.90 25.09 22.27
O6 NAG LA . -32.02 24.60 24.82
O7 NAG LA . -32.56 27.05 18.15
C1 NAG MA . -45.27 -15.91 14.37
C2 NAG MA . -46.53 -16.31 15.12
C3 NAG MA . -46.49 -17.79 15.49
C4 NAG MA . -46.24 -18.63 14.25
C5 NAG MA . -44.99 -18.15 13.52
C6 NAG MA . -44.75 -18.85 12.20
C7 NAG MA . -47.76 -14.68 16.51
C8 NAG MA . -47.76 -13.92 17.80
N2 NAG MA . -46.70 -15.49 16.33
O3 NAG MA . -47.72 -18.17 16.09
O4 NAG MA . -46.06 -19.99 14.61
O5 NAG MA . -45.12 -16.74 13.21
O6 NAG MA . -45.78 -18.58 11.27
O7 NAG MA . -48.65 -14.58 15.69
C1 NAG NA . 4.21 28.99 53.34
C2 NAG NA . 5.46 28.82 54.21
C3 NAG NA . 5.31 29.61 55.50
C4 NAG NA . 4.98 31.07 55.20
C5 NAG NA . 3.77 31.16 54.28
C6 NAG NA . 3.47 32.57 53.82
C7 NAG NA . 6.65 26.68 53.88
C8 NAG NA . 7.47 27.39 52.85
N2 NAG NA . 5.71 27.41 54.49
O3 NAG NA . 6.52 29.53 56.25
O4 NAG NA . 4.70 31.76 56.41
O5 NAG NA . 3.99 30.38 53.10
O6 NAG NA . 4.30 32.94 52.73
O7 NAG NA . 6.81 25.49 54.15
C1 NAG OA . -1.05 47.59 24.86
C2 NAG OA . -2.07 46.62 25.50
C3 NAG OA . -3.51 47.02 25.15
C4 NAG OA . -3.75 48.49 25.47
C5 NAG OA . -2.72 49.35 24.76
C6 NAG OA . -2.86 50.82 25.08
C7 NAG OA . -1.88 44.73 23.88
C8 NAG OA . -1.58 43.28 23.75
N2 NAG OA . -1.82 45.23 25.13
O3 NAG OA . -4.42 46.20 25.87
O4 NAG OA . -5.06 48.86 25.04
O5 NAG OA . -1.41 48.95 25.18
O6 NAG OA . -2.06 51.19 26.19
O7 NAG OA . -2.15 45.43 22.90
C1 NAG PA . -10.61 -2.22 56.03
C2 NAG PA . -9.37 -2.73 56.76
C3 NAG PA . -9.58 -2.70 58.27
C4 NAG PA . -10.01 -1.31 58.71
C5 NAG PA . -11.24 -0.85 57.92
C6 NAG PA . -11.65 0.57 58.22
C7 NAG PA . -7.79 -4.44 55.98
C8 NAG PA . -7.61 -5.87 55.56
N2 NAG PA . -9.03 -4.08 56.31
O3 NAG PA . -8.38 -3.07 58.92
O4 NAG PA . -10.35 -1.32 60.10
O5 NAG PA . -10.95 -0.91 56.50
O6 NAG PA . -11.19 1.47 57.21
O7 NAG PA . -6.85 -3.67 56.04
C1 NAG QA . -19.58 -20.55 64.94
C2 NAG QA . -19.81 -19.10 65.39
C3 NAG QA . -18.59 -18.59 66.13
C4 NAG QA . -18.23 -19.51 67.28
C5 NAG QA . -18.07 -20.94 66.79
C6 NAG QA . -17.85 -21.94 67.89
C7 NAG QA . -21.34 -17.84 63.94
C8 NAG QA . -21.47 -16.97 62.73
N2 NAG QA . -20.11 -18.26 64.24
O3 NAG QA . -18.85 -17.27 66.62
O4 NAG QA . -17.02 -19.09 67.89
O5 NAG QA . -19.27 -21.36 66.09
O6 NAG QA . -17.16 -21.35 68.99
O7 NAG QA . -22.32 -18.16 64.62
C1 NAG RA . 1.89 -54.22 68.22
C2 NAG RA . 2.73 -55.32 68.88
C3 NAG RA . 2.46 -55.35 70.38
C4 NAG RA . 2.67 -53.97 71.00
C5 NAG RA . 1.84 -52.92 70.25
C6 NAG RA . 2.10 -51.52 70.71
C7 NAG RA . 3.26 -57.19 67.39
C8 NAG RA . 2.84 -58.54 66.87
N2 NAG RA . 2.45 -56.61 68.28
O3 NAG RA . 3.32 -56.29 71.00
O4 NAG RA . 2.28 -53.98 72.36
O5 NAG RA . 2.16 -52.96 68.85
O6 NAG RA . 3.46 -51.14 70.52
O7 NAG RA . 4.31 -56.65 67.01
C1 NAG SA . -12.94 -53.88 62.94
C2 NAG SA . -13.68 -52.70 62.32
C3 NAG SA . -12.97 -51.38 62.64
C4 NAG SA . -12.76 -51.24 64.14
C5 NAG SA . -12.03 -52.47 64.69
C6 NAG SA . -11.89 -52.45 66.19
C7 NAG SA . -15.00 -53.11 60.28
C8 NAG SA . -14.96 -53.26 58.80
N2 NAG SA . -13.83 -52.87 60.88
O3 NAG SA . -13.73 -50.29 62.14
O4 NAG SA . -12.00 -50.07 64.42
O5 NAG SA . -12.77 -53.66 64.36
O6 NAG SA . -11.89 -53.76 66.72
O7 NAG SA . -16.04 -53.21 60.93
C1 NAG TA . 48.01 6.79 31.75
C2 NAG TA . 48.50 5.37 32.02
C3 NAG TA . 50.02 5.36 32.19
C4 NAG TA . 50.69 6.02 31.00
C5 NAG TA . 50.11 7.42 30.77
C6 NAG TA . 50.65 8.08 29.53
C7 NAG TA . 46.89 3.87 33.11
C8 NAG TA . 46.33 3.38 34.41
N2 NAG TA . 47.85 4.80 33.19
O3 NAG TA . 50.47 4.01 32.31
O4 NAG TA . 52.09 6.13 31.22
O5 NAG TA . 48.69 7.34 30.61
O6 NAG TA . 49.62 8.78 28.82
O7 NAG TA . 46.49 3.43 32.03
C1 NAG UA . 36.22 37.74 51.29
C2 NAG UA . 35.01 37.93 50.36
C3 NAG UA . 34.34 39.27 50.66
C4 NAG UA . 34.00 39.37 52.14
C5 NAG UA . 35.25 39.11 52.99
C6 NAG UA . 34.98 39.13 54.48
C7 NAG UA . 35.03 36.82 48.18
C8 NAG UA . 35.51 36.87 46.76
N2 NAG UA . 35.39 37.84 48.97
O3 NAG UA . 33.16 39.42 49.88
O4 NAG UA . 33.50 40.67 52.45
O5 NAG UA . 35.81 37.83 52.67
O6 NAG UA . 34.49 40.40 54.89
O7 NAG UA . 34.36 35.89 48.60
C1 NAG VA . 24.07 43.49 29.85
C2 NAG VA . 24.87 44.04 28.66
C3 NAG VA . 24.45 43.33 27.38
C4 NAG VA . 24.53 41.82 27.54
C5 NAG VA . 23.77 41.37 28.79
C6 NAG VA . 23.92 39.89 29.07
C7 NAG VA . 25.76 46.30 28.40
C8 NAG VA . 25.43 47.77 28.29
N2 NAG VA . 24.72 45.48 28.54
O3 NAG VA . 25.28 43.77 26.30
O4 NAG VA . 23.97 41.18 26.39
O5 NAG VA . 24.26 42.07 29.94
O6 NAG VA . 23.37 39.55 30.32
O7 NAG VA . 26.92 45.90 28.37
C1 NAG WA . 28.10 28.34 22.84
C2 NAG WA . 26.76 28.49 22.12
C3 NAG WA . 26.91 29.46 20.95
C4 NAG WA . 27.51 30.78 21.41
C5 NAG WA . 28.82 30.53 22.17
C6 NAG WA . 29.39 31.80 22.77
C7 NAG WA . 25.08 26.71 22.06
C8 NAG WA . 24.71 25.37 21.49
N2 NAG WA . 26.25 27.21 21.67
O3 NAG WA . 25.64 29.69 20.36
O4 NAG WA . 27.76 31.62 20.30
O5 NAG WA . 28.59 29.62 23.25
O6 NAG WA . 28.40 32.60 23.37
O7 NAG WA . 24.34 27.31 22.83
C1 NAG XA . 20.57 2.37 57.84
C2 NAG XA . 20.19 3.31 58.99
C3 NAG XA . 20.37 2.60 60.33
C4 NAG XA . 19.61 1.29 60.35
C5 NAG XA . 20.00 0.43 59.15
C6 NAG XA . 19.19 -0.84 59.04
C7 NAG XA . 20.47 5.74 59.22
C8 NAG XA . 21.43 6.88 59.13
N2 NAG XA . 20.97 4.53 58.95
O3 NAG XA . 19.91 3.45 61.38
O4 NAG XA . 19.89 0.57 61.55
O5 NAG XA . 19.79 1.16 57.93
O6 NAG XA . 20.00 -1.95 58.64
O7 NAG XA . 19.30 5.89 59.54
C1 NAG YA . 38.43 -1.97 -19.31
C2 NAG YA . 38.20 -3.22 -20.16
C3 NAG YA . 39.31 -4.25 -19.90
C4 NAG YA . 40.68 -3.61 -20.14
C5 NAG YA . 40.81 -2.33 -19.30
C6 NAG YA . 42.09 -1.58 -19.59
C7 NAG YA . 35.86 -3.76 -20.72
C8 NAG YA . 36.10 -3.07 -22.02
N2 NAG YA . 36.89 -3.81 -19.87
O3 NAG YA . 39.13 -5.35 -20.78
O4 NAG YA . 41.70 -4.52 -19.77
O5 NAG YA . 39.73 -1.44 -19.60
O6 NAG YA . 41.99 -0.82 -20.78
O7 NAG YA . 34.77 -4.27 -20.44
C1 NAG ZA . 51.73 13.72 -30.07
C2 NAG ZA . 52.14 12.26 -29.88
C3 NAG ZA . 52.80 12.05 -28.52
C4 NAG ZA . 53.94 13.04 -28.33
C5 NAG ZA . 53.44 14.47 -28.56
C6 NAG ZA . 54.56 15.50 -28.49
C7 NAG ZA . 49.90 11.31 -29.34
C8 NAG ZA . 48.90 10.27 -29.74
N2 NAG ZA . 51.02 11.34 -30.08
O3 NAG ZA . 53.30 10.72 -28.44
O4 NAG ZA . 54.45 12.93 -27.00
O5 NAG ZA . 52.87 14.57 -29.87
O6 NAG ZA . 55.18 15.67 -29.75
O7 NAG ZA . 49.70 12.07 -28.41
C1 NAG AB . 40.03 -18.24 10.15
C2 NAG AB . 39.91 -19.45 9.22
C3 NAG AB . 41.29 -20.03 8.95
C4 NAG AB . 42.23 -18.96 8.43
C5 NAG AB . 42.25 -17.77 9.38
C6 NAG AB . 43.08 -16.61 8.86
C7 NAG AB . 38.08 -21.07 9.09
C8 NAG AB . 37.26 -22.08 9.83
N2 NAG AB . 39.03 -20.46 9.79
O3 NAG AB . 41.17 -21.09 7.99
O4 NAG AB . 43.55 -19.49 8.30
O5 NAG AB . 40.92 -17.27 9.58
O6 NAG AB . 42.25 -15.59 8.31
O7 NAG AB . 37.88 -20.81 7.90
C1 NAG BB . 47.06 -33.41 24.19
C2 NAG BB . 47.87 -32.30 23.51
C3 NAG BB . 48.06 -32.63 22.03
C4 NAG BB . 48.66 -34.00 21.86
C5 NAG BB . 47.83 -35.05 22.60
C6 NAG BB . 48.44 -36.43 22.57
C7 NAG BB . 47.67 -30.08 24.52
C8 NAG BB . 46.89 -28.80 24.57
N2 NAG BB . 47.22 -31.01 23.68
O3 NAG BB . 48.90 -31.64 21.44
O4 NAG BB . 48.71 -34.34 20.48
O5 NAG BB . 47.70 -34.67 23.98
O6 NAG BB . 49.05 -36.70 21.32
O7 NAG BB . 48.67 -30.25 25.22
C1 NAG CB . 29.92 -70.32 24.77
C2 NAG CB . 29.73 -71.81 24.51
C3 NAG CB . 31.08 -72.50 24.32
C4 NAG CB . 31.89 -71.78 23.24
C5 NAG CB . 31.99 -70.29 23.55
C6 NAG CB . 32.67 -69.50 22.46
C7 NAG CB . 27.68 -72.71 25.51
C8 NAG CB . 27.08 -73.37 26.72
N2 NAG CB . 28.98 -72.44 25.58
O3 NAG CB . 30.88 -73.86 23.96
O4 NAG CB . 33.21 -72.34 23.17
O5 NAG CB . 30.68 -69.73 23.71
O6 NAG CB . 31.89 -69.47 21.27
O7 NAG CB . 27.02 -72.44 24.51
C1 NAG DB . 32.99 -62.19 37.65
C2 NAG DB . 33.91 -63.30 37.11
C3 NAG DB . 35.33 -63.12 37.63
C4 NAG DB . 35.84 -61.72 37.33
C5 NAG DB . 34.87 -60.69 37.90
C6 NAG DB . 35.25 -59.26 37.55
C7 NAG DB . 33.55 -65.69 36.67
C8 NAG DB . 32.96 -66.97 37.19
N2 NAG DB . 33.40 -64.62 37.45
O3 NAG DB . 36.19 -64.08 37.04
O4 NAG DB . 37.12 -61.52 37.92
O5 NAG DB . 33.56 -60.90 37.35
O6 NAG DB . 34.79 -58.91 36.25
O7 NAG DB . 34.12 -65.63 35.59
#